data_8RBT
#
_entry.id   8RBT
#
loop_
_entity.id
_entity.type
_entity.pdbx_description
1 polymer 'Major capsid protein'
2 polymer 'Penton protein'
#
loop_
_entity_poly.entity_id
_entity_poly.type
_entity_poly.pdbx_seq_one_letter_code
_entity_poly.pdbx_strand_id
1 'polypeptide(L)'
;MSGFGGGSSGAGSLTQLLATGSMDAALTQNATRTFWKSSYQKHSLFALESINQPFTTQVQFGAESHITVNRQGDLLSWMY
LKIVLPGLKVQNQADTVQPTQQSFASLDNDVAAQADVSHVLPYIEGAYTEASLNTKEQLIAEAKNSYEAAKYNAAPLPVA
AQMQSTEMPDFDYAYWTEAIGFHLIKRAEFKVGGATIDTIWSELLFAMEELMGRAGRRLTETIGRTLRRPTELMKASRQE
QILYVPLPWYFTKHPSLAFPLVAATYHNIQLWVQWAQLNSCIIKSRSNLVVLHAERNVPISDDHLRASLECTYVHLEAAE
RDALTANAGTQLIVQHQAHLQQVSSNNVTARLNFNFPVLEFYYFLRRKANKDAGDHFNFSGIGGRDPVVSAELLFNNTAR
VTQKPAVWWRAVQALQFHSSAPLTNIYSYSFSLSPEDPITPSGSANFSRLDSVELALTLQDDFGAAHDANSELFVFARSY
NILKFTNGLAGLLYSN
;
A,B,C,D,E,F,G,H,I,J,K,L,M,N,O,P,Q,R
2 'polypeptide(L)'
;MPSIAFSGISTKPGELEFHVPSVLSKHNRAGLLKSIDFPYSQRTIESSWNKLHYMESIRITPESRSVSVLLTDKESGDRV
EMLAMVPLTTNKIIEISTATTDGTIILVTEEPHGFFAPGCFGKEVRNVISSYKSIFPHGTPPFILIHGSNGSVQVDPALF
EYNDEYSVKIKYTAIRTEFKLFGKGDHGWMVTPEFPTISMLCQVITNAMNSAIIFNHDDPAARTRMYPGTCSNTHVIESV
SGDSLAKALLGYDGVYAGWEEITIPAGMYCYGELDLSKMIAAKMNRWHIDRESSIIFRGVSGYTWNVTLPSGNYGTPEKL
AHCIQHMMNMTAKNRKNPYCVRFTLNEGSSHRGKFVFVAAEPFDLLFGDDESIDPSILGFEPVDHIGRNSYMSENDLGAP
LMKPNCNVYDVDEIPGTHQIRIGRRTRLAVDGKIRGYSGGTLRLNTVNRTTGAPKCHGMNKGDVVTLTTVMPAPDGATGT
KREGFTFRAKNKIMGVVVADENENPDASSLHVSVPSMSWTLGIGSYITIDSQAAPISVALFDPGKNQFFRDSIGASRLGF
SNGVSTGQHGVVVSQCAVNLEPRTVDVSFIEGSMTSASTEMYNQNGKSLITQVPSDRSSGPVPQGMVRFNNALQQFKLEF
TNPDGSPYHFNHASLSLLMEFDD
;
S
#
# COMPACT_ATOMS: atom_id res chain seq x y z
N ALA A 11 22.85 41.83 9.06
CA ALA A 11 24.23 42.32 9.07
C ALA A 11 24.32 43.76 9.60
N GLY A 12 23.41 44.66 9.20
CA GLY A 12 23.38 46.04 9.66
C GLY A 12 23.07 46.21 11.15
N SER A 13 22.05 45.52 11.68
CA SER A 13 21.66 45.65 13.10
C SER A 13 22.71 45.07 14.04
N LEU A 14 23.34 43.95 13.68
CA LEU A 14 24.45 43.41 14.45
C LEU A 14 25.68 44.33 14.38
N THR A 15 25.95 44.91 13.20
CA THR A 15 27.06 45.87 13.01
C THR A 15 26.87 47.11 13.87
N GLN A 16 25.64 47.62 14.04
CA GLN A 16 25.34 48.73 14.94
C GLN A 16 25.70 48.42 16.41
N LEU A 17 25.43 47.20 16.88
CA LEU A 17 25.80 46.79 18.24
C LEU A 17 27.32 46.65 18.43
N LEU A 18 28.05 46.36 17.35
CA LEU A 18 29.51 46.25 17.35
C LEU A 18 30.20 47.61 17.14
N ALA A 19 29.54 48.56 16.48
CA ALA A 19 30.04 49.90 16.18
C ALA A 19 30.00 50.80 17.44
N THR A 20 30.71 50.39 18.48
CA THR A 20 30.87 51.13 19.74
C THR A 20 32.31 51.59 19.91
N GLY A 21 32.49 52.78 20.47
CA GLY A 21 33.77 53.38 20.79
C GLY A 21 33.88 53.81 22.25
N SER A 22 34.94 54.55 22.59
CA SER A 22 35.18 55.03 23.94
C SER A 22 34.10 56.00 24.45
N MET A 23 33.41 56.72 23.56
CA MET A 23 32.30 57.60 23.95
C MET A 23 31.06 56.80 24.41
N ASP A 24 30.77 55.67 23.77
CA ASP A 24 29.63 54.82 24.13
C ASP A 24 29.80 54.17 25.50
N ALA A 25 31.04 54.01 25.95
CA ALA A 25 31.35 53.43 27.25
C ALA A 25 30.72 54.25 28.40
N ALA A 26 30.71 55.59 28.30
CA ALA A 26 30.08 56.46 29.29
C ALA A 26 28.55 56.29 29.38
N LEU A 27 27.92 55.74 28.33
CA LEU A 27 26.46 55.60 28.23
C LEU A 27 25.99 54.17 28.45
N THR A 28 26.77 53.17 28.03
CA THR A 28 26.29 51.78 27.90
C THR A 28 27.19 50.74 28.56
N GLN A 29 28.43 51.08 28.94
CA GLN A 29 29.30 50.13 29.63
C GLN A 29 28.72 49.85 31.02
N ASN A 30 28.65 48.56 31.39
CA ASN A 30 28.05 48.11 32.64
C ASN A 30 26.60 48.57 32.83
N ALA A 31 25.80 48.55 31.76
CA ALA A 31 24.40 48.94 31.79
C ALA A 31 23.65 48.27 32.95
N THR A 32 23.04 49.09 33.82
CA THR A 32 22.28 48.65 35.00
C THR A 32 20.78 48.53 34.73
N ARG A 33 20.33 48.83 33.51
CA ARG A 33 18.94 48.81 33.07
C ARG A 33 18.82 48.13 31.70
N THR A 34 17.75 47.38 31.51
CA THR A 34 17.33 46.85 30.21
C THR A 34 15.91 47.30 29.87
N PHE A 35 15.63 47.51 28.58
CA PHE A 35 14.29 47.81 28.09
C PHE A 35 13.42 46.56 27.87
N TRP A 36 14.04 45.37 27.87
CA TRP A 36 13.40 44.11 27.45
C TRP A 36 12.96 43.22 28.61
N LYS A 37 13.18 43.65 29.85
CA LYS A 37 12.71 42.97 31.06
C LYS A 37 12.22 44.01 32.06
N SER A 38 10.98 43.87 32.51
CA SER A 38 10.44 44.70 33.58
C SER A 38 11.02 44.27 34.93
N SER A 39 11.42 45.25 35.74
CA SER A 39 11.68 45.11 37.17
C SER A 39 10.65 45.93 37.92
N TYR A 40 10.11 45.41 39.02
CA TYR A 40 9.19 46.13 39.90
C TYR A 40 9.69 46.04 41.34
N GLN A 41 9.31 47.02 42.16
CA GLN A 41 9.57 47.03 43.60
C GLN A 41 8.32 46.56 44.34
N LYS A 42 8.51 45.78 45.41
CA LYS A 42 7.43 45.44 46.34
C LYS A 42 7.19 46.63 47.27
N HIS A 43 5.94 46.86 47.67
CA HIS A 43 5.55 47.92 48.61
C HIS A 43 4.86 47.31 49.84
N SER A 44 4.74 48.08 50.93
CA SER A 44 3.96 47.71 52.12
C SER A 44 2.46 47.73 51.83
N LEU A 45 1.67 47.03 52.66
CA LEU A 45 0.21 47.01 52.52
C LEU A 45 -0.40 48.30 53.06
N PHE A 46 -1.31 48.90 52.30
CA PHE A 46 -2.11 50.04 52.71
C PHE A 46 -3.48 50.03 52.04
N ALA A 47 -4.44 50.77 52.59
CA ALA A 47 -5.75 50.98 51.99
C ALA A 47 -6.15 52.47 52.07
N LEU A 48 -6.96 52.93 51.12
CA LEU A 48 -7.51 54.29 51.09
C LEU A 48 -9.00 54.25 51.37
N GLU A 49 -9.49 55.20 52.17
CA GLU A 49 -10.91 55.35 52.48
C GLU A 49 -11.28 56.84 52.40
N SER A 50 -12.34 57.17 51.63
CA SER A 50 -12.87 58.54 51.58
C SER A 50 -14.03 58.66 52.56
N ILE A 51 -13.96 59.65 53.45
CA ILE A 51 -14.98 59.86 54.48
C ILE A 51 -15.40 61.33 54.51
N ASN A 52 -16.71 61.55 54.39
CA ASN A 52 -17.32 62.86 54.49
C ASN A 52 -17.70 63.19 55.93
N GLN A 53 -17.38 64.41 56.37
CA GLN A 53 -17.55 64.86 57.76
C GLN A 53 -18.22 66.24 57.80
N PRO A 54 -19.22 66.46 58.68
CA PRO A 54 -19.87 67.75 58.81
C PRO A 54 -18.97 68.76 59.55
N PHE A 55 -19.18 70.05 59.31
CA PHE A 55 -18.54 71.10 60.10
C PHE A 55 -18.96 71.03 61.58
N THR A 56 -18.05 71.41 62.48
CA THR A 56 -18.31 71.47 63.92
C THR A 56 -19.19 72.68 64.27
N THR A 57 -19.07 73.76 63.52
CA THR A 57 -19.93 74.96 63.62
C THR A 57 -20.87 75.06 62.43
N GLN A 58 -21.89 75.90 62.56
CA GLN A 58 -22.80 76.18 61.45
C GLN A 58 -22.05 76.79 60.25
N VAL A 59 -22.41 76.33 59.06
CA VAL A 59 -21.94 76.88 57.77
C VAL A 59 -22.97 77.88 57.28
N GLN A 60 -22.54 79.12 57.01
CA GLN A 60 -23.37 80.21 56.49
C GLN A 60 -22.52 81.13 55.62
N PHE A 61 -23.14 81.78 54.63
CA PHE A 61 -22.50 82.83 53.85
C PHE A 61 -22.01 83.97 54.77
N GLY A 62 -20.84 84.53 54.47
CA GLY A 62 -20.23 85.64 55.20
C GLY A 62 -19.70 85.32 56.61
N ALA A 63 -19.96 84.12 57.13
CA ALA A 63 -19.49 83.67 58.43
C ALA A 63 -18.13 82.95 58.35
N GLU A 64 -17.54 82.66 59.50
CA GLU A 64 -16.43 81.71 59.62
C GLU A 64 -16.94 80.42 60.24
N SER A 65 -16.55 79.29 59.67
CA SER A 65 -16.88 77.96 60.19
C SER A 65 -15.63 77.13 60.35
N HIS A 66 -15.62 76.21 61.31
CA HIS A 66 -14.53 75.26 61.46
C HIS A 66 -15.00 73.82 61.62
N ILE A 67 -14.11 72.91 61.28
CA ILE A 67 -14.26 71.48 61.48
C ILE A 67 -13.02 70.93 62.16
N THR A 68 -13.21 70.09 63.18
CA THR A 68 -12.13 69.26 63.72
C THR A 68 -12.11 67.95 62.94
N VAL A 69 -11.01 67.69 62.22
CA VAL A 69 -10.84 66.53 61.36
C VAL A 69 -10.76 65.27 62.22
N ASN A 70 -11.61 64.28 61.90
CA ASN A 70 -11.64 63.01 62.63
C ASN A 70 -10.36 62.20 62.40
N ARG A 71 -10.08 61.25 63.30
CA ARG A 71 -8.94 60.33 63.22
C ARG A 71 -9.39 58.95 62.79
N GLN A 72 -9.85 58.83 61.54
CA GLN A 72 -10.41 57.59 60.99
C GLN A 72 -9.39 56.73 60.23
N GLY A 73 -8.11 57.13 60.19
CA GLY A 73 -7.01 56.33 59.65
C GLY A 73 -5.67 56.80 60.21
N ASP A 74 -4.57 56.32 59.63
CA ASP A 74 -3.21 56.57 60.12
C ASP A 74 -2.56 57.80 59.47
N LEU A 75 -2.87 58.05 58.19
CA LEU A 75 -2.48 59.24 57.44
C LEU A 75 -3.69 59.97 56.88
N LEU A 76 -3.54 61.26 56.64
CA LEU A 76 -4.48 62.09 55.89
C LEU A 76 -3.86 62.49 54.55
N SER A 77 -4.52 62.14 53.45
CA SER A 77 -4.06 62.35 52.07
C SER A 77 -4.87 63.47 51.41
N TRP A 78 -5.83 63.15 50.54
CA TRP A 78 -6.64 64.17 49.88
C TRP A 78 -7.66 64.82 50.80
N MET A 79 -7.98 66.07 50.52
CA MET A 79 -8.96 66.87 51.24
C MET A 79 -9.75 67.72 50.25
N TYR A 80 -11.07 67.53 50.23
CA TYR A 80 -12.01 68.28 49.38
C TYR A 80 -13.07 68.94 50.25
N LEU A 81 -13.34 70.21 49.98
CA LEU A 81 -14.51 70.88 50.53
C LEU A 81 -15.70 70.55 49.64
N LYS A 82 -16.63 69.74 50.16
CA LYS A 82 -17.88 69.42 49.49
C LYS A 82 -18.89 70.52 49.80
N ILE A 83 -19.26 71.29 48.79
CA ILE A 83 -20.20 72.40 48.90
C ILE A 83 -21.48 72.02 48.18
N VAL A 84 -22.63 72.28 48.81
CA VAL A 84 -23.94 72.11 48.20
C VAL A 84 -24.62 73.48 48.13
N LEU A 85 -24.88 73.93 46.91
CA LEU A 85 -25.57 75.18 46.62
C LEU A 85 -26.98 74.88 46.10
N PRO A 86 -28.02 75.58 46.59
CA PRO A 86 -29.36 75.38 46.08
C PRO A 86 -29.48 75.90 44.65
N GLY A 87 -30.44 75.34 43.92
CA GLY A 87 -30.90 75.95 42.68
C GLY A 87 -31.50 77.34 42.95
N LEU A 88 -31.38 78.23 41.98
CA LEU A 88 -31.89 79.59 42.00
C LEU A 88 -33.12 79.71 41.08
N LYS A 89 -34.09 80.50 41.53
CA LYS A 89 -35.19 81.04 40.73
C LYS A 89 -35.29 82.53 41.00
N VAL A 90 -36.00 83.25 40.14
CA VAL A 90 -36.24 84.68 40.31
C VAL A 90 -37.73 84.99 40.22
N GLN A 91 -38.14 86.03 40.92
CA GLN A 91 -39.49 86.58 40.89
C GLN A 91 -39.41 88.11 40.89
N ASN A 92 -40.35 88.79 40.26
CA ASN A 92 -40.42 90.25 40.34
C ASN A 92 -40.66 90.68 41.78
N GLN A 93 -39.98 91.75 42.19
CA GLN A 93 -40.12 92.31 43.53
C GLN A 93 -41.58 92.69 43.85
N ALA A 94 -42.34 93.16 42.85
CA ALA A 94 -43.76 93.50 42.99
C ALA A 94 -44.66 92.30 43.34
N ASP A 95 -44.25 91.08 42.97
CA ASP A 95 -45.04 89.85 43.19
C ASP A 95 -44.65 89.15 44.50
N THR A 96 -43.69 89.69 45.26
CA THR A 96 -43.10 89.02 46.42
C THR A 96 -43.66 89.59 47.73
N VAL A 97 -44.14 88.72 48.62
CA VAL A 97 -44.74 89.10 49.93
C VAL A 97 -43.72 89.73 50.89
N GLN A 98 -42.43 89.44 50.72
CA GLN A 98 -41.30 89.99 51.47
C GLN A 98 -40.14 90.30 50.50
N PRO A 99 -40.16 91.47 49.84
CA PRO A 99 -39.19 91.79 48.79
C PRO A 99 -37.80 92.17 49.33
N THR A 100 -37.66 92.38 50.64
CA THR A 100 -36.42 92.84 51.25
C THR A 100 -35.39 91.72 51.28
N GLN A 101 -34.38 91.86 50.43
CA GLN A 101 -33.23 90.96 50.33
C GLN A 101 -31.96 91.79 50.16
N GLN A 102 -30.79 91.19 50.41
CA GLN A 102 -29.50 91.79 50.06
C GLN A 102 -29.45 92.13 48.55
N SER A 103 -28.73 93.19 48.20
CA SER A 103 -28.52 93.56 46.80
C SER A 103 -27.54 92.60 46.13
N PHE A 104 -27.81 92.24 44.87
CA PHE A 104 -26.94 91.42 44.03
C PHE A 104 -26.55 92.22 42.79
N ALA A 105 -25.38 91.92 42.23
CA ALA A 105 -24.97 92.47 40.94
C ALA A 105 -26.01 92.10 39.86
N SER A 106 -26.30 93.04 38.95
CA SER A 106 -27.29 92.84 37.91
C SER A 106 -26.81 93.32 36.55
N LEU A 107 -27.19 92.59 35.50
CA LEU A 107 -26.70 92.83 34.13
C LEU A 107 -27.31 94.07 33.47
N ASP A 108 -28.49 94.52 33.93
CA ASP A 108 -29.07 95.81 33.56
C ASP A 108 -28.33 97.01 34.18
N ASN A 109 -27.45 96.76 35.14
CA ASN A 109 -26.56 97.76 35.75
C ASN A 109 -25.10 97.28 35.70
N ASP A 110 -24.60 97.05 34.49
CA ASP A 110 -23.22 96.61 34.26
C ASP A 110 -22.20 97.69 34.63
N VAL A 111 -21.74 97.65 35.89
CA VAL A 111 -20.78 98.60 36.45
C VAL A 111 -19.42 98.53 35.75
N ALA A 112 -19.02 97.34 35.26
CA ALA A 112 -17.76 97.17 34.52
C ALA A 112 -17.82 97.86 33.15
N ALA A 113 -18.92 97.67 32.40
CA ALA A 113 -19.13 98.37 31.15
C ALA A 113 -19.25 99.89 31.34
N GLN A 114 -19.95 100.35 32.39
CA GLN A 114 -20.05 101.77 32.71
C GLN A 114 -18.67 102.37 33.05
N ALA A 115 -17.83 101.65 33.81
CA ALA A 115 -16.47 102.08 34.11
C ALA A 115 -15.64 102.19 32.82
N ASP A 116 -15.70 101.20 31.92
CA ASP A 116 -15.02 101.26 30.63
C ASP A 116 -15.48 102.45 29.77
N VAL A 117 -16.79 102.73 29.74
CA VAL A 117 -17.34 103.89 29.03
C VAL A 117 -16.81 105.20 29.63
N SER A 118 -16.66 105.27 30.96
CA SER A 118 -16.18 106.48 31.63
C SER A 118 -14.78 106.93 31.17
N HIS A 119 -13.90 105.98 30.83
CA HIS A 119 -12.55 106.26 30.34
C HIS A 119 -12.54 106.81 28.90
N VAL A 120 -13.56 106.50 28.09
CA VAL A 120 -13.66 106.96 26.70
C VAL A 120 -14.55 108.19 26.53
N LEU A 121 -15.29 108.62 27.56
CA LEU A 121 -16.11 109.83 27.52
C LEU A 121 -15.37 111.07 26.98
N PRO A 122 -14.09 111.33 27.33
CA PRO A 122 -13.35 112.49 26.79
C PRO A 122 -13.09 112.43 25.28
N TYR A 123 -13.26 111.26 24.67
CA TYR A 123 -13.01 111.00 23.25
C TYR A 123 -14.31 110.90 22.43
N ILE A 124 -15.48 111.08 23.06
CA ILE A 124 -16.75 111.11 22.35
C ILE A 124 -16.92 112.47 21.69
N GLU A 125 -16.99 112.48 20.36
CA GLU A 125 -17.30 113.67 19.57
C GLU A 125 -18.81 113.75 19.28
N GLY A 126 -19.43 114.91 19.45
CA GLY A 126 -20.85 115.14 19.15
C GLY A 126 -21.82 115.03 20.33
N ALA A 127 -23.12 115.12 20.04
CA ALA A 127 -24.20 115.24 21.04
C ALA A 127 -24.55 113.89 21.70
N TYR A 128 -23.65 113.34 22.53
CA TYR A 128 -23.84 112.05 23.19
C TYR A 128 -25.11 111.99 24.06
N THR A 129 -25.38 113.04 24.85
CA THR A 129 -26.48 113.05 25.84
C THR A 129 -27.86 112.91 25.21
N GLU A 130 -28.05 113.50 24.03
CA GLU A 130 -29.33 113.56 23.29
C GLU A 130 -29.48 112.45 22.24
N ALA A 131 -28.43 111.67 22.00
CA ALA A 131 -28.42 110.63 20.99
C ALA A 131 -29.33 109.44 21.31
N SER A 132 -29.89 108.81 20.27
CA SER A 132 -30.61 107.53 20.39
C SER A 132 -29.67 106.43 20.92
N LEU A 133 -30.22 105.35 21.49
CA LEU A 133 -29.40 104.26 22.05
C LEU A 133 -28.41 103.68 21.03
N ASN A 134 -28.89 103.37 19.81
CA ASN A 134 -28.04 102.84 18.73
C ASN A 134 -26.95 103.82 18.32
N THR A 135 -27.26 105.13 18.33
CA THR A 135 -26.29 106.19 18.06
C THR A 135 -25.26 106.30 19.19
N LYS A 136 -25.67 106.15 20.45
CA LYS A 136 -24.74 106.13 21.61
C LYS A 136 -23.76 104.97 21.52
N GLU A 137 -24.21 103.78 21.13
CA GLU A 137 -23.35 102.61 20.94
C GLU A 137 -22.30 102.83 19.84
N GLN A 138 -22.71 103.46 18.72
CA GLN A 138 -21.79 103.87 17.64
C GLN A 138 -20.75 104.88 18.13
N LEU A 139 -21.19 105.95 18.81
CA LEU A 139 -20.30 106.98 19.35
C LEU A 139 -19.31 106.41 20.37
N ILE A 140 -19.73 105.47 21.22
CA ILE A 140 -18.85 104.79 22.18
C ILE A 140 -17.80 103.94 21.44
N ALA A 141 -18.18 103.20 20.40
CA ALA A 141 -17.24 102.38 19.63
C ALA A 141 -16.22 103.24 18.86
N GLU A 142 -16.64 104.37 18.29
CA GLU A 142 -15.74 105.35 17.66
C GLU A 142 -14.81 105.99 18.69
N ALA A 143 -15.33 106.40 19.85
CA ALA A 143 -14.53 106.94 20.94
C ALA A 143 -13.51 105.93 21.50
N LYS A 144 -13.86 104.64 21.55
CA LYS A 144 -12.92 103.56 21.88
C LYS A 144 -11.76 103.51 20.89
N ASN A 145 -12.01 103.61 19.58
CA ASN A 145 -10.93 103.70 18.58
C ASN A 145 -10.04 104.93 18.82
N SER A 146 -10.62 106.10 19.06
CA SER A 146 -9.87 107.34 19.32
C SER A 146 -9.04 107.26 20.62
N TYR A 147 -9.61 106.71 21.69
CA TYR A 147 -8.91 106.44 22.95
C TYR A 147 -7.74 105.48 22.73
N GLU A 148 -7.95 104.36 22.05
CA GLU A 148 -6.92 103.36 21.83
C GLU A 148 -5.81 103.83 20.88
N ALA A 149 -6.16 104.62 19.87
CA ALA A 149 -5.19 105.30 19.01
C ALA A 149 -4.33 106.28 19.82
N ALA A 150 -4.95 107.10 20.68
CA ALA A 150 -4.24 108.09 21.49
C ALA A 150 -3.35 107.46 22.57
N LYS A 151 -3.80 106.39 23.23
CA LYS A 151 -3.09 105.76 24.36
C LYS A 151 -2.11 104.68 23.94
N TYR A 152 -2.44 103.92 22.88
CA TYR A 152 -1.69 102.72 22.52
C TYR A 152 -1.19 102.73 21.07
N ASN A 153 -1.39 103.82 20.31
CA ASN A 153 -1.13 103.86 18.86
C ASN A 153 -1.78 102.69 18.13
N ALA A 154 -2.95 102.24 18.60
CA ALA A 154 -3.66 101.13 18.00
C ALA A 154 -4.31 101.57 16.68
N ALA A 155 -4.27 100.69 15.68
CA ALA A 155 -5.07 100.87 14.48
C ALA A 155 -6.56 100.69 14.83
N PRO A 156 -7.47 101.50 14.24
CA PRO A 156 -8.90 101.40 14.55
C PRO A 156 -9.47 100.07 14.08
N LEU A 157 -10.29 99.44 14.92
CA LEU A 157 -11.09 98.28 14.52
C LEU A 157 -12.39 98.76 13.85
N PRO A 158 -12.89 98.04 12.82
CA PRO A 158 -14.21 98.32 12.27
C PRO A 158 -15.27 98.32 13.38
N VAL A 159 -16.13 99.34 13.42
CA VAL A 159 -17.15 99.52 14.49
C VAL A 159 -18.01 98.26 14.66
N ALA A 160 -18.39 97.62 13.54
CA ALA A 160 -19.15 96.37 13.55
C ALA A 160 -18.44 95.21 14.28
N ALA A 161 -17.10 95.17 14.32
CA ALA A 161 -16.34 94.14 15.03
C ALA A 161 -16.29 94.38 16.55
N GLN A 162 -16.50 95.63 16.99
CA GLN A 162 -16.55 96.00 18.42
C GLN A 162 -17.93 95.81 19.02
N MET A 163 -18.97 95.88 18.20
CA MET A 163 -20.36 95.62 18.58
C MET A 163 -20.62 94.11 18.69
N GLN A 164 -19.97 93.46 19.65
CA GLN A 164 -20.30 92.08 20.01
C GLN A 164 -21.56 92.09 20.88
N SER A 165 -22.71 91.71 20.31
CA SER A 165 -23.86 91.36 21.14
C SER A 165 -23.59 90.00 21.76
N THR A 166 -23.40 89.96 23.08
CA THR A 166 -23.57 88.70 23.80
C THR A 166 -25.06 88.40 23.71
N GLU A 167 -25.47 87.35 22.99
CA GLU A 167 -26.87 86.92 22.95
C GLU A 167 -27.29 86.49 24.37
N MET A 168 -27.79 87.46 25.12
CA MET A 168 -28.36 87.22 26.43
C MET A 168 -29.79 86.74 26.24
N PRO A 169 -30.25 85.74 27.02
CA PRO A 169 -31.61 85.25 26.87
C PRO A 169 -32.65 86.31 27.25
N ASP A 170 -33.77 86.35 26.53
CA ASP A 170 -34.90 87.29 26.75
C ASP A 170 -35.84 86.86 27.89
N PHE A 171 -35.29 86.25 28.95
CA PHE A 171 -36.05 85.83 30.12
C PHE A 171 -35.30 86.17 31.41
N ASP A 172 -35.99 86.12 32.54
CA ASP A 172 -35.40 86.41 33.84
C ASP A 172 -34.63 85.23 34.43
N TYR A 173 -33.45 85.53 34.98
CA TYR A 173 -32.62 84.52 35.62
C TYR A 173 -31.72 85.14 36.70
N ALA A 174 -31.18 84.25 37.53
CA ALA A 174 -30.03 84.50 38.39
C ALA A 174 -29.10 83.29 38.34
N TYR A 175 -27.82 83.52 38.55
CA TYR A 175 -26.82 82.47 38.55
C TYR A 175 -25.72 82.72 39.58
N TRP A 176 -25.12 81.63 40.05
CA TRP A 176 -23.92 81.66 40.86
C TRP A 176 -22.73 82.14 40.02
N THR A 177 -21.90 83.02 40.57
CA THR A 177 -20.74 83.59 39.86
C THR A 177 -19.76 82.51 39.35
N GLU A 178 -18.96 82.87 38.35
CA GLU A 178 -17.97 81.97 37.75
C GLU A 178 -16.98 81.44 38.80
N ALA A 179 -16.71 80.12 38.74
CA ALA A 179 -15.85 79.43 39.69
C ALA A 179 -16.27 79.64 41.16
N ILE A 180 -17.59 79.65 41.40
CA ILE A 180 -18.21 79.85 42.72
C ILE A 180 -17.59 78.98 43.82
N GLY A 181 -17.15 77.76 43.50
CA GLY A 181 -16.49 76.87 44.47
C GLY A 181 -15.21 77.48 45.07
N PHE A 182 -14.42 78.20 44.28
CA PHE A 182 -13.27 78.96 44.81
C PHE A 182 -13.72 80.25 45.47
N HIS A 183 -14.64 81.00 44.86
CA HIS A 183 -15.07 82.30 45.38
C HIS A 183 -15.65 82.20 46.79
N LEU A 184 -16.40 81.13 47.08
CA LEU A 184 -16.96 80.85 48.40
C LEU A 184 -15.90 80.78 49.49
N ILE A 185 -14.69 80.32 49.18
CA ILE A 185 -13.60 80.13 50.14
C ILE A 185 -12.76 81.41 50.16
N LYS A 186 -13.22 82.46 50.84
CA LYS A 186 -12.43 83.69 50.95
C LYS A 186 -11.06 83.42 51.57
N ARG A 187 -11.03 82.56 52.59
CA ARG A 187 -9.81 82.09 53.23
C ARG A 187 -10.05 80.74 53.88
N ALA A 188 -9.10 79.83 53.78
CA ALA A 188 -9.09 78.61 54.58
C ALA A 188 -7.74 78.47 55.31
N GLU A 189 -7.78 78.01 56.56
CA GLU A 189 -6.61 77.81 57.40
C GLU A 189 -6.55 76.36 57.86
N PHE A 190 -5.41 75.70 57.60
CA PHE A 190 -5.11 74.38 58.14
C PHE A 190 -4.38 74.55 59.46
N LYS A 191 -5.00 74.14 60.57
CA LYS A 191 -4.46 74.28 61.93
C LYS A 191 -4.16 72.94 62.56
N VAL A 192 -3.06 72.90 63.31
CA VAL A 192 -2.64 71.73 64.09
C VAL A 192 -2.24 72.20 65.48
N GLY A 193 -2.90 71.67 66.51
CA GLY A 193 -2.62 72.05 67.91
C GLY A 193 -2.88 73.53 68.20
N GLY A 194 -3.79 74.17 67.46
CA GLY A 194 -4.10 75.59 67.56
C GLY A 194 -3.19 76.53 66.75
N ALA A 195 -2.06 76.04 66.23
CA ALA A 195 -1.19 76.81 65.34
C ALA A 195 -1.65 76.68 63.88
N THR A 196 -1.69 77.81 63.15
CA THR A 196 -1.91 77.80 61.70
C THR A 196 -0.67 77.30 60.99
N ILE A 197 -0.79 76.17 60.30
CA ILE A 197 0.28 75.56 59.52
C ILE A 197 0.33 76.17 58.13
N ASP A 198 -0.82 76.43 57.51
CA ASP A 198 -0.89 77.06 56.20
C ASP A 198 -2.22 77.78 56.02
N THR A 199 -2.25 78.77 55.12
CA THR A 199 -3.44 79.55 54.76
C THR A 199 -3.56 79.64 53.26
N ILE A 200 -4.76 79.42 52.72
CA ILE A 200 -5.06 79.59 51.30
C ILE A 200 -6.20 80.59 51.12
N TRP A 201 -6.20 81.29 50.00
CA TRP A 201 -7.19 82.32 49.64
C TRP A 201 -7.89 81.94 48.34
N SER A 202 -9.13 82.41 48.15
CA SER A 202 -9.90 82.22 46.91
C SER A 202 -9.09 82.58 45.66
N GLU A 203 -8.50 83.78 45.68
CA GLU A 203 -7.70 84.30 44.58
C GLU A 203 -6.45 83.44 44.30
N LEU A 204 -5.80 82.92 45.35
CA LEU A 204 -4.67 81.99 45.22
C LEU A 204 -5.11 80.65 44.62
N LEU A 205 -6.23 80.08 45.09
CA LEU A 205 -6.76 78.81 44.55
C LEU A 205 -7.00 78.90 43.04
N PHE A 206 -7.60 80.01 42.60
CA PHE A 206 -7.82 80.25 41.19
C PHE A 206 -6.50 80.38 40.42
N ALA A 207 -5.53 81.14 40.94
CA ALA A 207 -4.24 81.31 40.30
C ALA A 207 -3.44 80.00 40.18
N MET A 208 -3.48 79.19 41.23
CA MET A 208 -2.87 77.86 41.26
C MET A 208 -3.50 76.92 40.22
N GLU A 209 -4.82 76.93 40.07
CA GLU A 209 -5.51 76.14 39.04
C GLU A 209 -5.17 76.63 37.62
N GLU A 210 -5.02 77.94 37.41
CA GLU A 210 -4.64 78.50 36.12
C GLU A 210 -3.24 78.06 35.68
N LEU A 211 -2.28 78.08 36.59
CA LEU A 211 -0.87 77.76 36.32
C LEU A 211 -0.57 76.26 36.39
N MET A 212 -1.08 75.57 37.41
CA MET A 212 -0.73 74.17 37.71
C MET A 212 -1.82 73.18 37.27
N GLY A 213 -2.99 73.66 36.85
CA GLY A 213 -4.08 72.82 36.36
C GLY A 213 -3.69 72.12 35.06
N ARG A 214 -3.60 70.79 35.11
CA ARG A 214 -3.18 69.96 33.97
C ARG A 214 -4.28 69.86 32.92
N ALA A 215 -3.88 69.84 31.65
CA ALA A 215 -4.80 69.58 30.54
C ALA A 215 -5.57 68.26 30.75
N GLY A 216 -6.89 68.28 30.53
CA GLY A 216 -7.78 67.14 30.78
C GLY A 216 -8.11 66.87 32.25
N ARG A 217 -7.55 67.62 33.21
CA ARG A 217 -7.85 67.53 34.65
C ARG A 217 -8.12 68.90 35.27
N ARG A 218 -8.62 69.85 34.47
CA ARG A 218 -9.04 71.16 34.95
C ARG A 218 -10.25 71.01 35.86
N LEU A 219 -10.35 71.85 36.87
CA LEU A 219 -11.36 71.72 37.93
C LEU A 219 -12.76 72.21 37.53
N THR A 220 -13.01 72.48 36.25
CA THR A 220 -14.19 73.19 35.73
C THR A 220 -15.50 72.86 36.46
N GLU A 221 -16.02 71.65 36.29
CA GLU A 221 -17.27 71.21 36.91
C GLU A 221 -17.16 71.16 38.45
N THR A 222 -16.02 70.71 38.98
CA THR A 222 -15.81 70.54 40.42
C THR A 222 -15.85 71.84 41.22
N ILE A 223 -15.66 73.00 40.58
CA ILE A 223 -15.69 74.32 41.21
C ILE A 223 -16.75 75.26 40.61
N GLY A 224 -17.58 74.79 39.68
CA GLY A 224 -18.59 75.62 39.00
C GLY A 224 -17.98 76.67 38.05
N ARG A 225 -16.95 76.31 37.28
CA ARG A 225 -16.27 77.17 36.32
C ARG A 225 -16.63 76.78 34.88
N THR A 226 -17.06 77.77 34.09
CA THR A 226 -17.55 77.61 32.71
C THR A 226 -16.66 78.25 31.63
N LEU A 227 -15.55 78.85 32.05
CA LEU A 227 -14.67 79.68 31.22
C LEU A 227 -15.41 80.90 30.66
N ARG A 228 -16.15 81.61 31.54
CA ARG A 228 -16.90 82.83 31.23
C ARG A 228 -17.96 82.62 30.13
N ARG A 229 -18.76 81.56 30.24
CA ARG A 229 -19.94 81.34 29.39
C ARG A 229 -21.20 81.51 30.24
N PRO A 230 -21.79 82.71 30.30
CA PRO A 230 -22.88 83.01 31.23
C PRO A 230 -24.07 82.05 31.09
N THR A 231 -24.39 81.63 29.86
CA THR A 231 -25.50 80.70 29.59
C THR A 231 -25.31 79.34 30.26
N GLU A 232 -24.08 78.86 30.43
CA GLU A 232 -23.79 77.61 31.14
C GLU A 232 -23.91 77.79 32.66
N LEU A 233 -23.48 78.94 33.20
CA LEU A 233 -23.70 79.29 34.62
C LEU A 233 -25.19 79.36 34.95
N MET A 234 -25.99 79.96 34.07
CA MET A 234 -27.45 80.02 34.21
C MET A 234 -28.05 78.61 34.25
N LYS A 235 -27.70 77.74 33.29
CA LYS A 235 -28.20 76.36 33.23
C LYS A 235 -27.86 75.61 34.51
N ALA A 236 -26.61 75.66 34.95
CA ALA A 236 -26.15 74.99 36.17
C ALA A 236 -26.87 75.52 37.41
N SER A 237 -27.14 76.83 37.48
CA SER A 237 -27.72 77.49 38.66
C SER A 237 -29.22 77.27 38.82
N ARG A 238 -29.92 76.63 37.88
CA ARG A 238 -31.36 76.35 38.00
C ARG A 238 -31.70 75.18 38.92
N GLN A 239 -30.70 74.39 39.28
CA GLN A 239 -30.83 73.19 40.11
C GLN A 239 -29.76 73.16 41.19
N GLU A 240 -29.90 72.27 42.16
CA GLU A 240 -28.88 72.06 43.20
C GLU A 240 -27.54 71.68 42.55
N GLN A 241 -26.46 72.29 43.03
CA GLN A 241 -25.09 72.01 42.60
C GLN A 241 -24.31 71.41 43.76
N ILE A 242 -23.59 70.33 43.49
CA ILE A 242 -22.64 69.72 44.42
C ILE A 242 -21.24 69.93 43.85
N LEU A 243 -20.42 70.69 44.57
CA LEU A 243 -19.06 71.04 44.18
C LEU A 243 -18.07 70.33 45.10
N TYR A 244 -16.94 69.89 44.55
CA TYR A 244 -15.85 69.25 45.29
C TYR A 244 -14.58 70.06 45.08
N VAL A 245 -14.35 71.03 45.97
CA VAL A 245 -13.24 71.97 45.82
C VAL A 245 -11.99 71.37 46.47
N PRO A 246 -10.92 71.02 45.71
CA PRO A 246 -9.70 70.49 46.30
C PRO A 246 -9.01 71.57 47.12
N LEU A 247 -8.55 71.20 48.33
CA LEU A 247 -7.73 72.07 49.16
C LEU A 247 -6.26 71.66 49.00
N PRO A 248 -5.42 72.45 48.29
CA PRO A 248 -4.11 72.03 47.82
C PRO A 248 -3.01 72.14 48.89
N TRP A 249 -3.25 71.63 50.09
CA TRP A 249 -2.26 71.60 51.17
C TRP A 249 -1.02 70.78 50.79
N TYR A 250 0.11 71.00 51.45
CA TYR A 250 1.36 70.30 51.16
C TYR A 250 1.18 68.76 51.13
N PHE A 251 0.39 68.23 52.06
CA PHE A 251 0.17 66.79 52.22
C PHE A 251 -0.74 66.16 51.15
N THR A 252 -1.45 66.98 50.37
CA THR A 252 -2.29 66.48 49.26
C THR A 252 -1.51 66.34 47.94
N LYS A 253 -0.24 66.79 47.90
CA LYS A 253 0.55 66.89 46.67
C LYS A 253 1.31 65.63 46.31
N HIS A 254 1.69 64.83 47.31
CA HIS A 254 2.44 63.59 47.09
C HIS A 254 2.17 62.60 48.24
N PRO A 255 2.03 61.28 47.97
CA PRO A 255 1.75 60.28 49.02
C PRO A 255 2.76 60.28 50.17
N SER A 256 4.04 60.54 49.90
CA SER A 256 5.08 60.60 50.94
C SER A 256 4.96 61.82 51.88
N LEU A 257 4.11 62.79 51.54
CA LEU A 257 3.84 63.97 52.35
C LEU A 257 2.51 63.88 53.10
N ALA A 258 1.75 62.78 52.93
CA ALA A 258 0.50 62.57 53.65
C ALA A 258 0.69 62.86 55.15
N PHE A 259 -0.27 63.58 55.73
CA PHE A 259 -0.13 64.09 57.08
C PHE A 259 -0.25 62.93 58.08
N PRO A 260 0.78 62.66 58.92
CA PRO A 260 0.80 61.49 59.78
C PRO A 260 -0.05 61.72 61.04
N LEU A 261 -1.33 61.33 60.97
CA LEU A 261 -2.28 61.47 62.08
C LEU A 261 -1.74 60.78 63.34
N VAL A 262 -1.23 59.55 63.21
CA VAL A 262 -0.68 58.77 64.34
C VAL A 262 0.51 59.45 65.02
N ALA A 263 1.30 60.21 64.28
CA ALA A 263 2.46 60.93 64.83
C ALA A 263 2.07 62.25 65.53
N ALA A 264 0.86 62.76 65.29
CA ALA A 264 0.35 64.00 65.87
C ALA A 264 -0.79 63.75 66.87
N THR A 265 -0.82 62.60 67.55
CA THR A 265 -1.95 62.12 68.38
C THR A 265 -2.48 63.13 69.41
N TYR A 266 -1.63 63.99 69.98
CA TYR A 266 -2.03 64.95 71.02
C TYR A 266 -2.44 66.34 70.48
N HIS A 267 -2.48 66.53 69.16
CA HIS A 267 -2.93 67.77 68.54
C HIS A 267 -4.25 67.57 67.78
N ASN A 268 -5.20 68.46 68.01
CA ASN A 268 -6.37 68.56 67.15
C ASN A 268 -5.97 69.12 65.79
N ILE A 269 -6.53 68.54 64.73
CA ILE A 269 -6.36 69.01 63.36
C ILE A 269 -7.66 69.68 62.97
N GLN A 270 -7.58 70.93 62.52
CA GLN A 270 -8.75 71.71 62.22
C GLN A 270 -8.61 72.38 60.87
N LEU A 271 -9.72 72.45 60.14
CA LEU A 271 -9.86 73.31 58.99
C LEU A 271 -10.82 74.44 59.37
N TRP A 272 -10.35 75.67 59.23
CA TRP A 272 -11.16 76.88 59.39
C TRP A 272 -11.42 77.47 58.01
N VAL A 273 -12.65 77.89 57.74
CA VAL A 273 -13.07 78.46 56.45
C VAL A 273 -13.85 79.75 56.71
N GLN A 274 -13.37 80.85 56.13
CA GLN A 274 -14.10 82.09 56.04
C GLN A 274 -14.86 82.12 54.72
N TRP A 275 -16.19 82.19 54.81
CA TRP A 275 -17.08 82.12 53.65
C TRP A 275 -17.33 83.48 53.02
N ALA A 276 -17.52 83.51 51.70
CA ALA A 276 -17.93 84.71 50.99
C ALA A 276 -19.34 85.16 51.39
N GLN A 277 -19.58 86.47 51.33
CA GLN A 277 -20.92 87.04 51.53
C GLN A 277 -21.84 86.67 50.36
N LEU A 278 -23.10 86.38 50.66
CA LEU A 278 -24.10 85.93 49.68
C LEU A 278 -24.29 86.93 48.55
N ASN A 279 -24.35 88.22 48.85
CA ASN A 279 -24.44 89.32 47.88
C ASN A 279 -23.36 89.27 46.76
N SER A 280 -22.18 88.72 47.06
CA SER A 280 -21.08 88.60 46.11
C SER A 280 -21.16 87.32 45.26
N CYS A 281 -22.00 86.37 45.63
CA CYS A 281 -22.01 85.05 45.00
C CYS A 281 -22.99 84.94 43.83
N ILE A 282 -23.91 85.89 43.66
CA ILE A 282 -25.03 85.81 42.72
C ILE A 282 -25.04 87.02 41.79
N ILE A 283 -25.31 86.76 40.51
CA ILE A 283 -25.60 87.76 39.48
C ILE A 283 -27.00 87.51 38.93
N LYS A 284 -27.78 88.58 38.69
CA LYS A 284 -29.15 88.50 38.16
C LYS A 284 -29.32 89.27 36.86
N SER A 285 -30.29 88.89 36.03
CA SER A 285 -30.57 89.58 34.77
C SER A 285 -30.98 91.04 34.98
N ARG A 286 -31.81 91.32 36.01
CA ARG A 286 -32.36 92.65 36.29
C ARG A 286 -32.33 93.02 37.77
N SER A 287 -32.13 94.31 38.04
CA SER A 287 -32.00 94.91 39.37
C SER A 287 -33.23 94.75 40.26
N ASN A 288 -34.43 94.69 39.68
CA ASN A 288 -35.73 94.58 40.38
C ASN A 288 -36.20 93.15 40.66
N LEU A 289 -35.33 92.14 40.47
CA LEU A 289 -35.66 90.74 40.76
C LEU A 289 -35.25 90.35 42.19
N VAL A 290 -36.09 89.53 42.82
CA VAL A 290 -35.80 88.81 44.07
C VAL A 290 -35.30 87.43 43.71
N VAL A 291 -34.22 86.98 44.36
CA VAL A 291 -33.63 85.65 44.12
C VAL A 291 -34.16 84.68 45.17
N LEU A 292 -34.74 83.59 44.70
CA LEU A 292 -35.39 82.56 45.52
C LEU A 292 -34.59 81.24 45.49
N HIS A 293 -34.64 80.50 46.59
CA HIS A 293 -34.27 79.10 46.63
C HIS A 293 -35.26 78.28 45.78
N ALA A 294 -34.78 77.61 44.73
CA ALA A 294 -35.61 76.99 43.70
C ALA A 294 -36.58 75.92 44.21
N GLU A 295 -36.14 75.12 45.19
CA GLU A 295 -36.96 74.08 45.81
C GLU A 295 -37.89 74.60 46.91
N ARG A 296 -37.37 75.44 47.82
CA ARG A 296 -38.12 75.93 48.99
C ARG A 296 -39.05 77.10 48.68
N ASN A 297 -38.89 77.77 47.54
CA ASN A 297 -39.64 78.97 47.13
C ASN A 297 -39.65 80.09 48.19
N VAL A 298 -38.52 80.29 48.86
CA VAL A 298 -38.27 81.39 49.81
C VAL A 298 -37.10 82.23 49.32
N PRO A 299 -37.02 83.53 49.66
CA PRO A 299 -35.85 84.36 49.34
C PRO A 299 -34.56 83.68 49.80
N ILE A 300 -33.52 83.71 48.96
CA ILE A 300 -32.23 83.12 49.33
C ILE A 300 -31.58 83.92 50.47
N SER A 301 -31.06 83.20 51.46
CA SER A 301 -30.53 83.73 52.72
C SER A 301 -29.20 83.06 53.07
N ASP A 302 -28.50 83.64 54.04
CA ASP A 302 -27.13 83.25 54.40
C ASP A 302 -27.02 81.81 54.94
N ASP A 303 -28.10 81.25 55.48
CA ASP A 303 -28.20 79.88 56.02
C ASP A 303 -28.44 78.79 54.97
N HIS A 304 -28.58 79.17 53.69
CA HIS A 304 -28.74 78.21 52.59
C HIS A 304 -27.41 77.64 52.08
N LEU A 305 -26.25 78.14 52.54
CA LEU A 305 -24.96 77.50 52.25
C LEU A 305 -24.83 76.21 53.04
N ARG A 306 -24.54 75.09 52.38
CA ARG A 306 -24.20 73.84 53.03
C ARG A 306 -22.81 73.40 52.59
N ALA A 307 -22.00 72.96 53.54
CA ALA A 307 -20.70 72.39 53.25
C ALA A 307 -20.34 71.28 54.23
N SER A 308 -19.51 70.36 53.76
CA SER A 308 -18.88 69.29 54.53
C SER A 308 -17.46 69.06 54.01
N LEU A 309 -16.64 68.36 54.79
CA LEU A 309 -15.26 68.06 54.44
C LEU A 309 -15.13 66.59 54.07
N GLU A 310 -14.68 66.31 52.84
CA GLU A 310 -14.38 64.97 52.39
C GLU A 310 -12.86 64.73 52.47
N CYS A 311 -12.46 63.82 53.35
CA CYS A 311 -11.06 63.48 53.62
C CYS A 311 -10.77 62.06 53.17
N THR A 312 -9.64 61.86 52.49
CA THR A 312 -9.11 60.53 52.22
C THR A 312 -8.10 60.13 53.28
N TYR A 313 -8.45 59.10 54.05
CA TYR A 313 -7.59 58.48 55.04
C TYR A 313 -6.79 57.33 54.43
N VAL A 314 -5.59 57.12 54.96
CA VAL A 314 -4.75 55.96 54.64
C VAL A 314 -4.67 55.07 55.87
N HIS A 315 -5.00 53.80 55.70
CA HIS A 315 -4.82 52.75 56.69
C HIS A 315 -3.54 51.99 56.37
N LEU A 316 -2.65 51.90 57.35
CA LEU A 316 -1.34 51.26 57.20
C LEU A 316 -1.34 49.88 57.86
N GLU A 317 -0.48 48.99 57.38
CA GLU A 317 -0.13 47.78 58.13
C GLU A 317 0.50 48.15 59.48
N ALA A 318 0.24 47.33 60.50
CA ALA A 318 0.70 47.58 61.88
C ALA A 318 2.20 47.90 61.97
N ALA A 319 3.06 47.18 61.24
CA ALA A 319 4.50 47.41 61.27
C ALA A 319 4.88 48.81 60.76
N GLU A 320 4.24 49.30 59.69
CA GLU A 320 4.51 50.64 59.15
C GLU A 320 3.91 51.73 60.05
N ARG A 321 2.71 51.51 60.57
CA ARG A 321 2.06 52.38 61.55
C ARG A 321 2.91 52.56 62.81
N ASP A 322 3.45 51.48 63.35
CA ASP A 322 4.30 51.50 64.54
C ASP A 322 5.62 52.22 64.25
N ALA A 323 6.23 51.97 63.09
CA ALA A 323 7.44 52.67 62.66
C ALA A 323 7.21 54.18 62.52
N LEU A 324 6.10 54.58 61.92
CA LEU A 324 5.73 55.99 61.74
C LEU A 324 5.43 56.67 63.08
N THR A 325 4.78 55.96 64.02
CA THR A 325 4.51 56.48 65.36
C THR A 325 5.80 56.69 66.16
N ALA A 326 6.75 55.76 66.03
CA ALA A 326 8.04 55.85 66.70
C ALA A 326 8.94 56.95 66.10
N ASN A 327 8.91 57.14 64.78
CA ASN A 327 9.78 58.09 64.10
C ASN A 327 9.16 58.68 62.81
N ALA A 328 8.21 59.60 62.95
CA ALA A 328 7.70 60.38 61.81
C ALA A 328 8.69 61.46 61.33
N GLY A 329 9.62 61.89 62.18
CA GLY A 329 10.67 62.84 61.82
C GLY A 329 10.14 64.21 61.38
N THR A 330 10.57 64.64 60.20
CA THR A 330 10.27 65.96 59.63
C THR A 330 9.77 65.83 58.20
N GLN A 331 8.80 66.65 57.83
CA GLN A 331 8.34 66.81 56.45
C GLN A 331 8.73 68.21 55.94
N LEU A 332 9.27 68.27 54.72
CA LEU A 332 9.36 69.52 53.99
C LEU A 332 7.94 69.95 53.60
N ILE A 333 7.58 71.18 53.93
CA ILE A 333 6.27 71.74 53.60
C ILE A 333 6.43 73.00 52.76
N VAL A 334 5.41 73.28 51.96
CA VAL A 334 5.24 74.58 51.31
C VAL A 334 4.11 75.31 52.02
N GLN A 335 4.39 76.53 52.46
CA GLN A 335 3.42 77.45 53.04
C GLN A 335 3.15 78.60 52.07
N HIS A 336 1.98 79.20 52.17
CA HIS A 336 1.57 80.34 51.36
C HIS A 336 1.56 81.63 52.19
N GLN A 337 2.04 82.71 51.59
CA GLN A 337 2.04 84.06 52.16
C GLN A 337 1.36 85.02 51.18
N ALA A 338 0.75 86.09 51.69
CA ALA A 338 -0.02 87.02 50.90
C ALA A 338 0.33 88.48 51.22
N HIS A 339 0.46 89.29 50.18
CA HIS A 339 0.52 90.75 50.24
C HIS A 339 -0.65 91.27 49.41
N LEU A 340 -1.60 91.93 50.09
CA LEU A 340 -2.81 92.45 49.49
C LEU A 340 -2.77 93.98 49.59
N GLN A 341 -2.94 94.67 48.46
CA GLN A 341 -2.77 96.12 48.39
C GLN A 341 -3.85 96.75 47.52
N GLN A 342 -4.33 97.94 47.91
CA GLN A 342 -5.18 98.76 47.07
C GLN A 342 -4.34 99.58 46.09
N VAL A 343 -4.87 99.77 44.88
CA VAL A 343 -4.23 100.43 43.74
C VAL A 343 -5.07 101.63 43.34
N SER A 344 -4.43 102.79 43.34
CA SER A 344 -5.02 104.09 43.00
C SER A 344 -4.17 104.91 42.03
N SER A 345 -3.16 104.30 41.42
CA SER A 345 -2.23 104.93 40.49
C SER A 345 -1.65 103.92 39.51
N ASN A 346 -1.20 104.40 38.34
CA ASN A 346 -0.62 103.54 37.30
C ASN A 346 0.77 103.02 37.69
N ASN A 347 1.48 103.70 38.60
CA ASN A 347 2.73 103.20 39.17
C ASN A 347 2.46 102.67 40.57
N VAL A 348 2.79 101.41 40.80
CA VAL A 348 2.56 100.72 42.07
C VAL A 348 3.84 100.02 42.50
N THR A 349 4.26 100.25 43.74
CA THR A 349 5.33 99.48 44.36
C THR A 349 4.74 98.65 45.48
N ALA A 350 4.87 97.32 45.39
CA ALA A 350 4.50 96.39 46.44
C ALA A 350 5.76 95.98 47.23
N ARG A 351 5.78 96.26 48.53
CA ARG A 351 6.83 95.83 49.46
C ARG A 351 6.49 94.45 50.01
N LEU A 352 7.17 93.43 49.51
CA LEU A 352 6.89 92.03 49.80
C LEU A 352 7.59 91.60 51.10
N ASN A 353 6.91 91.79 52.23
CA ASN A 353 7.39 91.39 53.55
C ASN A 353 7.21 89.88 53.82
N PHE A 354 7.49 89.04 52.82
CA PHE A 354 7.44 87.59 52.98
C PHE A 354 8.69 87.08 53.68
N ASN A 355 8.57 85.92 54.31
CA ASN A 355 9.64 85.25 55.02
C ASN A 355 9.97 83.89 54.40
N PHE A 356 11.05 83.28 54.90
CA PHE A 356 11.55 81.96 54.55
C PHE A 356 12.09 81.86 53.12
N PRO A 357 12.65 80.69 52.72
CA PRO A 357 13.03 80.41 51.33
C PRO A 357 11.79 80.38 50.42
N VAL A 358 11.55 81.47 49.70
CA VAL A 358 10.49 81.62 48.69
C VAL A 358 10.89 80.87 47.42
N LEU A 359 10.03 79.96 46.97
CA LEU A 359 10.18 79.20 45.72
C LEU A 359 9.82 80.08 44.53
N GLU A 360 8.69 80.76 44.64
CA GLU A 360 8.07 81.54 43.59
C GLU A 360 7.02 82.49 44.18
N PHE A 361 6.61 83.46 43.37
CA PHE A 361 5.43 84.25 43.67
C PHE A 361 4.54 84.43 42.44
N TYR A 362 3.27 84.68 42.71
CA TYR A 362 2.25 85.04 41.74
C TYR A 362 1.75 86.43 42.05
N TYR A 363 1.40 87.20 41.04
CA TYR A 363 0.69 88.44 41.23
C TYR A 363 -0.32 88.67 40.12
N PHE A 364 -1.34 89.45 40.42
CA PHE A 364 -2.40 89.84 39.48
C PHE A 364 -3.20 90.99 40.08
N LEU A 365 -3.90 91.71 39.21
CA LEU A 365 -4.73 92.85 39.59
C LEU A 365 -6.19 92.56 39.33
N ARG A 366 -7.07 93.11 40.16
CA ARG A 366 -8.51 93.12 39.92
C ARG A 366 -9.02 94.55 39.96
N ARG A 367 -9.67 94.97 38.88
CA ARG A 367 -10.39 96.25 38.83
C ARG A 367 -11.52 96.24 39.84
N LYS A 368 -11.76 97.39 40.47
CA LYS A 368 -12.92 97.57 41.34
C LYS A 368 -14.22 97.26 40.57
N ALA A 369 -14.32 97.75 39.33
CA ALA A 369 -15.52 97.55 38.53
C ALA A 369 -15.81 96.07 38.24
N ASN A 370 -14.78 95.25 37.96
CA ASN A 370 -14.94 93.81 37.76
C ASN A 370 -15.44 93.11 39.04
N LYS A 371 -14.88 93.49 40.20
CA LYS A 371 -15.31 92.97 41.50
C LYS A 371 -16.77 93.34 41.80
N ASP A 372 -17.14 94.59 41.57
CA ASP A 372 -18.48 95.11 41.82
C ASP A 372 -19.53 94.48 40.85
N ALA A 373 -19.12 94.16 39.62
CA ALA A 373 -19.93 93.41 38.66
C ALA A 373 -20.09 91.92 39.00
N GLY A 374 -19.42 91.43 40.06
CA GLY A 374 -19.45 90.03 40.47
C GLY A 374 -18.55 89.11 39.65
N ASP A 375 -17.66 89.66 38.81
CA ASP A 375 -16.72 88.91 37.97
C ASP A 375 -15.36 88.77 38.69
N HIS A 376 -15.37 88.03 39.81
CA HIS A 376 -14.30 88.04 40.82
C HIS A 376 -12.94 87.55 40.33
N PHE A 377 -12.91 86.73 39.28
CA PHE A 377 -11.69 86.16 38.70
C PHE A 377 -11.32 86.81 37.36
N ASN A 378 -11.95 87.93 37.01
CA ASN A 378 -11.55 88.75 35.89
C ASN A 378 -10.46 89.73 36.29
N PHE A 379 -9.23 89.29 36.01
CA PHE A 379 -8.01 90.06 36.25
C PHE A 379 -7.60 90.93 35.06
N SER A 380 -8.49 91.16 34.09
CA SER A 380 -8.19 92.06 32.97
C SER A 380 -8.29 93.54 33.37
N GLY A 381 -7.58 94.36 32.60
CA GLY A 381 -7.59 95.82 32.66
C GLY A 381 -8.83 96.43 31.99
N ILE A 382 -8.67 97.67 31.54
CA ILE A 382 -9.73 98.48 30.94
C ILE A 382 -9.98 97.93 29.53
N GLY A 383 -11.24 97.71 29.15
CA GLY A 383 -11.59 97.12 27.87
C GLY A 383 -11.04 95.71 27.66
N GLY A 384 -10.79 94.95 28.73
CA GLY A 384 -10.27 93.59 28.66
C GLY A 384 -8.77 93.48 28.31
N ARG A 385 -8.03 94.60 28.31
CA ARG A 385 -6.58 94.63 28.04
C ARG A 385 -5.76 94.07 29.19
N ASP A 386 -4.46 93.89 28.98
CA ASP A 386 -3.53 93.46 30.03
C ASP A 386 -3.31 94.65 31.00
N PRO A 387 -3.61 94.51 32.31
CA PRO A 387 -3.51 95.63 33.26
C PRO A 387 -2.07 96.04 33.55
N VAL A 388 -1.10 95.13 33.35
CA VAL A 388 0.32 95.40 33.57
C VAL A 388 0.97 95.72 32.23
N VAL A 389 1.71 96.82 32.17
CA VAL A 389 2.58 97.14 31.03
C VAL A 389 3.93 96.49 31.25
N SER A 390 4.52 96.72 32.42
CA SER A 390 5.82 96.15 32.79
C SER A 390 5.95 95.99 34.30
N ALA A 391 6.88 95.13 34.71
CA ALA A 391 7.24 94.96 36.11
C ALA A 391 8.75 94.75 36.27
N GLU A 392 9.25 95.14 37.45
CA GLU A 392 10.63 94.98 37.90
C GLU A 392 10.65 94.41 39.32
N LEU A 393 11.60 93.52 39.61
CA LEU A 393 11.80 92.95 40.95
C LEU A 393 13.14 93.44 41.51
N LEU A 394 13.10 94.07 42.67
CA LEU A 394 14.26 94.63 43.35
C LEU A 394 14.51 93.92 44.69
N PHE A 395 15.79 93.58 44.94
CA PHE A 395 16.29 93.14 46.24
C PHE A 395 17.23 94.21 46.78
N ASN A 396 16.95 94.77 47.96
CA ASN A 396 17.78 95.81 48.57
C ASN A 396 18.11 96.95 47.56
N ASN A 397 17.08 97.43 46.83
CA ASN A 397 17.17 98.44 45.77
C ASN A 397 18.05 98.07 44.55
N THR A 398 18.45 96.81 44.41
CA THR A 398 19.19 96.31 43.24
C THR A 398 18.26 95.43 42.40
N ALA A 399 18.22 95.67 41.09
CA ALA A 399 17.37 94.91 40.18
C ALA A 399 17.78 93.43 40.16
N ARG A 400 16.94 92.56 40.72
CA ARG A 400 17.06 91.11 40.59
C ARG A 400 16.50 90.64 39.25
N VAL A 401 15.41 91.25 38.82
CA VAL A 401 14.88 91.14 37.46
C VAL A 401 14.64 92.56 37.00
N THR A 402 15.38 93.00 35.98
CA THR A 402 15.18 94.31 35.37
C THR A 402 13.78 94.41 34.75
N GLN A 403 13.35 95.62 34.41
CA GLN A 403 12.03 95.84 33.81
C GLN A 403 11.77 94.90 32.62
N LYS A 404 10.69 94.11 32.73
CA LYS A 404 10.20 93.21 31.68
C LYS A 404 8.72 93.47 31.39
N PRO A 405 8.29 93.31 30.12
CA PRO A 405 6.89 93.50 29.74
C PRO A 405 5.99 92.40 30.35
N ALA A 406 4.70 92.71 30.52
CA ALA A 406 3.70 91.78 31.08
C ALA A 406 3.75 90.35 30.49
N VAL A 407 3.88 90.24 29.17
CA VAL A 407 3.92 88.93 28.48
C VAL A 407 5.07 88.04 28.97
N TRP A 408 6.19 88.62 29.40
CA TRP A 408 7.31 87.84 29.94
C TRP A 408 6.95 87.22 31.29
N TRP A 409 6.37 88.01 32.19
CA TRP A 409 5.92 87.53 33.50
C TRP A 409 4.74 86.56 33.43
N ARG A 410 3.87 86.71 32.43
CA ARG A 410 2.68 85.87 32.26
C ARG A 410 2.93 84.59 31.47
N ALA A 411 3.56 84.71 30.29
CA ALA A 411 3.68 83.62 29.35
C ALA A 411 5.04 82.91 29.42
N VAL A 412 6.14 83.67 29.52
CA VAL A 412 7.49 83.05 29.55
C VAL A 412 7.74 82.33 30.86
N GLN A 413 7.39 82.94 32.00
CA GLN A 413 7.53 82.29 33.31
C GLN A 413 6.65 81.04 33.42
N ALA A 414 5.38 81.11 32.96
CA ALA A 414 4.51 79.94 32.91
C ALA A 414 5.06 78.83 32.00
N LEU A 415 5.56 79.18 30.81
CA LEU A 415 6.17 78.22 29.89
C LEU A 415 7.38 77.50 30.50
N GLN A 416 8.18 78.20 31.30
CA GLN A 416 9.42 77.66 31.86
C GLN A 416 9.19 76.77 33.09
N PHE A 417 8.20 77.09 33.92
CA PHE A 417 8.11 76.52 35.28
C PHE A 417 6.77 75.86 35.61
N HIS A 418 5.73 76.06 34.79
CA HIS A 418 4.38 75.61 35.10
C HIS A 418 3.81 74.62 34.09
N SER A 419 2.88 73.79 34.57
CA SER A 419 2.16 72.81 33.76
C SER A 419 1.20 73.44 32.73
N SER A 420 0.82 74.71 32.92
CA SER A 420 -0.11 75.43 32.06
C SER A 420 0.17 76.93 31.99
N ALA A 421 -0.25 77.55 30.89
CA ALA A 421 -0.27 79.00 30.77
C ALA A 421 -1.65 79.54 31.20
N PRO A 422 -1.70 80.63 31.98
CA PRO A 422 -2.96 81.15 32.49
C PRO A 422 -3.78 81.78 31.35
N LEU A 423 -5.10 81.56 31.37
CA LEU A 423 -6.06 82.17 30.44
C LEU A 423 -6.44 83.60 30.86
N THR A 424 -6.17 83.93 32.11
CA THR A 424 -6.38 85.26 32.71
C THR A 424 -5.03 85.96 32.93
N ASN A 425 -5.05 87.25 33.29
CA ASN A 425 -3.84 88.06 33.51
C ASN A 425 -3.19 87.77 34.87
N ILE A 426 -2.75 86.52 35.05
CA ILE A 426 -1.94 86.06 36.18
C ILE A 426 -0.49 86.05 35.76
N TYR A 427 0.36 86.67 36.57
CA TYR A 427 1.80 86.75 36.35
C TYR A 427 2.50 85.91 37.42
N SER A 428 3.63 85.30 37.08
CA SER A 428 4.42 84.54 38.03
C SER A 428 5.90 84.81 37.87
N TYR A 429 6.68 84.45 38.89
CA TYR A 429 8.13 84.37 38.81
C TYR A 429 8.64 83.28 39.73
N SER A 430 9.45 82.37 39.18
CA SER A 430 10.03 81.27 39.94
C SER A 430 11.53 81.45 40.17
N PHE A 431 11.95 81.23 41.41
CA PHE A 431 13.34 81.00 41.80
C PHE A 431 13.71 79.51 41.74
N SER A 432 12.71 78.63 41.67
CA SER A 432 12.85 77.17 41.61
C SER A 432 12.81 76.69 40.16
N LEU A 433 13.62 75.69 39.82
CA LEU A 433 13.57 75.06 38.49
C LEU A 433 12.30 74.21 38.29
N SER A 434 11.73 73.69 39.37
CA SER A 434 10.53 72.84 39.37
C SER A 434 9.67 73.17 40.60
N PRO A 435 8.99 74.34 40.64
CA PRO A 435 8.22 74.78 41.81
C PRO A 435 6.97 73.91 42.07
N GLU A 436 6.54 73.11 41.09
CA GLU A 436 5.44 72.15 41.21
C GLU A 436 5.88 70.80 41.80
N ASP A 437 7.18 70.52 41.92
CA ASP A 437 7.68 69.33 42.63
C ASP A 437 7.58 69.56 44.14
N PRO A 438 6.74 68.79 44.86
CA PRO A 438 6.52 69.02 46.28
C PRO A 438 7.60 68.42 47.19
N ILE A 439 8.46 67.52 46.67
CA ILE A 439 9.43 66.77 47.48
C ILE A 439 10.89 67.10 47.16
N THR A 440 11.17 67.68 45.99
CA THR A 440 12.54 68.00 45.57
C THR A 440 12.74 69.52 45.48
N PRO A 441 13.39 70.15 46.48
CA PRO A 441 13.81 71.55 46.37
C PRO A 441 14.70 71.77 45.15
N SER A 442 14.35 72.76 44.33
CA SER A 442 15.05 73.02 43.07
C SER A 442 15.43 74.50 42.88
N GLY A 443 15.52 75.25 43.98
CA GLY A 443 15.87 76.67 44.01
C GLY A 443 14.92 77.47 44.91
N SER A 444 15.44 78.54 45.52
CA SER A 444 14.67 79.49 46.32
C SER A 444 15.45 80.77 46.56
N ALA A 445 14.77 81.84 46.96
CA ALA A 445 15.37 83.04 47.52
C ALA A 445 14.89 83.22 48.96
N ASN A 446 15.81 83.36 49.92
CA ASN A 446 15.46 83.49 51.33
C ASN A 446 15.09 84.93 51.67
N PHE A 447 13.78 85.22 51.71
CA PHE A 447 13.30 86.58 51.94
C PHE A 447 13.52 87.03 53.39
N SER A 448 13.65 86.11 54.35
CA SER A 448 14.03 86.47 55.73
C SER A 448 15.46 87.01 55.88
N ARG A 449 16.25 87.02 54.81
CA ARG A 449 17.63 87.56 54.77
C ARG A 449 17.76 88.80 53.87
N LEU A 450 16.66 89.26 53.28
CA LEU A 450 16.62 90.46 52.46
C LEU A 450 15.97 91.57 53.28
N ASP A 451 16.58 92.75 53.29
CA ASP A 451 16.05 93.90 54.03
C ASP A 451 14.83 94.49 53.30
N SER A 452 14.88 94.49 51.97
CA SER A 452 13.74 94.87 51.13
C SER A 452 13.60 93.98 49.90
N VAL A 453 12.36 93.59 49.63
CA VAL A 453 11.92 93.00 48.37
C VAL A 453 10.79 93.85 47.82
N GLU A 454 11.00 94.47 46.66
CA GLU A 454 10.02 95.35 46.03
C GLU A 454 9.66 94.82 44.65
N LEU A 455 8.36 94.69 44.39
CA LEU A 455 7.80 94.47 43.05
C LEU A 455 7.25 95.82 42.57
N ALA A 456 7.94 96.43 41.62
CA ALA A 456 7.53 97.69 40.99
C ALA A 456 6.76 97.38 39.71
N LEU A 457 5.56 97.93 39.60
CA LEU A 457 4.63 97.72 38.49
C LEU A 457 4.35 99.05 37.79
N THR A 458 4.45 99.04 36.47
CA THR A 458 3.83 100.05 35.61
C THR A 458 2.59 99.42 35.01
N LEU A 459 1.43 99.96 35.33
CA LEU A 459 0.12 99.54 34.89
C LEU A 459 -0.31 100.33 33.66
N GLN A 460 -1.36 99.84 32.98
CA GLN A 460 -2.00 100.56 31.88
C GLN A 460 -2.40 101.99 32.33
N ASP A 461 -2.55 102.88 31.35
CA ASP A 461 -3.06 104.21 31.61
C ASP A 461 -4.44 104.17 32.27
N ASP A 462 -4.66 105.13 33.18
CA ASP A 462 -5.89 105.32 33.95
C ASP A 462 -6.28 104.12 34.86
N PHE A 463 -5.40 103.12 35.05
CA PHE A 463 -5.63 102.05 36.02
C PHE A 463 -5.65 102.60 37.45
N GLY A 464 -6.72 102.33 38.19
CA GLY A 464 -6.89 102.82 39.55
C GLY A 464 -7.38 104.28 39.64
N ALA A 465 -7.67 104.92 38.51
CA ALA A 465 -8.28 106.24 38.46
C ALA A 465 -9.83 106.16 38.47
N ALA A 466 -10.49 107.25 38.88
CA ALA A 466 -11.94 107.45 38.82
C ALA A 466 -12.77 106.24 39.32
N HIS A 467 -13.58 105.62 38.46
CA HIS A 467 -14.47 104.49 38.79
C HIS A 467 -13.72 103.23 39.24
N ASP A 468 -12.42 103.15 38.99
CA ASP A 468 -11.55 102.05 39.43
C ASP A 468 -10.66 102.39 40.62
N ALA A 469 -10.92 103.52 41.30
CA ALA A 469 -10.26 103.83 42.56
C ALA A 469 -10.47 102.68 43.57
N ASN A 470 -9.38 102.20 44.17
CA ASN A 470 -9.35 100.99 45.02
C ASN A 470 -9.51 99.69 44.22
N SER A 471 -8.84 99.61 43.08
CA SER A 471 -8.53 98.32 42.45
C SER A 471 -7.58 97.54 43.35
N GLU A 472 -7.49 96.23 43.20
CA GLU A 472 -6.75 95.36 44.12
C GLU A 472 -5.53 94.78 43.43
N LEU A 473 -4.38 94.77 44.11
CA LEU A 473 -3.21 93.99 43.78
C LEU A 473 -3.11 92.82 44.75
N PHE A 474 -3.01 91.62 44.20
CA PHE A 474 -2.74 90.40 44.94
C PHE A 474 -1.32 89.96 44.63
N VAL A 475 -0.52 89.69 45.66
CA VAL A 475 0.75 88.99 45.52
C VAL A 475 0.76 87.81 46.49
N PHE A 476 0.95 86.62 45.99
CA PHE A 476 1.06 85.40 46.80
C PHE A 476 2.43 84.78 46.60
N ALA A 477 3.07 84.33 47.67
CA ALA A 477 4.35 83.62 47.62
C ALA A 477 4.20 82.21 48.19
N ARG A 478 4.95 81.27 47.60
CA ARG A 478 5.12 79.91 48.12
C ARG A 478 6.49 79.81 48.75
N SER A 479 6.56 79.38 50.01
CA SER A 479 7.82 79.28 50.76
C SER A 479 8.02 77.91 51.38
N TYR A 480 9.27 77.45 51.45
CA TYR A 480 9.62 76.25 52.20
C TYR A 480 9.62 76.51 53.70
N ASN A 481 9.09 75.55 54.45
CA ASN A 481 9.31 75.41 55.88
C ASN A 481 9.40 73.91 56.22
N ILE A 482 9.60 73.57 57.49
CA ILE A 482 9.70 72.20 57.95
C ILE A 482 8.65 71.99 59.04
N LEU A 483 7.83 70.96 58.87
CA LEU A 483 6.93 70.47 59.91
C LEU A 483 7.60 69.31 60.64
N LYS A 484 7.73 69.42 61.96
CA LYS A 484 8.36 68.41 62.81
C LYS A 484 7.32 67.67 63.63
N PHE A 485 7.44 66.35 63.67
CA PHE A 485 6.64 65.46 64.49
C PHE A 485 7.51 64.86 65.59
N THR A 486 7.12 64.99 66.85
CA THR A 486 7.88 64.45 67.99
C THR A 486 6.94 64.14 69.15
N ASN A 487 7.02 62.93 69.69
CA ASN A 487 6.27 62.49 70.89
C ASN A 487 4.75 62.74 70.81
N GLY A 488 4.15 62.49 69.63
CA GLY A 488 2.72 62.70 69.43
C GLY A 488 2.29 64.14 69.17
N LEU A 489 3.25 65.08 69.04
CA LEU A 489 3.01 66.49 68.76
C LEU A 489 3.56 66.86 67.38
N ALA A 490 2.96 67.88 66.76
CA ALA A 490 3.39 68.43 65.49
C ALA A 490 3.55 69.96 65.59
N GLY A 491 4.62 70.50 65.01
CA GLY A 491 4.88 71.95 65.03
C GLY A 491 5.81 72.41 63.91
N ALA B 11 26.94 90.22 47.04
CA ALA B 11 26.94 90.02 48.49
C ALA B 11 25.71 89.21 48.95
N GLY B 12 24.51 89.51 48.42
CA GLY B 12 23.28 88.78 48.77
C GLY B 12 23.26 87.31 48.33
N SER B 13 23.66 87.00 47.08
CA SER B 13 23.63 85.63 46.56
C SER B 13 24.66 84.73 47.24
N LEU B 14 25.86 85.26 47.53
CA LEU B 14 26.85 84.53 48.31
C LEU B 14 26.38 84.33 49.76
N THR B 15 25.74 85.34 50.36
CA THR B 15 25.19 85.26 51.72
C THR B 15 24.10 84.18 51.81
N GLN B 16 23.25 84.02 50.79
CA GLN B 16 22.26 82.94 50.74
C GLN B 16 22.91 81.55 50.78
N LEU B 17 24.03 81.34 50.07
CA LEU B 17 24.75 80.06 50.11
C LEU B 17 25.41 79.79 51.48
N LEU B 18 25.75 80.85 52.22
CA LEU B 18 26.33 80.75 53.56
C LEU B 18 25.25 80.65 54.66
N ALA B 19 24.05 81.15 54.42
CA ALA B 19 22.91 81.14 55.35
C ALA B 19 22.27 79.75 55.42
N THR B 20 23.05 78.75 55.82
CA THR B 20 22.61 77.37 56.03
C THR B 20 22.68 77.00 57.51
N GLY B 21 21.72 76.21 57.97
CA GLY B 21 21.63 75.68 59.32
C GLY B 21 21.50 74.16 59.36
N SER B 22 21.22 73.62 60.54
CA SER B 22 21.06 72.17 60.73
C SER B 22 19.89 71.57 59.95
N MET B 23 18.84 72.35 59.64
CA MET B 23 17.72 71.89 58.80
C MET B 23 18.14 71.68 57.34
N ASP B 24 19.00 72.56 56.79
CA ASP B 24 19.47 72.45 55.41
C ASP B 24 20.34 71.22 55.18
N ALA B 25 20.98 70.71 56.25
CA ALA B 25 21.81 69.54 56.18
C ALA B 25 21.03 68.30 55.69
N ALA B 26 19.77 68.15 56.10
CA ALA B 26 18.90 67.05 55.65
C ALA B 26 18.58 67.11 54.15
N LEU B 27 18.72 68.29 53.51
CA LEU B 27 18.35 68.53 52.12
C LEU B 27 19.56 68.63 51.20
N THR B 28 20.68 69.17 51.68
CA THR B 28 21.80 69.61 50.83
C THR B 28 23.16 69.09 51.25
N GLN B 29 23.32 68.57 52.48
CA GLN B 29 24.59 68.00 52.91
C GLN B 29 24.89 66.75 52.08
N ASN B 30 26.13 66.64 51.58
CA ASN B 30 26.56 65.54 50.71
C ASN B 30 25.68 65.38 49.45
N ALA B 31 25.25 66.50 48.85
CA ALA B 31 24.44 66.50 47.65
C ALA B 31 25.00 65.55 46.57
N THR B 32 24.17 64.59 46.13
CA THR B 32 24.52 63.58 45.12
C THR B 32 24.10 63.98 43.70
N ARG B 33 23.49 65.15 43.56
CA ARG B 33 22.98 65.69 42.29
C ARG B 33 23.35 67.16 42.15
N THR B 34 23.67 67.58 40.93
CA THR B 34 23.82 68.99 40.55
C THR B 34 22.88 69.33 39.40
N PHE B 35 22.38 70.57 39.38
CA PHE B 35 21.58 71.10 38.27
C PHE B 35 22.43 71.63 37.10
N TRP B 36 23.74 71.81 37.31
CA TRP B 36 24.63 72.51 36.37
C TRP B 36 25.51 71.59 35.53
N LYS B 37 25.36 70.27 35.70
CA LYS B 37 26.04 69.26 34.89
C LYS B 37 25.07 68.12 34.62
N SER B 38 24.88 67.79 33.34
CA SER B 38 24.09 66.62 32.95
C SER B 38 24.89 65.35 33.18
N SER B 39 24.23 64.34 33.75
CA SER B 39 24.69 62.94 33.76
C SER B 39 23.70 62.13 32.94
N TYR B 40 24.19 61.20 32.13
CA TYR B 40 23.35 60.27 31.37
C TYR B 40 23.83 58.83 31.61
N GLN B 41 22.92 57.88 31.45
CA GLN B 41 23.24 56.44 31.51
C GLN B 41 23.38 55.91 30.08
N LYS B 42 24.33 55.00 29.88
CA LYS B 42 24.44 54.23 28.62
C LYS B 42 23.40 53.11 28.64
N HIS B 43 22.84 52.76 27.49
CA HIS B 43 21.88 51.68 27.31
C HIS B 43 22.41 50.64 26.32
N SER B 44 21.83 49.43 26.29
CA SER B 44 22.11 48.40 25.28
C SER B 44 21.55 48.80 23.91
N LEU B 45 22.08 48.19 22.84
CA LEU B 45 21.60 48.44 21.49
C LEU B 45 20.28 47.70 21.23
N PHE B 46 19.30 48.40 20.66
CA PHE B 46 18.03 47.83 20.22
C PHE B 46 17.50 48.61 19.01
N ALA B 47 16.58 48.00 18.26
CA ALA B 47 15.85 48.63 17.17
C ALA B 47 14.35 48.30 17.24
N LEU B 48 13.51 49.21 16.76
CA LEU B 48 12.06 49.00 16.67
C LEU B 48 11.64 48.85 15.21
N GLU B 49 10.73 47.93 14.94
CA GLU B 49 10.16 47.70 13.61
C GLU B 49 8.65 47.52 13.72
N SER B 50 7.87 48.28 12.94
CA SER B 50 6.42 48.11 12.85
C SER B 50 6.07 47.22 11.68
N ILE B 51 5.33 46.15 11.93
CA ILE B 51 4.96 45.18 10.89
C ILE B 51 3.46 44.89 10.94
N ASN B 52 2.80 45.07 9.80
CA ASN B 52 1.39 44.77 9.60
C ASN B 52 1.18 43.31 9.16
N GLN B 53 0.22 42.63 9.78
CA GLN B 53 -0.04 41.20 9.58
C GLN B 53 -1.53 40.94 9.37
N PRO B 54 -1.92 40.12 8.38
CA PRO B 54 -3.32 39.78 8.14
C PRO B 54 -3.83 38.80 9.21
N PHE B 55 -5.14 38.81 9.44
CA PHE B 55 -5.78 37.77 10.25
C PHE B 55 -5.62 36.37 9.64
N THR B 56 -5.54 35.35 10.50
CA THR B 56 -5.45 33.94 10.08
C THR B 56 -6.80 33.43 9.57
N THR B 57 -7.90 33.96 10.12
CA THR B 57 -9.27 33.69 9.67
C THR B 57 -9.87 34.90 8.97
N GLN B 58 -10.97 34.70 8.26
CA GLN B 58 -11.70 35.79 7.63
C GLN B 58 -12.21 36.78 8.70
N VAL B 59 -12.10 38.08 8.38
CA VAL B 59 -12.66 39.19 9.16
C VAL B 59 -14.01 39.55 8.56
N GLN B 60 -15.05 39.55 9.39
CA GLN B 60 -16.43 39.90 9.01
C GLN B 60 -17.15 40.50 10.21
N PHE B 61 -18.12 41.40 9.96
CA PHE B 61 -19.00 41.90 11.00
C PHE B 61 -19.76 40.76 11.69
N GLY B 62 -19.94 40.85 13.00
CA GLY B 62 -20.66 39.87 13.82
C GLY B 62 -19.96 38.52 14.03
N ALA B 63 -18.85 38.26 13.35
CA ALA B 63 -18.08 37.03 13.47
C ALA B 63 -16.97 37.16 14.53
N GLU B 64 -16.32 36.05 14.85
CA GLU B 64 -15.05 36.02 15.59
C GLU B 64 -13.91 35.70 14.62
N SER B 65 -12.82 36.45 14.72
CA SER B 65 -11.62 36.23 13.93
C SER B 65 -10.41 36.13 14.83
N HIS B 66 -9.39 35.38 14.41
CA HIS B 66 -8.13 35.33 15.14
C HIS B 66 -6.92 35.48 14.22
N ILE B 67 -5.83 35.93 14.83
CA ILE B 67 -4.51 36.02 14.21
C ILE B 67 -3.49 35.37 15.13
N THR B 68 -2.61 34.55 14.56
CA THR B 68 -1.39 34.10 15.24
C THR B 68 -0.29 35.12 14.96
N VAL B 69 0.19 35.79 16.01
CA VAL B 69 1.20 36.85 15.93
C VAL B 69 2.54 36.25 15.49
N ASN B 70 3.12 36.80 14.43
CA ASN B 70 4.41 36.35 13.91
C ASN B 70 5.55 36.63 14.91
N ARG B 71 6.66 35.91 14.75
CA ARG B 71 7.89 36.08 15.55
C ARG B 71 8.96 36.80 14.75
N GLN B 72 8.72 38.07 14.46
CA GLN B 72 9.61 38.89 13.62
C GLN B 72 10.61 39.74 14.42
N GLY B 73 10.66 39.60 15.74
CA GLY B 73 11.68 40.20 16.61
C GLY B 73 11.77 39.46 17.94
N ASP B 74 12.49 40.04 18.90
CA ASP B 74 12.76 39.41 20.20
C ASP B 74 11.74 39.76 21.27
N LEU B 75 11.21 40.98 21.23
CA LEU B 75 10.10 41.45 22.08
C LEU B 75 8.95 41.95 21.23
N LEU B 76 7.74 41.93 21.81
CA LEU B 76 6.54 42.57 21.28
C LEU B 76 6.16 43.76 22.17
N SER B 77 6.10 44.96 21.58
CA SER B 77 5.83 46.22 22.27
C SER B 77 4.42 46.72 21.95
N TRP B 78 4.26 47.69 21.05
CA TRP B 78 2.94 48.21 20.69
C TRP B 78 2.15 47.26 19.81
N MET B 79 0.83 47.31 19.93
CA MET B 79 -0.11 46.53 19.16
C MET B 79 -1.33 47.39 18.81
N TYR B 80 -1.59 47.55 17.52
CA TYR B 80 -2.72 48.31 16.98
C TYR B 80 -3.56 47.41 16.07
N LEU B 81 -4.87 47.44 16.24
CA LEU B 81 -5.79 46.86 15.28
C LEU B 81 -6.02 47.90 14.17
N LYS B 82 -5.49 47.61 12.98
CA LYS B 82 -5.70 48.43 11.79
C LYS B 82 -7.00 47.99 11.14
N ILE B 83 -8.00 48.86 11.17
CA ILE B 83 -9.33 48.60 10.61
C ILE B 83 -9.51 49.47 9.37
N VAL B 84 -10.02 48.89 8.29
CA VAL B 84 -10.40 49.62 7.09
C VAL B 84 -11.90 49.48 6.88
N LEU B 85 -12.61 50.61 6.94
CA LEU B 85 -14.05 50.70 6.71
C LEU B 85 -14.31 51.37 5.36
N PRO B 86 -15.22 50.83 4.53
CA PRO B 86 -15.55 51.48 3.28
C PRO B 86 -16.30 52.79 3.53
N GLY B 87 -16.22 53.69 2.54
CA GLY B 87 -17.15 54.81 2.47
C GLY B 87 -18.58 54.32 2.30
N LEU B 88 -19.53 55.09 2.80
CA LEU B 88 -20.96 54.84 2.74
C LEU B 88 -21.62 55.81 1.76
N LYS B 89 -22.60 55.29 1.02
CA LYS B 89 -23.59 56.05 0.26
C LYS B 89 -24.98 55.51 0.59
N VAL B 90 -26.01 56.26 0.26
CA VAL B 90 -27.40 55.84 0.45
C VAL B 90 -28.18 55.98 -0.84
N GLN B 91 -29.18 55.12 -0.99
CA GLN B 91 -30.14 55.16 -2.09
C GLN B 91 -31.54 54.84 -1.54
N ASN B 92 -32.58 55.42 -2.14
CA ASN B 92 -33.94 55.05 -1.76
C ASN B 92 -34.19 53.57 -2.05
N GLN B 93 -34.89 52.90 -1.13
CA GLN B 93 -35.25 51.51 -1.28
C GLN B 93 -36.04 51.22 -2.57
N ALA B 94 -36.88 52.16 -3.02
CA ALA B 94 -37.64 52.08 -4.26
C ALA B 94 -36.78 52.04 -5.53
N ASP B 95 -35.57 52.61 -5.47
CA ASP B 95 -34.65 52.69 -6.62
C ASP B 95 -33.65 51.52 -6.65
N THR B 96 -33.72 50.59 -5.68
CA THR B 96 -32.72 49.54 -5.48
C THR B 96 -33.23 48.19 -6.01
N VAL B 97 -32.43 47.52 -6.86
CA VAL B 97 -32.77 46.22 -7.48
C VAL B 97 -32.87 45.08 -6.45
N GLN B 98 -32.20 45.21 -5.31
CA GLN B 98 -32.23 44.28 -4.17
C GLN B 98 -32.29 45.08 -2.85
N PRO B 99 -33.48 45.50 -2.42
CA PRO B 99 -33.63 46.38 -1.26
C PRO B 99 -33.44 45.69 0.09
N THR B 100 -33.38 44.35 0.10
CA THR B 100 -33.31 43.56 1.34
C THR B 100 -31.92 43.69 1.96
N GLN B 101 -31.85 44.41 3.07
CA GLN B 101 -30.66 44.59 3.88
C GLN B 101 -31.04 44.50 5.36
N GLN B 102 -30.06 44.28 6.24
CA GLN B 102 -30.25 44.42 7.68
C GLN B 102 -30.79 45.81 8.04
N SER B 103 -31.60 45.90 9.09
CA SER B 103 -32.09 47.19 9.59
C SER B 103 -30.98 47.95 10.31
N PHE B 104 -30.94 49.26 10.11
CA PHE B 104 -30.03 50.18 10.79
C PHE B 104 -30.84 51.21 11.57
N ALA B 105 -30.26 51.73 12.66
CA ALA B 105 -30.85 52.86 13.38
C ALA B 105 -31.02 54.06 12.44
N SER B 106 -32.12 54.79 12.58
CA SER B 106 -32.44 55.93 11.72
C SER B 106 -32.93 57.13 12.51
N LEU B 107 -32.55 58.33 12.06
CA LEU B 107 -32.83 59.57 12.78
C LEU B 107 -34.30 60.03 12.68
N ASP B 108 -35.01 59.59 11.65
CA ASP B 108 -36.48 59.74 11.55
C ASP B 108 -37.25 58.84 12.54
N ASN B 109 -36.57 57.88 13.17
CA ASN B 109 -37.11 57.03 14.22
C ASN B 109 -36.20 57.06 15.45
N ASP B 110 -36.01 58.25 16.02
CA ASP B 110 -35.18 58.45 17.21
C ASP B 110 -35.80 57.80 18.46
N VAL B 111 -35.41 56.55 18.71
CA VAL B 111 -35.88 55.73 19.83
C VAL B 111 -35.49 56.34 21.19
N ALA B 112 -34.34 57.02 21.26
CA ALA B 112 -33.88 57.68 22.49
C ALA B 112 -34.75 58.88 22.83
N ALA B 113 -35.06 59.73 21.84
CA ALA B 113 -35.98 60.85 22.02
C ALA B 113 -37.40 60.37 22.35
N GLN B 114 -37.89 59.31 21.70
CA GLN B 114 -39.20 58.72 22.01
C GLN B 114 -39.25 58.17 23.44
N ALA B 115 -38.18 57.50 23.90
CA ALA B 115 -38.08 57.03 25.28
C ALA B 115 -38.12 58.20 26.26
N ASP B 116 -37.37 59.28 26.03
CA ASP B 116 -37.40 60.48 26.86
C ASP B 116 -38.80 61.13 26.91
N VAL B 117 -39.49 61.20 25.77
CA VAL B 117 -40.87 61.70 25.71
C VAL B 117 -41.81 60.83 26.53
N SER B 118 -41.62 59.50 26.52
CA SER B 118 -42.49 58.57 27.26
C SER B 118 -42.52 58.83 28.77
N HIS B 119 -41.39 59.29 29.34
CA HIS B 119 -41.30 59.61 30.78
C HIS B 119 -42.03 60.90 31.14
N VAL B 120 -42.20 61.83 30.20
CA VAL B 120 -42.89 63.11 30.43
C VAL B 120 -44.34 63.11 30.01
N LEU B 121 -44.82 62.07 29.30
CA LEU B 121 -46.24 61.94 28.91
C LEU B 121 -47.23 62.17 30.06
N PRO B 122 -47.00 61.67 31.29
CA PRO B 122 -47.91 61.92 32.42
C PRO B 122 -48.02 63.39 32.85
N TYR B 123 -47.08 64.24 32.41
CA TYR B 123 -46.98 65.65 32.75
C TYR B 123 -47.45 66.58 31.62
N ILE B 124 -47.90 66.01 30.48
CA ILE B 124 -48.46 66.80 29.39
C ILE B 124 -49.89 67.19 29.74
N GLU B 125 -50.14 68.49 29.86
CA GLU B 125 -51.47 69.06 30.04
C GLU B 125 -52.08 69.45 28.68
N GLY B 126 -53.35 69.10 28.43
CA GLY B 126 -54.07 69.46 27.20
C GLY B 126 -54.10 68.39 26.10
N ALA B 127 -54.65 68.76 24.94
CA ALA B 127 -54.95 67.84 23.84
C ALA B 127 -53.71 67.49 22.99
N TYR B 128 -52.78 66.71 23.56
CA TYR B 128 -51.53 66.33 22.88
C TYR B 128 -51.76 65.58 21.56
N THR B 129 -52.70 64.63 21.52
CA THR B 129 -52.90 63.75 20.36
C THR B 129 -53.33 64.50 19.10
N GLU B 130 -54.13 65.55 19.26
CA GLU B 130 -54.72 66.35 18.17
C GLU B 130 -53.90 67.60 17.83
N ALA B 131 -52.87 67.92 18.61
CA ALA B 131 -52.06 69.12 18.45
C ALA B 131 -51.20 69.09 17.16
N SER B 132 -50.97 70.27 16.59
CA SER B 132 -49.99 70.47 15.51
C SER B 132 -48.58 70.09 15.97
N LEU B 133 -47.65 69.79 15.04
CA LEU B 133 -46.28 69.38 15.40
C LEU B 133 -45.59 70.42 16.29
N ASN B 134 -45.63 71.70 15.91
CA ASN B 134 -45.04 72.80 16.68
C ASN B 134 -45.67 72.92 18.08
N THR B 135 -46.98 72.69 18.18
CA THR B 135 -47.69 72.68 19.46
C THR B 135 -47.28 71.47 20.31
N LYS B 136 -47.06 70.29 19.71
CA LYS B 136 -46.57 69.10 20.43
C LYS B 136 -45.17 69.34 21.00
N GLU B 137 -44.28 69.98 20.26
CA GLU B 137 -42.94 70.32 20.75
C GLU B 137 -42.99 71.28 21.94
N GLN B 138 -43.86 72.28 21.90
CA GLN B 138 -44.12 73.19 23.03
C GLN B 138 -44.64 72.43 24.26
N LEU B 139 -45.68 71.61 24.09
CA LEU B 139 -46.26 70.80 25.17
C LEU B 139 -45.24 69.84 25.79
N ILE B 140 -44.36 69.23 24.98
CA ILE B 140 -43.29 68.36 25.48
C ILE B 140 -42.27 69.16 26.31
N ALA B 141 -41.87 70.35 25.85
CA ALA B 141 -40.93 71.20 26.59
C ALA B 141 -41.52 71.70 27.93
N GLU B 142 -42.80 72.07 27.95
CA GLU B 142 -43.50 72.43 29.19
C GLU B 142 -43.64 71.22 30.13
N ALA B 143 -44.00 70.05 29.61
CA ALA B 143 -44.07 68.82 30.39
C ALA B 143 -42.71 68.39 30.95
N LYS B 144 -41.61 68.62 30.21
CA LYS B 144 -40.24 68.43 30.73
C LYS B 144 -39.98 69.32 31.94
N ASN B 145 -40.36 70.60 31.91
CA ASN B 145 -40.25 71.48 33.09
C ASN B 145 -41.06 70.94 34.28
N SER B 146 -42.30 70.52 34.05
CA SER B 146 -43.17 69.96 35.11
C SER B 146 -42.61 68.66 35.69
N TYR B 147 -42.13 67.76 34.84
CA TYR B 147 -41.44 66.52 35.25
C TYR B 147 -40.20 66.83 36.08
N GLU B 148 -39.34 67.74 35.63
CA GLU B 148 -38.10 68.06 36.32
C GLU B 148 -38.32 68.82 37.63
N ALA B 149 -39.34 69.67 37.68
CA ALA B 149 -39.77 70.31 38.93
C ALA B 149 -40.28 69.27 39.93
N ALA B 150 -41.11 68.31 39.49
CA ALA B 150 -41.67 67.28 40.35
C ALA B 150 -40.62 66.26 40.85
N LYS B 151 -39.67 65.87 40.00
CA LYS B 151 -38.67 64.83 40.32
C LYS B 151 -37.41 65.38 40.97
N TYR B 152 -36.98 66.58 40.57
CA TYR B 152 -35.67 67.12 40.94
C TYR B 152 -35.75 68.50 41.62
N ASN B 153 -36.95 69.03 41.87
CA ASN B 153 -37.13 70.42 42.32
C ASN B 153 -36.38 71.43 41.45
N ALA B 154 -36.26 71.14 40.15
CA ALA B 154 -35.56 71.99 39.20
C ALA B 154 -36.39 73.25 38.91
N ALA B 155 -35.71 74.40 38.81
CA ALA B 155 -36.34 75.59 38.27
C ALA B 155 -36.61 75.41 36.77
N PRO B 156 -37.75 75.89 36.24
CA PRO B 156 -38.09 75.72 34.83
C PRO B 156 -37.09 76.48 33.94
N LEU B 157 -36.66 75.83 32.87
CA LEU B 157 -35.91 76.51 31.81
C LEU B 157 -36.89 77.18 30.82
N PRO B 158 -36.54 78.35 30.26
CA PRO B 158 -37.31 78.95 29.17
C PRO B 158 -37.49 77.94 28.04
N VAL B 159 -38.72 77.76 27.53
CA VAL B 159 -39.05 76.77 26.48
C VAL B 159 -38.14 76.92 25.26
N ALA B 160 -37.83 78.15 24.86
CA ALA B 160 -36.92 78.45 23.76
C ALA B 160 -35.49 77.89 23.97
N ALA B 161 -35.01 77.77 25.21
CA ALA B 161 -33.69 77.22 25.51
C ALA B 161 -33.65 75.68 25.44
N GLN B 162 -34.82 75.02 25.55
CA GLN B 162 -34.95 73.57 25.43
C GLN B 162 -35.13 73.11 23.99
N MET B 163 -35.66 73.98 23.14
CA MET B 163 -35.83 73.77 21.70
C MET B 163 -34.49 73.96 20.98
N GLN B 164 -33.51 73.10 21.27
CA GLN B 164 -32.28 73.04 20.49
C GLN B 164 -32.56 72.29 19.18
N SER B 165 -32.68 72.99 18.06
CA SER B 165 -32.60 72.35 16.75
C SER B 165 -31.14 71.98 16.50
N THR B 166 -30.83 70.68 16.49
CA THR B 166 -29.60 70.25 15.85
C THR B 166 -29.83 70.50 14.36
N GLU B 167 -29.09 71.44 13.75
CA GLU B 167 -29.16 71.67 12.30
C GLU B 167 -28.68 70.40 11.59
N MET B 168 -29.62 69.51 11.31
CA MET B 168 -29.38 68.32 10.52
C MET B 168 -29.43 68.71 9.05
N PRO B 169 -28.53 68.18 8.21
CA PRO B 169 -28.54 68.52 6.79
C PRO B 169 -29.81 68.02 6.08
N ASP B 170 -30.34 68.80 5.15
CA ASP B 170 -31.54 68.50 4.35
C ASP B 170 -31.27 67.53 3.17
N PHE B 171 -30.36 66.57 3.36
CA PHE B 171 -30.02 65.56 2.36
C PHE B 171 -29.89 64.18 3.00
N ASP B 172 -29.89 63.14 2.18
CA ASP B 172 -29.76 61.76 2.66
C ASP B 172 -28.32 61.36 2.93
N TYR B 173 -28.12 60.67 4.05
CA TYR B 173 -26.81 60.18 4.44
C TYR B 173 -26.91 58.94 5.34
N ALA B 174 -25.78 58.26 5.45
CA ALA B 174 -25.50 57.28 6.50
C ALA B 174 -24.08 57.50 7.00
N TYR B 175 -23.83 57.15 8.26
CA TYR B 175 -22.52 57.27 8.88
C TYR B 175 -22.23 56.13 9.84
N TRP B 176 -20.94 55.84 10.01
CA TRP B 176 -20.45 54.95 11.05
C TRP B 176 -20.64 55.59 12.43
N THR B 177 -21.09 54.82 13.41
CA THR B 177 -21.36 55.31 14.77
C THR B 177 -20.12 55.94 15.43
N GLU B 178 -20.34 56.79 16.43
CA GLU B 178 -19.28 57.48 17.17
C GLU B 178 -18.29 56.48 17.78
N ALA B 179 -16.99 56.78 17.64
CA ALA B 179 -15.90 55.91 18.12
C ALA B 179 -16.01 54.47 17.58
N ILE B 180 -16.42 54.33 16.30
CA ILE B 180 -16.59 53.05 15.61
C ILE B 180 -15.40 52.10 15.79
N GLY B 181 -14.17 52.61 15.86
CA GLY B 181 -12.98 51.79 16.08
C GLY B 181 -13.02 50.98 17.38
N PHE B 182 -13.56 51.56 18.46
CA PHE B 182 -13.81 50.81 19.70
C PHE B 182 -15.05 49.94 19.59
N HIS B 183 -16.15 50.47 19.04
CA HIS B 183 -17.42 49.74 18.97
C HIS B 183 -17.30 48.42 18.19
N LEU B 184 -16.50 48.40 17.12
CA LEU B 184 -16.21 47.21 16.34
C LEU B 184 -15.62 46.06 17.16
N ILE B 185 -14.84 46.37 18.19
CA ILE B 185 -14.16 45.39 19.05
C ILE B 185 -15.07 45.06 20.23
N LYS B 186 -16.10 44.22 20.02
CA LYS B 186 -16.96 43.81 21.14
C LYS B 186 -16.16 43.16 22.25
N ARG B 187 -15.18 42.33 21.89
CA ARG B 187 -14.25 41.70 22.80
C ARG B 187 -12.97 41.34 22.07
N ALA B 188 -11.82 41.55 22.70
CA ALA B 188 -10.56 41.00 22.23
C ALA B 188 -9.86 40.21 23.34
N GLU B 189 -9.25 39.09 23.00
CA GLU B 189 -8.55 38.20 23.93
C GLU B 189 -7.09 38.03 23.47
N PHE B 190 -6.16 38.33 24.37
CA PHE B 190 -4.74 38.04 24.18
C PHE B 190 -4.45 36.65 24.75
N LYS B 191 -4.10 35.69 23.88
CA LYS B 191 -3.85 34.30 24.25
C LYS B 191 -2.39 33.91 24.04
N VAL B 192 -1.87 33.10 24.96
CA VAL B 192 -0.52 32.54 24.89
C VAL B 192 -0.60 31.06 25.22
N GLY B 193 -0.16 30.20 24.30
CA GLY B 193 -0.20 28.74 24.50
C GLY B 193 -1.62 28.19 24.66
N GLY B 194 -2.63 28.87 24.11
CA GLY B 194 -4.05 28.50 24.25
C GLY B 194 -4.75 29.06 25.50
N ALA B 195 -4.00 29.57 26.48
CA ALA B 195 -4.57 30.21 27.65
C ALA B 195 -4.84 31.71 27.38
N THR B 196 -6.01 32.20 27.78
CA THR B 196 -6.31 33.64 27.76
C THR B 196 -5.56 34.34 28.89
N ILE B 197 -4.65 35.24 28.51
CA ILE B 197 -3.85 36.05 29.43
C ILE B 197 -4.63 37.28 29.86
N ASP B 198 -5.34 37.94 28.94
CA ASP B 198 -6.17 39.09 29.25
C ASP B 198 -7.30 39.23 28.23
N THR B 199 -8.37 39.92 28.64
CA THR B 199 -9.55 40.20 27.80
C THR B 199 -9.91 41.67 27.92
N ILE B 200 -10.18 42.32 26.80
CA ILE B 200 -10.67 43.72 26.75
C ILE B 200 -12.00 43.77 26.02
N TRP B 201 -12.83 44.74 26.39
CA TRP B 201 -14.16 44.96 25.82
C TRP B 201 -14.26 46.36 25.22
N SER B 202 -15.12 46.55 24.22
CA SER B 202 -15.41 47.86 23.60
C SER B 202 -15.68 48.95 24.64
N GLU B 203 -16.59 48.66 25.58
CA GLU B 203 -16.99 49.57 26.64
C GLU B 203 -15.82 49.91 27.58
N LEU B 204 -14.95 48.94 27.89
CA LEU B 204 -13.74 49.16 28.68
C LEU B 204 -12.73 50.03 27.93
N LEU B 205 -12.48 49.78 26.65
CA LEU B 205 -11.57 50.58 25.83
C LEU B 205 -11.97 52.07 25.84
N PHE B 206 -13.27 52.33 25.66
CA PHE B 206 -13.79 53.69 25.73
C PHE B 206 -13.61 54.31 27.11
N ALA B 207 -13.91 53.57 28.18
CA ALA B 207 -13.75 54.07 29.54
C ALA B 207 -12.29 54.38 29.91
N MET B 208 -11.38 53.52 29.48
CA MET B 208 -9.94 53.69 29.64
C MET B 208 -9.44 54.94 28.89
N GLU B 209 -9.90 55.18 27.66
CA GLU B 209 -9.55 56.41 26.92
C GLU B 209 -10.13 57.67 27.58
N GLU B 210 -11.33 57.60 28.15
CA GLU B 210 -11.93 58.73 28.86
C GLU B 210 -11.13 59.14 30.10
N LEU B 211 -10.68 58.17 30.89
CA LEU B 211 -9.98 58.40 32.16
C LEU B 211 -8.46 58.59 31.96
N MET B 212 -7.83 57.77 31.13
CA MET B 212 -6.37 57.73 30.99
C MET B 212 -5.87 58.43 29.72
N GLY B 213 -6.77 58.84 28.83
CA GLY B 213 -6.42 59.57 27.60
C GLY B 213 -5.84 60.93 27.92
N ARG B 214 -4.56 61.14 27.58
CA ARG B 214 -3.84 62.38 27.88
C ARG B 214 -4.27 63.52 26.95
N ALA B 215 -4.32 64.73 27.49
CA ALA B 215 -4.57 65.93 26.70
C ALA B 215 -3.55 66.04 25.54
N GLY B 216 -4.05 66.35 24.33
CA GLY B 216 -3.24 66.40 23.10
C GLY B 216 -2.85 65.03 22.51
N ARG B 217 -3.23 63.92 23.15
CA ARG B 217 -3.01 62.55 22.65
C ARG B 217 -4.27 61.69 22.72
N ARG B 218 -5.45 62.33 22.67
CA ARG B 218 -6.73 61.63 22.61
C ARG B 218 -6.84 60.87 21.29
N LEU B 219 -7.49 59.72 21.32
CA LEU B 219 -7.54 58.79 20.20
C LEU B 219 -8.51 59.19 19.08
N THR B 220 -9.05 60.42 19.09
CA THR B 220 -10.18 60.88 18.27
C THR B 220 -10.19 60.33 16.84
N GLU B 221 -9.26 60.77 16.00
CA GLU B 221 -9.18 60.33 14.60
C GLU B 221 -8.84 58.84 14.48
N THR B 222 -7.96 58.33 15.35
CA THR B 222 -7.50 56.92 15.31
C THR B 222 -8.59 55.89 15.56
N ILE B 223 -9.71 56.28 16.19
CA ILE B 223 -10.87 55.41 16.47
C ILE B 223 -12.18 55.89 15.85
N GLY B 224 -12.16 56.96 15.04
CA GLY B 224 -13.38 57.53 14.45
C GLY B 224 -14.30 58.21 15.48
N ARG B 225 -13.75 58.96 16.43
CA ARG B 225 -14.48 59.69 17.48
C ARG B 225 -14.47 61.19 17.21
N THR B 226 -15.65 61.81 17.21
CA THR B 226 -15.88 63.23 16.88
C THR B 226 -16.35 64.08 18.07
N LEU B 227 -16.48 63.47 19.24
CA LEU B 227 -17.10 64.06 20.44
C LEU B 227 -18.57 64.42 20.20
N ARG B 228 -19.33 63.48 19.60
CA ARG B 228 -20.77 63.62 19.30
C ARG B 228 -21.10 64.81 18.40
N ARG B 229 -20.35 64.97 17.30
CA ARG B 229 -20.67 65.93 16.24
C ARG B 229 -21.10 65.16 14.99
N PRO B 230 -22.42 64.91 14.80
CA PRO B 230 -22.89 64.03 13.73
C PRO B 230 -22.43 64.45 12.34
N THR B 231 -22.33 65.74 12.07
CA THR B 231 -21.86 66.28 10.78
C THR B 231 -20.43 65.86 10.45
N GLU B 232 -19.55 65.71 11.43
CA GLU B 232 -18.18 65.24 11.22
C GLU B 232 -18.15 63.72 10.96
N LEU B 233 -18.99 62.93 11.65
CA LEU B 233 -19.16 61.50 11.37
C LEU B 233 -19.66 61.27 9.94
N MET B 234 -20.63 62.08 9.49
CA MET B 234 -21.13 62.05 8.11
C MET B 234 -20.02 62.33 7.10
N LYS B 235 -19.25 63.40 7.30
CA LYS B 235 -18.13 63.76 6.40
C LYS B 235 -17.11 62.63 6.32
N ALA B 236 -16.69 62.10 7.46
CA ALA B 236 -15.72 61.01 7.52
C ALA B 236 -16.26 59.74 6.83
N SER B 237 -17.55 59.44 6.99
CA SER B 237 -18.17 58.21 6.47
C SER B 237 -18.43 58.20 4.97
N ARG B 238 -18.22 59.30 4.24
CA ARG B 238 -18.41 59.36 2.78
C ARG B 238 -17.28 58.70 1.98
N GLN B 239 -16.15 58.43 2.63
CA GLN B 239 -14.96 57.85 2.02
C GLN B 239 -14.40 56.72 2.88
N GLU B 240 -13.46 55.96 2.33
CA GLU B 240 -12.78 54.91 3.09
C GLU B 240 -12.07 55.51 4.32
N GLN B 241 -12.21 54.84 5.47
CA GLN B 241 -11.57 55.21 6.72
C GLN B 241 -10.58 54.13 7.12
N ILE B 242 -9.37 54.55 7.50
CA ILE B 242 -8.35 53.69 8.08
C ILE B 242 -8.18 54.10 9.54
N LEU B 243 -8.49 53.19 10.45
CA LEU B 243 -8.44 53.39 11.90
C LEU B 243 -7.31 52.55 12.49
N TYR B 244 -6.61 53.09 13.48
CA TYR B 244 -5.54 52.41 14.21
C TYR B 244 -5.92 52.36 15.68
N VAL B 245 -6.59 51.30 16.09
CA VAL B 245 -7.13 51.16 17.44
C VAL B 245 -6.05 50.55 18.34
N PRO B 246 -5.51 51.29 19.33
CA PRO B 246 -4.51 50.72 20.24
C PRO B 246 -5.16 49.65 21.12
N LEU B 247 -4.48 48.51 21.28
CA LEU B 247 -4.88 47.46 22.21
C LEU B 247 -4.04 47.58 23.49
N PRO B 248 -4.62 48.06 24.61
CA PRO B 248 -3.87 48.51 25.79
C PRO B 248 -3.44 47.36 26.71
N TRP B 249 -2.85 46.30 26.16
CA TRP B 249 -2.33 45.17 26.94
C TRP B 249 -1.22 45.61 27.91
N TYR B 250 -0.95 44.82 28.94
CA TYR B 250 0.07 45.17 29.95
C TYR B 250 1.44 45.50 29.31
N PHE B 251 1.83 44.76 28.27
CA PHE B 251 3.12 44.90 27.60
C PHE B 251 3.23 46.13 26.70
N THR B 252 2.12 46.80 26.38
CA THR B 252 2.13 48.04 25.58
C THR B 252 2.30 49.29 26.46
N LYS B 253 2.30 49.15 27.79
CA LYS B 253 2.26 50.28 28.74
C LYS B 253 3.64 50.81 29.11
N HIS B 254 4.66 49.97 29.08
CA HIS B 254 6.02 50.35 29.43
C HIS B 254 7.05 49.45 28.72
N PRO B 255 8.17 49.98 28.22
CA PRO B 255 9.18 49.18 27.51
C PRO B 255 9.70 47.97 28.30
N SER B 256 9.84 48.08 29.63
CA SER B 256 10.28 46.97 30.48
C SER B 256 9.26 45.83 30.62
N LEU B 257 8.02 46.03 30.16
CA LEU B 257 6.96 45.03 30.16
C LEU B 257 6.73 44.43 28.78
N ALA B 258 7.49 44.85 27.76
CA ALA B 258 7.37 44.29 26.42
C ALA B 258 7.41 42.76 26.47
N PHE B 259 6.52 42.11 25.72
CA PHE B 259 6.30 40.68 25.83
C PHE B 259 7.51 39.94 25.23
N PRO B 260 8.22 39.10 25.99
CA PRO B 260 9.46 38.48 25.54
C PRO B 260 9.17 37.27 24.64
N LEU B 261 9.10 37.51 23.33
CA LEU B 261 8.83 36.47 22.33
C LEU B 261 9.85 35.33 22.44
N VAL B 262 11.14 35.66 22.57
CA VAL B 262 12.23 34.66 22.69
C VAL B 262 12.10 33.77 23.92
N ALA B 263 11.52 34.29 25.02
CA ALA B 263 11.33 33.53 26.24
C ALA B 263 10.09 32.62 26.20
N ALA B 264 9.18 32.84 25.25
CA ALA B 264 7.95 32.08 25.08
C ALA B 264 7.96 31.22 23.78
N THR B 265 9.13 30.79 23.30
CA THR B 265 9.34 30.15 21.99
C THR B 265 8.39 28.99 21.66
N TYR B 266 7.95 28.21 22.65
CA TYR B 266 7.10 27.03 22.43
C TYR B 266 5.59 27.32 22.55
N HIS B 267 5.19 28.57 22.75
CA HIS B 267 3.78 28.98 22.79
C HIS B 267 3.41 29.86 21.60
N ASN B 268 2.30 29.54 20.94
CA ASN B 268 1.70 30.44 19.97
C ASN B 268 1.08 31.63 20.71
N ILE B 269 1.27 32.83 20.15
CA ILE B 269 0.69 34.06 20.64
C ILE B 269 -0.44 34.42 19.69
N GLN B 270 -1.64 34.60 20.20
CA GLN B 270 -2.81 34.83 19.38
C GLN B 270 -3.60 36.01 19.91
N LEU B 271 -4.14 36.80 18.98
CA LEU B 271 -5.17 37.77 19.25
C LEU B 271 -6.48 37.25 18.66
N TRP B 272 -7.50 37.12 19.50
CA TRP B 272 -8.85 36.79 19.09
C TRP B 272 -9.71 38.04 19.21
N VAL B 273 -10.55 38.32 18.22
CA VAL B 273 -11.42 39.49 18.18
C VAL B 273 -12.83 39.06 17.81
N GLN B 274 -13.80 39.36 18.67
CA GLN B 274 -15.21 39.28 18.38
C GLN B 274 -15.70 40.62 17.85
N TRP B 275 -16.19 40.62 16.61
CA TRP B 275 -16.59 41.84 15.90
C TRP B 275 -18.05 42.21 16.17
N ALA B 276 -18.34 43.51 16.19
CA ALA B 276 -19.71 44.00 16.26
C ALA B 276 -20.53 43.63 15.03
N GLN B 277 -21.84 43.45 15.21
CA GLN B 277 -22.78 43.24 14.10
C GLN B 277 -22.91 44.53 13.28
N LEU B 278 -23.01 44.38 11.95
CA LEU B 278 -23.08 45.50 11.01
C LEU B 278 -24.25 46.45 11.29
N ASN B 279 -25.43 45.89 11.59
CA ASN B 279 -26.64 46.65 11.98
C ASN B 279 -26.41 47.66 13.12
N SER B 280 -25.46 47.39 14.04
CA SER B 280 -25.14 48.26 15.16
C SER B 280 -24.11 49.34 14.81
N CYS B 281 -23.44 49.23 13.67
CA CYS B 281 -22.32 50.09 13.33
C CYS B 281 -22.73 51.34 12.54
N ILE B 282 -23.95 51.39 11.98
CA ILE B 282 -24.38 52.41 11.03
C ILE B 282 -25.66 53.08 11.53
N ILE B 283 -25.71 54.41 11.36
CA ILE B 283 -26.91 55.24 11.55
C ILE B 283 -27.21 55.94 10.21
N LYS B 284 -28.49 56.02 9.84
CA LYS B 284 -28.96 56.66 8.60
C LYS B 284 -29.94 57.81 8.85
N SER B 285 -30.04 58.75 7.93
CA SER B 285 -30.98 59.88 8.05
C SER B 285 -32.44 59.42 8.08
N ARG B 286 -32.80 58.43 7.25
CA ARG B 286 -34.18 57.93 7.12
C ARG B 286 -34.28 56.41 7.05
N SER B 287 -35.36 55.88 7.60
CA SER B 287 -35.68 54.45 7.74
C SER B 287 -35.78 53.70 6.40
N ASN B 288 -36.22 54.38 5.34
CA ASN B 288 -36.44 53.82 3.99
C ASN B 288 -35.20 53.85 3.07
N LEU B 289 -34.02 54.18 3.59
CA LEU B 289 -32.77 54.18 2.81
C LEU B 289 -32.05 52.83 2.88
N VAL B 290 -31.47 52.43 1.76
CA VAL B 290 -30.50 51.33 1.64
C VAL B 290 -29.10 51.91 1.73
N VAL B 291 -28.23 51.29 2.52
CA VAL B 291 -26.84 51.72 2.69
C VAL B 291 -25.93 50.93 1.76
N LEU B 292 -25.19 51.64 0.93
CA LEU B 292 -24.31 51.09 -0.11
C LEU B 292 -22.83 51.32 0.25
N HIS B 293 -21.98 50.39 -0.18
CA HIS B 293 -20.54 50.60 -0.26
C HIS B 293 -20.24 51.66 -1.34
N ALA B 294 -19.63 52.78 -0.95
CA ALA B 294 -19.49 53.97 -1.79
C ALA B 294 -18.72 53.74 -3.10
N GLU B 295 -17.68 52.91 -3.06
CA GLU B 295 -16.87 52.57 -4.24
C GLU B 295 -17.51 51.47 -5.10
N ARG B 296 -17.97 50.37 -4.48
CA ARG B 296 -18.48 49.19 -5.18
C ARG B 296 -19.93 49.33 -5.66
N ASN B 297 -20.69 50.31 -5.14
CA ASN B 297 -22.11 50.53 -5.43
C ASN B 297 -22.98 49.27 -5.24
N VAL B 298 -22.69 48.50 -4.20
CA VAL B 298 -23.49 47.35 -3.76
C VAL B 298 -23.97 47.58 -2.32
N PRO B 299 -25.10 46.99 -1.90
CA PRO B 299 -25.53 47.03 -0.49
C PRO B 299 -24.39 46.62 0.44
N ILE B 300 -24.22 47.36 1.54
CA ILE B 300 -23.19 47.02 2.53
C ILE B 300 -23.54 45.70 3.23
N SER B 301 -22.54 44.82 3.38
CA SER B 301 -22.66 43.46 3.87
C SER B 301 -21.55 43.13 4.87
N ASP B 302 -21.70 42.03 5.58
CA ASP B 302 -20.82 41.65 6.70
C ASP B 302 -19.36 41.39 6.27
N ASP B 303 -19.11 41.05 5.01
CA ASP B 303 -17.79 40.78 4.43
C ASP B 303 -17.02 42.05 4.00
N HIS B 304 -17.62 43.24 4.17
CA HIS B 304 -16.96 44.51 3.88
C HIS B 304 -16.07 45.03 5.01
N LEU B 305 -16.07 44.39 6.19
CA LEU B 305 -15.11 44.69 7.24
C LEU B 305 -13.73 44.15 6.86
N ARG B 306 -12.71 45.02 6.89
CA ARG B 306 -11.33 44.58 6.73
C ARG B 306 -10.53 45.00 7.96
N ALA B 307 -9.70 44.09 8.46
CA ALA B 307 -8.79 44.39 9.55
C ALA B 307 -7.48 43.62 9.41
N SER B 308 -6.43 44.20 9.98
CA SER B 308 -5.10 43.60 10.13
C SER B 308 -4.50 44.05 11.46
N LEU B 309 -3.46 43.36 11.92
CA LEU B 309 -2.79 43.66 13.17
C LEU B 309 -1.43 44.29 12.89
N GLU B 310 -1.23 45.50 13.38
CA GLU B 310 0.06 46.18 13.33
C GLU B 310 0.79 46.04 14.66
N CYS B 311 1.91 45.33 14.64
CA CYS B 311 2.72 45.03 15.82
C CYS B 311 4.08 45.72 15.72
N THR B 312 4.53 46.34 16.81
CA THR B 312 5.90 46.82 16.93
C THR B 312 6.78 45.77 17.61
N TYR B 313 7.74 45.26 16.86
CA TYR B 313 8.76 44.34 17.34
C TYR B 313 9.99 45.10 17.82
N VAL B 314 10.67 44.53 18.83
CA VAL B 314 11.97 45.00 19.29
C VAL B 314 13.02 43.96 18.93
N HIS B 315 14.06 44.41 18.25
CA HIS B 315 15.26 43.63 17.97
C HIS B 315 16.34 43.98 18.98
N LEU B 316 16.87 42.98 19.66
CA LEU B 316 17.88 43.15 20.71
C LEU B 316 19.26 42.78 20.20
N GLU B 317 20.30 43.35 20.80
CA GLU B 317 21.65 42.83 20.65
C GLU B 317 21.74 41.39 21.18
N ALA B 318 22.58 40.56 20.54
CA ALA B 318 22.71 39.14 20.86
C ALA B 318 22.92 38.87 22.36
N ALA B 319 23.76 39.66 23.04
CA ALA B 319 24.01 39.48 24.47
C ALA B 319 22.76 39.67 25.34
N GLU B 320 21.92 40.67 25.03
CA GLU B 320 20.67 40.92 25.76
C GLU B 320 19.60 39.88 25.42
N ARG B 321 19.51 39.50 24.14
CA ARG B 321 18.64 38.42 23.66
C ARG B 321 18.95 37.09 24.35
N ASP B 322 20.22 36.73 24.47
CA ASP B 322 20.67 35.50 25.11
C ASP B 322 20.39 35.54 26.61
N ALA B 323 20.64 36.67 27.27
CA ALA B 323 20.32 36.87 28.67
C ALA B 323 18.81 36.73 28.95
N LEU B 324 17.97 37.33 28.10
CA LEU B 324 16.52 37.25 28.22
C LEU B 324 15.99 35.83 27.96
N THR B 325 16.58 35.11 27.01
CA THR B 325 16.23 33.71 26.73
C THR B 325 16.58 32.79 27.90
N ALA B 326 17.75 33.03 28.52
CA ALA B 326 18.20 32.26 29.68
C ALA B 326 17.37 32.56 30.95
N ASN B 327 16.96 33.82 31.15
CA ASN B 327 16.26 34.23 32.36
C ASN B 327 15.31 35.43 32.14
N ALA B 328 14.15 35.19 31.51
CA ALA B 328 13.09 36.19 31.43
C ALA B 328 12.33 36.38 32.75
N GLY B 329 12.37 35.38 33.64
CA GLY B 329 11.77 35.46 34.97
C GLY B 329 10.25 35.69 34.95
N THR B 330 9.81 36.72 35.66
CA THR B 330 8.39 37.05 35.85
C THR B 330 8.12 38.51 35.54
N GLN B 331 6.97 38.78 34.92
CA GLN B 331 6.45 40.13 34.74
C GLN B 331 5.20 40.33 35.60
N LEU B 332 5.13 41.46 36.28
CA LEU B 332 3.88 41.94 36.86
C LEU B 332 2.95 42.34 35.71
N ILE B 333 1.73 41.81 35.71
CA ILE B 333 0.74 42.13 34.70
C ILE B 333 -0.53 42.68 35.34
N VAL B 334 -1.24 43.49 34.57
CA VAL B 334 -2.61 43.89 34.89
C VAL B 334 -3.55 43.14 33.97
N GLN B 335 -4.53 42.45 34.56
CA GLN B 335 -5.62 41.78 33.85
C GLN B 335 -6.93 42.53 34.08
N HIS B 336 -7.85 42.40 33.14
CA HIS B 336 -9.17 43.00 33.22
C HIS B 336 -10.25 41.94 33.50
N GLN B 337 -11.19 42.29 34.37
CA GLN B 337 -12.36 41.47 34.71
C GLN B 337 -13.63 42.29 34.50
N ALA B 338 -14.74 41.62 34.18
CA ALA B 338 -15.99 42.28 33.85
C ALA B 338 -17.18 41.65 34.59
N HIS B 339 -18.06 42.50 35.11
CA HIS B 339 -19.39 42.16 35.60
C HIS B 339 -20.40 42.95 34.78
N LEU B 340 -21.21 42.24 34.00
CA LEU B 340 -22.20 42.82 33.10
C LEU B 340 -23.58 42.41 33.59
N GLN B 341 -24.46 43.40 33.79
CA GLN B 341 -25.76 43.18 34.42
C GLN B 341 -26.85 43.99 33.71
N GLN B 342 -28.05 43.41 33.58
CA GLN B 342 -29.23 44.14 33.14
C GLN B 342 -29.87 44.88 34.32
N VAL B 343 -30.41 46.06 34.04
CA VAL B 343 -31.00 47.00 34.99
C VAL B 343 -32.45 47.23 34.63
N SER B 344 -33.33 46.95 35.60
CA SER B 344 -34.78 47.07 35.48
C SER B 344 -35.42 47.79 36.68
N SER B 345 -34.62 48.44 37.51
CA SER B 345 -35.05 49.15 38.72
C SER B 345 -34.07 50.26 39.08
N ASN B 346 -34.56 51.28 39.79
CA ASN B 346 -33.73 52.41 40.22
C ASN B 346 -32.72 52.03 41.32
N ASN B 347 -32.99 50.95 42.07
CA ASN B 347 -32.02 50.40 43.02
C ASN B 347 -31.40 49.16 42.42
N VAL B 348 -30.07 49.15 42.31
CA VAL B 348 -29.31 48.06 41.71
C VAL B 348 -28.17 47.67 42.63
N THR B 349 -28.04 46.39 42.93
CA THR B 349 -26.88 45.85 43.62
C THR B 349 -26.11 44.95 42.66
N ALA B 350 -24.86 45.30 42.39
CA ALA B 350 -23.93 44.47 41.61
C ALA B 350 -23.02 43.70 42.55
N ARG B 351 -23.07 42.35 42.48
CA ARG B 351 -22.17 41.47 43.21
C ARG B 351 -20.91 41.21 42.39
N LEU B 352 -19.81 41.84 42.79
CA LEU B 352 -18.56 41.85 42.05
C LEU B 352 -17.73 40.62 42.40
N ASN B 353 -17.95 39.53 41.67
CA ASN B 353 -17.20 38.27 41.83
C ASN B 353 -15.81 38.31 41.16
N PHE B 354 -15.10 39.44 41.29
CA PHE B 354 -13.74 39.57 40.78
C PHE B 354 -12.74 38.88 41.70
N ASN B 355 -11.61 38.50 41.14
CA ASN B 355 -10.51 37.85 41.85
C ASN B 355 -9.23 38.70 41.82
N PHE B 356 -8.24 38.24 42.58
CA PHE B 356 -6.90 38.80 42.70
C PHE B 356 -6.85 40.19 43.37
N PRO B 357 -5.65 40.75 43.58
CA PRO B 357 -5.49 42.14 44.03
C PRO B 357 -6.00 43.14 42.98
N VAL B 358 -7.22 43.65 43.19
CA VAL B 358 -7.86 44.68 42.37
C VAL B 358 -7.23 46.04 42.69
N LEU B 359 -6.73 46.73 41.67
CA LEU B 359 -6.19 48.08 41.72
C LEU B 359 -7.31 49.10 41.84
N GLU B 360 -8.29 48.96 40.96
CA GLU B 360 -9.40 49.88 40.76
C GLU B 360 -10.52 49.20 39.98
N PHE B 361 -11.70 49.82 40.00
CA PHE B 361 -12.78 49.47 39.10
C PHE B 361 -13.42 50.71 38.48
N TYR B 362 -14.04 50.49 37.33
CA TYR B 362 -14.85 51.45 36.61
C TYR B 362 -16.27 50.91 36.53
N TYR B 363 -17.26 51.78 36.58
CA TYR B 363 -18.62 51.41 36.26
C TYR B 363 -19.34 52.52 35.53
N PHE B 364 -20.36 52.16 34.76
CA PHE B 364 -21.21 53.07 34.02
C PHE B 364 -22.46 52.33 33.54
N LEU B 365 -23.49 53.10 33.22
CA LEU B 365 -24.75 52.55 32.75
C LEU B 365 -25.02 52.99 31.31
N ARG B 366 -25.70 52.13 30.54
CA ARG B 366 -26.21 52.47 29.22
C ARG B 366 -27.70 52.19 29.17
N ARG B 367 -28.47 53.23 28.85
CA ARG B 367 -29.91 53.08 28.56
C ARG B 367 -30.12 52.18 27.37
N LYS B 368 -31.16 51.35 27.41
CA LYS B 368 -31.56 50.55 26.24
C LYS B 368 -31.84 51.47 25.05
N ALA B 369 -32.51 52.59 25.26
CA ALA B 369 -32.86 53.51 24.19
C ALA B 369 -31.61 54.10 23.49
N ASN B 370 -30.57 54.46 24.24
CA ASN B 370 -29.30 54.95 23.67
C ASN B 370 -28.61 53.87 22.81
N LYS B 371 -28.59 52.62 23.30
CA LYS B 371 -28.05 51.47 22.56
C LYS B 371 -28.83 51.22 21.27
N ASP B 372 -30.15 51.23 21.33
CA ASP B 372 -31.03 51.00 20.19
C ASP B 372 -30.95 52.14 19.15
N ALA B 373 -30.70 53.37 19.60
CA ALA B 373 -30.43 54.52 18.74
C ALA B 373 -29.04 54.49 18.07
N GLY B 374 -28.19 53.50 18.41
CA GLY B 374 -26.84 53.37 17.88
C GLY B 374 -25.81 54.28 18.57
N ASP B 375 -26.17 54.93 19.68
CA ASP B 375 -25.29 55.82 20.46
C ASP B 375 -24.60 55.04 21.60
N HIS B 376 -23.74 54.09 21.20
CA HIS B 376 -23.23 53.02 22.07
C HIS B 376 -22.40 53.50 23.27
N PHE B 377 -21.81 54.68 23.18
CA PHE B 377 -20.97 55.26 24.24
C PHE B 377 -21.66 56.43 24.97
N ASN B 378 -22.96 56.59 24.77
CA ASN B 378 -23.78 57.50 25.55
C ASN B 378 -24.27 56.83 26.83
N PHE B 379 -23.50 57.09 27.89
CA PHE B 379 -23.78 56.62 29.24
C PHE B 379 -24.65 57.58 30.05
N SER B 380 -25.31 58.55 29.42
CA SER B 380 -26.22 59.45 30.12
C SER B 380 -27.56 58.78 30.44
N GLY B 381 -28.22 59.33 31.46
CA GLY B 381 -29.57 58.99 31.89
C GLY B 381 -30.66 59.62 31.02
N ILE B 382 -31.84 59.81 31.61
CA ILE B 382 -33.03 60.32 30.93
C ILE B 382 -32.82 61.82 30.73
N GLY B 383 -33.09 62.32 29.52
CA GLY B 383 -32.86 63.72 29.18
C GLY B 383 -31.40 64.17 29.28
N GLY B 384 -30.44 63.24 29.15
CA GLY B 384 -29.01 63.53 29.24
C GLY B 384 -28.47 63.78 30.65
N ARG B 385 -29.27 63.50 31.69
CA ARG B 385 -28.87 63.66 33.10
C ARG B 385 -27.88 62.57 33.55
N ASP B 386 -27.32 62.73 34.74
CA ASP B 386 -26.46 61.70 35.34
C ASP B 386 -27.33 60.50 35.79
N PRO B 387 -27.10 59.27 35.28
CA PRO B 387 -27.97 58.13 35.60
C PRO B 387 -27.82 57.66 37.05
N VAL B 388 -26.69 57.95 37.70
CA VAL B 388 -26.43 57.58 39.10
C VAL B 388 -26.74 58.77 39.99
N VAL B 389 -27.53 58.56 41.03
CA VAL B 389 -27.72 59.55 42.10
C VAL B 389 -26.64 59.36 43.15
N SER B 390 -26.47 58.12 43.62
CA SER B 390 -25.46 57.77 44.60
C SER B 390 -25.02 56.31 44.48
N ALA B 391 -23.85 56.02 45.03
CA ALA B 391 -23.35 54.65 45.13
C ALA B 391 -22.64 54.41 46.47
N GLU B 392 -22.65 53.15 46.90
CA GLU B 392 -21.98 52.64 48.10
C GLU B 392 -21.21 51.36 47.73
N LEU B 393 -20.02 51.18 48.32
CA LEU B 393 -19.22 49.97 48.16
C LEU B 393 -19.14 49.22 49.49
N LEU B 394 -19.56 47.96 49.49
CA LEU B 394 -19.59 47.10 50.66
C LEU B 394 -18.63 45.91 50.51
N PHE B 395 -17.85 45.64 51.56
CA PHE B 395 -17.07 44.41 51.72
C PHE B 395 -17.68 43.60 52.88
N ASN B 396 -18.10 42.36 52.62
CA ASN B 396 -18.71 41.50 53.65
C ASN B 396 -19.81 42.24 54.44
N ASN B 397 -20.71 42.93 53.72
CA ASN B 397 -21.79 43.77 54.26
C ASN B 397 -21.36 44.97 55.13
N THR B 398 -20.07 45.32 55.14
CA THR B 398 -19.55 46.51 55.84
C THR B 398 -19.16 47.56 54.81
N ALA B 399 -19.61 48.81 55.02
CA ALA B 399 -19.32 49.91 54.11
C ALA B 399 -17.81 50.18 54.05
N ARG B 400 -17.20 49.87 52.90
CA ARG B 400 -15.83 50.27 52.59
C ARG B 400 -15.79 51.70 52.09
N VAL B 401 -16.78 52.09 51.31
CA VAL B 401 -17.07 53.49 50.96
C VAL B 401 -18.55 53.68 51.24
N THR B 402 -18.87 54.54 52.21
CA THR B 402 -20.26 54.90 52.51
C THR B 402 -20.90 55.60 51.31
N GLN B 403 -22.23 55.72 51.32
CA GLN B 403 -22.97 56.36 50.23
C GLN B 403 -22.37 57.73 49.84
N LYS B 404 -21.97 57.86 48.57
CA LYS B 404 -21.45 59.09 47.98
C LYS B 404 -22.23 59.45 46.71
N PRO B 405 -22.42 60.75 46.41
CA PRO B 405 -23.11 61.19 45.21
C PRO B 405 -22.30 60.87 43.94
N ALA B 406 -22.97 60.75 42.80
CA ALA B 406 -22.35 60.46 41.50
C ALA B 406 -21.10 61.30 41.17
N VAL B 407 -21.16 62.61 41.44
CA VAL B 407 -20.04 63.53 41.17
C VAL B 407 -18.76 63.15 41.91
N TRP B 408 -18.86 62.52 43.09
CA TRP B 408 -17.68 62.06 43.83
C TRP B 408 -17.01 60.89 43.11
N TRP B 409 -17.79 59.89 42.68
CA TRP B 409 -17.28 58.74 41.95
C TRP B 409 -16.77 59.09 40.54
N ARG B 410 -17.37 60.10 39.90
CA ARG B 410 -17.00 60.53 38.54
C ARG B 410 -15.85 61.53 38.49
N ALA B 411 -15.95 62.61 39.28
CA ALA B 411 -15.03 63.74 39.18
C ALA B 411 -13.92 63.69 40.23
N VAL B 412 -14.24 63.36 41.50
CA VAL B 412 -13.23 63.36 42.57
C VAL B 412 -12.27 62.20 42.40
N GLN B 413 -12.77 60.99 42.11
CA GLN B 413 -11.90 59.83 41.87
C GLN B 413 -11.02 60.03 40.63
N ALA B 414 -11.57 60.55 39.53
CA ALA B 414 -10.77 60.89 38.35
C ALA B 414 -9.70 61.97 38.64
N LEU B 415 -10.05 63.02 39.38
CA LEU B 415 -9.10 64.06 39.78
C LEU B 415 -7.94 63.52 40.62
N GLN B 416 -8.20 62.53 41.49
CA GLN B 416 -7.20 62.00 42.41
C GLN B 416 -6.25 60.99 41.75
N PHE B 417 -6.75 60.18 40.80
CA PHE B 417 -6.04 58.97 40.36
C PHE B 417 -5.81 58.88 38.86
N HIS B 418 -6.46 59.71 38.04
CA HIS B 418 -6.43 59.61 36.59
C HIS B 418 -5.86 60.83 35.89
N SER B 419 -5.32 60.59 34.69
CA SER B 419 -4.77 61.63 33.81
C SER B 419 -5.85 62.58 33.25
N SER B 420 -7.12 62.19 33.27
CA SER B 420 -8.22 62.96 32.71
C SER B 420 -9.53 62.71 33.46
N ALA B 421 -10.44 63.69 33.40
CA ALA B 421 -11.81 63.54 33.84
C ALA B 421 -12.69 63.12 32.66
N PRO B 422 -13.61 62.14 32.84
CA PRO B 422 -14.42 61.64 31.75
C PRO B 422 -15.46 62.70 31.31
N LEU B 423 -15.67 62.82 30.00
CA LEU B 423 -16.71 63.69 29.42
C LEU B 423 -18.09 63.03 29.45
N THR B 424 -18.13 61.72 29.63
CA THR B 424 -19.33 60.90 29.78
C THR B 424 -19.51 60.43 31.23
N ASN B 425 -20.66 59.84 31.56
CA ASN B 425 -20.98 59.38 32.91
C ASN B 425 -20.28 58.05 33.26
N ILE B 426 -18.95 58.09 33.26
CA ILE B 426 -18.08 57.00 33.72
C ILE B 426 -17.65 57.30 35.15
N TYR B 427 -17.82 56.32 36.03
CA TYR B 427 -17.45 56.41 37.43
C TYR B 427 -16.27 55.48 37.69
N SER B 428 -15.40 55.85 38.61
CA SER B 428 -14.27 55.00 39.01
C SER B 428 -14.06 55.00 40.50
N TYR B 429 -13.31 54.02 40.98
CA TYR B 429 -12.77 54.00 42.33
C TYR B 429 -11.44 53.27 42.35
N SER B 430 -10.43 53.91 42.91
CA SER B 430 -9.09 53.35 43.00
C SER B 430 -8.72 52.97 44.45
N PHE B 431 -8.19 51.76 44.61
CA PHE B 431 -7.45 51.33 45.80
C PHE B 431 -5.95 51.66 45.70
N SER B 432 -5.47 51.96 44.49
CA SER B 432 -4.08 52.29 44.17
C SER B 432 -3.87 53.81 44.18
N LEU B 433 -2.72 54.28 44.68
CA LEU B 433 -2.36 55.71 44.62
C LEU B 433 -2.03 56.16 43.18
N SER B 434 -1.56 55.24 42.34
CA SER B 434 -1.16 55.49 40.96
C SER B 434 -1.55 54.30 40.08
N PRO B 435 -2.86 54.08 39.80
CA PRO B 435 -3.33 52.92 39.05
C PRO B 435 -2.90 52.92 37.57
N GLU B 436 -2.45 54.07 37.06
CA GLU B 436 -1.91 54.21 35.70
C GLU B 436 -0.39 53.88 35.61
N ASP B 437 0.30 53.71 36.74
CA ASP B 437 1.70 53.22 36.75
C ASP B 437 1.69 51.69 36.52
N PRO B 438 2.23 51.20 35.39
CA PRO B 438 2.17 49.79 35.07
C PRO B 438 3.23 48.94 35.78
N ILE B 439 4.26 49.55 36.38
CA ILE B 439 5.43 48.84 36.95
C ILE B 439 5.54 48.97 38.47
N THR B 440 4.92 49.97 39.07
CA THR B 440 4.99 50.22 40.52
C THR B 440 3.63 50.00 41.19
N PRO B 441 3.41 48.85 41.86
CA PRO B 441 2.24 48.66 42.69
C PRO B 441 2.13 49.74 43.77
N SER B 442 0.97 50.38 43.86
CA SER B 442 0.74 51.50 44.78
C SER B 442 -0.54 51.37 45.60
N GLY B 443 -1.03 50.15 45.77
CA GLY B 443 -2.24 49.82 46.54
C GLY B 443 -3.15 48.85 45.77
N SER B 444 -3.88 48.01 46.51
CA SER B 444 -4.89 47.10 45.96
C SER B 444 -5.77 46.55 47.07
N ALA B 445 -6.93 46.01 46.70
CA ALA B 445 -7.77 45.19 47.56
C ALA B 445 -7.86 43.77 46.98
N ASN B 446 -7.53 42.75 47.76
CA ASN B 446 -7.55 41.37 47.28
C ASN B 446 -8.96 40.79 47.33
N PHE B 447 -9.65 40.78 46.18
CA PHE B 447 -11.04 40.34 46.12
C PHE B 447 -11.16 38.81 46.27
N SER B 448 -10.12 38.03 45.98
CA SER B 448 -10.09 36.58 46.26
C SER B 448 -10.09 36.23 47.76
N ARG B 449 -10.02 37.22 48.65
CA ARG B 449 -10.08 37.04 50.11
C ARG B 449 -11.32 37.67 50.74
N LEU B 450 -12.21 38.25 49.93
CA LEU B 450 -13.48 38.82 50.37
C LEU B 450 -14.60 37.85 49.99
N ASP B 451 -15.49 37.56 50.93
CA ASP B 451 -16.63 36.66 50.69
C ASP B 451 -17.68 37.36 49.83
N SER B 452 -17.89 38.65 50.04
CA SER B 452 -18.74 39.48 49.21
C SER B 452 -18.16 40.87 48.96
N VAL B 453 -18.24 41.30 47.70
CA VAL B 453 -18.03 42.69 47.29
C VAL B 453 -19.29 43.14 46.55
N GLU B 454 -19.98 44.14 47.10
CA GLU B 454 -21.21 44.66 46.52
C GLU B 454 -21.08 46.15 46.22
N LEU B 455 -21.41 46.52 44.98
CA LEU B 455 -21.61 47.91 44.58
C LEU B 455 -23.12 48.17 44.53
N ALA B 456 -23.61 48.93 45.51
CA ALA B 456 -25.02 49.32 45.60
C ALA B 456 -25.19 50.70 44.94
N LEU B 457 -26.11 50.79 43.98
CA LEU B 457 -26.40 51.98 43.21
C LEU B 457 -27.85 52.42 43.46
N THR B 458 -28.01 53.72 43.71
CA THR B 458 -29.29 54.42 43.56
C THR B 458 -29.21 55.22 42.27
N LEU B 459 -30.04 54.88 41.31
CA LEU B 459 -30.14 55.50 40.01
C LEU B 459 -31.22 56.59 40.01
N GLN B 460 -31.22 57.41 38.97
CA GLN B 460 -32.28 58.40 38.74
C GLN B 460 -33.66 57.72 38.73
N ASP B 461 -34.70 58.51 39.01
CA ASP B 461 -36.07 58.03 38.91
C ASP B 461 -36.38 57.50 37.50
N ASP B 462 -37.20 56.44 37.47
CA ASP B 462 -37.65 55.75 36.26
C ASP B 462 -36.53 55.12 35.40
N PHE B 463 -35.28 55.07 35.89
CA PHE B 463 -34.20 54.34 35.22
C PHE B 463 -34.48 52.84 35.18
N GLY B 464 -34.46 52.25 33.98
CA GLY B 464 -34.76 50.83 33.79
C GLY B 464 -36.26 50.51 33.78
N ALA B 465 -37.14 51.51 33.84
CA ALA B 465 -38.59 51.34 33.69
C ALA B 465 -39.02 51.46 32.21
N ALA B 466 -40.18 50.89 31.88
CA ALA B 466 -40.85 51.04 30.57
C ALA B 466 -39.92 50.84 29.36
N HIS B 467 -39.74 51.86 28.52
CA HIS B 467 -38.94 51.82 27.29
C HIS B 467 -37.44 51.58 27.53
N ASP B 468 -36.98 51.74 28.77
CA ASP B 468 -35.59 51.46 29.18
C ASP B 468 -35.44 50.16 29.97
N ALA B 469 -36.45 49.29 29.98
CA ALA B 469 -36.33 47.94 30.53
C ALA B 469 -35.17 47.21 29.84
N ASN B 470 -34.27 46.62 30.64
CA ASN B 470 -33.00 46.03 30.19
C ASN B 470 -31.95 47.07 29.74
N SER B 471 -31.86 48.16 30.49
CA SER B 471 -30.65 48.99 30.47
C SER B 471 -29.47 48.18 31.01
N GLU B 472 -28.25 48.58 30.70
CA GLU B 472 -27.05 47.80 31.00
C GLU B 472 -26.21 48.50 32.07
N LEU B 473 -25.72 47.74 33.05
CA LEU B 473 -24.65 48.13 33.97
C LEU B 473 -23.38 47.39 33.57
N PHE B 474 -22.32 48.16 33.36
CA PHE B 474 -20.97 47.66 33.14
C PHE B 474 -20.15 47.94 34.39
N VAL B 475 -19.47 46.92 34.92
CA VAL B 475 -18.43 47.09 35.92
C VAL B 475 -17.18 46.37 35.42
N PHE B 476 -16.07 47.09 35.31
CA PHE B 476 -14.78 46.53 34.92
C PHE B 476 -13.78 46.73 36.05
N ALA B 477 -12.99 45.71 36.37
CA ALA B 477 -11.91 45.81 37.35
C ALA B 477 -10.56 45.54 36.70
N ARG B 478 -9.53 46.24 37.20
CA ARG B 478 -8.13 45.99 36.88
C ARG B 478 -7.48 45.27 38.05
N SER B 479 -6.86 44.13 37.82
CA SER B 479 -6.24 43.32 38.86
C SER B 479 -4.79 42.96 38.54
N TYR B 480 -3.95 42.89 39.57
CA TYR B 480 -2.59 42.37 39.42
C TYR B 480 -2.59 40.85 39.30
N ASN B 481 -1.76 40.33 38.40
CA ASN B 481 -1.33 38.95 38.37
C ASN B 481 0.16 38.91 37.96
N ILE B 482 0.73 37.72 37.87
CA ILE B 482 2.12 37.51 37.48
C ILE B 482 2.15 36.57 36.27
N LEU B 483 2.81 37.00 35.20
CA LEU B 483 3.12 36.14 34.07
C LEU B 483 4.55 35.61 34.24
N LYS B 484 4.69 34.28 34.22
CA LYS B 484 5.98 33.61 34.39
C LYS B 484 6.46 33.02 33.07
N PHE B 485 7.73 33.23 32.78
CA PHE B 485 8.43 32.66 31.62
C PHE B 485 9.45 31.63 32.12
N THR B 486 9.40 30.40 31.61
CA THR B 486 10.34 29.34 32.01
C THR B 486 10.51 28.34 30.88
N ASN B 487 11.75 28.04 30.51
CA ASN B 487 12.10 27.01 29.51
C ASN B 487 11.35 27.16 28.17
N GLY B 488 11.19 28.39 27.68
CA GLY B 488 10.50 28.66 26.42
C GLY B 488 8.97 28.66 26.50
N LEU B 489 8.40 28.54 27.70
CA LEU B 489 6.96 28.56 27.96
C LEU B 489 6.57 29.79 28.77
N ALA B 490 5.33 30.25 28.61
CA ALA B 490 4.75 31.36 29.36
C ALA B 490 3.41 30.96 29.97
N GLY B 491 3.15 31.32 31.22
CA GLY B 491 1.90 31.01 31.91
C GLY B 491 1.60 31.94 33.08
N ALA C 11 -10.58 43.51 60.77
CA ALA C 11 -10.17 42.13 60.50
C ALA C 11 -9.76 41.92 59.04
N GLY C 12 -10.50 42.48 58.07
CA GLY C 12 -10.18 42.38 56.65
C GLY C 12 -8.89 43.10 56.24
N SER C 13 -8.66 44.34 56.68
CA SER C 13 -7.46 45.10 56.29
C SER C 13 -6.18 44.52 56.90
N LEU C 14 -6.24 44.04 58.14
CA LEU C 14 -5.11 43.34 58.74
C LEU C 14 -4.86 41.99 58.04
N THR C 15 -5.92 41.28 57.67
CA THR C 15 -5.81 40.00 56.93
C THR C 15 -5.17 40.20 55.57
N GLN C 16 -5.46 41.30 54.86
CA GLN C 16 -4.78 41.63 53.60
C GLN C 16 -3.26 41.79 53.77
N LEU C 17 -2.80 42.43 54.86
CA LEU C 17 -1.36 42.58 55.13
C LEU C 17 -0.69 41.25 55.48
N LEU C 18 -1.45 40.29 56.03
CA LEU C 18 -0.97 38.94 56.35
C LEU C 18 -1.06 37.97 55.17
N ALA C 19 -1.97 38.22 54.23
CA ALA C 19 -2.19 37.40 53.03
C ALA C 19 -1.09 37.65 51.98
N THR C 20 0.15 37.37 52.35
CA THR C 20 1.33 37.47 51.48
C THR C 20 1.92 36.09 51.23
N GLY C 21 2.42 35.86 50.01
CA GLY C 21 3.08 34.64 49.58
C GLY C 21 4.46 34.90 48.98
N SER C 22 5.05 33.87 48.38
CA SER C 22 6.38 33.96 47.76
C SER C 22 6.43 34.94 46.57
N MET C 23 5.31 35.19 45.88
CA MET C 23 5.24 36.18 44.79
C MET C 23 5.36 37.62 45.32
N ASP C 24 4.74 37.91 46.48
CA ASP C 24 4.78 39.25 47.08
C ASP C 24 6.18 39.63 47.55
N ALA C 25 7.02 38.63 47.84
CA ALA C 25 8.39 38.85 48.27
C ALA C 25 9.21 39.63 47.22
N ALA C 26 9.00 39.35 45.93
CA ALA C 26 9.67 40.07 44.85
C ALA C 26 9.27 41.57 44.76
N LEU C 27 8.13 41.94 45.33
CA LEU C 27 7.57 43.29 45.26
C LEU C 27 7.74 44.09 46.56
N THR C 28 7.67 43.42 47.71
CA THR C 28 7.51 44.09 49.02
C THR C 28 8.51 43.65 50.09
N GLN C 29 9.22 42.54 49.89
CA GLN C 29 10.24 42.13 50.86
C GLN C 29 11.39 43.14 50.87
N ASN C 30 11.81 43.55 52.06
CA ASN C 30 12.85 44.57 52.24
C ASN C 30 12.52 45.91 51.53
N ALA C 31 11.25 46.32 51.57
CA ALA C 31 10.80 47.57 50.97
C ALA C 31 11.71 48.76 51.35
N THR C 32 12.26 49.42 50.34
CA THR C 32 13.17 50.58 50.48
C THR C 32 12.44 51.92 50.41
N ARG C 33 11.12 51.90 50.21
CA ARG C 33 10.26 53.08 50.07
C ARG C 33 8.99 52.91 50.90
N THR C 34 8.52 53.99 51.50
CA THR C 34 7.20 54.10 52.14
C THR C 34 6.39 55.23 51.51
N PHE C 35 5.07 55.06 51.44
CA PHE C 35 4.15 56.12 51.00
C PHE C 35 3.76 57.09 52.12
N TRP C 36 4.06 56.74 53.37
CA TRP C 36 3.55 57.46 54.56
C TRP C 36 4.58 58.39 55.22
N LYS C 37 5.78 58.48 54.65
CA LYS C 37 6.82 59.40 55.08
C LYS C 37 7.53 59.97 53.86
N SER C 38 7.57 61.29 53.74
CA SER C 38 8.34 61.95 52.70
C SER C 38 9.84 61.90 53.02
N SER C 39 10.64 61.59 52.01
CA SER C 39 12.08 61.80 52.00
C SER C 39 12.40 62.84 50.93
N TYR C 40 13.30 63.78 51.21
CA TYR C 40 13.78 64.76 50.25
C TYR C 40 15.31 64.74 50.21
N GLN C 41 15.88 65.16 49.08
CA GLN C 41 17.32 65.35 48.93
C GLN C 41 17.66 66.84 49.09
N LYS C 42 18.79 67.13 49.73
CA LYS C 42 19.34 68.49 49.77
C LYS C 42 20.06 68.76 48.43
N HIS C 43 20.01 70.00 47.97
CA HIS C 43 20.69 70.45 46.74
C HIS C 43 21.68 71.59 47.07
N SER C 44 22.60 71.88 46.15
CA SER C 44 23.51 73.04 46.22
C SER C 44 22.75 74.35 46.01
N LEU C 45 23.33 75.47 46.46
CA LEU C 45 22.73 76.79 46.27
C LEU C 45 22.95 77.28 44.84
N PHE C 46 21.88 77.79 44.22
CA PHE C 46 21.92 78.43 42.91
C PHE C 46 20.84 79.51 42.81
N ALA C 47 21.00 80.44 41.86
CA ALA C 47 20.00 81.44 41.52
C ALA C 47 19.83 81.56 39.99
N LEU C 48 18.64 81.93 39.54
CA LEU C 48 18.32 82.18 38.13
C LEU C 48 18.11 83.66 37.90
N GLU C 49 18.63 84.17 36.79
CA GLU C 49 18.46 85.56 36.37
C GLU C 49 18.14 85.62 34.87
N SER C 50 17.05 86.29 34.49
CA SER C 50 16.72 86.53 33.08
C SER C 50 17.26 87.88 32.63
N ILE C 51 18.06 87.89 31.56
CA ILE C 51 18.68 89.12 31.05
C ILE C 51 18.45 89.24 29.55
N ASN C 52 17.90 90.38 29.15
CA ASN C 52 17.69 90.74 27.76
C ASN C 52 18.91 91.46 27.17
N GLN C 53 19.33 91.07 25.97
CA GLN C 53 20.54 91.55 25.31
C GLN C 53 20.25 91.92 23.85
N PRO C 54 20.74 93.08 23.38
CA PRO C 54 20.56 93.48 21.98
C PRO C 54 21.47 92.68 21.04
N PHE C 55 21.07 92.55 19.78
CA PHE C 55 21.95 92.00 18.74
C PHE C 55 23.21 92.84 18.55
N THR C 56 24.31 92.20 18.19
CA THR C 56 25.59 92.86 17.89
C THR C 56 25.54 93.56 16.53
N THR C 57 24.78 93.01 15.59
CA THR C 57 24.51 93.62 14.28
C THR C 57 23.07 94.12 14.19
N GLN C 58 22.80 94.96 13.19
CA GLN C 58 21.43 95.41 12.93
C GLN C 58 20.50 94.23 12.62
N VAL C 59 19.29 94.29 13.15
CA VAL C 59 18.19 93.36 12.87
C VAL C 59 17.31 93.98 11.79
N GLN C 60 17.10 93.26 10.70
CA GLN C 60 16.26 93.67 9.56
C GLN C 60 15.64 92.44 8.90
N PHE C 61 14.45 92.60 8.31
CA PHE C 61 13.85 91.56 7.49
C PHE C 61 14.77 91.16 6.33
N GLY C 62 14.82 89.87 6.01
CA GLY C 62 15.62 89.31 4.92
C GLY C 62 17.14 89.31 5.12
N ALA C 63 17.64 89.94 6.19
CA ALA C 63 19.07 89.97 6.52
C ALA C 63 19.47 88.83 7.45
N GLU C 64 20.78 88.67 7.67
CA GLU C 64 21.32 87.85 8.75
C GLU C 64 21.85 88.77 9.85
N SER C 65 21.53 88.44 11.10
CA SER C 65 22.01 89.17 12.28
C SER C 65 22.63 88.20 13.26
N HIS C 66 23.62 88.66 14.04
CA HIS C 66 24.18 87.86 15.11
C HIS C 66 24.29 88.63 16.42
N ILE C 67 24.33 87.87 17.51
CA ILE C 67 24.59 88.34 18.86
C ILE C 67 25.67 87.49 19.49
N THR C 68 26.64 88.14 20.14
CA THR C 68 27.56 87.45 21.06
C THR C 68 26.94 87.44 22.44
N VAL C 69 26.64 86.25 22.96
CA VAL C 69 25.96 86.05 24.24
C VAL C 69 26.90 86.48 25.38
N ASN C 70 26.41 87.37 26.25
CA ASN C 70 27.19 87.86 27.39
C ASN C 70 27.45 86.74 28.42
N ARG C 71 28.46 86.94 29.26
CA ARG C 71 28.83 86.02 30.36
C ARG C 71 28.39 86.59 31.69
N GLN C 72 27.08 86.66 31.91
CA GLN C 72 26.47 87.25 33.11
C GLN C 72 26.15 86.23 34.21
N GLY C 73 26.49 84.95 34.02
CA GLY C 73 26.40 83.91 35.05
C GLY C 73 27.32 82.74 34.73
N ASP C 74 27.17 81.63 35.45
CA ASP C 74 28.04 80.46 35.33
C ASP C 74 27.54 79.42 34.33
N LEU C 75 26.21 79.27 34.22
CA LEU C 75 25.55 78.45 33.21
C LEU C 75 24.55 79.28 32.39
N LEU C 76 24.27 78.81 31.18
CA LEU C 76 23.20 79.32 30.33
C LEU C 76 22.10 78.25 30.21
N SER C 77 20.88 78.60 30.60
CA SER C 77 19.72 77.71 30.65
C SER C 77 18.74 78.05 29.52
N TRP C 78 17.65 78.75 29.79
CA TRP C 78 16.67 79.12 28.77
C TRP C 78 17.16 80.24 27.85
N MET C 79 16.69 80.19 26.60
CA MET C 79 17.00 81.18 25.57
C MET C 79 15.73 81.46 24.75
N TYR C 80 15.30 82.72 24.74
CA TYR C 80 14.15 83.19 23.97
C TYR C 80 14.57 84.32 23.04
N LEU C 81 14.14 84.25 21.79
CA LEU C 81 14.22 85.38 20.88
C LEU C 81 13.02 86.29 21.14
N LYS C 82 13.28 87.46 21.71
CA LYS C 82 12.27 88.50 21.93
C LYS C 82 12.15 89.31 20.66
N ILE C 83 11.02 89.20 19.98
CA ILE C 83 10.74 89.91 18.72
C ILE C 83 9.67 90.96 19.00
N VAL C 84 9.88 92.18 18.49
CA VAL C 84 8.89 93.25 18.52
C VAL C 84 8.50 93.60 17.09
N LEU C 85 7.23 93.39 16.76
CA LEU C 85 6.63 93.71 15.47
C LEU C 85 5.72 94.92 15.62
N PRO C 86 5.79 95.91 14.71
CA PRO C 86 4.89 97.04 14.76
C PRO C 86 3.46 96.62 14.44
N GLY C 87 2.51 97.41 14.93
CA GLY C 87 1.15 97.34 14.42
C GLY C 87 1.10 97.72 12.93
N LEU C 88 0.14 97.16 12.22
CA LEU C 88 -0.11 97.38 10.80
C LEU C 88 -1.38 98.21 10.61
N LYS C 89 -1.32 99.11 9.63
CA LYS C 89 -2.49 99.78 9.04
C LYS C 89 -2.37 99.69 7.53
N VAL C 90 -3.47 99.95 6.83
CA VAL C 90 -3.50 99.95 5.37
C VAL C 90 -4.09 101.25 4.86
N GLN C 91 -3.65 101.64 3.67
CA GLN C 91 -4.16 102.79 2.93
C GLN C 91 -4.25 102.43 1.45
N ASN C 92 -5.21 102.99 0.72
CA ASN C 92 -5.27 102.80 -0.73
C ASN C 92 -4.01 103.37 -1.39
N GLN C 93 -3.49 102.66 -2.37
CA GLN C 93 -2.32 103.10 -3.13
C GLN C 93 -2.52 104.48 -3.78
N ALA C 94 -3.74 104.80 -4.21
CA ALA C 94 -4.09 106.09 -4.79
C ALA C 94 -3.96 107.27 -3.80
N ASP C 95 -4.08 107.01 -2.50
CA ASP C 95 -4.03 108.04 -1.46
C ASP C 95 -2.61 108.21 -0.88
N THR C 96 -1.63 107.45 -1.37
CA THR C 96 -0.29 107.38 -0.78
C THR C 96 0.72 108.18 -1.60
N VAL C 97 1.48 109.07 -0.94
CA VAL C 97 2.48 109.95 -1.59
C VAL C 97 3.68 109.17 -2.17
N GLN C 98 3.94 107.97 -1.66
CA GLN C 98 4.98 107.03 -2.13
C GLN C 98 4.41 105.60 -2.12
N PRO C 99 3.69 105.19 -3.17
CA PRO C 99 2.99 103.91 -3.19
C PRO C 99 3.91 102.70 -3.42
N THR C 100 5.17 102.92 -3.79
CA THR C 100 6.12 101.86 -4.13
C THR C 100 6.56 101.13 -2.87
N GLN C 101 6.08 99.90 -2.73
CA GLN C 101 6.43 98.97 -1.66
C GLN C 101 6.60 97.56 -2.25
N GLN C 102 7.26 96.67 -1.52
CA GLN C 102 7.30 95.25 -1.85
C GLN C 102 5.86 94.69 -1.97
N SER C 103 5.68 93.70 -2.85
CA SER C 103 4.39 93.00 -2.99
C SER C 103 4.15 92.07 -1.81
N PHE C 104 2.91 92.02 -1.34
CA PHE C 104 2.46 91.11 -0.27
C PHE C 104 1.35 90.21 -0.82
N ALA C 105 1.23 89.00 -0.27
CA ALA C 105 0.09 88.13 -0.57
C ALA C 105 -1.23 88.84 -0.24
N SER C 106 -2.26 88.66 -1.06
CA SER C 106 -3.55 89.31 -0.88
C SER C 106 -4.71 88.35 -1.09
N LEU C 107 -5.77 88.53 -0.30
CA LEU C 107 -6.91 87.62 -0.27
C LEU C 107 -7.83 87.75 -1.50
N ASP C 108 -7.81 88.90 -2.17
CA ASP C 108 -8.44 89.09 -3.48
C ASP C 108 -7.72 88.36 -4.62
N ASN C 109 -6.51 87.86 -4.37
CA ASN C 109 -5.74 87.04 -5.29
C ASN C 109 -5.27 85.75 -4.59
N ASP C 110 -6.23 84.95 -4.12
CA ASP C 110 -5.97 83.68 -3.44
C ASP C 110 -5.38 82.63 -4.39
N VAL C 111 -4.04 82.59 -4.45
CA VAL C 111 -3.27 81.68 -5.30
C VAL C 111 -3.50 80.21 -4.92
N ALA C 112 -3.75 79.92 -3.64
CA ALA C 112 -4.02 78.55 -3.18
C ALA C 112 -5.38 78.07 -3.67
N ALA C 113 -6.42 78.90 -3.56
CA ALA C 113 -7.74 78.59 -4.10
C ALA C 113 -7.72 78.47 -5.64
N GLN C 114 -6.99 79.35 -6.33
CA GLN C 114 -6.82 79.27 -7.79
C GLN C 114 -6.11 77.97 -8.21
N ALA C 115 -5.07 77.56 -7.48
CA ALA C 115 -4.39 76.29 -7.71
C ALA C 115 -5.34 75.10 -7.52
N ASP C 116 -6.12 75.08 -6.45
CA ASP C 116 -7.14 74.04 -6.22
C ASP C 116 -8.19 73.99 -7.34
N VAL C 117 -8.66 75.15 -7.81
CA VAL C 117 -9.60 75.22 -8.94
C VAL C 117 -8.96 74.65 -10.21
N SER C 118 -7.67 74.90 -10.45
CA SER C 118 -6.97 74.42 -11.65
C SER C 118 -6.99 72.89 -11.80
N HIS C 119 -6.96 72.15 -10.69
CA HIS C 119 -7.01 70.68 -10.69
C HIS C 119 -8.41 70.14 -11.02
N VAL C 120 -9.46 70.91 -10.77
CA VAL C 120 -10.85 70.49 -11.04
C VAL C 120 -11.40 71.03 -12.37
N LEU C 121 -10.70 71.95 -13.04
CA LEU C 121 -11.10 72.48 -14.35
C LEU C 121 -11.46 71.38 -15.38
N PRO C 122 -10.74 70.24 -15.48
CA PRO C 122 -11.10 69.18 -16.43
C PRO C 122 -12.44 68.49 -16.12
N TYR C 123 -12.99 68.69 -14.92
CA TYR C 123 -14.23 68.07 -14.42
C TYR C 123 -15.41 69.05 -14.43
N ILE C 124 -15.20 70.30 -14.87
CA ILE C 124 -16.29 71.27 -15.00
C ILE C 124 -17.07 70.97 -16.27
N GLU C 125 -18.35 70.63 -16.12
CA GLU C 125 -19.29 70.45 -17.22
C GLU C 125 -20.05 71.76 -17.48
N GLY C 126 -20.18 72.17 -18.75
CA GLY C 126 -20.95 73.36 -19.16
C GLY C 126 -20.13 74.65 -19.37
N ALA C 127 -20.83 75.75 -19.61
CA ALA C 127 -20.23 77.04 -20.02
C ALA C 127 -19.63 77.83 -18.85
N TYR C 128 -18.51 77.35 -18.29
CA TYR C 128 -17.85 77.98 -17.14
C TYR C 128 -17.42 79.43 -17.41
N THR C 129 -16.85 79.72 -18.58
CA THR C 129 -16.27 81.03 -18.89
C THR C 129 -17.31 82.16 -18.89
N GLU C 130 -18.53 81.88 -19.33
CA GLU C 130 -19.63 82.85 -19.49
C GLU C 130 -20.59 82.87 -18.29
N ALA C 131 -20.41 81.97 -17.33
CA ALA C 131 -21.29 81.85 -16.17
C ALA C 131 -21.18 83.03 -15.20
N SER C 132 -22.28 83.35 -14.53
CA SER C 132 -22.30 84.30 -13.41
C SER C 132 -21.42 83.80 -12.26
N LEU C 133 -20.97 84.68 -11.35
CA LEU C 133 -20.09 84.30 -10.23
C LEU C 133 -20.69 83.18 -9.37
N ASN C 134 -21.97 83.32 -8.97
CA ASN C 134 -22.67 82.31 -8.18
C ASN C 134 -22.78 80.97 -8.92
N THR C 135 -22.98 81.02 -10.25
CA THR C 135 -23.01 79.82 -11.09
C THR C 135 -21.62 79.19 -11.19
N LYS C 136 -20.54 79.98 -11.28
CA LYS C 136 -19.16 79.46 -11.28
C LYS C 136 -18.84 78.74 -9.98
N GLU C 137 -19.25 79.28 -8.84
CA GLU C 137 -19.06 78.63 -7.52
C GLU C 137 -19.78 77.28 -7.44
N GLN C 138 -21.02 77.19 -7.95
CA GLN C 138 -21.77 75.94 -8.07
C GLN C 138 -21.05 74.92 -8.96
N LEU C 139 -20.64 75.33 -10.17
CA LEU C 139 -19.93 74.47 -11.11
C LEU C 139 -18.60 73.96 -10.53
N ILE C 140 -17.87 74.80 -9.79
CA ILE C 140 -16.63 74.39 -9.12
C ILE C 140 -16.91 73.35 -8.03
N ALA C 141 -17.95 73.53 -7.22
CA ALA C 141 -18.33 72.57 -6.18
C ALA C 141 -18.78 71.21 -6.75
N GLU C 142 -19.54 71.23 -7.84
CA GLU C 142 -19.92 70.01 -8.56
C GLU C 142 -18.70 69.32 -9.20
N ALA C 143 -17.81 70.09 -9.83
CA ALA C 143 -16.56 69.56 -10.39
C ALA C 143 -15.64 68.98 -9.32
N LYS C 144 -15.60 69.56 -8.11
CA LYS C 144 -14.90 68.99 -6.95
C LYS C 144 -15.45 67.61 -6.59
N ASN C 145 -16.77 67.44 -6.55
CA ASN C 145 -17.37 66.12 -6.34
C ASN C 145 -16.96 65.11 -7.43
N SER C 146 -17.02 65.51 -8.70
CA SER C 146 -16.62 64.65 -9.82
C SER C 146 -15.14 64.27 -9.80
N TYR C 147 -14.27 65.24 -9.49
CA TYR C 147 -12.83 65.03 -9.29
C TYR C 147 -12.58 64.03 -8.15
N GLU C 148 -13.21 64.26 -6.99
CA GLU C 148 -12.99 63.42 -5.82
C GLU C 148 -13.58 62.01 -5.97
N ALA C 149 -14.71 61.87 -6.67
CA ALA C 149 -15.25 60.57 -7.06
C ALA C 149 -14.29 59.84 -7.99
N ALA C 150 -13.74 60.52 -9.01
CA ALA C 150 -12.83 59.90 -9.97
C ALA C 150 -11.46 59.52 -9.37
N LYS C 151 -10.92 60.34 -8.48
CA LYS C 151 -9.58 60.15 -7.91
C LYS C 151 -9.57 59.31 -6.64
N TYR C 152 -10.60 59.44 -5.81
CA TYR C 152 -10.62 58.87 -4.46
C TYR C 152 -11.82 57.96 -4.20
N ASN C 153 -12.69 57.70 -5.19
CA ASN C 153 -13.97 57.01 -5.00
C ASN C 153 -14.79 57.62 -3.85
N ALA C 154 -14.68 58.94 -3.65
CA ALA C 154 -15.39 59.65 -2.60
C ALA C 154 -16.88 59.76 -2.95
N ALA C 155 -17.74 59.59 -1.94
CA ALA C 155 -19.14 59.95 -2.09
C ALA C 155 -19.28 61.48 -2.20
N PRO C 156 -20.19 61.99 -3.05
CA PRO C 156 -20.35 63.43 -3.21
C PRO C 156 -20.87 64.08 -1.93
N LEU C 157 -20.29 65.23 -1.57
CA LEU C 157 -20.83 66.08 -0.52
C LEU C 157 -21.92 66.99 -1.09
N PRO C 158 -23.00 67.29 -0.32
CA PRO C 158 -23.96 68.31 -0.72
C PRO C 158 -23.25 69.61 -1.04
N VAL C 159 -23.57 70.24 -2.18
CA VAL C 159 -22.92 71.48 -2.66
C VAL C 159 -22.93 72.57 -1.59
N ALA C 160 -24.05 72.72 -0.87
CA ALA C 160 -24.18 73.67 0.24
C ALA C 160 -23.17 73.45 1.38
N ALA C 161 -22.71 72.22 1.63
CA ALA C 161 -21.72 71.92 2.66
C ALA C 161 -20.28 72.28 2.22
N GLN C 162 -20.03 72.38 0.91
CA GLN C 162 -18.73 72.78 0.36
C GLN C 162 -18.59 74.29 0.24
N MET C 163 -19.71 75.01 0.12
CA MET C 163 -19.77 76.46 0.10
C MET C 163 -19.63 77.02 1.52
N GLN C 164 -18.46 76.83 2.13
CA GLN C 164 -18.12 77.51 3.37
C GLN C 164 -17.71 78.95 3.05
N SER C 165 -18.58 79.93 3.31
CA SER C 165 -18.14 81.32 3.37
C SER C 165 -17.35 81.51 4.67
N THR C 166 -16.05 81.74 4.55
CA THR C 166 -15.33 82.36 5.66
C THR C 166 -15.87 83.78 5.73
N GLU C 167 -16.59 84.15 6.79
CA GLU C 167 -17.05 85.53 7.00
C GLU C 167 -15.81 86.43 7.16
N MET C 168 -15.34 86.94 6.04
CA MET C 168 -14.27 87.91 6.01
C MET C 168 -14.87 89.29 6.28
N PRO C 169 -14.21 90.14 7.07
CA PRO C 169 -14.74 91.46 7.36
C PRO C 169 -14.80 92.34 6.10
N ASP C 170 -15.85 93.16 5.99
CA ASP C 170 -16.08 94.10 4.87
C ASP C 170 -15.27 95.41 4.99
N PHE C 171 -14.05 95.32 5.53
CA PHE C 171 -13.15 96.47 5.66
C PHE C 171 -11.72 96.10 5.27
N ASP C 172 -10.87 97.10 5.05
CA ASP C 172 -9.47 96.88 4.69
C ASP C 172 -8.57 96.57 5.88
N TYR C 173 -7.71 95.57 5.71
CA TYR C 173 -6.75 95.18 6.73
C TYR C 173 -5.49 94.54 6.13
N ALA C 174 -4.47 94.47 6.96
CA ALA C 174 -3.31 93.61 6.78
C ALA C 174 -2.96 92.95 8.11
N TYR C 175 -2.37 91.77 8.07
CA TYR C 175 -1.96 91.04 9.25
C TYR C 175 -0.65 90.28 9.03
N TRP C 176 0.07 90.07 10.14
CA TRP C 176 1.22 89.18 10.18
C TRP C 176 0.77 87.73 10.00
N THR C 177 1.49 86.95 9.20
CA THR C 177 1.14 85.55 8.93
C THR C 177 1.06 84.68 10.20
N GLU C 178 0.36 83.57 10.11
CA GLU C 178 0.17 82.63 11.22
C GLU C 178 1.51 82.12 11.76
N ALA C 179 1.65 82.11 13.09
CA ALA C 179 2.89 81.71 13.78
C ALA C 179 4.12 82.52 13.31
N ILE C 180 3.92 83.83 13.05
CA ILE C 180 4.95 84.76 12.59
C ILE C 180 6.26 84.68 13.39
N GLY C 181 6.20 84.40 14.69
CA GLY C 181 7.39 84.25 15.54
C GLY C 181 8.32 83.13 15.07
N PHE C 182 7.77 82.01 14.58
CA PHE C 182 8.58 80.95 13.95
C PHE C 182 8.96 81.32 12.53
N HIS C 183 8.03 81.86 11.73
CA HIS C 183 8.27 82.17 10.31
C HIS C 183 9.42 83.16 10.13
N LEU C 184 9.54 84.14 11.03
CA LEU C 184 10.64 85.12 11.04
C LEU C 184 12.01 84.47 11.12
N ILE C 185 12.15 83.34 11.80
CA ILE C 185 13.41 82.64 12.03
C ILE C 185 13.60 81.62 10.91
N LYS C 186 14.01 82.06 9.71
CA LYS C 186 14.28 81.12 8.61
C LYS C 186 15.31 80.08 9.02
N ARG C 187 16.35 80.52 9.72
CA ARG C 187 17.40 79.66 10.28
C ARG C 187 18.03 80.34 11.48
N ALA C 188 18.32 79.60 12.53
CA ALA C 188 19.17 80.06 13.62
C ALA C 188 20.30 79.06 13.88
N GLU C 189 21.50 79.55 14.14
CA GLU C 189 22.70 78.76 14.40
C GLU C 189 23.26 79.12 15.77
N PHE C 190 23.43 78.10 16.63
CA PHE C 190 24.14 78.24 17.90
C PHE C 190 25.62 77.92 17.66
N LYS C 191 26.50 78.92 17.81
CA LYS C 191 27.93 78.79 17.57
C LYS C 191 28.74 78.96 18.85
N VAL C 192 29.81 78.17 18.96
CA VAL C 192 30.76 78.23 20.06
C VAL C 192 32.16 78.19 19.49
N GLY C 193 32.98 79.21 19.75
CA GLY C 193 34.35 79.30 19.24
C GLY C 193 34.43 79.36 17.71
N GLY C 194 33.37 79.85 17.04
CA GLY C 194 33.26 79.90 15.58
C GLY C 194 32.71 78.63 14.93
N ALA C 195 32.64 77.51 15.65
CA ALA C 195 32.01 76.29 15.15
C ALA C 195 30.49 76.29 15.40
N THR C 196 29.71 75.90 14.40
CA THR C 196 28.27 75.67 14.56
C THR C 196 28.03 74.38 15.34
N ILE C 197 27.44 74.52 16.53
CA ILE C 197 27.09 73.38 17.40
C ILE C 197 25.74 72.81 16.99
N ASP C 198 24.76 73.64 16.65
CA ASP C 198 23.45 73.19 16.19
C ASP C 198 22.80 74.25 15.30
N THR C 199 21.87 73.81 14.46
CA THR C 199 21.10 74.67 13.56
C THR C 199 19.62 74.31 13.66
N ILE C 200 18.75 75.31 13.76
CA ILE C 200 17.30 75.13 13.73
C ILE C 200 16.68 75.95 12.60
N TRP C 201 15.56 75.46 12.07
CA TRP C 201 14.83 76.10 10.96
C TRP C 201 13.41 76.43 11.39
N SER C 202 12.80 77.44 10.77
CA SER C 202 11.39 77.82 11.00
C SER C 202 10.44 76.61 10.95
N GLU C 203 10.56 75.83 9.87
CA GLU C 203 9.73 74.65 9.62
C GLU C 203 9.94 73.57 10.70
N LEU C 204 11.18 73.38 11.17
CA LEU C 204 11.49 72.46 12.27
C LEU C 204 10.90 72.95 13.60
N LEU C 205 11.02 74.24 13.92
CA LEU C 205 10.45 74.82 15.15
C LEU C 205 8.93 74.57 15.23
N PHE C 206 8.24 74.78 14.11
CA PHE C 206 6.81 74.51 14.03
C PHE C 206 6.50 73.02 14.21
N ALA C 207 7.25 72.14 13.55
CA ALA C 207 7.04 70.70 13.67
C ALA C 207 7.29 70.17 15.09
N MET C 208 8.34 70.68 15.74
CA MET C 208 8.66 70.38 17.12
C MET C 208 7.56 70.83 18.08
N GLU C 209 6.99 72.03 17.90
CA GLU C 209 5.85 72.50 18.71
C GLU C 209 4.58 71.66 18.47
N GLU C 210 4.34 71.21 17.23
CA GLU C 210 3.20 70.36 16.93
C GLU C 210 3.26 69.00 17.63
N LEU C 211 4.44 68.37 17.64
CA LEU C 211 4.65 67.03 18.21
C LEU C 211 4.94 67.06 19.72
N MET C 212 5.79 67.97 20.17
CA MET C 212 6.29 68.01 21.55
C MET C 212 5.60 69.08 22.41
N GLY C 213 4.79 69.95 21.82
CA GLY C 213 4.05 70.98 22.54
C GLY C 213 3.01 70.36 23.46
N ARG C 214 3.19 70.55 24.77
CA ARG C 214 2.32 69.97 25.80
C ARG C 214 0.97 70.70 25.87
N ALA C 215 -0.10 69.95 26.13
CA ALA C 215 -1.42 70.52 26.39
C ALA C 215 -1.36 71.56 27.53
N GLY C 216 -1.99 72.71 27.33
CA GLY C 216 -1.95 73.84 28.26
C GLY C 216 -0.65 74.65 28.29
N ARG C 217 0.37 74.26 27.51
CA ARG C 217 1.65 74.99 27.35
C ARG C 217 2.03 75.19 25.88
N ARG C 218 1.04 75.22 25.00
CA ARG C 218 1.27 75.51 23.58
C ARG C 218 1.74 76.95 23.42
N LEU C 219 2.60 77.18 22.45
CA LEU C 219 3.29 78.47 22.26
C LEU C 219 2.42 79.56 21.62
N THR C 220 1.11 79.36 21.49
CA THR C 220 0.17 80.17 20.68
C THR C 220 0.47 81.67 20.71
N GLU C 221 0.23 82.35 21.83
CA GLU C 221 0.46 83.78 21.97
C GLU C 221 1.94 84.16 21.83
N THR C 222 2.84 83.33 22.38
CA THR C 222 4.30 83.60 22.38
C THR C 222 4.93 83.64 20.99
N ILE C 223 4.30 83.04 19.98
CA ILE C 223 4.77 83.01 18.59
C ILE C 223 3.79 83.64 17.59
N GLY C 224 2.67 84.23 18.04
CA GLY C 224 1.66 84.80 17.17
C GLY C 224 0.87 83.74 16.36
N ARG C 225 0.51 82.62 16.99
CA ARG C 225 -0.25 81.52 16.38
C ARG C 225 -1.70 81.50 16.89
N THR C 226 -2.66 81.48 15.98
CA THR C 226 -4.11 81.55 16.25
C THR C 226 -4.88 80.28 15.90
N LEU C 227 -4.17 79.25 15.43
CA LEU C 227 -4.75 78.02 14.87
C LEU C 227 -5.60 78.30 13.64
N ARG C 228 -5.07 79.13 12.72
CA ARG C 228 -5.71 79.50 11.43
C ARG C 228 -7.07 80.19 11.62
N ARG C 229 -7.14 81.17 12.52
CA ARG C 229 -8.30 82.07 12.67
C ARG C 229 -7.91 83.46 12.19
N PRO C 230 -8.14 83.81 10.92
CA PRO C 230 -7.64 85.05 10.32
C PRO C 230 -8.09 86.30 11.09
N THR C 231 -9.31 86.31 11.63
CA THR C 231 -9.84 87.44 12.40
C THR C 231 -9.04 87.73 13.66
N GLU C 232 -8.46 86.71 14.31
CA GLU C 232 -7.59 86.89 15.48
C GLU C 232 -6.21 87.43 15.08
N LEU C 233 -5.65 86.98 13.94
CA LEU C 233 -4.41 87.55 13.38
C LEU C 233 -4.58 89.02 13.03
N MET C 234 -5.72 89.39 12.44
CA MET C 234 -6.06 90.79 12.14
C MET C 234 -6.12 91.62 13.41
N LYS C 235 -6.83 91.17 14.45
CA LYS C 235 -6.93 91.89 15.73
C LYS C 235 -5.55 92.11 16.35
N ALA C 236 -4.74 91.05 16.43
CA ALA C 236 -3.40 91.12 16.99
C ALA C 236 -2.50 92.07 16.18
N SER C 237 -2.63 92.09 14.86
CA SER C 237 -1.76 92.87 13.97
C SER C 237 -2.06 94.36 13.93
N ARG C 238 -3.13 94.84 14.56
CA ARG C 238 -3.46 96.28 14.60
C ARG C 238 -2.60 97.10 15.57
N GLN C 239 -1.88 96.43 16.46
CA GLN C 239 -1.04 97.03 17.49
C GLN C 239 0.32 96.36 17.52
N GLU C 240 1.27 96.96 18.26
CA GLU C 240 2.59 96.36 18.47
C GLU C 240 2.44 94.99 19.15
N GLN C 241 3.19 94.00 18.65
CA GLN C 241 3.25 92.66 19.20
C GLN C 241 4.64 92.38 19.75
N ILE C 242 4.71 91.84 20.96
CA ILE C 242 5.94 91.35 21.58
C ILE C 242 5.83 89.83 21.66
N LEU C 243 6.71 89.13 20.96
CA LEU C 243 6.76 87.68 20.87
C LEU C 243 8.00 87.17 21.60
N TYR C 244 7.88 86.03 22.29
CA TYR C 244 8.98 85.36 22.98
C TYR C 244 9.12 83.95 22.41
N VAL C 245 9.96 83.82 21.38
CA VAL C 245 10.11 82.56 20.66
C VAL C 245 11.17 81.71 21.36
N PRO C 246 10.81 80.56 21.96
CA PRO C 246 11.80 79.69 22.59
C PRO C 246 12.72 79.08 21.53
N LEU C 247 14.03 79.09 21.80
CA LEU C 247 15.02 78.41 20.96
C LEU C 247 15.38 77.06 21.62
N PRO C 248 14.91 75.92 21.07
CA PRO C 248 14.92 74.62 21.75
C PRO C 248 16.27 73.90 21.67
N TRP C 249 17.37 74.59 21.96
CA TRP C 249 18.71 74.00 22.00
C TRP C 249 18.80 72.89 23.06
N TYR C 250 19.79 71.99 22.92
CA TYR C 250 19.96 70.86 23.85
C TYR C 250 20.00 71.31 25.33
N PHE C 251 20.67 72.44 25.61
CA PHE C 251 20.87 72.96 26.95
C PHE C 251 19.61 73.61 27.57
N THR C 252 18.58 73.88 26.77
CA THR C 252 17.30 74.43 27.28
C THR C 252 16.33 73.33 27.71
N LYS C 253 16.66 72.04 27.48
CA LYS C 253 15.73 70.91 27.66
C LYS C 253 15.75 70.34 29.06
N HIS C 254 16.86 70.44 29.78
CA HIS C 254 17.00 69.91 31.13
C HIS C 254 18.08 70.70 31.91
N PRO C 255 17.89 70.99 33.21
CA PRO C 255 18.86 71.76 34.00
C PRO C 255 20.28 71.17 34.00
N SER C 256 20.41 69.84 33.98
CA SER C 256 21.73 69.18 33.94
C SER C 256 22.48 69.34 32.60
N LEU C 257 21.80 69.85 31.57
CA LEU C 257 22.39 70.12 30.26
C LEU C 257 22.67 71.60 30.04
N ALA C 258 22.37 72.47 31.03
CA ALA C 258 22.65 73.89 30.94
C ALA C 258 24.11 74.11 30.47
N PHE C 259 24.29 75.05 29.54
CA PHE C 259 25.57 75.23 28.88
C PHE C 259 26.56 75.86 29.87
N PRO C 260 27.70 75.21 30.17
CA PRO C 260 28.62 75.67 31.21
C PRO C 260 29.52 76.80 30.68
N LEU C 261 29.08 78.05 30.87
CA LEU C 261 29.80 79.24 30.43
C LEU C 261 31.22 79.27 31.03
N VAL C 262 31.36 78.98 32.32
CA VAL C 262 32.66 78.94 33.02
C VAL C 262 33.64 77.91 32.45
N ALA C 263 33.13 76.81 31.92
CA ALA C 263 33.96 75.76 31.33
C ALA C 263 34.40 76.07 29.89
N ALA C 264 33.74 77.03 29.23
CA ALA C 264 34.02 77.45 27.86
C ALA C 264 34.62 78.87 27.79
N THR C 265 35.34 79.32 28.82
CA THR C 265 35.81 80.71 29.00
C THR C 265 36.52 81.34 27.78
N TYR C 266 37.26 80.55 26.99
CA TYR C 266 38.04 81.04 25.86
C TYR C 266 37.30 81.01 24.51
N HIS C 267 36.02 80.60 24.50
CA HIS C 267 35.18 80.61 23.29
C HIS C 267 34.07 81.64 23.38
N ASN C 268 33.90 82.43 22.33
CA ASN C 268 32.70 83.25 22.17
C ASN C 268 31.51 82.36 21.86
N ILE C 269 30.38 82.66 22.49
CA ILE C 269 29.10 82.00 22.25
C ILE C 269 28.26 82.96 21.44
N GLN C 270 27.77 82.52 20.30
CA GLN C 270 27.04 83.38 19.38
C GLN C 270 25.75 82.71 18.93
N LEU C 271 24.71 83.51 18.80
CA LEU C 271 23.50 83.14 18.08
C LEU C 271 23.47 83.92 16.78
N TRP C 272 23.38 83.21 15.66
CA TRP C 272 23.19 83.78 14.34
C TRP C 272 21.76 83.49 13.91
N VAL C 273 21.07 84.48 13.33
CA VAL C 273 19.68 84.37 12.88
C VAL C 273 19.56 84.93 11.48
N GLN C 274 19.09 84.11 10.56
CA GLN C 274 18.66 84.52 9.23
C GLN C 274 17.17 84.83 9.26
N TRP C 275 16.82 86.08 8.97
CA TRP C 275 15.45 86.58 9.06
C TRP C 275 14.66 86.37 7.77
N ALA C 276 13.35 86.13 7.90
CA ALA C 276 12.45 86.07 6.76
C ALA C 276 12.35 87.42 6.03
N GLN C 277 12.11 87.38 4.73
CA GLN C 277 11.82 88.57 3.93
C GLN C 277 10.45 89.15 4.32
N LEU C 278 10.35 90.48 4.36
CA LEU C 278 9.15 91.20 4.78
C LEU C 278 7.92 90.84 3.93
N ASN C 279 8.10 90.75 2.61
CA ASN C 279 7.06 90.33 1.66
C ASN C 279 6.36 89.00 2.02
N SER C 280 7.06 88.08 2.70
CA SER C 280 6.53 86.79 3.12
C SER C 280 5.81 86.84 4.47
N CYS C 281 5.95 87.93 5.23
CA CYS C 281 5.47 88.02 6.59
C CYS C 281 4.05 88.60 6.71
N ILE C 282 3.53 89.23 5.66
CA ILE C 282 2.28 89.98 5.69
C ILE C 282 1.31 89.49 4.63
N ILE C 283 0.03 89.41 5.02
CA ILE C 283 -1.11 89.16 4.13
C ILE C 283 -2.06 90.36 4.24
N LYS C 284 -2.62 90.81 3.11
CA LYS C 284 -3.56 91.94 3.04
C LYS C 284 -4.91 91.56 2.44
N SER C 285 -5.96 92.30 2.76
CA SER C 285 -7.30 92.04 2.22
C SER C 285 -7.35 92.22 0.70
N ARG C 286 -6.67 93.24 0.16
CA ARG C 286 -6.69 93.59 -1.27
C ARG C 286 -5.31 93.95 -1.83
N SER C 287 -5.09 93.59 -3.10
CA SER C 287 -3.83 93.75 -3.84
C SER C 287 -3.38 95.20 -4.00
N ASN C 288 -4.31 96.15 -4.04
CA ASN C 288 -4.07 97.60 -4.25
C ASN C 288 -3.84 98.40 -2.95
N LEU C 289 -3.66 97.73 -1.80
CA LEU C 289 -3.38 98.39 -0.52
C LEU C 289 -1.88 98.52 -0.28
N VAL C 290 -1.48 99.65 0.31
CA VAL C 290 -0.14 99.89 0.89
C VAL C 290 -0.21 99.58 2.37
N VAL C 291 0.78 98.85 2.89
CA VAL C 291 0.85 98.48 4.31
C VAL C 291 1.75 99.47 5.04
N LEU C 292 1.21 100.10 6.08
CA LEU C 292 1.85 101.13 6.88
C LEU C 292 2.18 100.63 8.29
N HIS C 293 3.27 101.15 8.86
CA HIS C 293 3.53 101.08 10.29
C HIS C 293 2.48 101.90 11.05
N ALA C 294 1.70 101.26 11.92
CA ALA C 294 0.50 101.85 12.53
C ALA C 294 0.77 103.12 13.36
N GLU C 295 1.89 103.16 14.07
CA GLU C 295 2.30 104.31 14.90
C GLU C 295 2.99 105.41 14.07
N ARG C 296 3.96 105.04 13.22
CA ARG C 296 4.78 105.99 12.47
C ARG C 296 4.10 106.55 11.21
N ASN C 297 3.02 105.93 10.74
CA ASN C 297 2.30 106.28 9.50
C ASN C 297 3.20 106.39 8.26
N VAL C 298 4.18 105.50 8.16
CA VAL C 298 5.06 105.35 6.99
C VAL C 298 4.91 103.94 6.41
N PRO C 299 5.15 103.72 5.10
CA PRO C 299 5.18 102.38 4.53
C PRO C 299 6.08 101.44 5.34
N ILE C 300 5.61 100.21 5.58
CA ILE C 300 6.42 99.23 6.30
C ILE C 300 7.64 98.82 5.47
N SER C 301 8.80 98.77 6.12
CA SER C 301 10.12 98.55 5.51
C SER C 301 10.93 97.55 6.33
N ASP C 302 12.03 97.06 5.74
CA ASP C 302 12.83 95.97 6.29
C ASP C 302 13.49 96.31 7.64
N ASP C 303 13.70 97.59 7.95
CA ASP C 303 14.29 98.11 9.19
C ASP C 303 13.31 98.22 10.36
N HIS C 304 12.02 97.90 10.14
CA HIS C 304 11.01 97.89 11.20
C HIS C 304 10.99 96.60 12.04
N LEU C 305 11.76 95.57 11.68
CA LEU C 305 11.96 94.40 12.53
C LEU C 305 12.86 94.76 13.71
N ARG C 306 12.40 94.49 14.94
CA ARG C 306 13.23 94.61 16.14
C ARG C 306 13.30 93.27 16.84
N ALA C 307 14.50 92.89 17.27
CA ALA C 307 14.68 91.69 18.07
C ALA C 307 15.80 91.86 19.08
N SER C 308 15.71 91.12 20.17
CA SER C 308 16.71 90.97 21.21
C SER C 308 16.71 89.53 21.73
N LEU C 309 17.76 89.14 22.44
CA LEU C 309 17.88 87.80 22.99
C LEU C 309 17.70 87.85 24.50
N GLU C 310 16.71 87.12 25.00
CA GLU C 310 16.49 86.95 26.44
C GLU C 310 17.07 85.60 26.90
N CYS C 311 18.11 85.66 27.73
CA CYS C 311 18.83 84.51 28.24
C CYS C 311 18.62 84.37 29.75
N THR C 312 18.35 83.14 30.21
CA THR C 312 18.37 82.82 31.64
C THR C 312 19.74 82.28 32.03
N TYR C 313 20.42 83.03 32.88
CA TYR C 313 21.69 82.66 33.49
C TYR C 313 21.47 81.94 34.82
N VAL C 314 22.36 81.02 35.14
CA VAL C 314 22.42 80.36 36.45
C VAL C 314 23.69 80.82 37.17
N HIS C 315 23.51 81.31 38.38
CA HIS C 315 24.60 81.65 39.30
C HIS C 315 24.77 80.51 40.29
N LEU C 316 25.99 79.98 40.39
CA LEU C 316 26.31 78.84 41.23
C LEU C 316 27.04 79.30 42.49
N GLU C 317 26.94 78.52 43.56
CA GLU C 317 27.84 78.66 44.69
C GLU C 317 29.30 78.41 44.26
N ALA C 318 30.25 79.11 44.88
CA ALA C 318 31.67 79.06 44.52
C ALA C 318 32.22 77.62 44.42
N ALA C 319 31.86 76.74 45.37
CA ALA C 319 32.33 75.36 45.36
C ALA C 319 31.87 74.57 44.11
N GLU C 320 30.61 74.76 43.67
CA GLU C 320 30.08 74.09 42.49
C GLU C 320 30.64 74.71 41.21
N ARG C 321 30.78 76.03 41.17
CA ARG C 321 31.42 76.77 40.09
C ARG C 321 32.86 76.32 39.85
N ASP C 322 33.64 76.18 40.93
CA ASP C 322 35.03 75.74 40.88
C ASP C 322 35.13 74.30 40.42
N ALA C 323 34.24 73.42 40.93
CA ALA C 323 34.17 72.03 40.49
C ALA C 323 33.85 71.90 38.99
N LEU C 324 32.89 72.69 38.50
CA LEU C 324 32.50 72.70 37.10
C LEU C 324 33.61 73.27 36.20
N THR C 325 34.34 74.29 36.66
CA THR C 325 35.48 74.85 35.93
C THR C 325 36.63 73.84 35.82
N ALA C 326 36.89 73.10 36.90
CA ALA C 326 37.93 72.08 36.93
C ALA C 326 37.57 70.85 36.07
N ASN C 327 36.29 70.45 36.05
CA ASN C 327 35.84 69.24 35.34
C ASN C 327 34.39 69.31 34.85
N ALA C 328 34.14 70.07 33.79
CA ALA C 328 32.84 70.04 33.10
C ALA C 328 32.62 68.78 32.27
N GLY C 329 33.69 68.08 31.88
CA GLY C 329 33.62 66.82 31.15
C GLY C 329 32.92 66.92 29.79
N THR C 330 31.91 66.06 29.60
CA THR C 330 31.17 65.93 28.34
C THR C 330 29.67 65.99 28.58
N GLN C 331 28.94 66.64 27.68
CA GLN C 331 27.48 66.60 27.63
C GLN C 331 27.02 65.83 26.40
N LEU C 332 26.04 64.94 26.58
CA LEU C 332 25.27 64.39 25.47
C LEU C 332 24.42 65.51 24.89
N ILE C 333 24.51 65.71 23.58
CA ILE C 333 23.73 66.74 22.88
C ILE C 333 22.90 66.10 21.78
N VAL C 334 21.79 66.75 21.45
CA VAL C 334 21.01 66.47 20.25
C VAL C 334 21.26 67.60 19.26
N GLN C 335 21.68 67.23 18.04
CA GLN C 335 21.83 68.14 16.91
C GLN C 335 20.74 67.88 15.88
N HIS C 336 20.41 68.89 15.10
CA HIS C 336 19.43 68.80 14.03
C HIS C 336 20.10 68.81 12.65
N GLN C 337 19.59 67.97 11.75
CA GLN C 337 20.03 67.89 10.36
C GLN C 337 18.82 68.04 9.44
N ALA C 338 19.02 68.58 8.24
CA ALA C 338 17.94 68.88 7.31
C ALA C 338 18.25 68.37 5.89
N HIS C 339 17.24 67.77 5.26
CA HIS C 339 17.20 67.46 3.83
C HIS C 339 16.00 68.20 3.25
N LEU C 340 16.28 69.15 2.36
CA LEU C 340 15.28 70.02 1.74
C LEU C 340 15.27 69.72 0.25
N GLN C 341 14.11 69.41 -0.31
CA GLN C 341 13.97 68.95 -1.68
C GLN C 341 12.75 69.57 -2.36
N GLN C 342 12.88 69.91 -3.64
CA GLN C 342 11.73 70.30 -4.47
C GLN C 342 11.02 69.05 -5.00
N VAL C 343 9.70 69.16 -5.11
CA VAL C 343 8.78 68.09 -5.50
C VAL C 343 8.03 68.52 -6.75
N SER C 344 8.13 67.69 -7.79
CA SER C 344 7.52 67.90 -9.10
C SER C 344 6.82 66.65 -9.64
N SER C 345 6.61 65.64 -8.80
CA SER C 345 5.99 64.37 -9.16
C SER C 345 5.34 63.72 -7.94
N ASN C 346 4.33 62.87 -8.17
CA ASN C 346 3.61 62.17 -7.10
C ASN C 346 4.48 61.09 -6.43
N ASN C 347 5.50 60.58 -7.11
CA ASN C 347 6.47 59.67 -6.51
C ASN C 347 7.76 60.44 -6.22
N VAL C 348 8.19 60.45 -4.96
CA VAL C 348 9.36 61.19 -4.50
C VAL C 348 10.23 60.25 -3.68
N THR C 349 11.51 60.20 -4.00
CA THR C 349 12.51 59.52 -3.16
C THR C 349 13.45 60.58 -2.59
N ALA C 350 13.50 60.67 -1.26
CA ALA C 350 14.45 61.51 -0.55
C ALA C 350 15.63 60.66 -0.06
N ARG C 351 16.84 60.98 -0.51
CA ARG C 351 18.09 60.36 -0.04
C ARG C 351 18.61 61.11 1.17
N LEU C 352 18.45 60.51 2.35
CA LEU C 352 18.73 61.13 3.64
C LEU C 352 20.21 60.96 3.99
N ASN C 353 21.05 61.89 3.54
CA ASN C 353 22.50 61.92 3.83
C ASN C 353 22.80 62.46 5.25
N PHE C 354 22.02 62.06 6.24
CA PHE C 354 22.26 62.43 7.63
C PHE C 354 23.37 61.57 8.23
N ASN C 355 24.01 62.10 9.26
CA ASN C 355 25.09 61.44 9.99
C ASN C 355 24.71 61.20 11.46
N PHE C 356 25.59 60.47 12.15
CA PHE C 356 25.52 60.14 13.57
C PHE C 356 24.34 59.22 13.96
N PRO C 357 24.24 58.80 15.23
CA PRO C 357 23.08 58.08 15.75
C PRO C 357 21.81 58.96 15.72
N VAL C 358 20.98 58.77 14.70
CA VAL C 358 19.68 59.43 14.53
C VAL C 358 18.67 58.81 15.51
N LEU C 359 18.03 59.65 16.33
CA LEU C 359 16.96 59.29 17.25
C LEU C 359 15.65 59.08 16.50
N GLU C 360 15.34 60.05 15.65
CA GLU C 360 14.08 60.16 14.92
C GLU C 360 14.23 61.14 13.76
N PHE C 361 13.27 61.09 12.85
CA PHE C 361 13.10 62.13 11.84
C PHE C 361 11.64 62.55 11.71
N TYR C 362 11.47 63.78 11.22
CA TYR C 362 10.19 64.37 10.85
C TYR C 362 10.22 64.65 9.36
N TYR C 363 9.09 64.53 8.70
CA TYR C 363 8.94 65.02 7.35
C TYR C 363 7.55 65.58 7.11
N PHE C 364 7.44 66.48 6.14
CA PHE C 364 6.19 67.10 5.72
C PHE C 364 6.40 67.82 4.39
N LEU C 365 5.29 68.07 3.70
CA LEU C 365 5.30 68.74 2.40
C LEU C 365 4.61 70.09 2.49
N ARG C 366 5.06 71.06 1.69
CA ARG C 366 4.38 72.33 1.50
C ARG C 366 4.13 72.55 0.02
N ARG C 367 2.87 72.73 -0.34
CA ARG C 367 2.50 73.15 -1.69
C ARG C 367 3.08 74.52 -2.01
N LYS C 368 3.51 74.71 -3.27
CA LYS C 368 3.94 76.02 -3.72
C LYS C 368 2.82 77.06 -3.54
N ALA C 369 1.59 76.69 -3.86
CA ALA C 369 0.46 77.60 -3.74
C ALA C 369 0.21 78.06 -2.29
N ASN C 370 0.33 77.18 -1.30
CA ASN C 370 0.22 77.55 0.12
C ASN C 370 1.32 78.53 0.55
N LYS C 371 2.56 78.28 0.11
CA LYS C 371 3.69 79.18 0.37
C LYS C 371 3.47 80.56 -0.26
N ASP C 372 3.04 80.59 -1.51
CA ASP C 372 2.79 81.83 -2.26
C ASP C 372 1.61 82.63 -1.68
N ALA C 373 0.60 81.94 -1.13
CA ALA C 373 -0.51 82.55 -0.40
C ALA C 373 -0.11 83.09 0.99
N GLY C 374 1.13 82.88 1.42
CA GLY C 374 1.62 83.30 2.74
C GLY C 374 1.20 82.38 3.89
N ASP C 375 0.65 81.19 3.62
CA ASP C 375 0.23 80.20 4.60
C ASP C 375 1.36 79.17 4.86
N HIS C 376 2.47 79.67 5.42
CA HIS C 376 3.77 78.97 5.46
C HIS C 376 3.78 77.65 6.21
N PHE C 377 2.86 77.46 7.15
CA PHE C 377 2.75 76.25 7.97
C PHE C 377 1.55 75.38 7.59
N ASN C 378 0.94 75.65 6.44
CA ASN C 378 -0.06 74.78 5.86
C ASN C 378 0.60 73.70 5.01
N PHE C 379 0.76 72.55 5.67
CA PHE C 379 1.31 71.33 5.07
C PHE C 379 0.25 70.42 4.44
N SER C 380 -0.96 70.92 4.21
CA SER C 380 -1.99 70.13 3.53
C SER C 380 -1.76 70.05 2.02
N GLY C 381 -2.34 69.00 1.43
CA GLY C 381 -2.40 68.75 0.00
C GLY C 381 -3.48 69.59 -0.71
N ILE C 382 -3.94 69.06 -1.84
CA ILE C 382 -4.92 69.72 -2.72
C ILE C 382 -6.29 69.63 -2.03
N GLY C 383 -7.02 70.74 -1.95
CA GLY C 383 -8.31 70.79 -1.26
C GLY C 383 -8.22 70.49 0.25
N GLY C 384 -7.06 70.71 0.87
CA GLY C 384 -6.85 70.46 2.31
C GLY C 384 -6.68 68.99 2.69
N ARG C 385 -6.54 68.08 1.71
CA ARG C 385 -6.34 66.64 1.94
C ARG C 385 -4.94 66.33 2.46
N ASP C 386 -4.72 65.09 2.87
CA ASP C 386 -3.39 64.62 3.29
C ASP C 386 -2.48 64.48 2.03
N PRO C 387 -1.34 65.18 1.94
CA PRO C 387 -0.51 65.16 0.73
C PRO C 387 0.19 63.82 0.52
N VAL C 388 0.40 63.03 1.58
CA VAL C 388 1.05 61.72 1.52
C VAL C 388 -0.03 60.64 1.48
N VAL C 389 0.06 59.74 0.52
CA VAL C 389 -0.77 58.51 0.50
C VAL C 389 -0.08 57.43 1.32
N SER C 390 1.20 57.19 1.03
CA SER C 390 2.01 56.21 1.74
C SER C 390 3.49 56.57 1.72
N ALA C 391 4.25 56.00 2.65
CA ALA C 391 5.70 56.11 2.68
C ALA C 391 6.36 54.79 3.09
N GLU C 392 7.59 54.60 2.64
CA GLU C 392 8.47 53.47 2.94
C GLU C 392 9.87 54.00 3.32
N LEU C 393 10.52 53.37 4.30
CA LEU C 393 11.88 53.69 4.71
C LEU C 393 12.81 52.52 4.36
N LEU C 394 13.85 52.79 3.57
CA LEU C 394 14.82 51.80 3.12
C LEU C 394 16.21 52.10 3.67
N PHE C 395 16.89 51.06 4.17
CA PHE C 395 18.31 51.07 4.50
C PHE C 395 19.03 50.15 3.53
N ASN C 396 20.01 50.66 2.78
CA ASN C 396 20.77 49.87 1.80
C ASN C 396 19.84 49.04 0.88
N ASN C 397 18.78 49.69 0.36
CA ASN C 397 17.72 49.10 -0.48
C ASN C 397 16.88 47.98 0.18
N THR C 398 16.99 47.79 1.50
CA THR C 398 16.17 46.85 2.26
C THR C 398 15.15 47.63 3.09
N ALA C 399 13.87 47.23 3.03
CA ALA C 399 12.80 47.88 3.76
C ALA C 399 13.03 47.78 5.28
N ARG C 400 13.36 48.90 5.91
CA ARG C 400 13.40 49.03 7.37
C ARG C 400 11.99 49.24 7.93
N VAL C 401 11.17 50.01 7.22
CA VAL C 401 9.74 50.12 7.43
C VAL C 401 9.11 49.92 6.06
N THR C 402 8.35 48.84 5.89
CA THR C 402 7.60 48.59 4.65
C THR C 402 6.55 49.69 4.42
N GLN C 403 6.00 49.77 3.22
CA GLN C 403 5.00 50.77 2.88
C GLN C 403 3.87 50.83 3.92
N LYS C 404 3.68 52.03 4.50
CA LYS C 404 2.61 52.34 5.46
C LYS C 404 1.84 53.58 5.00
N PRO C 405 0.51 53.64 5.27
CA PRO C 405 -0.31 54.79 4.92
C PRO C 405 0.07 56.02 5.76
N ALA C 406 -0.21 57.22 5.26
CA ALA C 406 0.06 58.50 5.92
C ALA C 406 -0.35 58.55 7.39
N VAL C 407 -1.55 58.05 7.71
CA VAL C 407 -2.09 58.05 9.09
C VAL C 407 -1.20 57.30 10.08
N TRP C 408 -0.46 56.28 9.63
CA TRP C 408 0.46 55.54 10.49
C TRP C 408 1.67 56.40 10.86
N TRP C 409 2.27 57.06 9.88
CA TRP C 409 3.42 57.97 10.10
C TRP C 409 3.04 59.23 10.88
N ARG C 410 1.79 59.72 10.72
CA ARG C 410 1.32 60.94 11.39
C ARG C 410 0.76 60.71 12.78
N ALA C 411 -0.16 59.75 12.92
CA ALA C 411 -0.92 59.56 14.15
C ALA C 411 -0.37 58.44 15.02
N VAL C 412 0.03 57.30 14.45
CA VAL C 412 0.52 56.17 15.25
C VAL C 412 1.91 56.46 15.82
N GLN C 413 2.82 57.02 15.02
CA GLN C 413 4.15 57.41 15.51
C GLN C 413 4.07 58.51 16.58
N ALA C 414 3.24 59.53 16.36
CA ALA C 414 3.01 60.56 17.38
C ALA C 414 2.40 59.99 18.67
N LEU C 415 1.41 59.10 18.58
CA LEU C 415 0.81 58.43 19.73
C LEU C 415 1.84 57.61 20.55
N GLN C 416 2.80 56.98 19.88
CA GLN C 416 3.77 56.09 20.52
C GLN C 416 4.91 56.85 21.20
N PHE C 417 5.37 57.97 20.62
CA PHE C 417 6.66 58.57 20.96
C PHE C 417 6.60 60.05 21.36
N HIS C 418 5.47 60.73 21.11
CA HIS C 418 5.37 62.17 21.30
C HIS C 418 4.30 62.59 22.32
N SER C 419 4.53 63.76 22.92
CA SER C 419 3.61 64.38 23.87
C SER C 419 2.28 64.84 23.24
N SER C 420 2.23 65.00 21.92
CA SER C 420 1.06 65.48 21.19
C SER C 420 0.98 64.91 19.78
N ALA C 421 -0.25 64.86 19.25
CA ALA C 421 -0.49 64.55 17.84
C ALA C 421 -0.57 65.87 17.04
N PRO C 422 0.07 65.95 15.87
CA PRO C 422 0.10 67.18 15.09
C PRO C 422 -1.28 67.49 14.50
N LEU C 423 -1.67 68.77 14.51
CA LEU C 423 -2.91 69.26 13.89
C LEU C 423 -2.75 69.47 12.38
N THR C 424 -1.51 69.54 11.91
CA THR C 424 -1.12 69.65 10.50
C THR C 424 -0.53 68.32 10.00
N ASN C 425 -0.31 68.20 8.69
CA ASN C 425 0.23 66.99 8.05
C ASN C 425 1.74 66.85 8.26
N ILE C 426 2.16 66.73 9.53
CA ILE C 426 3.52 66.41 9.93
C ILE C 426 3.59 64.93 10.24
N TYR C 427 4.58 64.26 9.66
CA TYR C 427 4.83 62.84 9.84
C TYR C 427 6.14 62.67 10.62
N SER C 428 6.22 61.62 11.43
CA SER C 428 7.44 61.31 12.17
C SER C 428 7.73 59.82 12.16
N TYR C 429 8.97 59.48 12.50
CA TYR C 429 9.37 58.12 12.82
C TYR C 429 10.49 58.13 13.84
N SER C 430 10.30 57.38 14.92
CA SER C 430 11.30 57.29 15.99
C SER C 430 11.97 55.91 16.01
N PHE C 431 13.31 55.94 16.12
CA PHE C 431 14.13 54.80 16.52
C PHE C 431 14.32 54.72 18.04
N SER C 432 14.00 55.80 18.76
CA SER C 432 14.11 55.93 20.21
C SER C 432 12.76 55.62 20.88
N LEU C 433 12.77 54.95 22.03
CA LEU C 433 11.56 54.72 22.82
C LEU C 433 11.02 56.01 23.48
N SER C 434 11.91 56.97 23.74
CA SER C 434 11.59 58.25 24.39
C SER C 434 12.45 59.36 23.77
N PRO C 435 12.18 59.78 22.52
CA PRO C 435 12.99 60.78 21.81
C PRO C 435 12.91 62.19 22.42
N GLU C 436 11.91 62.43 23.26
CA GLU C 436 11.75 63.69 24.02
C GLU C 436 12.55 63.72 25.33
N ASP C 437 13.11 62.59 25.79
CA ASP C 437 14.02 62.56 26.94
C ASP C 437 15.41 63.07 26.50
N PRO C 438 15.88 64.22 27.01
CA PRO C 438 17.12 64.81 26.57
C PRO C 438 18.37 64.18 27.20
N ILE C 439 18.23 63.40 28.27
CA ILE C 439 19.37 62.89 29.06
C ILE C 439 19.51 61.36 29.01
N THR C 440 18.46 60.64 28.65
CA THR C 440 18.47 59.17 28.60
C THR C 440 18.34 58.66 27.16
N PRO C 441 19.43 58.23 26.50
CA PRO C 441 19.34 57.56 25.22
C PRO C 441 18.47 56.31 25.31
N SER C 442 17.51 56.19 24.39
CA SER C 442 16.52 55.11 24.42
C SER C 442 16.34 54.42 23.05
N GLY C 443 17.36 54.52 22.18
CA GLY C 443 17.38 53.94 20.85
C GLY C 443 17.86 54.93 19.79
N SER C 444 18.51 54.43 18.74
CA SER C 444 18.95 55.23 17.59
C SER C 444 19.33 54.30 16.43
N ALA C 445 19.40 54.86 15.23
CA ALA C 445 20.02 54.24 14.07
C ALA C 445 21.22 55.10 13.62
N ASN C 446 22.40 54.49 13.50
CA ASN C 446 23.61 55.22 13.12
C ASN C 446 23.69 55.40 11.61
N PHE C 447 23.29 56.57 11.12
CA PHE C 447 23.25 56.83 9.68
C PHE C 447 24.65 56.98 9.07
N SER C 448 25.67 57.33 9.86
CA SER C 448 27.08 57.32 9.39
C SER C 448 27.63 55.92 9.07
N ARG C 449 26.86 54.85 9.33
CA ARG C 449 27.24 53.46 9.01
C ARG C 449 26.33 52.83 7.95
N LEU C 450 25.38 53.58 7.41
CA LEU C 450 24.50 53.16 6.33
C LEU C 450 24.97 53.80 5.02
N ASP C 451 25.10 53.00 3.97
CA ASP C 451 25.52 53.50 2.66
C ASP C 451 24.39 54.30 1.99
N SER C 452 23.15 53.86 2.18
CA SER C 452 21.96 54.59 1.74
C SER C 452 20.83 54.53 2.76
N VAL C 453 20.21 55.69 2.98
CA VAL C 453 18.92 55.81 3.67
C VAL C 453 17.98 56.54 2.74
N GLU C 454 16.91 55.87 2.32
CA GLU C 454 15.93 56.44 1.40
C GLU C 454 14.53 56.46 2.04
N LEU C 455 13.89 57.62 2.00
CA LEU C 455 12.47 57.79 2.30
C LEU C 455 11.72 57.89 0.97
N ALA C 456 11.00 56.83 0.61
CA ALA C 456 10.18 56.79 -0.60
C ALA C 456 8.75 57.19 -0.25
N LEU C 457 8.21 58.18 -0.96
CA LEU C 457 6.88 58.74 -0.76
C LEU C 457 6.04 58.53 -2.01
N THR C 458 4.82 58.04 -1.80
CA THR C 458 3.72 58.17 -2.76
C THR C 458 2.81 59.27 -2.25
N LEU C 459 2.70 60.34 -3.02
CA LEU C 459 1.90 61.52 -2.75
C LEU C 459 0.53 61.40 -3.42
N GLN C 460 -0.41 62.26 -3.02
CA GLN C 460 -1.70 62.39 -3.68
C GLN C 460 -1.54 62.63 -5.19
N ASP C 461 -2.57 62.30 -5.95
CA ASP C 461 -2.60 62.60 -7.38
C ASP C 461 -2.41 64.09 -7.65
N ASP C 462 -1.70 64.40 -8.73
CA ASP C 462 -1.38 65.74 -9.22
C ASP C 462 -0.56 66.61 -8.23
N PHE C 463 -0.02 66.04 -7.14
CA PHE C 463 0.91 66.75 -6.25
C PHE C 463 2.21 67.09 -6.99
N GLY C 464 2.58 68.37 -6.98
CA GLY C 464 3.78 68.84 -7.69
C GLY C 464 3.58 69.05 -9.20
N ALA C 465 2.37 68.86 -9.71
CA ALA C 465 2.02 69.16 -11.11
C ALA C 465 1.55 70.62 -11.27
N ALA C 466 1.63 71.15 -12.49
CA ALA C 466 1.08 72.45 -12.90
C ALA C 466 1.41 73.60 -11.92
N HIS C 467 0.38 74.23 -11.32
CA HIS C 467 0.49 75.37 -10.41
C HIS C 467 1.25 75.06 -9.11
N ASP C 468 1.44 73.77 -8.80
CA ASP C 468 2.22 73.31 -7.64
C ASP C 468 3.60 72.77 -8.00
N ALA C 469 4.07 73.00 -9.23
CA ALA C 469 5.46 72.71 -9.60
C ALA C 469 6.42 73.43 -8.65
N ASN C 470 7.38 72.68 -8.08
CA ASN C 470 8.28 73.14 -7.01
C ASN C 470 7.59 73.30 -5.66
N SER C 471 6.72 72.35 -5.33
CA SER C 471 6.35 72.11 -3.94
C SER C 471 7.57 71.63 -3.15
N GLU C 472 7.55 71.77 -1.83
CA GLU C 472 8.72 71.53 -0.99
C GLU C 472 8.51 70.28 -0.12
N LEU C 473 9.52 69.42 -0.03
CA LEU C 473 9.65 68.36 0.95
C LEU C 473 10.70 68.79 1.99
N PHE C 474 10.30 68.77 3.25
CA PHE C 474 11.18 68.96 4.39
C PHE C 474 11.38 67.63 5.08
N VAL C 475 12.63 67.25 5.33
CA VAL C 475 12.97 66.15 6.23
C VAL C 475 13.98 66.67 7.24
N PHE C 476 13.66 66.56 8.52
CA PHE C 476 14.55 66.94 9.62
C PHE C 476 14.86 65.72 10.47
N ALA C 477 16.11 65.53 10.86
CA ALA C 477 16.53 64.46 11.77
C ALA C 477 17.13 65.03 13.04
N ARG C 478 16.89 64.34 14.16
CA ARG C 478 17.54 64.59 15.44
C ARG C 478 18.59 63.52 15.67
N SER C 479 19.83 63.91 15.93
CA SER C 479 20.95 62.98 16.12
C SER C 479 21.71 63.25 17.41
N TYR C 480 22.22 62.20 18.05
CA TYR C 480 23.12 62.32 19.17
C TYR C 480 24.52 62.73 18.71
N ASN C 481 25.14 63.63 19.47
CA ASN C 481 26.57 63.89 19.45
C ASN C 481 27.04 64.19 20.88
N ILE C 482 28.32 64.44 21.08
CA ILE C 482 28.91 64.76 22.37
C ILE C 482 29.61 66.11 22.27
N LEU C 483 29.26 67.03 23.16
CA LEU C 483 30.00 68.27 23.35
C LEU C 483 30.99 68.09 24.50
N LYS C 484 32.27 68.34 24.23
CA LYS C 484 33.36 68.20 25.20
C LYS C 484 33.86 69.57 25.65
N PHE C 485 34.05 69.71 26.97
CA PHE C 485 34.62 70.89 27.60
C PHE C 485 35.99 70.52 28.18
N THR C 486 37.04 71.24 27.81
CA THR C 486 38.41 70.97 28.31
C THR C 486 39.22 72.26 28.31
N ASN C 487 39.86 72.59 29.43
CA ASN C 487 40.78 73.72 29.58
C ASN C 487 40.19 75.07 29.11
N GLY C 488 38.92 75.33 29.42
CA GLY C 488 38.24 76.57 29.02
C GLY C 488 37.75 76.61 27.57
N LEU C 489 37.86 75.50 26.82
CA LEU C 489 37.41 75.36 25.44
C LEU C 489 36.25 74.37 25.35
N ALA C 490 35.39 74.54 24.34
CA ALA C 490 34.28 73.65 24.04
C ALA C 490 34.31 73.23 22.57
N GLY C 491 34.07 71.96 22.27
CA GLY C 491 34.05 71.45 20.90
C GLY C 491 33.27 70.15 20.75
N ALA D 11 7.99 -28.48 9.23
CA ALA D 11 9.21 -27.69 8.99
C ALA D 11 9.04 -26.22 9.42
N GLY D 12 7.90 -25.61 9.10
CA GLY D 12 7.60 -24.22 9.48
C GLY D 12 7.46 -23.98 10.99
N SER D 13 6.72 -24.83 11.70
CA SER D 13 6.49 -24.66 13.15
C SER D 13 7.77 -24.90 13.97
N LEU D 14 8.58 -25.88 13.58
CA LEU D 14 9.89 -26.08 14.20
C LEU D 14 10.85 -24.92 13.89
N THR D 15 10.81 -24.40 12.65
CA THR D 15 11.63 -23.25 12.24
C THR D 15 11.26 -22.01 13.04
N GLN D 16 9.98 -21.77 13.36
CA GLN D 16 9.57 -20.67 14.23
C GLN D 16 10.18 -20.76 15.63
N LEU D 17 10.26 -21.96 16.22
CA LEU D 17 10.90 -22.15 17.53
C LEU D 17 12.41 -21.92 17.50
N LEU D 18 13.04 -22.14 16.34
CA LEU D 18 14.47 -21.92 16.13
C LEU D 18 14.80 -20.47 15.73
N ALA D 19 13.85 -19.75 15.12
CA ALA D 19 13.97 -18.38 14.68
C ALA D 19 13.89 -17.39 15.87
N THR D 20 14.82 -17.53 16.81
CA THR D 20 14.95 -16.67 17.98
C THR D 20 16.27 -15.88 17.92
N GLY D 21 16.23 -14.63 18.36
CA GLY D 21 17.37 -13.73 18.44
C GLY D 21 17.56 -13.15 19.84
N SER D 22 18.46 -12.17 19.97
CA SER D 22 18.75 -11.52 21.25
C SER D 22 17.56 -10.77 21.85
N MET D 23 16.60 -10.31 21.03
CA MET D 23 15.37 -9.68 21.53
C MET D 23 14.43 -10.67 22.22
N ASP D 24 14.33 -11.90 21.70
CA ASP D 24 13.48 -12.95 22.28
C ASP D 24 13.98 -13.41 23.64
N ALA D 25 15.27 -13.25 23.91
CA ALA D 25 15.87 -13.61 25.19
C ALA D 25 15.24 -12.85 26.36
N ALA D 26 14.89 -11.57 26.19
CA ALA D 26 14.21 -10.77 27.20
C ALA D 26 12.79 -11.27 27.54
N LEU D 27 12.17 -12.04 26.63
CA LEU D 27 10.79 -12.51 26.75
C LEU D 27 10.69 -13.99 27.14
N THR D 28 11.62 -14.82 26.65
CA THR D 28 11.48 -16.29 26.69
C THR D 28 12.68 -17.03 27.27
N GLN D 29 13.84 -16.39 27.43
CA GLN D 29 14.99 -17.05 28.05
C GLN D 29 14.68 -17.34 29.53
N ASN D 30 14.97 -18.56 29.97
CA ASN D 30 14.67 -19.02 31.34
C ASN D 30 13.18 -18.87 31.70
N ALA D 31 12.28 -19.17 30.76
CA ALA D 31 10.84 -19.10 30.99
C ALA D 31 10.42 -19.80 32.28
N THR D 32 9.77 -19.06 33.18
CA THR D 32 9.29 -19.54 34.48
C THR D 32 7.83 -20.03 34.46
N ARG D 33 7.18 -19.95 33.30
CA ARG D 33 5.78 -20.33 33.08
C ARG D 33 5.64 -21.14 31.80
N THR D 34 4.76 -22.13 31.80
CA THR D 34 4.31 -22.87 30.61
C THR D 34 2.80 -22.77 30.47
N PHE D 35 2.30 -22.75 29.23
CA PHE D 35 0.87 -22.80 28.93
C PHE D 35 0.31 -24.23 28.92
N TRP D 36 1.18 -25.25 28.89
CA TRP D 36 0.80 -26.65 28.65
C TRP D 36 0.74 -27.51 29.92
N LYS D 37 1.02 -26.91 31.09
CA LYS D 37 0.89 -27.57 32.38
C LYS D 37 0.30 -26.58 33.39
N SER D 38 -0.79 -26.95 34.03
CA SER D 38 -1.36 -26.16 35.12
C SER D 38 -0.53 -26.32 36.39
N SER D 39 -0.28 -25.20 37.06
CA SER D 39 0.21 -25.15 38.44
C SER D 39 -0.88 -24.51 39.28
N TYR D 40 -1.13 -25.04 40.48
CA TYR D 40 -2.07 -24.46 41.45
C TYR D 40 -1.38 -24.30 42.81
N GLN D 41 -1.86 -23.35 43.60
CA GLN D 41 -1.42 -23.15 44.98
C GLN D 41 -2.41 -23.83 45.94
N LYS D 42 -1.91 -24.43 47.01
CA LYS D 42 -2.75 -24.92 48.11
C LYS D 42 -3.14 -23.73 49.00
N HIS D 43 -4.34 -23.75 49.57
CA HIS D 43 -4.84 -22.72 50.48
C HIS D 43 -5.20 -23.35 51.84
N SER D 44 -5.35 -22.52 52.88
CA SER D 44 -5.85 -22.94 54.20
C SER D 44 -7.35 -23.29 54.15
N LEU D 45 -7.83 -24.08 55.11
CA LEU D 45 -9.24 -24.43 55.21
C LEU D 45 -10.07 -23.26 55.76
N PHE D 46 -11.18 -22.96 55.10
CA PHE D 46 -12.17 -21.98 55.56
C PHE D 46 -13.57 -22.37 55.09
N ALA D 47 -14.59 -21.82 55.74
CA ALA D 47 -15.99 -21.95 55.34
C ALA D 47 -16.71 -20.60 55.39
N LEU D 48 -17.72 -20.41 54.55
CA LEU D 48 -18.57 -19.22 54.51
C LEU D 48 -19.97 -19.56 55.01
N GLU D 49 -20.55 -18.68 55.82
CA GLU D 49 -21.91 -18.81 56.33
C GLU D 49 -22.64 -17.47 56.22
N SER D 50 -23.83 -17.45 55.60
CA SER D 50 -24.68 -16.25 55.55
C SER D 50 -25.69 -16.29 56.68
N ILE D 51 -25.74 -15.24 57.50
CA ILE D 51 -26.63 -15.16 58.65
C ILE D 51 -27.37 -13.83 58.66
N ASN D 52 -28.70 -13.93 58.72
CA ASN D 52 -29.60 -12.78 58.83
C ASN D 52 -29.85 -12.40 60.29
N GLN D 53 -29.76 -11.11 60.60
CA GLN D 53 -29.84 -10.57 61.96
C GLN D 53 -30.81 -9.39 62.02
N PRO D 54 -31.70 -9.32 63.02
CA PRO D 54 -32.61 -8.19 63.18
C PRO D 54 -31.88 -6.95 63.72
N PHE D 55 -32.42 -5.77 63.42
CA PHE D 55 -31.95 -4.54 64.05
C PHE D 55 -32.14 -4.57 65.57
N THR D 56 -31.24 -3.90 66.30
CA THR D 56 -31.31 -3.75 67.76
C THR D 56 -32.40 -2.75 68.16
N THR D 57 -32.63 -1.74 67.34
CA THR D 57 -33.72 -0.77 67.49
C THR D 57 -34.81 -0.99 66.46
N GLN D 58 -35.98 -0.39 66.69
CA GLN D 58 -37.07 -0.43 65.71
C GLN D 58 -36.64 0.22 64.38
N VAL D 59 -37.04 -0.41 63.27
CA VAL D 59 -36.89 0.10 61.91
C VAL D 59 -38.18 0.80 61.52
N GLN D 60 -38.09 2.06 61.11
CA GLN D 60 -39.21 2.89 60.67
C GLN D 60 -38.73 3.90 59.63
N PHE D 61 -39.61 4.29 58.70
CA PHE D 61 -39.34 5.38 57.77
C PHE D 61 -39.02 6.68 58.53
N GLY D 62 -38.06 7.46 58.03
CA GLY D 62 -37.63 8.74 58.59
C GLY D 62 -36.86 8.68 59.91
N ALA D 63 -36.76 7.51 60.54
CA ALA D 63 -36.02 7.30 61.78
C ALA D 63 -34.57 6.89 61.53
N GLU D 64 -33.77 6.85 62.60
CA GLU D 64 -32.47 6.19 62.61
C GLU D 64 -32.57 4.88 63.38
N SER D 65 -32.00 3.82 62.83
CA SER D 65 -31.95 2.51 63.46
C SER D 65 -30.52 1.99 63.49
N HIS D 66 -30.17 1.19 64.50
CA HIS D 66 -28.88 0.54 64.53
C HIS D 66 -28.98 -0.95 64.85
N ILE D 67 -27.95 -1.68 64.43
CA ILE D 67 -27.73 -3.08 64.74
C ILE D 67 -26.31 -3.27 65.25
N THR D 68 -26.17 -4.02 66.34
CA THR D 68 -24.86 -4.55 66.76
C THR D 68 -24.64 -5.88 66.07
N VAL D 69 -23.61 -5.95 65.21
CA VAL D 69 -23.30 -7.13 64.40
C VAL D 69 -22.80 -8.25 65.32
N ASN D 70 -23.44 -9.43 65.20
CA ASN D 70 -23.07 -10.60 65.99
C ASN D 70 -21.67 -11.12 65.62
N ARG D 71 -21.06 -11.89 66.53
CA ARG D 71 -19.76 -12.53 66.33
C ARG D 71 -19.94 -14.03 66.06
N GLN D 72 -20.51 -14.35 64.91
CA GLN D 72 -20.83 -15.74 64.53
C GLN D 72 -19.75 -16.41 63.67
N GLY D 73 -18.62 -15.75 63.42
CA GLY D 73 -17.44 -16.32 62.77
C GLY D 73 -16.18 -15.51 63.09
N ASP D 74 -15.09 -15.80 62.38
CA ASP D 74 -13.78 -15.20 62.63
C ASP D 74 -13.52 -13.92 61.82
N LEU D 75 -14.05 -13.88 60.59
CA LEU D 75 -14.05 -12.70 59.73
C LEU D 75 -15.47 -12.32 59.31
N LEU D 76 -15.65 -11.05 58.96
CA LEU D 76 -16.86 -10.53 58.32
C LEU D 76 -16.53 -10.12 56.88
N SER D 77 -17.23 -10.71 55.91
CA SER D 77 -17.02 -10.53 54.48
C SER D 77 -18.15 -9.69 53.87
N TRP D 78 -19.11 -10.30 53.18
CA TRP D 78 -20.23 -9.55 52.59
C TRP D 78 -21.24 -9.07 53.62
N MET D 79 -21.87 -7.94 53.31
CA MET D 79 -22.91 -7.33 54.12
C MET D 79 -24.01 -6.77 53.21
N TYR D 80 -25.23 -7.25 53.39
CA TYR D 80 -26.42 -6.81 52.66
C TYR D 80 -27.49 -6.32 53.63
N LEU D 81 -28.08 -5.17 53.33
CA LEU D 81 -29.28 -4.74 54.01
C LEU D 81 -30.48 -5.41 53.33
N LYS D 82 -31.11 -6.34 54.03
CA LYS D 82 -32.33 -7.01 53.58
C LYS D 82 -33.52 -6.14 53.96
N ILE D 83 -34.18 -5.56 52.98
CA ILE D 83 -35.34 -4.68 53.17
C ILE D 83 -36.58 -5.41 52.68
N VAL D 84 -37.66 -5.36 53.46
CA VAL D 84 -38.97 -5.87 53.06
C VAL D 84 -39.95 -4.70 53.01
N LEU D 85 -40.47 -4.44 51.81
CA LEU D 85 -41.47 -3.41 51.56
C LEU D 85 -42.82 -4.06 51.29
N PRO D 86 -43.92 -3.56 51.88
CA PRO D 86 -45.23 -4.11 51.59
C PRO D 86 -45.66 -3.77 50.16
N GLY D 87 -46.55 -4.59 49.61
CA GLY D 87 -47.30 -4.21 48.43
C GLY D 87 -48.16 -2.98 48.70
N LEU D 88 -48.40 -2.18 47.67
CA LEU D 88 -49.21 -0.98 47.69
C LEU D 88 -50.53 -1.21 46.95
N LYS D 89 -51.59 -0.62 47.50
CA LYS D 89 -52.88 -0.42 46.84
C LYS D 89 -53.30 1.03 47.03
N VAL D 90 -54.26 1.48 46.25
CA VAL D 90 -54.81 2.84 46.37
C VAL D 90 -56.31 2.79 46.49
N GLN D 91 -56.87 3.78 47.17
CA GLN D 91 -58.30 4.01 47.31
C GLN D 91 -58.58 5.52 47.21
N ASN D 92 -59.74 5.90 46.68
CA ASN D 92 -60.13 7.30 46.68
C ASN D 92 -60.27 7.81 48.13
N GLN D 93 -59.81 9.03 48.36
CA GLN D 93 -59.91 9.68 49.67
C GLN D 93 -61.35 9.75 50.18
N ALA D 94 -62.33 9.93 49.29
CA ALA D 94 -63.76 9.96 49.61
C ALA D 94 -64.30 8.63 50.16
N ASP D 95 -63.68 7.50 49.81
CA ASP D 95 -64.11 6.16 50.22
C ASP D 95 -63.40 5.68 51.50
N THR D 96 -62.50 6.50 52.07
CA THR D 96 -61.62 6.10 53.17
C THR D 96 -62.12 6.65 54.51
N VAL D 97 -62.26 5.77 55.52
CA VAL D 97 -62.75 6.13 56.87
C VAL D 97 -61.79 7.07 57.63
N GLN D 98 -60.50 7.04 57.27
CA GLN D 98 -59.44 7.91 57.82
C GLN D 98 -58.53 8.38 56.67
N PRO D 99 -58.90 9.44 55.95
CA PRO D 99 -58.18 9.87 54.75
C PRO D 99 -56.86 10.59 55.04
N THR D 100 -56.61 10.96 56.30
CA THR D 100 -55.44 11.75 56.70
C THR D 100 -54.17 10.89 56.63
N GLN D 101 -53.35 11.16 55.63
CA GLN D 101 -52.05 10.54 55.41
C GLN D 101 -51.04 11.62 55.00
N GLN D 102 -49.74 11.32 55.12
CA GLN D 102 -48.70 12.15 54.54
C GLN D 102 -48.93 12.35 53.02
N SER D 103 -48.53 13.51 52.51
CA SER D 103 -48.60 13.78 51.07
C SER D 103 -47.51 13.01 50.31
N PHE D 104 -47.86 12.49 49.15
CA PHE D 104 -46.94 11.80 48.22
C PHE D 104 -46.91 12.55 46.90
N ALA D 105 -45.79 12.46 46.18
CA ALA D 105 -45.70 12.96 44.81
C ALA D 105 -46.76 12.28 43.92
N SER D 106 -47.37 13.04 43.02
CA SER D 106 -48.43 12.53 42.15
C SER D 106 -48.25 12.97 40.71
N LEU D 107 -48.59 12.08 39.77
CA LEU D 107 -48.35 12.29 38.34
C LEU D 107 -49.32 13.30 37.70
N ASP D 108 -50.49 13.50 38.30
CA ASP D 108 -51.41 14.60 37.96
C ASP D 108 -50.89 16.00 38.37
N ASN D 109 -49.86 16.04 39.21
CA ASN D 109 -49.16 17.25 39.61
C ASN D 109 -47.65 17.12 39.38
N ASP D 110 -47.27 16.90 38.11
CA ASP D 110 -45.87 16.74 37.71
C ASP D 110 -45.09 18.07 37.85
N VAL D 111 -44.47 18.24 39.03
CA VAL D 111 -43.69 19.43 39.39
C VAL D 111 -42.46 19.59 38.48
N ALA D 112 -41.86 18.49 38.00
CA ALA D 112 -40.71 18.54 37.11
C ALA D 112 -41.11 19.07 35.73
N ALA D 113 -42.21 18.57 35.17
CA ALA D 113 -42.76 19.07 33.91
C ALA D 113 -43.20 20.54 34.03
N GLN D 114 -43.84 20.93 35.14
CA GLN D 114 -44.22 22.32 35.40
C GLN D 114 -43.00 23.24 35.48
N ALA D 115 -41.93 22.80 36.15
CA ALA D 115 -40.67 23.54 36.20
C ALA D 115 -40.07 23.72 34.80
N ASP D 116 -40.02 22.66 33.99
CA ASP D 116 -39.55 22.75 32.60
C ASP D 116 -40.38 23.72 31.76
N VAL D 117 -41.71 23.69 31.90
CA VAL D 117 -42.61 24.64 31.22
C VAL D 117 -42.32 26.07 31.65
N SER D 118 -42.02 26.32 32.93
CA SER D 118 -41.75 27.66 33.46
C SER D 118 -40.57 28.36 32.75
N HIS D 119 -39.55 27.60 32.35
CA HIS D 119 -38.38 28.14 31.64
C HIS D 119 -38.68 28.53 30.19
N VAL D 120 -39.70 27.92 29.57
CA VAL D 120 -40.09 28.22 28.18
C VAL D 120 -41.25 29.19 28.06
N LEU D 121 -41.94 29.54 29.17
CA LEU D 121 -43.02 30.54 29.18
C LEU D 121 -42.65 31.85 28.46
N PRO D 122 -41.44 32.42 28.60
CA PRO D 122 -41.08 33.65 27.89
C PRO D 122 -41.01 33.52 26.36
N TYR D 123 -40.99 32.29 25.84
CA TYR D 123 -40.87 31.95 24.43
C TYR D 123 -42.21 31.50 23.82
N ILE D 124 -43.28 31.46 24.61
CA ILE D 124 -44.62 31.14 24.09
C ILE D 124 -45.19 32.38 23.38
N GLU D 125 -45.43 32.24 22.09
CA GLU D 125 -46.12 33.24 21.28
C GLU D 125 -47.63 32.95 21.21
N GLY D 126 -48.48 33.97 21.41
CA GLY D 126 -49.94 33.84 21.32
C GLY D 126 -50.69 33.63 22.64
N ALA D 127 -52.00 33.40 22.55
CA ALA D 127 -52.93 33.37 23.68
C ALA D 127 -52.87 32.04 24.47
N TYR D 128 -51.77 31.79 25.18
CA TYR D 128 -51.57 30.55 25.94
C TYR D 128 -52.65 30.30 27.00
N THR D 129 -53.05 31.33 27.75
CA THR D 129 -53.97 31.18 28.89
C THR D 129 -55.36 30.68 28.49
N GLU D 130 -55.85 31.10 27.31
CA GLU D 130 -57.18 30.80 26.79
C GLU D 130 -57.21 29.59 25.83
N ALA D 131 -56.05 29.05 25.49
CA ALA D 131 -55.92 27.95 24.54
C ALA D 131 -56.48 26.62 25.08
N SER D 132 -57.01 25.79 24.17
CA SER D 132 -57.38 24.40 24.47
C SER D 132 -56.16 23.59 24.92
N LEU D 133 -56.35 22.46 25.63
CA LEU D 133 -55.23 21.64 26.13
C LEU D 133 -54.28 21.21 25.00
N ASN D 134 -54.83 20.68 23.90
CA ASN D 134 -54.04 20.25 22.74
C ASN D 134 -53.27 21.43 22.11
N THR D 135 -53.88 22.61 22.08
CA THR D 135 -53.22 23.83 21.60
C THR D 135 -52.11 24.28 22.55
N LYS D 136 -52.29 24.16 23.88
CA LYS D 136 -51.25 24.45 24.87
C LYS D 136 -50.03 23.54 24.70
N GLU D 137 -50.25 22.25 24.46
CA GLU D 137 -49.17 21.30 24.22
C GLU D 137 -48.36 21.65 22.95
N GLN D 138 -49.05 22.05 21.88
CA GLN D 138 -48.40 22.55 20.65
C GLN D 138 -47.56 23.81 20.92
N LEU D 139 -48.16 24.81 21.58
CA LEU D 139 -47.47 26.06 21.93
C LEU D 139 -46.24 25.83 22.82
N ILE D 140 -46.32 24.89 23.77
CA ILE D 140 -45.18 24.52 24.62
C ILE D 140 -44.07 23.87 23.79
N ALA D 141 -44.40 22.97 22.87
CA ALA D 141 -43.41 22.31 22.01
C ALA D 141 -42.73 23.30 21.05
N GLU D 142 -43.47 24.25 20.48
CA GLU D 142 -42.92 25.34 19.67
C GLU D 142 -42.03 26.27 20.50
N ALA D 143 -42.48 26.66 21.71
CA ALA D 143 -41.68 27.47 22.62
C ALA D 143 -40.40 26.76 23.08
N LYS D 144 -40.42 25.43 23.26
CA LYS D 144 -39.22 24.63 23.52
C LYS D 144 -38.22 24.76 22.37
N ASN D 145 -38.67 24.67 21.11
CA ASN D 145 -37.78 24.90 19.95
C ASN D 145 -37.16 26.32 19.98
N SER D 146 -37.98 27.35 20.24
CA SER D 146 -37.51 28.74 20.31
C SER D 146 -36.51 28.96 21.46
N TYR D 147 -36.80 28.42 22.64
CA TYR D 147 -35.90 28.42 23.79
C TYR D 147 -34.57 27.74 23.46
N GLU D 148 -34.61 26.53 22.88
CA GLU D 148 -33.40 25.77 22.58
C GLU D 148 -32.58 26.38 21.45
N ALA D 149 -33.23 26.99 20.45
CA ALA D 149 -32.57 27.77 19.42
C ALA D 149 -31.87 28.99 20.03
N ALA D 150 -32.54 29.73 20.92
CA ALA D 150 -31.98 30.92 21.55
C ALA D 150 -30.83 30.62 22.53
N LYS D 151 -30.93 29.53 23.30
CA LYS D 151 -29.95 29.19 24.34
C LYS D 151 -28.80 28.33 23.85
N TYR D 152 -29.07 27.41 22.91
CA TYR D 152 -28.13 26.38 22.50
C TYR D 152 -27.83 26.36 21.00
N ASN D 153 -28.39 27.31 20.22
CA ASN D 153 -28.34 27.28 18.75
C ASN D 153 -28.79 25.93 18.18
N ALA D 154 -29.74 25.26 18.85
CA ALA D 154 -30.25 23.97 18.44
C ALA D 154 -31.15 24.13 17.21
N ALA D 155 -31.05 23.19 16.27
CA ALA D 155 -32.02 23.08 15.19
C ALA D 155 -33.36 22.60 15.77
N PRO D 156 -34.51 23.12 15.29
CA PRO D 156 -35.81 22.75 15.80
C PRO D 156 -36.12 21.27 15.51
N LEU D 157 -36.65 20.57 16.50
CA LEU D 157 -37.20 19.23 16.30
C LEU D 157 -38.65 19.34 15.80
N PRO D 158 -39.11 18.43 14.91
CA PRO D 158 -40.51 18.35 14.55
C PRO D 158 -41.39 18.23 15.81
N VAL D 159 -42.45 19.03 15.92
CA VAL D 159 -43.33 19.07 17.10
C VAL D 159 -43.84 17.68 17.47
N ALA D 160 -44.20 16.86 16.48
CA ALA D 160 -44.65 15.48 16.67
C ALA D 160 -43.59 14.59 17.37
N ALA D 161 -42.29 14.85 17.20
CA ALA D 161 -41.23 14.08 17.85
C ALA D 161 -41.02 14.48 19.33
N GLN D 162 -41.47 15.68 19.71
CA GLN D 162 -41.40 16.16 21.10
C GLN D 162 -42.62 15.72 21.93
N MET D 163 -43.74 15.47 21.26
CA MET D 163 -44.97 14.95 21.86
C MET D 163 -44.84 13.44 22.10
N GLN D 164 -43.94 13.04 23.00
CA GLN D 164 -43.89 11.68 23.48
C GLN D 164 -44.98 11.48 24.53
N SER D 165 -46.08 10.80 24.17
CA SER D 165 -46.99 10.28 25.18
C SER D 165 -46.33 9.08 25.84
N THR D 166 -45.96 9.22 27.11
CA THR D 166 -45.74 8.01 27.91
C THR D 166 -47.12 7.39 28.08
N GLU D 167 -47.36 6.21 27.49
CA GLU D 167 -48.61 5.47 27.69
C GLU D 167 -48.73 5.10 29.17
N MET D 168 -49.34 5.99 29.94
CA MET D 168 -49.66 5.75 31.33
C MET D 168 -50.95 4.95 31.39
N PRO D 169 -51.06 3.96 32.28
CA PRO D 169 -52.27 3.16 32.38
C PRO D 169 -53.47 3.99 32.84
N ASP D 170 -54.66 3.72 32.30
CA ASP D 170 -55.93 4.39 32.62
C ASP D 170 -56.59 3.86 33.92
N PHE D 171 -55.77 3.51 34.91
CA PHE D 171 -56.24 3.03 36.22
C PHE D 171 -55.43 3.65 37.35
N ASP D 172 -55.94 3.56 38.59
CA ASP D 172 -55.25 4.10 39.76
C ASP D 172 -54.17 3.18 40.29
N TYR D 173 -53.03 3.78 40.64
CA TYR D 173 -51.91 3.05 41.20
C TYR D 173 -51.03 3.95 42.09
N ALA D 174 -50.20 3.28 42.89
CA ALA D 174 -49.05 3.87 43.55
C ALA D 174 -47.87 2.90 43.43
N TYR D 175 -46.66 3.42 43.42
CA TYR D 175 -45.45 2.63 43.35
C TYR D 175 -44.32 3.21 44.18
N TRP D 176 -43.42 2.33 44.62
CA TRP D 176 -42.15 2.71 45.24
C TRP D 176 -41.24 3.36 44.19
N THR D 177 -40.56 4.45 44.56
CA THR D 177 -39.68 5.19 43.65
C THR D 177 -38.56 4.32 43.07
N GLU D 178 -38.00 4.75 41.94
CA GLU D 178 -36.92 4.05 41.24
C GLU D 178 -35.70 3.84 42.17
N ALA D 179 -35.14 2.63 42.15
CA ALA D 179 -34.01 2.24 43.00
C ALA D 179 -34.28 2.48 44.50
N ILE D 180 -35.52 2.23 44.93
CA ILE D 180 -35.99 2.41 46.32
C ILE D 180 -35.04 1.80 47.36
N GLY D 181 -34.37 0.68 47.06
CA GLY D 181 -33.40 0.06 47.96
C GLY D 181 -32.23 0.99 48.33
N PHE D 182 -31.74 1.79 47.39
CA PHE D 182 -30.76 2.83 47.69
C PHE D 182 -31.39 4.05 48.33
N HIS D 183 -32.54 4.52 47.81
CA HIS D 183 -33.19 5.73 48.32
C HIS D 183 -33.54 5.64 49.81
N LEU D 184 -33.97 4.46 50.27
CA LEU D 184 -34.26 4.18 51.67
C LEU D 184 -33.09 4.46 52.60
N ILE D 185 -31.85 4.25 52.14
CA ILE D 185 -30.63 4.40 52.92
C ILE D 185 -30.11 5.83 52.74
N LYS D 186 -30.72 6.81 53.42
CA LYS D 186 -30.22 8.20 53.34
C LYS D 186 -28.76 8.29 53.75
N ARG D 187 -28.40 7.56 54.80
CA ARG D 187 -27.04 7.44 55.29
C ARG D 187 -26.86 6.14 56.05
N ALA D 188 -25.74 5.45 55.86
CA ALA D 188 -25.34 4.35 56.71
C ALA D 188 -23.92 4.58 57.24
N GLU D 189 -23.68 4.25 58.50
CA GLU D 189 -22.39 4.39 59.18
C GLU D 189 -21.93 3.03 59.71
N PHE D 190 -20.72 2.63 59.31
CA PHE D 190 -20.06 1.47 59.89
C PHE D 190 -19.20 1.92 61.07
N LYS D 191 -19.56 1.49 62.29
CA LYS D 191 -18.89 1.88 63.53
C LYS D 191 -18.20 0.71 64.19
N VAL D 192 -17.03 0.98 64.77
CA VAL D 192 -16.26 0.01 65.54
C VAL D 192 -15.80 0.68 66.83
N GLY D 193 -16.17 0.12 67.99
CA GLY D 193 -15.80 0.68 69.29
C GLY D 193 -16.37 2.09 69.53
N GLY D 194 -17.48 2.43 68.89
CA GLY D 194 -18.11 3.77 68.95
C GLY D 194 -17.56 4.78 67.96
N ALA D 195 -16.42 4.52 67.31
CA ALA D 195 -15.88 5.38 66.25
C ALA D 195 -16.49 5.02 64.90
N THR D 196 -16.88 6.03 64.11
CA THR D 196 -17.30 5.84 62.72
C THR D 196 -16.08 5.57 61.85
N ILE D 197 -16.02 4.37 61.27
CA ILE D 197 -14.94 3.95 60.36
C ILE D 197 -15.23 4.42 58.94
N ASP D 198 -16.48 4.35 58.49
CA ASP D 198 -16.87 4.84 57.17
C ASP D 198 -18.34 5.22 57.15
N THR D 199 -18.72 6.08 56.21
CA THR D 199 -20.10 6.54 55.99
C THR D 199 -20.43 6.45 54.52
N ILE D 200 -21.60 5.93 54.18
CA ILE D 200 -22.13 5.89 52.82
C ILE D 200 -23.48 6.59 52.74
N TRP D 201 -23.79 7.17 51.60
CA TRP D 201 -25.03 7.90 51.34
C TRP D 201 -25.79 7.27 50.17
N SER D 202 -27.13 7.42 50.15
CA SER D 202 -27.99 6.94 49.05
C SER D 202 -27.45 7.36 47.68
N GLU D 203 -27.16 8.66 47.53
CA GLU D 203 -26.66 9.24 46.30
C GLU D 203 -25.29 8.66 45.88
N LEU D 204 -24.41 8.40 46.85
CA LEU D 204 -23.12 7.75 46.61
C LEU D 204 -23.31 6.29 46.17
N LEU D 205 -24.18 5.51 46.83
CA LEU D 205 -24.48 4.13 46.46
C LEU D 205 -24.93 4.01 45.00
N PHE D 206 -25.82 4.90 44.58
CA PHE D 206 -26.28 4.97 43.20
C PHE D 206 -25.15 5.32 42.24
N ALA D 207 -24.32 6.32 42.58
CA ALA D 207 -23.20 6.72 41.73
C ALA D 207 -22.15 5.61 41.58
N MET D 208 -21.84 4.91 42.67
CA MET D 208 -20.95 3.76 42.69
C MET D 208 -21.47 2.61 41.82
N GLU D 209 -22.77 2.31 41.86
CA GLU D 209 -23.38 1.29 41.00
C GLU D 209 -23.36 1.72 39.52
N GLU D 210 -23.54 3.00 39.22
CA GLU D 210 -23.49 3.50 37.84
C GLU D 210 -22.09 3.35 37.22
N LEU D 211 -21.04 3.67 37.98
CA LEU D 211 -19.65 3.65 37.51
C LEU D 211 -19.00 2.26 37.63
N MET D 212 -19.19 1.58 38.75
CA MET D 212 -18.49 0.32 39.08
C MET D 212 -19.36 -0.92 38.86
N GLY D 213 -20.67 -0.75 38.60
CA GLY D 213 -21.58 -1.86 38.33
C GLY D 213 -21.21 -2.58 37.04
N ARG D 214 -20.81 -3.85 37.16
CA ARG D 214 -20.36 -4.65 36.02
C ARG D 214 -21.53 -5.11 35.15
N ALA D 215 -21.31 -5.16 33.84
CA ALA D 215 -22.28 -5.72 32.90
C ALA D 215 -22.68 -7.15 33.30
N GLY D 216 -23.99 -7.43 33.29
CA GLY D 216 -24.55 -8.71 33.73
C GLY D 216 -24.62 -8.92 35.25
N ARG D 217 -24.12 -7.97 36.06
CA ARG D 217 -24.19 -7.99 37.54
C ARG D 217 -24.70 -6.68 38.11
N ARG D 218 -25.50 -5.94 37.33
CA ARG D 218 -26.15 -4.71 37.79
C ARG D 218 -27.17 -5.05 38.89
N LEU D 219 -27.32 -4.16 39.85
CA LEU D 219 -28.11 -4.40 41.05
C LEU D 219 -29.64 -4.29 40.85
N THR D 220 -30.12 -4.20 39.60
CA THR D 220 -31.49 -3.82 39.22
C THR D 220 -32.57 -4.37 40.15
N GLU D 221 -32.81 -5.68 40.14
CA GLU D 221 -33.84 -6.31 40.98
C GLU D 221 -33.52 -6.19 42.47
N THR D 222 -32.24 -6.32 42.85
CA THR D 222 -31.80 -6.31 44.25
C THR D 222 -32.03 -4.98 44.97
N ILE D 223 -32.21 -3.88 44.23
CA ILE D 223 -32.47 -2.54 44.79
C ILE D 223 -33.80 -1.92 44.29
N GLY D 224 -34.61 -2.65 43.53
CA GLY D 224 -35.86 -2.13 42.96
C GLY D 224 -35.64 -1.07 41.87
N ARG D 225 -34.67 -1.27 40.98
CA ARG D 225 -34.34 -0.36 39.87
C ARG D 225 -34.79 -0.95 38.53
N THR D 226 -35.54 -0.17 37.75
CA THR D 226 -36.16 -0.57 36.47
C THR D 226 -35.59 0.15 35.25
N LEU D 227 -34.61 1.02 35.45
CA LEU D 227 -34.07 1.95 34.45
C LEU D 227 -35.14 2.92 33.94
N ARG D 228 -35.90 3.51 34.87
CA ARG D 228 -36.96 4.51 34.60
C ARG D 228 -38.07 3.97 33.69
N ARG D 229 -38.57 2.76 33.98
CA ARG D 229 -39.77 2.21 33.34
C ARG D 229 -40.91 2.17 34.36
N PRO D 230 -41.76 3.21 34.44
CA PRO D 230 -42.76 3.34 35.50
C PRO D 230 -43.70 2.15 35.59
N THR D 231 -44.06 1.54 34.46
CA THR D 231 -44.95 0.37 34.41
C THR D 231 -44.36 -0.85 35.13
N GLU D 232 -43.04 -1.02 35.13
CA GLU D 232 -42.37 -2.10 35.87
C GLU D 232 -42.34 -1.81 37.38
N LEU D 233 -42.11 -0.54 37.78
CA LEU D 233 -42.22 -0.14 39.19
C LEU D 233 -43.63 -0.36 39.74
N MET D 234 -44.66 -0.04 38.95
CA MET D 234 -46.06 -0.30 39.30
C MET D 234 -46.30 -1.79 39.51
N LYS D 235 -45.89 -2.65 38.57
CA LYS D 235 -46.05 -4.10 38.68
C LYS D 235 -45.39 -4.65 39.94
N ALA D 236 -44.12 -4.27 40.17
CA ALA D 236 -43.37 -4.70 41.34
C ALA D 236 -44.02 -4.22 42.65
N SER D 237 -44.57 -3.00 42.67
CA SER D 237 -45.13 -2.40 43.88
C SER D 237 -46.50 -2.93 44.29
N ARG D 238 -47.16 -3.78 43.50
CA ARG D 238 -48.47 -4.37 43.85
C ARG D 238 -48.39 -5.50 44.88
N GLN D 239 -47.19 -6.02 45.14
CA GLN D 239 -46.93 -7.12 46.06
C GLN D 239 -45.75 -6.81 46.96
N GLU D 240 -45.55 -7.62 48.00
CA GLU D 240 -44.38 -7.49 48.87
C GLU D 240 -43.08 -7.62 48.06
N GLN D 241 -42.12 -6.74 48.33
CA GLN D 241 -40.80 -6.76 47.71
C GLN D 241 -39.75 -7.05 48.78
N ILE D 242 -38.83 -7.96 48.46
CA ILE D 242 -37.65 -8.25 49.28
C ILE D 242 -36.44 -7.79 48.50
N LEU D 243 -35.72 -6.81 49.03
CA LEU D 243 -34.55 -6.19 48.43
C LEU D 243 -33.30 -6.57 49.23
N TYR D 244 -32.18 -6.81 48.54
CA TYR D 244 -30.89 -7.12 49.14
C TYR D 244 -29.88 -6.06 48.69
N VAL D 245 -29.77 -4.99 49.47
CA VAL D 245 -28.94 -3.84 49.11
C VAL D 245 -27.51 -4.09 49.60
N PRO D 246 -26.52 -4.26 48.70
CA PRO D 246 -25.13 -4.44 49.14
C PRO D 246 -24.60 -3.17 49.77
N LEU D 247 -23.92 -3.30 50.92
CA LEU D 247 -23.22 -2.20 51.57
C LEU D 247 -21.73 -2.28 51.21
N PRO D 248 -21.21 -1.40 50.34
CA PRO D 248 -19.90 -1.56 49.69
C PRO D 248 -18.72 -1.11 50.58
N TRP D 249 -18.68 -1.54 51.84
CA TRP D 249 -17.57 -1.25 52.75
C TRP D 249 -16.25 -1.80 52.23
N TYR D 250 -15.12 -1.27 52.71
CA TYR D 250 -13.79 -1.70 52.27
C TYR D 250 -13.60 -3.23 52.36
N PHE D 251 -14.11 -3.85 53.43
CA PHE D 251 -13.97 -5.28 53.72
C PHE D 251 -14.83 -6.18 52.84
N THR D 252 -15.82 -5.63 52.11
CA THR D 252 -16.65 -6.40 51.18
C THR D 252 -16.05 -6.48 49.78
N LYS D 253 -14.93 -5.78 49.51
CA LYS D 253 -14.37 -5.61 48.17
C LYS D 253 -13.38 -6.70 47.78
N HIS D 254 -12.70 -7.30 48.75
CA HIS D 254 -11.72 -8.35 48.50
C HIS D 254 -11.59 -9.27 49.73
N PRO D 255 -11.45 -10.61 49.57
CA PRO D 255 -11.35 -11.53 50.70
C PRO D 255 -10.22 -11.21 51.69
N SER D 256 -9.08 -10.68 51.22
CA SER D 256 -7.96 -10.29 52.09
C SER D 256 -8.23 -9.06 52.96
N LEU D 257 -9.33 -8.34 52.69
CA LEU D 257 -9.77 -7.17 53.46
C LEU D 257 -10.92 -7.50 54.40
N ALA D 258 -11.41 -8.74 54.43
CA ALA D 258 -12.47 -9.16 55.33
C ALA D 258 -12.16 -8.69 56.76
N PHE D 259 -13.17 -8.16 57.43
CA PHE D 259 -12.98 -7.50 58.72
C PHE D 259 -12.69 -8.56 59.79
N PRO D 260 -11.53 -8.52 60.47
CA PRO D 260 -11.11 -9.56 61.40
C PRO D 260 -11.81 -9.42 62.76
N LEU D 261 -12.96 -10.08 62.90
CA LEU D 261 -13.76 -10.05 64.13
C LEU D 261 -12.93 -10.49 65.34
N VAL D 262 -12.16 -11.58 65.21
CA VAL D 262 -11.30 -12.10 66.28
C VAL D 262 -10.22 -11.12 66.74
N ALA D 263 -9.74 -10.26 65.84
CA ALA D 263 -8.73 -9.26 66.16
C ALA D 263 -9.30 -8.01 66.83
N ALA D 264 -10.62 -7.80 66.76
CA ALA D 264 -11.33 -6.66 67.32
C ALA D 264 -12.23 -7.06 68.49
N THR D 265 -11.91 -8.12 69.24
CA THR D 265 -12.77 -8.76 70.26
C THR D 265 -13.38 -7.80 71.30
N TYR D 266 -12.69 -6.73 71.68
CA TYR D 266 -13.15 -5.78 72.70
C TYR D 266 -13.95 -4.59 72.15
N HIS D 267 -14.20 -4.53 70.84
CA HIS D 267 -15.02 -3.48 70.22
C HIS D 267 -16.34 -4.04 69.68
N ASN D 268 -17.43 -3.37 70.00
CA ASN D 268 -18.71 -3.62 69.33
C ASN D 268 -18.63 -3.10 67.89
N ILE D 269 -19.16 -3.90 66.96
CA ILE D 269 -19.29 -3.53 65.55
C ILE D 269 -20.75 -3.21 65.32
N GLN D 270 -21.03 -2.02 64.80
CA GLN D 270 -22.38 -1.54 64.63
C GLN D 270 -22.59 -0.99 63.23
N LEU D 271 -23.76 -1.25 62.68
CA LEU D 271 -24.26 -0.55 61.51
C LEU D 271 -25.39 0.37 61.97
N TRP D 272 -25.25 1.65 61.67
CA TRP D 272 -26.29 2.66 61.88
C TRP D 272 -26.87 3.05 60.53
N VAL D 273 -28.18 3.15 60.42
CA VAL D 273 -28.88 3.50 59.18
C VAL D 273 -29.91 4.59 59.46
N GLN D 274 -29.78 5.70 58.77
CA GLN D 274 -30.79 6.75 58.71
C GLN D 274 -31.71 6.48 57.51
N TRP D 275 -32.99 6.27 57.79
CA TRP D 275 -33.98 5.87 56.80
C TRP D 275 -34.64 7.09 56.13
N ALA D 276 -34.99 6.95 54.85
CA ALA D 276 -35.77 7.96 54.13
C ALA D 276 -37.18 8.12 54.71
N GLN D 277 -37.72 9.33 54.61
CA GLN D 277 -39.11 9.61 54.98
C GLN D 277 -40.06 8.93 53.99
N LEU D 278 -41.18 8.39 54.49
CA LEU D 278 -42.16 7.64 53.71
C LEU D 278 -42.73 8.46 52.55
N ASN D 279 -43.05 9.73 52.79
CA ASN D 279 -43.53 10.68 51.77
C ASN D 279 -42.63 10.77 50.52
N SER D 280 -41.31 10.53 50.66
CA SER D 280 -40.35 10.57 49.56
C SER D 280 -40.24 9.24 48.82
N CYS D 281 -40.78 8.15 49.36
CA CYS D 281 -40.57 6.81 48.82
C CYS D 281 -41.64 6.38 47.82
N ILE D 282 -42.77 7.08 47.74
CA ILE D 282 -43.95 6.66 46.98
C ILE D 282 -44.38 7.75 45.99
N ILE D 283 -44.74 7.32 44.79
CA ILE D 283 -45.39 8.13 43.76
C ILE D 283 -46.75 7.52 43.44
N LYS D 284 -47.79 8.34 43.25
CA LYS D 284 -49.16 7.92 42.93
C LYS D 284 -49.67 8.51 41.63
N SER D 285 -50.64 7.84 40.99
CA SER D 285 -51.23 8.34 39.74
C SER D 285 -51.94 9.68 39.93
N ARG D 286 -52.66 9.86 41.05
CA ARG D 286 -53.47 11.06 41.33
C ARG D 286 -53.34 11.56 42.76
N SER D 287 -53.41 12.88 42.92
CA SER D 287 -53.24 13.62 44.17
C SER D 287 -54.28 13.27 45.26
N ASN D 288 -55.49 12.89 44.86
CA ASN D 288 -56.62 12.57 45.74
C ASN D 288 -56.70 11.09 46.19
N LEU D 289 -55.67 10.29 45.93
CA LEU D 289 -55.61 8.89 46.35
C LEU D 289 -54.94 8.74 47.72
N VAL D 290 -55.47 7.81 48.53
CA VAL D 290 -54.86 7.30 49.75
C VAL D 290 -54.09 6.03 49.41
N VAL D 291 -52.86 5.90 49.92
CA VAL D 291 -52.01 4.72 49.67
C VAL D 291 -52.16 3.76 50.84
N LEU D 292 -52.53 2.52 50.55
CA LEU D 292 -52.80 1.46 51.50
C LEU D 292 -51.72 0.36 51.44
N HIS D 293 -51.46 -0.27 52.58
CA HIS D 293 -50.75 -1.55 52.64
C HIS D 293 -51.64 -2.64 52.00
N ALA D 294 -51.15 -3.28 50.94
CA ALA D 294 -51.95 -4.16 50.08
C ALA D 294 -52.56 -5.37 50.80
N GLU D 295 -51.82 -5.95 51.74
CA GLU D 295 -52.27 -7.10 52.55
C GLU D 295 -53.16 -6.69 53.74
N ARG D 296 -52.73 -5.68 54.52
CA ARG D 296 -53.41 -5.25 55.75
C ARG D 296 -54.62 -4.36 55.52
N ASN D 297 -54.77 -3.78 54.32
CA ASN D 297 -55.84 -2.82 53.96
C ASN D 297 -55.96 -1.64 54.94
N VAL D 298 -54.83 -1.14 55.42
CA VAL D 298 -54.73 0.08 56.24
C VAL D 298 -53.86 1.11 55.52
N PRO D 299 -54.05 2.43 55.77
CA PRO D 299 -53.15 3.46 55.25
C PRO D 299 -51.69 3.12 55.54
N ILE D 300 -50.81 3.31 54.56
CA ILE D 300 -49.39 3.06 54.76
C ILE D 300 -48.80 4.09 55.74
N SER D 301 -47.99 3.61 56.68
CA SER D 301 -47.43 4.35 57.80
C SER D 301 -45.96 4.03 58.00
N ASP D 302 -45.27 4.85 58.81
CA ASP D 302 -43.82 4.80 58.98
C ASP D 302 -43.31 3.47 59.59
N ASP D 303 -44.16 2.75 60.32
CA ASP D 303 -43.85 1.46 60.95
C ASP D 303 -43.96 0.24 60.01
N HIS D 304 -44.36 0.46 58.75
CA HIS D 304 -44.43 -0.61 57.75
C HIS D 304 -43.08 -0.92 57.07
N LEU D 305 -42.03 -0.14 57.32
CA LEU D 305 -40.68 -0.49 56.88
C LEU D 305 -40.14 -1.64 57.73
N ARG D 306 -39.69 -2.72 57.08
CA ARG D 306 -38.98 -3.80 57.76
C ARG D 306 -37.60 -3.96 57.14
N ALA D 307 -36.59 -4.11 57.99
CA ALA D 307 -35.24 -4.40 57.54
C ALA D 307 -34.49 -5.31 58.51
N SER D 308 -33.54 -6.06 57.98
CA SER D 308 -32.59 -6.88 58.72
C SER D 308 -31.24 -6.84 58.01
N LEU D 309 -30.18 -7.26 58.69
CA LEU D 309 -28.84 -7.28 58.14
C LEU D 309 -28.41 -8.71 57.84
N GLU D 310 -28.08 -8.99 56.60
CA GLU D 310 -27.52 -10.27 56.19
C GLU D 310 -26.00 -10.16 56.04
N CYS D 311 -25.28 -10.87 56.91
CA CYS D 311 -23.83 -10.86 56.98
C CYS D 311 -23.26 -12.22 56.58
N THR D 312 -22.22 -12.22 55.76
CA THR D 312 -21.43 -13.43 55.49
C THR D 312 -20.22 -13.48 56.42
N TYR D 313 -20.22 -14.49 57.28
CA TYR D 313 -19.12 -14.81 58.17
C TYR D 313 -18.16 -15.80 57.52
N VAL D 314 -16.87 -15.68 57.87
CA VAL D 314 -15.84 -16.65 57.49
C VAL D 314 -15.39 -17.38 58.75
N HIS D 315 -15.44 -18.70 58.71
CA HIS D 315 -14.88 -19.59 59.74
C HIS D 315 -13.51 -20.07 59.27
N LEU D 316 -12.50 -19.87 60.10
CA LEU D 316 -11.11 -20.21 59.80
C LEU D 316 -10.71 -21.49 60.53
N GLU D 317 -9.73 -22.20 59.98
CA GLU D 317 -9.02 -23.23 60.74
C GLU D 317 -8.31 -22.61 61.95
N ALA D 318 -8.22 -23.36 63.06
CA ALA D 318 -7.67 -22.89 64.32
C ALA D 318 -6.28 -22.23 64.17
N ALA D 319 -5.39 -22.82 63.37
CA ALA D 319 -4.05 -22.26 63.16
C ALA D 319 -4.08 -20.86 62.52
N GLU D 320 -4.95 -20.62 61.53
CA GLU D 320 -5.08 -19.32 60.87
C GLU D 320 -5.79 -18.32 61.78
N ARG D 321 -6.82 -18.76 62.50
CA ARG D 321 -7.53 -17.96 63.51
C ARG D 321 -6.59 -17.47 64.61
N ASP D 322 -5.73 -18.35 65.13
CA ASP D 322 -4.76 -18.03 66.18
C ASP D 322 -3.70 -17.06 65.65
N ALA D 323 -3.21 -17.28 64.42
CA ALA D 323 -2.27 -16.37 63.77
C ALA D 323 -2.86 -14.97 63.58
N LEU D 324 -4.11 -14.88 63.13
CA LEU D 324 -4.81 -13.61 62.93
C LEU D 324 -5.09 -12.89 64.25
N THR D 325 -5.42 -13.64 65.31
CA THR D 325 -5.64 -13.07 66.65
C THR D 325 -4.33 -12.51 67.22
N ALA D 326 -3.21 -13.21 67.02
CA ALA D 326 -1.90 -12.77 67.47
C ALA D 326 -1.37 -11.57 66.68
N ASN D 327 -1.63 -11.51 65.37
CA ASN D 327 -1.10 -10.45 64.51
C ASN D 327 -2.00 -10.14 63.30
N ALA D 328 -3.11 -9.45 63.52
CA ALA D 328 -3.93 -8.91 62.43
C ALA D 328 -3.31 -7.70 61.73
N GLY D 329 -2.39 -6.98 62.41
CA GLY D 329 -1.65 -5.86 61.85
C GLY D 329 -2.54 -4.70 61.40
N THR D 330 -2.38 -4.29 60.14
CA THR D 330 -3.05 -3.13 59.54
C THR D 330 -3.70 -3.51 58.23
N GLN D 331 -4.88 -2.96 57.95
CA GLN D 331 -5.55 -3.03 56.65
C GLN D 331 -5.57 -1.64 56.01
N LEU D 332 -5.22 -1.57 54.72
CA LEU D 332 -5.52 -0.41 53.91
C LEU D 332 -7.04 -0.34 53.72
N ILE D 333 -7.63 0.81 54.01
CA ILE D 333 -9.06 1.02 53.85
C ILE D 333 -9.33 2.20 52.93
N VAL D 334 -10.48 2.17 52.27
CA VAL D 334 -11.03 3.32 51.57
C VAL D 334 -12.20 3.85 52.40
N GLN D 335 -12.15 5.14 52.71
CA GLN D 335 -13.23 5.87 53.38
C GLN D 335 -13.88 6.84 52.39
N HIS D 336 -15.15 7.16 52.63
CA HIS D 336 -15.90 8.11 51.83
C HIS D 336 -16.11 9.43 52.57
N GLN D 337 -15.98 10.53 51.83
CA GLN D 337 -16.22 11.89 52.31
C GLN D 337 -17.22 12.59 51.40
N ALA D 338 -18.00 13.53 51.93
CA ALA D 338 -19.08 14.19 51.21
C ALA D 338 -19.03 15.71 51.38
N HIS D 339 -19.24 16.44 50.29
CA HIS D 339 -19.51 17.86 50.25
C HIS D 339 -20.87 18.04 49.58
N LEU D 340 -21.83 18.52 50.34
CA LEU D 340 -23.22 18.71 49.90
C LEU D 340 -23.53 20.21 49.90
N GLN D 341 -23.99 20.73 48.78
CA GLN D 341 -24.18 22.16 48.60
C GLN D 341 -25.48 22.46 47.86
N GLN D 342 -26.17 23.54 48.25
CA GLN D 342 -27.31 24.07 47.50
C GLN D 342 -26.81 24.96 46.34
N VAL D 343 -27.52 24.91 45.23
CA VAL D 343 -27.22 25.58 43.97
C VAL D 343 -28.37 26.52 43.62
N SER D 344 -28.01 27.79 43.44
CA SER D 344 -28.94 28.89 43.13
C SER D 344 -28.44 29.79 41.99
N SER D 345 -27.40 29.36 41.28
CA SER D 345 -26.77 30.10 40.18
C SER D 345 -26.10 29.15 39.19
N ASN D 346 -25.96 29.61 37.94
CA ASN D 346 -25.32 28.81 36.89
C ASN D 346 -23.81 28.64 37.09
N ASN D 347 -23.17 29.55 37.83
CA ASN D 347 -21.77 29.40 38.23
C ASN D 347 -21.72 28.96 39.69
N VAL D 348 -21.07 27.83 39.95
CA VAL D 348 -20.98 27.23 41.28
C VAL D 348 -19.52 26.88 41.55
N THR D 349 -19.00 27.30 42.70
CA THR D 349 -17.71 26.86 43.19
C THR D 349 -17.92 26.02 44.45
N ALA D 350 -17.51 24.76 44.40
CA ALA D 350 -17.49 23.87 45.56
C ALA D 350 -16.09 23.82 46.17
N ARG D 351 -15.97 24.23 47.44
CA ARG D 351 -14.73 24.12 48.22
C ARG D 351 -14.66 22.77 48.89
N LEU D 352 -13.83 21.88 48.37
CA LEU D 352 -13.74 20.48 48.78
C LEU D 352 -12.79 20.35 49.98
N ASN D 353 -13.34 20.48 51.19
CA ASN D 353 -12.60 20.33 52.44
C ASN D 353 -12.39 18.85 52.82
N PHE D 354 -12.05 18.01 51.85
CA PHE D 354 -11.74 16.60 52.10
C PHE D 354 -10.32 16.45 52.64
N ASN D 355 -10.09 15.35 53.35
CA ASN D 355 -8.80 15.01 53.93
C ASN D 355 -8.24 13.71 53.35
N PHE D 356 -7.00 13.41 53.72
CA PHE D 356 -6.25 12.20 53.38
C PHE D 356 -5.89 12.09 51.88
N PRO D 357 -5.15 11.05 51.47
CA PRO D 357 -4.90 10.73 50.08
C PRO D 357 -6.21 10.33 49.35
N VAL D 358 -6.80 11.27 48.62
CA VAL D 358 -7.97 11.09 47.78
C VAL D 358 -7.58 10.33 46.50
N LEU D 359 -8.25 9.21 46.25
CA LEU D 359 -8.10 8.39 45.04
C LEU D 359 -8.80 9.05 43.86
N GLU D 360 -10.04 9.46 44.09
CA GLU D 360 -10.96 9.99 43.10
C GLU D 360 -12.11 10.73 43.79
N PHE D 361 -12.86 11.50 43.00
CA PHE D 361 -14.13 12.05 43.42
C PHE D 361 -15.18 11.89 42.33
N TYR D 362 -16.44 11.88 42.77
CA TYR D 362 -17.64 11.90 41.94
C TYR D 362 -18.40 13.19 42.25
N TYR D 363 -19.04 13.75 41.25
CA TYR D 363 -20.01 14.81 41.48
C TYR D 363 -21.17 14.70 40.52
N PHE D 364 -22.31 15.26 40.92
CA PHE D 364 -23.53 15.32 40.13
C PHE D 364 -24.50 16.32 40.77
N LEU D 365 -25.46 16.77 39.97
CA LEU D 365 -26.46 17.72 40.41
C LEU D 365 -27.85 17.09 40.39
N ARG D 366 -28.72 17.52 41.30
CA ARG D 366 -30.14 17.18 41.28
C ARG D 366 -30.96 18.45 41.32
N ARG D 367 -31.82 18.62 40.32
CA ARG D 367 -32.81 19.69 40.30
C ARG D 367 -33.77 19.53 41.47
N LYS D 368 -34.19 20.65 42.06
CA LYS D 368 -35.23 20.64 43.09
C LYS D 368 -36.51 19.99 42.53
N ALA D 369 -36.89 20.32 41.30
CA ALA D 369 -38.11 19.79 40.70
C ALA D 369 -38.07 18.25 40.55
N ASN D 370 -36.92 17.67 40.17
CA ASN D 370 -36.77 16.20 40.08
C ASN D 370 -36.91 15.54 41.46
N LYS D 371 -36.32 16.14 42.50
CA LYS D 371 -36.43 15.66 43.88
C LYS D 371 -37.88 15.72 44.38
N ASP D 372 -38.56 16.84 44.13
CA ASP D 372 -39.95 17.06 44.54
C ASP D 372 -40.93 16.14 43.79
N ALA D 373 -40.62 15.79 42.53
CA ALA D 373 -41.37 14.80 41.75
C ALA D 373 -41.13 13.35 42.20
N GLY D 374 -40.22 13.12 43.17
CA GLY D 374 -39.87 11.79 43.67
C GLY D 374 -38.89 11.02 42.77
N ASP D 375 -38.29 11.67 41.78
CA ASP D 375 -37.31 11.07 40.85
C ASP D 375 -35.87 11.32 41.37
N HIS D 376 -35.56 10.71 42.52
CA HIS D 376 -34.39 11.04 43.36
C HIS D 376 -33.03 10.81 42.70
N PHE D 377 -32.96 9.93 41.70
CA PHE D 377 -31.73 9.61 40.98
C PHE D 377 -31.70 10.18 39.56
N ASN D 378 -32.61 11.10 39.26
CA ASN D 378 -32.57 11.87 38.04
C ASN D 378 -31.70 13.11 38.21
N PHE D 379 -30.46 12.94 37.77
CA PHE D 379 -29.43 13.98 37.77
C PHE D 379 -29.39 14.81 36.48
N SER D 380 -30.43 14.74 35.65
CA SER D 380 -30.50 15.56 34.45
C SER D 380 -30.88 17.02 34.76
N GLY D 381 -30.50 17.90 33.84
CA GLY D 381 -30.85 19.31 33.81
C GLY D 381 -32.27 19.58 33.31
N ILE D 382 -32.46 20.78 32.76
CA ILE D 382 -33.76 21.26 32.29
C ILE D 382 -34.04 20.55 30.97
N GLY D 383 -35.26 20.02 30.80
CA GLY D 383 -35.63 19.24 29.61
C GLY D 383 -34.81 17.97 29.41
N GLY D 384 -34.24 17.41 30.48
CA GLY D 384 -33.43 16.18 30.41
C GLY D 384 -32.01 16.38 29.85
N ARG D 385 -31.56 17.63 29.67
CA ARG D 385 -30.20 17.96 29.18
C ARG D 385 -29.13 17.71 30.23
N ASP D 386 -27.87 17.80 29.82
CA ASP D 386 -26.73 17.70 30.75
C ASP D 386 -26.66 18.98 31.62
N PRO D 387 -26.75 18.91 32.96
CA PRO D 387 -26.79 20.11 33.79
C PRO D 387 -25.46 20.84 33.85
N VAL D 388 -24.34 20.17 33.56
CA VAL D 388 -23.01 20.76 33.55
C VAL D 388 -22.63 21.11 32.11
N VAL D 389 -22.19 22.33 31.88
CA VAL D 389 -21.58 22.73 30.60
C VAL D 389 -20.09 22.41 30.64
N SER D 390 -19.41 22.88 31.70
CA SER D 390 -18.00 22.65 31.91
C SER D 390 -17.62 22.66 33.39
N ALA D 391 -16.48 22.07 33.70
CA ALA D 391 -15.90 22.12 35.04
C ALA D 391 -14.38 22.28 34.99
N GLU D 392 -13.83 22.87 36.05
CA GLU D 392 -12.41 23.08 36.29
C GLU D 392 -12.06 22.65 37.73
N LEU D 393 -10.90 22.02 37.92
CA LEU D 393 -10.39 21.65 39.24
C LEU D 393 -9.15 22.46 39.57
N LEU D 394 -9.18 23.19 40.69
CA LEU D 394 -8.10 24.06 41.14
C LEU D 394 -7.51 23.54 42.46
N PHE D 395 -6.18 23.52 42.54
CA PHE D 395 -5.41 23.33 43.78
C PHE D 395 -4.69 24.63 44.10
N ASN D 396 -4.93 25.22 45.27
CA ASN D 396 -4.30 26.48 45.69
C ASN D 396 -4.38 27.55 44.58
N ASN D 397 -5.58 27.72 43.98
CA ASN D 397 -5.87 28.62 42.85
C ASN D 397 -5.11 28.35 41.54
N THR D 398 -4.43 27.21 41.42
CA THR D 398 -3.76 26.77 40.19
C THR D 398 -4.55 25.63 39.56
N ALA D 399 -4.83 25.73 38.25
CA ALA D 399 -5.59 24.72 37.52
C ALA D 399 -4.85 23.37 37.53
N ARG D 400 -5.39 22.40 38.27
CA ARG D 400 -4.95 21.00 38.22
C ARG D 400 -5.55 20.30 37.01
N VAL D 401 -6.81 20.60 36.71
CA VAL D 401 -7.47 20.25 35.45
C VAL D 401 -8.09 21.53 34.95
N THR D 402 -7.61 22.03 33.80
CA THR D 402 -8.21 23.20 33.14
C THR D 402 -9.65 22.92 32.74
N GLN D 403 -10.40 23.97 32.40
CA GLN D 403 -11.80 23.83 31.99
C GLN D 403 -11.99 22.75 30.91
N LYS D 404 -12.83 21.75 31.24
CA LYS D 404 -13.23 20.67 30.32
C LYS D 404 -14.75 20.57 30.24
N PRO D 405 -15.30 20.19 29.07
CA PRO D 405 -16.74 20.03 28.89
C PRO D 405 -17.27 18.83 29.70
N ALA D 406 -18.55 18.84 30.04
CA ALA D 406 -19.24 17.77 30.80
C ALA D 406 -18.93 16.35 30.31
N VAL D 407 -18.94 16.14 28.98
CA VAL D 407 -18.69 14.82 28.38
C VAL D 407 -17.31 14.25 28.74
N TRP D 408 -16.31 15.10 28.96
CA TRP D 408 -14.99 14.65 29.36
C TRP D 408 -15.00 14.09 30.79
N TRP D 409 -15.63 14.82 31.73
CA TRP D 409 -15.77 14.38 33.11
C TRP D 409 -16.70 13.16 33.28
N ARG D 410 -17.70 13.02 32.41
CA ARG D 410 -18.67 11.91 32.48
C ARG D 410 -18.23 10.67 31.73
N ALA D 411 -17.82 10.82 30.48
CA ALA D 411 -17.56 9.68 29.59
C ALA D 411 -16.09 9.32 29.50
N VAL D 412 -15.19 10.30 29.40
CA VAL D 412 -13.74 10.02 29.25
C VAL D 412 -13.15 9.49 30.56
N GLN D 413 -13.48 10.11 31.69
CA GLN D 413 -13.02 9.63 32.99
C GLN D 413 -13.57 8.23 33.31
N ALA D 414 -14.85 7.98 33.06
CA ALA D 414 -15.43 6.64 33.21
C ALA D 414 -14.77 5.60 32.30
N LEU D 415 -14.53 5.94 31.02
CA LEU D 415 -13.84 5.06 30.08
C LEU D 415 -12.41 4.68 30.54
N GLN D 416 -11.71 5.61 31.17
CA GLN D 416 -10.31 5.43 31.57
C GLN D 416 -10.16 4.62 32.87
N PHE D 417 -11.07 4.79 33.82
CA PHE D 417 -10.86 4.35 35.20
C PHE D 417 -11.94 3.45 35.78
N HIS D 418 -13.09 3.32 35.11
CA HIS D 418 -14.25 2.62 35.65
C HIS D 418 -14.71 1.43 34.80
N SER D 419 -15.34 0.47 35.47
CA SER D 419 -15.92 -0.73 34.83
C SER D 419 -17.12 -0.42 33.93
N SER D 420 -17.76 0.75 34.09
CA SER D 420 -18.95 1.15 33.34
C SER D 420 -19.02 2.66 33.13
N ALA D 421 -19.72 3.07 32.08
CA ALA D 421 -20.11 4.47 31.87
C ALA D 421 -21.49 4.71 32.48
N PRO D 422 -21.70 5.83 33.19
CA PRO D 422 -22.96 6.12 33.85
C PRO D 422 -24.06 6.43 32.81
N LEU D 423 -25.28 5.92 33.05
CA LEU D 423 -26.47 6.21 32.23
C LEU D 423 -27.10 7.55 32.61
N THR D 424 -26.77 8.06 33.79
CA THR D 424 -27.19 9.36 34.32
C THR D 424 -26.03 10.36 34.30
N ASN D 425 -26.30 11.64 34.58
CA ASN D 425 -25.30 12.71 34.56
C ASN D 425 -24.42 12.70 35.82
N ILE D 426 -23.68 11.61 36.01
CA ILE D 426 -22.65 11.45 37.03
C ILE D 426 -21.30 11.72 36.40
N TYR D 427 -20.52 12.59 37.03
CA TYR D 427 -19.19 12.96 36.60
C TYR D 427 -18.18 12.40 37.60
N SER D 428 -16.98 12.04 37.13
CA SER D 428 -15.92 11.57 37.99
C SER D 428 -14.58 12.14 37.59
N TYR D 429 -13.61 12.06 38.50
CA TYR D 429 -12.21 12.29 38.21
C TYR D 429 -11.33 11.44 39.11
N SER D 430 -10.41 10.70 38.50
CA SER D 430 -9.50 9.83 39.23
C SER D 430 -8.07 10.36 39.22
N PHE D 431 -7.44 10.36 40.40
CA PHE D 431 -5.99 10.48 40.58
C PHE D 431 -5.30 9.11 40.55
N SER D 432 -6.06 8.03 40.69
CA SER D 432 -5.60 6.64 40.70
C SER D 432 -5.72 6.02 39.31
N LEU D 433 -4.75 5.19 38.90
CA LEU D 433 -4.82 4.44 37.64
C LEU D 433 -5.88 3.32 37.68
N SER D 434 -6.15 2.80 38.87
CA SER D 434 -7.11 1.71 39.10
C SER D 434 -7.86 1.96 40.43
N PRO D 435 -8.77 2.93 40.50
CA PRO D 435 -9.47 3.29 41.73
C PRO D 435 -10.44 2.20 42.24
N GLU D 436 -10.79 1.24 41.38
CA GLU D 436 -11.61 0.08 41.73
C GLU D 436 -10.80 -1.09 42.33
N ASP D 437 -9.46 -1.05 42.27
CA ASP D 437 -8.60 -2.03 42.96
C ASP D 437 -8.54 -1.69 44.46
N PRO D 438 -9.08 -2.55 45.33
CA PRO D 438 -9.16 -2.25 46.76
C PRO D 438 -7.86 -2.51 47.52
N ILE D 439 -6.89 -3.23 46.94
CA ILE D 439 -5.67 -3.67 47.64
C ILE D 439 -4.39 -3.06 47.08
N THR D 440 -4.41 -2.54 45.86
CA THR D 440 -3.22 -1.96 45.22
C THR D 440 -3.39 -0.46 45.00
N PRO D 441 -2.78 0.40 45.85
CA PRO D 441 -2.73 1.84 45.59
C PRO D 441 -2.08 2.13 44.24
N SER D 442 -2.75 2.94 43.43
CA SER D 442 -2.31 3.25 42.06
C SER D 442 -2.32 4.74 41.73
N GLY D 443 -2.27 5.59 42.75
CA GLY D 443 -2.26 7.05 42.64
C GLY D 443 -3.24 7.70 43.62
N SER D 444 -2.91 8.90 44.08
CA SER D 444 -3.77 9.73 44.93
C SER D 444 -3.28 11.18 44.97
N ALA D 445 -4.14 12.08 45.41
CA ALA D 445 -3.77 13.44 45.79
C ALA D 445 -4.08 13.64 47.28
N ASN D 446 -3.09 14.07 48.07
CA ASN D 446 -3.28 14.26 49.51
C ASN D 446 -3.93 15.60 49.81
N PHE D 447 -5.25 15.60 50.03
CA PHE D 447 -6.00 16.84 50.25
C PHE D 447 -5.70 17.46 51.62
N SER D 448 -5.23 16.68 52.61
CA SER D 448 -4.76 17.25 53.89
C SER D 448 -3.50 18.10 53.79
N ARG D 449 -2.88 18.19 52.60
CA ARG D 449 -1.69 19.02 52.33
C ARG D 449 -1.96 20.15 51.35
N LEU D 450 -3.21 20.30 50.91
CA LEU D 450 -3.64 21.39 50.03
C LEU D 450 -4.42 22.40 50.87
N ASP D 451 -4.11 23.68 50.72
CA ASP D 451 -4.80 24.75 51.46
C ASP D 451 -6.20 24.98 50.88
N SER D 452 -6.34 24.86 49.55
CA SER D 452 -7.62 24.90 48.88
C SER D 452 -7.72 23.89 47.74
N VAL D 453 -8.86 23.20 47.70
CA VAL D 453 -9.30 22.41 46.55
C VAL D 453 -10.67 22.94 46.13
N GLU D 454 -10.75 23.47 44.91
CA GLU D 454 -12.00 24.04 44.39
C GLU D 454 -12.41 23.33 43.11
N LEU D 455 -13.66 22.88 43.05
CA LEU D 455 -14.33 22.43 41.83
C LEU D 455 -15.24 23.56 41.36
N ALA D 456 -14.84 24.22 40.28
CA ALA D 456 -15.61 25.29 39.65
C ALA D 456 -16.45 24.70 38.52
N LEU D 457 -17.76 24.94 38.56
CA LEU D 457 -18.75 24.45 37.61
C LEU D 457 -19.42 25.62 36.89
N THR D 458 -19.50 25.49 35.57
CA THR D 458 -20.45 26.25 34.75
C THR D 458 -21.58 25.30 34.38
N LEU D 459 -22.78 25.61 34.84
CA LEU D 459 -23.99 24.86 34.63
C LEU D 459 -24.75 25.41 33.42
N GLN D 460 -25.75 24.65 32.96
CA GLN D 460 -26.67 25.10 31.92
C GLN D 460 -27.34 26.43 32.33
N ASP D 461 -27.82 27.17 31.34
CA ASP D 461 -28.59 28.38 31.59
C ASP D 461 -29.82 28.10 32.45
N ASP D 462 -30.14 29.06 33.33
CA ASP D 462 -31.26 29.04 34.26
C ASP D 462 -31.24 27.88 35.29
N PHE D 463 -30.13 27.12 35.40
CA PHE D 463 -29.97 26.12 36.46
C PHE D 463 -29.92 26.78 37.84
N GLY D 464 -30.80 26.34 38.74
CA GLY D 464 -30.90 26.92 40.09
C GLY D 464 -31.70 28.23 40.15
N ALA D 465 -32.28 28.68 39.04
CA ALA D 465 -33.19 29.82 39.01
C ALA D 465 -34.65 29.41 39.26
N ALA D 466 -35.48 30.36 39.70
CA ALA D 466 -36.94 30.21 39.84
C ALA D 466 -37.38 28.90 40.55
N HIS D 467 -38.14 28.05 39.85
CA HIS D 467 -38.69 26.78 40.38
C HIS D 467 -37.61 25.76 40.78
N ASP D 468 -36.37 25.95 40.35
CA ASP D 468 -35.22 25.11 40.71
C ASP D 468 -34.28 25.77 41.74
N ALA D 469 -34.71 26.86 42.38
CA ALA D 469 -33.98 27.43 43.50
C ALA D 469 -33.78 26.36 44.60
N ASN D 470 -32.53 26.18 45.06
CA ASN D 470 -32.11 25.10 45.96
C ASN D 470 -32.06 23.73 45.29
N SER D 471 -31.55 23.70 44.05
CA SER D 471 -31.04 22.46 43.47
C SER D 471 -29.80 22.01 44.27
N GLU D 472 -29.45 20.74 44.18
CA GLU D 472 -28.41 20.14 45.03
C GLU D 472 -27.18 19.78 44.19
N LEU D 473 -25.98 20.10 44.70
CA LEU D 473 -24.71 19.57 44.24
C LEU D 473 -24.21 18.55 45.26
N PHE D 474 -23.91 17.35 44.77
CA PHE D 474 -23.27 16.30 45.53
C PHE D 474 -21.84 16.16 45.03
N VAL D 475 -20.88 16.17 45.95
CA VAL D 475 -19.50 15.76 45.67
C VAL D 475 -19.09 14.72 46.70
N PHE D 476 -18.68 13.55 46.24
CA PHE D 476 -18.19 12.47 47.10
C PHE D 476 -16.75 12.15 46.74
N ALA D 477 -15.89 11.97 47.72
CA ALA D 477 -14.50 11.56 47.52
C ALA D 477 -14.23 10.21 48.19
N ARG D 478 -13.37 9.41 47.56
CA ARG D 478 -12.82 8.18 48.12
C ARG D 478 -11.38 8.45 48.54
N SER D 479 -11.05 8.16 49.80
CA SER D 479 -9.71 8.42 50.36
C SER D 479 -9.12 7.19 51.02
N TYR D 480 -7.81 7.03 50.93
CA TYR D 480 -7.09 6.01 51.68
C TYR D 480 -6.95 6.40 53.15
N ASN D 481 -7.13 5.43 54.04
CA ASN D 481 -6.70 5.48 55.43
C ASN D 481 -6.21 4.07 55.83
N ILE D 482 -5.77 3.91 57.06
CA ILE D 482 -5.29 2.64 57.61
C ILE D 482 -6.11 2.30 58.84
N LEU D 483 -6.69 1.10 58.87
CA LEU D 483 -7.30 0.53 60.06
C LEU D 483 -6.29 -0.38 60.75
N LYS D 484 -6.02 -0.12 62.02
CA LYS D 484 -5.05 -0.87 62.82
C LYS D 484 -5.77 -1.75 63.84
N PHE D 485 -5.34 -3.00 63.94
CA PHE D 485 -5.80 -3.97 64.92
C PHE D 485 -4.67 -4.25 65.92
N THR D 486 -4.91 -4.10 67.21
CA THR D 486 -3.90 -4.35 68.25
C THR D 486 -4.57 -4.75 69.56
N ASN D 487 -4.13 -5.86 70.15
CA ASN D 487 -4.60 -6.33 71.47
C ASN D 487 -6.13 -6.43 71.60
N GLY D 488 -6.81 -6.91 70.56
CA GLY D 488 -8.27 -7.06 70.56
C GLY D 488 -9.05 -5.77 70.28
N LEU D 489 -8.37 -4.67 69.94
CA LEU D 489 -8.96 -3.37 69.63
C LEU D 489 -8.70 -3.02 68.16
N ALA D 490 -9.61 -2.23 67.57
CA ALA D 490 -9.50 -1.71 66.22
C ALA D 490 -9.68 -0.20 66.20
N GLY D 491 -8.85 0.53 65.43
CA GLY D 491 -8.94 1.98 65.33
C GLY D 491 -8.30 2.53 64.06
N ALA E 11 5.82 22.85 43.19
CA ALA E 11 6.05 22.78 44.64
C ALA E 11 5.11 21.78 45.32
N GLY E 12 3.83 21.75 44.95
CA GLY E 12 2.85 20.81 45.51
C GLY E 12 3.11 19.33 45.17
N SER E 13 3.40 19.01 43.89
CA SER E 13 3.63 17.63 43.47
C SER E 13 4.92 17.04 44.04
N LEU E 14 5.98 17.83 44.13
CA LEU E 14 7.21 17.41 44.81
C LEU E 14 7.00 17.25 46.32
N THR E 15 6.21 18.15 46.94
CA THR E 15 5.87 18.06 48.37
C THR E 15 5.08 16.80 48.67
N GLN E 16 4.17 16.36 47.79
CA GLN E 16 3.45 15.09 47.95
C GLN E 16 4.40 13.88 47.98
N LEU E 17 5.44 13.86 47.14
CA LEU E 17 6.44 12.78 47.15
C LEU E 17 7.32 12.78 48.41
N LEU E 18 7.49 13.95 49.04
CA LEU E 18 8.23 14.11 50.29
C LEU E 18 7.37 13.87 51.54
N ALA E 19 6.06 14.07 51.44
CA ALA E 19 5.09 13.90 52.52
C ALA E 19 4.79 12.40 52.76
N THR E 20 5.82 11.65 53.12
CA THR E 20 5.74 10.23 53.46
C THR E 20 6.09 10.02 54.92
N GLY E 21 5.40 9.08 55.57
CA GLY E 21 5.62 8.68 56.95
C GLY E 21 5.83 7.16 57.10
N SER E 22 5.84 6.68 58.33
CA SER E 22 6.04 5.26 58.64
C SER E 22 4.95 4.35 58.06
N MET E 23 3.72 4.84 57.86
CA MET E 23 2.64 4.08 57.22
C MET E 23 2.91 3.84 55.72
N ASP E 24 3.46 4.82 55.02
CA ASP E 24 3.76 4.71 53.59
C ASP E 24 4.87 3.68 53.31
N ALA E 25 5.73 3.42 54.30
CA ALA E 25 6.80 2.45 54.18
C ALA E 25 6.27 1.05 53.89
N ALA E 26 5.14 0.65 54.48
CA ALA E 26 4.50 -0.64 54.22
C ALA E 26 3.99 -0.79 52.78
N LEU E 27 3.76 0.33 52.08
CA LEU E 27 3.18 0.35 50.74
C LEU E 27 4.21 0.64 49.63
N THR E 28 5.22 1.46 49.92
CA THR E 28 6.09 2.05 48.89
C THR E 28 7.59 1.88 49.15
N GLN E 29 8.00 1.52 50.36
CA GLN E 29 9.42 1.28 50.64
C GLN E 29 9.90 0.06 49.86
N ASN E 30 11.04 0.18 49.19
CA ASN E 30 11.61 -0.87 48.33
C ASN E 30 10.63 -1.33 47.23
N ALA E 31 9.89 -0.39 46.63
CA ALA E 31 8.95 -0.69 45.55
C ALA E 31 9.58 -1.58 44.47
N THR E 32 8.95 -2.73 44.21
CA THR E 32 9.38 -3.73 43.22
C THR E 32 8.71 -3.56 41.86
N ARG E 33 7.83 -2.58 41.73
CA ARG E 33 7.05 -2.28 40.52
C ARG E 33 7.05 -0.77 40.25
N THR E 34 7.11 -0.41 38.96
CA THR E 34 6.89 0.96 38.48
C THR E 34 5.74 0.99 37.47
N PHE E 35 4.99 2.07 37.44
CA PHE E 35 3.95 2.31 36.43
C PHE E 35 4.50 2.90 35.12
N TRP E 36 5.75 3.39 35.13
CA TRP E 36 6.32 4.19 34.04
C TRP E 36 7.27 3.40 33.13
N LYS E 37 7.47 2.10 33.40
CA LYS E 37 8.24 1.20 32.56
C LYS E 37 7.55 -0.15 32.49
N SER E 38 7.26 -0.62 31.29
CA SER E 38 6.73 -1.97 31.08
C SER E 38 7.83 -3.01 31.26
N SER E 39 7.49 -4.08 31.98
CA SER E 39 8.26 -5.33 32.01
C SER E 39 7.39 -6.42 31.39
N TYR E 40 7.96 -7.28 30.57
CA TYR E 40 7.28 -8.44 29.99
C TYR E 40 8.10 -9.70 30.26
N GLN E 41 7.43 -10.86 30.29
CA GLN E 41 8.06 -12.16 30.38
C GLN E 41 8.15 -12.79 28.98
N LYS E 42 9.25 -13.48 28.70
CA LYS E 42 9.37 -14.31 27.48
C LYS E 42 8.63 -15.63 27.72
N HIS E 43 8.02 -16.19 26.68
CA HIS E 43 7.32 -17.47 26.71
C HIS E 43 7.95 -18.46 25.72
N SER E 44 7.66 -19.75 25.84
CA SER E 44 8.04 -20.79 24.87
C SER E 44 7.24 -20.65 23.57
N LEU E 45 7.75 -21.22 22.48
CA LEU E 45 7.06 -21.21 21.19
C LEU E 45 5.93 -22.24 21.17
N PHE E 46 4.75 -21.83 20.70
CA PHE E 46 3.60 -22.70 20.48
C PHE E 46 2.74 -22.17 19.31
N ALA E 47 1.92 -23.04 18.75
CA ALA E 47 0.91 -22.68 17.74
C ALA E 47 -0.43 -23.32 18.05
N LEU E 48 -1.53 -22.68 17.63
CA LEU E 48 -2.89 -23.19 17.76
C LEU E 48 -3.44 -23.57 16.39
N GLU E 49 -4.13 -24.68 16.31
CA GLU E 49 -4.80 -25.15 15.09
C GLU E 49 -6.21 -25.65 15.43
N SER E 50 -7.23 -25.15 14.73
CA SER E 50 -8.60 -25.64 14.87
C SER E 50 -8.88 -26.70 13.80
N ILE E 51 -9.33 -27.88 14.21
CA ILE E 51 -9.59 -28.99 13.31
C ILE E 51 -10.96 -29.59 13.59
N ASN E 52 -11.78 -29.67 12.54
CA ASN E 52 -13.09 -30.29 12.57
C ASN E 52 -13.02 -31.79 12.25
N GLN E 53 -13.70 -32.62 13.04
CA GLN E 53 -13.65 -34.07 12.96
C GLN E 53 -15.07 -34.67 12.98
N PRO E 54 -15.37 -35.65 12.11
CA PRO E 54 -16.67 -36.30 12.10
C PRO E 54 -16.81 -37.28 13.28
N PHE E 55 -18.04 -37.54 13.70
CA PHE E 55 -18.32 -38.61 14.66
C PHE E 55 -17.92 -39.98 14.10
N THR E 56 -17.50 -40.88 15.00
CA THR E 56 -17.15 -42.27 14.66
C THR E 56 -18.40 -43.10 14.39
N THR E 57 -19.50 -42.79 15.06
CA THR E 57 -20.82 -43.39 14.82
C THR E 57 -21.76 -42.40 14.14
N GLN E 58 -22.86 -42.92 13.60
CA GLN E 58 -23.91 -42.06 13.04
C GLN E 58 -24.49 -41.12 14.10
N VAL E 59 -24.73 -39.87 13.69
CA VAL E 59 -25.42 -38.85 14.48
C VAL E 59 -26.89 -38.83 14.06
N GLN E 60 -27.79 -39.00 15.03
CA GLN E 60 -29.24 -39.00 14.84
C GLN E 60 -29.93 -38.46 16.09
N PHE E 61 -31.09 -37.83 15.92
CA PHE E 61 -31.93 -37.44 17.05
C PHE E 61 -32.32 -38.66 17.90
N GLY E 62 -32.34 -38.49 19.23
CA GLY E 62 -32.71 -39.52 20.20
C GLY E 62 -31.70 -40.66 20.38
N ALA E 63 -30.65 -40.73 19.56
CA ALA E 63 -29.60 -41.74 19.65
C ALA E 63 -28.43 -41.27 20.53
N GLU E 64 -27.51 -42.19 20.82
CA GLU E 64 -26.19 -41.87 21.36
C GLU E 64 -25.14 -42.01 20.26
N SER E 65 -24.24 -41.04 20.17
CA SER E 65 -23.13 -41.05 19.22
C SER E 65 -21.82 -40.81 19.94
N HIS E 66 -20.72 -41.35 19.43
CA HIS E 66 -19.40 -41.05 19.97
C HIS E 66 -18.39 -40.72 18.88
N ILE E 67 -17.36 -40.00 19.29
CA ILE E 67 -16.20 -39.67 18.50
C ILE E 67 -14.93 -40.00 19.29
N THR E 68 -13.97 -40.65 18.64
CA THR E 68 -12.61 -40.75 19.17
C THR E 68 -11.82 -39.55 18.67
N VAL E 69 -11.37 -38.71 19.61
CA VAL E 69 -10.65 -37.46 19.31
C VAL E 69 -9.28 -37.78 18.73
N ASN E 70 -8.97 -37.22 17.56
CA ASN E 70 -7.69 -37.41 16.89
C ASN E 70 -6.53 -36.81 17.69
N ARG E 71 -5.31 -37.27 17.41
CA ARG E 71 -4.07 -36.77 18.03
C ARG E 71 -3.30 -35.90 17.03
N GLN E 72 -3.87 -34.74 16.70
CA GLN E 72 -3.31 -33.82 15.70
C GLN E 72 -2.43 -32.72 16.29
N GLY E 73 -2.19 -32.72 17.61
CA GLY E 73 -1.23 -31.84 18.28
C GLY E 73 -0.80 -32.42 19.63
N ASP E 74 -0.12 -31.60 20.44
CA ASP E 74 0.46 -32.04 21.71
C ASP E 74 -0.48 -31.83 22.91
N LEU E 75 -1.28 -30.76 22.87
CA LEU E 75 -2.34 -30.47 23.84
C LEU E 75 -3.69 -30.32 23.14
N LEU E 76 -4.77 -30.55 23.88
CA LEU E 76 -6.14 -30.24 23.48
C LEU E 76 -6.67 -29.09 24.36
N SER E 77 -7.08 -27.99 23.72
CA SER E 77 -7.55 -26.77 24.36
C SER E 77 -9.05 -26.62 24.21
N TRP E 78 -9.55 -25.79 23.30
CA TRP E 78 -10.99 -25.61 23.10
C TRP E 78 -11.64 -26.79 22.39
N MET E 79 -12.92 -27.01 22.70
CA MET E 79 -13.74 -28.05 22.12
C MET E 79 -15.16 -27.51 21.90
N TYR E 80 -15.61 -27.53 20.64
CA TYR E 80 -16.94 -27.10 20.24
C TYR E 80 -17.66 -28.23 19.51
N LEU E 81 -18.91 -28.48 19.87
CA LEU E 81 -19.79 -29.32 19.08
C LEU E 81 -20.38 -28.46 17.96
N LYS E 82 -19.95 -28.74 16.73
CA LYS E 82 -20.50 -28.10 15.53
C LYS E 82 -21.74 -28.87 15.10
N ILE E 83 -22.90 -28.25 15.23
CA ILE E 83 -24.20 -28.85 14.88
C ILE E 83 -24.72 -28.15 13.63
N VAL E 84 -25.22 -28.91 12.67
CA VAL E 84 -25.90 -28.40 11.49
C VAL E 84 -27.35 -28.89 11.52
N LEU E 85 -28.28 -27.94 11.61
CA LEU E 85 -29.72 -28.19 11.58
C LEU E 85 -30.30 -27.72 10.25
N PRO E 86 -31.16 -28.51 9.60
CA PRO E 86 -31.80 -28.07 8.37
C PRO E 86 -32.79 -26.94 8.63
N GLY E 87 -33.03 -26.14 7.60
CA GLY E 87 -34.19 -25.26 7.60
C GLY E 87 -35.49 -26.07 7.66
N LEU E 88 -36.52 -25.48 8.25
CA LEU E 88 -37.85 -26.04 8.41
C LEU E 88 -38.83 -25.33 7.47
N LYS E 89 -39.75 -26.13 6.92
CA LYS E 89 -40.98 -25.67 6.27
C LYS E 89 -42.15 -26.47 6.82
N VAL E 90 -43.36 -26.00 6.60
CA VAL E 90 -44.58 -26.69 7.01
C VAL E 90 -45.53 -26.85 5.85
N GLN E 91 -46.32 -27.92 5.88
CA GLN E 91 -47.39 -28.19 4.94
C GLN E 91 -48.60 -28.76 5.69
N ASN E 92 -49.81 -28.49 5.22
CA ASN E 92 -50.99 -29.11 5.82
C ASN E 92 -50.93 -30.63 5.65
N GLN E 93 -51.34 -31.34 6.70
CA GLN E 93 -51.39 -32.80 6.69
C GLN E 93 -52.24 -33.35 5.54
N ALA E 94 -53.32 -32.66 5.17
CA ALA E 94 -54.20 -33.03 4.05
C ALA E 94 -53.50 -32.99 2.68
N ASP E 95 -52.46 -32.17 2.53
CA ASP E 95 -51.75 -31.99 1.26
C ASP E 95 -50.51 -32.91 1.15
N THR E 96 -50.26 -33.73 2.18
CA THR E 96 -49.02 -34.52 2.29
C THR E 96 -49.26 -35.99 1.92
N VAL E 97 -48.45 -36.54 1.01
CA VAL E 97 -48.56 -37.94 0.52
C VAL E 97 -48.26 -38.98 1.62
N GLN E 98 -47.50 -38.60 2.65
CA GLN E 98 -47.16 -39.40 3.82
C GLN E 98 -47.24 -38.53 5.09
N PRO E 99 -48.43 -38.34 5.66
CA PRO E 99 -48.64 -37.41 6.77
C PRO E 99 -48.11 -37.92 8.12
N THR E 100 -47.75 -39.20 8.22
CA THR E 100 -47.34 -39.84 9.46
C THR E 100 -45.95 -39.37 9.86
N GLN E 101 -45.91 -38.55 10.91
CA GLN E 101 -44.70 -38.03 11.54
C GLN E 101 -44.86 -38.07 13.06
N GLN E 102 -43.76 -37.99 13.79
CA GLN E 102 -43.79 -37.78 15.25
C GLN E 102 -44.58 -36.50 15.58
N SER E 103 -45.25 -36.50 16.73
CA SER E 103 -45.96 -35.32 17.23
C SER E 103 -44.97 -34.27 17.73
N PHE E 104 -45.27 -33.00 17.46
CA PHE E 104 -44.51 -31.84 17.94
C PHE E 104 -45.42 -30.95 18.77
N ALA E 105 -44.86 -30.22 19.73
CA ALA E 105 -45.58 -29.19 20.45
C ALA E 105 -46.14 -28.14 19.48
N SER E 106 -47.37 -27.67 19.73
CA SER E 106 -48.04 -26.70 18.87
C SER E 106 -48.70 -25.58 19.65
N LEU E 107 -48.66 -24.37 19.07
CA LEU E 107 -49.12 -23.15 19.75
C LEU E 107 -50.65 -23.05 19.84
N ASP E 108 -51.38 -23.73 18.95
CA ASP E 108 -52.83 -23.91 19.05
C ASP E 108 -53.25 -24.87 20.19
N ASN E 109 -52.30 -25.59 20.77
CA ASN E 109 -52.49 -26.44 21.94
C ASN E 109 -51.46 -26.10 23.03
N ASP E 110 -51.48 -24.85 23.50
CA ASP E 110 -50.57 -24.36 24.53
C ASP E 110 -50.86 -25.02 25.90
N VAL E 111 -50.16 -26.13 26.16
CA VAL E 111 -50.29 -26.92 27.39
C VAL E 111 -49.88 -26.13 28.62
N ALA E 112 -48.91 -25.20 28.50
CA ALA E 112 -48.46 -24.36 29.61
C ALA E 112 -49.55 -23.35 30.00
N ALA E 113 -50.16 -22.68 29.02
CA ALA E 113 -51.28 -21.78 29.26
C ALA E 113 -52.51 -22.53 29.83
N GLN E 114 -52.81 -23.71 29.31
CA GLN E 114 -53.90 -24.56 29.83
C GLN E 114 -53.65 -24.97 31.29
N ALA E 115 -52.40 -25.34 31.63
CA ALA E 115 -52.03 -25.66 33.00
C ALA E 115 -52.20 -24.44 33.92
N ASP E 116 -51.75 -23.25 33.50
CA ASP E 116 -51.97 -22.01 34.26
C ASP E 116 -53.45 -21.69 34.47
N VAL E 117 -54.28 -21.86 33.44
CA VAL E 117 -55.73 -21.69 33.54
C VAL E 117 -56.33 -22.68 34.55
N SER E 118 -55.86 -23.92 34.59
CA SER E 118 -56.37 -24.95 35.50
C SER E 118 -56.28 -24.57 36.98
N HIS E 119 -55.22 -23.83 37.37
CA HIS E 119 -55.02 -23.37 38.74
C HIS E 119 -55.97 -22.24 39.14
N VAL E 120 -56.47 -21.46 38.17
CA VAL E 120 -57.40 -20.35 38.43
C VAL E 120 -58.87 -20.71 38.21
N LEU E 121 -59.18 -21.88 37.65
CA LEU E 121 -60.56 -22.36 37.47
C LEU E 121 -61.43 -22.25 38.74
N PRO E 122 -60.93 -22.57 39.96
CA PRO E 122 -61.73 -22.43 41.18
C PRO E 122 -62.12 -20.98 41.53
N TYR E 123 -61.46 -20.00 40.92
CA TYR E 123 -61.65 -18.57 41.16
C TYR E 123 -62.45 -17.88 40.05
N ILE E 124 -62.90 -18.62 39.02
CA ILE E 124 -63.75 -18.08 37.98
C ILE E 124 -65.19 -17.98 38.51
N GLU E 125 -65.71 -16.76 38.58
CA GLU E 125 -67.11 -16.49 38.92
C GLU E 125 -67.95 -16.36 37.64
N GLY E 126 -69.13 -17.01 37.60
CA GLY E 126 -70.07 -16.93 36.47
C GLY E 126 -69.99 -18.08 35.45
N ALA E 127 -70.75 -17.95 34.36
CA ALA E 127 -70.97 -19.01 33.36
C ALA E 127 -69.80 -19.15 32.37
N TYR E 128 -68.65 -19.65 32.85
CA TYR E 128 -67.44 -19.80 32.02
C TYR E 128 -67.65 -20.69 30.80
N THR E 129 -68.34 -21.83 30.95
CA THR E 129 -68.49 -22.83 29.88
C THR E 129 -69.23 -22.31 28.66
N GLU E 130 -70.23 -21.45 28.87
CA GLU E 130 -71.12 -20.90 27.82
C GLU E 130 -70.66 -19.53 27.29
N ALA E 131 -69.64 -18.94 27.90
CA ALA E 131 -69.16 -17.61 27.55
C ALA E 131 -68.48 -17.57 26.17
N SER E 132 -68.60 -16.41 25.49
CA SER E 132 -67.84 -16.11 24.27
C SER E 132 -66.33 -16.13 24.54
N LEU E 133 -65.49 -16.30 23.52
CA LEU E 133 -64.03 -16.35 23.69
C LEU E 133 -63.48 -15.10 24.42
N ASN E 134 -63.87 -13.92 23.96
CA ASN E 134 -63.45 -12.65 24.58
C ASN E 134 -63.92 -12.54 26.04
N THR E 135 -65.12 -13.05 26.35
CA THR E 135 -65.63 -13.10 27.72
C THR E 135 -64.84 -14.10 28.57
N LYS E 136 -64.45 -15.26 28.02
CA LYS E 136 -63.60 -16.24 28.72
C LYS E 136 -62.24 -15.65 29.08
N GLU E 137 -61.62 -14.90 28.18
CA GLU E 137 -60.34 -14.23 28.44
C GLU E 137 -60.46 -13.19 29.57
N GLN E 138 -61.54 -12.42 29.60
CA GLN E 138 -61.85 -11.50 30.70
C GLN E 138 -62.02 -12.23 32.04
N LEU E 139 -62.85 -13.28 32.06
CA LEU E 139 -63.09 -14.09 33.25
C LEU E 139 -61.81 -14.74 33.78
N ILE E 140 -60.93 -15.22 32.90
CA ILE E 140 -59.63 -15.78 33.29
C ILE E 140 -58.72 -14.71 33.91
N ALA E 141 -58.67 -13.50 33.34
CA ALA E 141 -57.86 -12.41 33.87
C ALA E 141 -58.38 -11.93 35.25
N GLU E 142 -59.69 -11.86 35.43
CA GLU E 142 -60.31 -11.55 36.74
C GLU E 142 -60.04 -12.66 37.76
N ALA E 143 -60.18 -13.93 37.36
CA ALA E 143 -59.87 -15.08 38.21
C ALA E 143 -58.38 -15.13 38.61
N LYS E 144 -57.47 -14.73 37.70
CA LYS E 144 -56.04 -14.57 38.03
C LYS E 144 -55.84 -13.55 39.14
N ASN E 145 -56.51 -12.38 39.09
CA ASN E 145 -56.45 -11.41 40.18
C ASN E 145 -56.96 -11.99 41.51
N SER E 146 -58.09 -12.70 41.48
CA SER E 146 -58.66 -13.33 42.68
C SER E 146 -57.75 -14.43 43.26
N TYR E 147 -57.18 -15.26 42.40
CA TYR E 147 -56.19 -16.28 42.77
C TYR E 147 -54.96 -15.63 43.40
N GLU E 148 -54.39 -14.60 42.77
CA GLU E 148 -53.17 -13.96 43.27
C GLU E 148 -53.40 -13.16 44.54
N ALA E 149 -54.57 -12.54 44.70
CA ALA E 149 -54.98 -11.91 45.94
C ALA E 149 -55.11 -12.94 47.07
N ALA E 150 -55.74 -14.09 46.80
CA ALA E 150 -55.93 -15.14 47.80
C ALA E 150 -54.63 -15.85 48.21
N LYS E 151 -53.73 -16.10 47.25
CA LYS E 151 -52.48 -16.85 47.48
C LYS E 151 -51.30 -15.99 47.92
N TYR E 152 -51.22 -14.76 47.39
CA TYR E 152 -50.03 -13.92 47.54
C TYR E 152 -50.34 -12.54 48.13
N ASN E 153 -51.59 -12.25 48.52
CA ASN E 153 -52.03 -10.91 48.92
C ASN E 153 -51.65 -9.84 47.88
N ALA E 154 -51.63 -10.21 46.60
CA ALA E 154 -51.27 -9.32 45.52
C ALA E 154 -52.40 -8.30 45.27
N ALA E 155 -52.03 -7.05 45.00
CA ALA E 155 -52.98 -6.07 44.49
C ALA E 155 -53.38 -6.45 43.05
N PRO E 156 -54.66 -6.28 42.67
CA PRO E 156 -55.12 -6.65 41.34
C PRO E 156 -54.45 -5.77 40.28
N LEU E 157 -54.02 -6.39 39.18
CA LEU E 157 -53.59 -5.68 37.99
C LEU E 157 -54.80 -5.32 37.11
N PRO E 158 -54.81 -4.15 36.44
CA PRO E 158 -55.84 -3.85 35.46
C PRO E 158 -55.92 -4.98 34.41
N VAL E 159 -57.13 -5.46 34.10
CA VAL E 159 -57.35 -6.59 33.18
C VAL E 159 -56.65 -6.36 31.82
N ALA E 160 -56.70 -5.13 31.31
CA ALA E 160 -56.03 -4.74 30.06
C ALA E 160 -54.49 -4.94 30.10
N ALA E 161 -53.85 -4.84 31.27
CA ALA E 161 -52.41 -5.07 31.41
C ALA E 161 -52.02 -6.56 31.43
N GLN E 162 -52.98 -7.43 31.75
CA GLN E 162 -52.79 -8.89 31.73
C GLN E 162 -53.04 -9.51 30.36
N MET E 163 -53.86 -8.85 29.55
CA MET E 163 -54.15 -9.23 28.16
C MET E 163 -53.00 -8.80 27.25
N GLN E 164 -51.82 -9.40 27.44
CA GLN E 164 -50.72 -9.25 26.49
C GLN E 164 -50.98 -10.18 25.29
N SER E 165 -51.40 -9.61 24.15
CA SER E 165 -51.34 -10.34 22.89
C SER E 165 -49.88 -10.40 22.46
N THR E 166 -49.29 -11.59 22.48
CA THR E 166 -48.08 -11.80 21.69
C THR E 166 -48.55 -11.74 20.24
N GLU E 167 -48.13 -10.73 19.47
CA GLU E 167 -48.43 -10.65 18.04
C GLU E 167 -47.77 -11.83 17.34
N MET E 168 -48.50 -12.94 17.25
CA MET E 168 -48.09 -14.11 16.51
C MET E 168 -48.43 -13.87 15.03
N PRO E 169 -47.54 -14.26 14.10
CA PRO E 169 -47.81 -14.06 12.69
C PRO E 169 -49.00 -14.89 12.21
N ASP E 170 -49.81 -14.33 11.31
CA ASP E 170 -51.00 -14.96 10.71
C ASP E 170 -50.66 -15.94 9.57
N PHE E 171 -49.54 -16.66 9.68
CA PHE E 171 -49.11 -17.66 8.70
C PHE E 171 -48.58 -18.91 9.39
N ASP E 172 -48.45 -20.01 8.64
CA ASP E 172 -47.95 -21.27 9.17
C ASP E 172 -46.42 -21.32 9.27
N TYR E 173 -45.93 -21.83 10.39
CA TYR E 173 -44.50 -21.99 10.62
C TYR E 173 -44.20 -23.14 11.59
N ALA E 174 -42.94 -23.55 11.58
CA ALA E 174 -42.32 -24.34 12.63
C ALA E 174 -40.92 -23.77 12.92
N TYR E 175 -40.45 -23.94 14.14
CA TYR E 175 -39.14 -23.47 14.55
C TYR E 175 -38.47 -24.44 15.53
N TRP E 176 -37.14 -24.42 15.53
CA TRP E 176 -36.32 -25.08 16.53
C TRP E 176 -36.49 -24.37 17.89
N THR E 177 -36.63 -25.14 18.97
CA THR E 177 -36.82 -24.59 20.32
C THR E 177 -35.68 -23.65 20.75
N GLU E 178 -35.97 -22.78 21.72
CA GLU E 178 -35.02 -21.81 22.26
C GLU E 178 -33.74 -22.50 22.79
N ALA E 179 -32.58 -21.95 22.44
CA ALA E 179 -31.28 -22.51 22.82
C ALA E 179 -31.11 -23.98 22.38
N ILE E 180 -31.62 -24.32 21.19
CA ILE E 180 -31.59 -25.66 20.61
C ILE E 180 -30.20 -26.32 20.65
N GLY E 181 -29.12 -25.54 20.52
CA GLY E 181 -27.75 -26.05 20.62
C GLY E 181 -27.45 -26.73 21.96
N PHE E 182 -27.96 -26.19 23.07
CA PHE E 182 -27.88 -26.86 24.38
C PHE E 182 -28.89 -27.99 24.50
N HIS E 183 -30.14 -27.77 24.08
CA HIS E 183 -31.21 -28.77 24.23
C HIS E 183 -30.88 -30.08 23.53
N LEU E 184 -30.24 -30.02 22.36
CA LEU E 184 -29.78 -31.19 21.60
C LEU E 184 -28.85 -32.10 22.40
N ILE E 185 -28.04 -31.53 23.30
CA ILE E 185 -27.05 -32.26 24.09
C ILE E 185 -27.70 -32.68 25.41
N LYS E 186 -28.51 -33.73 25.41
CA LYS E 186 -29.12 -34.22 26.66
C LYS E 186 -28.05 -34.57 27.68
N ARG E 187 -26.97 -35.20 27.23
CA ARG E 187 -25.81 -35.53 28.04
C ARG E 187 -24.57 -35.66 27.14
N ALA E 188 -23.44 -35.16 27.59
CA ALA E 188 -22.15 -35.44 26.98
C ALA E 188 -21.17 -35.96 28.03
N GLU E 189 -20.36 -36.95 27.66
CA GLU E 189 -19.36 -37.56 28.53
C GLU E 189 -17.98 -37.44 27.88
N PHE E 190 -17.02 -36.88 28.62
CA PHE E 190 -15.62 -36.87 28.24
C PHE E 190 -14.94 -38.10 28.85
N LYS E 191 -14.49 -39.03 28.00
CA LYS E 191 -13.88 -40.29 28.41
C LYS E 191 -12.42 -40.37 28.02
N VAL E 192 -11.61 -40.95 28.89
CA VAL E 192 -10.19 -41.20 28.67
C VAL E 192 -9.88 -42.64 29.09
N GLY E 193 -9.38 -43.46 28.17
CA GLY E 193 -9.06 -44.86 28.45
C GLY E 193 -10.27 -45.71 28.86
N GLY E 194 -11.47 -45.31 28.41
CA GLY E 194 -12.74 -45.97 28.77
C GLY E 194 -13.38 -45.47 30.08
N ALA E 195 -12.65 -44.73 30.91
CA ALA E 195 -13.21 -44.11 32.11
C ALA E 195 -13.84 -42.75 31.80
N THR E 196 -15.04 -42.49 32.33
CA THR E 196 -15.66 -41.16 32.28
C THR E 196 -14.95 -40.21 33.23
N ILE E 197 -14.33 -39.18 32.68
CA ILE E 197 -13.63 -38.13 33.43
C ILE E 197 -14.61 -37.06 33.89
N ASP E 198 -15.56 -36.66 33.04
CA ASP E 198 -16.59 -35.69 33.39
C ASP E 198 -17.85 -35.91 32.56
N THR E 199 -18.98 -35.44 33.06
CA THR E 199 -20.29 -35.50 32.39
C THR E 199 -20.95 -34.14 32.47
N ILE E 200 -21.52 -33.66 31.37
CA ILE E 200 -22.31 -32.43 31.31
C ILE E 200 -23.71 -32.72 30.77
N TRP E 201 -24.69 -31.94 31.19
CA TRP E 201 -26.09 -32.07 30.81
C TRP E 201 -26.58 -30.78 30.15
N SER E 202 -27.60 -30.88 29.28
CA SER E 202 -28.24 -29.72 28.63
C SER E 202 -28.61 -28.63 29.64
N GLU E 203 -29.31 -29.03 30.70
CA GLU E 203 -29.77 -28.15 31.75
C GLU E 203 -28.61 -27.47 32.50
N LEU E 204 -27.51 -28.19 32.74
CA LEU E 204 -26.29 -27.64 33.34
C LEU E 204 -25.61 -26.63 32.39
N LEU E 205 -25.48 -26.94 31.10
CA LEU E 205 -24.89 -26.04 30.12
C LEU E 205 -25.62 -24.69 30.09
N PHE E 206 -26.95 -24.73 30.10
CA PHE E 206 -27.76 -23.52 30.15
C PHE E 206 -27.55 -22.75 31.45
N ALA E 207 -27.54 -23.44 32.60
CA ALA E 207 -27.32 -22.79 33.90
C ALA E 207 -25.94 -22.14 34.02
N MET E 208 -24.91 -22.82 33.52
CA MET E 208 -23.55 -22.31 33.45
C MET E 208 -23.44 -21.06 32.57
N GLU E 209 -24.10 -21.03 31.42
CA GLU E 209 -24.14 -19.83 30.56
C GLU E 209 -24.90 -18.67 31.21
N GLU E 210 -25.98 -18.95 31.96
CA GLU E 210 -26.73 -17.92 32.68
C GLU E 210 -25.90 -17.24 33.76
N LEU E 211 -25.14 -18.01 34.54
CA LEU E 211 -24.35 -17.52 35.68
C LEU E 211 -22.96 -17.02 35.26
N MET E 212 -22.26 -17.75 34.39
CA MET E 212 -20.86 -17.48 34.04
C MET E 212 -20.70 -16.80 32.68
N GLY E 213 -21.78 -16.69 31.90
CA GLY E 213 -21.77 -16.02 30.60
C GLY E 213 -21.48 -14.53 30.75
N ARG E 214 -20.34 -14.08 30.22
CA ARG E 214 -19.89 -12.69 30.34
C ARG E 214 -20.68 -11.76 29.42
N ALA E 215 -20.94 -10.54 29.88
CA ALA E 215 -21.55 -9.50 29.07
C ALA E 215 -20.75 -9.28 27.77
N GLY E 216 -21.45 -9.20 26.63
CA GLY E 216 -20.84 -9.08 25.30
C GLY E 216 -20.23 -10.38 24.73
N ARG E 217 -20.24 -11.49 25.48
CA ARG E 217 -19.78 -12.81 25.04
C ARG E 217 -20.80 -13.92 25.34
N ARG E 218 -22.08 -13.56 25.42
CA ARG E 218 -23.17 -14.52 25.59
C ARG E 218 -23.26 -15.40 24.35
N LEU E 219 -23.62 -16.66 24.54
CA LEU E 219 -23.60 -17.69 23.49
C LEU E 219 -24.77 -17.61 22.51
N THR E 220 -25.57 -16.54 22.53
CA THR E 220 -26.88 -16.41 21.85
C THR E 220 -26.94 -17.07 20.47
N GLU E 221 -26.25 -16.52 19.47
CA GLU E 221 -26.24 -17.05 18.11
C GLU E 221 -25.58 -18.44 18.03
N THR E 222 -24.51 -18.67 18.79
CA THR E 222 -23.75 -19.93 18.77
C THR E 222 -24.54 -21.15 19.23
N ILE E 223 -25.63 -20.96 19.99
CA ILE E 223 -26.50 -22.04 20.49
C ILE E 223 -27.96 -21.91 20.03
N GLY E 224 -28.29 -20.94 19.17
CA GLY E 224 -29.67 -20.71 18.73
C GLY E 224 -30.60 -20.16 19.83
N ARG E 225 -30.10 -19.23 20.65
CA ARG E 225 -30.84 -18.59 21.75
C ARG E 225 -31.23 -17.14 21.40
N THR E 226 -32.50 -16.81 21.52
CA THR E 226 -33.09 -15.50 21.15
C THR E 226 -33.60 -14.68 22.34
N LEU E 227 -33.42 -15.19 23.56
CA LEU E 227 -34.01 -14.66 24.78
C LEU E 227 -35.54 -14.64 24.74
N ARG E 228 -36.13 -15.77 24.31
CA ARG E 228 -37.59 -15.99 24.23
C ARG E 228 -38.30 -14.99 23.31
N ARG E 229 -37.75 -14.76 22.11
CA ARG E 229 -38.42 -13.99 21.05
C ARG E 229 -38.81 -14.95 19.92
N PRO E 230 -40.04 -15.50 19.94
CA PRO E 230 -40.45 -16.56 19.00
C PRO E 230 -40.26 -16.18 17.53
N THR E 231 -40.50 -14.92 17.18
CA THR E 231 -40.34 -14.41 15.80
C THR E 231 -38.90 -14.53 15.29
N GLU E 232 -37.90 -14.39 16.15
CA GLU E 232 -36.49 -14.58 15.78
C GLU E 232 -36.14 -16.06 15.60
N LEU E 233 -36.69 -16.95 16.45
CA LEU E 233 -36.56 -18.41 16.27
C LEU E 233 -37.17 -18.87 14.95
N MET E 234 -38.35 -18.34 14.59
CA MET E 234 -39.00 -18.60 13.31
C MET E 234 -38.12 -18.17 12.14
N LYS E 235 -37.59 -16.93 12.16
CA LYS E 235 -36.72 -16.43 11.10
C LYS E 235 -35.48 -17.31 10.92
N ALA E 236 -34.80 -17.63 12.02
CA ALA E 236 -33.61 -18.47 12.01
C ALA E 236 -33.92 -19.89 11.49
N SER E 237 -35.08 -20.44 11.84
CA SER E 237 -35.46 -21.83 11.50
C SER E 237 -35.90 -22.03 10.05
N ARG E 238 -36.04 -20.97 9.24
CA ARG E 238 -36.42 -21.09 7.81
C ARG E 238 -35.28 -21.56 6.90
N GLN E 239 -34.04 -21.51 7.39
CA GLN E 239 -32.83 -21.86 6.66
C GLN E 239 -31.94 -22.77 7.49
N GLU E 240 -30.92 -23.34 6.86
CA GLU E 240 -29.93 -24.14 7.58
C GLU E 240 -29.23 -23.30 8.66
N GLN E 241 -29.07 -23.87 9.84
CA GLN E 241 -28.36 -23.26 10.97
C GLN E 241 -27.11 -24.05 11.29
N ILE E 242 -26.00 -23.35 11.46
CA ILE E 242 -24.74 -23.91 11.94
C ILE E 242 -24.48 -23.34 13.33
N LEU E 243 -24.47 -24.21 14.34
CA LEU E 243 -24.28 -23.87 15.74
C LEU E 243 -22.92 -24.39 16.21
N TYR E 244 -22.24 -23.61 17.06
CA TYR E 244 -20.95 -23.98 17.67
C TYR E 244 -21.12 -23.97 19.18
N VAL E 245 -21.48 -25.13 19.74
CA VAL E 245 -21.79 -25.25 21.15
C VAL E 245 -20.50 -25.52 21.93
N PRO E 246 -20.02 -24.61 22.79
CA PRO E 246 -18.82 -24.85 23.58
C PRO E 246 -19.07 -25.96 24.60
N LEU E 247 -18.15 -26.90 24.72
CA LEU E 247 -18.17 -27.92 25.77
C LEU E 247 -17.23 -27.50 26.90
N PRO E 248 -17.75 -27.06 28.07
CA PRO E 248 -16.99 -26.36 29.09
C PRO E 248 -16.19 -27.29 30.01
N TRP E 249 -15.44 -28.25 29.44
CA TRP E 249 -14.58 -29.15 30.21
C TRP E 249 -13.49 -28.40 30.98
N TYR E 250 -12.92 -29.01 32.01
CA TYR E 250 -11.89 -28.36 32.83
C TYR E 250 -10.72 -27.79 31.99
N PHE E 251 -10.30 -28.53 30.95
CA PHE E 251 -9.18 -28.17 30.09
C PHE E 251 -9.47 -27.03 29.11
N THR E 252 -10.74 -26.65 28.91
CA THR E 252 -11.11 -25.51 28.06
C THR E 252 -11.12 -24.18 28.82
N LYS E 253 -10.93 -24.20 30.15
CA LYS E 253 -11.10 -23.03 31.02
C LYS E 253 -9.85 -22.16 31.16
N HIS E 254 -8.67 -22.77 31.03
CA HIS E 254 -7.41 -22.05 31.16
C HIS E 254 -6.30 -22.77 30.36
N PRO E 255 -5.39 -22.06 29.67
CA PRO E 255 -4.32 -22.69 28.88
C PRO E 255 -3.45 -23.67 29.65
N SER E 256 -3.18 -23.41 30.94
CA SER E 256 -2.37 -24.32 31.79
C SER E 256 -3.08 -25.63 32.14
N LEU E 257 -4.38 -25.75 31.85
CA LEU E 257 -5.18 -26.96 32.06
C LEU E 257 -5.43 -27.72 30.76
N ALA E 258 -4.94 -27.24 29.62
CA ALA E 258 -5.08 -27.92 28.34
C ALA E 258 -4.70 -29.40 28.50
N PHE E 259 -5.49 -30.28 27.91
CA PHE E 259 -5.36 -31.71 28.14
C PHE E 259 -4.10 -32.22 27.41
N PRO E 260 -3.12 -32.81 28.11
CA PRO E 260 -1.84 -33.19 27.52
C PRO E 260 -1.95 -34.50 26.75
N LEU E 261 -2.25 -34.41 25.45
CA LEU E 261 -2.39 -35.57 24.56
C LEU E 261 -1.13 -36.44 24.59
N VAL E 262 0.06 -35.83 24.51
CA VAL E 262 1.35 -36.53 24.54
C VAL E 262 1.58 -37.33 25.83
N ALA E 263 1.05 -36.85 26.95
CA ALA E 263 1.19 -37.53 28.24
C ALA E 263 0.20 -38.68 28.43
N ALA E 264 -0.85 -38.75 27.62
CA ALA E 264 -1.89 -39.78 27.66
C ALA E 264 -1.84 -40.72 26.43
N THR E 265 -0.68 -40.93 25.82
CA THR E 265 -0.49 -41.62 24.52
C THR E 265 -1.18 -42.99 24.41
N TYR E 266 -1.30 -43.76 25.49
CA TYR E 266 -1.88 -45.11 25.47
C TYR E 266 -3.38 -45.15 25.78
N HIS E 267 -4.04 -44.00 25.97
CA HIS E 267 -5.48 -43.92 26.18
C HIS E 267 -6.19 -43.24 25.01
N ASN E 268 -7.27 -43.87 24.54
CA ASN E 268 -8.18 -43.20 23.62
C ASN E 268 -8.96 -42.12 24.36
N ILE E 269 -9.12 -40.97 23.72
CA ILE E 269 -9.91 -39.85 24.20
C ILE E 269 -11.19 -39.85 23.40
N GLN E 270 -12.33 -39.88 24.07
CA GLN E 270 -13.62 -39.98 23.42
C GLN E 270 -14.59 -38.96 23.98
N LEU E 271 -15.41 -38.40 23.09
CA LEU E 271 -16.59 -37.66 23.46
C LEU E 271 -17.80 -38.51 23.10
N TRP E 272 -18.65 -38.79 24.07
CA TRP E 272 -19.94 -39.44 23.89
C TRP E 272 -21.04 -38.40 24.06
N VAL E 273 -22.04 -38.41 23.18
CA VAL E 273 -23.16 -37.46 23.20
C VAL E 273 -24.47 -38.23 23.05
N GLN E 274 -25.35 -38.06 24.03
CA GLN E 274 -26.74 -38.49 23.95
C GLN E 274 -27.59 -37.34 23.42
N TRP E 275 -28.21 -37.56 22.27
CA TRP E 275 -28.97 -36.54 21.55
C TRP E 275 -30.43 -36.47 22.00
N ALA E 276 -31.01 -35.27 21.99
CA ALA E 276 -32.44 -35.08 22.23
C ALA E 276 -33.29 -35.74 21.14
N GLN E 277 -34.50 -36.18 21.53
CA GLN E 277 -35.49 -36.69 20.58
C GLN E 277 -36.03 -35.54 19.71
N LEU E 278 -36.25 -35.82 18.42
CA LEU E 278 -36.69 -34.83 17.43
C LEU E 278 -38.01 -34.15 17.83
N ASN E 279 -38.98 -34.93 18.33
CA ASN E 279 -40.26 -34.42 18.84
C ASN E 279 -40.14 -33.29 19.88
N SER E 280 -39.05 -33.26 20.65
CA SER E 280 -38.80 -32.24 21.67
C SER E 280 -38.09 -31.00 21.11
N CYS E 281 -37.56 -31.05 19.89
CA CYS E 281 -36.73 -30.00 19.34
C CYS E 281 -37.51 -28.94 18.54
N ILE E 282 -38.76 -29.22 18.17
CA ILE E 282 -39.54 -28.41 17.24
C ILE E 282 -40.87 -27.98 17.86
N ILE E 283 -41.25 -26.73 17.63
CA ILE E 283 -42.56 -26.18 17.93
C ILE E 283 -43.19 -25.68 16.62
N LYS E 284 -44.49 -25.92 16.44
CA LYS E 284 -45.25 -25.51 15.24
C LYS E 284 -46.43 -24.59 15.57
N SER E 285 -46.86 -23.78 14.60
CA SER E 285 -48.00 -22.88 14.79
C SER E 285 -49.30 -23.64 15.06
N ARG E 286 -49.53 -24.77 14.36
CA ARG E 286 -50.76 -25.56 14.45
C ARG E 286 -50.51 -27.07 14.48
N SER E 287 -51.37 -27.77 15.22
CA SER E 287 -51.33 -29.21 15.48
C SER E 287 -51.42 -30.08 14.22
N ASN E 288 -52.13 -29.63 13.19
CA ASN E 288 -52.38 -30.33 11.93
C ASN E 288 -51.33 -30.11 10.84
N LEU E 289 -50.18 -29.50 11.16
CA LEU E 289 -49.09 -29.28 10.22
C LEU E 289 -48.07 -30.43 10.26
N VAL E 290 -47.56 -30.79 9.09
CA VAL E 290 -46.39 -31.66 8.90
C VAL E 290 -45.16 -30.77 8.75
N VAL E 291 -44.07 -31.12 9.45
CA VAL E 291 -42.81 -30.37 9.39
C VAL E 291 -41.88 -31.03 8.38
N LEU E 292 -41.42 -30.24 7.42
CA LEU E 292 -40.58 -30.68 6.31
C LEU E 292 -39.16 -30.10 6.42
N HIS E 293 -38.18 -30.86 5.93
CA HIS E 293 -36.85 -30.35 5.63
C HIS E 293 -36.94 -29.35 4.47
N ALA E 294 -36.55 -28.09 4.70
CA ALA E 294 -36.81 -26.98 3.78
C ALA E 294 -36.18 -27.15 2.39
N GLU E 295 -34.98 -27.72 2.32
CA GLU E 295 -34.27 -27.98 1.06
C GLU E 295 -34.73 -29.27 0.36
N ARG E 296 -34.85 -30.38 1.11
CA ARG E 296 -35.16 -31.70 0.55
C ARG E 296 -36.66 -31.92 0.29
N ASN E 297 -37.54 -31.09 0.85
CA ASN E 297 -39.00 -31.22 0.76
C ASN E 297 -39.54 -32.61 1.15
N VAL E 298 -38.94 -33.21 2.18
CA VAL E 298 -39.38 -34.46 2.80
C VAL E 298 -39.71 -34.22 4.27
N PRO E 299 -40.62 -35.00 4.89
CA PRO E 299 -40.86 -34.93 6.33
C PRO E 299 -39.56 -34.99 7.12
N ILE E 300 -39.42 -34.13 8.14
CA ILE E 300 -38.22 -34.15 8.98
C ILE E 300 -38.16 -35.45 9.81
N SER E 301 -36.99 -36.07 9.85
CA SER E 301 -36.73 -37.38 10.44
C SER E 301 -35.45 -37.35 11.28
N ASP E 302 -35.25 -38.40 12.08
CA ASP E 302 -34.18 -38.47 13.07
C ASP E 302 -32.76 -38.44 12.46
N ASP E 303 -32.60 -38.83 11.20
CA ASP E 303 -31.33 -38.85 10.45
C ASP E 303 -30.94 -37.48 9.85
N HIS E 304 -31.77 -36.45 10.02
CA HIS E 304 -31.46 -35.11 9.57
C HIS E 304 -30.58 -34.30 10.53
N LEU E 305 -30.29 -34.80 11.73
CA LEU E 305 -29.29 -34.20 12.62
C LEU E 305 -27.89 -34.46 12.07
N ARG E 306 -27.10 -33.39 11.90
CA ARG E 306 -25.67 -33.52 11.58
C ARG E 306 -24.86 -32.84 12.65
N ALA E 307 -23.78 -33.50 13.08
CA ALA E 307 -22.84 -32.91 14.00
C ALA E 307 -21.41 -33.38 13.73
N SER E 308 -20.45 -32.53 14.09
CA SER E 308 -19.03 -32.81 14.09
C SER E 308 -18.38 -32.13 15.29
N LEU E 309 -17.16 -32.52 15.64
CA LEU E 309 -16.42 -31.96 16.76
C LEU E 309 -15.29 -31.08 16.25
N GLU E 310 -15.31 -29.80 16.64
CA GLU E 310 -14.23 -28.87 16.35
C GLU E 310 -13.32 -28.73 17.58
N CYS E 311 -12.08 -29.18 17.44
CA CYS E 311 -11.08 -29.19 18.50
C CYS E 311 -9.94 -28.22 18.17
N THR E 312 -9.51 -27.43 19.14
CA THR E 312 -8.29 -26.64 19.04
C THR E 312 -7.12 -27.40 19.65
N TYR E 313 -6.17 -27.77 18.80
CA TYR E 313 -4.91 -28.39 19.18
C TYR E 313 -3.83 -27.34 19.43
N VAL E 314 -2.93 -27.65 20.36
CA VAL E 314 -1.71 -26.86 20.61
C VAL E 314 -0.51 -27.67 20.16
N HIS E 315 0.32 -27.07 19.31
CA HIS E 315 1.61 -27.60 18.90
C HIS E 315 2.69 -26.92 19.73
N LEU E 316 3.53 -27.71 20.39
CA LEU E 316 4.58 -27.23 21.27
C LEU E 316 5.95 -27.34 20.59
N GLU E 317 6.88 -26.50 21.00
CA GLU E 317 8.29 -26.71 20.68
C GLU E 317 8.78 -28.05 21.28
N ALA E 318 9.70 -28.73 20.58
CA ALA E 318 10.20 -30.05 20.96
C ALA E 318 10.65 -30.14 22.43
N ALA E 319 11.36 -29.12 22.93
CA ALA E 319 11.84 -29.11 24.31
C ALA E 319 10.68 -29.12 25.34
N GLU E 320 9.61 -28.37 25.09
CA GLU E 320 8.45 -28.33 25.99
C GLU E 320 7.61 -29.61 25.87
N ARG E 321 7.45 -30.12 24.64
CA ARG E 321 6.79 -31.39 24.36
C ARG E 321 7.47 -32.56 25.07
N ASP E 322 8.81 -32.61 25.02
CA ASP E 322 9.61 -33.65 25.66
C ASP E 322 9.51 -33.54 27.19
N ALA E 323 9.57 -32.33 27.73
CA ALA E 323 9.40 -32.08 29.16
C ALA E 323 8.01 -32.52 29.66
N LEU E 324 6.96 -32.21 28.90
CA LEU E 324 5.58 -32.59 29.23
C LEU E 324 5.38 -34.10 29.13
N THR E 325 6.00 -34.76 28.16
CA THR E 325 5.93 -36.23 28.00
C THR E 325 6.64 -36.93 29.17
N ALA E 326 7.79 -36.39 29.61
CA ALA E 326 8.54 -36.93 30.72
C ALA E 326 7.84 -36.70 32.08
N ASN E 327 7.18 -35.55 32.27
CA ASN E 327 6.56 -35.20 33.54
C ASN E 327 5.34 -34.27 33.38
N ALA E 328 4.20 -34.82 32.93
CA ALA E 328 2.93 -34.08 32.95
C ALA E 328 2.32 -33.95 34.36
N GLY E 329 2.70 -34.82 35.29
CA GLY E 329 2.28 -34.76 36.69
C GLY E 329 0.76 -34.88 36.88
N THR E 330 0.18 -33.91 37.58
CA THR E 330 -1.24 -33.89 37.95
C THR E 330 -1.88 -32.55 37.59
N GLN E 331 -3.13 -32.60 37.13
CA GLN E 331 -3.96 -31.41 36.94
C GLN E 331 -5.10 -31.42 37.96
N LEU E 332 -5.35 -30.28 38.58
CA LEU E 332 -6.60 -30.04 39.30
C LEU E 332 -7.72 -29.96 38.28
N ILE E 333 -8.78 -30.73 38.49
CA ILE E 333 -9.94 -30.75 37.60
C ILE E 333 -11.21 -30.42 38.39
N VAL E 334 -12.19 -29.86 37.69
CA VAL E 334 -13.56 -29.74 38.18
C VAL E 334 -14.41 -30.76 37.44
N GLN E 335 -15.11 -31.60 38.20
CA GLN E 335 -16.09 -32.55 37.70
C GLN E 335 -17.50 -32.09 38.08
N HIS E 336 -18.49 -32.51 37.28
CA HIS E 336 -19.89 -32.21 37.53
C HIS E 336 -20.64 -33.45 38.02
N GLN E 337 -21.52 -33.24 38.99
CA GLN E 337 -22.41 -34.26 39.55
C GLN E 337 -23.86 -33.77 39.47
N ALA E 338 -24.81 -34.68 39.36
CA ALA E 338 -26.23 -34.35 39.17
C ALA E 338 -27.13 -35.15 40.11
N HIS E 339 -28.12 -34.48 40.69
CA HIS E 339 -29.25 -35.05 41.39
C HIS E 339 -30.51 -34.58 40.68
N LEU E 340 -31.22 -35.53 40.07
CA LEU E 340 -32.43 -35.26 39.28
C LEU E 340 -33.62 -35.91 39.99
N GLN E 341 -34.66 -35.14 40.26
CA GLN E 341 -35.79 -35.59 41.08
C GLN E 341 -37.11 -35.09 40.49
N GLN E 342 -38.14 -35.93 40.56
CA GLN E 342 -39.52 -35.52 40.26
C GLN E 342 -40.15 -34.83 41.47
N VAL E 343 -40.98 -33.84 41.20
CA VAL E 343 -41.64 -32.97 42.17
C VAL E 343 -43.15 -33.11 42.01
N SER E 344 -43.81 -33.47 43.11
CA SER E 344 -45.25 -33.68 43.19
C SER E 344 -45.88 -33.02 44.42
N SER E 345 -45.14 -32.14 45.10
CA SER E 345 -45.57 -31.43 46.30
C SER E 345 -44.84 -30.11 46.47
N ASN E 346 -45.46 -29.16 47.18
CA ASN E 346 -44.86 -27.84 47.42
C ASN E 346 -43.67 -27.90 48.37
N ASN E 347 -43.58 -28.92 49.23
CA ASN E 347 -42.40 -29.17 50.06
C ASN E 347 -41.59 -30.29 49.43
N VAL E 348 -40.32 -30.02 49.14
CA VAL E 348 -39.41 -30.97 48.50
C VAL E 348 -38.10 -31.00 49.28
N THR E 349 -37.65 -32.19 49.63
CA THR E 349 -36.31 -32.39 50.17
C THR E 349 -35.49 -33.19 49.17
N ALA E 350 -34.39 -32.61 48.70
CA ALA E 350 -33.41 -33.27 47.85
C ALA E 350 -32.23 -33.74 48.70
N ARG E 351 -31.98 -35.06 48.71
CA ARG E 351 -30.81 -35.66 49.36
C ARG E 351 -29.63 -35.71 48.38
N LEU E 352 -28.68 -34.82 48.58
CA LEU E 352 -27.56 -34.59 47.67
C LEU E 352 -26.43 -35.58 47.97
N ASN E 353 -26.48 -36.75 47.33
CA ASN E 353 -25.45 -37.80 47.46
C ASN E 353 -24.21 -37.50 46.59
N PHE E 354 -23.76 -36.24 46.55
CA PHE E 354 -22.55 -35.87 45.85
C PHE E 354 -21.31 -36.23 46.66
N ASN E 355 -20.19 -36.40 45.95
CA ASN E 355 -18.91 -36.72 46.54
C ASN E 355 -17.87 -35.62 46.28
N PHE E 356 -16.70 -35.78 46.91
CA PHE E 356 -15.52 -34.93 46.80
C PHE E 356 -15.72 -33.51 47.37
N PRO E 357 -14.66 -32.67 47.38
CA PRO E 357 -14.77 -31.26 47.72
C PRO E 357 -15.63 -30.49 46.70
N VAL E 358 -16.89 -30.25 47.05
CA VAL E 358 -17.86 -29.45 46.28
C VAL E 358 -17.52 -27.97 46.42
N LEU E 359 -17.33 -27.29 45.30
CA LEU E 359 -17.10 -25.85 45.20
C LEU E 359 -18.41 -25.09 45.40
N GLU E 360 -19.44 -25.53 44.69
CA GLU E 360 -20.74 -24.90 44.59
C GLU E 360 -21.77 -25.87 44.03
N PHE E 361 -23.04 -25.53 44.18
CA PHE E 361 -24.11 -26.19 43.47
C PHE E 361 -25.10 -25.19 42.88
N TYR E 362 -25.78 -25.63 41.84
CA TYR E 362 -26.88 -24.95 41.19
C TYR E 362 -28.14 -25.79 41.35
N TYR E 363 -29.29 -25.16 41.49
CA TYR E 363 -30.55 -25.85 41.38
C TYR E 363 -31.59 -24.99 40.70
N PHE E 364 -32.60 -25.64 40.12
CA PHE E 364 -33.73 -25.00 39.45
C PHE E 364 -34.81 -26.03 39.20
N LEU E 365 -36.03 -25.55 38.98
CA LEU E 365 -37.19 -26.40 38.73
C LEU E 365 -37.72 -26.17 37.32
N ARG E 366 -38.27 -27.21 36.71
CA ARG E 366 -39.02 -27.11 35.45
C ARG E 366 -40.39 -27.71 35.64
N ARG E 367 -41.42 -26.92 35.38
CA ARG E 367 -42.80 -27.40 35.31
C ARG E 367 -42.95 -28.43 34.21
N LYS E 368 -43.77 -29.45 34.45
CA LYS E 368 -44.12 -30.42 33.41
C LYS E 368 -44.74 -29.70 32.21
N ALA E 369 -45.63 -28.74 32.45
CA ALA E 369 -46.30 -28.03 31.38
C ALA E 369 -45.33 -27.24 30.47
N ASN E 370 -44.31 -26.59 31.05
CA ASN E 370 -43.27 -25.90 30.27
C ASN E 370 -42.47 -26.87 29.39
N LYS E 371 -42.10 -28.03 29.95
CA LYS E 371 -41.40 -29.10 29.21
C LYS E 371 -42.26 -29.62 28.05
N ASP E 372 -43.53 -29.90 28.32
CA ASP E 372 -44.47 -30.42 27.32
C ASP E 372 -44.79 -29.40 26.21
N ALA E 373 -44.77 -28.10 26.55
CA ALA E 373 -44.89 -27.00 25.59
C ALA E 373 -43.62 -26.79 24.74
N GLY E 374 -42.54 -27.54 25.00
CA GLY E 374 -41.27 -27.40 24.30
C GLY E 374 -40.40 -26.23 24.78
N ASP E 375 -40.75 -25.56 25.89
CA ASP E 375 -40.01 -24.45 26.48
C ASP E 375 -39.03 -24.95 27.55
N HIS E 376 -38.03 -25.72 27.09
CA HIS E 376 -37.17 -26.57 27.94
C HIS E 376 -36.33 -25.82 28.98
N PHE E 377 -36.04 -24.54 28.74
CA PHE E 377 -35.24 -23.71 29.63
C PHE E 377 -36.07 -22.66 30.37
N ASN E 378 -37.40 -22.81 30.35
CA ASN E 378 -38.28 -22.03 31.18
C ASN E 378 -38.45 -22.67 32.57
N PHE E 379 -37.64 -22.15 33.48
CA PHE E 379 -37.62 -22.55 34.88
C PHE E 379 -38.58 -21.74 35.76
N SER E 380 -39.52 -21.00 35.16
CA SER E 380 -40.52 -20.25 35.95
C SER E 380 -41.61 -21.17 36.50
N GLY E 381 -42.25 -20.71 37.56
CA GLY E 381 -43.43 -21.28 38.20
C GLY E 381 -44.72 -20.99 37.45
N ILE E 382 -45.83 -21.01 38.19
CA ILE E 382 -47.18 -20.85 37.67
C ILE E 382 -47.35 -19.36 37.35
N GLY E 383 -47.88 -19.04 36.16
CA GLY E 383 -48.03 -17.66 35.71
C GLY E 383 -46.71 -16.90 35.58
N GLY E 384 -45.58 -17.60 35.37
CA GLY E 384 -44.26 -16.99 35.22
C GLY E 384 -43.62 -16.50 36.53
N ARG E 385 -44.19 -16.85 37.69
CA ARG E 385 -43.67 -16.48 39.01
C ARG E 385 -42.41 -17.29 39.38
N ASP E 386 -41.76 -16.91 40.47
CA ASP E 386 -40.61 -17.65 41.01
C ASP E 386 -41.12 -18.97 41.63
N PRO E 387 -40.68 -20.16 41.17
CA PRO E 387 -41.21 -21.43 41.68
C PRO E 387 -40.77 -21.73 43.12
N VAL E 388 -39.67 -21.14 43.58
CA VAL E 388 -39.15 -21.32 44.94
C VAL E 388 -39.61 -20.15 45.81
N VAL E 389 -40.20 -20.43 46.96
CA VAL E 389 -40.48 -19.42 47.98
C VAL E 389 -39.25 -19.26 48.87
N SER E 390 -38.75 -20.39 49.39
CA SER E 390 -37.56 -20.42 50.24
C SER E 390 -36.83 -21.75 50.14
N ALA E 391 -35.56 -21.74 50.53
CA ALA E 391 -34.74 -22.93 50.63
C ALA E 391 -33.84 -22.90 51.87
N GLU E 392 -33.49 -24.07 52.37
CA GLU E 392 -32.58 -24.32 53.49
C GLU E 392 -31.59 -25.43 53.10
N LEU E 393 -30.33 -25.29 53.52
CA LEU E 393 -29.29 -26.31 53.31
C LEU E 393 -28.87 -26.90 54.66
N LEU E 394 -29.00 -28.22 54.79
CA LEU E 394 -28.67 -28.95 56.01
C LEU E 394 -27.50 -29.91 55.79
N PHE E 395 -26.55 -29.91 56.73
CA PHE E 395 -25.49 -30.91 56.85
C PHE E 395 -25.75 -31.72 58.13
N ASN E 396 -25.90 -33.04 58.01
CA ASN E 396 -26.16 -33.92 59.16
C ASN E 396 -27.29 -33.38 60.05
N ASN E 397 -28.41 -32.96 59.44
CA ASN E 397 -29.58 -32.33 60.07
C ASN E 397 -29.33 -31.00 60.80
N THR E 398 -28.16 -30.38 60.61
CA THR E 398 -27.84 -29.05 61.14
C THR E 398 -27.84 -28.03 60.02
N ALA E 399 -28.54 -26.90 60.21
CA ALA E 399 -28.63 -25.85 59.21
C ALA E 399 -27.25 -25.25 58.91
N ARG E 400 -26.73 -25.54 57.71
CA ARG E 400 -25.53 -24.87 57.17
C ARG E 400 -25.89 -23.51 56.60
N VAL E 401 -27.04 -23.41 55.95
CA VAL E 401 -27.68 -22.16 55.57
C VAL E 401 -29.11 -22.28 56.04
N THR E 402 -29.50 -21.42 56.99
CA THR E 402 -30.90 -21.35 57.47
C THR E 402 -31.82 -20.92 56.34
N GLN E 403 -33.12 -21.10 56.52
CA GLN E 403 -34.12 -20.74 55.52
C GLN E 403 -33.90 -19.31 54.97
N LYS E 404 -33.72 -19.21 53.65
CA LYS E 404 -33.58 -17.95 52.92
C LYS E 404 -34.57 -17.89 51.75
N PRO E 405 -35.09 -16.70 51.41
CA PRO E 405 -36.02 -16.53 50.29
C PRO E 405 -35.32 -16.77 48.95
N ALA E 406 -36.08 -17.14 47.92
CA ALA E 406 -35.58 -17.41 46.56
C ALA E 406 -34.61 -16.35 46.02
N VAL E 407 -34.93 -15.06 46.21
CA VAL E 407 -34.09 -13.94 45.73
C VAL E 407 -32.68 -13.96 46.29
N TRP E 408 -32.48 -14.49 47.51
CA TRP E 408 -31.15 -14.60 48.10
C TRP E 408 -30.31 -15.67 47.37
N TRP E 409 -30.90 -16.84 47.11
CA TRP E 409 -30.24 -17.92 46.38
C TRP E 409 -30.00 -17.60 44.90
N ARG E 410 -30.89 -16.80 44.29
CA ARG E 410 -30.80 -16.42 42.86
C ARG E 410 -29.93 -15.20 42.61
N ALA E 411 -30.17 -14.12 43.33
CA ALA E 411 -29.56 -12.81 43.02
C ALA E 411 -28.35 -12.52 43.92
N VAL E 412 -28.43 -12.81 45.22
CA VAL E 412 -27.32 -12.48 46.15
C VAL E 412 -26.13 -13.41 45.91
N GLN E 413 -26.38 -14.72 45.76
CA GLN E 413 -25.31 -15.68 45.46
C GLN E 413 -24.65 -15.41 44.10
N ALA E 414 -25.45 -15.12 43.07
CA ALA E 414 -24.91 -14.72 41.76
C ALA E 414 -24.09 -13.42 41.83
N LEU E 415 -24.57 -12.40 42.55
CA LEU E 415 -23.85 -11.15 42.75
C LEU E 415 -22.49 -11.34 43.45
N GLN E 416 -22.40 -12.28 44.40
CA GLN E 416 -21.20 -12.50 45.19
C GLN E 416 -20.13 -13.33 44.47
N PHE E 417 -20.54 -14.30 43.65
CA PHE E 417 -19.64 -15.36 43.18
C PHE E 417 -19.58 -15.54 41.67
N HIS E 418 -20.52 -14.94 40.91
CA HIS E 418 -20.64 -15.17 39.49
C HIS E 418 -20.47 -13.92 38.62
N SER E 419 -20.04 -14.14 37.39
CA SER E 419 -19.86 -13.09 36.38
C SER E 419 -21.19 -12.45 35.92
N SER E 420 -22.32 -13.12 36.13
CA SER E 420 -23.64 -12.66 35.71
C SER E 420 -24.75 -13.12 36.65
N ALA E 421 -25.85 -12.37 36.66
CA ALA E 421 -27.09 -12.79 37.31
C ALA E 421 -27.99 -13.49 36.29
N PRO E 422 -28.63 -14.62 36.65
CA PRO E 422 -29.44 -15.38 35.73
C PRO E 422 -30.73 -14.63 35.39
N LEU E 423 -31.14 -14.68 34.11
CA LEU E 423 -32.42 -14.12 33.63
C LEU E 423 -33.59 -15.06 33.90
N THR E 424 -33.30 -16.33 34.15
CA THR E 424 -34.26 -17.37 34.52
C THR E 424 -34.13 -17.73 36.01
N ASN E 425 -35.06 -18.53 36.54
CA ASN E 425 -35.09 -18.93 37.95
C ASN E 425 -34.07 -20.02 38.27
N ILE E 426 -32.79 -19.70 38.08
CA ILE E 426 -31.65 -20.52 38.48
C ILE E 426 -31.12 -20.01 39.81
N TYR E 427 -30.95 -20.91 40.75
CA TYR E 427 -30.43 -20.63 42.08
C TYR E 427 -29.05 -21.24 42.22
N SER E 428 -28.17 -20.61 42.98
CA SER E 428 -26.84 -21.16 43.26
C SER E 428 -26.45 -20.97 44.72
N TYR E 429 -25.43 -21.72 45.13
CA TYR E 429 -24.74 -21.50 46.38
C TYR E 429 -23.28 -21.91 46.26
N SER E 430 -22.39 -21.00 46.62
CA SER E 430 -20.95 -21.26 46.57
C SER E 430 -20.33 -21.41 47.95
N PHE E 431 -19.51 -22.45 48.11
CA PHE E 431 -18.55 -22.61 49.21
C PHE E 431 -17.20 -21.97 48.87
N SER E 432 -16.95 -21.67 47.59
CA SER E 432 -15.73 -21.08 47.06
C SER E 432 -15.87 -19.55 46.95
N LEU E 433 -14.81 -18.80 47.25
CA LEU E 433 -14.80 -17.34 47.05
C LEU E 433 -14.76 -16.96 45.57
N SER E 434 -14.20 -17.82 44.71
CA SER E 434 -14.06 -17.62 43.27
C SER E 434 -14.27 -18.95 42.54
N PRO E 435 -15.52 -19.46 42.46
CA PRO E 435 -15.81 -20.77 41.85
C PRO E 435 -15.57 -20.79 40.33
N GLU E 436 -15.47 -19.63 39.69
CA GLU E 436 -15.14 -19.49 38.27
C GLU E 436 -13.63 -19.50 37.98
N ASP E 437 -12.77 -19.40 39.01
CA ASP E 437 -11.31 -19.57 38.84
C ASP E 437 -11.00 -21.07 38.71
N PRO E 438 -10.49 -21.53 37.55
CA PRO E 438 -10.27 -22.95 37.31
C PRO E 438 -8.96 -23.48 37.92
N ILE E 439 -8.03 -22.61 38.33
CA ILE E 439 -6.68 -22.99 38.76
C ILE E 439 -6.40 -22.70 40.24
N THR E 440 -7.16 -21.80 40.86
CA THR E 440 -6.96 -21.42 42.26
C THR E 440 -8.14 -21.87 43.15
N PRO E 441 -8.00 -22.97 43.91
CA PRO E 441 -8.98 -23.34 44.90
C PRO E 441 -9.20 -22.22 45.92
N SER E 442 -10.46 -21.85 46.14
CA SER E 442 -10.82 -20.73 47.01
C SER E 442 -11.93 -21.06 48.01
N GLY E 443 -12.09 -22.34 48.33
CA GLY E 443 -13.08 -22.86 49.28
C GLY E 443 -13.84 -24.06 48.71
N SER E 444 -14.25 -24.97 49.60
CA SER E 444 -15.08 -26.13 49.25
C SER E 444 -15.68 -26.76 50.51
N ALA E 445 -16.72 -27.58 50.34
CA ALA E 445 -17.23 -28.48 51.36
C ALA E 445 -17.06 -29.92 50.87
N ASN E 446 -16.41 -30.78 51.67
CA ASN E 446 -16.17 -32.16 51.28
C ASN E 446 -17.39 -33.04 51.56
N PHE E 447 -18.20 -33.29 50.53
CA PHE E 447 -19.44 -34.05 50.69
C PHE E 447 -19.19 -35.53 50.94
N SER E 448 -18.03 -36.09 50.56
CA SER E 448 -17.65 -37.47 50.92
C SER E 448 -17.38 -37.68 52.41
N ARG E 449 -17.43 -36.62 53.23
CA ARG E 449 -17.25 -36.67 54.69
C ARG E 449 -18.52 -36.27 55.46
N LEU E 450 -19.61 -36.00 54.75
CA LEU E 450 -20.91 -35.67 55.33
C LEU E 450 -21.82 -36.89 55.18
N ASP E 451 -22.49 -37.29 56.25
CA ASP E 451 -23.41 -38.43 56.23
C ASP E 451 -24.70 -38.08 55.48
N SER E 452 -25.17 -36.83 55.66
CA SER E 452 -26.29 -36.29 54.90
C SER E 452 -26.07 -34.84 54.49
N VAL E 453 -26.42 -34.55 53.23
CA VAL E 453 -26.59 -33.20 52.72
C VAL E 453 -27.99 -33.10 52.15
N GLU E 454 -28.81 -32.22 52.73
CA GLU E 454 -30.20 -32.05 52.30
C GLU E 454 -30.44 -30.60 51.89
N LEU E 455 -31.02 -30.42 50.70
CA LEU E 455 -31.58 -29.15 50.24
C LEU E 455 -33.10 -29.24 50.40
N ALA E 456 -33.63 -28.53 51.39
CA ALA E 456 -35.06 -28.44 51.64
C ALA E 456 -35.63 -27.20 50.95
N LEU E 457 -36.66 -27.40 50.13
CA LEU E 457 -37.32 -26.38 49.33
C LEU E 457 -38.78 -26.24 49.76
N THR E 458 -39.21 -25.00 49.97
CA THR E 458 -40.62 -24.62 49.95
C THR E 458 -40.88 -23.93 48.63
N LEU E 459 -41.75 -24.54 47.82
CA LEU E 459 -42.15 -24.08 46.50
C LEU E 459 -43.43 -23.26 46.60
N GLN E 460 -43.75 -22.55 45.51
CA GLN E 460 -45.03 -21.84 45.39
C GLN E 460 -46.21 -22.80 45.61
N ASP E 461 -47.36 -22.24 45.98
CA ASP E 461 -48.59 -23.01 46.11
C ASP E 461 -48.94 -23.73 44.81
N ASP E 462 -49.49 -24.93 44.95
CA ASP E 462 -49.91 -25.82 43.87
C ASP E 462 -48.79 -26.26 42.89
N PHE E 463 -47.51 -25.99 43.20
CA PHE E 463 -46.39 -26.52 42.42
C PHE E 463 -46.33 -28.06 42.52
N GLY E 464 -46.32 -28.72 41.37
CA GLY E 464 -46.31 -30.18 41.30
C GLY E 464 -47.69 -30.83 41.52
N ALA E 465 -48.76 -30.04 41.66
CA ALA E 465 -50.13 -30.53 41.72
C ALA E 465 -50.76 -30.64 40.31
N ALA E 466 -51.80 -31.48 40.19
CA ALA E 466 -52.63 -31.61 38.99
C ALA E 466 -51.84 -31.71 37.66
N HIS E 467 -52.02 -30.75 36.75
CA HIS E 467 -51.39 -30.73 35.42
C HIS E 467 -49.86 -30.61 35.45
N ASP E 468 -49.29 -30.24 36.61
CA ASP E 468 -47.84 -30.17 36.83
C ASP E 468 -47.29 -31.33 37.67
N ALA E 469 -48.07 -32.39 37.88
CA ALA E 469 -47.57 -33.63 38.47
C ALA E 469 -46.37 -34.16 37.67
N ASN E 470 -45.26 -34.44 38.36
CA ASN E 470 -43.96 -34.78 37.77
C ASN E 470 -43.25 -33.58 37.12
N SER E 471 -43.31 -32.43 37.78
CA SER E 471 -42.35 -31.37 37.54
C SER E 471 -40.95 -31.84 37.95
N GLU E 472 -39.90 -31.21 37.45
CA GLU E 472 -38.52 -31.68 37.62
C GLU E 472 -37.73 -30.72 38.51
N LEU E 473 -36.97 -31.26 39.45
CA LEU E 473 -35.92 -30.56 40.19
C LEU E 473 -34.56 -31.03 39.65
N PHE E 474 -33.74 -30.08 39.25
CA PHE E 474 -32.35 -30.28 38.87
C PHE E 474 -31.47 -29.72 39.96
N VAL E 475 -30.52 -30.51 40.45
CA VAL E 475 -29.42 -30.03 41.27
C VAL E 475 -28.11 -30.50 40.66
N PHE E 476 -27.22 -29.57 40.32
CA PHE E 476 -25.90 -29.86 39.81
C PHE E 476 -24.84 -29.34 40.76
N ALA E 477 -23.80 -30.13 41.02
CA ALA E 477 -22.65 -29.71 41.83
C ALA E 477 -21.37 -29.72 41.02
N ARG E 478 -20.48 -28.78 41.32
CA ARG E 478 -19.11 -28.75 40.80
C ARG E 478 -18.17 -29.19 41.92
N SER E 479 -17.34 -30.18 41.66
CA SER E 479 -16.41 -30.74 42.66
C SER E 479 -14.97 -30.80 42.16
N TYR E 480 -14.02 -30.59 43.04
CA TYR E 480 -12.61 -30.81 42.74
C TYR E 480 -12.28 -32.30 42.72
N ASN E 481 -11.47 -32.69 41.73
CA ASN E 481 -10.73 -33.95 41.73
C ASN E 481 -9.35 -33.71 41.10
N ILE E 482 -8.51 -34.74 41.00
CA ILE E 482 -7.18 -34.67 40.42
C ILE E 482 -7.10 -35.67 39.29
N LEU E 483 -6.70 -35.22 38.11
CA LEU E 483 -6.33 -36.08 36.99
C LEU E 483 -4.83 -36.28 36.99
N LYS E 484 -4.38 -37.53 37.03
CA LYS E 484 -2.96 -37.89 37.05
C LYS E 484 -2.53 -38.47 35.72
N PHE E 485 -1.38 -38.02 35.23
CA PHE E 485 -0.72 -38.52 34.03
C PHE E 485 0.56 -39.25 34.43
N THR E 486 0.73 -40.50 34.01
CA THR E 486 1.93 -41.28 34.33
C THR E 486 2.18 -42.33 33.25
N ASN E 487 3.40 -42.38 32.72
CA ASN E 487 3.85 -43.40 31.74
C ASN E 487 2.92 -43.53 30.52
N GLY E 488 2.42 -42.41 29.99
CA GLY E 488 1.54 -42.42 28.82
C GLY E 488 0.07 -42.74 29.12
N LEU E 489 -0.30 -42.88 30.40
CA LEU E 489 -1.66 -43.16 30.86
C LEU E 489 -2.22 -41.97 31.65
N ALA E 490 -3.54 -41.81 31.63
CA ALA E 490 -4.26 -40.79 32.39
C ALA E 490 -5.39 -41.43 33.21
N GLY E 491 -5.56 -41.01 34.46
CA GLY E 491 -6.61 -41.54 35.34
C GLY E 491 -6.96 -40.59 36.49
N ALA F 11 -18.01 -29.70 64.91
CA ALA F 11 -17.31 -30.96 64.68
C ALA F 11 -17.05 -31.21 63.18
N GLY F 12 -18.02 -30.92 62.31
CA GLY F 12 -17.86 -31.08 60.85
C GLY F 12 -16.83 -30.14 60.21
N SER F 13 -16.86 -28.84 60.55
CA SER F 13 -15.93 -27.84 59.96
C SER F 13 -14.49 -28.07 60.40
N LEU F 14 -14.27 -28.43 61.67
CA LEU F 14 -12.94 -28.81 62.15
C LEU F 14 -12.46 -30.12 61.49
N THR F 15 -13.36 -31.09 61.32
CA THR F 15 -13.05 -32.37 60.66
C THR F 15 -12.64 -32.15 59.20
N GLN F 16 -13.26 -31.22 58.48
CA GLN F 16 -12.85 -30.86 57.12
C GLN F 16 -11.41 -30.34 57.06
N LEU F 17 -10.99 -29.51 58.02
CA LEU F 17 -9.60 -29.01 58.09
C LEU F 17 -8.59 -30.13 58.42
N LEU F 18 -9.03 -31.18 59.12
CA LEU F 18 -8.20 -32.34 59.46
C LEU F 18 -8.20 -33.41 58.36
N ALA F 19 -9.25 -33.47 57.54
CA ALA F 19 -9.42 -34.41 56.44
C ALA F 19 -8.56 -34.03 55.23
N THR F 20 -7.24 -33.98 55.43
CA THR F 20 -6.24 -33.70 54.40
C THR F 20 -5.37 -34.92 54.15
N GLY F 21 -5.00 -35.15 52.90
CA GLY F 21 -4.12 -36.21 52.45
C GLY F 21 -2.93 -35.70 51.64
N SER F 22 -2.18 -36.63 51.03
CA SER F 22 -1.01 -36.28 50.22
C SER F 22 -1.33 -35.44 48.98
N MET F 23 -2.56 -35.52 48.44
CA MET F 23 -2.99 -34.68 47.32
C MET F 23 -3.17 -33.21 47.74
N ASP F 24 -3.68 -32.95 48.94
CA ASP F 24 -3.88 -31.59 49.45
C ASP F 24 -2.58 -30.86 49.70
N ALA F 25 -1.49 -31.60 49.93
CA ALA F 25 -0.16 -31.04 50.14
C ALA F 25 0.31 -30.20 48.95
N ALA F 26 0.01 -30.63 47.72
CA ALA F 26 0.34 -29.88 46.50
C ALA F 26 -0.40 -28.53 46.39
N LEU F 27 -1.53 -28.38 47.10
CA LEU F 27 -2.39 -27.20 47.02
C LEU F 27 -2.25 -26.27 48.23
N THR F 28 -2.02 -26.83 49.42
CA THR F 28 -2.18 -26.10 50.69
C THR F 28 -0.98 -26.20 51.63
N GLN F 29 -0.04 -27.13 51.41
CA GLN F 29 1.16 -27.22 52.24
C GLN F 29 2.02 -25.97 52.02
N ASN F 30 2.49 -25.36 53.12
CA ASN F 30 3.26 -24.11 53.09
C ASN F 30 2.54 -22.97 52.36
N ALA F 31 1.22 -22.85 52.55
CA ALA F 31 0.41 -21.79 51.94
C ALA F 31 1.05 -20.40 52.12
N THR F 32 1.30 -19.72 51.00
CA THR F 32 1.92 -18.39 50.94
C THR F 32 0.89 -17.25 50.90
N ARG F 33 -0.41 -17.60 50.89
CA ARG F 33 -1.53 -16.65 50.80
C ARG F 33 -2.62 -17.04 51.82
N THR F 34 -3.25 -16.03 52.41
CA THR F 34 -4.47 -16.18 53.21
C THR F 34 -5.59 -15.33 52.64
N PHE F 35 -6.83 -15.80 52.77
CA PHE F 35 -8.03 -15.02 52.40
C PHE F 35 -8.49 -14.07 53.50
N TRP F 36 -7.97 -14.22 54.73
CA TRP F 36 -8.48 -13.53 55.93
C TRP F 36 -7.63 -12.33 56.38
N LYS F 37 -6.57 -12.03 55.64
CA LYS F 37 -5.72 -10.85 55.86
C LYS F 37 -5.33 -10.26 54.52
N SER F 38 -5.62 -8.97 54.31
CA SER F 38 -5.16 -8.25 53.13
C SER F 38 -3.67 -7.92 53.25
N SER F 39 -2.96 -8.14 52.15
CA SER F 39 -1.61 -7.60 51.93
C SER F 39 -1.69 -6.63 50.76
N TYR F 40 -1.02 -5.49 50.86
CA TYR F 40 -0.90 -4.52 49.77
C TYR F 40 0.58 -4.18 49.52
N GLN F 41 0.89 -3.76 48.30
CA GLN F 41 2.21 -3.26 47.92
C GLN F 41 2.20 -1.73 47.95
N LYS F 42 3.30 -1.13 48.40
CA LYS F 42 3.51 0.31 48.29
C LYS F 42 3.96 0.62 46.85
N HIS F 43 3.57 1.77 46.31
CA HIS F 43 3.96 2.25 44.98
C HIS F 43 4.69 3.61 45.09
N SER F 44 5.39 4.01 44.04
CA SER F 44 6.00 5.34 43.91
C SER F 44 4.93 6.44 43.73
N LEU F 45 5.28 7.69 44.03
CA LEU F 45 4.37 8.82 43.85
C LEU F 45 4.28 9.21 42.37
N PHE F 46 3.05 9.40 41.88
CA PHE F 46 2.78 9.92 40.54
C PHE F 46 1.47 10.71 40.53
N ALA F 47 1.28 11.56 39.51
CA ALA F 47 0.03 12.27 39.26
C ALA F 47 -0.34 12.20 37.77
N LEU F 48 -1.64 12.25 37.47
CA LEU F 48 -2.18 12.28 36.11
C LEU F 48 -2.76 13.66 35.81
N GLU F 49 -2.53 14.17 34.62
CA GLU F 49 -3.07 15.44 34.14
C GLU F 49 -3.57 15.28 32.71
N SER F 50 -4.83 15.65 32.44
CA SER F 50 -5.38 15.67 31.07
C SER F 50 -5.24 17.06 30.48
N ILE F 51 -4.61 17.16 29.31
CA ILE F 51 -4.37 18.44 28.65
C ILE F 51 -4.79 18.37 27.18
N ASN F 52 -5.65 19.32 26.80
CA ASN F 52 -6.11 19.49 25.43
C ASN F 52 -5.19 20.41 24.63
N GLN F 53 -4.83 20.02 23.41
CA GLN F 53 -3.87 20.70 22.56
C GLN F 53 -4.41 20.87 21.13
N PRO F 54 -4.27 22.05 20.52
CA PRO F 54 -4.71 22.28 19.15
C PRO F 54 -3.76 21.61 18.14
N PHE F 55 -4.28 21.28 16.95
CA PHE F 55 -3.44 20.85 15.84
C PHE F 55 -2.44 21.95 15.43
N THR F 56 -1.27 21.52 14.95
CA THR F 56 -0.23 22.44 14.43
C THR F 56 -0.61 22.98 13.04
N THR F 57 -1.34 22.18 12.26
CA THR F 57 -1.91 22.59 10.98
C THR F 57 -3.41 22.74 11.06
N GLN F 58 -4.00 23.40 10.06
CA GLN F 58 -5.46 23.50 9.96
C GLN F 58 -6.11 22.12 9.86
N VAL F 59 -7.22 21.95 10.56
CA VAL F 59 -8.10 20.77 10.49
C VAL F 59 -9.23 21.08 9.52
N GLN F 60 -9.39 20.23 8.50
CA GLN F 60 -10.45 20.33 7.48
C GLN F 60 -10.84 18.94 6.99
N PHE F 61 -12.08 18.77 6.56
CA PHE F 61 -12.53 17.54 5.90
C PHE F 61 -11.69 17.27 4.65
N GLY F 62 -11.36 15.99 4.41
CA GLY F 62 -10.59 15.53 3.24
C GLY F 62 -9.11 15.89 3.23
N ALA F 63 -8.64 16.72 4.17
CA ALA F 63 -7.24 17.11 4.29
C ALA F 63 -6.46 16.17 5.23
N GLU F 64 -5.14 16.34 5.26
CA GLU F 64 -4.28 15.77 6.30
C GLU F 64 -3.86 16.88 7.27
N SER F 65 -3.93 16.61 8.57
CA SER F 65 -3.49 17.51 9.61
C SER F 65 -2.54 16.81 10.56
N HIS F 66 -1.61 17.56 11.16
CA HIS F 66 -0.73 17.01 12.19
C HIS F 66 -0.65 17.90 13.41
N ILE F 67 -0.30 17.28 14.53
CA ILE F 67 0.00 17.92 15.80
C ILE F 67 1.33 17.40 16.32
N THR F 68 2.18 18.30 16.79
CA THR F 68 3.35 17.93 17.60
C THR F 68 2.92 17.91 19.06
N VAL F 69 2.98 16.74 19.69
CA VAL F 69 2.55 16.51 21.06
C VAL F 69 3.48 17.24 22.02
N ASN F 70 2.91 18.07 22.90
CA ASN F 70 3.68 18.82 23.89
C ASN F 70 4.32 17.90 24.93
N ARG F 71 5.35 18.40 25.61
CA ARG F 71 6.06 17.69 26.69
C ARG F 71 5.68 18.27 28.05
N GLN F 72 4.42 18.05 28.44
CA GLN F 72 3.85 18.60 29.68
C GLN F 72 3.91 17.64 30.87
N GLY F 73 4.52 16.46 30.72
CA GLY F 73 4.81 15.52 31.81
C GLY F 73 5.94 14.56 31.43
N ASP F 74 6.14 13.52 32.23
CA ASP F 74 7.25 12.58 32.07
C ASP F 74 6.88 11.36 31.21
N LEU F 75 5.63 10.90 31.30
CA LEU F 75 5.06 9.87 30.44
C LEU F 75 3.81 10.37 29.72
N LEU F 76 3.49 9.75 28.59
CA LEU F 76 2.24 9.90 27.87
C LEU F 76 1.42 8.60 27.98
N SER F 77 0.21 8.71 28.51
CA SER F 77 -0.70 7.59 28.77
C SER F 77 -1.87 7.59 27.79
N TRP F 78 -3.05 8.05 28.17
CA TRP F 78 -4.20 8.08 27.28
C TRP F 78 -4.10 9.19 26.23
N MET F 79 -4.71 8.93 25.07
CA MET F 79 -4.77 9.86 23.95
C MET F 79 -6.15 9.77 23.30
N TYR F 80 -6.87 10.89 23.26
CA TYR F 80 -8.19 11.02 22.65
C TYR F 80 -8.17 12.12 21.60
N LEU F 81 -8.73 11.84 20.43
CA LEU F 81 -9.03 12.86 19.45
C LEU F 81 -10.38 13.50 19.82
N LYS F 82 -10.33 14.75 20.28
CA LYS F 82 -11.52 15.55 20.57
C LYS F 82 -11.99 16.20 19.29
N ILE F 83 -13.14 15.76 18.78
CA ILE F 83 -13.73 16.27 17.54
C ILE F 83 -14.97 17.07 17.90
N VAL F 84 -15.12 18.25 17.29
CA VAL F 84 -16.33 19.07 17.40
C VAL F 84 -16.96 19.19 16.02
N LEU F 85 -18.18 18.66 15.90
CA LEU F 85 -18.99 18.72 14.69
C LEU F 85 -20.14 19.70 14.88
N PRO F 86 -20.42 20.59 13.92
CA PRO F 86 -21.55 21.49 14.03
C PRO F 86 -22.87 20.72 13.94
N GLY F 87 -23.92 21.31 14.51
CA GLY F 87 -25.28 20.90 14.20
C GLY F 87 -25.59 21.11 12.72
N LEU F 88 -26.46 20.28 12.19
CA LEU F 88 -26.94 20.31 10.81
C LEU F 88 -28.39 20.81 10.76
N LYS F 89 -28.68 21.60 9.72
CA LYS F 89 -30.02 21.94 9.26
C LYS F 89 -30.08 21.73 7.76
N VAL F 90 -31.28 21.67 7.21
CA VAL F 90 -31.49 21.53 5.77
C VAL F 90 -32.44 22.62 5.27
N GLN F 91 -32.25 22.98 4.00
CA GLN F 91 -33.11 23.92 3.28
C GLN F 91 -33.28 23.40 1.85
N ASN F 92 -34.44 23.66 1.23
CA ASN F 92 -34.63 23.33 -0.17
C ASN F 92 -33.64 24.11 -1.04
N GLN F 93 -33.09 23.44 -2.05
CA GLN F 93 -32.16 24.06 -2.99
C GLN F 93 -32.76 25.30 -3.68
N ALA F 94 -34.06 25.30 -3.96
CA ALA F 94 -34.79 26.42 -4.56
C ALA F 94 -34.83 27.68 -3.67
N ASP F 95 -34.72 27.52 -2.35
CA ASP F 95 -34.78 28.64 -1.39
C ASP F 95 -33.38 29.17 -1.03
N THR F 96 -32.31 28.60 -1.60
CA THR F 96 -30.93 28.89 -1.22
C THR F 96 -30.25 29.83 -2.21
N VAL F 97 -29.66 30.93 -1.73
CA VAL F 97 -28.97 31.95 -2.56
C VAL F 97 -27.71 31.41 -3.26
N GLN F 98 -27.10 30.34 -2.72
CA GLN F 98 -25.95 29.63 -3.27
C GLN F 98 -26.14 28.12 -3.09
N PRO F 99 -26.88 27.47 -4.01
CA PRO F 99 -27.25 26.06 -3.86
C PRO F 99 -26.10 25.08 -4.13
N THR F 100 -24.98 25.55 -4.69
CA THR F 100 -23.86 24.70 -5.09
C THR F 100 -23.10 24.20 -3.87
N GLN F 101 -23.26 22.92 -3.59
CA GLN F 101 -22.58 22.20 -2.53
C GLN F 101 -22.14 20.82 -3.05
N GLN F 102 -21.20 20.18 -2.37
CA GLN F 102 -20.87 18.76 -2.61
C GLN F 102 -22.12 17.88 -2.50
N SER F 103 -22.18 16.81 -3.28
CA SER F 103 -23.28 15.83 -3.19
C SER F 103 -23.13 14.98 -1.94
N PHE F 104 -24.26 14.68 -1.28
CA PHE F 104 -24.35 13.79 -0.12
C PHE F 104 -25.27 12.63 -0.45
N ALA F 105 -25.04 11.48 0.19
CA ALA F 105 -25.95 10.35 0.10
C ALA F 105 -27.36 10.77 0.58
N SER F 106 -28.40 10.28 -0.08
CA SER F 106 -29.78 10.64 0.23
C SER F 106 -30.70 9.42 0.26
N LEU F 107 -31.66 9.43 1.17
CA LEU F 107 -32.54 8.28 1.43
C LEU F 107 -33.61 8.10 0.34
N ASP F 108 -33.96 9.15 -0.40
CA ASP F 108 -34.77 9.07 -1.61
C ASP F 108 -34.04 8.41 -2.80
N ASN F 109 -32.72 8.24 -2.70
CA ASN F 109 -31.89 7.53 -3.67
C ASN F 109 -31.06 6.45 -2.96
N ASP F 110 -31.74 5.49 -2.32
CA ASP F 110 -31.09 4.39 -1.60
C ASP F 110 -30.39 3.42 -2.57
N VAL F 111 -29.10 3.68 -2.81
CA VAL F 111 -28.25 2.89 -3.71
C VAL F 111 -28.08 1.46 -3.21
N ALA F 112 -28.08 1.23 -1.89
CA ALA F 112 -27.96 -0.11 -1.32
C ALA F 112 -29.22 -0.94 -1.58
N ALA F 113 -30.40 -0.36 -1.36
CA ALA F 113 -31.67 -1.01 -1.70
C ALA F 113 -31.80 -1.26 -3.21
N GLN F 114 -31.40 -0.32 -4.06
CA GLN F 114 -31.40 -0.49 -5.52
C GLN F 114 -30.45 -1.62 -5.95
N ALA F 115 -29.27 -1.71 -5.35
CA ALA F 115 -28.33 -2.81 -5.61
C ALA F 115 -28.95 -4.15 -5.20
N ASP F 116 -29.57 -4.26 -4.03
CA ASP F 116 -30.27 -5.48 -3.60
C ASP F 116 -31.41 -5.87 -4.56
N VAL F 117 -32.20 -4.90 -5.02
CA VAL F 117 -33.25 -5.15 -6.02
C VAL F 117 -32.67 -5.66 -7.33
N SER F 118 -31.50 -5.15 -7.76
CA SER F 118 -30.87 -5.57 -9.01
C SER F 118 -30.55 -7.07 -9.07
N HIS F 119 -30.20 -7.68 -7.93
CA HIS F 119 -29.90 -9.11 -7.83
C HIS F 119 -31.15 -9.99 -7.94
N VAL F 120 -32.33 -9.47 -7.58
CA VAL F 120 -33.60 -10.21 -7.63
C VAL F 120 -34.42 -9.94 -8.89
N LEU F 121 -34.04 -8.94 -9.71
CA LEU F 121 -34.72 -8.64 -10.99
C LEU F 121 -34.95 -9.88 -11.87
N PRO F 122 -33.99 -10.82 -12.02
CA PRO F 122 -34.20 -12.03 -12.83
C PRO F 122 -35.29 -12.98 -12.30
N TYR F 123 -35.71 -12.81 -11.05
CA TYR F 123 -36.69 -13.63 -10.35
C TYR F 123 -38.06 -12.95 -10.23
N ILE F 124 -38.22 -11.73 -10.77
CA ILE F 124 -39.52 -11.05 -10.81
C ILE F 124 -40.35 -11.65 -11.94
N GLU F 125 -41.48 -12.25 -11.58
CA GLU F 125 -42.49 -12.74 -12.53
C GLU F 125 -43.57 -11.66 -12.76
N GLY F 126 -43.95 -11.42 -14.02
CA GLY F 126 -45.02 -10.47 -14.38
C GLY F 126 -44.56 -9.06 -14.78
N ALA F 127 -45.52 -8.16 -14.98
CA ALA F 127 -45.31 -6.82 -15.56
C ALA F 127 -44.76 -5.81 -14.54
N TYR F 128 -43.51 -5.98 -14.12
CA TYR F 128 -42.88 -5.10 -13.11
C TYR F 128 -42.85 -3.62 -13.52
N THR F 129 -42.52 -3.32 -14.78
CA THR F 129 -42.31 -1.94 -15.24
C THR F 129 -43.56 -1.09 -15.16
N GLU F 130 -44.73 -1.68 -15.41
CA GLU F 130 -46.04 -1.01 -15.47
C GLU F 130 -46.82 -1.09 -14.14
N ALA F 131 -46.32 -1.84 -13.17
CA ALA F 131 -46.98 -2.05 -11.89
C ALA F 131 -47.04 -0.78 -11.02
N SER F 132 -48.11 -0.67 -10.22
CA SER F 132 -48.21 0.35 -9.16
C SER F 132 -47.10 0.18 -8.12
N LEU F 133 -46.77 1.22 -7.35
CA LEU F 133 -45.69 1.15 -6.35
C LEU F 133 -45.89 0.00 -5.34
N ASN F 134 -47.10 -0.11 -4.78
CA ASN F 134 -47.44 -1.19 -3.83
C ASN F 134 -47.33 -2.57 -4.48
N THR F 135 -47.69 -2.69 -5.76
CA THR F 135 -47.54 -3.93 -6.51
C THR F 135 -46.06 -4.25 -6.77
N LYS F 136 -45.22 -3.24 -7.06
CA LYS F 136 -43.77 -3.44 -7.22
C LYS F 136 -43.12 -3.93 -5.93
N GLU F 137 -43.51 -3.40 -4.77
CA GLU F 137 -43.00 -3.87 -3.48
C GLU F 137 -43.37 -5.33 -3.20
N GLN F 138 -44.60 -5.73 -3.53
CA GLN F 138 -45.05 -7.14 -3.46
C GLN F 138 -44.22 -8.04 -4.38
N LEU F 139 -44.08 -7.67 -5.66
CA LEU F 139 -43.30 -8.42 -6.64
C LEU F 139 -41.82 -8.57 -6.23
N ILE F 140 -41.22 -7.52 -5.65
CA ILE F 140 -39.84 -7.58 -5.14
C ILE F 140 -39.74 -8.54 -3.96
N ALA F 141 -40.69 -8.53 -3.03
CA ALA F 141 -40.69 -9.44 -1.88
C ALA F 141 -40.88 -10.92 -2.29
N GLU F 142 -41.75 -11.18 -3.27
CA GLU F 142 -41.92 -12.51 -3.86
C GLU F 142 -40.66 -12.95 -4.61
N ALA F 143 -40.05 -12.07 -5.42
CA ALA F 143 -38.80 -12.35 -6.11
C ALA F 143 -37.63 -12.61 -5.15
N LYS F 144 -37.59 -11.92 -4.00
CA LYS F 144 -36.62 -12.21 -2.92
C LYS F 144 -36.79 -13.64 -2.41
N ASN F 145 -38.01 -14.10 -2.17
CA ASN F 145 -38.26 -15.50 -1.79
C ASN F 145 -37.75 -16.48 -2.86
N SER F 146 -38.06 -16.23 -4.14
CA SER F 146 -37.61 -17.07 -5.25
C SER F 146 -36.09 -17.09 -5.41
N TYR F 147 -35.44 -15.92 -5.29
CA TYR F 147 -33.98 -15.80 -5.28
C TYR F 147 -33.37 -16.59 -4.13
N GLU F 148 -33.88 -16.42 -2.91
CA GLU F 148 -33.32 -17.08 -1.73
C GLU F 148 -33.57 -18.59 -1.72
N ALA F 149 -34.71 -19.04 -2.24
CA ALA F 149 -34.98 -20.46 -2.46
C ALA F 149 -33.99 -21.05 -3.48
N ALA F 150 -33.75 -20.35 -4.60
CA ALA F 150 -32.85 -20.82 -5.65
C ALA F 150 -31.37 -20.83 -5.23
N LYS F 151 -30.92 -19.82 -4.47
CA LYS F 151 -29.51 -19.65 -4.09
C LYS F 151 -29.15 -20.35 -2.79
N TYR F 152 -30.08 -20.39 -1.82
CA TYR F 152 -29.79 -20.81 -0.45
C TYR F 152 -30.69 -21.95 0.03
N ASN F 153 -31.59 -22.49 -0.81
CA ASN F 153 -32.64 -23.43 -0.40
C ASN F 153 -33.43 -22.92 0.81
N ALA F 154 -33.62 -21.60 0.91
CA ALA F 154 -34.34 -20.98 2.01
C ALA F 154 -35.84 -21.24 1.87
N ALA F 155 -36.51 -21.51 2.99
CA ALA F 155 -37.97 -21.49 3.04
C ALA F 155 -38.48 -20.05 2.86
N PRO F 156 -39.58 -19.84 2.12
CA PRO F 156 -40.09 -18.50 1.88
C PRO F 156 -40.59 -17.87 3.18
N LEU F 157 -40.26 -16.60 3.39
CA LEU F 157 -40.85 -15.80 4.46
C LEU F 157 -42.19 -15.22 4.00
N PRO F 158 -43.20 -15.09 4.88
CA PRO F 158 -44.43 -14.37 4.56
C PRO F 158 -44.09 -12.95 4.06
N VAL F 159 -44.69 -12.54 2.95
CA VAL F 159 -44.41 -11.23 2.31
C VAL F 159 -44.55 -10.07 3.31
N ALA F 160 -45.58 -10.12 4.17
CA ALA F 160 -45.80 -9.12 5.22
C ALA F 160 -44.63 -9.00 6.23
N ALA F 161 -43.86 -10.07 6.47
CA ALA F 161 -42.70 -10.03 7.37
C ALA F 161 -41.46 -9.41 6.71
N GLN F 162 -41.40 -9.37 5.37
CA GLN F 162 -40.32 -8.74 4.61
C GLN F 162 -40.56 -7.25 4.38
N MET F 163 -41.82 -6.82 4.39
CA MET F 163 -42.23 -5.43 4.29
C MET F 163 -42.05 -4.72 5.64
N GLN F 164 -40.80 -4.58 6.09
CA GLN F 164 -40.48 -3.73 7.22
C GLN F 164 -40.46 -2.27 6.76
N SER F 165 -41.50 -1.50 7.09
CA SER F 165 -41.41 -0.04 7.00
C SER F 165 -40.53 0.44 8.16
N THR F 166 -39.35 0.95 7.83
CA THR F 166 -38.67 1.81 8.80
C THR F 166 -39.52 3.08 8.85
N GLU F 167 -40.16 3.36 9.99
CA GLU F 167 -40.91 4.62 10.17
C GLU F 167 -39.92 5.78 10.10
N MET F 168 -39.71 6.29 8.89
CA MET F 168 -38.92 7.47 8.65
C MET F 168 -39.80 8.69 8.92
N PRO F 169 -39.26 9.74 9.56
CA PRO F 169 -40.05 10.92 9.84
C PRO F 169 -40.48 11.65 8.56
N ASP F 170 -41.70 12.20 8.54
CA ASP F 170 -42.28 12.95 7.41
C ASP F 170 -41.79 14.42 7.34
N PHE F 171 -40.53 14.67 7.70
CA PHE F 171 -39.92 15.99 7.64
C PHE F 171 -38.50 15.92 7.08
N ASP F 172 -37.95 17.06 6.68
CA ASP F 172 -36.60 17.14 6.13
C ASP F 172 -35.52 17.14 7.20
N TYR F 173 -34.46 16.37 6.96
CA TYR F 173 -33.32 16.29 7.86
C TYR F 173 -32.03 15.91 7.13
N ALA F 174 -30.92 16.15 7.81
CA ALA F 174 -29.62 15.55 7.51
C ALA F 174 -28.96 15.13 8.83
N TYR F 175 -28.13 14.10 8.76
CA TYR F 175 -27.40 13.60 9.92
C TYR F 175 -25.99 13.15 9.56
N TRP F 176 -25.12 13.21 10.56
CA TRP F 176 -23.79 12.61 10.50
C TRP F 176 -23.90 11.09 10.48
N THR F 177 -23.12 10.42 9.63
CA THR F 177 -23.15 8.95 9.49
C THR F 177 -22.86 8.22 10.81
N GLU F 178 -23.29 6.96 10.90
CA GLU F 178 -23.11 6.12 12.06
C GLU F 178 -21.63 5.98 12.44
N ALA F 179 -21.32 6.12 13.74
CA ALA F 179 -19.95 6.08 14.26
C ALA F 179 -19.02 7.11 13.58
N ILE F 180 -19.54 8.30 13.28
CA ILE F 180 -18.84 9.39 12.61
C ILE F 180 -17.47 9.69 13.23
N GLY F 181 -17.29 9.53 14.54
CA GLY F 181 -16.01 9.73 15.21
C GLY F 181 -14.90 8.81 14.68
N PHE F 182 -15.22 7.55 14.36
CA PHE F 182 -14.27 6.66 13.67
C PHE F 182 -14.17 6.97 12.19
N HIS F 183 -15.30 7.20 11.51
CA HIS F 183 -15.30 7.43 10.05
C HIS F 183 -14.45 8.63 9.65
N LEU F 184 -14.47 9.70 10.46
CA LEU F 184 -13.64 10.89 10.25
C LEU F 184 -12.16 10.59 10.17
N ILE F 185 -11.67 9.58 10.90
CA ILE F 185 -10.25 9.22 10.98
C ILE F 185 -9.98 8.17 9.91
N LYS F 186 -9.83 8.58 8.65
CA LYS F 186 -9.48 7.61 7.59
C LYS F 186 -8.19 6.88 7.89
N ARG F 187 -7.21 7.62 8.42
CA ARG F 187 -5.93 7.07 8.86
C ARG F 187 -5.32 8.00 9.92
N ALA F 188 -4.74 7.43 10.97
CA ALA F 188 -3.89 8.17 11.89
C ALA F 188 -2.54 7.48 12.04
N GLU F 189 -1.47 8.26 12.11
CA GLU F 189 -0.09 7.78 12.25
C GLU F 189 0.54 8.38 13.51
N PHE F 190 1.05 7.53 14.39
CA PHE F 190 1.86 7.94 15.52
C PHE F 190 3.33 7.93 15.10
N LYS F 191 3.95 9.11 15.07
CA LYS F 191 5.34 9.31 14.63
C LYS F 191 6.23 9.76 15.76
N VAL F 192 7.46 9.25 15.77
CA VAL F 192 8.51 9.63 16.72
C VAL F 192 9.80 9.85 15.96
N GLY F 193 10.36 11.06 16.04
CA GLY F 193 11.61 11.41 15.33
C GLY F 193 11.47 11.35 13.81
N GLY F 194 10.27 11.52 13.27
CA GLY F 194 9.96 11.41 11.83
C GLY F 194 9.65 9.99 11.35
N ALA F 195 9.93 8.96 12.14
CA ALA F 195 9.56 7.58 11.81
C ALA F 195 8.13 7.26 12.27
N THR F 196 7.34 6.62 11.42
CA THR F 196 6.03 6.07 11.80
C THR F 196 6.21 4.86 12.68
N ILE F 197 5.75 4.94 13.92
CA ILE F 197 5.79 3.86 14.90
C ILE F 197 4.58 2.95 14.73
N ASP F 198 3.40 3.51 14.48
CA ASP F 198 2.19 2.72 14.25
C ASP F 198 1.19 3.51 13.39
N THR F 199 0.29 2.81 12.71
CA THR F 199 -0.77 3.38 11.88
C THR F 199 -2.09 2.71 12.21
N ILE F 200 -3.16 3.48 12.37
CA ILE F 200 -4.51 2.98 12.57
C ILE F 200 -5.44 3.52 11.49
N TRP F 201 -6.47 2.75 11.16
CA TRP F 201 -7.46 3.10 10.12
C TRP F 201 -8.87 3.13 10.73
N SER F 202 -9.77 3.91 10.15
CA SER F 202 -11.19 3.99 10.55
C SER F 202 -11.81 2.60 10.70
N GLU F 203 -11.65 1.77 9.67
CA GLU F 203 -12.20 0.41 9.61
C GLU F 203 -11.60 -0.49 10.71
N LEU F 204 -10.31 -0.34 11.01
CA LEU F 204 -9.66 -1.06 12.11
C LEU F 204 -10.18 -0.60 13.48
N LEU F 205 -10.32 0.71 13.71
CA LEU F 205 -10.86 1.25 14.96
C LEU F 205 -12.24 0.67 15.27
N PHE F 206 -13.12 0.61 14.26
CA PHE F 206 -14.43 0.02 14.39
C PHE F 206 -14.36 -1.48 14.70
N ALA F 207 -13.50 -2.22 14.00
CA ALA F 207 -13.34 -3.65 14.24
C ALA F 207 -12.80 -3.98 15.63
N MET F 208 -11.84 -3.19 16.10
CA MET F 208 -11.28 -3.28 17.43
C MET F 208 -12.32 -3.01 18.51
N GLU F 209 -13.19 -2.00 18.34
CA GLU F 209 -14.30 -1.73 19.27
C GLU F 209 -15.34 -2.85 19.26
N GLU F 210 -15.63 -3.45 18.10
CA GLU F 210 -16.57 -4.57 18.02
C GLU F 210 -16.09 -5.81 18.79
N LEU F 211 -14.80 -6.15 18.66
CA LEU F 211 -14.22 -7.34 19.28
C LEU F 211 -13.75 -7.11 20.72
N MET F 212 -13.09 -5.99 21.00
CA MET F 212 -12.44 -5.71 22.29
C MET F 212 -13.26 -4.75 23.18
N GLY F 213 -14.32 -4.15 22.65
CA GLY F 213 -15.19 -3.25 23.40
C GLY F 213 -15.93 -4.00 24.50
N ARG F 214 -15.64 -3.66 25.76
CA ARG F 214 -16.22 -4.33 26.93
C ARG F 214 -17.68 -3.92 27.15
N ALA F 215 -18.50 -4.87 27.60
CA ALA F 215 -19.87 -4.59 28.01
C ALA F 215 -19.92 -3.47 29.07
N GLY F 216 -20.82 -2.50 28.89
CA GLY F 216 -20.95 -1.31 29.74
C GLY F 216 -19.87 -0.23 29.53
N ARG F 217 -18.90 -0.45 28.63
CA ARG F 217 -17.87 0.53 28.26
C ARG F 217 -17.72 0.67 26.74
N ARG F 218 -18.79 0.39 26.00
CA ARG F 218 -18.83 0.60 24.55
C ARG F 218 -18.73 2.08 24.24
N LEU F 219 -18.08 2.42 23.15
CA LEU F 219 -17.75 3.80 22.78
C LEU F 219 -18.92 4.62 22.21
N THR F 220 -20.15 4.10 22.29
CA THR F 220 -21.35 4.61 21.57
C THR F 220 -21.41 6.13 21.45
N GLU F 221 -21.66 6.82 22.56
CA GLU F 221 -21.76 8.29 22.58
C GLU F 221 -20.45 8.97 22.22
N THR F 222 -19.31 8.44 22.67
CA THR F 222 -17.98 9.02 22.46
C THR F 222 -17.54 9.07 20.99
N ILE F 223 -18.15 8.25 20.12
CA ILE F 223 -17.85 8.21 18.67
C ILE F 223 -19.07 8.50 17.78
N GLY F 224 -20.23 8.86 18.36
CA GLY F 224 -21.46 9.10 17.60
C GLY F 224 -22.06 7.83 16.98
N ARG F 225 -22.06 6.72 17.72
CA ARG F 225 -22.61 5.42 17.30
C ARG F 225 -23.93 5.12 18.01
N THR F 226 -24.97 4.80 17.24
CA THR F 226 -26.36 4.56 17.71
C THR F 226 -26.83 3.12 17.56
N LEU F 227 -25.97 2.23 17.05
CA LEU F 227 -26.29 0.87 16.66
C LEU F 227 -27.34 0.83 15.53
N ARG F 228 -27.14 1.66 14.51
CA ARG F 228 -28.00 1.76 13.31
C ARG F 228 -29.45 2.14 13.64
N ARG F 229 -29.64 3.15 14.48
CA ARG F 229 -30.95 3.77 14.74
C ARG F 229 -30.97 5.18 14.14
N PRO F 230 -31.44 5.34 12.88
CA PRO F 230 -31.32 6.60 12.15
C PRO F 230 -31.95 7.78 12.89
N THR F 231 -33.07 7.56 13.59
CA THR F 231 -33.76 8.60 14.37
C THR F 231 -32.89 9.18 15.49
N GLU F 232 -32.01 8.40 16.10
CA GLU F 232 -31.07 8.87 17.13
C GLU F 232 -29.92 9.68 16.49
N LEU F 233 -29.41 9.26 15.32
CA LEU F 233 -28.43 10.04 14.57
C LEU F 233 -28.98 11.40 14.15
N MET F 234 -30.24 11.44 13.70
CA MET F 234 -30.95 12.69 13.37
C MET F 234 -31.03 13.61 14.59
N LYS F 235 -31.49 13.10 15.74
CA LYS F 235 -31.60 13.89 16.97
C LYS F 235 -30.25 14.47 17.38
N ALA F 236 -29.21 13.64 17.41
CA ALA F 236 -27.86 14.07 17.77
C ALA F 236 -27.31 15.11 16.78
N SER F 237 -27.60 14.98 15.49
CA SER F 237 -27.07 15.85 14.44
C SER F 237 -27.72 17.23 14.35
N ARG F 238 -28.78 17.51 15.10
CA ARG F 238 -29.44 18.84 15.10
C ARG F 238 -28.69 19.91 15.89
N GLN F 239 -27.72 19.51 16.70
CA GLN F 239 -26.92 20.38 17.57
C GLN F 239 -25.44 20.04 17.45
N GLU F 240 -24.59 20.90 18.01
CA GLU F 240 -23.16 20.64 18.07
C GLU F 240 -22.87 19.34 18.84
N GLN F 241 -21.99 18.51 18.29
CA GLN F 241 -21.54 17.27 18.92
C GLN F 241 -20.07 17.37 19.27
N ILE F 242 -19.73 16.97 20.49
CA ILE F 242 -18.35 16.84 20.96
C ILE F 242 -18.07 15.34 21.15
N LEU F 243 -17.15 14.80 20.37
CA LEU F 243 -16.77 13.40 20.37
C LEU F 243 -15.35 13.25 20.93
N TYR F 244 -15.12 12.20 21.71
CA TYR F 244 -13.82 11.85 22.27
C TYR F 244 -13.41 10.47 21.77
N VAL F 245 -12.71 10.43 20.64
CA VAL F 245 -12.35 9.18 19.99
C VAL F 245 -11.04 8.65 20.58
N PRO F 246 -11.03 7.51 21.30
CA PRO F 246 -9.79 6.95 21.83
C PRO F 246 -8.89 6.48 20.69
N LEU F 247 -7.60 6.81 20.77
CA LEU F 247 -6.60 6.30 19.84
C LEU F 247 -5.85 5.14 20.51
N PRO F 248 -6.10 3.87 20.12
CA PRO F 248 -5.69 2.69 20.85
C PRO F 248 -4.23 2.28 20.63
N TRP F 249 -3.29 3.23 20.73
CA TRP F 249 -1.86 2.96 20.61
C TRP F 249 -1.37 2.00 21.70
N TYR F 250 -0.22 1.34 21.48
CA TYR F 250 0.32 0.38 22.44
C TYR F 250 0.44 0.96 23.87
N PHE F 251 0.86 2.23 23.98
CA PHE F 251 1.09 2.90 25.25
C PHE F 251 -0.20 3.30 25.99
N THR F 252 -1.37 3.25 25.34
CA THR F 252 -2.66 3.54 25.99
C THR F 252 -3.28 2.29 26.62
N LYS F 253 -2.69 1.11 26.43
CA LYS F 253 -3.29 -0.19 26.80
C LYS F 253 -2.96 -0.62 28.23
N HIS F 254 -1.81 -0.19 28.76
CA HIS F 254 -1.39 -0.55 30.12
C HIS F 254 -0.45 0.53 30.68
N PRO F 255 -0.55 0.89 31.98
CA PRO F 255 0.31 1.93 32.57
C PRO F 255 1.82 1.68 32.41
N SER F 256 2.26 0.42 32.45
CA SER F 256 3.68 0.08 32.26
C SER F 256 4.20 0.27 30.83
N LEU F 257 3.30 0.53 29.87
CA LEU F 257 3.64 0.80 28.47
C LEU F 257 3.53 2.29 28.13
N ALA F 258 3.15 3.14 29.09
CA ALA F 258 3.08 4.58 28.88
C ALA F 258 4.36 5.09 28.21
N PHE F 259 4.20 5.95 27.21
CA PHE F 259 5.31 6.35 26.35
C PHE F 259 6.24 7.28 27.15
N PRO F 260 7.53 6.94 27.33
CA PRO F 260 8.43 7.70 28.19
C PRO F 260 8.97 8.94 27.48
N LEU F 261 8.26 10.06 27.65
CA LEU F 261 8.62 11.35 27.04
C LEU F 261 10.06 11.75 27.42
N VAL F 262 10.42 11.62 28.70
CA VAL F 262 11.76 11.95 29.21
C VAL F 262 12.88 11.12 28.57
N ALA F 263 12.59 9.87 28.18
CA ALA F 263 13.57 9.00 27.55
C ALA F 263 13.73 9.27 26.04
N ALA F 264 12.79 10.00 25.43
CA ALA F 264 12.79 10.33 24.02
C ALA F 264 13.03 11.84 23.76
N THR F 265 13.74 12.54 24.65
CA THR F 265 13.87 14.01 24.69
C THR F 265 14.27 14.66 23.34
N TYR F 266 15.07 14.00 22.51
CA TYR F 266 15.56 14.55 21.24
C TYR F 266 14.69 14.22 20.03
N HIS F 267 13.55 13.54 20.21
CA HIS F 267 12.60 13.24 19.15
C HIS F 267 11.28 14.00 19.33
N ASN F 268 10.81 14.63 18.27
CA ASN F 268 9.44 15.13 18.23
C ASN F 268 8.46 13.97 18.15
N ILE F 269 7.38 14.07 18.91
CA ILE F 269 6.28 13.11 18.89
C ILE F 269 5.14 13.78 18.15
N GLN F 270 4.64 13.13 17.12
CA GLN F 270 3.61 13.71 16.27
C GLN F 270 2.47 12.73 16.05
N LEU F 271 1.26 13.26 16.02
CA LEU F 271 0.10 12.55 15.51
C LEU F 271 -0.27 13.19 14.17
N TRP F 272 -0.34 12.38 13.13
CA TRP F 272 -0.83 12.76 11.81
C TRP F 272 -2.19 12.12 11.60
N VAL F 273 -3.16 12.87 11.07
CA VAL F 273 -4.53 12.40 10.84
C VAL F 273 -4.95 12.79 9.43
N GLN F 274 -5.31 11.80 8.63
CA GLN F 274 -5.99 11.98 7.36
C GLN F 274 -7.50 11.94 7.59
N TRP F 275 -8.17 13.05 7.28
CA TRP F 275 -9.59 13.23 7.53
C TRP F 275 -10.47 12.73 6.37
N ALA F 276 -11.65 12.20 6.71
CA ALA F 276 -12.65 11.84 5.71
C ALA F 276 -13.17 13.06 4.93
N GLN F 277 -13.55 12.84 3.67
CA GLN F 277 -14.21 13.86 2.85
C GLN F 277 -15.61 14.15 3.39
N LEU F 278 -16.02 15.42 3.37
CA LEU F 278 -17.30 15.88 3.92
C LEU F 278 -18.50 15.18 3.26
N ASN F 279 -18.47 14.99 1.94
CA ASN F 279 -19.49 14.27 1.18
C ASN F 279 -19.80 12.86 1.72
N SER F 280 -18.83 12.19 2.34
CA SER F 280 -18.99 10.85 2.92
C SER F 280 -19.52 10.87 4.34
N CYS F 281 -19.54 12.02 5.00
CA CYS F 281 -19.86 12.11 6.43
C CYS F 281 -21.35 12.36 6.70
N ILE F 282 -22.14 12.76 5.70
CA ILE F 282 -23.52 13.23 5.86
C ILE F 282 -24.47 12.42 4.99
N ILE F 283 -25.62 12.09 5.55
CA ILE F 283 -26.78 11.51 4.85
C ILE F 283 -27.96 12.46 5.02
N LYS F 284 -28.75 12.67 3.96
CA LYS F 284 -29.94 13.54 3.96
C LYS F 284 -31.21 12.81 3.57
N SER F 285 -32.37 13.32 4.01
CA SER F 285 -33.67 12.71 3.67
C SER F 285 -33.94 12.73 2.17
N ARG F 286 -33.59 13.83 1.47
CA ARG F 286 -33.87 14.03 0.04
C ARG F 286 -32.70 14.63 -0.73
N SER F 287 -32.56 14.22 -1.99
CA SER F 287 -31.48 14.59 -2.92
C SER F 287 -31.41 16.09 -3.22
N ASN F 288 -32.54 16.80 -3.20
CA ASN F 288 -32.67 18.23 -3.51
C ASN F 288 -32.47 19.19 -2.31
N LEU F 289 -32.02 18.68 -1.16
CA LEU F 289 -31.74 19.50 0.02
C LEU F 289 -30.29 19.99 0.04
N VAL F 290 -30.09 21.23 0.49
CA VAL F 290 -28.81 21.83 0.86
C VAL F 290 -28.60 21.64 2.37
N VAL F 291 -27.41 21.21 2.78
CA VAL F 291 -27.09 21.00 4.19
C VAL F 291 -26.37 22.23 4.73
N LEU F 292 -26.90 22.81 5.79
CA LEU F 292 -26.44 24.04 6.43
C LEU F 292 -25.83 23.75 7.80
N HIS F 293 -24.83 24.56 8.18
CA HIS F 293 -24.38 24.69 9.56
C HIS F 293 -25.50 25.31 10.41
N ALA F 294 -25.99 24.59 11.42
CA ALA F 294 -27.20 24.94 12.16
C ALA F 294 -27.15 26.32 12.86
N GLU F 295 -25.99 26.67 13.41
CA GLU F 295 -25.76 27.95 14.09
C GLU F 295 -25.47 29.10 13.11
N ARG F 296 -24.55 28.88 12.16
CA ARG F 296 -24.08 29.93 11.24
C ARG F 296 -25.03 30.20 10.06
N ASN F 297 -25.97 29.30 9.78
CA ASN F 297 -26.91 29.37 8.65
C ASN F 297 -26.21 29.57 7.29
N VAL F 298 -25.07 28.91 7.09
CA VAL F 298 -24.34 28.86 5.82
C VAL F 298 -24.21 27.40 5.37
N PRO F 299 -24.09 27.13 4.05
CA PRO F 299 -23.82 25.79 3.55
C PRO F 299 -22.64 25.15 4.28
N ILE F 300 -22.76 23.88 4.66
CA ILE F 300 -21.65 23.18 5.32
C ILE F 300 -20.48 22.98 4.35
N SER F 301 -19.27 23.26 4.83
CA SER F 301 -18.02 23.29 4.06
C SER F 301 -16.90 22.57 4.81
N ASP F 302 -15.80 22.31 4.10
CA ASP F 302 -14.71 21.47 4.59
C ASP F 302 -13.98 22.08 5.82
N ASP F 303 -14.05 23.41 6.01
CA ASP F 303 -13.44 24.15 7.13
C ASP F 303 -14.28 24.14 8.42
N HIS F 304 -15.46 23.51 8.40
CA HIS F 304 -16.29 23.38 9.59
C HIS F 304 -15.90 22.20 10.51
N LEU F 305 -14.97 21.34 10.10
CA LEU F 305 -14.39 20.33 10.98
C LEU F 305 -13.47 21.00 12.00
N ARG F 306 -13.70 20.74 13.29
CA ARG F 306 -12.77 21.16 14.35
C ARG F 306 -12.30 19.94 15.12
N ALA F 307 -11.00 19.88 15.39
CA ALA F 307 -10.44 18.83 16.23
C ALA F 307 -9.27 19.35 17.06
N SER F 308 -9.06 18.71 18.19
CA SER F 308 -7.92 18.89 19.09
C SER F 308 -7.53 17.54 19.68
N LEU F 309 -6.32 17.47 20.27
CA LEU F 309 -5.81 16.25 20.87
C LEU F 309 -5.82 16.38 22.39
N GLU F 310 -6.53 15.50 23.08
CA GLU F 310 -6.52 15.41 24.52
C GLU F 310 -5.59 14.29 24.98
N CYS F 311 -4.51 14.67 25.65
CA CYS F 311 -3.47 13.76 26.12
C CYS F 311 -3.46 13.70 27.64
N THR F 312 -3.35 12.50 28.21
CA THR F 312 -3.09 12.32 29.64
C THR F 312 -1.59 12.14 29.87
N TYR F 313 -1.00 13.11 30.57
CA TYR F 313 0.38 13.09 31.01
C TYR F 313 0.49 12.46 32.40
N VAL F 314 1.63 11.80 32.65
CA VAL F 314 2.00 11.30 33.97
C VAL F 314 3.19 12.10 34.47
N HIS F 315 3.06 12.66 35.67
CA HIS F 315 4.14 13.31 36.41
C HIS F 315 4.70 12.34 37.42
N LEU F 316 6.00 12.10 37.37
CA LEU F 316 6.70 11.15 38.23
C LEU F 316 7.45 11.89 39.35
N GLU F 317 7.66 11.20 40.47
CA GLU F 317 8.65 11.65 41.45
C GLU F 317 10.05 11.69 40.82
N ALA F 318 10.88 12.65 41.26
CA ALA F 318 12.22 12.89 40.71
C ALA F 318 13.08 11.61 40.62
N ALA F 319 13.06 10.76 41.66
CA ALA F 319 13.83 9.53 41.66
C ALA F 319 13.42 8.55 40.55
N GLU F 320 12.12 8.40 40.29
CA GLU F 320 11.62 7.52 39.22
C GLU F 320 11.85 8.13 37.84
N ARG F 321 11.66 9.45 37.71
CA ARG F 321 11.97 10.21 36.50
C ARG F 321 13.44 10.08 36.09
N ASP F 322 14.34 10.22 37.05
CA ASP F 322 15.79 10.11 36.83
C ASP F 322 16.18 8.68 36.46
N ALA F 323 15.60 7.68 37.13
CA ALA F 323 15.80 6.27 36.79
C ALA F 323 15.34 5.94 35.37
N LEU F 324 14.16 6.45 34.98
CA LEU F 324 13.60 6.24 33.64
C LEU F 324 14.43 6.96 32.55
N THR F 325 14.95 8.15 32.85
CA THR F 325 15.82 8.89 31.93
C THR F 325 17.15 8.17 31.72
N ALA F 326 17.72 7.61 32.80
CA ALA F 326 18.96 6.85 32.73
C ALA F 326 18.80 5.50 32.01
N ASN F 327 17.67 4.81 32.20
CA ASN F 327 17.44 3.48 31.65
C ASN F 327 15.96 3.17 31.36
N ALA F 328 15.41 3.75 30.29
CA ALA F 328 14.08 3.37 29.80
C ALA F 328 14.06 2.01 29.09
N GLY F 329 15.21 1.55 28.59
CA GLY F 329 15.35 0.24 27.96
C GLY F 329 14.48 0.05 26.71
N THR F 330 13.69 -1.03 26.72
CA THR F 330 12.85 -1.44 25.58
C THR F 330 11.42 -1.70 26.03
N GLN F 331 10.45 -1.32 25.20
CA GLN F 331 9.05 -1.69 25.37
C GLN F 331 8.64 -2.65 24.26
N LEU F 332 7.93 -3.72 24.64
CA LEU F 332 7.18 -4.54 23.68
C LEU F 332 6.03 -3.69 23.16
N ILE F 333 5.90 -3.60 21.84
CA ILE F 333 4.82 -2.86 21.20
C ILE F 333 4.03 -3.76 20.27
N VAL F 334 2.77 -3.41 20.06
CA VAL F 334 1.94 -3.97 19.01
C VAL F 334 1.79 -2.92 17.92
N GLN F 335 2.12 -3.29 16.69
CA GLN F 335 1.92 -2.47 15.49
C GLN F 335 0.80 -3.08 14.64
N HIS F 336 0.14 -2.23 13.85
CA HIS F 336 -0.91 -2.64 12.94
C HIS F 336 -0.44 -2.60 11.48
N GLN F 337 -0.83 -3.61 10.71
CA GLN F 337 -0.57 -3.73 9.29
C GLN F 337 -1.89 -3.93 8.54
N ALA F 338 -1.98 -3.49 7.30
CA ALA F 338 -3.20 -3.53 6.50
C ALA F 338 -2.96 -4.09 5.11
N HIS F 339 -3.86 -4.94 4.65
CA HIS F 339 -4.01 -5.39 3.26
C HIS F 339 -5.41 -4.99 2.81
N LEU F 340 -5.47 -4.08 1.84
CA LEU F 340 -6.73 -3.54 1.32
C LEU F 340 -6.85 -3.97 -0.14
N GLN F 341 -7.97 -4.59 -0.50
CA GLN F 341 -8.16 -5.19 -1.82
C GLN F 341 -9.56 -4.93 -2.35
N GLN F 342 -9.68 -4.69 -3.66
CA GLN F 342 -10.98 -4.65 -4.34
C GLN F 342 -11.44 -6.07 -4.68
N VAL F 343 -12.75 -6.28 -4.61
CA VAL F 343 -13.43 -7.56 -4.79
C VAL F 343 -14.41 -7.42 -5.95
N SER F 344 -14.24 -8.30 -6.94
CA SER F 344 -15.04 -8.35 -8.17
C SER F 344 -15.48 -9.77 -8.52
N SER F 345 -15.34 -10.73 -7.60
CA SER F 345 -15.68 -12.14 -7.78
C SER F 345 -16.01 -12.80 -6.45
N ASN F 346 -16.79 -13.87 -6.50
CA ASN F 346 -17.19 -14.62 -5.29
C ASN F 346 -16.02 -15.41 -4.68
N ASN F 347 -14.99 -15.74 -5.47
CA ASN F 347 -13.77 -16.33 -4.95
C ASN F 347 -12.68 -15.27 -4.91
N VAL F 348 -12.11 -15.05 -3.72
CA VAL F 348 -11.09 -14.03 -3.48
C VAL F 348 -9.94 -14.65 -2.72
N THR F 349 -8.72 -14.45 -3.22
CA THR F 349 -7.50 -14.80 -2.50
C THR F 349 -6.78 -13.51 -2.13
N ALA F 350 -6.59 -13.28 -0.83
CA ALA F 350 -5.78 -12.18 -0.31
C ALA F 350 -4.38 -12.69 0.06
N ARG F 351 -3.34 -12.14 -0.59
CA ARG F 351 -1.94 -12.42 -0.26
C ARG F 351 -1.47 -11.47 0.82
N LEU F 352 -1.34 -11.97 2.04
CA LEU F 352 -1.04 -11.19 3.23
C LEU F 352 0.46 -10.99 3.38
N ASN F 353 0.99 -9.92 2.77
CA ASN F 353 2.41 -9.56 2.85
C ASN F 353 2.76 -8.84 4.16
N PHE F 354 2.22 -9.31 5.29
CA PHE F 354 2.53 -8.77 6.61
C PHE F 354 3.89 -9.29 7.09
N ASN F 355 4.51 -8.54 7.98
CA ASN F 355 5.79 -8.86 8.60
C ASN F 355 5.67 -9.04 10.11
N PHE F 356 6.77 -9.49 10.71
CA PHE F 356 6.96 -9.69 12.14
C PHE F 356 6.09 -10.82 12.75
N PRO F 357 6.25 -11.13 14.04
CA PRO F 357 5.37 -12.04 14.76
C PRO F 357 3.93 -11.48 14.87
N VAL F 358 3.05 -11.95 13.99
CA VAL F 358 1.62 -11.63 13.97
C VAL F 358 0.91 -12.37 15.11
N LEU F 359 0.21 -11.62 15.95
CA LEU F 359 -0.62 -12.13 17.05
C LEU F 359 -1.93 -12.69 16.51
N GLU F 360 -2.57 -11.92 15.64
CA GLU F 360 -3.90 -12.16 15.11
C GLU F 360 -4.13 -11.28 13.87
N PHE F 361 -5.16 -11.62 13.12
CA PHE F 361 -5.69 -10.75 12.08
C PHE F 361 -7.22 -10.68 12.13
N TYR F 362 -7.74 -9.59 11.60
CA TYR F 362 -9.15 -9.33 11.38
C TYR F 362 -9.38 -9.19 9.89
N TYR F 363 -10.52 -9.63 9.40
CA TYR F 363 -10.94 -9.31 8.05
C TYR F 363 -12.45 -9.10 7.99
N PHE F 364 -12.89 -8.35 6.99
CA PHE F 364 -14.29 -8.07 6.72
C PHE F 364 -14.43 -7.46 5.33
N LEU F 365 -15.64 -7.52 4.79
CA LEU F 365 -15.94 -6.98 3.47
C LEU F 365 -16.93 -5.83 3.57
N ARG F 366 -16.82 -4.86 2.67
CA ARG F 366 -17.82 -3.81 2.49
C ARG F 366 -18.28 -3.79 1.05
N ARG F 367 -19.59 -3.92 0.85
CA ARG F 367 -20.22 -3.74 -0.45
C ARG F 367 -20.01 -2.31 -0.93
N LYS F 368 -19.80 -2.13 -2.24
CA LYS F 368 -19.75 -0.80 -2.83
C LYS F 368 -21.06 -0.04 -2.55
N ALA F 369 -22.20 -0.71 -2.67
CA ALA F 369 -23.49 -0.08 -2.45
C ALA F 369 -23.66 0.46 -1.01
N ASN F 370 -23.21 -0.28 0.01
CA ASN F 370 -23.23 0.18 1.41
C ASN F 370 -22.35 1.42 1.62
N LYS F 371 -21.15 1.43 1.02
CA LYS F 371 -20.24 2.58 1.06
C LYS F 371 -20.86 3.81 0.39
N ASP F 372 -21.44 3.63 -0.80
CA ASP F 372 -22.06 4.70 -1.57
C ASP F 372 -23.32 5.25 -0.88
N ALA F 373 -24.06 4.41 -0.15
CA ALA F 373 -25.19 4.81 0.69
C ALA F 373 -24.76 5.56 1.98
N GLY F 374 -23.46 5.67 2.24
CA GLY F 374 -22.93 6.32 3.44
C GLY F 374 -22.95 5.44 4.69
N ASP F 375 -23.25 4.14 4.58
CA ASP F 375 -23.29 3.16 5.67
C ASP F 375 -21.93 2.45 5.82
N HIS F 376 -20.91 3.24 6.19
CA HIS F 376 -19.49 2.86 6.08
C HIS F 376 -19.07 1.65 6.90
N PHE F 377 -19.79 1.34 7.98
CA PHE F 377 -19.50 0.22 8.87
C PHE F 377 -20.51 -0.94 8.73
N ASN F 378 -21.30 -0.91 7.66
CA ASN F 378 -22.13 -2.03 7.28
C ASN F 378 -21.35 -3.02 6.42
N PHE F 379 -20.83 -4.03 7.10
CA PHE F 379 -20.08 -5.13 6.52
C PHE F 379 -20.96 -6.32 6.09
N SER F 380 -22.28 -6.13 6.01
CA SER F 380 -23.17 -7.20 5.53
C SER F 380 -23.12 -7.36 4.02
N GLY F 381 -23.49 -8.56 3.57
CA GLY F 381 -23.67 -8.95 2.19
C GLY F 381 -24.99 -8.46 1.58
N ILE F 382 -25.47 -9.17 0.57
CA ILE F 382 -26.67 -8.83 -0.19
C ILE F 382 -27.87 -9.17 0.68
N GLY F 383 -28.84 -8.26 0.79
CA GLY F 383 -30.00 -8.44 1.66
C GLY F 383 -29.66 -8.58 3.15
N GLY F 384 -28.52 -8.03 3.59
CA GLY F 384 -28.08 -8.10 4.99
C GLY F 384 -27.53 -9.46 5.43
N ARG F 385 -27.29 -10.39 4.51
CA ARG F 385 -26.73 -11.72 4.79
C ARG F 385 -25.23 -11.65 5.13
N ASP F 386 -24.67 -12.77 5.58
CA ASP F 386 -23.23 -12.88 5.82
C ASP F 386 -22.48 -12.93 4.47
N PRO F 387 -21.55 -11.99 4.17
CA PRO F 387 -20.91 -11.94 2.86
C PRO F 387 -19.93 -13.09 2.64
N VAL F 388 -19.42 -13.72 3.69
CA VAL F 388 -18.49 -14.85 3.63
C VAL F 388 -19.28 -16.14 3.80
N VAL F 389 -19.09 -17.09 2.90
CA VAL F 389 -19.60 -18.46 3.07
C VAL F 389 -18.57 -19.27 3.85
N SER F 390 -17.32 -19.25 3.39
CA SER F 390 -16.22 -19.94 4.04
C SER F 390 -14.88 -19.27 3.78
N ALA F 391 -13.90 -19.56 4.63
CA ALA F 391 -12.53 -19.12 4.45
C ALA F 391 -11.53 -20.21 4.84
N GLU F 392 -10.35 -20.15 4.23
CA GLU F 392 -9.19 -21.01 4.47
C GLU F 392 -7.93 -20.15 4.60
N LEU F 393 -7.03 -20.53 5.52
CA LEU F 393 -5.74 -19.87 5.71
C LEU F 393 -4.61 -20.82 5.31
N LEU F 394 -3.78 -20.40 4.37
CA LEU F 394 -2.66 -21.18 3.84
C LEU F 394 -1.33 -20.52 4.17
N PHE F 395 -0.37 -21.32 4.63
CA PHE F 395 1.04 -20.97 4.75
C PHE F 395 1.84 -21.79 3.74
N ASN F 396 2.57 -21.14 2.83
CA ASN F 396 3.36 -21.81 1.81
C ASN F 396 2.55 -22.91 1.07
N ASN F 397 1.32 -22.58 0.67
CA ASN F 397 0.34 -23.47 0.04
C ASN F 397 -0.12 -24.69 0.88
N THR F 398 0.18 -24.72 2.17
CA THR F 398 -0.29 -25.75 3.10
C THR F 398 -1.36 -25.16 4.02
N ALA F 399 -2.49 -25.84 4.16
CA ALA F 399 -3.59 -25.38 5.00
C ALA F 399 -3.15 -25.29 6.47
N ARG F 400 -3.03 -24.06 6.99
CA ARG F 400 -2.85 -23.79 8.41
C ARG F 400 -4.18 -23.86 9.15
N VAL F 401 -5.23 -23.37 8.51
CA VAL F 401 -6.62 -23.57 8.92
C VAL F 401 -7.35 -24.03 7.67
N THR F 402 -7.84 -25.27 7.67
CA THR F 402 -8.66 -25.78 6.58
C THR F 402 -9.95 -24.99 6.43
N GLN F 403 -10.65 -25.14 5.32
CA GLN F 403 -11.90 -24.44 5.06
C GLN F 403 -12.88 -24.53 6.25
N LYS F 404 -13.27 -23.37 6.78
CA LYS F 404 -14.26 -23.22 7.86
C LYS F 404 -15.36 -22.24 7.45
N PRO F 405 -16.61 -22.45 7.90
CA PRO F 405 -17.72 -21.55 7.59
C PRO F 405 -17.55 -20.20 8.29
N ALA F 406 -18.17 -19.15 7.76
CA ALA F 406 -18.12 -17.78 8.30
C ALA F 406 -18.35 -17.70 9.83
N VAL F 407 -19.35 -18.42 10.34
CA VAL F 407 -19.70 -18.42 11.78
C VAL F 407 -18.53 -18.85 12.67
N TRP F 408 -17.64 -19.72 12.18
CA TRP F 408 -16.47 -20.14 12.95
C TRP F 408 -15.46 -19.00 13.08
N TRP F 409 -15.16 -18.31 11.98
CA TRP F 409 -14.25 -17.15 11.98
C TRP F 409 -14.82 -15.94 12.73
N ARG F 410 -16.15 -15.76 12.73
CA ARG F 410 -16.82 -14.62 13.37
C ARG F 410 -17.14 -14.86 14.85
N ALA F 411 -17.77 -15.99 15.18
CA ALA F 411 -18.31 -16.22 16.51
C ALA F 411 -17.39 -17.10 17.37
N VAL F 412 -16.81 -18.17 16.81
CA VAL F 412 -15.97 -19.08 17.60
C VAL F 412 -14.63 -18.42 17.95
N GLN F 413 -13.99 -17.75 16.99
CA GLN F 413 -12.73 -17.03 17.26
C GLN F 413 -12.95 -15.88 18.26
N ALA F 414 -14.02 -15.11 18.11
CA ALA F 414 -14.36 -14.07 19.09
C ALA F 414 -14.64 -14.64 20.49
N LEU F 415 -15.40 -15.74 20.58
CA LEU F 415 -15.67 -16.41 21.86
C LEU F 415 -14.39 -16.89 22.56
N GLN F 416 -13.39 -17.36 21.81
CA GLN F 416 -12.16 -17.93 22.35
C GLN F 416 -11.16 -16.87 22.80
N PHE F 417 -11.07 -15.75 22.10
CA PHE F 417 -9.92 -14.84 22.23
C PHE F 417 -10.28 -13.38 22.53
N HIS F 418 -11.56 -13.00 22.42
CA HIS F 418 -11.98 -11.61 22.52
C HIS F 418 -12.98 -11.34 23.65
N SER F 419 -12.97 -10.11 24.14
CA SER F 419 -13.89 -9.63 25.19
C SER F 419 -15.35 -9.55 24.72
N SER F 420 -15.60 -9.52 23.41
CA SER F 420 -16.93 -9.38 22.83
C SER F 420 -17.05 -10.09 21.48
N ALA F 421 -18.28 -10.47 21.13
CA ALA F 421 -18.62 -10.95 19.80
C ALA F 421 -19.10 -9.76 18.94
N PRO F 422 -18.65 -9.65 17.67
CA PRO F 422 -19.01 -8.53 16.83
C PRO F 422 -20.50 -8.60 16.43
N LEU F 423 -21.18 -7.44 16.41
CA LEU F 423 -22.56 -7.29 15.94
C LEU F 423 -22.64 -7.20 14.42
N THR F 424 -21.52 -6.89 13.78
CA THR F 424 -21.35 -6.83 12.33
C THR F 424 -20.53 -8.02 11.82
N ASN F 425 -20.44 -8.21 10.50
CA ASN F 425 -19.72 -9.32 9.87
C ASN F 425 -18.20 -9.10 9.87
N ILE F 426 -17.62 -9.01 11.07
CA ILE F 426 -16.18 -8.97 11.30
C ILE F 426 -15.72 -10.36 11.68
N TYR F 427 -14.68 -10.84 11.00
CA TYR F 427 -14.07 -12.13 11.24
C TYR F 427 -12.68 -11.93 11.83
N SER F 428 -12.25 -12.85 12.69
CA SER F 428 -10.91 -12.81 13.27
C SER F 428 -10.28 -14.18 13.30
N TYR F 429 -8.96 -14.20 13.48
CA TYR F 429 -8.21 -15.40 13.82
C TYR F 429 -7.01 -15.04 14.66
N SER F 430 -6.87 -15.71 15.81
CA SER F 430 -5.76 -15.49 16.72
C SER F 430 -4.78 -16.65 16.74
N PHE F 431 -3.48 -16.31 16.66
CA PHE F 431 -2.37 -17.20 17.00
C PHE F 431 -1.99 -17.09 18.48
N SER F 432 -2.46 -16.05 19.17
CA SER F 432 -2.22 -15.77 20.58
C SER F 432 -3.34 -16.31 21.45
N LEU F 433 -3.03 -16.85 22.63
CA LEU F 433 -4.06 -17.27 23.60
C LEU F 433 -4.79 -16.08 24.24
N SER F 434 -4.14 -14.94 24.33
CA SER F 434 -4.66 -13.71 24.93
C SER F 434 -4.18 -12.48 24.13
N PRO F 435 -4.70 -12.26 22.90
CA PRO F 435 -4.24 -11.18 22.03
C PRO F 435 -4.58 -9.77 22.56
N GLU F 436 -5.50 -9.67 23.52
CA GLU F 436 -5.85 -8.43 24.21
C GLU F 436 -4.94 -8.10 25.39
N ASP F 437 -4.06 -9.03 25.83
CA ASP F 437 -3.04 -8.74 26.84
C ASP F 437 -1.88 -7.97 26.17
N PRO F 438 -1.64 -6.70 26.55
CA PRO F 438 -0.64 -5.88 25.89
C PRO F 438 0.80 -6.15 26.38
N ILE F 439 0.99 -6.84 27.51
CA ILE F 439 2.30 -7.01 28.16
C ILE F 439 2.79 -8.45 28.18
N THR F 440 1.90 -9.44 28.02
CA THR F 440 2.27 -10.86 28.05
C THR F 440 2.07 -11.52 26.68
N PRO F 441 3.16 -11.73 25.90
CA PRO F 441 3.07 -12.54 24.69
C PRO F 441 2.54 -13.94 24.98
N SER F 442 1.52 -14.35 24.22
CA SER F 442 0.84 -15.63 24.44
C SER F 442 0.65 -16.46 23.16
N GLY F 443 1.50 -16.21 22.15
CA GLY F 443 1.50 -16.89 20.87
C GLY F 443 1.59 -15.91 19.69
N SER F 444 2.21 -16.35 18.60
CA SER F 444 2.30 -15.58 17.35
C SER F 444 2.74 -16.50 16.20
N ALA F 445 2.52 -16.05 14.97
CA ALA F 445 3.13 -16.61 13.77
C ALA F 445 4.02 -15.57 13.11
N ASN F 446 5.29 -15.89 12.85
CA ASN F 446 6.24 -14.94 12.27
C ASN F 446 6.08 -14.89 10.75
N PHE F 447 5.35 -13.88 10.25
CA PHE F 447 5.08 -13.77 8.82
C PHE F 447 6.31 -13.37 8.01
N SER F 448 7.32 -12.73 8.62
CA SER F 448 8.61 -12.45 7.96
C SER F 448 9.44 -13.72 7.65
N ARG F 449 8.98 -14.90 8.07
CA ARG F 449 9.63 -16.19 7.79
C ARG F 449 8.78 -17.11 6.91
N LEU F 450 7.62 -16.64 6.46
CA LEU F 450 6.73 -17.37 5.56
C LEU F 450 6.88 -16.76 4.17
N ASP F 451 7.05 -17.59 3.15
CA ASP F 451 7.18 -17.14 1.76
C ASP F 451 5.83 -16.67 1.21
N SER F 452 4.75 -17.38 1.60
CA SER F 452 3.39 -16.97 1.30
C SER F 452 2.43 -17.20 2.47
N VAL F 453 1.59 -16.19 2.71
CA VAL F 453 0.41 -16.30 3.56
C VAL F 453 -0.80 -15.90 2.72
N GLU F 454 -1.71 -16.82 2.51
CA GLU F 454 -2.91 -16.58 1.70
C GLU F 454 -4.18 -16.82 2.53
N LEU F 455 -5.08 -15.85 2.52
CA LEU F 455 -6.45 -15.99 3.01
C LEU F 455 -7.36 -16.17 1.79
N ALA F 456 -7.85 -17.39 1.60
CA ALA F 456 -8.78 -17.74 0.53
C ALA F 456 -10.21 -17.65 1.05
N LEU F 457 -11.05 -16.88 0.37
CA LEU F 457 -12.44 -16.62 0.72
C LEU F 457 -13.36 -17.13 -0.38
N THR F 458 -14.39 -17.86 0.03
CA THR F 458 -15.60 -18.06 -0.77
C THR F 458 -16.68 -17.17 -0.21
N LEU F 459 -17.13 -16.22 -1.01
CA LEU F 459 -18.16 -15.24 -0.71
C LEU F 459 -19.52 -15.74 -1.16
N GLN F 460 -20.58 -15.07 -0.69
CA GLN F 460 -21.94 -15.31 -1.16
C GLN F 460 -22.03 -15.16 -2.70
N ASP F 461 -23.04 -15.79 -3.28
CA ASP F 461 -23.31 -15.64 -4.70
C ASP F 461 -23.52 -14.17 -5.08
N ASP F 462 -23.05 -13.82 -6.28
CA ASP F 462 -23.12 -12.49 -6.88
C ASP F 462 -22.41 -11.36 -6.07
N PHE F 463 -21.62 -11.70 -5.04
CA PHE F 463 -20.79 -10.72 -4.35
C PHE F 463 -19.70 -10.16 -5.28
N GLY F 464 -19.65 -8.83 -5.40
CA GLY F 464 -18.69 -8.16 -6.29
C GLY F 464 -19.12 -8.15 -7.76
N ALA F 465 -20.31 -8.65 -8.10
CA ALA F 465 -20.89 -8.56 -9.44
C ALA F 465 -21.71 -7.28 -9.62
N ALA F 466 -21.90 -6.86 -10.87
CA ALA F 466 -22.79 -5.76 -11.28
C ALA F 466 -22.64 -4.48 -10.42
N HIS F 467 -23.71 -4.05 -9.73
CA HIS F 467 -23.75 -2.84 -8.91
C HIS F 467 -22.79 -2.85 -7.71
N ASP F 468 -22.26 -4.02 -7.34
CA ASP F 468 -21.26 -4.19 -6.29
C ASP F 468 -19.84 -4.43 -6.82
N ALA F 469 -19.59 -4.21 -8.12
CA ALA F 469 -18.24 -4.21 -8.67
C ALA F 469 -17.36 -3.20 -7.90
N ASN F 470 -16.19 -3.66 -7.43
CA ASN F 470 -15.29 -2.92 -6.53
C ASN F 470 -15.83 -2.79 -5.10
N SER F 471 -16.40 -3.88 -4.59
CA SER F 471 -16.53 -4.06 -3.15
C SER F 471 -15.14 -4.17 -2.51
N GLU F 472 -15.03 -3.93 -1.22
CA GLU F 472 -13.74 -3.83 -0.53
C GLU F 472 -13.54 -5.00 0.42
N LEU F 473 -12.35 -5.59 0.41
CA LEU F 473 -11.85 -6.50 1.44
C LEU F 473 -10.81 -5.75 2.28
N PHE F 474 -11.03 -5.75 3.59
CA PHE F 474 -10.10 -5.25 4.58
C PHE F 474 -9.50 -6.44 5.32
N VAL F 475 -8.18 -6.50 5.41
CA VAL F 475 -7.47 -7.40 6.31
C VAL F 475 -6.50 -6.57 7.14
N PHE F 476 -6.63 -6.64 8.46
CA PHE F 476 -5.72 -5.97 9.39
C PHE F 476 -5.03 -7.00 10.26
N ALA F 477 -3.72 -6.87 10.48
CA ALA F 477 -2.95 -7.72 11.37
C ALA F 477 -2.35 -6.92 12.52
N ARG F 478 -2.27 -7.55 13.69
CA ARG F 478 -1.56 -7.02 14.86
C ARG F 478 -0.25 -7.80 14.99
N SER F 479 0.88 -7.11 15.06
CA SER F 479 2.20 -7.74 15.15
C SER F 479 3.02 -7.19 16.29
N TYR F 480 3.84 -8.05 16.91
CA TYR F 480 4.82 -7.60 17.89
C TYR F 480 6.02 -6.94 17.21
N ASN F 481 6.49 -5.85 17.82
CA ASN F 481 7.81 -5.28 17.58
C ASN F 481 8.36 -4.75 18.91
N ILE F 482 9.56 -4.20 18.90
CA ILE F 482 10.22 -3.63 20.08
C ILE F 482 10.55 -2.18 19.79
N LEU F 483 10.11 -1.28 20.68
CA LEU F 483 10.55 0.11 20.68
C LEU F 483 11.70 0.26 21.69
N LYS F 484 12.83 0.78 21.23
CA LYS F 484 14.03 0.97 22.04
C LYS F 484 14.24 2.45 22.33
N PHE F 485 14.55 2.76 23.59
CA PHE F 485 14.91 4.08 24.05
C PHE F 485 16.39 4.09 24.46
N THR F 486 17.18 5.00 23.91
CA THR F 486 18.62 5.10 24.21
C THR F 486 19.10 6.53 24.03
N ASN F 487 19.78 7.09 25.03
CA ASN F 487 20.41 8.42 24.97
C ASN F 487 19.47 9.55 24.51
N GLY F 488 18.22 9.54 24.97
CA GLY F 488 17.22 10.55 24.61
C GLY F 488 16.56 10.35 23.24
N LEU F 489 16.82 9.23 22.56
CA LEU F 489 16.26 8.86 21.26
C LEU F 489 15.37 7.62 21.40
N ALA F 490 14.38 7.51 20.52
CA ALA F 490 13.48 6.36 20.43
C ALA F 490 13.42 5.83 18.99
N GLY F 491 13.45 4.51 18.81
CA GLY F 491 13.39 3.89 17.49
C GLY F 491 12.93 2.44 17.53
N ALA G 11 -0.73 -101.02 10.22
CA ALA G 11 0.35 -100.12 9.81
C ALA G 11 0.09 -98.66 10.27
N GLY G 12 -1.14 -98.17 10.15
CA GLY G 12 -1.51 -96.81 10.60
C GLY G 12 -1.42 -96.60 12.12
N SER G 13 -1.95 -97.51 12.93
CA SER G 13 -1.95 -97.36 14.39
C SER G 13 -0.55 -97.47 14.99
N LEU G 14 0.30 -98.36 14.46
CA LEU G 14 1.71 -98.43 14.86
C LEU G 14 2.47 -97.18 14.41
N THR G 15 2.18 -96.68 13.21
CA THR G 15 2.80 -95.43 12.69
C THR G 15 2.45 -94.24 13.56
N GLN G 16 1.23 -94.14 14.08
CA GLN G 16 0.84 -93.08 15.02
C GLN G 16 1.68 -93.11 16.31
N LEU G 17 1.98 -94.30 16.86
CA LEU G 17 2.84 -94.42 18.05
C LEU G 17 4.30 -94.04 17.76
N LEU G 18 4.74 -94.19 16.51
CA LEU G 18 6.10 -93.82 16.07
C LEU G 18 6.20 -92.36 15.65
N ALA G 19 5.09 -91.74 15.22
CA ALA G 19 5.01 -90.35 14.79
C ALA G 19 5.02 -89.38 15.98
N THR G 20 6.10 -89.42 16.76
CA THR G 20 6.34 -88.54 17.91
C THR G 20 7.54 -87.63 17.64
N GLY G 21 7.45 -86.39 18.10
CA GLY G 21 8.49 -85.38 18.02
C GLY G 21 8.85 -84.78 19.37
N SER G 22 9.64 -83.72 19.36
CA SER G 22 10.08 -83.03 20.59
C SER G 22 8.94 -82.41 21.39
N MET G 23 7.81 -82.05 20.75
CA MET G 23 6.62 -81.53 21.45
C MET G 23 5.92 -82.64 22.26
N ASP G 24 5.86 -83.87 21.75
CA ASP G 24 5.22 -85.00 22.44
C ASP G 24 5.98 -85.40 23.71
N ALA G 25 7.28 -85.10 23.76
CA ALA G 25 8.11 -85.41 24.91
C ALA G 25 7.60 -84.71 26.19
N ALA G 26 7.11 -83.47 26.08
CA ALA G 26 6.53 -82.75 27.22
C ALA G 26 5.24 -83.39 27.77
N LEU G 27 4.56 -84.21 26.96
CA LEU G 27 3.28 -84.82 27.31
C LEU G 27 3.38 -86.31 27.68
N THR G 28 4.31 -87.04 27.04
CA THR G 28 4.32 -88.51 27.07
C THR G 28 5.66 -89.13 27.44
N GLN G 29 6.77 -88.38 27.41
CA GLN G 29 8.06 -88.91 27.83
C GLN G 29 8.02 -89.22 29.33
N ASN G 30 8.51 -90.40 29.70
CA ASN G 30 8.48 -90.90 31.09
C ASN G 30 7.08 -90.90 31.70
N ALA G 31 6.06 -91.29 30.92
CA ALA G 31 4.67 -91.36 31.37
C ALA G 31 4.55 -92.11 32.70
N THR G 32 3.98 -91.44 33.71
CA THR G 32 3.78 -91.98 35.07
C THR G 32 2.39 -92.60 35.27
N ARG G 33 1.56 -92.59 34.22
CA ARG G 33 0.18 -93.11 34.24
C ARG G 33 -0.08 -93.93 32.98
N THR G 34 -0.84 -95.01 33.13
CA THR G 34 -1.41 -95.78 32.01
C THR G 34 -2.93 -95.84 32.11
N PHE G 35 -3.62 -95.87 30.98
CA PHE G 35 -5.07 -96.07 30.91
C PHE G 35 -5.47 -97.56 30.97
N TRP G 36 -4.52 -98.48 30.78
CA TRP G 36 -4.80 -99.90 30.59
C TRP G 36 -4.56 -100.76 31.82
N LYS G 37 -4.16 -100.14 32.94
CA LYS G 37 -4.01 -100.81 34.25
C LYS G 37 -4.52 -99.88 35.34
N SER G 38 -5.46 -100.36 36.15
CA SER G 38 -5.92 -99.64 37.32
C SER G 38 -4.87 -99.71 38.45
N SER G 39 -4.62 -98.56 39.08
CA SER G 39 -3.92 -98.47 40.36
C SER G 39 -4.92 -97.94 41.39
N TYR G 40 -4.92 -98.49 42.59
CA TYR G 40 -5.73 -98.01 43.71
C TYR G 40 -4.85 -97.77 44.94
N GLN G 41 -5.29 -96.88 45.83
CA GLN G 41 -4.65 -96.64 47.11
C GLN G 41 -5.41 -97.40 48.20
N LYS G 42 -4.68 -97.96 49.17
CA LYS G 42 -5.28 -98.53 50.39
C LYS G 42 -5.62 -97.38 51.34
N HIS G 43 -6.71 -97.52 52.10
CA HIS G 43 -7.15 -96.55 53.10
C HIS G 43 -7.21 -97.21 54.49
N SER G 44 -7.28 -96.41 55.56
CA SER G 44 -7.51 -96.87 56.94
C SER G 44 -8.95 -97.37 57.12
N LEU G 45 -9.19 -98.19 58.14
CA LEU G 45 -10.53 -98.69 58.45
C LEU G 45 -11.37 -97.61 59.15
N PHE G 46 -12.60 -97.43 58.69
CA PHE G 46 -13.59 -96.56 59.31
C PHE G 46 -15.01 -97.08 59.08
N ALA G 47 -15.95 -96.64 59.90
CA ALA G 47 -17.38 -96.92 59.72
C ALA G 47 -18.21 -95.64 59.92
N LEU G 48 -19.36 -95.57 59.24
CA LEU G 48 -20.32 -94.47 59.37
C LEU G 48 -21.57 -94.95 60.09
N GLU G 49 -22.10 -94.12 61.00
CA GLU G 49 -23.35 -94.40 61.71
C GLU G 49 -24.21 -93.14 61.74
N SER G 50 -25.48 -93.24 61.33
CA SER G 50 -26.44 -92.13 61.44
C SER G 50 -27.25 -92.28 62.71
N ILE G 51 -27.26 -91.24 63.54
CA ILE G 51 -27.97 -91.25 64.83
C ILE G 51 -28.83 -90.00 64.97
N ASN G 52 -30.10 -90.23 65.25
CA ASN G 52 -31.08 -89.18 65.52
C ASN G 52 -31.13 -88.82 67.01
N GLN G 53 -31.11 -87.53 67.33
CA GLN G 53 -31.04 -87.00 68.69
C GLN G 53 -32.10 -85.92 68.93
N PRO G 54 -32.81 -85.95 70.06
CA PRO G 54 -33.79 -84.91 70.38
C PRO G 54 -33.12 -83.60 70.81
N PHE G 55 -33.81 -82.48 70.63
CA PHE G 55 -33.37 -81.21 71.19
C PHE G 55 -33.31 -81.26 72.73
N THR G 56 -32.36 -80.50 73.30
CA THR G 56 -32.21 -80.36 74.76
C THR G 56 -33.31 -79.47 75.35
N THR G 57 -33.78 -78.50 74.57
CA THR G 57 -34.92 -77.64 74.92
C THR G 57 -36.14 -77.97 74.08
N GLN G 58 -37.31 -77.50 74.51
CA GLN G 58 -38.54 -77.64 73.73
C GLN G 58 -38.40 -76.96 72.36
N VAL G 59 -38.91 -77.62 71.32
CA VAL G 59 -39.03 -77.09 69.96
C VAL G 59 -40.44 -76.54 69.78
N GLN G 60 -40.54 -75.27 69.39
CA GLN G 60 -41.80 -74.57 69.15
C GLN G 60 -41.60 -73.52 68.05
N PHE G 61 -42.65 -73.22 67.30
CA PHE G 61 -42.65 -72.10 66.35
C PHE G 61 -42.35 -70.78 67.07
N GLY G 62 -41.55 -69.91 66.42
CA GLY G 62 -41.18 -68.59 66.93
C GLY G 62 -40.20 -68.58 68.11
N ALA G 63 -39.88 -69.73 68.69
CA ALA G 63 -38.93 -69.85 69.80
C ALA G 63 -37.50 -70.11 69.31
N GLU G 64 -36.55 -70.07 70.23
CA GLU G 64 -35.20 -70.59 70.02
C GLU G 64 -35.04 -71.91 70.78
N SER G 65 -34.47 -72.91 70.12
CA SER G 65 -34.18 -74.21 70.72
C SER G 65 -32.71 -74.56 70.50
N HIS G 66 -32.14 -75.33 71.43
CA HIS G 66 -30.78 -75.85 71.24
C HIS G 66 -30.68 -77.34 71.55
N ILE G 67 -29.66 -77.95 70.96
CA ILE G 67 -29.26 -79.34 71.20
C ILE G 67 -27.77 -79.36 71.48
N THR G 68 -27.37 -80.11 72.52
CA THR G 68 -25.96 -80.50 72.71
C THR G 68 -25.72 -81.80 71.96
N VAL G 69 -24.86 -81.77 70.96
CA VAL G 69 -24.55 -82.90 70.08
C VAL G 69 -23.82 -83.97 70.88
N ASN G 70 -24.33 -85.20 70.86
CA ASN G 70 -23.73 -86.34 71.56
C ASN G 70 -22.35 -86.71 70.97
N ARG G 71 -21.54 -87.41 71.74
CA ARG G 71 -20.23 -87.92 71.33
C ARG G 71 -20.28 -89.42 71.07
N GLN G 72 -21.00 -89.81 70.01
CA GLN G 72 -21.25 -91.22 69.67
C GLN G 72 -20.26 -91.77 68.63
N GLY G 73 -19.26 -91.01 68.21
CA GLY G 73 -18.15 -91.46 67.37
C GLY G 73 -16.94 -90.53 67.50
N ASP G 74 -15.96 -90.69 66.62
CA ASP G 74 -14.69 -89.96 66.67
C ASP G 74 -14.71 -88.67 65.84
N LEU G 75 -15.42 -88.67 64.71
CA LEU G 75 -15.69 -87.50 63.88
C LEU G 75 -17.18 -87.28 63.70
N LEU G 76 -17.56 -86.03 63.41
CA LEU G 76 -18.89 -85.64 62.98
C LEU G 76 -18.85 -85.20 61.50
N SER G 77 -19.63 -85.87 60.67
CA SER G 77 -19.67 -85.66 59.21
C SER G 77 -20.97 -84.94 58.82
N TRP G 78 -21.97 -85.64 58.28
CA TRP G 78 -23.23 -85.03 57.88
C TRP G 78 -24.10 -84.64 59.08
N MET G 79 -24.89 -83.58 58.89
CA MET G 79 -25.85 -83.08 59.88
C MET G 79 -27.13 -82.63 59.16
N TYR G 80 -28.25 -83.23 59.53
CA TYR G 80 -29.57 -82.93 59.01
C TYR G 80 -30.51 -82.55 60.15
N LEU G 81 -31.26 -81.47 59.98
CA LEU G 81 -32.38 -81.15 60.84
C LEU G 81 -33.60 -81.94 60.35
N LYS G 82 -34.00 -82.93 61.14
CA LYS G 82 -35.20 -83.72 60.88
C LYS G 82 -36.39 -82.98 61.47
N ILE G 83 -37.27 -82.47 60.61
CA ILE G 83 -38.46 -81.72 61.01
C ILE G 83 -39.69 -82.57 60.71
N VAL G 84 -40.62 -82.63 61.66
CA VAL G 84 -41.92 -83.27 61.47
C VAL G 84 -43.00 -82.20 61.59
N LEU G 85 -43.74 -81.99 60.51
CA LEU G 85 -44.87 -81.07 60.43
C LEU G 85 -46.17 -81.86 60.37
N PRO G 86 -47.20 -81.48 61.14
CA PRO G 86 -48.49 -82.15 61.06
C PRO G 86 -49.17 -81.86 59.73
N GLY G 87 -50.05 -82.77 59.32
CA GLY G 87 -51.02 -82.47 58.28
C GLY G 87 -51.95 -81.34 58.71
N LEU G 88 -52.42 -80.57 57.75
CA LEU G 88 -53.34 -79.45 57.91
C LEU G 88 -54.74 -79.82 57.40
N LYS G 89 -55.75 -79.34 58.12
CA LYS G 89 -57.14 -79.27 57.69
C LYS G 89 -57.67 -77.88 57.97
N VAL G 90 -58.79 -77.52 57.36
CA VAL G 90 -59.44 -76.23 57.58
C VAL G 90 -60.90 -76.43 57.94
N GLN G 91 -61.43 -75.49 58.72
CA GLN G 91 -62.83 -75.42 59.10
C GLN G 91 -63.28 -73.95 59.07
N ASN G 92 -64.53 -73.68 58.74
CA ASN G 92 -65.06 -72.32 58.84
C ASN G 92 -65.01 -71.84 60.28
N GLN G 93 -64.65 -70.58 60.46
CA GLN G 93 -64.60 -69.95 61.78
C GLN G 93 -65.94 -70.02 62.52
N ALA G 94 -67.05 -69.94 61.80
CA ALA G 94 -68.42 -70.05 62.35
C ALA G 94 -68.72 -71.43 62.96
N ASP G 95 -68.05 -72.49 62.50
CA ASP G 95 -68.27 -73.87 62.95
C ASP G 95 -67.32 -74.27 64.09
N THR G 96 -66.42 -73.37 64.51
CA THR G 96 -65.34 -73.67 65.45
C THR G 96 -65.66 -73.18 66.87
N VAL G 97 -65.56 -74.06 67.87
CA VAL G 97 -65.85 -73.76 69.29
C VAL G 97 -64.87 -72.73 69.90
N GLN G 98 -63.67 -72.61 69.33
CA GLN G 98 -62.62 -71.65 69.71
C GLN G 98 -61.96 -71.09 68.44
N PRO G 99 -62.55 -70.07 67.81
CA PRO G 99 -62.10 -69.57 66.52
C PRO G 99 -60.82 -68.71 66.60
N THR G 100 -60.40 -68.32 67.80
CA THR G 100 -59.27 -67.42 68.02
C THR G 100 -57.95 -68.15 67.73
N GLN G 101 -57.33 -67.79 66.62
CA GLN G 101 -56.03 -68.27 66.18
C GLN G 101 -55.21 -67.10 65.62
N GLN G 102 -53.89 -67.27 65.53
CA GLN G 102 -53.04 -66.33 64.79
C GLN G 102 -53.53 -66.16 63.34
N SER G 103 -53.34 -64.96 62.78
CA SER G 103 -53.68 -64.70 61.37
C SER G 103 -52.66 -65.36 60.45
N PHE G 104 -53.13 -65.92 59.34
CA PHE G 104 -52.32 -66.51 58.27
C PHE G 104 -52.58 -65.77 56.97
N ALA G 105 -51.59 -65.73 56.08
CA ALA G 105 -51.78 -65.23 54.72
C ALA G 105 -52.89 -66.02 54.01
N SER G 106 -53.72 -65.33 53.23
CA SER G 106 -54.85 -65.95 52.54
C SER G 106 -54.95 -65.49 51.08
N LEU G 107 -55.35 -66.41 50.20
CA LEU G 107 -55.37 -66.17 48.75
C LEU G 107 -56.53 -65.27 48.30
N ASP G 108 -57.60 -65.19 49.09
CA ASP G 108 -58.68 -64.19 48.91
C ASP G 108 -58.23 -62.76 49.26
N ASN G 109 -57.08 -62.60 49.92
CA ASN G 109 -56.46 -61.32 50.23
C ASN G 109 -55.00 -61.30 49.73
N ASP G 110 -54.80 -61.49 48.42
CA ASP G 110 -53.48 -61.50 47.81
C ASP G 110 -52.83 -60.10 47.84
N VAL G 111 -52.05 -59.87 48.89
CA VAL G 111 -51.34 -58.60 49.14
C VAL G 111 -50.30 -58.31 48.05
N ALA G 112 -49.69 -59.34 47.47
CA ALA G 112 -48.71 -59.18 46.39
C ALA G 112 -49.37 -58.70 45.10
N ALA G 113 -50.51 -59.31 44.73
CA ALA G 113 -51.30 -58.86 43.58
C ALA G 113 -51.86 -57.45 43.79
N GLN G 114 -52.34 -57.13 44.99
CA GLN G 114 -52.81 -55.78 45.33
C GLN G 114 -51.69 -54.74 45.23
N ALA G 115 -50.49 -55.07 45.71
CA ALA G 115 -49.32 -54.21 45.58
C ALA G 115 -48.97 -53.98 44.10
N ASP G 116 -48.95 -55.02 43.27
CA ASP G 116 -48.73 -54.89 41.83
C ASP G 116 -49.78 -54.00 41.14
N VAL G 117 -51.07 -54.17 41.51
CA VAL G 117 -52.15 -53.32 40.99
C VAL G 117 -51.93 -51.86 41.39
N SER G 118 -51.45 -51.59 42.61
CA SER G 118 -51.24 -50.22 43.10
C SER G 118 -50.27 -49.41 42.23
N HIS G 119 -49.26 -50.06 41.65
CA HIS G 119 -48.28 -49.41 40.76
C HIS G 119 -48.85 -49.05 39.39
N VAL G 120 -49.89 -49.75 38.94
CA VAL G 120 -50.53 -49.50 37.63
C VAL G 120 -51.79 -48.65 37.73
N LEU G 121 -52.31 -48.37 38.93
CA LEU G 121 -53.47 -47.49 39.14
C LEU G 121 -53.38 -46.15 38.38
N PRO G 122 -52.22 -45.45 38.34
CA PRO G 122 -52.10 -44.20 37.60
C PRO G 122 -52.27 -44.33 36.08
N TYR G 123 -52.21 -45.55 35.55
CA TYR G 123 -52.30 -45.87 34.12
C TYR G 123 -53.65 -46.46 33.73
N ILE G 124 -54.58 -46.61 34.69
CA ILE G 124 -55.94 -47.06 34.39
C ILE G 124 -56.74 -45.90 33.80
N GLU G 125 -57.19 -46.05 32.56
CA GLU G 125 -58.08 -45.12 31.89
C GLU G 125 -59.55 -45.57 32.06
N GLY G 126 -60.45 -44.65 32.42
CA GLY G 126 -61.89 -44.93 32.56
C GLY G 126 -62.39 -45.20 33.98
N ALA G 127 -63.67 -45.58 34.09
CA ALA G 127 -64.39 -45.70 35.37
C ALA G 127 -64.07 -47.01 36.12
N TYR G 128 -62.84 -47.15 36.64
CA TYR G 128 -62.40 -48.36 37.34
C TYR G 128 -63.27 -48.72 38.55
N THR G 129 -63.64 -47.73 39.38
CA THR G 129 -64.34 -47.97 40.65
C THR G 129 -65.72 -48.62 40.46
N GLU G 130 -66.43 -48.25 39.40
CA GLU G 130 -67.80 -48.68 39.08
C GLU G 130 -67.86 -49.89 38.13
N ALA G 131 -66.72 -50.31 37.59
CA ALA G 131 -66.64 -51.39 36.63
C ALA G 131 -66.97 -52.77 37.22
N SER G 132 -67.55 -53.65 36.40
CA SER G 132 -67.72 -55.07 36.73
C SER G 132 -66.37 -55.75 36.96
N LEU G 133 -66.33 -56.89 37.68
CA LEU G 133 -65.07 -57.59 37.98
C LEU G 133 -64.28 -57.93 36.70
N ASN G 134 -64.94 -58.50 35.70
CA ASN G 134 -64.31 -58.85 34.42
C ASN G 134 -63.78 -57.61 33.69
N THR G 135 -64.50 -56.49 33.79
CA THR G 135 -64.05 -55.21 33.21
C THR G 135 -62.85 -54.66 33.98
N LYS G 136 -62.81 -54.79 35.32
CA LYS G 136 -61.65 -54.38 36.13
C LYS G 136 -60.39 -55.17 35.76
N GLU G 137 -60.51 -56.48 35.53
CA GLU G 137 -59.39 -57.32 35.11
C GLU G 137 -58.84 -56.89 33.74
N GLN G 138 -59.73 -56.56 32.78
CA GLN G 138 -59.35 -56.00 31.48
C GLN G 138 -58.62 -54.66 31.63
N LEU G 139 -59.18 -53.72 32.39
CA LEU G 139 -58.58 -52.41 32.64
C LEU G 139 -57.21 -52.51 33.32
N ILE G 140 -57.03 -53.45 34.26
CA ILE G 140 -55.74 -53.70 34.91
C ILE G 140 -54.72 -54.25 33.90
N ALA G 141 -55.10 -55.17 33.02
CA ALA G 141 -54.21 -55.73 32.00
C ALA G 141 -53.79 -54.67 30.95
N GLU G 142 -54.71 -53.80 30.54
CA GLU G 142 -54.42 -52.67 29.66
C GLU G 142 -53.50 -51.65 30.35
N ALA G 143 -53.78 -51.31 31.62
CA ALA G 143 -52.93 -50.42 32.40
C ALA G 143 -51.53 -50.99 32.64
N LYS G 144 -51.39 -52.31 32.80
CA LYS G 144 -50.09 -52.99 32.84
C LYS G 144 -49.30 -52.76 31.54
N ASN G 145 -49.94 -52.89 30.37
CA ASN G 145 -49.28 -52.57 29.10
C ASN G 145 -48.82 -51.11 29.04
N SER G 146 -49.67 -50.16 29.44
CA SER G 146 -49.34 -48.73 29.46
C SER G 146 -48.20 -48.40 30.43
N TYR G 147 -48.23 -48.99 31.64
CA TYR G 147 -47.16 -48.88 32.62
C TYR G 147 -45.84 -49.42 32.07
N GLU G 148 -45.86 -50.63 31.49
CA GLU G 148 -44.64 -51.25 30.99
C GLU G 148 -44.08 -50.57 29.74
N ALA G 149 -44.95 -50.04 28.87
CA ALA G 149 -44.53 -49.19 27.76
C ALA G 149 -43.87 -47.90 28.26
N ALA G 150 -44.46 -47.24 29.27
CA ALA G 150 -43.93 -46.00 29.82
C ALA G 150 -42.61 -46.18 30.58
N LYS G 151 -42.48 -47.26 31.35
CA LYS G 151 -41.31 -47.50 32.22
C LYS G 151 -40.17 -48.25 31.52
N TYR G 152 -40.51 -49.18 30.63
CA TYR G 152 -39.54 -50.12 30.05
C TYR G 152 -39.50 -50.11 28.53
N ASN G 153 -40.26 -49.23 27.86
CA ASN G 153 -40.46 -49.25 26.40
C ASN G 153 -40.85 -50.65 25.90
N ALA G 154 -41.61 -51.40 26.70
CA ALA G 154 -42.05 -52.73 26.36
C ALA G 154 -43.15 -52.68 25.29
N ALA G 155 -43.10 -53.60 24.33
CA ALA G 155 -44.23 -53.81 23.43
C ALA G 155 -45.41 -54.42 24.21
N PRO G 156 -46.65 -54.02 23.93
CA PRO G 156 -47.81 -54.53 24.65
C PRO G 156 -48.00 -56.02 24.37
N LEU G 157 -48.30 -56.77 25.44
CA LEU G 157 -48.74 -58.16 25.30
C LEU G 157 -50.25 -58.20 25.05
N PRO G 158 -50.76 -59.15 24.24
CA PRO G 158 -52.19 -59.38 24.10
C PRO G 158 -52.82 -59.59 25.48
N VAL G 159 -53.93 -58.90 25.78
CA VAL G 159 -54.60 -58.95 27.09
C VAL G 159 -54.91 -60.39 27.52
N ALA G 160 -55.35 -61.23 26.59
CA ALA G 160 -55.60 -62.65 26.84
C ALA G 160 -54.37 -63.44 27.32
N ALA G 161 -53.14 -63.04 26.95
CA ALA G 161 -51.91 -63.68 27.41
C ALA G 161 -51.51 -63.28 28.84
N GLN G 162 -52.00 -62.13 29.31
CA GLN G 162 -51.76 -61.64 30.68
C GLN G 162 -52.77 -62.20 31.68
N MET G 163 -53.97 -62.56 31.21
CA MET G 163 -55.02 -63.20 31.99
C MET G 163 -54.71 -64.69 32.19
N GLN G 164 -53.63 -64.99 32.91
CA GLN G 164 -53.36 -66.35 33.36
C GLN G 164 -54.25 -66.65 34.58
N SER G 165 -55.31 -67.44 34.38
CA SER G 165 -55.99 -68.05 35.53
C SER G 165 -55.10 -69.18 36.04
N THR G 166 -54.55 -69.00 37.25
CA THR G 166 -54.09 -70.18 37.98
C THR G 166 -55.35 -70.94 38.36
N GLU G 167 -55.56 -72.15 37.80
CA GLU G 167 -56.69 -73.00 38.19
C GLU G 167 -56.52 -73.38 39.66
N MET G 168 -57.08 -72.55 40.53
CA MET G 168 -57.14 -72.82 41.96
C MET G 168 -58.32 -73.75 42.21
N PRO G 169 -58.18 -74.75 43.10
CA PRO G 169 -59.27 -75.67 43.37
C PRO G 169 -60.46 -74.96 44.04
N ASP G 170 -61.68 -75.35 43.69
CA ASP G 170 -62.95 -74.81 44.23
C ASP G 170 -63.32 -75.40 45.61
N PHE G 171 -62.33 -75.67 46.46
CA PHE G 171 -62.52 -76.19 47.81
C PHE G 171 -61.60 -75.49 48.80
N ASP G 172 -61.90 -75.63 50.10
CA ASP G 172 -61.09 -75.03 51.16
C ASP G 172 -59.84 -75.83 51.49
N TYR G 173 -58.72 -75.12 51.65
CA TYR G 173 -57.46 -75.72 52.02
C TYR G 173 -56.55 -74.75 52.77
N ALA G 174 -55.54 -75.31 53.41
CA ALA G 174 -54.35 -74.62 53.88
C ALA G 174 -53.12 -75.46 53.56
N TYR G 175 -51.98 -74.82 53.36
CA TYR G 175 -50.72 -75.49 53.07
C TYR G 175 -49.54 -74.79 53.73
N TRP G 176 -48.50 -75.57 54.00
CA TRP G 176 -47.20 -75.07 54.41
C TRP G 176 -46.54 -74.33 53.24
N THR G 177 -45.93 -73.17 53.51
CA THR G 177 -45.28 -72.34 52.47
C THR G 177 -44.18 -73.10 51.71
N GLU G 178 -43.86 -72.61 50.50
CA GLU G 178 -42.84 -73.19 49.63
C GLU G 178 -41.48 -73.28 50.34
N ALA G 179 -40.81 -74.43 50.21
CA ALA G 179 -39.52 -74.71 50.86
C ALA G 179 -39.56 -74.49 52.39
N ILE G 180 -40.69 -74.87 53.02
CA ILE G 180 -40.93 -74.74 54.46
C ILE G 180 -39.77 -75.24 55.33
N GLY G 181 -39.05 -76.29 54.90
CA GLY G 181 -37.89 -76.81 55.62
C GLY G 181 -36.77 -75.77 55.81
N PHE G 182 -36.53 -74.92 54.81
CA PHE G 182 -35.62 -73.77 54.97
C PHE G 182 -36.27 -72.63 55.73
N HIS G 183 -37.52 -72.28 55.41
CA HIS G 183 -38.19 -71.14 56.03
C HIS G 183 -38.28 -71.27 57.56
N LEU G 184 -38.51 -72.49 58.06
CA LEU G 184 -38.55 -72.79 59.49
C LEU G 184 -37.26 -72.40 60.22
N ILE G 185 -36.11 -72.48 59.55
CA ILE G 185 -34.80 -72.20 60.13
C ILE G 185 -34.46 -70.73 59.89
N LYS G 186 -35.05 -69.81 60.68
CA LYS G 186 -34.71 -68.38 60.53
C LYS G 186 -33.23 -68.14 60.70
N ARG G 187 -32.62 -68.82 61.67
CA ARG G 187 -31.18 -68.80 61.93
C ARG G 187 -30.77 -70.09 62.63
N ALA G 188 -29.63 -70.65 62.25
CA ALA G 188 -28.97 -71.71 63.01
C ALA G 188 -27.52 -71.33 63.30
N GLU G 189 -27.05 -71.64 64.50
CA GLU G 189 -25.69 -71.36 64.96
C GLU G 189 -25.01 -72.66 65.38
N PHE G 190 -23.85 -72.95 64.79
CA PHE G 190 -22.98 -74.03 65.23
C PHE G 190 -22.00 -73.49 66.27
N LYS G 191 -22.11 -73.95 67.52
CA LYS G 191 -21.29 -73.50 68.65
C LYS G 191 -20.38 -74.60 69.17
N VAL G 192 -19.17 -74.20 69.56
CA VAL G 192 -18.18 -75.08 70.17
C VAL G 192 -17.59 -74.37 71.38
N GLY G 193 -17.71 -74.96 72.57
CA GLY G 193 -17.19 -74.36 73.80
C GLY G 193 -17.84 -73.02 74.16
N GLY G 194 -19.09 -72.79 73.71
CA GLY G 194 -19.81 -71.54 73.90
C GLY G 194 -19.55 -70.47 72.84
N ALA G 195 -18.51 -70.61 72.01
CA ALA G 195 -18.24 -69.71 70.89
C ALA G 195 -19.03 -70.13 69.64
N THR G 196 -19.64 -69.17 68.96
CA THR G 196 -20.25 -69.39 67.64
C THR G 196 -19.16 -69.54 66.58
N ILE G 197 -19.08 -70.72 65.97
CA ILE G 197 -18.14 -71.04 64.91
C ILE G 197 -18.70 -70.60 63.56
N ASP G 198 -19.99 -70.80 63.32
CA ASP G 198 -20.64 -70.36 62.08
C ASP G 198 -22.14 -70.13 62.32
N THR G 199 -22.75 -69.31 61.46
CA THR G 199 -24.18 -68.99 61.48
C THR G 199 -24.74 -69.12 60.08
N ILE G 200 -25.89 -69.76 59.93
CA ILE G 200 -26.62 -69.85 58.67
C ILE G 200 -28.03 -69.29 58.83
N TRP G 201 -28.59 -68.75 57.75
CA TRP G 201 -29.92 -68.15 57.71
C TRP G 201 -30.80 -68.86 56.68
N SER G 202 -32.11 -68.84 56.87
CA SER G 202 -33.10 -69.40 55.92
C SER G 202 -32.84 -68.93 54.49
N GLU G 203 -32.70 -67.62 54.32
CA GLU G 203 -32.48 -66.99 53.02
C GLU G 203 -31.14 -67.42 52.39
N LEU G 204 -30.09 -67.60 53.20
CA LEU G 204 -28.80 -68.12 52.74
C LEU G 204 -28.91 -69.59 52.31
N LEU G 205 -29.58 -70.44 53.09
CA LEU G 205 -29.79 -71.86 52.76
C LEU G 205 -30.46 -72.01 51.38
N PHE G 206 -31.49 -71.22 51.14
CA PHE G 206 -32.17 -71.20 49.85
C PHE G 206 -31.26 -70.73 48.71
N ALA G 207 -30.49 -69.66 48.92
CA ALA G 207 -29.57 -69.15 47.92
C ALA G 207 -28.46 -70.15 47.57
N MET G 208 -27.91 -70.81 48.59
CA MET G 208 -26.90 -71.86 48.44
C MET G 208 -27.45 -73.05 47.65
N GLU G 209 -28.68 -73.49 47.91
CA GLU G 209 -29.31 -74.57 47.13
C GLU G 209 -29.59 -74.14 45.68
N GLU G 210 -29.95 -72.89 45.44
CA GLU G 210 -30.17 -72.38 44.08
C GLU G 210 -28.89 -72.39 43.24
N LEU G 211 -27.76 -71.96 43.82
CA LEU G 211 -26.47 -71.84 43.12
C LEU G 211 -25.67 -73.15 43.11
N MET G 212 -25.61 -73.85 44.25
CA MET G 212 -24.75 -75.03 44.43
C MET G 212 -25.50 -76.36 44.34
N GLY G 213 -26.84 -76.32 44.30
CA GLY G 213 -27.67 -77.51 44.17
C GLY G 213 -27.45 -78.20 42.83
N ARG G 214 -26.91 -79.42 42.86
CA ARG G 214 -26.57 -80.18 41.65
C ARG G 214 -27.82 -80.75 40.97
N ALA G 215 -27.82 -80.78 39.64
CA ALA G 215 -28.87 -81.43 38.86
C ALA G 215 -29.05 -82.90 39.30
N GLY G 216 -30.31 -83.32 39.50
CA GLY G 216 -30.66 -84.65 40.01
C GLY G 216 -30.45 -84.86 41.51
N ARG G 217 -29.92 -83.86 42.25
CA ARG G 217 -29.75 -83.89 43.71
C ARG G 217 -30.29 -82.62 44.38
N ARG G 218 -31.27 -81.97 43.76
CA ARG G 218 -31.96 -80.82 44.33
C ARG G 218 -32.74 -81.26 45.57
N LEU G 219 -32.83 -80.40 46.56
CA LEU G 219 -33.39 -80.71 47.87
C LEU G 219 -34.93 -80.75 47.92
N THR G 220 -35.60 -80.72 46.77
CA THR G 220 -37.06 -80.49 46.63
C THR G 220 -37.91 -81.13 47.72
N GLU G 221 -38.02 -82.45 47.72
CA GLU G 221 -38.82 -83.20 48.71
C GLU G 221 -38.26 -83.05 50.13
N THR G 222 -36.94 -83.05 50.29
CA THR G 222 -36.28 -82.98 51.61
C THR G 222 -36.53 -81.68 52.38
N ILE G 223 -36.93 -80.60 51.69
CA ILE G 223 -37.24 -79.29 52.30
C ILE G 223 -38.68 -78.82 52.03
N GLY G 224 -39.53 -79.63 51.40
CA GLY G 224 -40.90 -79.24 51.05
C GLY G 224 -40.98 -78.16 49.97
N ARG G 225 -40.15 -78.26 48.92
CA ARG G 225 -40.09 -77.33 47.78
C ARG G 225 -40.70 -77.96 46.52
N THR G 226 -41.64 -77.27 45.90
CA THR G 226 -42.42 -77.72 44.73
C THR G 226 -42.13 -76.95 43.44
N LEU G 227 -41.23 -75.98 43.50
CA LEU G 227 -40.95 -75.01 42.44
C LEU G 227 -42.18 -74.16 42.12
N ARG G 228 -42.83 -73.65 43.17
CA ARG G 228 -44.02 -72.76 43.09
C ARG G 228 -45.20 -73.41 42.37
N ARG G 229 -45.53 -74.66 42.71
CA ARG G 229 -46.76 -75.33 42.26
C ARG G 229 -47.70 -75.49 43.46
N PRO G 230 -48.63 -74.53 43.69
CA PRO G 230 -49.44 -74.51 44.90
C PRO G 230 -50.24 -75.80 45.13
N THR G 231 -50.72 -76.43 44.06
CA THR G 231 -51.47 -77.70 44.14
C THR G 231 -50.66 -78.84 44.74
N GLU G 232 -49.34 -78.88 44.52
CA GLU G 232 -48.45 -79.89 45.12
C GLU G 232 -48.20 -79.59 46.61
N LEU G 233 -48.05 -78.31 46.99
CA LEU G 233 -47.96 -77.91 48.39
C LEU G 233 -49.23 -78.28 49.17
N MET G 234 -50.41 -78.06 48.56
CA MET G 234 -51.70 -78.47 49.14
C MET G 234 -51.75 -79.98 49.36
N LYS G 235 -51.40 -80.79 48.35
CA LYS G 235 -51.41 -82.24 48.47
C LYS G 235 -50.48 -82.72 49.59
N ALA G 236 -49.25 -82.22 49.62
CA ALA G 236 -48.27 -82.56 50.64
C ALA G 236 -48.76 -82.16 52.05
N SER G 237 -49.41 -81.01 52.18
CA SER G 237 -49.83 -80.45 53.48
C SER G 237 -51.05 -81.12 54.10
N ARG G 238 -51.73 -82.05 53.40
CA ARG G 238 -52.91 -82.76 53.96
C ARG G 238 -52.54 -83.87 54.94
N GLN G 239 -51.27 -84.26 54.99
CA GLN G 239 -50.76 -85.33 55.83
C GLN G 239 -49.47 -84.89 56.54
N GLU G 240 -49.03 -85.68 57.52
CA GLU G 240 -47.76 -85.44 58.19
C GLU G 240 -46.60 -85.44 57.18
N GLN G 241 -45.70 -84.47 57.29
CA GLN G 241 -44.50 -84.35 56.48
C GLN G 241 -43.27 -84.52 57.35
N ILE G 242 -42.33 -85.34 56.88
CA ILE G 242 -41.01 -85.51 57.49
C ILE G 242 -39.99 -84.93 56.52
N LEU G 243 -39.30 -83.87 56.95
CA LEU G 243 -38.31 -83.15 56.17
C LEU G 243 -36.92 -83.39 56.75
N TYR G 244 -35.91 -83.52 55.89
CA TYR G 244 -34.51 -83.69 56.27
C TYR G 244 -33.70 -82.53 55.68
N VAL G 245 -33.57 -81.45 56.44
CA VAL G 245 -32.93 -80.23 55.97
C VAL G 245 -31.42 -80.33 56.21
N PRO G 246 -30.57 -80.40 55.17
CA PRO G 246 -29.13 -80.44 55.36
C PRO G 246 -28.63 -79.12 55.93
N LEU G 247 -27.76 -79.18 56.94
CA LEU G 247 -27.08 -78.01 57.48
C LEU G 247 -25.66 -77.94 56.89
N PRO G 248 -25.39 -77.01 55.95
CA PRO G 248 -24.19 -77.03 55.10
C PRO G 248 -22.94 -76.46 55.79
N TRP G 249 -22.64 -76.89 57.02
CA TRP G 249 -21.44 -76.49 57.75
C TRP G 249 -20.17 -76.90 57.01
N TYR G 250 -19.03 -76.26 57.31
CA TYR G 250 -17.76 -76.55 56.64
C TYR G 250 -17.41 -78.05 56.69
N PHE G 251 -17.68 -78.72 57.82
CA PHE G 251 -17.34 -80.12 58.05
C PHE G 251 -18.24 -81.11 57.31
N THR G 252 -19.39 -80.67 56.76
CA THR G 252 -20.28 -81.53 55.97
C THR G 252 -19.90 -81.55 54.48
N LYS G 253 -18.93 -80.73 54.05
CA LYS G 253 -18.60 -80.50 52.64
C LYS G 253 -17.59 -81.49 52.07
N HIS G 254 -16.70 -82.02 52.91
CA HIS G 254 -15.67 -82.96 52.49
C HIS G 254 -15.25 -83.87 53.67
N PRO G 255 -15.01 -85.17 53.47
CA PRO G 255 -14.63 -86.08 54.55
C PRO G 255 -13.39 -85.64 55.35
N SER G 256 -12.41 -85.01 54.71
CA SER G 256 -11.20 -84.50 55.39
C SER G 256 -11.46 -83.30 56.31
N LEU G 257 -12.64 -82.70 56.24
CA LEU G 257 -13.06 -81.58 57.09
C LEU G 257 -14.01 -82.02 58.19
N ALA G 258 -14.36 -83.31 58.28
CA ALA G 258 -15.22 -83.83 59.34
C ALA G 258 -14.72 -83.33 60.71
N PHE G 259 -15.66 -82.90 61.55
CA PHE G 259 -15.33 -82.23 62.79
C PHE G 259 -14.75 -83.25 63.78
N PRO G 260 -13.51 -83.09 64.27
CA PRO G 260 -12.85 -84.08 65.09
C PRO G 260 -13.33 -84.01 66.56
N LEU G 261 -14.37 -84.79 66.88
CA LEU G 261 -14.95 -84.84 68.22
C LEU G 261 -13.89 -85.18 69.26
N VAL G 262 -13.05 -86.20 69.00
CA VAL G 262 -11.97 -86.63 69.90
C VAL G 262 -10.94 -85.53 70.20
N ALA G 263 -10.69 -84.63 69.24
CA ALA G 263 -9.75 -83.54 69.41
C ALA G 263 -10.34 -82.34 70.19
N ALA G 264 -11.66 -82.28 70.32
CA ALA G 264 -12.38 -81.22 71.02
C ALA G 264 -13.05 -81.71 72.32
N THR G 265 -12.49 -82.73 72.99
CA THR G 265 -13.10 -83.45 74.12
C THR G 265 -13.63 -82.56 75.26
N TYR G 266 -13.00 -81.41 75.54
CA TYR G 266 -13.39 -80.52 76.64
C TYR G 266 -14.37 -79.41 76.25
N HIS G 267 -14.84 -79.38 75.00
CA HIS G 267 -15.85 -78.43 74.53
C HIS G 267 -17.17 -79.12 74.20
N ASN G 268 -18.27 -78.56 74.70
CA ASN G 268 -19.60 -78.94 74.25
C ASN G 268 -19.81 -78.42 72.82
N ILE G 269 -20.41 -79.27 71.99
CA ILE G 269 -20.80 -78.92 70.62
C ILE G 269 -22.30 -78.75 70.64
N GLN G 270 -22.78 -77.59 70.18
CA GLN G 270 -24.19 -77.25 70.24
C GLN G 270 -24.67 -76.72 68.90
N LEU G 271 -25.89 -77.10 68.54
CA LEU G 271 -26.64 -76.47 67.49
C LEU G 271 -27.76 -75.67 68.14
N TRP G 272 -27.81 -74.38 67.84
CA TRP G 272 -28.89 -73.48 68.24
C TRP G 272 -29.72 -73.16 66.99
N VAL G 273 -31.05 -73.18 67.11
CA VAL G 273 -31.97 -72.91 66.01
C VAL G 273 -33.04 -71.93 66.47
N GLN G 274 -33.13 -70.80 65.78
CA GLN G 274 -34.24 -69.87 65.90
C GLN G 274 -35.32 -70.24 64.87
N TRP G 275 -36.51 -70.58 65.35
CA TRP G 275 -37.60 -71.06 64.53
C TRP G 275 -38.48 -69.93 63.99
N ALA G 276 -39.01 -70.10 62.78
CA ALA G 276 -40.00 -69.18 62.22
C ALA G 276 -41.30 -69.17 63.03
N GLN G 277 -41.97 -68.02 63.04
CA GLN G 277 -43.31 -67.89 63.62
C GLN G 277 -44.34 -68.66 62.80
N LEU G 278 -45.29 -69.31 63.46
CA LEU G 278 -46.30 -70.16 62.84
C LEU G 278 -47.14 -69.40 61.80
N ASN G 279 -47.55 -68.17 62.10
CA ASN G 279 -48.27 -67.27 61.19
C ASN G 279 -47.60 -67.09 59.82
N SER G 280 -46.28 -67.19 59.73
CA SER G 280 -45.52 -67.06 58.49
C SER G 280 -45.39 -68.37 57.72
N CYS G 281 -45.72 -69.51 58.33
CA CYS G 281 -45.46 -70.82 57.76
C CYS G 281 -46.64 -71.36 56.93
N ILE G 282 -47.83 -70.78 57.04
CA ILE G 282 -49.08 -71.32 56.48
C ILE G 282 -49.75 -70.27 55.59
N ILE G 283 -50.28 -70.75 54.46
CA ILE G 283 -51.16 -70.00 53.55
C ILE G 283 -52.49 -70.75 53.45
N LYS G 284 -53.61 -70.03 53.45
CA LYS G 284 -54.97 -70.60 53.36
C LYS G 284 -55.75 -70.07 52.17
N SER G 285 -56.73 -70.83 51.68
CA SER G 285 -57.56 -70.41 50.56
C SER G 285 -58.37 -69.14 50.87
N ARG G 286 -58.92 -69.03 52.09
CA ARG G 286 -59.79 -67.92 52.51
C ARG G 286 -59.47 -67.40 53.92
N SER G 287 -59.65 -66.11 54.12
CA SER G 287 -59.35 -65.34 55.33
C SER G 287 -60.15 -65.79 56.56
N ASN G 288 -61.37 -66.30 56.37
CA ASN G 288 -62.30 -66.74 57.42
C ASN G 288 -62.15 -68.22 57.85
N LEU G 289 -61.10 -68.91 57.41
CA LEU G 289 -60.83 -70.29 57.79
C LEU G 289 -59.94 -70.37 59.04
N VAL G 290 -60.24 -71.35 59.90
CA VAL G 290 -59.38 -71.79 61.01
C VAL G 290 -58.56 -72.98 60.52
N VAL G 291 -57.26 -72.98 60.81
CA VAL G 291 -56.35 -74.06 60.42
C VAL G 291 -56.20 -75.04 61.58
N LEU G 292 -56.49 -76.31 61.33
CA LEU G 292 -56.48 -77.39 62.30
C LEU G 292 -55.34 -78.37 62.04
N HIS G 293 -54.82 -78.97 63.11
CA HIS G 293 -54.00 -80.17 63.04
C HIS G 293 -54.85 -81.35 62.54
N ALA G 294 -54.48 -81.93 61.40
CA ALA G 294 -55.32 -82.90 60.67
C ALA G 294 -55.67 -84.16 61.46
N GLU G 295 -54.74 -84.67 62.27
CA GLU G 295 -54.94 -85.85 63.11
C GLU G 295 -55.65 -85.53 64.43
N ARG G 296 -55.20 -84.48 65.14
CA ARG G 296 -55.71 -84.13 66.48
C ARG G 296 -57.03 -83.36 66.46
N ASN G 297 -57.44 -82.80 65.32
CA ASN G 297 -58.63 -81.95 65.15
C ASN G 297 -58.72 -80.79 66.16
N VAL G 298 -57.57 -80.17 66.45
CA VAL G 298 -57.47 -78.96 67.27
C VAL G 298 -56.83 -77.84 66.44
N PRO G 299 -57.12 -76.55 66.73
CA PRO G 299 -56.42 -75.43 66.08
C PRO G 299 -54.91 -75.61 66.13
N ILE G 300 -54.22 -75.34 65.02
CA ILE G 300 -52.77 -75.44 64.98
C ILE G 300 -52.13 -74.36 65.86
N SER G 301 -51.14 -74.76 66.66
CA SER G 301 -50.48 -73.95 67.68
C SER G 301 -48.97 -74.13 67.63
N ASP G 302 -48.26 -73.24 68.34
CA ASP G 302 -46.79 -73.15 68.26
C ASP G 302 -46.06 -74.41 68.76
N ASP G 303 -46.70 -75.22 69.61
CA ASP G 303 -46.16 -76.47 70.17
C ASP G 303 -46.31 -77.69 69.24
N HIS G 304 -46.92 -77.52 68.06
CA HIS G 304 -47.04 -78.58 67.07
C HIS G 304 -45.80 -78.75 66.17
N LEU G 305 -44.81 -77.87 66.26
CA LEU G 305 -43.51 -78.08 65.60
C LEU G 305 -42.73 -79.17 66.33
N ARG G 306 -42.29 -80.19 65.61
CA ARG G 306 -41.36 -81.20 66.14
C ARG G 306 -40.10 -81.22 65.31
N ALA G 307 -38.96 -81.27 65.97
CA ALA G 307 -37.67 -81.42 65.30
C ALA G 307 -36.69 -82.24 66.13
N SER G 308 -35.78 -82.89 65.43
CA SER G 308 -34.64 -83.62 65.99
C SER G 308 -33.43 -83.44 65.07
N LEU G 309 -32.24 -83.75 65.56
CA LEU G 309 -31.00 -83.62 64.81
C LEU G 309 -30.48 -85.01 64.42
N GLU G 310 -30.34 -85.26 63.13
CA GLU G 310 -29.73 -86.48 62.62
C GLU G 310 -28.28 -86.21 62.23
N CYS G 311 -27.35 -86.84 62.96
CA CYS G 311 -25.91 -86.68 62.80
C CYS G 311 -25.29 -87.97 62.28
N THR G 312 -24.40 -87.87 61.30
CA THR G 312 -23.55 -88.99 60.89
C THR G 312 -22.21 -88.93 61.60
N TYR G 313 -21.96 -89.92 62.44
CA TYR G 313 -20.70 -90.13 63.14
C TYR G 313 -19.77 -91.02 62.32
N VAL G 314 -18.47 -90.77 62.45
CA VAL G 314 -17.41 -91.63 61.91
C VAL G 314 -16.70 -92.31 63.07
N HIS G 315 -16.61 -93.62 63.01
CA HIS G 315 -15.81 -94.44 63.91
C HIS G 315 -14.50 -94.78 63.23
N LEU G 316 -13.38 -94.48 63.88
CA LEU G 316 -12.04 -94.68 63.35
C LEU G 316 -11.38 -95.91 63.99
N GLU G 317 -10.45 -96.52 63.28
CA GLU G 317 -9.52 -97.47 63.89
C GLU G 317 -8.69 -96.78 64.99
N ALA G 318 -8.35 -97.51 66.05
CA ALA G 318 -7.64 -96.99 67.21
C ALA G 318 -6.38 -96.19 66.85
N ALA G 319 -5.57 -96.68 65.90
CA ALA G 319 -4.36 -96.00 65.49
C ALA G 319 -4.62 -94.61 64.88
N GLU G 320 -5.66 -94.46 64.05
CA GLU G 320 -6.03 -93.18 63.44
C GLU G 320 -6.68 -92.24 64.48
N ARG G 321 -7.53 -92.79 65.34
CA ARG G 321 -8.14 -92.08 66.46
C ARG G 321 -7.09 -91.49 67.40
N ASP G 322 -6.07 -92.27 67.76
CA ASP G 322 -4.98 -91.86 68.64
C ASP G 322 -4.12 -90.78 67.97
N ALA G 323 -3.82 -90.95 66.67
CA ALA G 323 -3.09 -89.95 65.90
C ALA G 323 -3.85 -88.62 65.82
N LEU G 324 -5.15 -88.66 65.57
CA LEU G 324 -6.00 -87.47 65.51
C LEU G 324 -6.13 -86.79 66.88
N THR G 325 -6.21 -87.55 67.97
CA THR G 325 -6.25 -87.02 69.33
C THR G 325 -4.94 -86.31 69.69
N ALA G 326 -3.80 -86.90 69.30
CA ALA G 326 -2.49 -86.33 69.54
C ALA G 326 -2.22 -85.08 68.69
N ASN G 327 -2.69 -85.05 67.44
CA ASN G 327 -2.42 -83.94 66.52
C ASN G 327 -3.53 -83.72 65.47
N ALA G 328 -4.66 -83.16 65.89
CA ALA G 328 -5.69 -82.71 64.95
C ALA G 328 -5.31 -81.43 64.18
N GLY G 329 -4.38 -80.64 64.72
CA GLY G 329 -3.87 -79.43 64.05
C GLY G 329 -4.93 -78.37 63.78
N THR G 330 -5.02 -77.95 62.52
CA THR G 330 -5.90 -76.87 62.06
C THR G 330 -6.71 -77.30 60.85
N GLN G 331 -7.96 -76.89 60.79
CA GLN G 331 -8.82 -77.02 59.61
C GLN G 331 -9.09 -75.64 58.99
N LEU G 332 -8.96 -75.55 57.68
CA LEU G 332 -9.51 -74.42 56.93
C LEU G 332 -11.03 -74.51 57.00
N ILE G 333 -11.68 -73.43 57.40
CA ILE G 333 -13.14 -73.37 57.48
C ILE G 333 -13.66 -72.21 56.63
N VAL G 334 -14.91 -72.37 56.17
CA VAL G 334 -15.68 -71.27 55.59
C VAL G 334 -16.74 -70.87 56.60
N GLN G 335 -16.77 -69.58 56.93
CA GLN G 335 -17.80 -68.96 57.77
C GLN G 335 -18.70 -68.07 56.92
N HIS G 336 -19.92 -67.87 57.37
CA HIS G 336 -20.90 -67.01 56.71
C HIS G 336 -21.11 -65.71 57.50
N GLN G 337 -21.21 -64.61 56.76
CA GLN G 337 -21.51 -63.28 57.30
C GLN G 337 -22.72 -62.69 56.57
N ALA G 338 -23.49 -61.83 57.24
CA ALA G 338 -24.73 -61.29 56.71
C ALA G 338 -24.80 -59.77 56.90
N HIS G 339 -25.26 -59.07 55.86
CA HIS G 339 -25.68 -57.68 55.89
C HIS G 339 -27.14 -57.65 55.45
N LEU G 340 -28.01 -57.26 56.37
CA LEU G 340 -29.46 -57.21 56.17
C LEU G 340 -29.91 -55.76 56.25
N GLN G 341 -30.61 -55.29 55.22
CA GLN G 341 -30.97 -53.87 55.08
C GLN G 341 -32.41 -53.72 54.58
N GLN G 342 -33.11 -52.71 55.09
CA GLN G 342 -34.41 -52.30 54.54
C GLN G 342 -34.20 -51.37 53.34
N VAL G 343 -35.08 -51.49 52.35
CA VAL G 343 -35.05 -50.79 51.08
C VAL G 343 -36.33 -49.97 50.93
N SER G 344 -36.15 -48.68 50.73
CA SER G 344 -37.22 -47.67 50.58
C SER G 344 -36.99 -46.73 49.39
N SER G 345 -36.05 -47.06 48.51
CA SER G 345 -35.69 -46.26 47.33
C SER G 345 -35.10 -47.13 46.23
N ASN G 346 -35.20 -46.66 44.98
CA ASN G 346 -34.68 -47.40 43.82
C ASN G 346 -33.15 -47.40 43.78
N ASN G 347 -32.48 -46.44 44.42
CA ASN G 347 -31.04 -46.44 44.58
C ASN G 347 -30.70 -46.88 46.01
N VAL G 348 -29.91 -47.94 46.13
CA VAL G 348 -29.53 -48.51 47.43
C VAL G 348 -28.03 -48.72 47.45
N THR G 349 -27.37 -48.24 48.50
CA THR G 349 -25.97 -48.55 48.77
C THR G 349 -25.90 -49.40 50.03
N ALA G 350 -25.36 -50.62 49.90
CA ALA G 350 -25.08 -51.50 51.03
C ALA G 350 -23.60 -51.40 51.40
N ARG G 351 -23.31 -50.98 52.64
CA ARG G 351 -21.95 -50.96 53.21
C ARG G 351 -21.64 -52.30 53.84
N LEU G 352 -20.81 -53.10 53.17
CA LEU G 352 -20.52 -54.48 53.54
C LEU G 352 -19.38 -54.52 54.57
N ASN G 353 -19.73 -54.44 55.84
CA ASN G 353 -18.78 -54.52 56.97
C ASN G 353 -18.37 -55.96 57.29
N PHE G 354 -18.12 -56.77 56.25
CA PHE G 354 -17.62 -58.14 56.43
C PHE G 354 -16.14 -58.14 56.73
N ASN G 355 -15.68 -59.20 57.38
CA ASN G 355 -14.28 -59.42 57.73
C ASN G 355 -13.71 -60.66 57.04
N PHE G 356 -12.39 -60.82 57.20
CA PHE G 356 -11.59 -61.95 56.72
C PHE G 356 -11.47 -62.03 55.19
N PRO G 357 -10.69 -62.98 54.66
CA PRO G 357 -10.66 -63.28 53.22
C PRO G 357 -12.01 -63.81 52.72
N VAL G 358 -12.80 -62.93 52.10
CA VAL G 358 -14.08 -63.25 51.46
C VAL G 358 -13.82 -63.96 50.13
N LEU G 359 -14.41 -65.14 49.97
CA LEU G 359 -14.39 -65.94 48.75
C LEU G 359 -15.34 -65.35 47.71
N GLU G 360 -16.55 -65.07 48.15
CA GLU G 360 -17.67 -64.64 47.33
C GLU G 360 -18.76 -64.02 48.20
N PHE G 361 -19.69 -63.33 47.56
CA PHE G 361 -20.93 -62.92 48.19
C PHE G 361 -22.14 -63.18 47.29
N TYR G 362 -23.29 -63.32 47.92
CA TYR G 362 -24.60 -63.42 47.31
C TYR G 362 -25.42 -62.22 47.74
N TYR G 363 -26.28 -61.73 46.87
CA TYR G 363 -27.29 -60.77 47.27
C TYR G 363 -28.59 -61.00 46.52
N PHE G 364 -29.69 -60.56 47.10
CA PHE G 364 -31.03 -60.63 46.53
C PHE G 364 -31.98 -59.73 47.33
N LEU G 365 -33.10 -59.37 46.71
CA LEU G 365 -34.10 -58.53 47.32
C LEU G 365 -35.40 -59.30 47.51
N ARG G 366 -36.14 -58.97 48.57
CA ARG G 366 -37.51 -59.45 48.77
C ARG G 366 -38.44 -58.27 48.95
N ARG G 367 -39.46 -58.20 48.11
CA ARG G 367 -40.55 -57.23 48.28
C ARG G 367 -41.29 -57.48 49.59
N LYS G 368 -41.71 -56.41 50.24
CA LYS G 368 -42.56 -56.53 51.43
C LYS G 368 -43.84 -57.30 51.09
N ALA G 369 -44.45 -57.02 49.93
CA ALA G 369 -45.69 -57.68 49.53
C ALA G 369 -45.53 -59.20 49.35
N ASN G 370 -44.41 -59.66 48.78
CA ASN G 370 -44.12 -61.11 48.65
C ASN G 370 -43.97 -61.77 50.03
N LYS G 371 -43.27 -61.11 50.96
CA LYS G 371 -43.11 -61.59 52.34
C LYS G 371 -44.45 -61.68 53.06
N ASP G 372 -45.28 -60.65 52.95
CA ASP G 372 -46.60 -60.56 53.58
C ASP G 372 -47.58 -61.58 52.98
N ALA G 373 -47.45 -61.91 51.69
CA ALA G 373 -48.21 -62.96 51.02
C ALA G 373 -47.75 -64.39 51.41
N GLY G 374 -46.69 -64.52 52.22
CA GLY G 374 -46.13 -65.80 52.62
C GLY G 374 -45.24 -66.46 51.58
N ASP G 375 -44.87 -65.76 50.50
CA ASP G 375 -44.00 -66.25 49.42
C ASP G 375 -42.53 -65.87 49.69
N HIS G 376 -41.98 -66.45 50.77
CA HIS G 376 -40.73 -65.99 51.41
C HIS G 376 -39.48 -66.08 50.54
N PHE G 377 -39.48 -66.94 49.53
CA PHE G 377 -38.35 -67.14 48.61
C PHE G 377 -38.61 -66.57 47.22
N ASN G 378 -39.66 -65.76 47.08
CA ASN G 378 -39.90 -64.98 45.88
C ASN G 378 -39.13 -63.67 45.92
N PHE G 379 -37.96 -63.71 45.29
CA PHE G 379 -37.06 -62.57 45.14
C PHE G 379 -37.32 -61.75 43.88
N SER G 380 -38.47 -61.92 43.22
CA SER G 380 -38.82 -61.10 42.06
C SER G 380 -39.29 -59.69 42.46
N GLY G 381 -39.16 -58.77 41.50
CA GLY G 381 -39.65 -57.41 41.55
C GLY G 381 -41.15 -57.29 41.28
N ILE G 382 -41.55 -56.12 40.80
CA ILE G 382 -42.95 -55.77 40.55
C ILE G 382 -43.38 -56.52 39.27
N GLY G 383 -44.54 -57.17 39.31
CA GLY G 383 -45.02 -57.98 38.18
C GLY G 383 -44.12 -59.16 37.83
N GLY G 384 -43.32 -59.66 38.78
CA GLY G 384 -42.41 -60.79 38.56
C GLY G 384 -41.13 -60.45 37.78
N ARG G 385 -40.84 -59.16 37.55
CA ARG G 385 -39.64 -58.70 36.85
C ARG G 385 -38.38 -58.84 37.71
N ASP G 386 -37.21 -58.62 37.11
CA ASP G 386 -35.94 -58.61 37.84
C ASP G 386 -35.87 -57.31 38.69
N PRO G 387 -35.72 -57.39 40.03
CA PRO G 387 -35.75 -56.20 40.88
C PRO G 387 -34.50 -55.34 40.73
N VAL G 388 -33.39 -55.90 40.25
CA VAL G 388 -32.14 -55.17 40.03
C VAL G 388 -32.04 -54.80 38.56
N VAL G 389 -31.77 -53.53 38.28
CA VAL G 389 -31.42 -53.07 36.92
C VAL G 389 -29.92 -53.22 36.71
N SER G 390 -29.13 -52.70 37.65
CA SER G 390 -27.68 -52.78 37.62
C SER G 390 -27.07 -52.73 39.02
N ALA G 391 -25.84 -53.20 39.14
CA ALA G 391 -25.06 -53.09 40.36
C ALA G 391 -23.59 -52.77 40.06
N GLU G 392 -22.93 -52.14 41.02
CA GLU G 392 -21.52 -51.77 41.04
C GLU G 392 -20.91 -52.16 42.40
N LEU G 393 -19.67 -52.67 42.39
CA LEU G 393 -18.92 -52.99 43.61
C LEU G 393 -17.73 -52.05 43.74
N LEU G 394 -17.65 -51.34 44.86
CA LEU G 394 -16.60 -50.36 45.15
C LEU G 394 -15.75 -50.81 46.34
N PHE G 395 -14.43 -50.69 46.20
CA PHE G 395 -13.46 -50.81 47.29
C PHE G 395 -12.83 -49.44 47.51
N ASN G 396 -12.93 -48.88 48.72
CA ASN G 396 -12.37 -47.56 49.05
C ASN G 396 -12.74 -46.50 47.98
N ASN G 397 -14.02 -46.46 47.59
CA ASN G 397 -14.60 -45.60 46.54
C ASN G 397 -14.03 -45.78 45.11
N THR G 398 -13.27 -46.86 44.87
CA THR G 398 -12.77 -47.22 43.54
C THR G 398 -13.54 -48.43 43.03
N ALA G 399 -14.04 -48.36 41.79
CA ALA G 399 -14.79 -49.45 41.18
C ALA G 399 -13.93 -50.71 41.05
N ARG G 400 -14.24 -51.74 41.84
CA ARG G 400 -13.68 -53.09 41.70
C ARG G 400 -14.39 -53.84 40.59
N VAL G 401 -15.71 -53.67 40.50
CA VAL G 401 -16.53 -54.09 39.37
C VAL G 401 -17.36 -52.88 38.99
N THR G 402 -17.13 -52.34 37.79
CA THR G 402 -17.93 -51.24 37.26
C THR G 402 -19.38 -51.65 37.09
N GLN G 403 -20.28 -50.70 36.90
CA GLN G 403 -21.70 -50.97 36.72
C GLN G 403 -21.96 -52.07 35.67
N LYS G 404 -22.63 -53.14 36.10
CA LYS G 404 -23.07 -54.27 35.26
C LYS G 404 -24.56 -54.52 35.42
N PRO G 405 -25.25 -54.96 34.34
CA PRO G 405 -26.68 -55.27 34.41
C PRO G 405 -26.94 -56.51 35.27
N ALA G 406 -28.16 -56.63 35.82
CA ALA G 406 -28.58 -57.76 36.66
C ALA G 406 -28.22 -59.15 36.10
N VAL G 407 -28.45 -59.36 34.80
CA VAL G 407 -28.16 -60.65 34.14
C VAL G 407 -26.69 -61.07 34.25
N TRP G 408 -25.75 -60.11 34.33
CA TRP G 408 -24.34 -60.44 34.50
C TRP G 408 -24.07 -60.99 35.91
N TRP G 409 -24.60 -60.33 36.94
CA TRP G 409 -24.47 -60.78 38.33
C TRP G 409 -25.21 -62.08 38.62
N ARG G 410 -26.34 -62.32 37.93
CA ARG G 410 -27.17 -63.53 38.13
C ARG G 410 -26.73 -64.72 37.31
N ALA G 411 -26.55 -64.54 36.00
CA ALA G 411 -26.33 -65.64 35.07
C ALA G 411 -24.85 -65.86 34.74
N VAL G 412 -24.09 -64.78 34.50
CA VAL G 412 -22.67 -64.92 34.11
C VAL G 412 -21.82 -65.38 35.29
N GLN G 413 -22.02 -64.80 36.48
CA GLN G 413 -21.31 -65.23 37.69
C GLN G 413 -21.65 -66.67 38.07
N ALA G 414 -22.93 -67.06 38.02
CA ALA G 414 -23.33 -68.44 38.24
C ALA G 414 -22.73 -69.41 37.21
N LEU G 415 -22.73 -69.06 35.93
CA LEU G 415 -22.12 -69.86 34.87
C LEU G 415 -20.61 -70.09 35.09
N GLN G 416 -19.90 -69.08 35.61
CA GLN G 416 -18.45 -69.13 35.77
C GLN G 416 -18.01 -69.92 37.02
N PHE G 417 -18.77 -69.84 38.11
CA PHE G 417 -18.29 -70.24 39.44
C PHE G 417 -19.17 -71.26 40.16
N HIS G 418 -20.39 -71.50 39.69
CA HIS G 418 -21.37 -72.32 40.39
C HIS G 418 -21.84 -73.55 39.61
N SER G 419 -22.26 -74.58 40.35
CA SER G 419 -22.81 -75.82 39.80
C SER G 419 -24.16 -75.63 39.11
N SER G 420 -24.88 -74.55 39.40
CA SER G 420 -26.21 -74.26 38.85
C SER G 420 -26.47 -72.76 38.70
N ALA G 421 -27.38 -72.43 37.78
CA ALA G 421 -27.92 -71.08 37.65
C ALA G 421 -29.21 -70.98 38.48
N PRO G 422 -29.40 -69.88 39.23
CA PRO G 422 -30.57 -69.73 40.09
C PRO G 422 -31.84 -69.54 39.26
N LEU G 423 -32.95 -70.17 39.67
CA LEU G 423 -34.28 -70.00 39.07
C LEU G 423 -34.98 -68.73 39.57
N THR G 424 -34.50 -68.19 40.69
CA THR G 424 -34.97 -66.94 41.30
C THR G 424 -33.93 -65.83 41.10
N ASN G 425 -34.29 -64.58 41.44
CA ASN G 425 -33.42 -63.42 41.28
C ASN G 425 -32.35 -63.34 42.38
N ILE G 426 -31.47 -64.34 42.43
CA ILE G 426 -30.28 -64.39 43.27
C ILE G 426 -29.08 -63.98 42.43
N TYR G 427 -28.30 -63.05 42.94
CA TYR G 427 -27.11 -62.54 42.31
C TYR G 427 -25.89 -62.98 43.11
N SER G 428 -24.77 -63.23 42.45
CA SER G 428 -23.52 -63.59 43.12
C SER G 428 -22.33 -62.88 42.52
N TYR G 429 -21.23 -62.86 43.25
CA TYR G 429 -19.93 -62.48 42.74
C TYR G 429 -18.83 -63.24 43.47
N SER G 430 -17.96 -63.90 42.70
CA SER G 430 -16.86 -64.66 43.27
C SER G 430 -15.50 -63.98 43.03
N PHE G 431 -14.69 -63.93 44.09
CA PHE G 431 -13.25 -63.65 44.03
C PHE G 431 -12.44 -64.95 43.87
N SER G 432 -13.06 -66.10 44.12
CA SER G 432 -12.46 -67.44 44.03
C SER G 432 -12.73 -68.06 42.66
N LEU G 433 -11.77 -68.79 42.09
CA LEU G 433 -11.98 -69.54 40.85
C LEU G 433 -12.89 -70.76 41.05
N SER G 434 -12.92 -71.31 42.26
CA SER G 434 -13.71 -72.49 42.63
C SER G 434 -14.25 -72.33 44.06
N PRO G 435 -15.23 -71.44 44.29
CA PRO G 435 -15.75 -71.16 45.63
C PRO G 435 -16.51 -72.34 46.27
N GLU G 436 -16.90 -73.33 45.47
CA GLU G 436 -17.53 -74.57 45.93
C GLU G 436 -16.52 -75.65 46.36
N ASP G 437 -15.21 -75.48 46.09
CA ASP G 437 -14.16 -76.37 46.61
C ASP G 437 -13.90 -76.01 48.08
N PRO G 438 -14.20 -76.93 49.03
CA PRO G 438 -14.07 -76.63 50.45
C PRO G 438 -12.64 -76.75 50.99
N ILE G 439 -11.71 -77.37 50.25
CA ILE G 439 -10.35 -77.69 50.72
C ILE G 439 -9.25 -76.95 49.98
N THR G 440 -9.52 -76.44 48.78
CA THR G 440 -8.52 -75.74 47.96
C THR G 440 -8.87 -74.26 47.80
N PRO G 441 -8.22 -73.34 48.56
CA PRO G 441 -8.36 -71.91 48.31
C PRO G 441 -7.98 -71.54 46.88
N SER G 442 -8.85 -70.82 46.20
CA SER G 442 -8.67 -70.47 44.78
C SER G 442 -8.89 -68.99 44.48
N GLY G 443 -8.75 -68.14 45.49
CA GLY G 443 -8.91 -66.68 45.41
C GLY G 443 -9.77 -66.13 46.55
N SER G 444 -9.50 -64.89 46.96
CA SER G 444 -10.28 -64.17 47.95
C SER G 444 -9.94 -62.69 47.94
N ALA G 445 -10.81 -61.85 48.52
CA ALA G 445 -10.52 -60.47 48.86
C ALA G 445 -10.59 -60.30 50.38
N ASN G 446 -9.54 -59.77 51.01
CA ASN G 446 -9.51 -59.61 52.46
C ASN G 446 -10.24 -58.33 52.89
N PHE G 447 -11.49 -58.47 53.31
CA PHE G 447 -12.31 -57.32 53.68
C PHE G 447 -11.87 -56.67 54.99
N SER G 448 -11.17 -57.39 55.88
CA SER G 448 -10.55 -56.78 57.08
C SER G 448 -9.40 -55.80 56.78
N ARG G 449 -9.01 -55.66 55.51
CA ARG G 449 -7.97 -54.70 55.07
C ARG G 449 -8.52 -53.60 54.15
N LEU G 450 -9.82 -53.58 53.92
CA LEU G 450 -10.51 -52.55 53.15
C LEU G 450 -11.24 -51.62 54.11
N ASP G 451 -11.08 -50.31 53.94
CA ASP G 451 -11.73 -49.33 54.79
C ASP G 451 -13.23 -49.24 54.45
N SER G 452 -13.57 -49.36 53.16
CA SER G 452 -14.95 -49.46 52.71
C SER G 452 -15.13 -50.48 51.59
N VAL G 453 -16.19 -51.28 51.72
CA VAL G 453 -16.73 -52.11 50.64
C VAL G 453 -18.19 -51.74 50.46
N GLU G 454 -18.53 -51.21 49.29
CA GLU G 454 -19.89 -50.77 48.98
C GLU G 454 -20.43 -51.52 47.77
N LEU G 455 -21.63 -52.10 47.92
CA LEU G 455 -22.43 -52.62 46.82
C LEU G 455 -23.52 -51.58 46.52
N ALA G 456 -23.37 -50.88 45.39
CA ALA G 456 -24.34 -49.90 44.91
C ALA G 456 -25.29 -50.57 43.93
N LEU G 457 -26.59 -50.46 44.18
CA LEU G 457 -27.66 -51.06 43.40
C LEU G 457 -28.56 -49.97 42.81
N THR G 458 -28.85 -50.10 41.53
CA THR G 458 -29.99 -49.45 40.88
C THR G 458 -31.06 -50.51 40.69
N LEU G 459 -32.19 -50.32 41.35
CA LEU G 459 -33.35 -51.19 41.32
C LEU G 459 -34.35 -50.72 40.27
N GLN G 460 -35.31 -51.59 39.96
CA GLN G 460 -36.44 -51.22 39.09
C GLN G 460 -37.16 -49.97 39.63
N ASP G 461 -37.87 -49.28 38.74
CA ASP G 461 -38.71 -48.16 39.13
C ASP G 461 -39.75 -48.57 40.18
N ASP G 462 -40.01 -47.64 41.10
CA ASP G 462 -40.95 -47.78 42.21
C ASP G 462 -40.66 -48.93 43.21
N PHE G 463 -39.47 -49.57 43.12
CA PHE G 463 -39.04 -50.55 44.13
C PHE G 463 -38.83 -49.87 45.49
N GLY G 464 -39.49 -50.41 46.51
CA GLY G 464 -39.43 -49.84 47.87
C GLY G 464 -40.34 -48.62 48.08
N ALA G 465 -41.14 -48.23 47.09
CA ALA G 465 -42.16 -47.19 47.22
C ALA G 465 -43.51 -47.75 47.70
N ALA G 466 -44.34 -46.89 48.28
CA ALA G 466 -45.74 -47.18 48.66
C ALA G 466 -45.92 -48.52 49.40
N HIS G 467 -46.69 -49.46 48.83
CA HIS G 467 -47.01 -50.77 49.43
C HIS G 467 -45.79 -51.68 49.62
N ASP G 468 -44.66 -51.36 48.99
CA ASP G 468 -43.39 -52.07 49.16
C ASP G 468 -42.36 -51.34 50.03
N ALA G 469 -42.79 -50.29 50.75
CA ALA G 469 -41.95 -49.64 51.75
C ALA G 469 -41.47 -50.68 52.77
N ASN G 470 -40.16 -50.73 53.03
CA ASN G 470 -39.48 -51.76 53.82
C ASN G 470 -39.41 -53.13 53.13
N SER G 471 -39.11 -53.10 51.83
CA SER G 471 -38.56 -54.29 51.16
C SER G 471 -37.18 -54.62 51.73
N GLU G 472 -36.71 -55.84 51.57
CA GLU G 472 -35.50 -56.32 52.22
C GLU G 472 -34.39 -56.56 51.20
N LEU G 473 -33.17 -56.13 51.50
CA LEU G 473 -31.94 -56.51 50.84
C LEU G 473 -31.17 -57.48 51.75
N PHE G 474 -30.85 -58.64 51.20
CA PHE G 474 -29.98 -59.62 51.82
C PHE G 474 -28.65 -59.62 51.10
N VAL G 475 -27.55 -59.50 51.85
CA VAL G 475 -26.21 -59.77 51.34
C VAL G 475 -25.53 -60.76 52.28
N PHE G 476 -25.10 -61.89 51.73
CA PHE G 476 -24.37 -62.91 52.48
C PHE G 476 -22.97 -63.07 51.88
N ALA G 477 -21.94 -63.17 52.72
CA ALA G 477 -20.58 -63.44 52.28
C ALA G 477 -20.06 -64.76 52.88
N ARG G 478 -19.24 -65.46 52.11
CA ARG G 478 -18.49 -66.62 52.55
C ARG G 478 -17.03 -66.21 52.74
N SER G 479 -16.48 -66.46 53.92
CA SER G 479 -15.10 -66.07 54.26
C SER G 479 -14.28 -67.23 54.79
N TYR G 480 -12.99 -67.25 54.49
CA TYR G 480 -12.06 -68.19 55.10
C TYR G 480 -11.72 -67.79 56.53
N ASN G 481 -11.66 -68.78 57.42
CA ASN G 481 -11.02 -68.69 58.72
C ASN G 481 -10.33 -70.03 59.02
N ILE G 482 -9.67 -70.15 60.16
CA ILE G 482 -8.99 -71.37 60.60
C ILE G 482 -9.56 -71.78 61.94
N LEU G 483 -10.00 -73.03 62.04
CA LEU G 483 -10.35 -73.65 63.31
C LEU G 483 -9.15 -74.45 63.80
N LYS G 484 -8.70 -74.17 65.03
CA LYS G 484 -7.54 -74.82 65.65
C LYS G 484 -8.00 -75.77 66.75
N PHE G 485 -7.42 -76.97 66.76
CA PHE G 485 -7.62 -77.98 67.80
C PHE G 485 -6.32 -78.14 68.58
N THR G 486 -6.36 -78.01 69.91
CA THR G 486 -5.18 -78.15 70.76
C THR G 486 -5.59 -78.61 72.15
N ASN G 487 -4.94 -79.67 72.66
CA ASN G 487 -5.13 -80.19 74.02
C ASN G 487 -6.60 -80.45 74.40
N GLY G 488 -7.39 -81.00 73.47
CA GLY G 488 -8.81 -81.30 73.71
C GLY G 488 -9.75 -80.10 73.58
N LEU G 489 -9.26 -78.93 73.16
CA LEU G 489 -10.02 -77.70 72.96
C LEU G 489 -10.04 -77.33 71.47
N ALA G 490 -11.10 -76.63 71.05
CA ALA G 490 -11.26 -76.10 69.70
C ALA G 490 -11.60 -74.61 69.74
N GLY G 491 -10.99 -73.82 68.87
CA GLY G 491 -11.23 -72.37 68.79
C GLY G 491 -10.87 -71.76 67.45
N ALA H 11 -2.60 -50.19 44.74
CA ALA H 11 -2.13 -50.23 46.13
C ALA H 11 -2.84 -51.33 46.94
N GLY H 12 -4.15 -51.49 46.80
CA GLY H 12 -4.93 -52.52 47.50
C GLY H 12 -4.58 -53.97 47.09
N SER H 13 -4.46 -54.27 45.80
CA SER H 13 -4.15 -55.63 45.33
C SER H 13 -2.73 -56.07 45.68
N LEU H 14 -1.75 -55.15 45.60
CA LEU H 14 -0.39 -55.44 46.06
C LEU H 14 -0.35 -55.62 47.58
N THR H 15 -1.11 -54.80 48.32
CA THR H 15 -1.20 -54.90 49.79
C THR H 15 -1.79 -56.24 50.22
N GLN H 16 -2.78 -56.78 49.50
CA GLN H 16 -3.32 -58.12 49.76
C GLN H 16 -2.25 -59.22 49.63
N LEU H 17 -1.36 -59.14 48.62
CA LEU H 17 -0.27 -60.11 48.46
C LEU H 17 0.79 -59.99 49.57
N LEU H 18 0.93 -58.82 50.16
CA LEU H 18 1.85 -58.56 51.28
C LEU H 18 1.24 -58.88 52.65
N ALA H 19 -0.09 -58.82 52.76
CA ALA H 19 -0.85 -59.09 53.99
C ALA H 19 -0.94 -60.59 54.26
N THR H 20 0.21 -61.24 54.44
CA THR H 20 0.34 -62.65 54.77
C THR H 20 0.95 -62.81 56.17
N GLY H 21 0.47 -63.81 56.91
CA GLY H 21 0.95 -64.18 58.23
C GLY H 21 1.34 -65.65 58.32
N SER H 22 1.61 -66.13 59.54
CA SER H 22 2.00 -67.52 59.79
C SER H 22 0.95 -68.55 59.41
N MET H 23 -0.35 -68.18 59.41
CA MET H 23 -1.43 -69.07 58.95
C MET H 23 -1.39 -69.29 57.43
N ASP H 24 -1.07 -68.25 56.65
CA ASP H 24 -0.99 -68.35 55.19
C ASP H 24 0.16 -69.26 54.72
N ALA H 25 1.19 -69.41 55.56
CA ALA H 25 2.32 -70.27 55.27
C ALA H 25 1.91 -71.73 55.05
N ALA H 26 0.94 -72.24 55.82
CA ALA H 26 0.41 -73.59 55.65
C ALA H 26 -0.32 -73.81 54.32
N LEU H 27 -0.78 -72.73 53.66
CA LEU H 27 -1.56 -72.77 52.43
C LEU H 27 -0.76 -72.40 51.18
N THR H 28 0.18 -71.47 51.31
CA THR H 28 0.81 -70.80 50.16
C THR H 28 2.33 -70.80 50.17
N GLN H 29 2.99 -71.11 51.30
CA GLN H 29 4.44 -71.19 51.33
C GLN H 29 4.91 -72.37 50.48
N ASN H 30 5.92 -72.12 49.63
CA ASN H 30 6.44 -73.12 48.68
C ASN H 30 5.36 -73.70 47.75
N ALA H 31 4.43 -72.85 47.28
CA ALA H 31 3.36 -73.24 46.38
C ALA H 31 3.89 -74.08 45.19
N THR H 32 3.36 -75.29 45.04
CA THR H 32 3.74 -76.25 43.98
C THR H 32 2.83 -76.17 42.75
N ARG H 33 1.84 -75.28 42.77
CA ARG H 33 0.85 -75.08 41.70
C ARG H 33 0.64 -73.59 41.44
N THR H 34 0.46 -73.23 40.18
CA THR H 34 0.01 -71.90 39.75
C THR H 34 -1.28 -72.01 38.94
N PHE H 35 -2.15 -70.99 39.03
CA PHE H 35 -3.35 -70.89 38.21
C PHE H 35 -3.09 -70.25 36.84
N TRP H 36 -1.92 -69.63 36.65
CA TRP H 36 -1.62 -68.79 35.48
C TRP H 36 -0.74 -69.48 34.43
N LYS H 37 -0.37 -70.74 34.65
CA LYS H 37 0.36 -71.57 33.69
C LYS H 37 -0.20 -72.99 33.73
N SER H 38 -0.62 -73.50 32.57
CA SER H 38 -1.04 -74.89 32.45
C SER H 38 0.18 -75.82 32.44
N SER H 39 0.09 -76.91 33.20
CA SER H 39 0.96 -78.07 33.09
C SER H 39 0.13 -79.24 32.62
N TYR H 40 0.65 -80.06 31.70
CA TYR H 40 0.02 -81.28 31.25
C TYR H 40 1.00 -82.45 31.36
N GLN H 41 0.46 -83.66 31.48
CA GLN H 41 1.24 -84.91 31.46
C GLN H 41 1.16 -85.52 30.06
N LYS H 42 2.27 -86.10 29.60
CA LYS H 42 2.29 -86.92 28.38
C LYS H 42 1.73 -88.31 28.73
N HIS H 43 1.03 -88.94 27.79
CA HIS H 43 0.48 -90.29 27.93
C HIS H 43 1.05 -91.21 26.82
N SER H 44 0.91 -92.53 26.99
CA SER H 44 1.24 -93.53 25.96
C SER H 44 0.23 -93.50 24.81
N LEU H 45 0.61 -94.03 23.64
CA LEU H 45 -0.28 -94.09 22.48
C LEU H 45 -1.27 -95.24 22.65
N PHE H 46 -2.56 -94.95 22.38
CA PHE H 46 -3.62 -95.95 22.34
C PHE H 46 -4.71 -95.52 21.34
N ALA H 47 -5.52 -96.49 20.90
CA ALA H 47 -6.71 -96.24 20.08
C ALA H 47 -7.91 -97.03 20.59
N LEU H 48 -9.12 -96.50 20.37
CA LEU H 48 -10.38 -97.16 20.72
C LEU H 48 -11.11 -97.60 19.45
N GLU H 49 -11.68 -98.79 19.47
CA GLU H 49 -12.48 -99.34 18.38
C GLU H 49 -13.75 -99.98 18.93
N SER H 50 -14.92 -99.60 18.41
CA SER H 50 -16.20 -100.23 18.77
C SER H 50 -16.53 -101.32 17.76
N ILE H 51 -16.77 -102.54 18.23
CA ILE H 51 -17.06 -103.68 17.37
C ILE H 51 -18.30 -104.43 17.87
N ASN H 52 -19.26 -104.60 16.96
CA ASN H 52 -20.48 -105.35 17.20
C ASN H 52 -20.30 -106.83 16.86
N GLN H 53 -20.74 -107.72 17.76
CA GLN H 53 -20.56 -109.17 17.65
C GLN H 53 -21.88 -109.91 17.90
N PRO H 54 -22.22 -110.92 17.08
CA PRO H 54 -23.42 -111.72 17.28
C PRO H 54 -23.26 -112.70 18.45
N PHE H 55 -24.38 -113.08 19.07
CA PHE H 55 -24.38 -114.17 20.05
C PHE H 55 -23.92 -115.49 19.44
N THR H 56 -23.28 -116.33 20.24
CA THR H 56 -22.84 -117.67 19.83
C THR H 56 -24.01 -118.65 19.76
N THR H 57 -25.02 -118.43 20.60
CA THR H 57 -26.29 -119.17 20.59
C THR H 57 -27.43 -118.31 20.08
N GLN H 58 -28.56 -118.94 19.73
CA GLN H 58 -29.75 -118.21 19.34
C GLN H 58 -30.25 -117.31 20.49
N VAL H 59 -30.68 -116.11 20.14
CA VAL H 59 -31.35 -115.15 21.04
C VAL H 59 -32.85 -115.31 20.86
N GLN H 60 -33.56 -115.56 21.97
CA GLN H 60 -35.02 -115.71 22.01
C GLN H 60 -35.54 -115.23 23.36
N PHE H 61 -36.78 -114.73 23.39
CA PHE H 61 -37.47 -114.42 24.64
C PHE H 61 -37.56 -115.66 25.54
N GLY H 62 -37.39 -115.48 26.85
CA GLY H 62 -37.49 -116.54 27.86
C GLY H 62 -36.34 -117.57 27.87
N ALA H 63 -35.44 -117.54 26.88
CA ALA H 63 -34.29 -118.42 26.79
C ALA H 63 -33.04 -117.83 27.47
N GLU H 64 -32.00 -118.64 27.61
CA GLU H 64 -30.65 -118.17 27.93
C GLU H 64 -29.78 -118.22 26.67
N SER H 65 -29.03 -117.15 26.43
CA SER H 65 -28.09 -117.06 25.32
C SER H 65 -26.72 -116.66 25.82
N HIS H 66 -25.66 -117.10 25.14
CA HIS H 66 -24.31 -116.66 25.45
C HIS H 66 -23.53 -116.23 24.21
N ILE H 67 -22.54 -115.39 24.46
CA ILE H 67 -21.55 -114.94 23.48
C ILE H 67 -20.15 -115.13 24.06
N THR H 68 -19.24 -115.69 23.26
CA THR H 68 -17.81 -115.64 23.56
C THR H 68 -17.24 -114.36 22.94
N VAL H 69 -16.75 -113.47 23.80
CA VAL H 69 -16.22 -112.15 23.41
C VAL H 69 -14.93 -112.34 22.59
N ASN H 70 -14.88 -111.75 21.40
CA ASN H 70 -13.72 -111.82 20.53
C ASN H 70 -12.51 -111.07 21.13
N ARG H 71 -11.31 -111.42 20.66
CA ARG H 71 -10.05 -110.78 21.07
C ARG H 71 -9.54 -109.84 19.97
N GLN H 72 -10.28 -108.75 19.74
CA GLN H 72 -9.99 -107.79 18.67
C GLN H 72 -9.15 -106.59 19.12
N GLY H 73 -8.70 -106.55 20.37
CA GLY H 73 -7.74 -105.57 20.89
C GLY H 73 -7.04 -106.09 22.15
N ASP H 74 -6.33 -105.21 22.84
CA ASP H 74 -5.51 -105.56 24.00
C ASP H 74 -6.25 -105.43 25.34
N LEU H 75 -7.16 -104.45 25.43
CA LEU H 75 -8.08 -104.28 26.56
C LEU H 75 -9.53 -104.27 26.09
N LEU H 76 -10.44 -104.61 27.00
CA LEU H 76 -11.88 -104.45 26.84
C LEU H 76 -12.38 -103.36 27.79
N SER H 77 -13.01 -102.32 27.24
CA SER H 77 -13.48 -101.14 27.95
C SER H 77 -15.01 -101.15 28.06
N TRP H 78 -15.74 -100.39 27.24
CA TRP H 78 -17.19 -100.36 27.28
C TRP H 78 -17.83 -101.62 26.68
N MET H 79 -19.00 -101.97 27.20
CA MET H 79 -19.80 -103.10 26.75
C MET H 79 -21.28 -102.72 26.77
N TYR H 80 -21.92 -102.79 25.61
CA TYR H 80 -23.34 -102.51 25.42
C TYR H 80 -24.04 -103.72 24.81
N LEU H 81 -25.18 -104.10 25.36
CA LEU H 81 -26.09 -105.04 24.73
C LEU H 81 -26.94 -104.26 23.73
N LYS H 82 -26.70 -104.50 22.44
CA LYS H 82 -27.49 -103.93 21.35
C LYS H 82 -28.70 -104.84 21.13
N ILE H 83 -29.88 -104.34 21.44
CA ILE H 83 -31.15 -105.08 21.30
C ILE H 83 -31.94 -104.45 20.16
N VAL H 84 -32.50 -105.28 19.30
CA VAL H 84 -33.42 -104.84 18.25
C VAL H 84 -34.79 -105.48 18.50
N LEU H 85 -35.78 -104.65 18.75
CA LEU H 85 -37.17 -105.04 18.96
C LEU H 85 -38.00 -104.65 17.75
N PRO H 86 -38.87 -105.54 17.23
CA PRO H 86 -39.74 -105.18 16.13
C PRO H 86 -40.79 -104.16 16.56
N GLY H 87 -41.29 -103.40 15.59
CA GLY H 87 -42.52 -102.65 15.78
C GLY H 87 -43.70 -103.59 16.05
N LEU H 88 -44.67 -103.11 16.80
CA LEU H 88 -45.89 -103.81 17.17
C LEU H 88 -47.09 -103.22 16.42
N LYS H 89 -47.99 -104.10 16.01
CA LYS H 89 -49.36 -103.79 15.58
C LYS H 89 -50.32 -104.71 16.31
N VAL H 90 -51.60 -104.36 16.28
CA VAL H 90 -52.65 -105.19 16.89
C VAL H 90 -53.76 -105.45 15.89
N GLN H 91 -54.41 -106.60 16.05
CA GLN H 91 -55.59 -107.00 15.28
C GLN H 91 -56.58 -107.68 16.23
N ASN H 92 -57.89 -107.55 15.96
CA ASN H 92 -58.88 -108.28 16.73
C ASN H 92 -58.68 -109.79 16.55
N GLN H 93 -58.83 -110.52 17.64
CA GLN H 93 -58.73 -111.98 17.63
C GLN H 93 -59.69 -112.64 16.63
N ALA H 94 -60.89 -112.07 16.46
CA ALA H 94 -61.89 -112.54 15.49
C ALA H 94 -61.44 -112.44 14.02
N ASP H 95 -60.54 -111.52 13.70
CA ASP H 95 -60.05 -111.27 12.34
C ASP H 95 -58.76 -112.06 12.02
N THR H 96 -58.25 -112.84 12.99
CA THR H 96 -56.94 -113.49 12.89
C THR H 96 -57.07 -114.97 12.55
N VAL H 97 -56.37 -115.44 11.51
CA VAL H 97 -56.41 -116.85 11.05
C VAL H 97 -55.82 -117.85 12.07
N GLN H 98 -54.95 -117.37 12.97
CA GLN H 98 -54.34 -118.13 14.07
C GLN H 98 -54.31 -117.25 15.33
N PRO H 99 -55.41 -117.19 16.09
CA PRO H 99 -55.53 -116.27 17.23
C PRO H 99 -54.74 -116.71 18.47
N THR H 100 -54.24 -117.95 18.49
CA THR H 100 -53.55 -118.53 19.65
C THR H 100 -52.18 -117.90 19.83
N GLN H 101 -52.06 -117.07 20.86
CA GLN H 101 -50.82 -116.43 21.28
C GLN H 101 -50.72 -116.47 22.81
N GLN H 102 -49.52 -116.27 23.36
CA GLN H 102 -49.35 -116.03 24.79
C GLN H 102 -50.21 -114.85 25.26
N SER H 103 -50.67 -114.91 26.52
CA SER H 103 -51.42 -113.81 27.12
C SER H 103 -50.48 -112.65 27.47
N PHE H 104 -50.95 -111.42 27.25
CA PHE H 104 -50.25 -110.18 27.62
C PHE H 104 -51.11 -109.39 28.59
N ALA H 105 -50.46 -108.60 29.45
CA ALA H 105 -51.18 -107.63 30.30
C ALA H 105 -52.00 -106.67 29.43
N SER H 106 -53.21 -106.33 29.89
CA SER H 106 -54.11 -105.45 29.15
C SER H 106 -54.74 -104.39 30.03
N LEU H 107 -54.94 -103.20 29.47
CA LEU H 107 -55.41 -102.03 30.23
C LEU H 107 -56.90 -102.08 30.56
N ASP H 108 -57.69 -102.84 29.80
CA ASP H 108 -59.09 -103.18 30.13
C ASP H 108 -59.20 -104.16 31.32
N ASN H 109 -58.09 -104.78 31.73
CA ASN H 109 -57.99 -105.63 32.90
C ASN H 109 -56.85 -105.18 33.81
N ASP H 110 -56.93 -103.93 34.29
CA ASP H 110 -55.92 -103.34 35.16
C ASP H 110 -55.91 -104.01 36.55
N VAL H 111 -55.06 -105.02 36.70
CA VAL H 111 -54.91 -105.82 37.92
C VAL H 111 -54.37 -104.97 39.08
N ALA H 112 -53.56 -103.95 38.80
CA ALA H 112 -53.03 -103.06 39.83
C ALA H 112 -54.14 -102.16 40.40
N ALA H 113 -54.96 -101.58 39.54
CA ALA H 113 -56.12 -100.79 39.97
C ALA H 113 -57.15 -101.66 40.72
N GLN H 114 -57.41 -102.88 40.25
CA GLN H 114 -58.30 -103.83 40.94
C GLN H 114 -57.76 -104.20 42.33
N ALA H 115 -56.45 -104.43 42.47
CA ALA H 115 -55.82 -104.69 43.75
C ALA H 115 -55.97 -103.48 44.69
N ASP H 116 -55.74 -102.27 44.22
CA ASP H 116 -55.94 -101.04 45.01
C ASP H 116 -57.40 -100.89 45.47
N VAL H 117 -58.36 -101.16 44.58
CA VAL H 117 -59.80 -101.14 44.93
C VAL H 117 -60.12 -102.17 46.01
N SER H 118 -59.50 -103.36 45.95
CA SER H 118 -59.76 -104.43 46.93
C SER H 118 -59.46 -104.02 48.38
N HIS H 119 -58.44 -103.17 48.59
CA HIS H 119 -58.07 -102.68 49.92
C HIS H 119 -59.06 -101.65 50.47
N VAL H 120 -59.79 -100.94 49.61
CA VAL H 120 -60.78 -99.92 50.02
C VAL H 120 -62.21 -100.44 50.05
N LEU H 121 -62.48 -101.66 49.52
CA LEU H 121 -63.82 -102.28 49.57
C LEU H 121 -64.47 -102.24 50.97
N PRO H 122 -63.75 -102.50 52.08
CA PRO H 122 -64.36 -102.44 53.43
C PRO H 122 -64.83 -101.03 53.85
N TYR H 123 -64.39 -99.99 53.14
CA TYR H 123 -64.69 -98.58 53.41
C TYR H 123 -65.74 -98.00 52.46
N ILE H 124 -66.26 -98.80 51.52
CA ILE H 124 -67.34 -98.36 50.63
C ILE H 124 -68.66 -98.41 51.39
N GLU H 125 -69.29 -97.25 51.57
CA GLU H 125 -70.63 -97.12 52.13
C GLU H 125 -71.68 -97.11 51.00
N GLY H 126 -72.77 -97.87 51.15
CA GLY H 126 -73.88 -97.90 50.18
C GLY H 126 -73.86 -99.04 49.16
N ALA H 127 -74.79 -99.01 48.20
CA ALA H 127 -75.06 -100.10 47.25
C ALA H 127 -74.05 -100.12 46.08
N TYR H 128 -72.79 -100.48 46.35
CA TYR H 128 -71.73 -100.53 45.34
C TYR H 128 -72.04 -101.45 44.16
N THR H 129 -72.57 -102.64 44.42
CA THR H 129 -72.78 -103.67 43.39
C THR H 129 -73.77 -103.24 42.29
N GLU H 130 -74.80 -102.49 42.67
CA GLU H 130 -75.90 -102.05 41.79
C GLU H 130 -75.69 -100.65 41.21
N ALA H 131 -74.65 -99.94 41.65
CA ALA H 131 -74.38 -98.58 41.23
C ALA H 131 -73.95 -98.47 39.75
N SER H 132 -74.29 -97.34 39.12
CA SER H 132 -73.78 -96.97 37.79
C SER H 132 -72.25 -96.82 37.81
N LEU H 133 -71.58 -96.91 36.67
CA LEU H 133 -70.11 -96.81 36.60
C LEU H 133 -69.59 -95.50 37.23
N ASN H 134 -70.17 -94.36 36.86
CA ASN H 134 -69.79 -93.05 37.40
C ASN H 134 -70.02 -92.98 38.93
N THR H 135 -71.09 -93.61 39.41
CA THR H 135 -71.38 -93.71 40.85
C THR H 135 -70.35 -94.61 41.55
N LYS H 136 -69.93 -95.73 40.94
CA LYS H 136 -68.88 -96.60 41.49
C LYS H 136 -67.55 -95.86 41.62
N GLU H 137 -67.17 -95.06 40.63
CA GLU H 137 -65.95 -94.26 40.69
C GLU H 137 -65.98 -93.24 41.83
N GLN H 138 -67.12 -92.58 42.05
CA GLN H 138 -67.34 -91.68 43.20
C GLN H 138 -67.22 -92.42 44.53
N LEU H 139 -67.92 -93.55 44.69
CA LEU H 139 -67.88 -94.37 45.90
C LEU H 139 -66.46 -94.88 46.20
N ILE H 140 -65.68 -95.26 45.18
CA ILE H 140 -64.29 -95.69 45.35
C ILE H 140 -63.41 -94.51 45.81
N ALA H 141 -63.59 -93.31 45.26
CA ALA H 141 -62.83 -92.13 45.67
C ALA H 141 -63.15 -91.69 47.11
N GLU H 142 -64.42 -91.76 47.51
CA GLU H 142 -64.84 -91.51 48.89
C GLU H 142 -64.29 -92.58 49.85
N ALA H 143 -64.36 -93.85 49.47
CA ALA H 143 -63.80 -94.96 50.25
C ALA H 143 -62.28 -94.85 50.39
N LYS H 144 -61.57 -94.36 49.36
CA LYS H 144 -60.13 -94.05 49.45
C LYS H 144 -59.86 -92.99 50.51
N ASN H 145 -60.64 -91.92 50.58
CA ASN H 145 -60.52 -90.92 51.65
C ASN H 145 -60.74 -91.55 53.04
N SER H 146 -61.78 -92.37 53.21
CA SER H 146 -62.07 -93.05 54.48
C SER H 146 -60.97 -94.03 54.89
N TYR H 147 -60.45 -94.82 53.94
CA TYR H 147 -59.32 -95.72 54.14
C TYR H 147 -58.07 -94.93 54.56
N GLU H 148 -57.73 -93.85 53.86
CA GLU H 148 -56.53 -93.08 54.15
C GLU H 148 -56.63 -92.29 55.45
N ALA H 149 -57.82 -91.81 55.80
CA ALA H 149 -58.08 -91.20 57.10
C ALA H 149 -57.91 -92.24 58.23
N ALA H 150 -58.46 -93.45 58.06
CA ALA H 150 -58.37 -94.51 59.07
C ALA H 150 -56.94 -95.07 59.25
N LYS H 151 -56.19 -95.23 58.17
CA LYS H 151 -54.85 -95.84 58.19
C LYS H 151 -53.72 -94.85 58.42
N TYR H 152 -53.85 -93.63 57.90
CA TYR H 152 -52.75 -92.66 57.85
C TYR H 152 -53.10 -91.32 58.51
N ASN H 153 -54.30 -91.16 59.09
CA ASN H 153 -54.81 -89.88 59.57
C ASN H 153 -54.72 -88.78 58.49
N ALA H 154 -54.87 -89.16 57.22
CA ALA H 154 -54.78 -88.24 56.11
C ALA H 154 -56.04 -87.36 56.04
N ALA H 155 -55.86 -86.07 55.73
CA ALA H 155 -56.98 -85.20 55.40
C ALA H 155 -57.56 -85.63 54.03
N PRO H 156 -58.90 -85.61 53.87
CA PRO H 156 -59.52 -86.03 52.63
C PRO H 156 -59.14 -85.11 51.48
N LEU H 157 -58.83 -85.68 50.32
CA LEU H 157 -58.67 -84.94 49.08
C LEU H 157 -60.04 -84.73 48.42
N PRO H 158 -60.30 -83.57 47.77
CA PRO H 158 -61.50 -83.40 46.95
C PRO H 158 -61.62 -84.53 45.93
N VAL H 159 -62.81 -85.14 45.82
CA VAL H 159 -63.05 -86.30 44.94
C VAL H 159 -62.62 -86.01 43.49
N ALA H 160 -62.88 -84.80 43.00
CA ALA H 160 -62.46 -84.35 41.67
C ALA H 160 -60.93 -84.39 41.45
N ALA H 161 -60.12 -84.20 42.50
CA ALA H 161 -58.66 -84.27 42.40
C ALA H 161 -58.12 -85.72 42.34
N GLN H 162 -58.91 -86.69 42.81
CA GLN H 162 -58.57 -88.11 42.75
C GLN H 162 -58.97 -88.77 41.43
N MET H 163 -59.99 -88.21 40.77
CA MET H 163 -60.46 -88.63 39.45
C MET H 163 -59.52 -88.10 38.36
N GLN H 164 -58.27 -88.56 38.35
CA GLN H 164 -57.35 -88.31 37.23
C GLN H 164 -57.72 -89.26 36.09
N SER H 165 -58.38 -88.76 35.05
CA SER H 165 -58.44 -89.49 33.78
C SER H 165 -57.07 -89.40 33.11
N THR H 166 -56.35 -90.52 33.03
CA THR H 166 -55.28 -90.60 32.05
C THR H 166 -55.98 -90.61 30.70
N GLU H 167 -55.81 -89.57 29.88
CA GLU H 167 -56.34 -89.54 28.52
C GLU H 167 -55.68 -90.64 27.71
N MET H 168 -56.30 -91.82 27.73
CA MET H 168 -55.88 -92.94 26.93
C MET H 168 -56.47 -92.77 25.52
N PRO H 169 -55.72 -93.07 24.46
CA PRO H 169 -56.23 -92.91 23.11
C PRO H 169 -57.40 -93.87 22.83
N ASP H 170 -58.40 -93.41 22.07
CA ASP H 170 -59.60 -94.17 21.68
C ASP H 170 -59.34 -95.12 20.48
N PHE H 171 -58.15 -95.71 20.41
CA PHE H 171 -57.78 -96.67 19.36
C PHE H 171 -57.02 -97.85 19.95
N ASP H 172 -56.89 -98.93 19.18
CA ASP H 172 -56.18 -100.13 19.61
C ASP H 172 -54.67 -100.02 19.46
N TYR H 173 -53.94 -100.47 20.48
CA TYR H 173 -52.49 -100.47 20.47
C TYR H 173 -51.91 -101.57 21.37
N ALA H 174 -50.63 -101.84 21.15
CA ALA H 174 -49.77 -102.55 22.07
C ALA H 174 -48.42 -101.83 22.14
N TYR H 175 -47.73 -101.93 23.26
CA TYR H 175 -46.43 -101.33 23.46
C TYR H 175 -45.51 -102.20 24.31
N TRP H 176 -44.21 -102.05 24.09
CA TRP H 176 -43.18 -102.61 24.95
C TRP H 176 -43.19 -101.91 26.31
N THR H 177 -43.06 -102.67 27.39
CA THR H 177 -43.09 -102.13 28.77
C THR H 177 -42.01 -101.07 29.01
N GLU H 178 -42.22 -100.23 30.02
CA GLU H 178 -41.30 -99.17 30.41
C GLU H 178 -39.90 -99.71 30.71
N ALA H 179 -38.87 -99.04 30.19
CA ALA H 179 -37.47 -99.44 30.34
C ALA H 179 -37.22 -100.90 29.87
N ILE H 180 -37.89 -101.31 28.78
CA ILE H 180 -37.80 -102.65 28.18
C ILE H 180 -36.36 -103.14 28.01
N GLY H 181 -35.41 -102.26 27.70
CA GLY H 181 -34.00 -102.62 27.57
C GLY H 181 -33.40 -103.24 28.83
N PHE H 182 -33.79 -102.75 30.02
CA PHE H 182 -33.42 -103.40 31.29
C PHE H 182 -34.27 -104.63 31.56
N HIS H 183 -35.58 -104.55 31.36
CA HIS H 183 -36.51 -105.65 31.68
C HIS H 183 -36.15 -106.94 30.92
N LEU H 184 -35.72 -106.81 29.66
CA LEU H 184 -35.28 -107.94 28.83
C LEU H 184 -34.13 -108.73 29.47
N ILE H 185 -33.25 -108.08 30.22
CA ILE H 185 -32.08 -108.68 30.83
C ILE H 185 -32.45 -109.16 32.24
N LYS H 186 -33.14 -110.29 32.35
CA LYS H 186 -33.48 -110.83 33.69
C LYS H 186 -32.23 -111.05 34.53
N ARG H 187 -31.18 -111.56 33.90
CA ARG H 187 -29.86 -111.77 34.49
C ARG H 187 -28.80 -111.77 33.41
N ALA H 188 -27.66 -111.14 33.68
CA ALA H 188 -26.46 -111.30 32.86
C ALA H 188 -25.27 -111.69 33.73
N GLU H 189 -24.43 -112.60 33.23
CA GLU H 189 -23.24 -113.09 33.92
C GLU H 189 -22.00 -112.84 33.06
N PHE H 190 -21.02 -112.15 33.64
CA PHE H 190 -19.70 -112.00 33.03
C PHE H 190 -18.80 -113.16 33.50
N LYS H 191 -18.40 -114.04 32.58
CA LYS H 191 -17.60 -115.22 32.88
C LYS H 191 -16.22 -115.15 32.26
N VAL H 192 -15.22 -115.64 32.99
CA VAL H 192 -13.84 -115.74 32.53
C VAL H 192 -13.32 -117.12 32.89
N GLY H 193 -12.89 -117.89 31.88
CA GLY H 193 -12.37 -119.25 32.11
C GLY H 193 -13.41 -120.21 32.69
N GLY H 194 -14.70 -119.97 32.46
CA GLY H 194 -15.82 -120.74 33.01
C GLY H 194 -16.29 -120.31 34.40
N ALA H 195 -15.51 -119.48 35.12
CA ALA H 195 -15.93 -118.91 36.40
C ALA H 195 -16.75 -117.63 36.20
N THR H 196 -17.86 -117.49 36.93
CA THR H 196 -18.63 -116.24 36.98
C THR H 196 -17.88 -115.21 37.82
N ILE H 197 -17.47 -114.11 37.17
CA ILE H 197 -16.77 -113.00 37.82
C ILE H 197 -17.77 -112.03 38.43
N ASP H 198 -18.88 -111.76 37.76
CA ASP H 198 -19.93 -110.89 38.28
C ASP H 198 -21.29 -111.25 37.66
N THR H 199 -22.37 -110.89 38.34
CA THR H 199 -23.75 -111.10 37.89
C THR H 199 -24.54 -109.82 38.09
N ILE H 200 -25.32 -109.42 37.10
CA ILE H 200 -26.23 -108.27 37.18
C ILE H 200 -27.66 -108.72 36.87
N TRP H 201 -28.64 -108.03 37.46
CA TRP H 201 -30.06 -108.32 37.31
C TRP H 201 -30.79 -107.10 36.75
N SER H 202 -31.91 -107.32 36.05
CA SER H 202 -32.78 -106.24 35.52
C SER H 202 -33.09 -105.19 36.59
N GLU H 203 -33.56 -105.65 37.75
CA GLU H 203 -33.94 -104.81 38.87
C GLU H 203 -32.75 -104.00 39.42
N LEU H 204 -31.56 -104.60 39.47
CA LEU H 204 -30.32 -103.92 39.86
C LEU H 204 -29.92 -102.85 38.83
N LEU H 205 -29.96 -103.16 37.54
CA LEU H 205 -29.64 -102.21 36.47
C LEU H 205 -30.50 -100.94 36.57
N PHE H 206 -31.80 -101.12 36.80
CA PHE H 206 -32.72 -100.00 37.00
C PHE H 206 -32.38 -99.20 38.26
N ALA H 207 -32.11 -99.88 39.37
CA ALA H 207 -31.76 -99.21 40.62
C ALA H 207 -30.45 -98.40 40.52
N MET H 208 -29.44 -98.97 39.86
CA MET H 208 -28.17 -98.33 39.57
C MET H 208 -28.35 -97.08 38.70
N GLU H 209 -29.20 -97.13 37.67
CA GLU H 209 -29.49 -95.95 36.83
C GLU H 209 -30.27 -94.88 37.62
N GLU H 210 -31.16 -95.27 38.53
CA GLU H 210 -31.89 -94.31 39.36
C GLU H 210 -30.97 -93.52 40.30
N LEU H 211 -30.02 -94.21 40.94
CA LEU H 211 -29.11 -93.63 41.94
C LEU H 211 -27.88 -92.98 41.30
N MET H 212 -27.25 -93.64 40.33
CA MET H 212 -25.96 -93.24 39.76
C MET H 212 -26.09 -92.55 38.38
N GLY H 213 -27.29 -92.56 37.79
CA GLY H 213 -27.56 -91.91 36.51
C GLY H 213 -27.42 -90.39 36.63
N ARG H 214 -26.43 -89.84 35.92
CA ARG H 214 -26.12 -88.40 35.98
C ARG H 214 -27.15 -87.57 35.21
N ALA H 215 -27.46 -86.38 35.72
CA ALA H 215 -28.31 -85.42 35.02
C ALA H 215 -27.75 -85.13 33.61
N GLY H 216 -28.63 -85.13 32.60
CA GLY H 216 -28.26 -84.96 31.19
C GLY H 216 -27.62 -86.19 30.52
N ARG H 217 -27.39 -87.29 31.25
CA ARG H 217 -26.87 -88.56 30.73
C ARG H 217 -27.70 -89.76 31.19
N ARG H 218 -28.98 -89.55 31.47
CA ARG H 218 -29.92 -90.62 31.82
C ARG H 218 -30.12 -91.52 30.60
N LEU H 219 -30.31 -92.81 30.84
CA LEU H 219 -30.35 -93.83 29.79
C LEU H 219 -31.67 -93.89 29.01
N THR H 220 -32.55 -92.91 29.16
CA THR H 220 -33.96 -92.93 28.71
C THR H 220 -34.17 -93.61 27.36
N GLU H 221 -33.72 -93.00 26.27
CA GLU H 221 -33.88 -93.53 24.92
C GLU H 221 -33.11 -94.84 24.72
N THR H 222 -31.90 -94.95 25.29
CA THR H 222 -31.02 -96.13 25.13
C THR H 222 -31.60 -97.42 25.72
N ILE H 223 -32.56 -97.34 26.64
CA ILE H 223 -33.21 -98.50 27.27
C ILE H 223 -34.74 -98.53 27.06
N GLY H 224 -35.31 -97.61 26.27
CA GLY H 224 -36.75 -97.53 26.06
C GLY H 224 -37.54 -97.07 27.30
N ARG H 225 -37.02 -96.09 28.04
CA ARG H 225 -37.64 -95.52 29.25
C ARG H 225 -38.22 -94.13 28.96
N THR H 226 -39.49 -93.92 29.31
CA THR H 226 -40.27 -92.70 29.04
C THR H 226 -40.66 -91.91 30.31
N LEU H 227 -40.24 -92.39 31.48
CA LEU H 227 -40.67 -91.91 32.79
C LEU H 227 -42.18 -92.07 32.99
N ARG H 228 -42.71 -93.25 32.66
CA ARG H 228 -44.12 -93.63 32.81
C ARG H 228 -45.07 -92.72 32.03
N ARG H 229 -44.76 -92.44 30.76
CA ARG H 229 -45.67 -91.76 29.82
C ARG H 229 -46.14 -92.77 28.77
N PRO H 230 -47.29 -93.44 28.98
CA PRO H 230 -47.72 -94.55 28.12
C PRO H 230 -47.82 -94.16 26.64
N THR H 231 -48.25 -92.94 26.34
CA THR H 231 -48.37 -92.44 24.96
C THR H 231 -47.03 -92.40 24.22
N GLU H 232 -45.91 -92.15 24.91
CA GLU H 232 -44.58 -92.19 24.31
C GLU H 232 -44.12 -93.63 24.06
N LEU H 233 -44.41 -94.56 24.99
CA LEU H 233 -44.15 -95.99 24.78
C LEU H 233 -44.92 -96.54 23.57
N MET H 234 -46.19 -96.13 23.42
CA MET H 234 -47.01 -96.48 22.25
C MET H 234 -46.39 -95.97 20.95
N LYS H 235 -46.00 -94.70 20.90
CA LYS H 235 -45.37 -94.11 19.71
C LYS H 235 -44.09 -94.85 19.34
N ALA H 236 -43.21 -95.08 20.31
CA ALA H 236 -41.95 -95.79 20.09
C ALA H 236 -42.20 -97.24 19.61
N SER H 237 -43.21 -97.91 20.15
CA SER H 237 -43.50 -99.32 19.86
C SER H 237 -44.13 -99.59 18.50
N ARG H 238 -44.52 -98.57 17.74
CA ARG H 238 -45.12 -98.74 16.39
C ARG H 238 -44.10 -99.09 15.30
N GLN H 239 -42.81 -98.91 15.58
CA GLN H 239 -41.71 -99.14 14.66
C GLN H 239 -40.60 -99.94 15.33
N GLU H 240 -39.63 -100.41 14.54
CA GLU H 240 -38.46 -101.09 15.06
C GLU H 240 -37.69 -100.17 16.03
N GLN H 241 -37.28 -100.71 17.17
CA GLN H 241 -36.48 -100.01 18.17
C GLN H 241 -35.10 -100.66 18.27
N ILE H 242 -34.06 -99.83 18.27
CA ILE H 242 -32.69 -100.26 18.53
C ILE H 242 -32.26 -99.65 19.86
N LEU H 243 -31.99 -100.50 20.84
CA LEU H 243 -31.62 -100.13 22.20
C LEU H 243 -30.15 -100.49 22.44
N TYR H 244 -29.43 -99.65 23.17
CA TYR H 244 -28.03 -99.86 23.56
C TYR H 244 -27.94 -99.86 25.08
N VAL H 245 -28.09 -101.04 25.68
CA VAL H 245 -28.15 -101.19 27.14
C VAL H 245 -26.72 -101.30 27.69
N PRO H 246 -26.21 -100.33 28.46
CA PRO H 246 -24.88 -100.44 29.04
C PRO H 246 -24.85 -101.56 30.09
N LEU H 247 -23.81 -102.39 30.05
CA LEU H 247 -23.57 -103.41 31.07
C LEU H 247 -22.49 -102.88 32.04
N PRO H 248 -22.86 -102.48 33.27
CA PRO H 248 -22.02 -101.70 34.17
C PRO H 248 -20.99 -102.54 34.94
N TRP H 249 -20.25 -103.40 34.26
CA TRP H 249 -19.18 -104.21 34.85
C TRP H 249 -18.07 -103.33 35.43
N TYR H 250 -17.27 -103.87 36.36
CA TYR H 250 -16.19 -103.11 37.01
C TYR H 250 -15.26 -102.43 35.99
N PHE H 251 -14.93 -103.12 34.90
CA PHE H 251 -14.00 -102.65 33.88
C PHE H 251 -14.57 -101.56 32.95
N THR H 252 -15.89 -101.32 32.98
CA THR H 252 -16.52 -100.24 32.20
C THR H 252 -16.54 -98.91 32.96
N LYS H 253 -16.14 -98.89 34.23
CA LYS H 253 -16.29 -97.74 35.14
C LYS H 253 -15.13 -96.75 35.08
N HIS H 254 -13.93 -97.22 34.76
CA HIS H 254 -12.74 -96.38 34.68
C HIS H 254 -11.72 -96.98 33.71
N PRO H 255 -11.01 -96.18 32.89
CA PRO H 255 -10.03 -96.70 31.92
C PRO H 255 -8.94 -97.57 32.53
N SER H 256 -8.49 -97.27 33.77
CA SER H 256 -7.48 -98.08 34.46
C SER H 256 -7.97 -99.47 34.91
N LEU H 257 -9.27 -99.73 34.84
CA LEU H 257 -9.89 -101.00 35.17
C LEU H 257 -10.27 -101.81 33.92
N ALA H 258 -10.03 -101.28 32.72
CA ALA H 258 -10.30 -101.99 31.48
C ALA H 258 -9.74 -103.42 31.55
N PHE H 259 -10.52 -104.39 31.09
CA PHE H 259 -10.20 -105.79 31.29
C PHE H 259 -9.04 -106.17 30.36
N PRO H 260 -7.89 -106.65 30.89
CA PRO H 260 -6.70 -106.89 30.10
C PRO H 260 -6.79 -108.21 29.34
N LEU H 261 -7.30 -108.17 28.11
CA LEU H 261 -7.47 -109.34 27.25
C LEU H 261 -6.13 -110.07 27.07
N VAL H 262 -5.04 -109.34 26.79
CA VAL H 262 -3.70 -109.90 26.61
C VAL H 262 -3.17 -110.66 27.84
N ALA H 263 -3.56 -110.23 29.04
CA ALA H 263 -3.14 -110.87 30.28
C ALA H 263 -3.95 -112.13 30.62
N ALA H 264 -5.11 -112.32 29.98
CA ALA H 264 -6.01 -113.45 30.19
C ALA H 264 -6.07 -114.38 28.97
N THR H 265 -5.00 -114.48 28.17
CA THR H 265 -4.96 -115.16 26.85
C THR H 265 -5.50 -116.59 26.84
N TYR H 266 -5.36 -117.36 27.92
CA TYR H 266 -5.79 -118.77 27.99
C TYR H 266 -7.21 -118.96 28.54
N HIS H 267 -7.95 -117.89 28.84
CA HIS H 267 -9.34 -117.95 29.28
C HIS H 267 -10.30 -117.37 28.25
N ASN H 268 -11.37 -118.11 27.95
CA ASN H 268 -12.49 -117.56 27.21
C ASN H 268 -13.24 -116.55 28.07
N ILE H 269 -13.62 -115.43 27.47
CA ILE H 269 -14.44 -114.40 28.09
C ILE H 269 -15.84 -114.54 27.51
N GLN H 270 -16.83 -114.69 28.36
CA GLN H 270 -18.19 -114.94 27.92
C GLN H 270 -19.15 -114.02 28.64
N LEU H 271 -20.16 -113.56 27.90
CA LEU H 271 -21.35 -112.95 28.46
C LEU H 271 -22.51 -113.93 28.29
N TRP H 272 -23.15 -114.27 29.40
CA TRP H 272 -24.37 -115.08 29.41
C TRP H 272 -25.53 -114.16 29.77
N VAL H 273 -26.66 -114.27 29.07
CA VAL H 273 -27.86 -113.46 29.28
C VAL H 273 -29.08 -114.35 29.34
N GLN H 274 -29.80 -114.27 30.45
CA GLN H 274 -31.13 -114.85 30.60
C GLN H 274 -32.17 -113.80 30.21
N TRP H 275 -32.95 -114.09 29.18
CA TRP H 275 -33.92 -113.17 28.61
C TRP H 275 -35.29 -113.25 29.29
N ALA H 276 -35.98 -112.12 29.38
CA ALA H 276 -37.36 -112.08 29.85
C ALA H 276 -38.31 -112.83 28.92
N GLN H 277 -39.38 -113.40 29.49
CA GLN H 277 -40.45 -114.01 28.72
C GLN H 277 -41.25 -112.94 27.95
N LEU H 278 -41.65 -113.26 26.71
CA LEU H 278 -42.34 -112.34 25.82
C LEU H 278 -43.65 -111.80 26.42
N ASN H 279 -44.43 -112.66 27.07
CA ASN H 279 -45.66 -112.29 27.78
C ASN H 279 -45.49 -111.14 28.80
N SER H 280 -44.30 -110.99 29.39
CA SER H 280 -44.00 -109.94 30.36
C SER H 280 -43.54 -108.64 29.71
N CYS H 281 -43.21 -108.65 28.41
CA CYS H 281 -42.58 -107.51 27.74
C CYS H 281 -43.59 -106.56 27.09
N ILE H 282 -44.86 -106.97 26.93
CA ILE H 282 -45.86 -106.25 26.13
C ILE H 282 -47.11 -105.97 26.98
N ILE H 283 -47.64 -104.76 26.82
CA ILE H 283 -48.94 -104.35 27.34
C ILE H 283 -49.83 -103.94 26.16
N LYS H 284 -51.11 -104.30 26.18
CA LYS H 284 -52.09 -104.00 25.12
C LYS H 284 -53.29 -103.21 25.64
N SER H 285 -53.95 -102.46 24.78
CA SER H 285 -55.14 -101.69 25.16
C SER H 285 -56.29 -102.58 25.63
N ARG H 286 -56.51 -103.72 24.96
CA ARG H 286 -57.63 -104.65 25.24
C ARG H 286 -57.21 -106.12 25.23
N SER H 287 -57.85 -106.90 26.08
CA SER H 287 -57.61 -108.33 26.33
C SER H 287 -57.83 -109.21 25.10
N ASN H 288 -58.74 -108.84 24.19
CA ASN H 288 -59.12 -109.59 22.99
C ASN H 288 -58.28 -109.27 21.73
N LEU H 289 -57.18 -108.52 21.88
CA LEU H 289 -56.27 -108.21 20.77
C LEU H 289 -55.15 -109.23 20.63
N VAL H 290 -54.80 -109.55 19.39
CA VAL H 290 -53.59 -110.30 19.00
C VAL H 290 -52.50 -109.29 18.67
N VAL H 291 -51.29 -109.51 19.17
CA VAL H 291 -50.13 -108.63 18.93
C VAL H 291 -49.31 -109.19 17.77
N LEU H 292 -49.10 -108.38 16.74
CA LEU H 292 -48.41 -108.73 15.51
C LEU H 292 -47.07 -108.00 15.40
N HIS H 293 -46.11 -108.65 14.75
CA HIS H 293 -44.90 -108.01 14.24
C HIS H 293 -45.29 -107.03 13.11
N ALA H 294 -45.01 -105.75 13.28
CA ALA H 294 -45.53 -104.67 12.42
C ALA H 294 -45.12 -104.78 10.94
N GLU H 295 -43.89 -105.23 10.68
CA GLU H 295 -43.37 -105.42 9.33
C GLU H 295 -43.80 -106.77 8.71
N ARG H 296 -43.67 -107.87 9.45
CA ARG H 296 -43.93 -109.23 8.94
C ARG H 296 -45.41 -109.61 8.92
N ASN H 297 -46.28 -108.87 9.63
CA ASN H 297 -47.71 -109.15 9.78
C ASN H 297 -48.02 -110.59 10.24
N VAL H 298 -47.21 -111.11 11.15
CA VAL H 298 -47.41 -112.40 11.82
C VAL H 298 -47.52 -112.18 13.33
N PRO H 299 -48.23 -113.05 14.09
CA PRO H 299 -48.24 -112.98 15.55
C PRO H 299 -46.82 -112.90 16.11
N ILE H 300 -46.61 -112.02 17.10
CA ILE H 300 -45.30 -111.91 17.73
C ILE H 300 -44.97 -113.19 18.53
N SER H 301 -43.74 -113.67 18.38
CA SER H 301 -43.25 -114.93 18.90
C SER H 301 -41.86 -114.77 19.52
N ASP H 302 -41.42 -115.78 20.27
CA ASP H 302 -40.20 -115.73 21.09
C ASP H 302 -38.91 -115.55 20.24
N ASP H 303 -38.93 -115.94 18.97
CA ASP H 303 -37.80 -115.83 18.02
C ASP H 303 -37.66 -114.43 17.37
N HIS H 304 -38.55 -113.50 17.69
CA HIS H 304 -38.47 -112.12 17.19
C HIS H 304 -37.54 -111.22 18.01
N LEU H 305 -37.00 -111.69 19.15
CA LEU H 305 -35.94 -110.97 19.87
C LEU H 305 -34.63 -111.09 19.10
N ARG H 306 -33.99 -109.94 18.80
CA ARG H 306 -32.64 -109.92 18.25
C ARG H 306 -31.72 -109.14 19.18
N ALA H 307 -30.54 -109.67 19.43
CA ALA H 307 -29.52 -108.98 20.18
C ALA H 307 -28.12 -109.30 19.67
N SER H 308 -27.21 -108.35 19.89
CA SER H 308 -25.78 -108.48 19.66
C SER H 308 -25.01 -107.71 20.75
N LEU H 309 -23.72 -107.97 20.88
CA LEU H 309 -22.87 -107.33 21.86
C LEU H 309 -21.95 -106.33 21.19
N GLU H 310 -22.04 -105.07 21.59
CA GLU H 310 -21.12 -104.03 21.13
C GLU H 310 -20.05 -103.78 22.19
N CYS H 311 -18.81 -104.09 21.85
CA CYS H 311 -17.66 -103.99 22.73
C CYS H 311 -16.70 -102.91 22.22
N THR H 312 -16.20 -102.07 23.12
CA THR H 312 -15.09 -101.15 22.83
C THR H 312 -13.77 -101.78 23.24
N TYR H 313 -12.93 -102.04 22.25
CA TYR H 313 -11.57 -102.53 22.41
C TYR H 313 -10.59 -101.37 22.49
N VAL H 314 -9.52 -101.57 23.25
CA VAL H 314 -8.37 -100.65 23.30
C VAL H 314 -7.18 -101.34 22.66
N HIS H 315 -6.57 -100.66 21.70
CA HIS H 315 -5.31 -101.05 21.07
C HIS H 315 -4.19 -100.25 21.72
N LEU H 316 -3.17 -100.94 22.22
CA LEU H 316 -2.05 -100.35 22.93
C LEU H 316 -0.81 -100.31 22.02
N GLU H 317 0.09 -99.36 22.29
CA GLU H 317 1.45 -99.44 21.75
C GLU H 317 2.16 -100.71 22.24
N ALA H 318 3.02 -101.29 21.40
CA ALA H 318 3.71 -102.55 21.68
C ALA H 318 4.40 -102.57 23.06
N ALA H 319 5.08 -101.48 23.44
CA ALA H 319 5.76 -101.40 24.73
C ALA H 319 4.80 -101.53 25.93
N GLU H 320 3.63 -100.90 25.87
CA GLU H 320 2.62 -100.97 26.94
C GLU H 320 1.93 -102.34 26.95
N ARG H 321 1.62 -102.86 25.76
CA ARG H 321 1.07 -104.22 25.58
C ARG H 321 1.98 -105.29 26.17
N ASP H 322 3.27 -105.21 25.89
CA ASP H 322 4.28 -106.15 26.39
C ASP H 322 4.42 -106.04 27.91
N ALA H 323 4.44 -104.81 28.44
CA ALA H 323 4.48 -104.57 29.89
C ALA H 323 3.24 -105.15 30.60
N LEU H 324 2.06 -104.96 30.03
CA LEU H 324 0.81 -105.48 30.57
C LEU H 324 0.74 -107.01 30.50
N THR H 325 1.26 -107.61 29.43
CA THR H 325 1.34 -109.07 29.29
C THR H 325 2.29 -109.68 30.31
N ALA H 326 3.43 -109.03 30.56
CA ALA H 326 4.41 -109.47 31.53
C ALA H 326 3.92 -109.31 32.99
N ASN H 327 3.18 -108.23 33.29
CA ASN H 327 2.74 -107.93 34.65
C ASN H 327 1.41 -107.14 34.69
N ALA H 328 0.29 -107.80 34.44
CA ALA H 328 -1.03 -107.22 34.67
C ALA H 328 -1.41 -107.13 36.16
N GLY H 329 -0.79 -107.95 37.01
CA GLY H 329 -0.99 -107.91 38.46
C GLY H 329 -2.44 -108.21 38.89
N THR H 330 -3.00 -107.30 39.68
CA THR H 330 -4.33 -107.42 40.28
C THR H 330 -5.16 -106.16 40.04
N GLN H 331 -6.44 -106.34 39.79
CA GLN H 331 -7.43 -105.26 39.75
C GLN H 331 -8.38 -105.38 40.94
N LEU H 332 -8.64 -104.26 41.60
CA LEU H 332 -9.78 -104.14 42.52
C LEU H 332 -11.06 -104.20 41.70
N ILE H 333 -11.97 -105.08 42.06
CA ILE H 333 -13.25 -105.23 41.39
C ILE H 333 -14.40 -105.02 42.37
N VAL H 334 -15.53 -104.58 41.85
CA VAL H 334 -16.81 -104.60 42.56
C VAL H 334 -17.66 -105.71 41.96
N GLN H 335 -18.14 -106.61 42.81
CA GLN H 335 -19.08 -107.67 42.48
C GLN H 335 -20.45 -107.36 43.08
N HIS H 336 -21.50 -107.88 42.45
CA HIS H 336 -22.87 -107.74 42.92
C HIS H 336 -23.39 -109.04 43.53
N GLN H 337 -24.13 -108.93 44.63
CA GLN H 337 -24.80 -110.02 45.31
C GLN H 337 -26.28 -109.69 45.47
N ALA H 338 -27.14 -110.71 45.51
CA ALA H 338 -28.59 -110.53 45.55
C ALA H 338 -29.23 -111.41 46.62
N HIS H 339 -30.18 -110.84 47.37
CA HIS H 339 -31.12 -111.53 48.24
C HIS H 339 -32.52 -111.19 47.74
N LEU H 340 -33.22 -112.22 47.25
CA LEU H 340 -34.56 -112.09 46.68
C LEU H 340 -35.53 -112.86 47.57
N GLN H 341 -36.60 -112.19 48.01
CA GLN H 341 -37.52 -112.75 48.99
C GLN H 341 -38.97 -112.41 48.63
N GLN H 342 -39.88 -113.35 48.87
CA GLN H 342 -41.32 -113.09 48.79
C GLN H 342 -41.82 -112.47 50.10
N VAL H 343 -42.79 -111.57 49.98
CA VAL H 343 -43.36 -110.77 51.05
C VAL H 343 -44.85 -111.06 51.14
N SER H 344 -45.28 -111.48 52.32
CA SER H 344 -46.66 -111.85 52.64
C SER H 344 -47.15 -111.24 53.96
N SER H 345 -46.41 -110.29 54.52
CA SER H 345 -46.71 -109.62 55.78
C SER H 345 -46.11 -108.22 55.82
N ASN H 346 -46.69 -107.34 56.64
CA ASN H 346 -46.22 -105.96 56.78
C ASN H 346 -44.89 -105.87 57.54
N ASN H 347 -44.54 -106.87 58.35
CA ASN H 347 -43.23 -106.98 58.97
C ASN H 347 -42.41 -108.03 58.22
N VAL H 348 -41.24 -107.62 57.73
CA VAL H 348 -40.35 -108.47 56.93
C VAL H 348 -38.95 -108.36 57.49
N THR H 349 -38.32 -109.49 57.75
CA THR H 349 -36.88 -109.55 58.08
C THR H 349 -36.16 -110.26 56.94
N ALA H 350 -35.23 -109.56 56.31
CA ALA H 350 -34.33 -110.13 55.30
C ALA H 350 -32.98 -110.47 55.94
N ARG H 351 -32.60 -111.74 55.90
CA ARG H 351 -31.28 -112.22 56.34
C ARG H 351 -30.29 -112.15 55.19
N LEU H 352 -29.41 -111.15 55.23
CA LEU H 352 -28.49 -110.83 54.16
C LEU H 352 -27.23 -111.68 54.26
N ASN H 353 -27.26 -112.86 53.64
CA ASN H 353 -26.11 -113.79 53.59
C ASN H 353 -25.06 -113.37 52.53
N PHE H 354 -24.77 -112.08 52.43
CA PHE H 354 -23.73 -111.58 51.53
C PHE H 354 -22.34 -111.80 52.13
N ASN H 355 -21.35 -111.85 51.25
CA ASN H 355 -19.95 -112.03 51.62
C ASN H 355 -19.09 -110.83 51.20
N PHE H 356 -17.83 -110.86 51.64
CA PHE H 356 -16.79 -109.89 51.34
C PHE H 356 -17.03 -108.48 51.94
N PRO H 357 -16.08 -107.54 51.79
CA PRO H 357 -16.29 -106.15 52.15
C PRO H 357 -17.38 -105.48 51.29
N VAL H 358 -18.59 -105.38 51.84
CA VAL H 358 -19.74 -104.70 51.25
C VAL H 358 -19.55 -103.19 51.34
N LEU H 359 -19.62 -102.50 50.20
CA LEU H 359 -19.56 -101.04 50.08
C LEU H 359 -20.89 -100.42 50.50
N GLU H 360 -21.97 -100.98 49.96
CA GLU H 360 -23.32 -100.49 50.09
C GLU H 360 -24.32 -101.58 49.69
N PHE H 361 -25.58 -101.36 50.05
CA PHE H 361 -26.69 -102.14 49.52
C PHE H 361 -27.86 -101.25 49.10
N TYR H 362 -28.65 -101.78 48.18
CA TYR H 362 -29.91 -101.23 47.73
C TYR H 362 -31.02 -102.20 48.09
N TYR H 363 -32.20 -101.68 48.42
CA TYR H 363 -33.38 -102.51 48.52
C TYR H 363 -34.61 -101.77 48.01
N PHE H 364 -35.61 -102.53 47.60
CA PHE H 364 -36.90 -102.02 47.13
C PHE H 364 -37.89 -103.17 47.06
N LEU H 365 -39.18 -102.82 47.04
CA LEU H 365 -40.26 -103.79 46.98
C LEU H 365 -41.03 -103.64 45.67
N ARG H 366 -41.56 -104.74 45.16
CA ARG H 366 -42.51 -104.72 44.04
C ARG H 366 -43.77 -105.47 44.44
N ARG H 367 -44.90 -104.79 44.35
CA ARG H 367 -46.22 -105.41 44.51
C ARG H 367 -46.43 -106.47 43.44
N LYS H 368 -47.08 -107.57 43.80
CA LYS H 368 -47.50 -108.58 42.82
C LYS H 368 -48.39 -107.95 41.75
N ALA H 369 -49.32 -107.08 42.14
CA ALA H 369 -50.23 -106.45 41.19
C ALA H 369 -49.50 -105.58 40.15
N ASN H 370 -48.47 -104.81 40.56
CA ASN H 370 -47.65 -104.02 39.63
C ASN H 370 -46.91 -104.91 38.62
N LYS H 371 -46.34 -106.03 39.10
CA LYS H 371 -45.66 -107.02 38.24
C LYS H 371 -46.63 -107.64 37.24
N ASP H 372 -47.81 -108.05 37.71
CA ASP H 372 -48.84 -108.68 36.88
C ASP H 372 -49.43 -107.70 35.85
N ALA H 373 -49.51 -106.42 36.18
CA ALA H 373 -49.89 -105.34 35.27
C ALA H 373 -48.80 -105.01 34.22
N GLY H 374 -47.62 -105.63 34.30
CA GLY H 374 -46.50 -105.37 33.40
C GLY H 374 -45.71 -104.10 33.73
N ASP H 375 -45.94 -103.47 34.89
CA ASP H 375 -45.24 -102.27 35.36
C ASP H 375 -44.04 -102.66 36.25
N HIS H 376 -43.05 -103.32 35.64
CA HIS H 376 -41.98 -104.07 36.33
C HIS H 376 -41.07 -103.22 37.22
N PHE H 377 -40.96 -101.92 36.94
CA PHE H 377 -40.12 -101.00 37.70
C PHE H 377 -40.93 -100.03 38.58
N ASN H 378 -42.21 -100.33 38.77
CA ASN H 378 -43.04 -99.64 39.74
C ASN H 378 -42.90 -100.28 41.11
N PHE H 379 -42.01 -99.66 41.90
CA PHE H 379 -41.73 -100.05 43.27
C PHE H 379 -42.60 -99.33 44.31
N SER H 380 -43.70 -98.71 43.89
CA SER H 380 -44.64 -98.06 44.82
C SER H 380 -45.52 -99.09 45.53
N GLY H 381 -46.03 -98.68 46.69
CA GLY H 381 -47.00 -99.38 47.50
C GLY H 381 -48.44 -99.23 46.99
N ILE H 382 -49.39 -99.36 47.90
CA ILE H 382 -50.83 -99.34 47.60
C ILE H 382 -51.21 -97.89 47.33
N GLY H 383 -51.95 -97.64 46.24
CA GLY H 383 -52.32 -96.28 45.84
C GLY H 383 -51.13 -95.39 45.49
N GLY H 384 -49.98 -95.97 45.10
CA GLY H 384 -48.77 -95.22 44.74
C GLY H 384 -47.99 -94.66 45.93
N ARG H 385 -48.33 -95.05 47.17
CA ARG H 385 -47.63 -94.62 48.39
C ARG H 385 -46.25 -95.28 48.54
N ASP H 386 -45.47 -94.83 49.51
CA ASP H 386 -44.18 -95.44 49.84
C ASP H 386 -44.44 -96.80 50.54
N PRO H 387 -43.95 -97.93 50.01
CA PRO H 387 -44.26 -99.25 50.58
C PRO H 387 -43.56 -99.49 51.92
N VAL H 388 -42.46 -98.77 52.21
CA VAL H 388 -41.72 -98.89 53.47
C VAL H 388 -42.15 -97.76 54.40
N VAL H 389 -42.51 -98.10 55.63
CA VAL H 389 -42.73 -97.11 56.69
C VAL H 389 -41.39 -96.82 57.38
N SER H 390 -40.69 -97.88 57.79
CA SER H 390 -39.39 -97.78 58.43
C SER H 390 -38.54 -99.02 58.21
N ALA H 391 -37.23 -98.87 58.39
CA ALA H 391 -36.28 -99.97 58.35
C ALA H 391 -35.21 -99.82 59.42
N GLU H 392 -34.66 -100.95 59.85
CA GLU H 392 -33.56 -101.09 60.80
C GLU H 392 -32.54 -102.09 60.25
N LEU H 393 -31.23 -101.81 60.45
CA LEU H 393 -30.15 -102.72 60.07
C LEU H 393 -29.45 -103.25 61.33
N LEU H 394 -29.41 -104.57 61.48
CA LEU H 394 -28.81 -105.26 62.61
C LEU H 394 -27.60 -106.08 62.20
N PHE H 395 -26.52 -105.97 62.98
CA PHE H 395 -25.35 -106.86 62.91
C PHE H 395 -25.31 -107.67 64.20
N ASN H 396 -25.34 -109.00 64.11
CA ASN H 396 -25.30 -109.90 65.26
C ASN H 396 -26.33 -109.47 66.35
N ASN H 397 -27.57 -109.18 65.92
CA ASN H 397 -28.69 -108.67 66.74
C ASN H 397 -28.46 -107.31 67.43
N THR H 398 -27.41 -106.57 67.06
CA THR H 398 -27.15 -105.22 67.54
C THR H 398 -27.45 -104.20 66.43
N ALA H 399 -28.22 -103.16 66.75
CA ALA H 399 -28.59 -102.13 65.79
C ALA H 399 -27.34 -101.39 65.27
N ARG H 400 -26.99 -101.63 64.01
CA ARG H 400 -25.98 -100.85 63.28
C ARG H 400 -26.58 -99.54 62.79
N VAL H 401 -27.82 -99.57 62.33
CA VAL H 401 -28.64 -98.40 62.06
C VAL H 401 -29.96 -98.65 62.76
N THR H 402 -30.28 -97.85 63.78
CA THR H 402 -31.57 -97.92 64.47
C THR H 402 -32.71 -97.61 63.51
N GLN H 403 -33.94 -97.91 63.91
CA GLN H 403 -35.12 -97.67 63.09
C GLN H 403 -35.14 -96.23 62.51
N LYS H 404 -35.19 -96.13 61.18
CA LYS H 404 -35.31 -94.86 60.44
C LYS H 404 -36.48 -94.92 59.46
N PRO H 405 -37.17 -93.80 59.21
CA PRO H 405 -38.27 -93.74 58.27
C PRO H 405 -37.78 -93.92 56.83
N ALA H 406 -38.66 -94.37 55.93
CA ALA H 406 -38.36 -94.60 54.50
C ALA H 406 -37.62 -93.45 53.82
N VAL H 407 -38.04 -92.20 54.07
CA VAL H 407 -37.42 -91.01 53.47
C VAL H 407 -35.93 -90.88 53.80
N TRP H 408 -35.48 -91.37 54.96
CA TRP H 408 -34.07 -91.33 55.33
C TRP H 408 -33.25 -92.30 54.46
N TRP H 409 -33.74 -93.53 54.30
CA TRP H 409 -33.09 -94.55 53.45
C TRP H 409 -33.15 -94.21 51.96
N ARG H 410 -34.20 -93.52 51.51
CA ARG H 410 -34.38 -93.16 50.09
C ARG H 410 -33.71 -91.85 49.70
N ALA H 411 -33.94 -90.78 50.45
CA ALA H 411 -33.53 -89.44 50.07
C ALA H 411 -32.23 -89.00 50.76
N VAL H 412 -32.06 -89.28 52.05
CA VAL H 412 -30.85 -88.83 52.78
C VAL H 412 -29.63 -89.64 52.35
N GLN H 413 -29.75 -90.96 52.24
CA GLN H 413 -28.65 -91.81 51.76
C GLN H 413 -28.26 -91.47 50.32
N ALA H 414 -29.24 -91.28 49.42
CA ALA H 414 -28.97 -90.83 48.05
C ALA H 414 -28.28 -89.46 48.01
N LEU H 415 -28.77 -88.49 48.79
CA LEU H 415 -28.15 -87.16 48.89
C LEU H 415 -26.68 -87.21 49.34
N GLN H 416 -26.34 -88.12 50.25
CA GLN H 416 -25.01 -88.20 50.85
C GLN H 416 -23.99 -88.92 49.95
N PHE H 417 -24.42 -89.94 49.21
CA PHE H 417 -23.50 -90.90 48.60
C PHE H 417 -23.67 -91.09 47.08
N HIS H 418 -24.77 -90.60 46.49
CA HIS H 418 -25.11 -90.85 45.11
C HIS H 418 -25.21 -89.60 44.24
N SER H 419 -24.97 -89.79 42.94
CA SER H 419 -25.07 -88.74 41.92
C SER H 419 -26.51 -88.25 41.69
N SER H 420 -27.52 -89.02 42.09
CA SER H 420 -28.93 -88.72 41.89
C SER H 420 -29.82 -89.28 42.99
N ALA H 421 -30.98 -88.66 43.19
CA ALA H 421 -32.04 -89.19 44.03
C ALA H 421 -33.01 -90.00 43.17
N PRO H 422 -33.45 -91.19 43.62
CA PRO H 422 -34.33 -92.05 42.83
C PRO H 422 -35.73 -91.44 42.71
N LEU H 423 -36.33 -91.54 41.52
CA LEU H 423 -37.71 -91.12 41.25
C LEU H 423 -38.73 -92.18 41.71
N THR H 424 -38.27 -93.40 41.91
CA THR H 424 -39.03 -94.55 42.42
C THR H 424 -38.64 -94.87 43.86
N ASN H 425 -39.38 -95.76 44.52
CA ASN H 425 -39.13 -96.15 45.92
C ASN H 425 -37.95 -97.13 46.05
N ILE H 426 -36.76 -96.67 45.66
CA ILE H 426 -35.49 -97.36 45.87
C ILE H 426 -34.81 -96.78 47.09
N TYR H 427 -34.40 -97.65 47.99
CA TYR H 427 -33.70 -97.29 49.22
C TYR H 427 -32.26 -97.77 49.13
N SER H 428 -31.34 -97.03 49.75
CA SER H 428 -29.93 -97.42 49.80
C SER H 428 -29.33 -97.19 51.17
N TYR H 429 -28.19 -97.83 51.41
CA TYR H 429 -27.33 -97.52 52.54
C TYR H 429 -25.87 -97.77 52.17
N SER H 430 -25.03 -96.78 52.40
CA SER H 430 -23.60 -96.87 52.09
C SER H 430 -22.75 -96.94 53.36
N PHE H 431 -21.82 -97.89 53.38
CA PHE H 431 -20.68 -97.93 54.30
C PHE H 431 -19.47 -97.15 53.75
N SER H 432 -19.47 -96.85 52.45
CA SER H 432 -18.42 -96.13 51.73
C SER H 432 -18.74 -94.64 51.66
N LEU H 433 -17.73 -93.76 51.79
CA LEU H 433 -17.91 -92.31 51.60
C LEU H 433 -18.16 -91.94 50.13
N SER H 434 -17.66 -92.75 49.20
CA SER H 434 -17.77 -92.55 47.75
C SER H 434 -17.96 -93.90 47.05
N PRO H 435 -19.14 -94.54 47.17
CA PRO H 435 -19.38 -95.88 46.61
C PRO H 435 -19.39 -95.90 45.07
N GLU H 436 -19.52 -94.74 44.43
CA GLU H 436 -19.45 -94.58 42.97
C GLU H 436 -18.01 -94.43 42.45
N ASP H 437 -17.00 -94.23 43.31
CA ASP H 437 -15.59 -94.25 42.92
C ASP H 437 -15.14 -95.71 42.72
N PRO H 438 -14.79 -96.12 41.48
CA PRO H 438 -14.45 -97.51 41.20
C PRO H 438 -13.02 -97.88 41.59
N ILE H 439 -12.13 -96.92 41.85
CA ILE H 439 -10.69 -97.15 42.05
C ILE H 439 -10.21 -96.82 43.47
N THR H 440 -10.95 -96.00 44.22
CA THR H 440 -10.57 -95.59 45.57
C THR H 440 -11.53 -96.15 46.62
N PRO H 441 -11.15 -97.23 47.34
CA PRO H 441 -11.92 -97.68 48.49
C PRO H 441 -12.08 -96.59 49.54
N SER H 442 -13.32 -96.35 49.96
CA SER H 442 -13.66 -95.26 50.88
C SER H 442 -14.53 -95.70 52.05
N GLY H 443 -14.52 -96.99 52.38
CA GLY H 443 -15.28 -97.61 53.47
C GLY H 443 -15.98 -98.89 53.03
N SER H 444 -16.15 -99.82 53.97
CA SER H 444 -16.90 -101.06 53.75
C SER H 444 -17.20 -101.75 55.08
N ALA H 445 -18.16 -102.67 55.08
CA ALA H 445 -18.40 -103.61 56.16
C ALA H 445 -18.16 -105.04 55.64
N ASN H 446 -17.31 -105.81 56.32
CA ASN H 446 -16.98 -107.17 55.88
C ASN H 446 -18.05 -108.16 56.35
N PHE H 447 -18.98 -108.51 55.47
CA PHE H 447 -20.09 -109.38 55.81
C PHE H 447 -19.64 -110.84 56.02
N SER H 448 -18.51 -111.27 55.44
CA SER H 448 -17.93 -112.60 55.72
C SER H 448 -17.39 -112.76 57.16
N ARG H 449 -17.42 -111.70 57.98
CA ARG H 449 -17.01 -111.73 59.39
C ARG H 449 -18.17 -111.46 60.35
N LEU H 450 -19.38 -111.30 59.83
CA LEU H 450 -20.59 -111.11 60.62
C LEU H 450 -21.38 -112.42 60.61
N ASP H 451 -21.82 -112.88 61.78
CA ASP H 451 -22.61 -114.11 61.89
C ASP H 451 -24.04 -113.90 61.38
N SER H 452 -24.60 -112.72 61.63
CA SER H 452 -25.88 -112.30 61.07
C SER H 452 -25.89 -110.84 60.64
N VAL H 453 -26.46 -110.61 59.46
CA VAL H 453 -26.86 -109.28 58.99
C VAL H 453 -28.34 -109.34 58.66
N GLU H 454 -29.15 -108.56 59.37
CA GLU H 454 -30.59 -108.53 59.18
C GLU H 454 -31.06 -107.12 58.82
N LEU H 455 -31.84 -107.02 57.74
CA LEU H 455 -32.59 -105.82 57.39
C LEU H 455 -34.05 -106.07 57.80
N ALA H 456 -34.48 -105.40 58.87
CA ALA H 456 -35.85 -105.46 59.36
C ALA H 456 -36.66 -104.30 58.76
N LEU H 457 -37.77 -104.62 58.13
CA LEU H 457 -38.66 -103.67 57.46
C LEU H 457 -40.04 -103.70 58.12
N THR H 458 -40.55 -102.50 58.41
CA THR H 458 -41.99 -102.27 58.62
C THR H 458 -42.54 -101.64 57.36
N LEU H 459 -43.44 -102.34 56.70
CA LEU H 459 -44.10 -101.93 55.47
C LEU H 459 -45.44 -101.25 55.78
N GLN H 460 -46.00 -100.60 54.78
CA GLN H 460 -47.36 -100.03 54.86
C GLN H 460 -48.38 -101.11 55.27
N ASP H 461 -49.50 -100.67 55.82
CA ASP H 461 -50.59 -101.57 56.15
C ASP H 461 -51.09 -102.33 54.91
N ASP H 462 -51.47 -103.58 55.13
CA ASP H 462 -51.97 -104.52 54.13
C ASP H 462 -50.99 -104.85 52.97
N PHE H 463 -49.71 -104.44 53.08
CA PHE H 463 -48.68 -104.86 52.12
C PHE H 463 -48.43 -106.37 52.19
N GLY H 464 -48.54 -107.05 51.05
CA GLY H 464 -48.39 -108.51 50.98
C GLY H 464 -49.63 -109.29 51.41
N ALA H 465 -50.74 -108.61 51.72
CA ALA H 465 -52.02 -109.25 52.00
C ALA H 465 -52.86 -109.44 50.71
N ALA H 466 -53.81 -110.39 50.76
CA ALA H 466 -54.82 -110.62 49.71
C ALA H 466 -54.24 -110.65 48.28
N HIS H 467 -54.67 -109.72 47.41
CA HIS H 467 -54.27 -109.64 45.99
C HIS H 467 -52.78 -109.35 45.78
N ASP H 468 -52.07 -108.92 46.82
CA ASP H 468 -50.61 -108.69 46.81
C ASP H 468 -49.81 -109.78 47.53
N ALA H 469 -50.43 -110.92 47.87
CA ALA H 469 -49.71 -112.09 48.36
C ALA H 469 -48.61 -112.49 47.37
N ASN H 470 -47.38 -112.66 47.87
CA ASN H 470 -46.17 -112.86 47.06
C ASN H 470 -45.71 -111.60 46.32
N SER H 471 -45.78 -110.46 46.99
CA SER H 471 -44.98 -109.29 46.60
C SER H 471 -43.49 -109.61 46.78
N GLU H 472 -42.61 -108.88 46.11
CA GLU H 472 -41.19 -109.19 46.06
C GLU H 472 -40.37 -108.14 46.81
N LEU H 473 -39.40 -108.59 47.62
CA LEU H 473 -38.34 -107.79 48.17
C LEU H 473 -37.05 -108.11 47.42
N PHE H 474 -36.41 -107.08 46.90
CA PHE H 474 -35.08 -107.14 46.29
C PHE H 474 -34.10 -106.47 47.23
N VAL H 475 -33.00 -107.15 47.54
CA VAL H 475 -31.84 -106.54 48.19
C VAL H 475 -30.61 -106.88 47.36
N PHE H 476 -29.89 -105.86 46.90
CA PHE H 476 -28.64 -106.03 46.16
C PHE H 476 -27.50 -105.38 46.94
N ALA H 477 -26.35 -106.05 47.02
CA ALA H 477 -25.15 -105.50 47.64
C ALA H 477 -24.02 -105.39 46.63
N ARG H 478 -23.20 -104.35 46.78
CA ARG H 478 -21.94 -104.18 46.05
C ARG H 478 -20.79 -104.51 46.99
N SER H 479 -19.90 -105.41 46.60
CA SER H 479 -18.77 -105.85 47.43
C SER H 479 -17.45 -105.77 46.69
N TYR H 480 -16.38 -105.45 47.42
CA TYR H 480 -15.03 -105.52 46.89
C TYR H 480 -14.54 -106.96 46.80
N ASN H 481 -13.86 -107.28 45.70
CA ASN H 481 -13.01 -108.46 45.55
C ASN H 481 -11.78 -108.07 44.71
N ILE H 482 -10.88 -109.00 44.48
CA ILE H 482 -9.67 -108.80 43.69
C ILE H 482 -9.67 -109.81 42.55
N LEU H 483 -9.51 -109.32 41.32
CA LEU H 483 -9.25 -110.15 40.15
C LEU H 483 -7.74 -110.18 39.91
N LYS H 484 -7.17 -111.38 39.86
CA LYS H 484 -5.73 -111.59 39.65
C LYS H 484 -5.47 -112.13 38.26
N PHE H 485 -4.47 -111.57 37.59
CA PHE H 485 -3.97 -112.01 36.29
C PHE H 485 -2.57 -112.59 36.47
N THR H 486 -2.34 -113.82 36.02
CA THR H 486 -1.03 -114.47 36.14
C THR H 486 -0.84 -115.49 35.02
N ASN H 487 0.28 -115.42 34.30
CA ASN H 487 0.66 -116.39 33.26
C ASN H 487 -0.43 -116.63 32.19
N GLY H 488 -1.12 -115.58 31.76
CA GLY H 488 -2.19 -115.69 30.75
C GLY H 488 -3.54 -116.17 31.30
N LEU H 489 -3.68 -116.33 32.61
CA LEU H 489 -4.91 -116.75 33.28
C LEU H 489 -5.46 -115.62 34.17
N ALA H 490 -6.77 -115.61 34.36
CA ALA H 490 -7.46 -114.66 35.24
C ALA H 490 -8.37 -115.41 36.22
N GLY H 491 -8.38 -115.00 37.49
CA GLY H 491 -9.21 -115.62 38.53
C GLY H 491 -9.46 -114.71 39.72
N ALA I 11 -16.60 -104.75 69.67
CA ALA I 11 -15.83 -105.94 69.31
C ALA I 11 -15.80 -106.16 67.79
N GLY I 12 -16.93 -105.98 67.09
CA GLY I 12 -17.00 -106.12 65.63
C GLY I 12 -16.21 -105.09 64.84
N SER I 13 -16.31 -103.79 65.19
CA SER I 13 -15.61 -102.72 64.46
C SER I 13 -14.09 -102.78 64.66
N LEU I 14 -13.62 -103.12 65.86
CA LEU I 14 -12.20 -103.34 66.10
C LEU I 14 -11.70 -104.59 65.37
N THR I 15 -12.52 -105.66 65.33
CA THR I 15 -12.19 -106.90 64.61
C THR I 15 -12.06 -106.66 63.11
N GLN I 16 -12.90 -105.79 62.52
CA GLN I 16 -12.76 -105.39 61.12
C GLN I 16 -11.41 -104.72 60.82
N LEU I 17 -10.91 -103.86 61.71
CA LEU I 17 -9.59 -103.21 61.54
C LEU I 17 -8.43 -104.21 61.68
N LEU I 18 -8.63 -105.30 62.43
CA LEU I 18 -7.65 -106.36 62.61
C LEU I 18 -7.72 -107.43 61.51
N ALA I 19 -8.88 -107.62 60.89
CA ALA I 19 -9.13 -108.58 59.82
C ALA I 19 -8.53 -108.11 58.47
N THR I 20 -7.22 -107.92 58.45
CA THR I 20 -6.45 -107.53 57.28
C THR I 20 -5.49 -108.67 56.87
N GLY I 21 -5.33 -108.85 55.57
CA GLY I 21 -4.42 -109.83 54.96
C GLY I 21 -3.45 -109.19 53.97
N SER I 22 -2.73 -110.03 53.23
CA SER I 22 -1.75 -109.58 52.24
C SER I 22 -2.37 -108.77 51.08
N MET I 23 -3.65 -108.98 50.76
CA MET I 23 -4.36 -108.20 49.73
C MET I 23 -4.61 -106.76 50.19
N ASP I 24 -4.95 -106.55 51.47
CA ASP I 24 -5.19 -105.22 52.03
C ASP I 24 -3.94 -104.35 52.06
N ALA I 25 -2.77 -104.98 52.09
CA ALA I 25 -1.49 -104.27 52.08
C ALA I 25 -1.32 -103.40 50.83
N ALA I 26 -1.77 -103.86 49.67
CA ALA I 26 -1.74 -103.08 48.43
C ALA I 26 -2.62 -101.82 48.46
N LEU I 27 -3.62 -101.78 49.35
CA LEU I 27 -4.60 -100.71 49.43
C LEU I 27 -4.36 -99.76 50.62
N THR I 28 -3.87 -100.28 51.74
CA THR I 28 -3.89 -99.58 53.03
C THR I 28 -2.53 -99.53 53.75
N GLN I 29 -1.57 -100.37 53.35
CA GLN I 29 -0.24 -100.32 53.97
C GLN I 29 0.43 -98.99 53.64
N ASN I 30 1.02 -98.33 54.64
CA ASN I 30 1.64 -97.01 54.50
C ASN I 30 0.68 -95.95 53.91
N ALA I 31 -0.59 -95.96 54.33
CA ALA I 31 -1.59 -95.01 53.88
C ALA I 31 -1.09 -93.56 53.96
N THR I 32 -1.10 -92.86 52.82
CA THR I 32 -0.65 -91.46 52.69
C THR I 32 -1.78 -90.44 52.82
N ARG I 33 -3.02 -90.92 53.03
CA ARG I 33 -4.24 -90.11 53.15
C ARG I 33 -5.08 -90.60 54.32
N THR I 34 -5.71 -89.67 55.03
CA THR I 34 -6.74 -89.94 56.03
C THR I 34 -8.03 -89.21 55.67
N PHE I 35 -9.18 -89.80 56.00
CA PHE I 35 -10.50 -89.16 55.84
C PHE I 35 -10.87 -88.26 57.03
N TRP I 36 -10.14 -88.35 58.15
CA TRP I 36 -10.50 -87.72 59.42
C TRP I 36 -9.72 -86.43 59.73
N LYS I 37 -8.83 -86.02 58.83
CA LYS I 37 -8.09 -84.76 58.92
C LYS I 37 -7.99 -84.13 57.53
N SER I 38 -8.45 -82.89 57.40
CA SER I 38 -8.28 -82.13 56.17
C SER I 38 -6.83 -81.64 56.03
N SER I 39 -6.29 -81.79 54.83
CA SER I 39 -5.07 -81.12 54.38
C SER I 39 -5.44 -80.16 53.26
N TYR I 40 -4.88 -78.96 53.25
CA TYR I 40 -5.06 -77.98 52.18
C TYR I 40 -3.70 -77.49 51.69
N GLN I 41 -3.64 -77.05 50.44
CA GLN I 41 -2.46 -76.41 49.85
C GLN I 41 -2.63 -74.89 49.90
N LYS I 42 -1.54 -74.17 50.17
CA LYS I 42 -1.51 -72.71 50.02
C LYS I 42 -1.34 -72.37 48.54
N HIS I 43 -1.93 -71.27 48.10
CA HIS I 43 -1.82 -70.76 46.72
C HIS I 43 -1.23 -69.34 46.72
N SER I 44 -0.77 -68.86 45.57
CA SER I 44 -0.33 -67.47 45.36
C SER I 44 -1.53 -66.51 45.37
N LEU I 45 -1.27 -65.22 45.63
CA LEU I 45 -2.32 -64.19 45.62
C LEU I 45 -2.70 -63.82 44.19
N PHE I 46 -4.00 -63.76 43.91
CA PHE I 46 -4.54 -63.29 42.64
C PHE I 46 -5.92 -62.63 42.87
N ALA I 47 -6.36 -61.82 41.91
CA ALA I 47 -7.70 -61.25 41.87
C ALA I 47 -8.31 -61.36 40.47
N LEU I 48 -9.64 -61.45 40.40
CA LEU I 48 -10.40 -61.48 39.14
C LEU I 48 -11.17 -60.18 38.97
N GLU I 49 -11.19 -59.64 37.76
CA GLU I 49 -11.94 -58.45 37.41
C GLU I 49 -12.66 -58.67 36.07
N SER I 50 -13.99 -58.43 36.03
CA SER I 50 -14.76 -58.47 34.77
C SER I 50 -14.86 -57.08 34.19
N ILE I 51 -14.46 -56.92 32.92
CA ILE I 51 -14.46 -55.63 32.24
C ILE I 51 -15.12 -55.75 30.87
N ASN I 52 -16.13 -54.91 30.65
CA ASN I 52 -16.83 -54.79 29.39
C ASN I 52 -16.16 -53.78 28.45
N GLN I 53 -15.97 -54.15 27.18
CA GLN I 53 -15.25 -53.36 26.19
C GLN I 53 -16.03 -53.26 24.88
N PRO I 54 -16.13 -52.07 24.27
CA PRO I 54 -16.82 -51.91 23.00
C PRO I 54 -15.99 -52.46 21.83
N PHE I 55 -16.66 -52.86 20.75
CA PHE I 55 -15.98 -53.20 19.50
C PHE I 55 -15.19 -52.01 18.93
N THR I 56 -14.08 -52.30 18.26
CA THR I 56 -13.25 -51.29 17.59
C THR I 56 -13.91 -50.80 16.29
N THR I 57 -14.67 -51.67 15.63
CA THR I 57 -15.49 -51.34 14.46
C THR I 57 -16.97 -51.34 14.81
N GLN I 58 -17.79 -50.76 13.92
CA GLN I 58 -19.23 -50.81 14.08
C GLN I 58 -19.75 -52.25 14.07
N VAL I 59 -20.71 -52.54 14.95
CA VAL I 59 -21.45 -53.80 15.01
C VAL I 59 -22.76 -53.62 14.26
N GLN I 60 -23.00 -54.49 13.27
CA GLN I 60 -24.22 -54.50 12.44
C GLN I 60 -24.53 -55.93 12.01
N PHE I 61 -25.81 -56.23 11.80
CA PHE I 61 -26.22 -57.50 11.20
C PHE I 61 -25.58 -57.70 9.82
N GLY I 62 -25.18 -58.93 9.51
CA GLY I 62 -24.58 -59.32 8.22
C GLY I 62 -23.16 -58.80 7.97
N ALA I 63 -22.62 -57.93 8.83
CA ALA I 63 -21.27 -57.39 8.72
C ALA I 63 -20.26 -58.23 9.50
N GLU I 64 -18.98 -57.92 9.31
CA GLU I 64 -17.89 -58.39 10.19
C GLU I 64 -17.43 -57.24 11.07
N SER I 65 -17.25 -57.52 12.36
CA SER I 65 -16.75 -56.55 13.34
C SER I 65 -15.57 -57.15 14.09
N HIS I 66 -14.64 -56.30 14.53
CA HIS I 66 -13.56 -56.75 15.39
C HIS I 66 -13.36 -55.85 16.60
N ILE I 67 -12.75 -56.43 17.63
CA ILE I 67 -12.31 -55.76 18.84
C ILE I 67 -10.87 -56.13 19.12
N THR I 68 -10.04 -55.14 19.44
CA THR I 68 -8.73 -55.37 20.05
C THR I 68 -8.90 -55.44 21.55
N VAL I 69 -8.60 -56.60 22.15
CA VAL I 69 -8.78 -56.86 23.58
C VAL I 69 -7.78 -56.03 24.38
N ASN I 70 -8.27 -55.26 25.35
CA ASN I 70 -7.43 -54.42 26.20
C ASN I 70 -6.52 -55.27 27.10
N ARG I 71 -5.45 -54.66 27.61
CA ARG I 71 -4.50 -55.28 28.54
C ARG I 71 -4.71 -54.75 29.95
N GLN I 72 -5.86 -55.09 30.54
CA GLN I 72 -6.26 -54.59 31.87
C GLN I 72 -5.89 -55.54 33.03
N GLY I 73 -5.20 -56.65 32.76
CA GLY I 73 -4.62 -57.54 33.76
C GLY I 73 -3.49 -58.38 33.19
N ASP I 74 -3.04 -59.38 33.93
CA ASP I 74 -1.88 -60.21 33.57
C ASP I 74 -2.26 -61.46 32.77
N LEU I 75 -3.43 -62.05 33.06
CA LEU I 75 -4.02 -63.15 32.30
C LEU I 75 -5.42 -62.78 31.81
N LEU I 76 -5.86 -63.44 30.75
CA LEU I 76 -7.23 -63.42 30.25
C LEU I 76 -7.87 -64.80 30.48
N SER I 77 -8.98 -64.82 31.22
CA SER I 77 -9.70 -66.03 31.62
C SER I 77 -11.01 -66.16 30.83
N TRP I 78 -12.16 -65.82 31.42
CA TRP I 78 -13.44 -65.92 30.73
C TRP I 78 -13.64 -64.81 29.70
N MET I 79 -14.40 -65.14 28.66
CA MET I 79 -14.76 -64.23 27.58
C MET I 79 -16.22 -64.47 27.16
N TYR I 80 -17.04 -63.43 27.27
CA TYR I 80 -18.45 -63.45 26.89
C TYR I 80 -18.73 -62.35 25.87
N LEU I 81 -19.43 -62.70 24.80
CA LEU I 81 -20.00 -61.71 23.91
C LEU I 81 -21.32 -61.22 24.51
N LYS I 82 -21.34 -59.97 24.97
CA LYS I 82 -22.53 -59.32 25.46
C LYS I 82 -23.29 -58.72 24.29
N ILE I 83 -24.45 -59.27 23.97
CA ILE I 83 -25.29 -58.84 22.86
C ILE I 83 -26.54 -58.16 23.43
N VAL I 84 -26.91 -57.01 22.87
CA VAL I 84 -28.16 -56.33 23.19
C VAL I 84 -29.03 -56.29 21.94
N LEU I 85 -30.19 -56.94 22.02
CA LEU I 85 -31.19 -56.97 20.97
C LEU I 85 -32.39 -56.11 21.38
N PRO I 86 -32.92 -55.27 20.48
CA PRO I 86 -34.11 -54.50 20.79
C PRO I 86 -35.33 -55.40 20.92
N GLY I 87 -36.32 -54.92 21.67
CA GLY I 87 -37.67 -55.48 21.59
C GLY I 87 -38.24 -55.30 20.18
N LEU I 88 -39.11 -56.23 19.79
CA LEU I 88 -39.81 -56.25 18.51
C LEU I 88 -41.29 -55.90 18.72
N LYS I 89 -41.83 -55.16 17.76
CA LYS I 89 -43.26 -54.96 17.53
C LYS I 89 -43.55 -55.19 16.06
N VAL I 90 -44.82 -55.38 15.72
CA VAL I 90 -45.26 -55.55 14.34
C VAL I 90 -46.38 -54.58 14.02
N GLN I 91 -46.45 -54.19 12.74
CA GLN I 91 -47.51 -53.37 12.19
C GLN I 91 -47.88 -53.89 10.80
N ASN I 92 -49.14 -53.76 10.39
CA ASN I 92 -49.53 -54.12 9.03
C ASN I 92 -48.79 -53.24 8.02
N GLN I 93 -48.35 -53.85 6.93
CA GLN I 93 -47.66 -53.14 5.85
C GLN I 93 -48.50 -51.98 5.29
N ALA I 94 -49.82 -52.12 5.24
CA ALA I 94 -50.75 -51.09 4.78
C ALA I 94 -50.77 -49.83 5.68
N ASP I 95 -50.42 -49.97 6.96
CA ASP I 95 -50.44 -48.87 7.93
C ASP I 95 -49.07 -48.18 8.06
N THR I 96 -48.06 -48.64 7.30
CA THR I 96 -46.66 -48.20 7.45
C THR I 96 -46.27 -47.21 6.37
N VAL I 97 -45.71 -46.05 6.76
CA VAL I 97 -45.29 -44.96 5.84
C VAL I 97 -44.13 -45.38 4.93
N GLN I 98 -43.33 -46.36 5.35
CA GLN I 98 -42.21 -46.94 4.59
C GLN I 98 -42.21 -48.47 4.78
N PRO I 99 -43.02 -49.21 3.99
CA PRO I 99 -43.21 -50.65 4.19
C PRO I 99 -42.03 -51.50 3.71
N THR I 100 -41.08 -50.91 2.99
CA THR I 100 -39.95 -51.64 2.38
C THR I 100 -38.95 -52.05 3.44
N GLN I 101 -38.93 -53.34 3.74
CA GLN I 101 -38.00 -53.99 4.66
C GLN I 101 -37.52 -55.31 4.05
N GLN I 102 -36.40 -55.86 4.56
CA GLN I 102 -35.98 -57.22 4.24
C GLN I 102 -37.10 -58.23 4.56
N SER I 103 -37.17 -59.31 3.78
CA SER I 103 -38.13 -60.39 4.04
C SER I 103 -37.69 -61.22 5.24
N PHE I 104 -38.64 -61.63 6.07
CA PHE I 104 -38.43 -62.51 7.22
C PHE I 104 -39.28 -63.78 7.03
N ALA I 105 -38.82 -64.89 7.61
CA ALA I 105 -39.62 -66.11 7.68
C ALA I 105 -40.95 -65.84 8.38
N SER I 106 -42.04 -66.44 7.90
CA SER I 106 -43.37 -66.23 8.46
C SER I 106 -44.14 -67.53 8.61
N LEU I 107 -44.93 -67.62 9.69
CA LEU I 107 -45.62 -68.85 10.06
C LEU I 107 -46.84 -69.17 9.17
N ASP I 108 -47.41 -68.16 8.51
CA ASP I 108 -48.41 -68.33 7.46
C ASP I 108 -47.82 -68.91 6.16
N ASN I 109 -46.50 -68.94 6.03
CA ASN I 109 -45.77 -69.56 4.93
C ASN I 109 -44.72 -70.55 5.47
N ASP I 110 -45.18 -71.57 6.21
CA ASP I 110 -44.31 -72.59 6.79
C ASP I 110 -43.69 -73.48 5.70
N VAL I 111 -42.49 -73.10 5.25
CA VAL I 111 -41.72 -73.79 4.21
C VAL I 111 -41.31 -75.20 4.65
N ALA I 112 -41.07 -75.42 5.95
CA ALA I 112 -40.72 -76.73 6.48
C ALA I 112 -41.91 -77.69 6.42
N ALA I 113 -43.09 -77.24 6.84
CA ALA I 113 -44.32 -78.02 6.71
C ALA I 113 -44.69 -78.30 5.25
N GLN I 114 -44.54 -77.31 4.36
CA GLN I 114 -44.76 -77.50 2.92
C GLN I 114 -43.80 -78.52 2.32
N ALA I 115 -42.51 -78.49 2.71
CA ALA I 115 -41.53 -79.48 2.28
C ALA I 115 -41.92 -80.88 2.76
N ASP I 116 -42.33 -81.04 4.02
CA ASP I 116 -42.81 -82.32 4.55
C ASP I 116 -44.04 -82.84 3.79
N VAL I 117 -45.00 -81.96 3.48
CA VAL I 117 -46.17 -82.32 2.68
C VAL I 117 -45.76 -82.79 1.29
N SER I 118 -44.76 -82.15 0.67
CA SER I 118 -44.30 -82.51 -0.68
C SER I 118 -43.84 -83.97 -0.81
N HIS I 119 -43.24 -84.53 0.25
CA HIS I 119 -42.78 -85.92 0.27
C HIS I 119 -43.93 -86.93 0.37
N VAL I 120 -45.07 -86.53 0.92
CA VAL I 120 -46.25 -87.40 1.08
C VAL I 120 -47.30 -87.22 -0.01
N LEU I 121 -47.18 -86.19 -0.87
CA LEU I 121 -48.09 -85.98 -2.01
C LEU I 121 -48.32 -87.25 -2.87
N PRO I 122 -47.31 -88.08 -3.18
CA PRO I 122 -47.53 -89.31 -3.96
C PRO I 122 -48.41 -90.36 -3.26
N TYR I 123 -48.63 -90.22 -1.96
CA TYR I 123 -49.39 -91.15 -1.11
C TYR I 123 -50.79 -90.61 -0.76
N ILE I 124 -51.15 -89.43 -1.26
CA ILE I 124 -52.50 -88.88 -1.06
C ILE I 124 -53.45 -89.57 -2.04
N GLU I 125 -54.43 -90.29 -1.51
CA GLU I 125 -55.53 -90.89 -2.27
C GLU I 125 -56.74 -89.93 -2.30
N GLY I 126 -57.35 -89.73 -3.47
CA GLY I 126 -58.55 -88.91 -3.64
C GLY I 126 -58.32 -87.46 -4.10
N ALA I 127 -59.40 -86.67 -4.12
CA ALA I 127 -59.44 -85.32 -4.71
C ALA I 127 -58.84 -84.25 -3.78
N TYR I 128 -57.50 -84.27 -3.57
CA TYR I 128 -56.82 -83.34 -2.69
C TYR I 128 -57.01 -81.87 -3.07
N THR I 129 -56.93 -81.53 -4.36
CA THR I 129 -56.95 -80.15 -4.85
C THR I 129 -58.26 -79.42 -4.53
N GLU I 130 -59.38 -80.14 -4.60
CA GLU I 130 -60.75 -79.62 -4.42
C GLU I 130 -61.28 -79.76 -2.98
N ALA I 131 -60.54 -80.46 -2.11
CA ALA I 131 -60.95 -80.73 -0.75
C ALA I 131 -60.99 -79.47 0.14
N SER I 132 -61.91 -79.47 1.12
CA SER I 132 -61.95 -78.46 2.19
C SER I 132 -60.66 -78.51 3.02
N LEU I 133 -60.31 -77.43 3.74
CA LEU I 133 -59.08 -77.38 4.54
C LEU I 133 -58.99 -78.53 5.55
N ASN I 134 -60.06 -78.78 6.31
CA ASN I 134 -60.12 -79.87 7.29
C ASN I 134 -59.97 -81.25 6.62
N THR I 135 -60.54 -81.41 5.42
CA THR I 135 -60.38 -82.64 4.63
C THR I 135 -58.95 -82.80 4.12
N LYS I 136 -58.28 -81.71 3.71
CA LYS I 136 -56.87 -81.73 3.29
C LYS I 136 -55.96 -82.16 4.45
N GLU I 137 -56.20 -81.67 5.66
CA GLU I 137 -55.43 -82.07 6.84
C GLU I 137 -55.59 -83.56 7.16
N GLN I 138 -56.81 -84.10 7.04
CA GLN I 138 -57.08 -85.53 7.18
C GLN I 138 -56.34 -86.36 6.11
N LEU I 139 -56.46 -85.97 4.84
CA LEU I 139 -55.78 -86.65 3.72
C LEU I 139 -54.25 -86.63 3.87
N ILE I 140 -53.67 -85.53 4.36
CA ILE I 140 -52.23 -85.42 4.63
C ILE I 140 -51.82 -86.38 5.76
N ALA I 141 -52.60 -86.47 6.85
CA ALA I 141 -52.30 -87.36 7.97
C ALA I 141 -52.41 -88.84 7.56
N GLU I 142 -53.40 -89.21 6.75
CA GLU I 142 -53.53 -90.55 6.18
C GLU I 142 -52.37 -90.87 5.21
N ALA I 143 -52.01 -89.92 4.34
CA ALA I 143 -50.87 -90.07 3.43
C ALA I 143 -49.54 -90.20 4.18
N LYS I 144 -49.37 -89.50 5.32
CA LYS I 144 -48.21 -89.69 6.21
C LYS I 144 -48.14 -91.12 6.72
N ASN I 145 -49.24 -91.71 7.17
CA ASN I 145 -49.27 -93.13 7.56
C ASN I 145 -48.86 -94.06 6.41
N SER I 146 -49.40 -93.84 5.20
CA SER I 146 -49.06 -94.64 4.02
C SER I 146 -47.59 -94.50 3.60
N TYR I 147 -47.06 -93.27 3.62
CA TYR I 147 -45.65 -92.98 3.39
C TYR I 147 -44.76 -93.70 4.41
N GLU I 148 -45.07 -93.59 5.70
CA GLU I 148 -44.26 -94.17 6.76
C GLU I 148 -44.34 -95.70 6.80
N ALA I 149 -45.50 -96.28 6.47
CA ALA I 149 -45.65 -97.71 6.28
C ALA I 149 -44.80 -98.19 5.10
N ALA I 150 -44.82 -97.48 3.97
CA ALA I 150 -44.07 -97.86 2.77
C ALA I 150 -42.55 -97.72 2.94
N LYS I 151 -42.09 -96.65 3.62
CA LYS I 151 -40.65 -96.34 3.76
C LYS I 151 -40.01 -97.00 4.98
N TYR I 152 -40.75 -97.12 6.08
CA TYR I 152 -40.19 -97.52 7.37
C TYR I 152 -40.88 -98.73 7.99
N ASN I 153 -41.84 -99.36 7.30
CA ASN I 153 -42.69 -100.41 7.88
C ASN I 153 -43.32 -99.98 9.21
N ALA I 154 -43.62 -98.69 9.36
CA ALA I 154 -44.20 -98.14 10.57
C ALA I 154 -45.68 -98.55 10.68
N ALA I 155 -46.11 -98.88 11.91
CA ALA I 155 -47.54 -99.03 12.18
C ALA I 155 -48.22 -97.66 12.12
N PRO I 156 -49.44 -97.55 11.58
CA PRO I 156 -50.13 -96.28 11.45
C PRO I 156 -50.46 -95.70 12.83
N LEU I 157 -50.24 -94.40 12.99
CA LEU I 157 -50.72 -93.66 14.16
C LEU I 157 -52.18 -93.23 13.93
N PRO I 158 -53.02 -93.21 14.98
CA PRO I 158 -54.35 -92.62 14.88
C PRO I 158 -54.26 -91.19 14.35
N VAL I 159 -55.07 -90.83 13.36
CA VAL I 159 -55.05 -89.50 12.70
C VAL I 159 -55.15 -88.37 13.72
N ALA I 160 -56.00 -88.52 14.75
CA ALA I 160 -56.14 -87.55 15.83
C ALA I 160 -54.84 -87.29 16.62
N ALA I 161 -53.93 -88.28 16.72
CA ALA I 161 -52.65 -88.12 17.40
C ALA I 161 -51.61 -87.36 16.55
N GLN I 162 -51.78 -87.33 15.23
CA GLN I 162 -50.92 -86.59 14.30
C GLN I 162 -51.34 -85.13 14.14
N MET I 163 -52.63 -84.84 14.37
CA MET I 163 -53.19 -83.49 14.36
C MET I 163 -52.85 -82.77 15.66
N GLN I 164 -51.58 -82.50 15.90
CA GLN I 164 -51.16 -81.61 16.97
C GLN I 164 -51.37 -80.16 16.53
N SER I 165 -52.42 -79.51 17.04
CA SER I 165 -52.49 -78.05 16.95
C SER I 165 -51.49 -77.47 17.95
N THR I 166 -50.43 -76.84 17.44
CA THR I 166 -49.70 -75.90 18.29
C THR I 166 -50.65 -74.73 18.50
N GLU I 167 -51.12 -74.51 19.73
CA GLU I 167 -51.95 -73.34 20.05
C GLU I 167 -51.12 -72.08 19.84
N MET I 168 -51.17 -71.56 18.62
CA MET I 168 -50.56 -70.30 18.26
C MET I 168 -51.51 -69.18 18.69
N PRO I 169 -50.98 -68.08 19.25
CA PRO I 169 -51.83 -66.98 19.67
C PRO I 169 -52.55 -66.30 18.49
N ASP I 170 -53.80 -65.89 18.68
CA ASP I 170 -54.64 -65.21 17.68
C ASP I 170 -54.33 -63.70 17.55
N PHE I 171 -53.06 -63.33 17.69
CA PHE I 171 -52.61 -61.94 17.53
C PHE I 171 -51.31 -61.87 16.74
N ASP I 172 -50.96 -60.67 16.27
CA ASP I 172 -49.73 -60.46 15.50
C ASP I 172 -48.49 -60.33 16.37
N TYR I 173 -47.42 -61.00 15.95
CA TYR I 173 -46.14 -60.94 16.64
C TYR I 173 -44.96 -61.19 15.69
N ALA I 174 -43.79 -60.83 16.18
CA ALA I 174 -42.50 -61.28 15.66
C ALA I 174 -41.59 -61.63 16.83
N TYR I 175 -40.66 -62.55 16.62
CA TYR I 175 -39.71 -62.98 17.63
C TYR I 175 -38.33 -63.28 17.04
N TRP I 176 -37.31 -63.12 17.87
CA TRP I 176 -35.96 -63.57 17.57
C TRP I 176 -35.92 -65.11 17.56
N THR I 177 -35.23 -65.69 16.58
CA THR I 177 -35.12 -67.15 16.43
C THR I 177 -34.54 -67.85 17.67
N GLU I 178 -34.82 -69.13 17.81
CA GLU I 178 -34.34 -69.96 18.92
C GLU I 178 -32.82 -69.93 19.04
N ALA I 179 -32.31 -69.75 20.28
CA ALA I 179 -30.88 -69.64 20.56
C ALA I 179 -30.18 -68.53 19.74
N ILE I 180 -30.88 -67.40 19.55
CA ILE I 180 -30.42 -66.24 18.78
C ILE I 180 -28.99 -65.81 19.15
N GLY I 181 -28.59 -65.93 20.42
CA GLY I 181 -27.23 -65.60 20.87
C GLY I 181 -26.14 -66.39 20.15
N PHE I 182 -26.37 -67.68 19.86
CA PHE I 182 -25.48 -68.47 19.02
C PHE I 182 -25.66 -68.16 17.54
N HIS I 183 -26.91 -68.05 17.06
CA HIS I 183 -27.18 -67.83 15.63
C HIS I 183 -26.54 -66.55 15.11
N LEU I 184 -26.53 -65.48 15.92
CA LEU I 184 -25.88 -64.22 15.59
C LEU I 184 -24.40 -64.35 15.27
N ILE I 185 -23.71 -65.30 15.89
CA ILE I 185 -22.27 -65.51 15.72
C ILE I 185 -22.05 -66.54 14.61
N LYS I 186 -22.18 -66.12 13.34
CA LYS I 186 -21.92 -67.05 12.22
C LYS I 186 -20.52 -67.64 12.29
N ARG I 187 -19.54 -66.80 12.66
CA ARG I 187 -18.16 -67.20 12.87
C ARG I 187 -17.49 -66.21 13.82
N ALA I 188 -16.67 -66.71 14.75
CA ALA I 188 -15.77 -65.88 15.52
C ALA I 188 -14.33 -66.42 15.43
N GLU I 189 -13.36 -65.53 15.33
CA GLU I 189 -11.94 -65.85 15.22
C GLU I 189 -11.18 -65.19 16.37
N PHE I 190 -10.43 -65.98 17.13
CA PHE I 190 -9.49 -65.49 18.12
C PHE I 190 -8.12 -65.33 17.46
N LYS I 191 -7.64 -64.09 17.34
CA LYS I 191 -6.37 -63.76 16.67
C LYS I 191 -5.34 -63.20 17.64
N VAL I 192 -4.10 -63.59 17.44
CA VAL I 192 -2.95 -63.09 18.21
C VAL I 192 -1.84 -62.73 17.22
N GLY I 193 -1.40 -61.47 17.24
CA GLY I 193 -0.34 -61.00 16.33
C GLY I 193 -0.71 -61.09 14.84
N GLY I 194 -2.01 -61.04 14.53
CA GLY I 194 -2.53 -61.19 13.17
C GLY I 194 -2.77 -62.64 12.72
N ALA I 195 -2.26 -63.63 13.44
CA ALA I 195 -2.53 -65.04 13.16
C ALA I 195 -3.82 -65.50 13.84
N THR I 196 -4.67 -66.25 13.14
CA THR I 196 -5.84 -66.91 13.72
C THR I 196 -5.39 -68.11 14.54
N ILE I 197 -5.64 -68.06 15.86
CA ILE I 197 -5.32 -69.13 16.79
C ILE I 197 -6.43 -70.16 16.82
N ASP I 198 -7.69 -69.73 16.78
CA ASP I 198 -8.83 -70.64 16.74
C ASP I 198 -10.04 -69.95 16.08
N THR I 199 -10.96 -70.76 15.55
CA THR I 199 -12.20 -70.32 14.92
C THR I 199 -13.37 -71.12 15.46
N ILE I 200 -14.47 -70.46 15.81
CA ILE I 200 -15.71 -71.11 16.23
C ILE I 200 -16.85 -70.66 15.33
N TRP I 201 -17.85 -71.53 15.16
CA TRP I 201 -19.03 -71.31 14.32
C TRP I 201 -20.30 -71.42 15.16
N SER I 202 -21.37 -70.75 14.75
CA SER I 202 -22.71 -70.82 15.38
C SER I 202 -23.14 -72.27 15.62
N GLU I 203 -23.07 -73.08 14.56
CA GLU I 203 -23.46 -74.48 14.58
C GLU I 203 -22.61 -75.31 15.55
N LEU I 204 -21.30 -75.03 15.64
CA LEU I 204 -20.40 -75.67 16.60
C LEU I 204 -20.73 -75.26 18.03
N LEU I 205 -20.97 -73.97 18.30
CA LEU I 205 -21.35 -73.49 19.64
C LEU I 205 -22.59 -74.21 20.17
N PHE I 206 -23.60 -74.36 19.31
CA PHE I 206 -24.81 -75.09 19.67
C PHE I 206 -24.52 -76.57 19.94
N ALA I 207 -23.73 -77.23 19.09
CA ALA I 207 -23.38 -78.63 19.28
C ALA I 207 -22.59 -78.89 20.57
N MET I 208 -21.64 -78.00 20.86
CA MET I 208 -20.85 -78.02 22.10
C MET I 208 -21.73 -77.85 23.33
N GLU I 209 -22.71 -76.94 23.32
CA GLU I 209 -23.66 -76.78 24.43
C GLU I 209 -24.57 -78.00 24.58
N GLU I 210 -24.99 -78.65 23.49
CA GLU I 210 -25.80 -79.86 23.54
C GLU I 210 -25.07 -81.03 24.20
N LEU I 211 -23.80 -81.24 23.86
CA LEU I 211 -23.00 -82.37 24.35
C LEU I 211 -22.32 -82.07 25.70
N MET I 212 -21.75 -80.89 25.87
CA MET I 212 -20.92 -80.54 27.04
C MET I 212 -21.66 -79.67 28.07
N GLY I 213 -22.86 -79.18 27.73
CA GLY I 213 -23.68 -78.37 28.63
C GLY I 213 -24.14 -79.19 29.83
N ARG I 214 -23.68 -78.81 31.03
CA ARG I 214 -23.97 -79.54 32.27
C ARG I 214 -25.40 -79.28 32.74
N ALA I 215 -26.03 -80.31 33.32
CA ALA I 215 -27.34 -80.18 33.95
C ALA I 215 -27.33 -79.06 35.02
N GLY I 216 -28.34 -78.20 35.00
CA GLY I 216 -28.45 -77.03 35.89
C GLY I 216 -27.54 -75.84 35.50
N ARG I 217 -26.72 -75.95 34.46
CA ARG I 217 -25.87 -74.87 33.92
C ARG I 217 -26.00 -74.72 32.41
N ARG I 218 -27.15 -75.11 31.85
CA ARG I 218 -27.45 -74.93 30.43
C ARG I 218 -27.57 -73.44 30.13
N LEU I 219 -27.15 -73.04 28.94
CA LEU I 219 -27.03 -71.64 28.55
C LEU I 219 -28.36 -70.95 28.19
N THR I 220 -29.51 -71.59 28.47
CA THR I 220 -30.84 -71.22 27.97
C THR I 220 -31.10 -69.72 27.89
N GLU I 221 -31.22 -69.04 29.03
CA GLU I 221 -31.48 -67.60 29.09
C GLU I 221 -30.32 -66.78 28.51
N THR I 222 -29.08 -67.20 28.76
CA THR I 222 -27.86 -66.47 28.33
C THR I 222 -27.69 -66.38 26.81
N ILE I 223 -28.35 -67.26 26.04
CA ILE I 223 -28.29 -67.28 24.57
C ILE I 223 -29.67 -67.12 23.90
N GLY I 224 -30.74 -66.88 24.67
CA GLY I 224 -32.10 -66.78 24.14
C GLY I 224 -32.66 -68.11 23.62
N ARG I 225 -32.42 -69.22 24.33
CA ARG I 225 -32.89 -70.57 23.99
C ARG I 225 -34.04 -71.00 24.91
N THR I 226 -35.15 -71.44 24.32
CA THR I 226 -36.41 -71.82 25.02
C THR I 226 -36.75 -73.31 24.93
N LEU I 227 -35.89 -74.10 24.27
CA LEU I 227 -36.13 -75.49 23.91
C LEU I 227 -37.35 -75.64 23.00
N ARG I 228 -37.41 -74.80 21.95
CA ARG I 228 -38.47 -74.80 20.93
C ARG I 228 -39.88 -74.57 21.50
N ARG I 229 -40.03 -73.57 22.38
CA ARG I 229 -41.33 -73.10 22.86
C ARG I 229 -41.60 -71.71 22.28
N PRO I 230 -42.29 -71.61 21.12
CA PRO I 230 -42.43 -70.35 20.41
C PRO I 230 -43.05 -69.23 21.26
N THR I 231 -43.99 -69.56 22.14
CA THR I 231 -44.65 -68.60 23.03
C THR I 231 -43.68 -67.92 24.00
N GLU I 232 -42.62 -68.61 24.44
CA GLU I 232 -41.58 -68.02 25.29
C GLU I 232 -40.64 -67.11 24.49
N LEU I 233 -40.30 -67.49 23.25
CA LEU I 233 -39.54 -66.60 22.34
C LEU I 233 -40.30 -65.31 22.04
N MET I 234 -41.62 -65.41 21.81
CA MET I 234 -42.49 -64.24 21.62
C MET I 234 -42.48 -63.33 22.85
N LYS I 235 -42.66 -63.88 24.06
CA LYS I 235 -42.65 -63.09 25.30
C LYS I 235 -41.31 -62.37 25.48
N ALA I 236 -40.20 -63.09 25.32
CA ALA I 236 -38.87 -62.52 25.45
C ALA I 236 -38.61 -61.43 24.41
N SER I 237 -39.11 -61.60 23.18
CA SER I 237 -38.84 -60.68 22.06
C SER I 237 -39.64 -59.39 22.10
N ARG I 238 -40.59 -59.21 23.02
CA ARG I 238 -41.38 -57.96 23.15
C ARG I 238 -40.62 -56.81 23.82
N GLN I 239 -39.48 -57.10 24.45
CA GLN I 239 -38.66 -56.14 25.18
C GLN I 239 -37.18 -56.33 24.81
N GLU I 240 -36.34 -55.38 25.22
CA GLU I 240 -34.90 -55.48 25.03
C GLU I 240 -34.36 -56.74 25.73
N GLN I 241 -33.50 -57.48 25.03
CA GLN I 241 -32.82 -58.65 25.55
C GLN I 241 -31.33 -58.40 25.65
N ILE I 242 -30.75 -58.76 26.79
CA ILE I 242 -29.30 -58.74 27.01
C ILE I 242 -28.84 -60.20 27.14
N LEU I 243 -28.00 -60.64 26.21
CA LEU I 243 -27.49 -62.00 26.12
C LEU I 243 -25.99 -61.99 26.43
N TYR I 244 -25.52 -63.03 27.15
CA TYR I 244 -24.11 -63.22 27.48
C TYR I 244 -23.66 -64.55 26.91
N VAL I 245 -23.15 -64.51 25.68
CA VAL I 245 -22.78 -65.73 24.94
C VAL I 245 -21.34 -66.11 25.30
N PRO I 246 -21.09 -67.23 25.99
CA PRO I 246 -19.73 -67.66 26.30
C PRO I 246 -18.98 -68.04 25.02
N LEU I 247 -17.74 -67.58 24.88
CA LEU I 247 -16.86 -67.99 23.79
C LEU I 247 -15.90 -69.06 24.31
N PRO I 248 -16.07 -70.34 23.94
CA PRO I 248 -15.42 -71.48 24.60
C PRO I 248 -13.98 -71.73 24.12
N TRP I 249 -13.16 -70.68 24.07
CA TRP I 249 -11.74 -70.79 23.71
C TRP I 249 -10.98 -71.70 24.68
N TYR I 250 -9.83 -72.23 24.26
CA TYR I 250 -9.02 -73.13 25.10
C TYR I 250 -8.72 -72.53 26.50
N PHE I 251 -8.43 -71.22 26.56
CA PHE I 251 -8.07 -70.52 27.78
C PHE I 251 -9.24 -70.26 28.74
N THR I 252 -10.49 -70.42 28.29
CA THR I 252 -11.67 -70.28 29.14
C THR I 252 -12.05 -71.58 29.86
N LYS I 253 -11.38 -72.70 29.55
CA LYS I 253 -11.75 -74.04 30.01
C LYS I 253 -11.15 -74.43 31.35
N HIS I 254 -9.99 -73.89 31.69
CA HIS I 254 -9.30 -74.19 32.95
C HIS I 254 -8.39 -73.02 33.36
N PRO I 255 -8.31 -72.66 34.66
CA PRO I 255 -7.48 -71.53 35.11
C PRO I 255 -6.00 -71.62 34.70
N SER I 256 -5.43 -72.82 34.64
CA SER I 256 -4.03 -73.02 34.21
C SER I 256 -3.79 -72.77 32.71
N LEU I 257 -4.86 -72.63 31.92
CA LEU I 257 -4.79 -72.32 30.50
C LEU I 257 -5.12 -70.86 30.20
N ALA I 258 -5.41 -70.04 31.21
CA ALA I 258 -5.68 -68.62 31.03
C ALA I 258 -4.58 -67.99 30.16
N PHE I 259 -4.99 -67.15 29.22
CA PHE I 259 -4.10 -66.64 28.19
C PHE I 259 -3.15 -65.61 28.83
N PRO I 260 -1.82 -65.81 28.79
CA PRO I 260 -0.87 -64.96 29.49
C PRO I 260 -0.60 -63.67 28.71
N LEU I 261 -1.38 -62.62 29.02
CA LEU I 261 -1.26 -61.32 28.37
C LEU I 261 0.16 -60.76 28.51
N VAL I 262 0.75 -60.85 29.71
CA VAL I 262 2.12 -60.37 29.99
C VAL I 262 3.19 -61.08 29.15
N ALA I 263 2.97 -62.35 28.81
CA ALA I 263 3.92 -63.12 28.00
C ALA I 263 3.81 -62.85 26.50
N ALA I 264 2.70 -62.23 26.06
CA ALA I 264 2.41 -61.89 24.66
C ALA I 264 2.44 -60.38 24.41
N THR I 265 3.22 -59.61 25.17
CA THR I 265 3.21 -58.12 25.19
C THR I 265 3.30 -57.43 23.82
N TYR I 266 4.01 -58.02 22.85
CA TYR I 266 4.21 -57.43 21.52
C TYR I 266 3.18 -57.86 20.47
N HIS I 267 2.18 -58.66 20.83
CA HIS I 267 1.10 -59.06 19.94
C HIS I 267 -0.25 -58.45 20.35
N ASN I 268 -0.96 -57.87 19.39
CA ASN I 268 -2.36 -57.51 19.60
C ASN I 268 -3.20 -58.78 19.66
N ILE I 269 -4.15 -58.78 20.61
CA ILE I 269 -5.13 -59.86 20.77
C ILE I 269 -6.44 -59.31 20.23
N GLN I 270 -7.04 -60.01 19.29
CA GLN I 270 -8.25 -59.56 18.63
C GLN I 270 -9.29 -60.66 18.60
N LEU I 271 -10.55 -60.26 18.78
CA LEU I 271 -11.70 -61.08 18.47
C LEU I 271 -12.36 -60.49 17.22
N TRP I 272 -12.51 -61.31 16.19
CA TRP I 272 -13.25 -60.99 14.99
C TRP I 272 -14.57 -61.77 15.00
N VAL I 273 -15.68 -61.14 14.66
CA VAL I 273 -17.01 -61.75 14.65
C VAL I 273 -17.71 -61.41 13.33
N GLN I 274 -18.10 -62.44 12.60
CA GLN I 274 -19.00 -62.34 11.46
C GLN I 274 -20.43 -62.54 11.94
N TRP I 275 -21.25 -61.51 11.76
CA TRP I 275 -22.63 -61.48 12.25
C TRP I 275 -23.62 -62.08 11.26
N ALA I 276 -24.67 -62.72 11.77
CA ALA I 276 -25.79 -63.20 10.96
C ALA I 276 -26.54 -62.04 10.30
N GLN I 277 -27.11 -62.30 9.12
CA GLN I 277 -28.01 -61.35 8.44
C GLN I 277 -29.33 -61.22 9.21
N LEU I 278 -29.85 -60.00 9.28
CA LEU I 278 -31.07 -59.68 10.03
C LEU I 278 -32.28 -60.50 9.59
N ASN I 279 -32.46 -60.69 8.28
CA ASN I 279 -33.51 -61.52 7.68
C ASN I 279 -33.57 -62.96 8.25
N SER I 280 -32.44 -63.51 8.70
CA SER I 280 -32.36 -64.85 9.26
C SER I 280 -32.64 -64.89 10.76
N CYS I 281 -32.67 -63.75 11.44
CA CYS I 281 -32.76 -63.67 12.89
C CYS I 281 -34.19 -63.58 13.42
N ILE I 282 -35.17 -63.28 12.57
CA ILE I 282 -36.54 -62.96 12.97
C ILE I 282 -37.54 -63.87 12.26
N ILE I 283 -38.55 -64.32 13.01
CA ILE I 283 -39.73 -65.02 12.51
C ILE I 283 -40.97 -64.20 12.88
N LYS I 284 -41.95 -64.08 11.98
CA LYS I 284 -43.20 -63.33 12.19
C LYS I 284 -44.44 -64.20 12.01
N SER I 285 -45.55 -63.81 12.64
CA SER I 285 -46.81 -64.56 12.53
C SER I 285 -47.34 -64.58 11.09
N ARG I 286 -47.23 -63.46 10.36
CA ARG I 286 -47.77 -63.29 9.00
C ARG I 286 -46.82 -62.57 8.05
N SER I 287 -46.85 -62.96 6.78
CA SER I 287 -45.99 -62.49 5.68
C SER I 287 -46.12 -60.99 5.39
N ASN I 288 -47.30 -60.41 5.62
CA ASN I 288 -47.63 -59.00 5.35
C ASN I 288 -47.34 -58.03 6.52
N LEU I 289 -46.64 -58.47 7.56
CA LEU I 289 -46.25 -57.62 8.69
C LEU I 289 -44.88 -56.98 8.47
N VAL I 290 -44.75 -55.72 8.90
CA VAL I 290 -43.49 -55.00 9.05
C VAL I 290 -43.02 -55.15 10.49
N VAL I 291 -41.73 -55.45 10.68
CA VAL I 291 -41.15 -55.62 12.02
C VAL I 291 -40.49 -54.31 12.45
N LEU I 292 -40.89 -53.79 13.61
CA LEU I 292 -40.45 -52.52 14.16
C LEU I 292 -39.59 -52.73 15.40
N HIS I 293 -38.63 -51.82 15.62
CA HIS I 293 -37.97 -51.64 16.91
C HIS I 293 -38.99 -51.13 17.94
N ALA I 294 -39.22 -51.89 19.01
CA ALA I 294 -40.32 -51.66 19.95
C ALA I 294 -40.30 -50.29 20.65
N GLU I 295 -39.09 -49.82 21.00
CA GLU I 295 -38.90 -48.51 21.65
C GLU I 295 -38.89 -47.34 20.66
N ARG I 296 -38.14 -47.46 19.55
CA ARG I 296 -37.95 -46.38 18.58
C ARG I 296 -39.09 -46.22 17.59
N ASN I 297 -39.98 -47.21 17.46
CA ASN I 297 -41.10 -47.26 16.49
C ASN I 297 -40.67 -46.98 15.04
N VAL I 298 -39.51 -47.52 14.66
CA VAL I 298 -39.00 -47.50 13.27
C VAL I 298 -38.81 -48.94 12.78
N PRO I 299 -38.88 -49.20 11.46
CA PRO I 299 -38.56 -50.51 10.91
C PRO I 299 -37.20 -51.01 11.42
N ILE I 300 -37.13 -52.29 11.80
CA ILE I 300 -35.86 -52.87 12.25
C ILE I 300 -34.85 -52.95 11.09
N SER I 301 -33.62 -52.54 11.36
CA SER I 301 -32.54 -52.38 10.39
C SER I 301 -31.23 -52.97 10.93
N ASP I 302 -30.25 -53.13 10.05
CA ASP I 302 -28.99 -53.83 10.34
C ASP I 302 -28.14 -53.14 11.43
N ASP I 303 -28.32 -51.84 11.64
CA ASP I 303 -27.61 -51.02 12.65
C ASP I 303 -28.21 -51.11 14.06
N HIS I 304 -29.30 -51.87 14.24
CA HIS I 304 -29.91 -52.09 15.55
C HIS I 304 -29.24 -53.20 16.37
N LEU I 305 -28.31 -53.97 15.79
CA LEU I 305 -27.48 -54.91 16.57
C LEU I 305 -26.47 -54.13 17.42
N ARG I 306 -26.45 -54.40 18.72
CA ARG I 306 -25.41 -53.89 19.61
C ARG I 306 -24.70 -55.05 20.27
N ALA I 307 -23.37 -54.97 20.32
CA ALA I 307 -22.57 -55.95 21.04
C ALA I 307 -21.33 -55.31 21.67
N SER I 308 -20.87 -55.91 22.75
CA SER I 308 -19.61 -55.61 23.43
C SER I 308 -18.98 -56.90 23.94
N LEU I 309 -17.70 -56.86 24.30
CA LEU I 309 -16.96 -58.01 24.79
C LEU I 309 -16.73 -57.86 26.30
N GLU I 310 -17.22 -58.82 27.08
CA GLU I 310 -16.95 -58.89 28.51
C GLU I 310 -15.85 -59.90 28.78
N CYS I 311 -14.71 -59.42 29.27
CA CYS I 311 -13.52 -60.21 29.54
C CYS I 311 -13.25 -60.25 31.04
N THR I 312 -12.92 -61.43 31.57
CA THR I 312 -12.40 -61.57 32.93
C THR I 312 -10.88 -61.58 32.90
N TYR I 313 -10.28 -60.56 33.50
CA TYR I 313 -8.85 -60.43 33.70
C TYR I 313 -8.43 -61.04 35.05
N VAL I 314 -7.22 -61.58 35.09
CA VAL I 314 -6.57 -62.03 36.32
C VAL I 314 -5.41 -61.10 36.62
N HIS I 315 -5.38 -60.55 37.83
CA HIS I 315 -4.28 -59.78 38.38
C HIS I 315 -3.45 -60.70 39.28
N LEU I 316 -2.15 -60.78 39.00
CA LEU I 316 -1.22 -61.65 39.72
C LEU I 316 -0.37 -60.84 40.70
N GLU I 317 0.09 -61.50 41.76
CA GLU I 317 1.18 -60.94 42.57
C GLU I 317 2.44 -60.75 41.72
N ALA I 318 3.23 -59.71 42.02
CA ALA I 318 4.43 -59.33 41.25
C ALA I 318 5.38 -60.51 41.00
N ALA I 319 5.63 -61.35 42.01
CA ALA I 319 6.53 -62.49 41.88
C ALA I 319 6.03 -63.52 40.83
N GLU I 320 4.72 -63.80 40.80
CA GLU I 320 4.14 -64.74 39.82
C GLU I 320 4.08 -64.11 38.42
N ARG I 321 3.72 -62.83 38.35
CA ARG I 321 3.74 -62.04 37.10
C ARG I 321 5.13 -62.02 36.47
N ASP I 322 6.17 -61.77 37.25
CA ASP I 322 7.56 -61.73 36.79
C ASP I 322 8.02 -63.12 36.33
N ALA I 323 7.67 -64.17 37.08
CA ALA I 323 7.96 -65.55 36.70
C ALA I 323 7.30 -65.94 35.37
N LEU I 324 6.03 -65.56 35.19
CA LEU I 324 5.27 -65.83 33.97
C LEU I 324 5.82 -65.05 32.77
N THR I 325 6.25 -63.80 32.99
CA THR I 325 6.88 -62.97 31.94
C THR I 325 8.22 -63.55 31.50
N ALA I 326 9.02 -64.05 32.46
CA ALA I 326 10.31 -64.66 32.17
C ALA I 326 10.17 -66.03 31.48
N ASN I 327 9.16 -66.83 31.83
CA ASN I 327 8.98 -68.18 31.31
C ASN I 327 7.52 -68.65 31.27
N ALA I 328 6.74 -68.13 30.33
CA ALA I 328 5.39 -68.65 30.06
C ALA I 328 5.39 -70.01 29.34
N GLY I 329 6.49 -70.36 28.65
CA GLY I 329 6.65 -71.65 27.99
C GLY I 329 5.60 -71.93 26.92
N THR I 330 4.95 -73.08 27.03
CA THR I 330 3.97 -73.59 26.06
C THR I 330 2.68 -74.00 26.74
N GLN I 331 1.56 -73.73 26.09
CA GLN I 331 0.24 -74.24 26.48
C GLN I 331 -0.25 -75.26 25.45
N LEU I 332 -0.76 -76.40 25.93
CA LEU I 332 -1.57 -77.28 25.10
C LEU I 332 -2.89 -76.57 24.79
N ILE I 333 -3.24 -76.50 23.52
CA ILE I 333 -4.49 -75.87 23.08
C ILE I 333 -5.33 -76.86 22.28
N VAL I 334 -6.63 -76.65 22.29
CA VAL I 334 -7.57 -77.30 21.39
C VAL I 334 -8.01 -76.27 20.36
N GLN I 335 -7.86 -76.61 19.08
CA GLN I 335 -8.34 -75.83 17.95
C GLN I 335 -9.52 -76.55 17.29
N HIS I 336 -10.38 -75.79 16.64
CA HIS I 336 -11.53 -76.32 15.91
C HIS I 336 -11.31 -76.23 14.39
N GLN I 337 -11.73 -77.28 13.69
CA GLN I 337 -11.70 -77.37 12.24
C GLN I 337 -13.11 -77.72 11.73
N ALA I 338 -13.44 -77.29 10.51
CA ALA I 338 -14.77 -77.46 9.95
C ALA I 338 -14.71 -78.00 8.52
N HIS I 339 -15.59 -78.96 8.21
CA HIS I 339 -15.91 -79.42 6.86
C HIS I 339 -17.41 -79.18 6.66
N LEU I 340 -17.73 -78.29 5.73
CA LEU I 340 -19.10 -77.88 5.43
C LEU I 340 -19.43 -78.32 4.01
N GLN I 341 -20.52 -79.06 3.84
CA GLN I 341 -20.86 -79.69 2.57
C GLN I 341 -22.36 -79.57 2.29
N GLN I 342 -22.73 -79.35 1.02
CA GLN I 342 -24.11 -79.46 0.57
C GLN I 342 -24.48 -80.92 0.29
N VAL I 343 -25.73 -81.28 0.58
CA VAL I 343 -26.29 -82.61 0.49
C VAL I 343 -27.46 -82.59 -0.48
N SER I 344 -27.37 -83.44 -1.49
CA SER I 344 -28.35 -83.59 -2.57
C SER I 344 -28.70 -85.05 -2.86
N SER I 345 -28.30 -85.98 -1.99
CA SER I 345 -28.52 -87.42 -2.13
C SER I 345 -28.54 -88.11 -0.77
N ASN I 346 -29.21 -89.26 -0.70
CA ASN I 346 -29.31 -90.03 0.55
C ASN I 346 -27.98 -90.69 0.95
N ASN I 347 -27.08 -90.92 -0.01
CA ASN I 347 -25.72 -91.38 0.29
C ASN I 347 -24.77 -90.20 0.16
N VAL I 348 -24.03 -89.92 1.23
CA VAL I 348 -23.10 -88.80 1.32
C VAL I 348 -21.77 -89.29 1.85
N THR I 349 -20.68 -88.96 1.15
CA THR I 349 -19.34 -89.17 1.67
C THR I 349 -18.69 -87.82 1.91
N ALA I 350 -18.31 -87.56 3.16
CA ALA I 350 -17.55 -86.39 3.56
C ALA I 350 -16.06 -86.75 3.67
N ARG I 351 -15.21 -86.09 2.88
CA ARG I 351 -13.75 -86.21 2.95
C ARG I 351 -13.20 -85.21 3.95
N LEU I 352 -12.82 -85.69 5.13
CA LEU I 352 -12.41 -84.87 6.26
C LEU I 352 -10.92 -84.52 6.15
N ASN I 353 -10.63 -83.41 5.47
CA ASN I 353 -9.26 -82.89 5.32
C ASN I 353 -8.78 -82.13 6.56
N PHE I 354 -9.06 -82.65 7.75
CA PHE I 354 -8.58 -82.07 9.00
C PHE I 354 -7.12 -82.44 9.24
N ASN I 355 -6.45 -81.62 10.04
CA ASN I 355 -5.05 -81.81 10.42
C ASN I 355 -4.89 -82.00 11.93
N PHE I 356 -3.67 -82.32 12.33
CA PHE I 356 -3.21 -82.49 13.70
C PHE I 356 -3.84 -83.71 14.43
N PRO I 357 -3.43 -83.99 15.68
CA PRO I 357 -4.08 -84.98 16.53
C PRO I 357 -5.52 -84.57 16.87
N VAL I 358 -6.49 -85.14 16.15
CA VAL I 358 -7.94 -84.97 16.38
C VAL I 358 -8.35 -85.77 17.61
N LEU I 359 -8.97 -85.10 18.58
CA LEU I 359 -9.55 -85.69 19.79
C LEU I 359 -10.86 -86.39 19.48
N GLU I 360 -11.71 -85.69 18.74
CA GLU I 360 -13.08 -86.07 18.43
C GLU I 360 -13.62 -85.23 17.27
N PHE I 361 -14.72 -85.69 16.69
CA PHE I 361 -15.51 -84.89 15.78
C PHE I 361 -17.00 -84.98 16.08
N TYR I 362 -17.72 -83.95 15.67
CA TYR I 362 -19.17 -83.84 15.68
C TYR I 362 -19.65 -83.73 14.25
N TYR I 363 -20.81 -84.30 13.96
CA TYR I 363 -21.49 -84.03 12.71
C TYR I 363 -22.99 -83.98 12.91
N PHE I 364 -23.67 -83.28 12.00
CA PHE I 364 -25.13 -83.16 11.98
C PHE I 364 -25.55 -82.57 10.64
N LEU I 365 -26.83 -82.75 10.31
CA LEU I 365 -27.41 -82.27 9.07
C LEU I 365 -28.48 -81.23 9.35
N ARG I 366 -28.63 -80.26 8.45
CA ARG I 366 -29.74 -79.31 8.47
C ARG I 366 -30.45 -79.35 7.13
N ARG I 367 -31.75 -79.63 7.16
CA ARG I 367 -32.60 -79.51 5.97
C ARG I 367 -32.63 -78.07 5.49
N LYS I 368 -32.67 -77.88 4.17
CA LYS I 368 -32.87 -76.56 3.58
C LYS I 368 -34.17 -75.94 4.09
N ALA I 369 -35.25 -76.72 4.17
CA ALA I 369 -36.54 -76.22 4.61
C ALA I 369 -36.51 -75.71 6.06
N ASN I 370 -35.81 -76.39 6.97
CA ASN I 370 -35.65 -75.93 8.36
C ASN I 370 -34.89 -74.60 8.44
N LYS I 371 -33.81 -74.46 7.64
CA LYS I 371 -33.03 -73.23 7.55
C LYS I 371 -33.88 -72.08 7.00
N ASP I 372 -34.64 -72.32 5.93
CA ASP I 372 -35.49 -71.33 5.29
C ASP I 372 -36.67 -70.90 6.19
N ALA I 373 -37.17 -71.82 7.02
CA ALA I 373 -38.18 -71.53 8.05
C ALA I 373 -37.63 -70.74 9.26
N GLY I 374 -36.32 -70.49 9.30
CA GLY I 374 -35.65 -69.79 10.40
C GLY I 374 -35.38 -70.65 11.63
N ASP I 375 -35.55 -71.98 11.53
CA ASP I 375 -35.31 -72.94 12.62
C ASP I 375 -33.87 -73.50 12.52
N HIS I 376 -32.89 -72.62 12.72
CA HIS I 376 -31.48 -72.84 12.37
C HIS I 376 -30.79 -73.99 13.10
N PHE I 377 -31.29 -74.38 14.27
CA PHE I 377 -30.73 -75.45 15.09
C PHE I 377 -31.62 -76.71 15.10
N ASN I 378 -32.58 -76.77 14.18
CA ASN I 378 -33.34 -77.98 13.94
C ASN I 378 -32.62 -78.89 12.94
N PHE I 379 -31.90 -79.83 13.52
CA PHE I 379 -31.14 -80.85 12.79
C PHE I 379 -31.94 -82.13 12.52
N SER I 380 -33.27 -82.08 12.65
CA SER I 380 -34.12 -83.24 12.33
C SER I 380 -34.31 -83.40 10.82
N GLY I 381 -34.62 -84.63 10.43
CA GLY I 381 -35.00 -85.05 9.09
C GLY I 381 -36.44 -84.70 8.73
N ILE I 382 -36.99 -85.47 7.80
CA ILE I 382 -38.35 -85.26 7.25
C ILE I 382 -39.35 -85.72 8.31
N GLY I 383 -40.37 -84.91 8.61
CA GLY I 383 -41.34 -85.22 9.66
C GLY I 383 -40.74 -85.30 11.06
N GLY I 384 -39.60 -84.63 11.31
CA GLY I 384 -38.93 -84.65 12.61
C GLY I 384 -38.16 -85.94 12.94
N ARG I 385 -37.99 -86.85 11.97
CA ARG I 385 -37.25 -88.11 12.13
C ARG I 385 -35.74 -87.89 12.21
N ASP I 386 -34.99 -88.94 12.55
CA ASP I 386 -33.53 -88.89 12.55
C ASP I 386 -33.02 -88.86 11.08
N PRO I 387 -32.27 -87.83 10.64
CA PRO I 387 -31.85 -87.72 9.25
C PRO I 387 -30.81 -88.77 8.84
N VAL I 388 -30.07 -89.33 9.80
CA VAL I 388 -29.06 -90.35 9.55
C VAL I 388 -29.66 -91.72 9.85
N VAL I 389 -29.53 -92.65 8.92
CA VAL I 389 -29.85 -94.06 9.15
C VAL I 389 -28.63 -94.77 9.73
N SER I 390 -27.48 -94.60 9.07
CA SER I 390 -26.21 -95.18 9.50
C SER I 390 -25.02 -94.36 9.04
N ALA I 391 -23.90 -94.55 9.71
CA ALA I 391 -22.62 -93.96 9.30
C ALA I 391 -21.46 -94.94 9.50
N GLU I 392 -20.41 -94.77 8.71
CA GLU I 392 -19.15 -95.50 8.73
C GLU I 392 -17.98 -94.50 8.66
N LEU I 393 -16.91 -94.78 9.41
CA LEU I 393 -15.67 -93.99 9.38
C LEU I 393 -14.54 -94.82 8.79
N LEU I 394 -13.92 -94.31 7.72
CA LEU I 394 -12.84 -94.97 7.01
C LEU I 394 -11.54 -94.17 7.11
N PHE I 395 -10.45 -94.88 7.39
CA PHE I 395 -9.07 -94.36 7.28
C PHE I 395 -8.38 -95.11 6.14
N ASN I 396 -7.88 -94.39 5.13
CA ASN I 396 -7.21 -94.97 3.97
C ASN I 396 -8.02 -96.16 3.38
N ASN I 397 -9.33 -95.96 3.19
CA ASN I 397 -10.31 -96.96 2.72
C ASN I 397 -10.49 -98.21 3.61
N THR I 398 -9.97 -98.20 4.83
CA THR I 398 -10.17 -99.27 5.82
C THR I 398 -11.11 -98.79 6.91
N ALA I 399 -12.14 -99.59 7.23
CA ALA I 399 -13.11 -99.24 8.26
C ALA I 399 -12.44 -99.10 9.63
N ARG I 400 -12.37 -97.87 10.13
CA ARG I 400 -11.97 -97.57 11.51
C ARG I 400 -13.14 -97.78 12.46
N VAL I 401 -14.34 -97.39 12.02
CA VAL I 401 -15.61 -97.75 12.65
C VAL I 401 -16.49 -98.28 11.54
N THR I 402 -16.84 -99.57 11.61
CA THR I 402 -17.77 -100.19 10.66
C THR I 402 -19.14 -99.52 10.75
N GLN I 403 -20.00 -99.75 9.75
CA GLN I 403 -21.34 -99.18 9.73
C GLN I 403 -22.09 -99.38 11.07
N LYS I 404 -22.51 -98.26 11.67
CA LYS I 404 -23.31 -98.21 12.90
C LYS I 404 -24.56 -97.35 12.70
N PRO I 405 -25.68 -97.70 13.35
CA PRO I 405 -26.91 -96.92 13.26
C PRO I 405 -26.78 -95.56 13.93
N ALA I 406 -27.58 -94.58 13.52
CA ALA I 406 -27.58 -93.22 14.07
C ALA I 406 -27.57 -93.14 15.61
N VAL I 407 -28.38 -93.97 16.27
CA VAL I 407 -28.47 -93.99 17.74
C VAL I 407 -27.14 -94.30 18.42
N TRP I 408 -26.25 -95.07 17.78
CA TRP I 408 -24.93 -95.36 18.33
C TRP I 408 -24.04 -94.11 18.31
N TRP I 409 -24.00 -93.40 17.18
CA TRP I 409 -23.24 -92.16 17.04
C TRP I 409 -23.80 -91.00 17.90
N ARG I 410 -25.12 -90.97 18.12
CA ARG I 410 -25.77 -89.91 18.89
C ARG I 410 -25.82 -90.17 20.38
N ALA I 411 -26.26 -91.35 20.80
CA ALA I 411 -26.54 -91.64 22.20
C ALA I 411 -25.40 -92.41 22.89
N VAL I 412 -24.82 -93.41 22.22
CA VAL I 412 -23.75 -94.22 22.84
C VAL I 412 -22.47 -93.43 22.98
N GLN I 413 -22.06 -92.70 21.93
CA GLN I 413 -20.86 -91.85 21.99
C GLN I 413 -21.03 -90.72 23.03
N ALA I 414 -22.18 -90.06 23.07
CA ALA I 414 -22.46 -89.06 24.10
C ALA I 414 -22.44 -89.65 25.52
N LEU I 415 -23.04 -90.83 25.73
CA LEU I 415 -23.03 -91.51 27.02
C LEU I 415 -21.60 -91.86 27.50
N GLN I 416 -20.70 -92.21 26.57
CA GLN I 416 -19.35 -92.65 26.90
C GLN I 416 -18.40 -91.50 27.19
N PHE I 417 -18.54 -90.37 26.50
CA PHE I 417 -17.50 -89.34 26.44
C PHE I 417 -17.95 -87.93 26.81
N HIS I 418 -19.27 -87.68 26.92
CA HIS I 418 -19.81 -86.34 27.11
C HIS I 418 -20.62 -86.19 28.40
N SER I 419 -20.66 -84.95 28.90
CA SER I 419 -21.43 -84.57 30.09
C SER I 419 -22.95 -84.64 29.88
N SER I 420 -23.42 -84.64 28.62
CA SER I 420 -24.83 -84.66 28.28
C SER I 420 -25.11 -85.39 26.96
N ALA I 421 -26.33 -85.89 26.83
CA ALA I 421 -26.84 -86.39 25.57
C ALA I 421 -27.59 -85.28 24.81
N PRO I 422 -27.37 -85.13 23.50
CA PRO I 422 -27.99 -84.06 22.74
C PRO I 422 -29.50 -84.28 22.59
N LEU I 423 -30.29 -83.20 22.71
CA LEU I 423 -31.74 -83.21 22.49
C LEU I 423 -32.09 -83.13 21.00
N THR I 424 -31.14 -82.72 20.18
CA THR I 424 -31.23 -82.64 18.72
C THR I 424 -30.37 -83.75 18.07
N ASN I 425 -30.50 -83.93 16.74
CA ASN I 425 -29.78 -84.96 16.00
C ASN I 425 -28.31 -84.58 15.74
N ILE I 426 -27.55 -84.41 16.82
CA ILE I 426 -26.11 -84.22 16.80
C ILE I 426 -25.44 -85.56 17.08
N TYR I 427 -24.49 -85.92 16.23
CA TYR I 427 -23.72 -87.15 16.34
C TYR I 427 -22.28 -86.80 16.69
N SER I 428 -21.61 -87.66 17.45
CA SER I 428 -20.21 -87.47 17.79
C SER I 428 -19.43 -88.77 17.71
N TYR I 429 -18.11 -88.65 17.66
CA TYR I 429 -17.20 -89.76 17.85
C TYR I 429 -15.90 -89.28 18.49
N SER I 430 -15.50 -89.92 19.58
CA SER I 430 -14.29 -89.58 20.30
C SER I 430 -13.19 -90.62 20.13
N PHE I 431 -11.98 -90.16 19.84
CA PHE I 431 -10.73 -90.92 19.97
C PHE I 431 -10.13 -90.76 21.37
N SER I 432 -10.58 -89.77 22.14
CA SER I 432 -10.12 -89.45 23.49
C SER I 432 -11.03 -90.11 24.53
N LEU I 433 -10.47 -90.61 25.63
CA LEU I 433 -11.25 -91.14 26.76
C LEU I 433 -11.99 -90.03 27.53
N SER I 434 -11.47 -88.82 27.52
CA SER I 434 -12.01 -87.65 28.21
C SER I 434 -11.80 -86.39 27.35
N PRO I 435 -12.54 -86.23 26.24
CA PRO I 435 -12.35 -85.10 25.32
C PRO I 435 -12.74 -83.74 25.92
N GLU I 436 -13.48 -83.73 27.03
CA GLU I 436 -13.85 -82.53 27.78
C GLU I 436 -12.78 -82.09 28.80
N ASP I 437 -11.75 -82.92 29.07
CA ASP I 437 -10.61 -82.53 29.90
C ASP I 437 -9.67 -81.64 29.05
N PRO I 438 -9.50 -80.35 29.40
CA PRO I 438 -8.71 -79.44 28.58
C PRO I 438 -7.20 -79.55 28.82
N ILE I 439 -6.75 -80.21 29.89
CA ILE I 439 -5.34 -80.23 30.31
C ILE I 439 -4.69 -81.62 30.23
N THR I 440 -5.49 -82.68 30.20
CA THR I 440 -4.98 -84.06 30.16
C THR I 440 -5.34 -84.75 28.83
N PRO I 441 -4.39 -84.86 27.89
CA PRO I 441 -4.58 -85.66 26.69
C PRO I 441 -4.92 -87.12 27.05
N SER I 442 -6.00 -87.63 26.46
CA SER I 442 -6.50 -88.99 26.79
C SER I 442 -6.81 -89.82 25.55
N GLY I 443 -6.18 -89.50 24.41
CA GLY I 443 -6.33 -90.18 23.13
C GLY I 443 -6.54 -89.21 21.98
N SER I 444 -6.07 -89.58 20.78
CA SER I 444 -6.28 -88.82 19.55
C SER I 444 -5.94 -89.68 18.33
N ALA I 445 -6.40 -89.26 17.15
CA ALA I 445 -5.96 -89.78 15.87
C ALA I 445 -5.31 -88.64 15.08
N ASN I 446 -4.08 -88.83 14.61
CA ASN I 446 -3.35 -87.78 13.89
C ASN I 446 -3.76 -87.76 12.41
N PHE I 447 -4.66 -86.84 12.06
CA PHE I 447 -5.19 -86.76 10.70
C PHE I 447 -4.16 -86.24 9.70
N SER I 448 -3.14 -85.50 10.13
CA SER I 448 -2.02 -85.09 9.26
C SER I 448 -1.12 -86.26 8.81
N ARG I 449 -1.37 -87.48 9.28
CA ARG I 449 -0.65 -88.70 8.88
C ARG I 449 -1.54 -89.70 8.15
N LEU I 450 -2.80 -89.36 7.90
CA LEU I 450 -3.75 -90.18 7.15
C LEU I 450 -3.90 -89.56 5.77
N ASP I 451 -3.81 -90.39 4.72
CA ASP I 451 -3.96 -89.92 3.34
C ASP I 451 -5.44 -89.61 3.04
N SER I 452 -6.35 -90.42 3.59
CA SER I 452 -7.79 -90.16 3.53
C SER I 452 -8.50 -90.49 4.84
N VAL I 453 -9.38 -89.58 5.23
CA VAL I 453 -10.39 -89.81 6.27
C VAL I 453 -11.76 -89.53 5.66
N GLU I 454 -12.60 -90.55 5.59
CA GLU I 454 -13.93 -90.44 5.00
C GLU I 454 -15.01 -90.81 6.02
N LEU I 455 -16.00 -89.94 6.18
CA LEU I 455 -17.23 -90.23 6.89
C LEU I 455 -18.32 -90.51 5.85
N ALA I 456 -18.70 -91.78 5.72
CA ALA I 456 -19.75 -92.21 4.82
C ALA I 456 -21.08 -92.28 5.58
N LEU I 457 -22.10 -91.61 5.06
CA LEU I 457 -23.42 -91.49 5.65
C LEU I 457 -24.47 -92.10 4.71
N THR I 458 -25.33 -92.93 5.28
CA THR I 458 -26.62 -93.27 4.69
C THR I 458 -27.69 -92.49 5.45
N LEU I 459 -28.37 -91.61 4.73
CA LEU I 459 -29.42 -90.73 5.23
C LEU I 459 -30.79 -91.38 5.00
N GLN I 460 -31.80 -90.82 5.65
CA GLN I 460 -33.20 -91.20 5.42
C GLN I 460 -33.55 -91.08 3.93
N ASP I 461 -34.58 -91.82 3.51
CA ASP I 461 -35.11 -91.71 2.15
C ASP I 461 -35.53 -90.26 1.83
N ASP I 462 -35.31 -89.87 0.58
CA ASP I 462 -35.62 -88.55 0.02
C ASP I 462 -34.90 -87.36 0.70
N PHE I 463 -33.92 -87.61 1.59
CA PHE I 463 -33.08 -86.54 2.14
C PHE I 463 -32.25 -85.87 1.05
N GLY I 464 -32.35 -84.55 0.93
CA GLY I 464 -31.64 -83.79 -0.10
C GLY I 464 -32.31 -83.82 -1.47
N ALA I 465 -33.48 -84.46 -1.61
CA ALA I 465 -34.28 -84.43 -2.83
C ALA I 465 -35.26 -83.24 -2.86
N ALA I 466 -35.70 -82.85 -4.06
CA ALA I 466 -36.76 -81.85 -4.29
C ALA I 466 -36.59 -80.56 -3.46
N HIS I 467 -37.56 -80.25 -2.58
CA HIS I 467 -37.60 -79.03 -1.75
C HIS I 467 -36.45 -78.94 -0.73
N ASP I 468 -35.74 -80.04 -0.48
CA ASP I 468 -34.57 -80.10 0.38
C ASP I 468 -33.24 -80.19 -0.37
N ALA I 469 -33.24 -79.96 -1.69
CA ALA I 469 -32.01 -79.81 -2.46
C ALA I 469 -31.12 -78.71 -1.84
N ASN I 470 -29.85 -79.05 -1.59
CA ASN I 470 -28.90 -78.20 -0.84
C ASN I 470 -29.20 -78.14 0.66
N SER I 471 -29.55 -79.28 1.24
CA SER I 471 -29.42 -79.47 2.69
C SER I 471 -27.94 -79.43 3.07
N GLU I 472 -27.63 -79.16 4.34
CA GLU I 472 -26.26 -78.92 4.79
C GLU I 472 -25.78 -80.06 5.69
N LEU I 473 -24.55 -80.52 5.47
CA LEU I 473 -23.79 -81.36 6.39
C LEU I 473 -22.71 -80.51 7.05
N PHE I 474 -22.70 -80.52 8.38
CA PHE I 474 -21.67 -79.92 9.20
C PHE I 474 -20.84 -81.04 9.81
N VAL I 475 -19.52 -80.95 9.66
CA VAL I 475 -18.58 -81.77 10.44
C VAL I 475 -17.57 -80.84 11.09
N PHE I 476 -17.47 -80.91 12.42
CA PHE I 476 -16.50 -80.14 13.18
C PHE I 476 -15.55 -81.09 13.91
N ALA I 477 -14.25 -80.82 13.90
CA ALA I 477 -13.26 -81.58 14.65
C ALA I 477 -12.57 -80.71 15.69
N ARG I 478 -12.22 -81.32 16.83
CA ARG I 478 -11.37 -80.73 17.85
C ARG I 478 -10.00 -81.37 17.77
N SER I 479 -8.95 -80.56 17.64
CA SER I 479 -7.57 -81.04 17.49
C SER I 479 -6.62 -80.40 18.49
N TYR I 480 -5.63 -81.16 18.95
CA TYR I 480 -4.54 -80.61 19.75
C TYR I 480 -3.56 -79.83 18.89
N ASN I 481 -3.11 -78.70 19.42
CA ASN I 481 -1.91 -77.98 18.97
C ASN I 481 -1.21 -77.40 20.19
N ILE I 482 -0.09 -76.72 19.99
CA ILE I 482 0.69 -76.08 21.05
C ILE I 482 0.82 -74.60 20.72
N LEU I 483 0.45 -73.75 21.69
CA LEU I 483 0.73 -72.33 21.64
C LEU I 483 2.01 -72.04 22.43
N LYS I 484 2.98 -71.41 21.79
CA LYS I 484 4.28 -71.08 22.40
C LYS I 484 4.39 -69.60 22.67
N PHE I 485 4.87 -69.25 23.85
CA PHE I 485 5.15 -67.89 24.27
C PHE I 485 6.67 -67.73 24.42
N THR I 486 7.26 -66.73 23.75
CA THR I 486 8.71 -66.48 23.81
C THR I 486 8.99 -65.01 23.56
N ASN I 487 9.77 -64.38 24.44
CA ASN I 487 10.24 -63.00 24.29
C ASN I 487 9.12 -61.98 24.02
N GLY I 488 7.98 -62.11 24.69
CA GLY I 488 6.83 -61.21 24.51
C GLY I 488 5.97 -61.50 23.27
N LEU I 489 6.24 -62.58 22.54
CA LEU I 489 5.49 -63.01 21.35
C LEU I 489 4.78 -64.33 21.62
N ALA I 490 3.68 -64.56 20.92
CA ALA I 490 2.90 -65.80 20.97
C ALA I 490 2.66 -66.34 19.56
N GLY I 491 2.80 -67.65 19.36
CA GLY I 491 2.57 -68.28 18.06
C GLY I 491 2.28 -69.77 18.15
N ALA J 11 50.99 -1.76 -41.32
CA ALA J 11 52.28 -1.05 -41.31
C ALA J 11 52.11 0.43 -40.93
N GLY J 12 51.09 1.12 -41.46
CA GLY J 12 50.81 2.53 -41.15
C GLY J 12 50.39 2.79 -39.70
N SER J 13 49.47 2.00 -39.14
CA SER J 13 48.98 2.20 -37.76
C SER J 13 50.06 1.89 -36.72
N LEU J 14 50.88 0.86 -36.94
CA LEU J 14 52.03 0.59 -36.07
C LEU J 14 53.09 1.68 -36.19
N THR J 15 53.32 2.19 -37.41
CA THR J 15 54.28 3.29 -37.65
C THR J 15 53.84 4.57 -36.93
N GLN J 16 52.54 4.87 -36.88
CA GLN J 16 52.02 6.01 -36.11
C GLN J 16 52.35 5.90 -34.61
N LEU J 17 52.24 4.71 -34.01
CA LEU J 17 52.59 4.50 -32.61
C LEU J 17 54.10 4.62 -32.34
N LEU J 18 54.93 4.35 -33.36
CA LEU J 18 56.39 4.50 -33.28
C LEU J 18 56.86 5.92 -33.61
N ALA J 19 56.09 6.67 -34.39
CA ALA J 19 56.39 8.04 -34.81
C ALA J 19 56.13 9.05 -33.66
N THR J 20 56.85 8.87 -32.55
CA THR J 20 56.80 9.74 -31.37
C THR J 20 58.14 10.44 -31.19
N GLY J 21 58.10 11.70 -30.76
CA GLY J 21 59.26 12.53 -30.45
C GLY J 21 59.20 13.11 -29.04
N SER J 22 60.12 14.04 -28.74
CA SER J 22 60.20 14.69 -27.44
C SER J 22 58.95 15.52 -27.07
N MET J 23 58.20 16.02 -28.06
CA MET J 23 56.94 16.73 -27.82
C MET J 23 55.83 15.79 -27.33
N ASP J 24 55.76 14.57 -27.85
CA ASP J 24 54.75 13.58 -27.45
C ASP J 24 54.93 13.11 -26.01
N ALA J 25 56.16 13.20 -25.49
CA ALA J 25 56.48 12.81 -24.13
C ALA J 25 55.67 13.63 -23.10
N ALA J 26 55.45 14.92 -23.34
CA ALA J 26 54.63 15.77 -22.48
C ALA J 26 53.15 15.35 -22.43
N LEU J 27 52.67 14.61 -23.43
CA LEU J 27 51.26 14.23 -23.58
C LEU J 27 51.01 12.76 -23.23
N THR J 28 51.96 11.87 -23.52
CA THR J 28 51.73 10.42 -23.52
C THR J 28 52.74 9.61 -22.71
N GLN J 29 53.88 10.19 -22.33
CA GLN J 29 54.85 9.47 -21.50
C GLN J 29 54.25 9.22 -20.11
N ASN J 30 54.37 7.99 -19.61
CA ASN J 30 53.78 7.56 -18.34
C ASN J 30 52.26 7.80 -18.26
N ALA J 31 51.55 7.55 -19.37
CA ALA J 31 50.10 7.70 -19.42
C ALA J 31 49.39 7.03 -18.24
N THR J 32 48.62 7.82 -17.49
CA THR J 32 47.87 7.38 -16.29
C THR J 32 46.42 6.98 -16.61
N ARG J 33 46.01 7.09 -17.88
CA ARG J 33 44.67 6.79 -18.36
C ARG J 33 44.74 5.98 -19.65
N THR J 34 43.81 5.04 -19.80
CA THR J 34 43.56 4.32 -21.06
C THR J 34 42.12 4.50 -21.50
N PHE J 35 41.87 4.53 -22.81
CA PHE J 35 40.52 4.57 -23.38
C PHE J 35 39.89 3.17 -23.51
N TRP J 36 40.68 2.10 -23.36
CA TRP J 36 40.27 0.72 -23.67
C TRP J 36 39.92 -0.12 -22.45
N LYS J 37 40.00 0.47 -21.25
CA LYS J 37 39.58 -0.15 -19.99
C LYS J 37 38.88 0.88 -19.12
N SER J 38 37.65 0.58 -18.71
CA SER J 38 36.92 1.41 -17.76
C SER J 38 37.49 1.22 -16.35
N SER J 39 37.67 2.32 -15.63
CA SER J 39 37.88 2.36 -14.19
C SER J 39 36.69 3.08 -13.57
N TYR J 40 36.17 2.58 -12.45
CA TYR J 40 35.11 3.22 -11.69
C TYR J 40 35.52 3.36 -10.22
N GLN J 41 34.95 4.35 -9.53
CA GLN J 41 35.13 4.53 -8.08
C GLN J 41 33.93 3.93 -7.36
N LYS J 42 34.17 3.31 -6.20
CA LYS J 42 33.10 2.88 -5.29
C LYS J 42 32.63 4.11 -4.49
N HIS J 43 31.34 4.16 -4.17
CA HIS J 43 30.73 5.23 -3.36
C HIS J 43 30.07 4.63 -2.10
N SER J 44 29.77 5.48 -1.10
CA SER J 44 29.00 5.11 0.08
C SER J 44 27.53 4.85 -0.26
N LEU J 45 26.82 4.10 0.59
CA LEU J 45 25.40 3.83 0.40
C LEU J 45 24.55 5.05 0.79
N PHE J 46 23.61 5.41 -0.08
CA PHE J 46 22.62 6.46 0.18
C PHE J 46 21.30 6.14 -0.54
N ALA J 47 20.21 6.76 -0.11
CA ALA J 47 18.91 6.71 -0.78
C ALA J 47 18.28 8.10 -0.86
N LEU J 48 17.46 8.33 -1.90
CA LEU J 48 16.71 9.57 -2.10
C LEU J 48 15.22 9.32 -1.87
N GLU J 49 14.56 10.24 -1.20
CA GLU J 49 13.11 10.20 -0.96
C GLU J 49 12.50 11.58 -1.22
N SER J 50 11.46 11.66 -2.05
CA SER J 50 10.71 12.90 -2.27
C SER J 50 9.50 12.93 -1.36
N ILE J 51 9.35 13.99 -0.57
CA ILE J 51 8.25 14.13 0.39
C ILE J 51 7.61 15.51 0.25
N ASN J 52 6.29 15.50 0.05
CA ASN J 52 5.46 16.69 -0.02
C ASN J 52 4.96 17.10 1.37
N GLN J 53 5.05 18.39 1.69
CA GLN J 53 4.74 18.94 3.01
C GLN J 53 3.85 20.19 2.87
N PRO J 54 2.79 20.32 3.68
CA PRO J 54 1.94 21.50 3.66
C PRO J 54 2.61 22.70 4.32
N PHE J 55 2.22 23.91 3.94
CA PHE J 55 2.62 25.12 4.64
C PHE J 55 2.14 25.13 6.11
N THR J 56 2.92 25.75 6.99
CA THR J 56 2.58 25.91 8.41
C THR J 56 1.50 26.97 8.60
N THR J 57 1.49 27.98 7.73
CA THR J 57 0.45 29.02 7.67
C THR J 57 -0.44 28.85 6.44
N GLN J 58 -1.58 29.53 6.44
CA GLN J 58 -2.46 29.54 5.28
C GLN J 58 -1.74 30.14 4.05
N VAL J 59 -1.96 29.53 2.89
CA VAL J 59 -1.51 30.02 1.58
C VAL J 59 -2.67 30.78 0.94
N GLN J 60 -2.41 32.03 0.56
CA GLN J 60 -3.38 32.92 -0.09
C GLN J 60 -2.65 33.88 -1.02
N PHE J 61 -3.31 34.32 -2.10
CA PHE J 61 -2.79 35.38 -2.96
C PHE J 61 -2.55 36.67 -2.15
N GLY J 62 -1.46 37.38 -2.46
CA GLY J 62 -1.08 38.64 -1.82
C GLY J 62 -0.59 38.55 -0.38
N ALA J 63 -0.68 37.38 0.26
CA ALA J 63 -0.22 37.15 1.62
C ALA J 63 1.24 36.65 1.67
N GLU J 64 1.80 36.58 2.86
CA GLU J 64 3.04 35.84 3.14
C GLU J 64 2.70 34.55 3.87
N SER J 65 3.32 33.45 3.44
CA SER J 65 3.16 32.14 4.07
C SER J 65 4.52 31.55 4.37
N HIS J 66 4.62 30.73 5.43
CA HIS J 66 5.84 30.01 5.72
C HIS J 66 5.59 28.54 6.01
N ILE J 67 6.65 27.75 5.80
CA ILE J 67 6.71 26.34 6.14
C ILE J 67 7.98 26.07 6.93
N THR J 68 7.87 25.33 8.03
CA THR J 68 9.04 24.73 8.69
C THR J 68 9.32 23.37 8.06
N VAL J 69 10.48 23.24 7.41
CA VAL J 69 10.88 22.03 6.68
C VAL J 69 11.11 20.89 7.67
N ASN J 70 10.45 19.76 7.44
CA ASN J 70 10.58 18.57 8.28
C ASN J 70 11.99 17.96 8.19
N ARG J 71 12.36 17.17 9.20
CA ARG J 71 13.64 16.45 9.26
C ARG J 71 13.44 14.97 8.97
N GLN J 72 13.08 14.66 7.73
CA GLN J 72 12.76 13.29 7.29
C GLN J 72 13.93 12.55 6.65
N GLY J 73 15.13 13.15 6.62
CA GLY J 73 16.38 12.50 6.22
C GLY J 73 17.60 13.23 6.78
N ASP J 74 18.78 12.88 6.29
CA ASP J 74 20.06 13.41 6.81
C ASP J 74 20.54 14.65 6.06
N LEU J 75 20.27 14.71 4.75
CA LEU J 75 20.51 15.88 3.90
C LEU J 75 19.22 16.33 3.21
N LEU J 76 19.18 17.60 2.84
CA LEU J 76 18.16 18.19 1.97
C LEU J 76 18.79 18.57 0.62
N SER J 77 18.25 17.99 -0.46
CA SER J 77 18.76 18.16 -1.83
C SER J 77 17.82 19.05 -2.65
N TRP J 78 16.97 18.50 -3.51
CA TRP J 78 16.04 19.29 -4.31
C TRP J 78 14.88 19.85 -3.49
N MET J 79 14.39 21.00 -3.93
CA MET J 79 13.25 21.69 -3.33
C MET J 79 12.38 22.30 -4.44
N TYR J 80 11.12 21.90 -4.50
CA TYR J 80 10.13 22.39 -5.45
C TYR J 80 8.92 22.95 -4.70
N LEU J 81 8.47 24.13 -5.11
CA LEU J 81 7.18 24.65 -4.68
C LEU J 81 6.11 24.04 -5.58
N LYS J 82 5.30 23.14 -5.02
CA LYS J 82 4.15 22.55 -5.69
C LYS J 82 2.97 23.50 -5.55
N ILE J 83 2.54 24.10 -6.65
CA ILE J 83 1.42 25.04 -6.69
C ILE J 83 0.25 24.38 -7.41
N VAL J 84 -0.94 24.51 -6.86
CA VAL J 84 -2.18 24.07 -7.51
C VAL J 84 -3.06 25.29 -7.75
N LEU J 85 -3.32 25.57 -9.02
CA LEU J 85 -4.19 26.65 -9.47
C LEU J 85 -5.50 26.08 -9.99
N PRO J 86 -6.66 26.64 -9.63
CA PRO J 86 -7.92 26.18 -10.17
C PRO J 86 -8.03 26.52 -11.66
N GLY J 87 -8.85 25.75 -12.36
CA GLY J 87 -9.34 26.16 -13.67
C GLY J 87 -10.16 27.44 -13.57
N LEU J 88 -10.14 28.24 -14.63
CA LEU J 88 -10.87 29.49 -14.78
C LEU J 88 -12.03 29.32 -15.75
N LYS J 89 -13.14 29.97 -15.42
CA LYS J 89 -14.26 30.25 -16.32
C LYS J 89 -14.62 31.73 -16.22
N VAL J 90 -15.38 32.22 -17.17
CA VAL J 90 -15.86 33.61 -17.16
C VAL J 90 -17.36 33.65 -17.34
N GLN J 91 -17.98 34.69 -16.77
CA GLN J 91 -19.40 34.99 -16.93
C GLN J 91 -19.57 36.51 -17.07
N ASN J 92 -20.58 36.95 -17.81
CA ASN J 92 -20.87 38.38 -17.89
C ASN J 92 -21.26 38.90 -16.51
N GLN J 93 -20.78 40.10 -16.19
CA GLN J 93 -21.10 40.76 -14.93
C GLN J 93 -22.61 40.93 -14.69
N ALA J 94 -23.37 41.16 -15.77
CA ALA J 94 -24.84 41.28 -15.73
C ALA J 94 -25.55 39.99 -15.29
N ASP J 95 -24.94 38.83 -15.52
CA ASP J 95 -25.52 37.53 -15.20
C ASP J 95 -25.11 37.01 -13.81
N THR J 96 -24.29 37.78 -13.07
CA THR J 96 -23.66 37.34 -11.83
C THR J 96 -24.37 37.93 -10.60
N VAL J 97 -24.77 37.08 -9.65
CA VAL J 97 -25.50 37.48 -8.42
C VAL J 97 -24.64 38.36 -7.48
N GLN J 98 -23.31 38.27 -7.58
CA GLN J 98 -22.33 39.08 -6.84
C GLN J 98 -21.18 39.47 -7.78
N PRO J 99 -21.35 40.54 -8.57
CA PRO J 99 -20.39 40.93 -9.60
C PRO J 99 -19.11 41.57 -9.06
N THR J 100 -19.08 41.94 -7.77
CA THR J 100 -17.96 42.65 -7.15
C THR J 100 -16.77 41.72 -6.97
N GLN J 101 -15.75 41.95 -7.79
CA GLN J 101 -14.46 41.24 -7.75
C GLN J 101 -13.33 42.26 -7.95
N GLN J 102 -12.10 41.88 -7.59
CA GLN J 102 -10.91 42.65 -7.95
C GLN J 102 -10.83 42.83 -9.48
N SER J 103 -10.28 43.96 -9.92
CA SER J 103 -10.04 44.23 -11.35
C SER J 103 -8.88 43.39 -11.87
N PHE J 104 -9.03 42.86 -13.08
CA PHE J 104 -7.99 42.12 -13.81
C PHE J 104 -7.66 42.85 -15.10
N ALA J 105 -6.42 42.69 -15.59
CA ALA J 105 -6.04 43.17 -16.91
C ALA J 105 -6.95 42.54 -17.98
N SER J 106 -7.32 43.31 -18.99
CA SER J 106 -8.21 42.86 -20.05
C SER J 106 -7.74 43.27 -21.43
N LEU J 107 -7.94 42.40 -22.42
CA LEU J 107 -7.42 42.58 -23.77
C LEU J 107 -8.18 43.63 -24.59
N ASP J 108 -9.44 43.91 -24.23
CA ASP J 108 -10.20 45.06 -24.75
C ASP J 108 -9.69 46.41 -24.24
N ASN J 109 -8.83 46.41 -23.22
CA ASN J 109 -8.15 47.59 -22.68
C ASN J 109 -6.64 47.36 -22.63
N ASP J 110 -6.03 47.10 -23.79
CA ASP J 110 -4.59 46.86 -23.91
C ASP J 110 -3.78 48.14 -23.62
N VAL J 111 -3.39 48.29 -22.35
CA VAL J 111 -2.63 49.44 -21.84
C VAL J 111 -1.24 49.52 -22.48
N ALA J 112 -0.63 48.38 -22.83
CA ALA J 112 0.67 48.35 -23.49
C ALA J 112 0.59 48.88 -24.92
N ALA J 113 -0.42 48.44 -25.69
CA ALA J 113 -0.67 48.97 -27.02
C ALA J 113 -1.04 50.46 -27.00
N GLN J 114 -1.87 50.90 -26.03
CA GLN J 114 -2.20 52.31 -25.86
C GLN J 114 -0.96 53.16 -25.54
N ALA J 115 -0.07 52.67 -24.67
CA ALA J 115 1.19 53.33 -24.37
C ALA J 115 2.07 53.45 -25.63
N ASP J 116 2.21 52.38 -26.41
CA ASP J 116 2.95 52.43 -27.68
C ASP J 116 2.35 53.44 -28.68
N VAL J 117 1.02 53.49 -28.80
CA VAL J 117 0.33 54.48 -29.64
C VAL J 117 0.62 55.90 -29.16
N SER J 118 0.67 56.13 -27.85
CA SER J 118 0.92 57.47 -27.28
C SER J 118 2.25 58.09 -27.73
N HIS J 119 3.28 57.27 -27.94
CA HIS J 119 4.60 57.72 -28.40
C HIS J 119 4.61 58.12 -29.88
N VAL J 120 3.69 57.58 -30.69
CA VAL J 120 3.60 57.87 -32.13
C VAL J 120 2.54 58.91 -32.46
N LEU J 121 1.68 59.31 -31.51
CA LEU J 121 0.68 60.37 -31.72
C LEU J 121 1.25 61.65 -32.35
N PRO J 122 2.45 62.16 -31.98
CA PRO J 122 3.02 63.36 -32.61
C PRO J 122 3.36 63.19 -34.09
N TYR J 123 3.42 61.96 -34.59
CA TYR J 123 3.79 61.60 -35.96
C TYR J 123 2.58 61.22 -36.81
N ILE J 124 1.36 61.25 -36.26
CA ILE J 124 0.14 61.01 -37.02
C ILE J 124 -0.21 62.26 -37.83
N GLU J 125 -0.21 62.13 -39.15
CA GLU J 125 -0.66 63.17 -40.07
C GLU J 125 -2.14 62.96 -40.43
N GLY J 126 -2.95 64.02 -40.41
CA GLY J 126 -4.37 63.98 -40.79
C GLY J 126 -5.37 63.84 -39.63
N ALA J 127 -6.65 63.67 -39.99
CA ALA J 127 -7.78 63.71 -39.04
C ALA J 127 -7.96 62.38 -38.26
N TYR J 128 -7.03 62.08 -37.35
CA TYR J 128 -7.06 60.85 -36.56
C TYR J 128 -8.34 60.68 -35.74
N THR J 129 -8.82 61.72 -35.08
CA THR J 129 -9.95 61.65 -34.14
C THR J 129 -11.26 61.22 -34.81
N GLU J 130 -11.48 61.65 -36.05
CA GLU J 130 -12.71 61.43 -36.83
C GLU J 130 -12.62 60.21 -37.77
N ALA J 131 -11.43 59.60 -37.88
CA ALA J 131 -11.20 58.48 -38.79
C ALA J 131 -11.94 57.19 -38.37
N SER J 132 -12.33 56.39 -39.36
CA SER J 132 -12.83 55.02 -39.14
C SER J 132 -11.76 54.15 -38.46
N LEU J 133 -12.16 53.05 -37.80
CA LEU J 133 -11.22 52.17 -37.10
C LEU J 133 -10.09 51.67 -38.02
N ASN J 134 -10.44 51.16 -39.21
CA ASN J 134 -9.46 50.67 -40.18
C ASN J 134 -8.52 51.78 -40.66
N THR J 135 -9.05 53.01 -40.80
CA THR J 135 -8.23 54.18 -41.15
C THR J 135 -7.30 54.57 -39.99
N LYS J 136 -7.75 54.48 -38.73
CA LYS J 136 -6.90 54.73 -37.55
C LYS J 136 -5.74 53.74 -37.48
N GLU J 137 -5.98 52.46 -37.75
CA GLU J 137 -4.93 51.44 -37.78
C GLU J 137 -3.87 51.73 -38.86
N GLN J 138 -4.30 52.16 -40.05
CA GLN J 138 -3.40 52.61 -41.13
C GLN J 138 -2.56 53.83 -40.71
N LEU J 139 -3.21 54.86 -40.17
CA LEU J 139 -2.53 56.08 -39.70
C LEU J 139 -1.52 55.78 -38.58
N ILE J 140 -1.84 54.87 -37.66
CA ILE J 140 -0.91 54.45 -36.61
C ILE J 140 0.30 53.71 -37.20
N ALA J 141 0.11 52.82 -38.18
CA ALA J 141 1.20 52.10 -38.83
C ALA J 141 2.12 53.04 -39.63
N GLU J 142 1.55 54.02 -40.33
CA GLU J 142 2.32 55.06 -41.02
C GLU J 142 3.08 55.95 -40.03
N ALA J 143 2.43 56.38 -38.94
CA ALA J 143 3.08 57.15 -37.89
C ALA J 143 4.21 56.38 -37.18
N LYS J 144 4.06 55.06 -37.02
CA LYS J 144 5.15 54.19 -36.54
C LYS J 144 6.36 54.24 -37.46
N ASN J 145 6.17 54.17 -38.79
CA ASN J 145 7.27 54.33 -39.74
C ASN J 145 7.95 55.70 -39.60
N SER J 146 7.17 56.78 -39.50
CA SER J 146 7.70 58.14 -39.34
C SER J 146 8.46 58.33 -38.03
N TYR J 147 7.91 57.81 -36.92
CA TYR J 147 8.58 57.78 -35.61
C TYR J 147 9.90 57.02 -35.68
N GLU J 148 9.90 55.81 -36.25
CA GLU J 148 11.09 54.97 -36.31
C GLU J 148 12.16 55.53 -37.27
N ALA J 149 11.75 56.15 -38.36
CA ALA J 149 12.65 56.88 -39.25
C ALA J 149 13.29 58.07 -38.51
N ALA J 150 12.50 58.85 -37.77
CA ALA J 150 13.00 60.02 -37.05
C ALA J 150 13.92 59.66 -35.87
N LYS J 151 13.61 58.60 -35.12
CA LYS J 151 14.34 58.20 -33.91
C LYS J 151 15.51 57.27 -34.17
N TYR J 152 15.37 56.37 -35.15
CA TYR J 152 16.30 55.26 -35.36
C TYR J 152 16.88 55.22 -36.78
N ASN J 153 16.56 56.19 -37.65
CA ASN J 153 16.89 56.13 -39.09
C ASN J 153 16.48 54.80 -39.73
N ALA J 154 15.37 54.22 -39.26
CA ALA J 154 14.87 52.95 -39.75
C ALA J 154 14.24 53.14 -41.15
N ALA J 155 14.48 52.19 -42.05
CA ALA J 155 13.73 52.12 -43.29
C ALA J 155 12.27 51.73 -42.99
N PRO J 156 11.28 52.31 -43.69
CA PRO J 156 9.87 52.01 -43.42
C PRO J 156 9.56 50.56 -43.77
N LEU J 157 8.78 49.90 -42.91
CA LEU J 157 8.21 48.60 -43.21
C LEU J 157 6.90 48.78 -43.99
N PRO J 158 6.57 47.89 -44.95
CA PRO J 158 5.26 47.88 -45.57
C PRO J 158 4.15 47.83 -44.51
N VAL J 159 3.14 48.70 -44.62
CA VAL J 159 2.04 48.80 -43.62
C VAL J 159 1.38 47.44 -43.36
N ALA J 160 1.18 46.64 -44.40
CA ALA J 160 0.63 45.29 -44.30
C ALA J 160 1.47 44.34 -43.41
N ALA J 161 2.79 44.52 -43.33
CA ALA J 161 3.67 43.71 -42.48
C ALA J 161 3.60 44.10 -41.00
N GLN J 162 3.16 45.33 -40.70
CA GLN J 162 2.98 45.82 -39.32
C GLN J 162 1.61 45.48 -38.75
N MET J 163 0.62 45.28 -39.62
CA MET J 163 -0.73 44.85 -39.27
C MET J 163 -0.75 43.33 -39.01
N GLN J 164 -0.06 42.89 -37.96
CA GLN J 164 -0.18 41.52 -37.48
C GLN J 164 -1.48 41.41 -36.66
N SER J 165 -2.53 40.80 -37.23
CA SER J 165 -3.65 40.34 -36.41
C SER J 165 -3.19 39.11 -35.64
N THR J 166 -3.07 39.23 -34.32
CA THR J 166 -3.08 38.03 -33.49
C THR J 166 -4.50 37.48 -33.60
N GLU J 167 -4.69 36.31 -34.22
CA GLU J 167 -6.00 35.66 -34.27
C GLU J 167 -6.42 35.30 -32.85
N MET J 168 -7.11 36.24 -32.20
CA MET J 168 -7.71 36.04 -30.90
C MET J 168 -9.04 35.31 -31.10
N PRO J 169 -9.38 34.34 -30.25
CA PRO J 169 -10.63 33.62 -30.39
C PRO J 169 -11.85 34.53 -30.17
N ASP J 170 -12.92 34.32 -30.94
CA ASP J 170 -14.19 35.07 -30.86
C ASP J 170 -15.11 34.60 -29.72
N PHE J 171 -14.54 34.20 -28.57
CA PHE J 171 -15.28 33.77 -27.39
C PHE J 171 -14.67 34.35 -26.12
N ASP J 172 -15.41 34.31 -25.01
CA ASP J 172 -14.94 34.82 -23.73
C ASP J 172 -14.03 33.84 -23.00
N TYR J 173 -12.95 34.37 -22.44
CA TYR J 173 -11.99 33.59 -21.66
C TYR J 173 -11.27 34.44 -20.62
N ALA J 174 -10.65 33.75 -19.67
CA ALA J 174 -9.61 34.27 -18.81
C ALA J 174 -8.50 33.23 -18.68
N TYR J 175 -7.27 33.69 -18.46
CA TYR J 175 -6.12 32.82 -18.30
C TYR J 175 -5.15 33.34 -17.25
N TRP J 176 -4.40 32.42 -16.65
CA TRP J 176 -3.26 32.73 -15.80
C TRP J 176 -2.13 33.32 -16.64
N THR J 177 -1.47 34.37 -16.15
CA THR J 177 -0.39 35.04 -16.87
C THR J 177 0.78 34.10 -17.22
N GLU J 178 1.57 34.48 -18.22
CA GLU J 178 2.72 33.72 -18.69
C GLU J 178 3.72 33.45 -17.56
N ALA J 179 4.20 32.20 -17.46
CA ALA J 179 5.12 31.76 -16.40
C ALA J 179 4.57 32.03 -14.99
N ILE J 180 3.25 31.85 -14.80
CA ILE J 180 2.54 32.08 -13.54
C ILE J 180 3.23 31.43 -12.32
N GLY J 181 3.88 30.27 -12.49
CA GLY J 181 4.62 29.61 -11.42
C GLY J 181 5.74 30.46 -10.83
N PHE J 182 6.46 31.23 -11.66
CA PHE J 182 7.43 32.21 -11.17
C PHE J 182 6.75 33.48 -10.66
N HIS J 183 5.76 34.00 -11.40
CA HIS J 183 5.09 35.26 -11.03
C HIS J 183 4.45 35.20 -9.64
N LEU J 184 3.87 34.06 -9.27
CA LEU J 184 3.30 33.82 -7.95
C LEU J 184 4.29 34.03 -6.81
N ILE J 185 5.57 33.74 -7.03
CA ILE J 185 6.63 33.84 -6.01
C ILE J 185 7.25 35.23 -6.09
N LYS J 186 6.58 36.25 -5.55
CA LYS J 186 7.17 37.60 -5.53
C LYS J 186 8.52 37.61 -4.84
N ARG J 187 8.63 36.88 -3.74
CA ARG J 187 9.86 36.69 -2.98
C ARG J 187 9.81 35.38 -2.22
N ALA J 188 10.90 34.63 -2.18
CA ALA J 188 11.06 33.52 -1.25
C ALA J 188 12.36 33.67 -0.47
N GLU J 189 12.33 33.34 0.82
CA GLU J 189 13.47 33.42 1.73
C GLU J 189 13.74 32.04 2.34
N PHE J 190 14.97 31.56 2.19
CA PHE J 190 15.44 30.37 2.89
C PHE J 190 16.07 30.78 4.21
N LYS J 191 15.46 30.39 5.34
CA LYS J 191 15.89 30.76 6.68
C LYS J 191 16.37 29.55 7.47
N VAL J 192 17.42 29.76 8.26
CA VAL J 192 17.97 28.76 9.18
C VAL J 192 18.22 29.41 10.52
N GLY J 193 17.59 28.89 11.58
CA GLY J 193 17.73 29.45 12.93
C GLY J 193 17.21 30.89 13.06
N GLY J 194 16.26 31.29 12.21
CA GLY J 194 15.72 32.66 12.16
C GLY J 194 16.51 33.63 11.29
N ALA J 195 17.74 33.29 10.88
CA ALA J 195 18.52 34.10 9.95
C ALA J 195 18.17 33.77 8.49
N THR J 196 17.99 34.78 7.65
CA THR J 196 17.85 34.60 6.19
C THR J 196 19.20 34.25 5.59
N ILE J 197 19.30 33.05 5.03
CA ILE J 197 20.50 32.55 4.35
C ILE J 197 20.53 33.02 2.91
N ASP J 198 19.39 33.02 2.21
CA ASP J 198 19.30 33.51 0.85
C ASP J 198 17.87 33.98 0.53
N THR J 199 17.74 34.86 -0.46
CA THR J 199 16.46 35.40 -0.94
C THR J 199 16.41 35.31 -2.46
N ILE J 200 15.30 34.85 -3.01
CA ILE J 200 15.06 34.82 -4.46
C ILE J 200 13.79 35.60 -4.78
N TRP J 201 13.74 36.18 -5.98
CA TRP J 201 12.61 36.98 -6.47
C TRP J 201 12.06 36.38 -7.76
N SER J 202 10.78 36.62 -8.04
CA SER J 202 10.11 36.17 -9.30
C SER J 202 10.93 36.55 -10.54
N GLU J 203 11.32 37.81 -10.62
CA GLU J 203 12.08 38.36 -11.73
C GLU J 203 13.47 37.70 -11.87
N LEU J 204 14.13 37.39 -10.74
CA LEU J 204 15.40 36.65 -10.74
C LEU J 204 15.21 35.21 -11.21
N LEU J 205 14.19 34.50 -10.72
CA LEU J 205 13.89 33.12 -11.14
C LEU J 205 13.73 33.03 -12.67
N PHE J 206 12.99 33.97 -13.25
CA PHE J 206 12.80 34.03 -14.69
C PHE J 206 14.13 34.31 -15.41
N ALA J 207 14.94 35.26 -14.93
CA ALA J 207 16.21 35.58 -15.53
C ALA J 207 17.21 34.42 -15.48
N MET J 208 17.25 33.71 -14.35
CA MET J 208 18.06 32.50 -14.16
C MET J 208 17.64 31.38 -15.12
N GLU J 209 16.34 31.16 -15.33
CA GLU J 209 15.87 30.17 -16.30
C GLU J 209 16.19 30.57 -17.74
N GLU J 210 16.15 31.86 -18.07
CA GLU J 210 16.50 32.34 -19.41
C GLU J 210 17.98 32.10 -19.74
N LEU J 211 18.88 32.37 -18.80
CA LEU J 211 20.33 32.27 -18.99
C LEU J 211 20.87 30.85 -18.74
N MET J 212 20.41 30.19 -17.67
CA MET J 212 20.96 28.90 -17.22
C MET J 212 20.07 27.70 -17.60
N GLY J 213 18.86 27.95 -18.11
CA GLY J 213 17.96 26.89 -18.55
C GLY J 213 18.53 26.13 -19.75
N ARG J 214 18.82 24.85 -19.56
CA ARG J 214 19.44 23.99 -20.59
C ARG J 214 18.43 23.60 -21.66
N ALA J 215 18.89 23.53 -22.91
CA ALA J 215 18.09 23.01 -24.02
C ALA J 215 17.53 21.61 -23.70
N GLY J 216 16.24 21.40 -23.97
CA GLY J 216 15.53 20.16 -23.65
C GLY J 216 15.17 19.97 -22.16
N ARG J 217 15.55 20.91 -21.27
CA ARG J 217 15.18 20.91 -19.84
C ARG J 217 14.65 22.26 -19.38
N ARG J 218 14.07 23.03 -20.30
CA ARG J 218 13.42 24.30 -19.97
C ARG J 218 12.19 24.04 -19.10
N LEU J 219 11.91 24.94 -18.18
CA LEU J 219 10.87 24.76 -17.16
C LEU J 219 9.44 24.97 -17.67
N THR J 220 9.22 25.06 -18.98
CA THR J 220 7.97 25.51 -19.62
C THR J 220 6.69 25.05 -18.91
N GLU J 221 6.37 23.76 -18.98
CA GLU J 221 5.17 23.19 -18.36
C GLU J 221 5.21 23.30 -16.83
N THR J 222 6.38 23.10 -16.21
CA THR J 222 6.54 23.11 -14.74
C THR J 222 6.23 24.46 -14.08
N ILE J 223 6.28 25.56 -14.84
CA ILE J 223 5.99 26.92 -14.36
C ILE J 223 4.83 27.61 -15.09
N GLY J 224 4.14 26.92 -16.00
CA GLY J 224 3.06 27.51 -16.80
C GLY J 224 3.54 28.54 -17.82
N ARG J 225 4.66 28.28 -18.51
CA ARG J 225 5.25 29.15 -19.54
C ARG J 225 5.03 28.56 -20.94
N THR J 226 4.50 29.38 -21.85
CA THR J 226 4.11 29.01 -23.22
C THR J 226 4.95 29.67 -24.32
N LEU J 227 5.94 30.49 -23.92
CA LEU J 227 6.71 31.37 -24.79
C LEU J 227 5.82 32.39 -25.51
N ARG J 228 4.93 33.04 -24.75
CA ARG J 228 4.00 34.09 -25.22
C ARG J 228 3.06 33.61 -26.33
N ARG J 229 2.44 32.44 -26.15
CA ARG J 229 1.36 31.95 -27.01
C ARG J 229 0.05 31.99 -26.23
N PRO J 230 -0.74 33.08 -26.32
CA PRO J 230 -1.92 33.29 -25.47
C PRO J 230 -2.93 32.14 -25.56
N THR J 231 -3.10 31.54 -26.75
CA THR J 231 -4.02 30.43 -26.97
C THR J 231 -3.67 29.19 -26.14
N GLU J 232 -2.38 28.94 -25.88
CA GLU J 232 -1.94 27.83 -25.03
C GLU J 232 -2.18 28.13 -23.54
N LEU J 233 -1.96 29.39 -23.11
CA LEU J 233 -2.31 29.83 -21.75
C LEU J 233 -3.82 29.68 -21.48
N MET J 234 -4.65 30.06 -22.45
CA MET J 234 -6.10 29.87 -22.38
C MET J 234 -6.47 28.41 -22.22
N LYS J 235 -5.93 27.52 -23.07
CA LYS J 235 -6.21 26.08 -23.00
C LYS J 235 -5.82 25.52 -21.62
N ALA J 236 -4.62 25.82 -21.15
CA ALA J 236 -4.13 25.36 -19.86
C ALA J 236 -5.00 25.89 -18.70
N SER J 237 -5.47 27.13 -18.78
CA SER J 237 -6.23 27.79 -17.71
C SER J 237 -7.68 27.34 -17.58
N ARG J 238 -8.21 26.51 -18.48
CA ARG J 238 -9.60 26.01 -18.39
C ARG J 238 -9.78 24.89 -17.37
N GLN J 239 -8.70 24.31 -16.88
CA GLN J 239 -8.69 23.20 -15.93
C GLN J 239 -7.68 23.46 -14.81
N GLU J 240 -7.73 22.65 -13.76
CA GLU J 240 -6.76 22.72 -12.68
C GLU J 240 -5.34 22.49 -13.22
N GLN J 241 -4.40 23.33 -12.77
CA GLN J 241 -2.98 23.22 -13.11
C GLN J 241 -2.18 22.89 -11.86
N ILE J 242 -1.27 21.92 -11.99
CA ILE J 242 -0.30 21.57 -10.96
C ILE J 242 1.08 21.95 -11.48
N LEU J 243 1.73 22.90 -10.82
CA LEU J 243 3.04 23.44 -11.19
C LEU J 243 4.07 22.99 -10.16
N TYR J 244 5.28 22.69 -10.62
CA TYR J 244 6.42 22.31 -9.77
C TYR J 244 7.55 23.30 -10.01
N VAL J 245 7.57 24.37 -9.23
CA VAL J 245 8.52 25.46 -9.42
C VAL J 245 9.82 25.14 -8.66
N PRO J 246 10.96 24.90 -9.34
CA PRO J 246 12.22 24.64 -8.65
C PRO J 246 12.69 25.89 -7.92
N LEU J 247 13.12 25.72 -6.67
CA LEU J 247 13.75 26.80 -5.90
C LEU J 247 15.27 26.62 -5.95
N PRO J 248 16.01 27.46 -6.70
CA PRO J 248 17.40 27.22 -7.09
C PRO J 248 18.42 27.62 -5.98
N TRP J 249 18.18 27.19 -4.75
CA TRP J 249 19.10 27.43 -3.63
C TRP J 249 20.47 26.79 -3.88
N TYR J 250 21.51 27.27 -3.19
CA TYR J 250 22.88 26.76 -3.37
C TYR J 250 22.94 25.21 -3.23
N PHE J 251 22.20 24.64 -2.28
CA PHE J 251 22.22 23.21 -1.98
C PHE J 251 21.47 22.36 -3.01
N THR J 252 20.68 22.95 -3.91
CA THR J 252 20.00 22.21 -4.99
C THR J 252 20.87 22.07 -6.25
N LYS J 253 22.04 22.72 -6.28
CA LYS J 253 22.87 22.83 -7.50
C LYS J 253 23.86 21.68 -7.68
N HIS J 254 24.29 21.06 -6.60
CA HIS J 254 25.24 19.95 -6.65
C HIS J 254 25.07 19.03 -5.42
N PRO J 255 25.17 17.70 -5.55
CA PRO J 255 24.98 16.77 -4.42
C PRO J 255 25.91 17.05 -3.23
N SER J 256 27.15 17.50 -3.48
CA SER J 256 28.10 17.82 -2.40
C SER J 256 27.74 19.09 -1.60
N LEU J 257 26.76 19.88 -2.08
CA LEU J 257 26.26 21.06 -1.41
C LEU J 257 24.93 20.83 -0.71
N ALA J 258 24.37 19.61 -0.78
CA ALA J 258 23.12 19.27 -0.10
C ALA J 258 23.17 19.73 1.36
N PHE J 259 22.08 20.33 1.83
CA PHE J 259 22.06 20.99 3.12
C PHE J 259 22.07 19.93 4.23
N PRO J 260 23.08 19.92 5.13
CA PRO J 260 23.24 18.85 6.12
C PRO J 260 22.31 19.05 7.31
N LEU J 261 21.10 18.46 7.23
CA LEU J 261 20.09 18.55 8.28
C LEU J 261 20.65 18.09 9.63
N VAL J 262 21.36 16.95 9.65
CA VAL J 262 21.97 16.38 10.86
C VAL J 262 22.98 17.31 11.52
N ALA J 263 23.69 18.12 10.74
CA ALA J 263 24.68 19.07 11.25
C ALA J 263 24.06 20.37 11.79
N ALA J 264 22.80 20.64 11.46
CA ALA J 264 22.06 21.83 11.87
C ALA J 264 20.91 21.49 12.85
N THR J 265 21.02 20.43 13.65
CA THR J 265 19.95 19.85 14.49
C THR J 265 19.20 20.86 15.39
N TYR J 266 19.86 21.90 15.89
CA TYR J 266 19.27 22.88 16.80
C TYR J 266 18.67 24.12 16.10
N HIS J 267 18.68 24.17 14.77
CA HIS J 267 18.06 25.25 14.01
C HIS J 267 16.85 24.77 13.22
N ASN J 268 15.75 25.51 13.31
CA ASN J 268 14.63 25.33 12.41
C ASN J 268 15.01 25.82 11.01
N ILE J 269 14.61 25.05 10.00
CA ILE J 269 14.79 25.39 8.59
C ILE J 269 13.41 25.80 8.08
N GLN J 270 13.32 27.00 7.51
CA GLN J 270 12.06 27.55 7.08
C GLN J 270 12.17 28.10 5.67
N LEU J 271 11.11 27.91 4.89
CA LEU J 271 10.88 28.62 3.65
C LEU J 271 9.75 29.61 3.88
N TRP J 272 10.02 30.88 3.61
CA TRP J 272 9.02 31.94 3.63
C TRP J 272 8.75 32.35 2.18
N VAL J 273 7.48 32.53 1.82
CA VAL J 273 7.06 32.91 0.46
C VAL J 273 6.07 34.05 0.55
N GLN J 274 6.39 35.15 -0.11
CA GLN J 274 5.48 36.25 -0.37
C GLN J 274 4.80 36.02 -1.72
N TRP J 275 3.47 35.88 -1.70
CA TRP J 275 2.67 35.55 -2.86
C TRP J 275 2.24 36.79 -3.65
N ALA J 276 2.13 36.66 -4.98
CA ALA J 276 1.57 37.70 -5.83
C ALA J 276 0.08 37.94 -5.53
N GLN J 277 -0.35 39.18 -5.74
CA GLN J 277 -1.77 39.55 -5.65
C GLN J 277 -2.56 38.91 -6.81
N LEU J 278 -3.77 38.45 -6.53
CA LEU J 278 -4.62 37.74 -7.49
C LEU J 278 -4.91 38.58 -8.74
N ASN J 279 -5.19 39.88 -8.57
CA ASN J 279 -5.40 40.84 -9.66
C ASN J 279 -4.27 40.87 -10.71
N SER J 280 -3.03 40.55 -10.32
CA SER J 280 -1.88 40.52 -11.22
C SER J 280 -1.70 39.18 -11.92
N CYS J 281 -2.40 38.13 -11.49
CA CYS J 281 -2.17 36.77 -11.97
C CYS J 281 -3.05 36.39 -13.17
N ILE J 282 -4.10 37.16 -13.46
CA ILE J 282 -5.13 36.80 -14.44
C ILE J 282 -5.28 37.90 -15.49
N ILE J 283 -5.44 37.47 -16.75
CA ILE J 283 -5.81 38.31 -17.88
C ILE J 283 -7.13 37.78 -18.46
N LYS J 284 -8.05 38.66 -18.85
CA LYS J 284 -9.36 38.31 -19.42
C LYS J 284 -9.57 38.92 -20.80
N SER J 285 -10.44 38.30 -21.62
CA SER J 285 -10.75 38.81 -22.95
C SER J 285 -11.39 40.19 -22.92
N ARG J 286 -12.30 40.43 -21.96
CA ARG J 286 -13.09 41.68 -21.85
C ARG J 286 -13.20 42.19 -20.41
N SER J 287 -13.22 43.51 -20.26
CA SER J 287 -13.26 44.26 -19.01
C SER J 287 -14.51 43.98 -18.16
N ASN J 288 -15.64 43.66 -18.78
CA ASN J 288 -16.94 43.42 -18.12
C ASN J 288 -17.19 41.95 -17.71
N LEU J 289 -16.17 41.09 -17.77
CA LEU J 289 -16.28 39.69 -17.33
C LEU J 289 -15.90 39.52 -15.86
N VAL J 290 -16.64 38.64 -15.18
CA VAL J 290 -16.31 38.10 -13.85
C VAL J 290 -15.57 36.78 -14.04
N VAL J 291 -14.47 36.60 -13.30
CA VAL J 291 -13.67 35.37 -13.37
C VAL J 291 -14.08 34.42 -12.25
N LEU J 292 -14.46 33.20 -12.63
CA LEU J 292 -14.98 32.17 -11.73
C LEU J 292 -13.98 31.01 -11.59
N HIS J 293 -13.98 30.38 -10.42
CA HIS J 293 -13.38 29.07 -10.23
C HIS J 293 -14.18 28.02 -11.02
N ALA J 294 -13.54 27.34 -11.97
CA ALA J 294 -14.21 26.50 -12.96
C ALA J 294 -15.01 25.33 -12.38
N GLU J 295 -14.51 24.71 -11.30
CA GLU J 295 -15.18 23.62 -10.61
C GLU J 295 -16.25 24.09 -9.62
N ARG J 296 -15.92 25.08 -8.77
CA ARG J 296 -16.81 25.56 -7.69
C ARG J 296 -17.89 26.52 -8.16
N ASN J 297 -17.77 27.10 -9.36
CA ASN J 297 -18.68 28.11 -9.92
C ASN J 297 -18.93 29.30 -8.99
N VAL J 298 -17.88 29.76 -8.30
CA VAL J 298 -17.88 30.97 -7.46
C VAL J 298 -16.82 31.94 -7.99
N PRO J 299 -16.98 33.27 -7.79
CA PRO J 299 -15.94 34.23 -8.13
C PRO J 299 -14.58 33.82 -7.56
N ILE J 300 -13.52 33.93 -8.35
CA ILE J 300 -12.17 33.61 -7.88
C ILE J 300 -11.73 34.61 -6.80
N SER J 301 -11.16 34.09 -5.72
CA SER J 301 -10.78 34.82 -4.51
C SER J 301 -9.39 34.41 -4.03
N ASP J 302 -8.83 35.20 -3.10
CA ASP J 302 -7.45 35.07 -2.65
C ASP J 302 -7.14 33.72 -1.96
N ASP J 303 -8.16 33.06 -1.40
CA ASP J 303 -8.06 31.76 -0.72
C ASP J 303 -8.07 30.54 -1.67
N HIS J 304 -8.19 30.77 -2.97
CA HIS J 304 -8.12 29.71 -3.97
C HIS J 304 -6.70 29.31 -4.37
N LEU J 305 -5.67 30.02 -3.93
CA LEU J 305 -4.28 29.58 -4.09
C LEU J 305 -3.98 28.42 -3.16
N ARG J 306 -3.48 27.31 -3.70
CA ARG J 306 -2.98 26.19 -2.89
C ARG J 306 -1.52 25.95 -3.24
N ALA J 307 -0.70 25.74 -2.20
CA ALA J 307 0.69 25.37 -2.39
C ALA J 307 1.17 24.43 -1.28
N SER J 308 2.16 23.62 -1.62
CA SER J 308 2.90 22.75 -0.72
C SER J 308 4.37 22.70 -1.15
N LEU J 309 5.25 22.23 -0.27
CA LEU J 309 6.67 22.14 -0.54
C LEU J 309 7.06 20.67 -0.75
N GLU J 310 7.61 20.35 -1.91
CA GLU J 310 8.16 19.04 -2.20
C GLU J 310 9.68 19.07 -2.04
N CYS J 311 10.17 18.32 -1.05
CA CYS J 311 11.59 18.25 -0.70
C CYS J 311 12.13 16.86 -0.98
N THR J 312 13.32 16.78 -1.59
CA THR J 312 14.07 15.53 -1.70
C THR J 312 15.06 15.41 -0.55
N TYR J 313 14.84 14.42 0.30
CA TYR J 313 15.73 14.05 1.39
C TYR J 313 16.73 12.99 0.93
N VAL J 314 17.93 13.04 1.52
CA VAL J 314 18.95 12.01 1.36
C VAL J 314 19.10 11.28 2.68
N HIS J 315 19.00 9.95 2.63
CA HIS J 315 19.28 9.05 3.74
C HIS J 315 20.69 8.48 3.55
N LEU J 316 21.53 8.63 4.57
CA LEU J 316 22.92 8.20 4.54
C LEU J 316 23.10 6.92 5.34
N GLU J 317 24.13 6.15 4.99
CA GLU J 317 24.62 5.09 5.88
C GLU J 317 25.11 5.68 7.20
N ALA J 318 24.93 4.94 8.30
CA ALA J 318 25.26 5.38 9.65
C ALA J 318 26.67 5.96 9.77
N ALA J 319 27.67 5.32 9.16
CA ALA J 319 29.06 5.79 9.22
C ALA J 319 29.24 7.18 8.58
N GLU J 320 28.59 7.45 7.45
CA GLU J 320 28.67 8.75 6.78
C GLU J 320 27.86 9.81 7.53
N ARG J 321 26.68 9.45 8.03
CA ARG J 321 25.84 10.29 8.89
C ARG J 321 26.57 10.74 10.15
N ASP J 322 27.25 9.81 10.82
CA ASP J 322 28.02 10.09 12.04
C ASP J 322 29.23 10.99 11.73
N ALA J 323 29.94 10.73 10.63
CA ALA J 323 31.04 11.56 10.17
C ALA J 323 30.58 13.01 9.86
N LEU J 324 29.45 13.16 9.18
CA LEU J 324 28.87 14.46 8.85
C LEU J 324 28.39 15.21 10.09
N THR J 325 27.81 14.51 11.06
CA THR J 325 27.38 15.09 12.34
C THR J 325 28.58 15.59 13.15
N ALA J 326 29.67 14.82 13.17
CA ALA J 326 30.89 15.18 13.87
C ALA J 326 31.63 16.34 13.20
N ASN J 327 31.64 16.41 11.86
CA ASN J 327 32.39 17.42 11.12
C ASN J 327 31.77 17.77 9.75
N ALA J 328 30.67 18.53 9.75
CA ALA J 328 30.12 19.10 8.53
C ALA J 328 30.93 20.27 7.97
N GLY J 329 31.74 20.93 8.81
CA GLY J 329 32.64 22.01 8.40
C GLY J 329 31.92 23.22 7.79
N THR J 330 32.35 23.60 6.59
CA THR J 330 31.87 24.78 5.87
C THR J 330 31.48 24.44 4.45
N GLN J 331 30.40 25.04 3.95
CA GLN J 331 30.01 24.99 2.54
C GLN J 331 30.19 26.37 1.92
N LEU J 332 30.79 26.41 0.72
CA LEU J 332 30.72 27.58 -0.15
C LEU J 332 29.28 27.73 -0.63
N ILE J 333 28.72 28.91 -0.45
CA ILE J 333 27.35 29.20 -0.89
C ILE J 333 27.34 30.39 -1.84
N VAL J 334 26.34 30.42 -2.72
CA VAL J 334 26.01 31.60 -3.51
C VAL J 334 24.73 32.20 -2.92
N GLN J 335 24.79 33.49 -2.60
CA GLN J 335 23.65 34.30 -2.17
C GLN J 335 23.26 35.29 -3.26
N HIS J 336 22.00 35.68 -3.27
CA HIS J 336 21.47 36.66 -4.21
C HIS J 336 21.21 38.01 -3.53
N GLN J 337 21.55 39.08 -4.22
CA GLN J 337 21.29 40.46 -3.80
C GLN J 337 20.53 41.20 -4.89
N ALA J 338 19.72 42.19 -4.51
CA ALA J 338 18.85 42.91 -5.44
C ALA J 338 18.95 44.43 -5.26
N HIS J 339 19.01 45.15 -6.37
CA HIS J 339 18.83 46.60 -6.46
C HIS J 339 17.64 46.84 -7.39
N LEU J 340 16.57 47.39 -6.82
CA LEU J 340 15.32 47.66 -7.53
C LEU J 340 15.11 49.16 -7.58
N GLN J 341 14.89 49.71 -8.78
CA GLN J 341 14.84 51.14 -9.00
C GLN J 341 13.72 51.50 -9.98
N GLN J 342 13.04 52.62 -9.72
CA GLN J 342 12.10 53.21 -10.69
C GLN J 342 12.87 54.06 -11.72
N VAL J 343 12.38 54.04 -12.95
CA VAL J 343 12.97 54.68 -14.13
C VAL J 343 11.97 55.68 -14.69
N SER J 344 12.42 56.92 -14.80
CA SER J 344 11.64 58.07 -15.29
C SER J 344 12.41 58.92 -16.30
N SER J 345 13.54 58.42 -16.80
CA SER J 345 14.41 59.11 -17.76
C SER J 345 15.20 58.12 -18.59
N ASN J 346 15.62 58.55 -19.79
CA ASN J 346 16.39 57.70 -20.70
C ASN J 346 17.83 57.46 -20.21
N ASN J 347 18.36 58.33 -19.36
CA ASN J 347 19.65 58.10 -18.69
C ASN J 347 19.38 57.67 -17.25
N VAL J 348 19.90 56.52 -16.87
CA VAL J 348 19.71 55.92 -15.54
C VAL J 348 21.05 55.49 -15.00
N THR J 349 21.36 55.90 -13.78
CA THR J 349 22.52 55.38 -13.03
C THR J 349 22.00 54.58 -11.84
N ALA J 350 22.35 53.29 -11.81
CA ALA J 350 22.07 52.41 -10.67
C ALA J 350 23.33 52.30 -9.80
N ARG J 351 23.22 52.70 -8.53
CA ARG J 351 24.28 52.54 -7.53
C ARG J 351 24.13 51.19 -6.84
N LEU J 352 25.00 50.25 -7.20
CA LEU J 352 24.93 48.86 -6.78
C LEU J 352 25.60 48.67 -5.42
N ASN J 353 24.85 48.86 -4.34
CA ASN J 353 25.32 48.67 -2.96
C ASN J 353 25.36 47.19 -2.54
N PHE J 354 25.83 46.31 -3.43
CA PHE J 354 26.00 44.90 -3.13
C PHE J 354 27.28 44.67 -2.32
N ASN J 355 27.30 43.58 -1.58
CA ASN J 355 28.42 43.16 -0.77
C ASN J 355 29.00 41.82 -1.23
N PHE J 356 30.13 41.46 -0.61
CA PHE J 356 30.87 40.21 -0.81
C PHE J 356 31.50 40.06 -2.20
N PRO J 357 32.25 38.96 -2.45
CA PRO J 357 32.74 38.62 -3.79
C PRO J 357 31.59 38.29 -4.74
N VAL J 358 31.20 39.26 -5.58
CA VAL J 358 30.20 39.12 -6.64
C VAL J 358 30.79 38.33 -7.81
N LEU J 359 30.12 37.25 -8.19
CA LEU J 359 30.44 36.41 -9.34
C LEU J 359 30.03 37.10 -10.64
N GLU J 360 28.79 37.59 -10.64
CA GLU J 360 28.12 38.15 -11.80
C GLU J 360 26.90 38.96 -11.35
N PHE J 361 26.38 39.76 -12.27
CA PHE J 361 25.08 40.39 -12.10
C PHE J 361 24.25 40.29 -13.38
N TYR J 362 22.94 40.35 -13.20
CA TYR J 362 21.93 40.44 -14.23
C TYR J 362 21.21 41.77 -14.09
N TYR J 363 20.80 42.36 -15.20
CA TYR J 363 19.88 43.48 -15.17
C TYR J 363 18.90 43.42 -16.33
N PHE J 364 17.75 44.06 -16.16
CA PHE J 364 16.71 44.18 -17.17
C PHE J 364 15.70 45.23 -16.74
N LEU J 365 14.95 45.73 -17.70
CA LEU J 365 13.93 46.75 -17.47
C LEU J 365 12.54 46.20 -17.76
N ARG J 366 11.54 46.68 -17.04
CA ARG J 366 10.13 46.42 -17.33
C ARG J 366 9.40 47.75 -17.46
N ARG J 367 8.76 47.95 -18.61
CA ARG J 367 7.86 49.07 -18.82
C ARG J 367 6.68 48.99 -17.86
N LYS J 368 6.22 50.13 -17.37
CA LYS J 368 4.99 50.19 -16.56
C LYS J 368 3.82 49.62 -17.34
N ALA J 369 3.70 49.95 -18.64
CA ALA J 369 2.60 49.48 -19.46
C ALA J 369 2.56 47.95 -19.60
N ASN J 370 3.73 47.29 -19.76
CA ASN J 370 3.81 45.82 -19.81
C ASN J 370 3.36 45.19 -18.48
N LYS J 371 3.79 45.76 -17.35
CA LYS J 371 3.38 45.31 -16.01
C LYS J 371 1.86 45.46 -15.82
N ASP J 372 1.31 46.61 -16.19
CA ASP J 372 -0.12 46.92 -16.05
C ASP J 372 -0.99 46.04 -16.98
N ALA J 373 -0.46 45.67 -18.15
CA ALA J 373 -1.09 44.71 -19.07
C ALA J 373 -1.03 43.25 -18.57
N GLY J 374 -0.36 42.98 -17.45
CA GLY J 374 -0.18 41.64 -16.90
C GLY J 374 0.91 40.81 -17.58
N ASP J 375 1.73 41.41 -18.45
CA ASP J 375 2.84 40.75 -19.15
C ASP J 375 4.15 40.90 -18.36
N HIS J 376 4.20 40.30 -17.18
CA HIS J 376 5.20 40.57 -16.13
C HIS J 376 6.64 40.26 -16.51
N PHE J 377 6.86 39.37 -17.47
CA PHE J 377 8.19 38.96 -17.94
C PHE J 377 8.52 39.51 -19.32
N ASN J 378 7.74 40.48 -19.81
CA ASN J 378 8.06 41.23 -20.99
C ASN J 378 8.96 42.42 -20.65
N PHE J 379 10.25 42.17 -20.84
CA PHE J 379 11.32 43.15 -20.63
C PHE J 379 11.66 43.95 -21.89
N SER J 380 10.80 43.94 -22.91
CA SER J 380 11.01 44.76 -24.11
C SER J 380 10.67 46.23 -23.87
N GLY J 381 11.26 47.08 -24.69
CA GLY J 381 11.02 48.51 -24.80
C GLY J 381 9.74 48.86 -25.57
N ILE J 382 9.74 50.05 -26.14
CA ILE J 382 8.58 50.60 -26.86
C ILE J 382 8.51 49.90 -28.22
N GLY J 383 7.33 49.42 -28.61
CA GLY J 383 7.15 48.67 -29.85
C GLY J 383 7.93 47.34 -29.89
N GLY J 384 8.24 46.76 -28.73
CA GLY J 384 8.98 45.49 -28.63
C GLY J 384 10.49 45.60 -28.91
N ARG J 385 11.04 46.82 -29.00
CA ARG J 385 12.48 47.06 -29.22
C ARG J 385 13.31 46.76 -27.98
N ASP J 386 14.63 46.77 -28.12
CA ASP J 386 15.55 46.62 -26.99
C ASP J 386 15.52 47.91 -26.14
N PRO J 387 15.17 47.85 -24.84
CA PRO J 387 15.03 49.06 -24.02
C PRO J 387 16.38 49.73 -23.71
N VAL J 388 17.49 48.98 -23.77
CA VAL J 388 18.84 49.50 -23.52
C VAL J 388 19.50 49.80 -24.86
N VAL J 389 20.06 50.99 -25.00
CA VAL J 389 20.93 51.34 -26.14
C VAL J 389 22.36 50.94 -25.81
N SER J 390 22.84 51.38 -24.64
CA SER J 390 24.18 51.07 -24.16
C SER J 390 24.25 51.08 -22.63
N ALA J 391 25.27 50.42 -22.10
CA ALA J 391 25.59 50.45 -20.68
C ALA J 391 27.09 50.52 -20.44
N GLU J 392 27.46 51.09 -19.29
CA GLU J 392 28.82 51.22 -18.77
C GLU J 392 28.85 50.79 -17.29
N LEU J 393 29.91 50.10 -16.87
CA LEU J 393 30.13 49.71 -15.48
C LEU J 393 31.33 50.46 -14.91
N LEU J 394 31.12 51.20 -13.82
CA LEU J 394 32.14 52.00 -13.17
C LEU J 394 32.44 51.47 -11.75
N PHE J 395 33.72 51.37 -11.42
CA PHE J 395 34.21 51.15 -10.06
C PHE J 395 34.94 52.42 -9.60
N ASN J 396 34.51 53.03 -8.50
CA ASN J 396 35.12 54.25 -7.97
C ASN J 396 35.32 55.32 -9.07
N ASN J 397 34.28 55.55 -9.89
CA ASN J 397 34.26 56.45 -11.05
C ASN J 397 35.25 56.12 -12.19
N THR J 398 35.86 54.93 -12.17
CA THR J 398 36.73 54.44 -13.25
C THR J 398 36.01 53.35 -14.03
N ALA J 399 36.01 53.45 -15.36
CA ALA J 399 35.36 52.47 -16.23
C ALA J 399 35.99 51.08 -16.07
N ARG J 400 35.26 50.15 -15.45
CA ARG J 400 35.63 48.73 -15.42
C ARG J 400 35.22 48.05 -16.73
N VAL J 401 34.07 48.43 -17.27
CA VAL J 401 33.65 48.10 -18.62
C VAL J 401 33.21 49.41 -19.24
N THR J 402 33.92 49.86 -20.27
CA THR J 402 33.55 51.06 -21.03
C THR J 402 32.20 50.86 -21.72
N GLN J 403 31.59 51.95 -22.18
CA GLN J 403 30.30 51.90 -22.86
C GLN J 403 30.25 50.80 -23.95
N LYS J 404 29.31 49.87 -23.81
CA LYS J 404 29.03 48.79 -24.77
C LYS J 404 27.55 48.78 -25.16
N PRO J 405 27.22 48.42 -26.42
CA PRO J 405 25.83 48.34 -26.86
C PRO J 405 25.09 47.18 -26.18
N ALA J 406 23.76 47.27 -26.10
CA ALA J 406 22.89 46.26 -25.48
C ALA J 406 23.20 44.81 -25.91
N VAL J 407 23.42 44.58 -27.21
CA VAL J 407 23.70 43.25 -27.75
C VAL J 407 24.96 42.61 -27.14
N TRP J 408 25.95 43.40 -26.71
CA TRP J 408 27.14 42.87 -26.06
C TRP J 408 26.81 42.34 -24.66
N TRP J 409 26.06 43.10 -23.87
CA TRP J 409 25.62 42.70 -22.53
C TRP J 409 24.62 41.54 -22.55
N ARG J 410 23.79 41.44 -23.60
CA ARG J 410 22.76 40.40 -23.72
C ARG J 410 23.26 39.12 -24.37
N ALA J 411 23.92 39.22 -25.53
CA ALA J 411 24.27 38.07 -26.34
C ALA J 411 25.73 37.62 -26.15
N VAL J 412 26.68 38.55 -26.07
CA VAL J 412 28.10 38.18 -25.93
C VAL J 412 28.39 37.63 -24.53
N GLN J 413 27.89 38.28 -23.49
CA GLN J 413 28.06 37.79 -22.12
C GLN J 413 27.37 36.43 -21.91
N ALA J 414 26.15 36.25 -22.42
CA ALA J 414 25.48 34.95 -22.38
C ALA J 414 26.24 33.87 -23.15
N LEU J 415 26.75 34.17 -24.35
CA LEU J 415 27.56 33.24 -25.13
C LEU J 415 28.83 32.79 -24.41
N GLN J 416 29.46 33.69 -23.64
CA GLN J 416 30.75 33.42 -22.98
C GLN J 416 30.58 32.63 -21.68
N PHE J 417 29.51 32.86 -20.93
CA PHE J 417 29.44 32.42 -19.53
C PHE J 417 28.20 31.59 -19.18
N HIS J 418 27.19 31.53 -20.05
CA HIS J 418 25.92 30.89 -19.75
C HIS J 418 25.57 29.73 -20.68
N SER J 419 24.76 28.80 -20.15
CA SER J 419 24.25 27.65 -20.88
C SER J 419 23.27 28.02 -22.01
N SER J 420 22.68 29.22 -21.97
CA SER J 420 21.69 29.68 -22.94
C SER J 420 21.74 31.19 -23.15
N ALA J 421 21.28 31.63 -24.32
CA ALA J 421 21.04 33.04 -24.60
C ALA J 421 19.57 33.37 -24.28
N PRO J 422 19.30 34.52 -23.63
CA PRO J 422 17.94 34.87 -23.23
C PRO J 422 17.09 35.24 -24.46
N LEU J 423 15.83 34.80 -24.46
CA LEU J 423 14.84 35.16 -25.49
C LEU J 423 14.22 36.53 -25.24
N THR J 424 14.35 37.04 -24.02
CA THR J 424 13.91 38.37 -23.58
C THR J 424 15.11 39.29 -23.38
N ASN J 425 14.87 40.59 -23.16
CA ASN J 425 15.91 41.60 -22.98
C ASN J 425 16.52 41.55 -21.56
N ILE J 426 17.15 40.42 -21.24
CA ILE J 426 17.94 40.22 -20.03
C ILE J 426 19.41 40.40 -20.39
N TYR J 427 20.10 41.22 -19.61
CA TYR J 427 21.52 41.52 -19.78
C TYR J 427 22.28 40.91 -18.61
N SER J 428 23.51 40.48 -18.85
CA SER J 428 24.36 39.96 -17.78
C SER J 428 25.79 40.45 -17.91
N TYR J 429 26.55 40.31 -16.83
CA TYR J 429 28.00 40.46 -16.84
C TYR J 429 28.63 39.58 -15.79
N SER J 430 29.59 38.77 -16.21
CA SER J 430 30.30 37.85 -15.31
C SER J 430 31.73 38.30 -15.05
N PHE J 431 32.12 38.28 -13.77
CA PHE J 431 33.51 38.32 -13.31
C PHE J 431 34.12 36.91 -13.20
N SER J 432 33.27 35.88 -13.21
CA SER J 432 33.64 34.46 -13.10
C SER J 432 33.77 33.83 -14.50
N LEU J 433 34.74 32.95 -14.70
CA LEU J 433 34.86 32.19 -15.96
C LEU J 433 33.76 31.14 -16.12
N SER J 434 33.22 30.65 -15.01
CA SER J 434 32.18 29.62 -14.97
C SER J 434 31.20 29.91 -13.82
N PRO J 435 30.36 30.95 -13.93
CA PRO J 435 29.45 31.36 -12.85
C PRO J 435 28.35 30.33 -12.55
N GLU J 436 28.11 29.38 -13.45
CA GLU J 436 27.16 28.27 -13.27
C GLU J 436 27.78 27.08 -12.53
N ASP J 437 29.10 27.03 -12.32
CA ASP J 437 29.75 26.01 -11.48
C ASP J 437 29.53 26.36 -10.00
N PRO J 438 28.78 25.55 -9.24
CA PRO J 438 28.44 25.87 -7.87
C PRO J 438 29.56 25.55 -6.86
N ILE J 439 30.57 24.77 -7.25
CA ILE J 439 31.60 24.25 -6.32
C ILE J 439 33.01 24.79 -6.61
N THR J 440 33.26 25.29 -7.82
CA THR J 440 34.58 25.80 -8.23
C THR J 440 34.55 27.30 -8.46
N PRO J 441 35.02 28.13 -7.51
CA PRO J 441 35.21 29.56 -7.75
C PRO J 441 36.13 29.81 -8.94
N SER J 442 35.68 30.64 -9.89
CA SER J 442 36.40 30.90 -11.13
C SER J 442 36.53 32.39 -11.47
N GLY J 443 36.45 33.25 -10.45
CA GLY J 443 36.56 34.70 -10.55
C GLY J 443 35.45 35.42 -9.79
N SER J 444 35.76 36.62 -9.27
CA SER J 444 34.79 37.48 -8.61
C SER J 444 35.35 38.91 -8.46
N ALA J 445 34.48 39.88 -8.21
CA ALA J 445 34.85 41.20 -7.76
C ALA J 445 34.27 41.44 -6.36
N ASN J 446 35.10 41.83 -5.40
CA ASN J 446 34.65 42.04 -4.02
C ASN J 446 34.04 43.43 -3.85
N PHE J 447 32.70 43.49 -3.89
CA PHE J 447 31.99 44.78 -3.82
C PHE J 447 32.06 45.40 -2.43
N SER J 448 32.28 44.61 -1.36
CA SER J 448 32.52 45.15 -0.01
C SER J 448 33.84 45.93 0.13
N ARG J 449 34.68 45.98 -0.91
CA ARG J 449 35.94 46.73 -0.94
C ARG J 449 35.93 47.87 -1.96
N LEU J 450 34.81 48.08 -2.64
CA LEU J 450 34.62 49.18 -3.59
C LEU J 450 33.75 50.24 -2.92
N ASP J 451 34.16 51.50 -2.99
CA ASP J 451 33.41 52.62 -2.41
C ASP J 451 32.17 52.93 -3.24
N SER J 452 32.29 52.80 -4.58
CA SER J 452 31.15 52.90 -5.48
C SER J 452 31.22 51.89 -6.62
N VAL J 453 30.07 51.27 -6.89
CA VAL J 453 29.82 50.50 -8.10
C VAL J 453 28.59 51.09 -8.78
N GLU J 454 28.78 51.62 -9.98
CA GLU J 454 27.70 52.25 -10.75
C GLU J 454 27.50 51.55 -12.08
N LEU J 455 26.25 51.18 -12.38
CA LEU J 455 25.81 50.75 -13.70
C LEU J 455 25.09 51.93 -14.35
N ALA J 456 25.73 52.55 -15.33
CA ALA J 456 25.16 53.65 -16.09
C ALA J 456 24.52 53.10 -17.38
N LEU J 457 23.24 53.42 -17.59
CA LEU J 457 22.43 52.97 -18.71
C LEU J 457 21.99 54.17 -19.55
N THR J 458 22.16 54.04 -20.86
CA THR J 458 21.44 54.83 -21.85
C THR J 458 20.35 53.96 -22.44
N LEU J 459 19.10 54.34 -22.21
CA LEU J 459 17.91 53.66 -22.66
C LEU J 459 17.42 54.24 -23.99
N GLN J 460 16.50 53.53 -24.64
CA GLN J 460 15.82 54.02 -25.84
C GLN J 460 15.16 55.40 -25.56
N ASP J 461 14.93 56.15 -26.64
CA ASP J 461 14.21 57.41 -26.54
C ASP J 461 12.82 57.21 -25.92
N ASP J 462 12.39 58.19 -25.14
CA ASP J 462 11.11 58.24 -24.43
C ASP J 462 10.85 57.10 -23.43
N PHE J 463 11.87 56.28 -23.11
CA PHE J 463 11.77 55.28 -22.03
C PHE J 463 11.58 55.96 -20.67
N GLY J 464 10.53 55.58 -19.95
CA GLY J 464 10.20 56.18 -18.65
C GLY J 464 9.49 57.53 -18.74
N ALA J 465 9.15 58.00 -19.95
CA ALA J 465 8.34 59.20 -20.16
C ALA J 465 6.84 58.86 -20.19
N ALA J 466 5.99 59.87 -19.92
CA ALA J 466 4.53 59.81 -20.07
C ALA J 466 3.88 58.55 -19.48
N HIS J 467 3.23 57.72 -20.30
CA HIS J 467 2.51 56.50 -19.89
C HIS J 467 3.42 55.42 -19.29
N ASP J 468 4.74 55.54 -19.47
CA ASP J 468 5.74 54.63 -18.88
C ASP J 468 6.50 55.24 -17.70
N ALA J 469 6.02 56.37 -17.15
CA ALA J 469 6.54 56.90 -15.90
C ALA J 469 6.47 55.84 -14.79
N ASN J 470 7.59 55.60 -14.10
CA ASN J 470 7.76 54.51 -13.14
C ASN J 470 7.87 53.12 -13.79
N SER J 471 8.60 53.05 -14.90
CA SER J 471 9.14 51.77 -15.36
C SER J 471 10.16 51.26 -14.34
N GLU J 472 10.45 49.97 -14.35
CA GLU J 472 11.28 49.32 -13.32
C GLU J 472 12.62 48.88 -13.90
N LEU J 473 13.70 49.13 -13.18
CA LEU J 473 15.01 48.53 -13.38
C LEU J 473 15.24 47.49 -12.28
N PHE J 474 15.56 46.28 -12.69
CA PHE J 474 15.98 45.19 -11.83
C PHE J 474 17.47 44.97 -12.03
N VAL J 475 18.23 44.94 -10.94
CA VAL J 475 19.62 44.44 -10.96
C VAL J 475 19.75 43.39 -9.87
N PHE J 476 20.16 42.19 -10.23
CA PHE J 476 20.41 41.09 -9.31
C PHE J 476 21.88 40.69 -9.37
N ALA J 477 22.52 40.47 -8.23
CA ALA J 477 23.89 39.96 -8.16
C ALA J 477 23.94 38.62 -7.46
N ARG J 478 24.86 37.76 -7.91
CA ARG J 478 25.22 36.51 -7.24
C ARG J 478 26.56 36.71 -6.55
N SER J 479 26.62 36.41 -5.25
CA SER J 479 27.84 36.59 -4.44
C SER J 479 28.21 35.34 -3.67
N TYR J 480 29.51 35.10 -3.51
CA TYR J 480 30.01 34.05 -2.62
C TYR J 480 29.88 34.46 -1.16
N ASN J 481 29.47 33.50 -0.33
CA ASN J 481 29.62 33.53 1.12
C ASN J 481 29.94 32.11 1.61
N ILE J 482 30.12 31.94 2.91
CA ILE J 482 30.42 30.65 3.52
C ILE J 482 29.34 30.38 4.59
N LEU J 483 28.71 29.22 4.49
CA LEU J 483 27.84 28.70 5.54
C LEU J 483 28.65 27.74 6.41
N LYS J 484 28.68 28.00 7.72
CA LYS J 484 29.42 27.19 8.69
C LYS J 484 28.47 26.37 9.55
N PHE J 485 28.80 25.10 9.74
CA PHE J 485 28.10 24.17 10.61
C PHE J 485 28.99 23.84 11.80
N THR J 486 28.50 24.02 13.03
CA THR J 486 29.28 23.72 14.24
C THR J 486 28.34 23.38 15.39
N ASN J 487 28.59 22.25 16.07
CA ASN J 487 27.85 21.82 17.26
C ASN J 487 26.32 21.80 17.09
N GLY J 488 25.83 21.35 15.94
CA GLY J 488 24.39 21.29 15.64
C GLY J 488 23.76 22.63 15.23
N LEU J 489 24.56 23.67 15.04
CA LEU J 489 24.11 25.00 14.60
C LEU J 489 24.67 25.32 13.21
N ALA J 490 23.96 26.16 12.47
CA ALA J 490 24.36 26.65 11.15
C ALA J 490 24.27 28.18 11.10
N GLY J 491 25.27 28.84 10.52
CA GLY J 491 25.30 30.30 10.39
C GLY J 491 26.21 30.79 9.27
N ALA K 11 45.30 50.02 -8.44
CA ALA K 11 45.24 49.94 -6.97
C ALA K 11 44.12 49.00 -6.49
N GLY K 12 42.93 49.04 -7.10
CA GLY K 12 41.82 48.17 -6.75
C GLY K 12 42.06 46.68 -7.04
N SER K 13 42.56 46.32 -8.22
CA SER K 13 42.79 44.92 -8.59
C SER K 13 43.91 44.27 -7.78
N LEU K 14 44.98 45.00 -7.48
CA LEU K 14 46.02 44.52 -6.58
C LEU K 14 45.50 44.39 -5.15
N THR K 15 44.67 45.33 -4.69
CA THR K 15 44.06 45.29 -3.36
C THR K 15 43.14 44.07 -3.21
N GLN K 16 42.40 43.69 -4.25
CA GLN K 16 41.60 42.45 -4.23
C GLN K 16 42.44 41.19 -4.01
N LEU K 17 43.63 41.10 -4.64
CA LEU K 17 44.54 39.97 -4.44
C LEU K 17 45.15 39.94 -3.03
N LEU K 18 45.26 41.09 -2.38
CA LEU K 18 45.76 41.23 -1.01
C LEU K 18 44.66 41.05 0.05
N ALA K 19 43.40 41.33 -0.30
CA ALA K 19 42.24 41.22 0.56
C ALA K 19 41.80 39.76 0.75
N THR K 20 42.71 38.95 1.30
CA THR K 20 42.48 37.53 1.61
C THR K 20 42.52 37.31 3.13
N GLY K 21 41.66 36.44 3.62
CA GLY K 21 41.57 36.03 5.02
C GLY K 21 41.67 34.51 5.20
N SER K 22 41.40 34.04 6.42
CA SER K 22 41.46 32.62 6.75
C SER K 22 40.45 31.77 5.98
N MET K 23 39.32 32.33 5.54
CA MET K 23 38.34 31.62 4.70
C MET K 23 38.87 31.34 3.30
N ASP K 24 39.61 32.28 2.70
CA ASP K 24 40.18 32.14 1.36
C ASP K 24 41.25 31.05 1.30
N ALA K 25 41.89 30.76 2.44
CA ALA K 25 42.90 29.73 2.54
C ALA K 25 42.36 28.34 2.14
N ALA K 26 41.11 28.02 2.51
CA ALA K 26 40.46 26.77 2.12
C ALA K 26 40.22 26.63 0.60
N LEU K 27 40.21 27.75 -0.12
CA LEU K 27 39.90 27.79 -1.56
C LEU K 27 41.14 27.99 -2.44
N THR K 28 42.13 28.76 -1.96
CA THR K 28 43.22 29.29 -2.80
C THR K 28 44.62 29.04 -2.25
N GLN K 29 44.77 28.66 -0.97
CA GLN K 29 46.09 28.35 -0.43
C GLN K 29 46.63 27.09 -1.10
N ASN K 30 47.90 27.14 -1.53
CA ASN K 30 48.55 26.05 -2.27
C ASN K 30 47.78 25.63 -3.54
N ALA K 31 47.24 26.61 -4.28
CA ALA K 31 46.50 26.36 -5.51
C ALA K 31 47.28 25.42 -6.45
N THR K 32 46.64 24.30 -6.83
CA THR K 32 47.20 23.27 -7.71
C THR K 32 46.82 23.45 -9.18
N ARG K 33 46.03 24.50 -9.48
CA ARG K 33 45.53 24.82 -10.82
C ARG K 33 45.67 26.32 -11.08
N THR K 34 46.00 26.67 -12.32
CA THR K 34 45.96 28.04 -12.84
C THR K 34 45.04 28.12 -14.07
N PHE K 35 44.37 29.26 -14.24
CA PHE K 35 43.56 29.53 -15.44
C PHE K 35 44.39 30.08 -16.61
N TRP K 36 45.64 30.50 -16.35
CA TRP K 36 46.47 31.24 -17.32
C TRP K 36 47.53 30.40 -18.02
N LYS K 37 47.58 29.10 -17.72
CA LYS K 37 48.47 28.13 -18.39
C LYS K 37 47.71 26.83 -18.59
N SER K 38 47.64 26.36 -19.83
CA SER K 38 47.07 25.05 -20.14
C SER K 38 48.05 23.93 -19.74
N SER K 39 47.52 22.90 -19.11
CA SER K 39 48.19 21.61 -18.93
C SER K 39 47.39 20.56 -19.70
N TYR K 40 48.06 19.66 -20.39
CA TYR K 40 47.44 18.53 -21.09
C TYR K 40 48.12 17.22 -20.68
N GLN K 41 47.39 16.12 -20.78
CA GLN K 41 47.91 14.77 -20.57
C GLN K 41 48.23 14.14 -21.92
N LYS K 42 49.32 13.37 -21.99
CA LYS K 42 49.63 12.53 -23.14
C LYS K 42 48.78 11.25 -23.06
N HIS K 43 48.35 10.72 -24.20
CA HIS K 43 47.58 9.47 -24.31
C HIS K 43 48.34 8.45 -25.16
N SER K 44 47.95 7.17 -25.09
CA SER K 44 48.45 6.10 -25.97
C SER K 44 47.93 6.26 -27.40
N LEU K 45 48.60 5.65 -28.37
CA LEU K 45 48.18 5.70 -29.77
C LEU K 45 47.02 4.74 -30.01
N PHE K 46 45.98 5.21 -30.70
CA PHE K 46 44.84 4.41 -31.14
C PHE K 46 44.27 4.97 -32.45
N ALA K 47 43.51 4.15 -33.17
CA ALA K 47 42.75 4.56 -34.36
C ALA K 47 41.33 3.99 -34.32
N LEU K 48 40.38 4.70 -34.94
CA LEU K 48 38.99 4.27 -35.08
C LEU K 48 38.70 3.91 -36.53
N GLU K 49 37.96 2.83 -36.74
CA GLU K 49 37.52 2.38 -38.06
C GLU K 49 36.05 1.98 -38.02
N SER K 50 35.21 2.53 -38.90
CA SER K 50 33.82 2.11 -39.03
C SER K 50 33.69 1.06 -40.13
N ILE K 51 33.10 -0.09 -39.81
CA ILE K 51 32.95 -1.19 -40.76
C ILE K 51 31.52 -1.70 -40.74
N ASN K 52 30.92 -1.75 -41.93
CA ASN K 52 29.59 -2.29 -42.16
C ASN K 52 29.65 -3.79 -42.46
N GLN K 53 28.77 -4.57 -41.82
CA GLN K 53 28.74 -6.03 -41.89
C GLN K 53 27.32 -6.54 -42.14
N PRO K 54 27.14 -7.51 -43.06
CA PRO K 54 25.83 -8.09 -43.32
C PRO K 54 25.40 -9.04 -42.19
N PHE K 55 24.09 -9.23 -42.02
CA PHE K 55 23.57 -10.27 -41.13
C PHE K 55 23.99 -11.67 -41.60
N THR K 56 24.17 -12.58 -40.63
CA THR K 56 24.50 -13.99 -40.90
C THR K 56 23.28 -14.76 -41.41
N THR K 57 22.09 -14.37 -40.97
CA THR K 57 20.81 -14.89 -41.46
C THR K 57 20.08 -13.86 -42.31
N GLN K 58 19.07 -14.31 -43.05
CA GLN K 58 18.21 -13.41 -43.81
C GLN K 58 17.49 -12.42 -42.88
N VAL K 59 17.41 -11.17 -43.32
CA VAL K 59 16.64 -10.09 -42.69
C VAL K 59 15.28 -10.00 -43.39
N GLN K 60 14.21 -10.10 -42.61
CA GLN K 60 12.82 -10.02 -43.09
C GLN K 60 11.94 -9.42 -41.99
N PHE K 61 10.86 -8.72 -42.39
CA PHE K 61 9.85 -8.27 -41.44
C PHE K 61 9.23 -9.45 -40.68
N GLY K 62 8.96 -9.28 -39.39
CA GLY K 62 8.35 -10.28 -38.51
C GLY K 62 9.23 -11.47 -38.13
N ALA K 63 10.42 -11.61 -38.73
CA ALA K 63 11.36 -12.67 -38.44
C ALA K 63 12.37 -12.27 -37.35
N GLU K 64 13.16 -13.23 -36.88
CA GLU K 64 14.37 -12.98 -36.09
C GLU K 64 15.60 -13.20 -36.97
N SER K 65 16.55 -12.28 -36.89
CA SER K 65 17.82 -12.37 -37.60
C SER K 65 18.98 -12.19 -36.64
N HIS K 66 20.12 -12.80 -36.92
CA HIS K 66 21.33 -12.59 -36.14
C HIS K 66 22.55 -12.32 -37.01
N ILE K 67 23.53 -11.65 -36.40
CA ILE K 67 24.85 -11.40 -36.95
C ILE K 67 25.90 -11.79 -35.93
N THR K 68 26.93 -12.52 -36.38
CA THR K 68 28.16 -12.69 -35.60
C THR K 68 29.10 -11.54 -35.92
N VAL K 69 29.40 -10.71 -34.92
CA VAL K 69 30.24 -9.51 -35.07
C VAL K 69 31.68 -9.92 -35.37
N ASN K 70 32.24 -9.38 -36.46
CA ASN K 70 33.61 -9.67 -36.87
C ASN K 70 34.63 -9.11 -35.85
N ARG K 71 35.85 -9.66 -35.89
CA ARG K 71 36.97 -9.22 -35.04
C ARG K 71 37.97 -8.41 -35.86
N GLN K 72 37.56 -7.22 -36.30
CA GLN K 72 38.35 -6.36 -37.18
C GLN K 72 39.16 -5.29 -36.43
N GLY K 73 39.14 -5.29 -35.09
CA GLY K 73 40.00 -4.46 -34.24
C GLY K 73 40.12 -5.05 -32.84
N ASP K 74 40.68 -4.27 -31.91
CA ASP K 74 40.97 -4.73 -30.55
C ASP K 74 39.83 -4.44 -29.56
N LEU K 75 39.12 -3.32 -29.75
CA LEU K 75 37.91 -2.97 -29.01
C LEU K 75 36.73 -2.74 -29.96
N LEU K 76 35.52 -2.91 -29.44
CA LEU K 76 34.28 -2.52 -30.09
C LEU K 76 33.66 -1.33 -29.35
N SER K 77 33.44 -0.23 -30.06
CA SER K 77 32.94 1.04 -29.51
C SER K 77 31.49 1.27 -29.96
N TRP K 78 31.24 2.13 -30.95
CA TRP K 78 29.88 2.39 -31.42
C TRP K 78 29.31 1.23 -32.24
N MET K 79 27.98 1.10 -32.18
CA MET K 79 27.22 0.10 -32.93
C MET K 79 25.91 0.71 -33.41
N TYR K 80 25.72 0.71 -34.73
CA TYR K 80 24.52 1.21 -35.39
C TYR K 80 23.90 0.12 -36.24
N LEU K 81 22.58 -0.06 -36.13
CA LEU K 81 21.83 -0.85 -37.08
C LEU K 81 21.51 0.01 -38.30
N LYS K 82 22.15 -0.29 -39.43
CA LYS K 82 21.90 0.36 -40.70
C LYS K 82 20.72 -0.34 -41.37
N ILE K 83 19.59 0.34 -41.47
CA ILE K 83 18.36 -0.17 -42.07
C ILE K 83 18.13 0.54 -43.39
N VAL K 84 17.78 -0.21 -44.43
CA VAL K 84 17.37 0.34 -45.72
C VAL K 84 15.92 -0.07 -45.98
N LEU K 85 15.05 0.93 -46.07
CA LEU K 85 13.63 0.76 -46.38
C LEU K 85 13.35 1.25 -47.80
N PRO K 86 12.59 0.50 -48.61
CA PRO K 86 12.24 0.96 -49.93
C PRO K 86 11.28 2.15 -49.86
N GLY K 87 11.29 2.96 -50.93
CA GLY K 87 10.20 3.90 -51.16
C GLY K 87 8.88 3.17 -51.35
N LEU K 88 7.78 3.83 -50.97
CA LEU K 88 6.41 3.35 -51.07
C LEU K 88 5.68 4.10 -52.18
N LYS K 89 4.84 3.35 -52.91
CA LYS K 89 3.79 3.88 -53.79
C LYS K 89 2.49 3.15 -53.48
N VAL K 90 1.38 3.69 -53.93
CA VAL K 90 0.06 3.07 -53.76
C VAL K 90 -0.65 2.96 -55.10
N GLN K 91 -1.50 1.94 -55.21
CA GLN K 91 -2.37 1.71 -56.35
C GLN K 91 -3.73 1.23 -55.84
N ASN K 92 -4.82 1.56 -56.54
CA ASN K 92 -6.13 1.02 -56.19
C ASN K 92 -6.12 -0.50 -56.34
N GLN K 93 -6.77 -1.18 -55.39
CA GLN K 93 -6.89 -2.63 -55.41
C GLN K 93 -7.54 -3.15 -56.70
N ALA K 94 -8.49 -2.40 -57.28
CA ALA K 94 -9.16 -2.73 -58.53
C ALA K 94 -8.20 -2.74 -59.76
N ASP K 95 -7.11 -1.99 -59.70
CA ASP K 95 -6.14 -1.87 -60.80
C ASP K 95 -4.98 -2.86 -60.66
N THR K 96 -4.97 -3.68 -59.61
CA THR K 96 -3.83 -4.54 -59.26
C THR K 96 -4.08 -5.99 -59.67
N VAL K 97 -3.13 -6.60 -60.40
CA VAL K 97 -3.23 -8.00 -60.90
C VAL K 97 -3.21 -9.03 -59.77
N GLN K 98 -2.65 -8.69 -58.61
CA GLN K 98 -2.60 -9.50 -57.39
C GLN K 98 -2.87 -8.61 -56.17
N PRO K 99 -4.13 -8.34 -55.84
CA PRO K 99 -4.49 -7.39 -54.79
C PRO K 99 -4.29 -7.92 -53.37
N THR K 100 -4.03 -9.22 -53.20
CA THR K 100 -3.90 -9.87 -51.89
C THR K 100 -2.59 -9.47 -51.22
N GLN K 101 -2.71 -8.64 -50.19
CA GLN K 101 -1.61 -8.18 -49.35
C GLN K 101 -2.07 -8.19 -47.88
N GLN K 102 -1.12 -8.18 -46.94
CA GLN K 102 -1.42 -7.94 -45.53
C GLN K 102 -2.19 -6.62 -45.36
N SER K 103 -3.07 -6.56 -44.35
CA SER K 103 -3.80 -5.34 -44.01
C SER K 103 -2.86 -4.34 -43.32
N PHE K 104 -3.02 -3.05 -43.65
CA PHE K 104 -2.30 -1.94 -43.03
C PHE K 104 -3.30 -0.99 -42.39
N ALA K 105 -2.89 -0.28 -41.34
CA ALA K 105 -3.68 0.80 -40.77
C ALA K 105 -3.99 1.87 -41.84
N SER K 106 -5.20 2.41 -41.83
CA SER K 106 -5.63 3.40 -42.81
C SER K 106 -6.36 4.57 -42.17
N LEU K 107 -6.15 5.77 -42.72
CA LEU K 107 -6.65 7.01 -42.15
C LEU K 107 -8.16 7.22 -42.37
N ASP K 108 -8.75 6.57 -43.38
CA ASP K 108 -10.20 6.47 -43.57
C ASP K 108 -10.88 5.56 -42.53
N ASN K 109 -10.10 4.78 -41.77
CA ASN K 109 -10.57 3.96 -40.67
C ASN K 109 -9.76 4.26 -39.40
N ASP K 110 -9.79 5.50 -38.95
CA ASP K 110 -9.07 5.95 -37.75
C ASP K 110 -9.66 5.33 -36.47
N VAL K 111 -9.09 4.19 -36.07
CA VAL K 111 -9.52 3.42 -34.89
C VAL K 111 -9.30 4.20 -33.60
N ALA K 112 -8.28 5.07 -33.53
CA ALA K 112 -8.01 5.89 -32.36
C ALA K 112 -9.08 6.97 -32.19
N ALA K 113 -9.45 7.66 -33.27
CA ALA K 113 -10.54 8.63 -33.25
C ALA K 113 -11.89 7.96 -32.93
N GLN K 114 -12.17 6.77 -33.50
CA GLN K 114 -13.38 6.02 -33.19
C GLN K 114 -13.44 5.61 -31.72
N ALA K 115 -12.32 5.16 -31.15
CA ALA K 115 -12.23 4.84 -29.72
C ALA K 115 -12.51 6.08 -28.86
N ASP K 116 -11.91 7.24 -29.18
CA ASP K 116 -12.20 8.50 -28.48
C ASP K 116 -13.67 8.90 -28.56
N VAL K 117 -14.30 8.76 -29.74
CA VAL K 117 -15.73 9.03 -29.91
C VAL K 117 -16.57 8.08 -29.05
N SER K 118 -16.18 6.81 -28.91
CA SER K 118 -16.94 5.83 -28.13
C SER K 118 -17.10 6.23 -26.65
N HIS K 119 -16.10 6.90 -26.06
CA HIS K 119 -16.14 7.37 -24.68
C HIS K 119 -17.09 8.56 -24.47
N VAL K 120 -17.34 9.35 -25.52
CA VAL K 120 -18.23 10.52 -25.45
C VAL K 120 -19.64 10.24 -25.95
N LEU K 121 -19.91 9.09 -26.57
CA LEU K 121 -21.26 8.68 -27.01
C LEU K 121 -22.35 8.86 -25.94
N PRO K 122 -22.12 8.53 -24.65
CA PRO K 122 -23.14 8.73 -23.60
C PRO K 122 -23.49 10.20 -23.33
N TYR K 123 -22.68 11.14 -23.81
CA TYR K 123 -22.82 12.58 -23.61
C TYR K 123 -23.35 13.30 -24.85
N ILE K 124 -23.63 12.57 -25.94
CA ILE K 124 -24.24 13.15 -27.13
C ILE K 124 -25.74 13.33 -26.90
N GLU K 125 -26.19 14.59 -26.93
CA GLU K 125 -27.60 14.95 -26.87
C GLU K 125 -28.18 15.11 -28.29
N GLY K 126 -29.36 14.53 -28.55
CA GLY K 126 -30.05 14.65 -29.85
C GLY K 126 -29.84 13.48 -30.84
N ALA K 127 -30.36 13.65 -32.05
CA ALA K 127 -30.45 12.60 -33.07
C ALA K 127 -29.12 12.38 -33.82
N TYR K 128 -28.12 11.82 -33.13
CA TYR K 128 -26.78 11.57 -33.70
C TYR K 128 -26.80 10.69 -34.94
N THR K 129 -27.57 9.59 -34.93
CA THR K 129 -27.57 8.59 -36.00
C THR K 129 -28.03 9.14 -37.35
N GLU K 130 -29.00 10.06 -37.34
CA GLU K 130 -29.63 10.64 -38.54
C GLU K 130 -29.00 11.97 -38.97
N ALA K 131 -28.08 12.52 -38.16
CA ALA K 131 -27.46 13.80 -38.41
C ALA K 131 -26.53 13.80 -39.65
N SER K 132 -26.45 14.96 -40.32
CA SER K 132 -25.45 15.19 -41.37
C SER K 132 -24.02 15.10 -40.82
N LEU K 133 -23.01 14.86 -41.65
CA LEU K 133 -21.61 14.72 -41.19
C LEU K 133 -21.14 15.94 -40.38
N ASN K 134 -21.37 17.15 -40.90
CA ASN K 134 -21.00 18.40 -40.21
C ASN K 134 -21.74 18.55 -38.87
N THR K 135 -23.00 18.11 -38.81
CA THR K 135 -23.77 18.12 -37.56
C THR K 135 -23.23 17.08 -36.58
N LYS K 136 -22.81 15.89 -37.04
CA LYS K 136 -22.17 14.87 -36.18
C LYS K 136 -20.87 15.38 -35.57
N GLU K 137 -20.04 16.09 -36.34
CA GLU K 137 -18.80 16.69 -35.83
C GLU K 137 -19.07 17.74 -34.73
N GLN K 138 -20.10 18.58 -34.92
CA GLN K 138 -20.56 19.53 -33.90
C GLN K 138 -21.03 18.82 -32.63
N LEU K 139 -21.91 17.82 -32.76
CA LEU K 139 -22.42 17.04 -31.64
C LEU K 139 -21.31 16.32 -30.87
N ILE K 140 -20.30 15.79 -31.57
CA ILE K 140 -19.14 15.15 -30.93
C ILE K 140 -18.31 16.18 -30.14
N ALA K 141 -18.09 17.37 -30.69
CA ALA K 141 -17.33 18.42 -30.01
C ALA K 141 -18.07 18.95 -28.76
N GLU K 142 -19.39 19.10 -28.84
CA GLU K 142 -20.23 19.46 -27.68
C GLU K 142 -20.22 18.34 -26.62
N ALA K 143 -20.37 17.08 -27.05
CA ALA K 143 -20.29 15.93 -26.15
C ALA K 143 -18.92 15.79 -25.47
N LYS K 144 -17.83 16.13 -26.18
CA LYS K 144 -16.48 16.20 -25.58
C LYS K 144 -16.44 17.23 -24.46
N ASN K 145 -17.01 18.43 -24.64
CA ASN K 145 -17.11 19.41 -23.56
C ASN K 145 -17.90 18.87 -22.36
N SER K 146 -19.05 18.23 -22.59
CA SER K 146 -19.88 17.65 -21.53
C SER K 146 -19.17 16.51 -20.78
N TYR K 147 -18.49 15.63 -21.51
CA TYR K 147 -17.65 14.57 -20.96
C TYR K 147 -16.52 15.15 -20.09
N GLU K 148 -15.78 16.13 -20.61
CA GLU K 148 -14.66 16.71 -19.89
C GLU K 148 -15.09 17.54 -18.67
N ALA K 149 -16.23 18.23 -18.75
CA ALA K 149 -16.84 18.90 -17.61
C ALA K 149 -17.23 17.88 -16.54
N ALA K 150 -17.86 16.77 -16.91
CA ALA K 150 -18.32 15.74 -15.98
C ALA K 150 -17.16 14.97 -15.33
N LYS K 151 -16.10 14.66 -16.08
CA LYS K 151 -14.98 13.83 -15.61
C LYS K 151 -13.86 14.63 -14.96
N TYR K 152 -13.60 15.83 -15.45
CA TYR K 152 -12.42 16.62 -15.08
C TYR K 152 -12.74 18.01 -14.55
N ASN K 153 -14.03 18.38 -14.42
CA ASN K 153 -14.46 19.75 -14.12
C ASN K 153 -13.82 20.78 -15.05
N ALA K 154 -13.57 20.40 -16.31
CA ALA K 154 -12.96 21.27 -17.30
C ALA K 154 -13.95 22.34 -17.77
N ALA K 155 -13.46 23.56 -17.96
CA ALA K 155 -14.24 24.59 -18.65
C ALA K 155 -14.38 24.22 -20.12
N PRO K 156 -15.55 24.45 -20.76
CA PRO K 156 -15.74 24.10 -22.15
C PRO K 156 -14.84 24.92 -23.06
N LEU K 157 -14.25 24.26 -24.06
CA LEU K 157 -13.54 24.94 -25.14
C LEU K 157 -14.54 25.35 -26.23
N PRO K 158 -14.35 26.51 -26.90
CA PRO K 158 -15.14 26.86 -28.07
C PRO K 158 -15.08 25.73 -29.11
N VAL K 159 -16.24 25.32 -29.64
CA VAL K 159 -16.34 24.19 -30.60
C VAL K 159 -15.38 24.37 -31.79
N ALA K 160 -15.25 25.59 -32.30
CA ALA K 160 -14.33 25.93 -33.38
C ALA K 160 -12.85 25.64 -33.05
N ALA K 161 -12.45 25.71 -31.78
CA ALA K 161 -11.07 25.41 -31.36
C ALA K 161 -10.79 23.89 -31.27
N GLN K 162 -11.83 23.07 -31.14
CA GLN K 162 -11.73 21.61 -31.12
C GLN K 162 -11.75 20.99 -32.52
N MET K 163 -12.36 21.69 -33.48
CA MET K 163 -12.38 21.31 -34.88
C MET K 163 -11.06 21.65 -35.56
N GLN K 164 -9.97 20.99 -35.14
CA GLN K 164 -8.71 21.06 -35.86
C GLN K 164 -8.78 20.15 -37.09
N SER K 165 -8.94 20.72 -38.29
CA SER K 165 -8.68 19.97 -39.51
C SER K 165 -7.17 19.83 -39.64
N THR K 166 -6.67 18.60 -39.51
CA THR K 166 -5.34 18.31 -40.06
C THR K 166 -5.51 18.39 -41.56
N GLU K 167 -4.89 19.37 -42.23
CA GLU K 167 -4.90 19.44 -43.70
C GLU K 167 -4.18 18.21 -44.26
N MET K 168 -4.95 17.15 -44.49
CA MET K 168 -4.47 15.96 -45.13
C MET K 168 -4.49 16.19 -46.65
N PRO K 169 -3.48 15.74 -47.38
CA PRO K 169 -3.45 15.94 -48.82
C PRO K 169 -4.58 15.17 -49.53
N ASP K 170 -5.16 15.77 -50.57
CA ASP K 170 -6.25 15.20 -51.39
C ASP K 170 -5.75 14.18 -52.44
N PHE K 171 -4.71 13.41 -52.11
CA PHE K 171 -4.16 12.37 -52.98
C PHE K 171 -3.85 11.10 -52.20
N ASP K 172 -3.65 9.99 -52.92
CA ASP K 172 -3.33 8.71 -52.30
C ASP K 172 -1.87 8.57 -51.90
N TYR K 173 -1.63 8.04 -50.71
CA TYR K 173 -0.28 7.80 -50.21
C TYR K 173 -0.25 6.65 -49.20
N ALA K 174 0.97 6.17 -48.96
CA ALA K 174 1.33 5.36 -47.81
C ALA K 174 2.67 5.85 -47.26
N TYR K 175 2.88 5.66 -45.96
CA TYR K 175 4.12 6.05 -45.30
C TYR K 175 4.52 5.06 -44.21
N TRP K 176 5.82 5.01 -43.96
CA TRP K 176 6.39 4.31 -42.81
C TRP K 176 6.00 5.04 -41.51
N THR K 177 5.62 4.30 -40.48
CA THR K 177 5.19 4.87 -39.19
C THR K 177 6.28 5.75 -38.55
N GLU K 178 5.86 6.65 -37.65
CA GLU K 178 6.75 7.57 -36.94
C GLU K 178 7.84 6.81 -36.17
N ALA K 179 9.09 7.29 -36.28
CA ALA K 179 10.26 6.66 -35.67
C ALA K 179 10.42 5.18 -36.06
N ILE K 180 10.13 4.85 -37.33
CA ILE K 180 10.19 3.50 -37.90
C ILE K 180 11.50 2.77 -37.57
N GLY K 181 12.63 3.48 -37.49
CA GLY K 181 13.93 2.89 -37.13
C GLY K 181 13.92 2.22 -35.76
N PHE K 182 13.23 2.79 -34.77
CA PHE K 182 13.02 2.13 -33.47
C PHE K 182 11.94 1.07 -33.55
N HIS K 183 10.81 1.36 -34.20
CA HIS K 183 9.68 0.43 -34.26
C HIS K 183 10.05 -0.93 -34.89
N LEU K 184 10.92 -0.90 -35.91
CA LEU K 184 11.44 -2.11 -36.56
C LEU K 184 12.14 -3.06 -35.60
N ILE K 185 12.80 -2.53 -34.55
CA ILE K 185 13.57 -3.31 -33.59
C ILE K 185 12.66 -3.67 -32.42
N LYS K 186 11.79 -4.68 -32.58
CA LYS K 186 10.92 -5.11 -31.47
C LYS K 186 11.74 -5.52 -30.25
N ARG K 187 12.85 -6.21 -30.49
CA ARG K 187 13.82 -6.60 -29.47
C ARG K 187 15.19 -6.81 -30.10
N ALA K 188 16.25 -6.36 -29.44
CA ALA K 188 17.61 -6.74 -29.79
C ALA K 188 18.34 -7.30 -28.57
N GLU K 189 19.14 -8.33 -28.77
CA GLU K 189 19.91 -9.00 -27.72
C GLU K 189 21.39 -8.98 -28.09
N PHE K 190 22.22 -8.45 -27.19
CA PHE K 190 23.67 -8.52 -27.29
C PHE K 190 24.14 -9.78 -26.56
N LYS K 191 24.69 -10.75 -27.31
CA LYS K 191 25.14 -12.04 -26.77
C LYS K 191 26.65 -12.21 -26.88
N VAL K 192 27.23 -12.83 -25.86
CA VAL K 192 28.64 -13.17 -25.80
C VAL K 192 28.78 -14.61 -25.32
N GLY K 193 29.40 -15.47 -26.14
CA GLY K 193 29.59 -16.89 -25.79
C GLY K 193 28.26 -17.66 -25.64
N GLY K 194 27.19 -17.19 -26.30
CA GLY K 194 25.84 -17.77 -26.20
C GLY K 194 24.99 -17.22 -25.05
N ALA K 195 25.58 -16.52 -24.09
CA ALA K 195 24.84 -15.85 -23.01
C ALA K 195 24.36 -14.46 -23.44
N THR K 196 23.11 -14.12 -23.16
CA THR K 196 22.58 -12.76 -23.34
C THR K 196 23.15 -11.85 -22.26
N ILE K 197 23.93 -10.84 -22.68
CA ILE K 197 24.53 -9.84 -21.80
C ILE K 197 23.55 -8.71 -21.55
N ASP K 198 22.81 -8.28 -22.57
CA ASP K 198 21.79 -7.24 -22.41
C ASP K 198 20.70 -7.38 -23.49
N THR K 199 19.52 -6.85 -23.22
CA THR K 199 18.37 -6.84 -24.13
C THR K 199 17.78 -5.44 -24.18
N ILE K 200 17.48 -4.95 -25.38
CA ILE K 200 16.79 -3.66 -25.58
C ILE K 200 15.51 -3.89 -26.38
N TRP K 201 14.51 -3.04 -26.15
CA TRP K 201 13.20 -3.09 -26.80
C TRP K 201 12.93 -1.78 -27.56
N SER K 202 12.11 -1.84 -28.61
CA SER K 202 11.66 -0.65 -29.37
C SER K 202 11.17 0.48 -28.45
N GLU K 203 10.26 0.12 -27.55
CA GLU K 203 9.64 1.05 -26.60
C GLU K 203 10.68 1.66 -25.65
N LEU K 204 11.68 0.88 -25.19
CA LEU K 204 12.77 1.37 -24.37
C LEU K 204 13.68 2.32 -25.16
N LEU K 205 14.05 1.99 -26.41
CA LEU K 205 14.87 2.85 -27.26
C LEU K 205 14.25 4.24 -27.42
N PHE K 206 12.94 4.27 -27.67
CA PHE K 206 12.21 5.53 -27.79
C PHE K 206 12.20 6.30 -26.46
N ALA K 207 11.96 5.62 -25.33
CA ALA K 207 11.95 6.27 -24.02
C ALA K 207 13.32 6.85 -23.63
N MET K 208 14.38 6.10 -23.92
CA MET K 208 15.76 6.54 -23.72
C MET K 208 16.11 7.76 -24.56
N GLU K 209 15.70 7.82 -25.83
CA GLU K 209 15.89 9.00 -26.67
C GLU K 209 15.08 10.21 -26.18
N GLU K 210 13.87 10.01 -25.66
CA GLU K 210 13.06 11.08 -25.10
C GLU K 210 13.71 11.73 -23.88
N LEU K 211 14.25 10.93 -22.96
CA LEU K 211 14.83 11.38 -21.69
C LEU K 211 16.30 11.81 -21.83
N MET K 212 17.11 11.01 -22.54
CA MET K 212 18.56 11.19 -22.61
C MET K 212 19.03 11.85 -23.92
N GLY K 213 18.14 12.01 -24.90
CA GLY K 213 18.44 12.67 -26.17
C GLY K 213 18.78 14.14 -25.97
N ARG K 214 20.02 14.51 -26.26
CA ARG K 214 20.52 15.88 -26.06
C ARG K 214 19.98 16.85 -27.12
N ALA K 215 19.71 18.08 -26.71
CA ALA K 215 19.33 19.15 -27.64
C ALA K 215 20.38 19.31 -28.75
N GLY K 216 19.93 19.41 -30.00
CA GLY K 216 20.79 19.48 -31.20
C GLY K 216 21.43 18.15 -31.63
N ARG K 217 21.19 17.05 -30.89
CA ARG K 217 21.65 15.69 -31.24
C ARG K 217 20.53 14.65 -31.13
N ARG K 218 19.28 15.09 -31.31
CA ARG K 218 18.13 14.18 -31.36
C ARG K 218 18.22 13.30 -32.60
N LEU K 219 17.76 12.06 -32.48
CA LEU K 219 17.92 11.03 -33.50
C LEU K 219 16.98 11.16 -34.70
N THR K 220 16.25 12.28 -34.84
CA THR K 220 15.12 12.47 -35.75
C THR K 220 15.29 11.80 -37.11
N GLU K 221 16.18 12.30 -37.95
CA GLU K 221 16.43 11.76 -39.29
C GLU K 221 16.99 10.33 -39.24
N THR K 222 17.89 10.05 -38.29
CA THR K 222 18.57 8.75 -38.16
C THR K 222 17.63 7.57 -37.86
N ILE K 223 16.42 7.84 -37.33
CA ILE K 223 15.41 6.82 -37.01
C ILE K 223 14.08 7.03 -37.74
N GLY K 224 13.98 8.01 -38.65
CA GLY K 224 12.73 8.31 -39.36
C GLY K 224 11.65 8.93 -38.46
N ARG K 225 12.02 9.83 -37.55
CA ARG K 225 11.12 10.53 -36.63
C ARG K 225 10.91 11.99 -37.04
N THR K 226 9.65 12.41 -37.17
CA THR K 226 9.22 13.74 -37.65
C THR K 226 8.54 14.60 -36.58
N LEU K 227 8.44 14.10 -35.36
CA LEU K 227 7.67 14.68 -34.27
C LEU K 227 6.18 14.78 -34.61
N ARG K 228 5.61 13.69 -35.14
CA ARG K 228 4.19 13.55 -35.51
C ARG K 228 3.73 14.58 -36.54
N ARG K 229 4.52 14.76 -37.62
CA ARG K 229 4.12 15.56 -38.80
C ARG K 229 3.90 14.61 -39.98
N PRO K 230 2.65 14.13 -40.20
CA PRO K 230 2.37 13.09 -41.20
C PRO K 230 2.87 13.45 -42.60
N THR K 231 2.78 14.71 -42.99
CA THR K 231 3.23 15.19 -44.31
C THR K 231 4.74 14.99 -44.54
N GLU K 232 5.56 15.06 -43.49
CA GLU K 232 6.99 14.80 -43.58
C GLU K 232 7.28 13.29 -43.69
N LEU K 233 6.53 12.45 -42.96
CA LEU K 233 6.61 10.99 -43.11
C LEU K 233 6.23 10.54 -44.53
N MET K 234 5.19 11.14 -45.10
CA MET K 234 4.78 10.89 -46.50
C MET K 234 5.90 11.26 -47.47
N LYS K 235 6.48 12.46 -47.35
CA LYS K 235 7.57 12.90 -48.23
C LYS K 235 8.77 11.95 -48.14
N ALA K 236 9.20 11.61 -46.93
CA ALA K 236 10.32 10.69 -46.72
C ALA K 236 10.03 9.30 -47.29
N SER K 237 8.79 8.81 -47.17
CA SER K 237 8.41 7.46 -47.58
C SER K 237 8.25 7.26 -49.08
N ARG K 238 8.33 8.31 -49.91
CA ARG K 238 8.23 8.19 -51.38
C ARG K 238 9.50 7.66 -52.06
N GLN K 239 10.61 7.63 -51.33
CA GLN K 239 11.92 7.20 -51.82
C GLN K 239 12.57 6.26 -50.82
N GLU K 240 13.67 5.61 -51.24
CA GLU K 240 14.45 4.77 -50.35
C GLU K 240 14.97 5.58 -49.15
N GLN K 241 14.86 5.01 -47.95
CA GLN K 241 15.37 5.60 -46.72
C GLN K 241 16.49 4.74 -46.16
N ILE K 242 17.58 5.38 -45.76
CA ILE K 242 18.69 4.75 -45.06
C ILE K 242 18.71 5.32 -43.64
N LEU K 243 18.48 4.46 -42.65
CA LEU K 243 18.41 4.80 -41.24
C LEU K 243 19.62 4.22 -40.51
N TYR K 244 20.16 4.96 -39.55
CA TYR K 244 21.27 4.53 -38.70
C TYR K 244 20.82 4.56 -37.24
N VAL K 245 20.29 3.44 -36.77
CA VAL K 245 19.70 3.35 -35.43
C VAL K 245 20.80 3.00 -34.42
N PRO K 246 21.16 3.91 -33.50
CA PRO K 246 22.17 3.60 -32.49
C PRO K 246 21.64 2.53 -31.53
N LEU K 247 22.48 1.53 -31.23
CA LEU K 247 22.19 0.52 -30.21
C LEU K 247 22.91 0.90 -28.90
N PRO K 248 22.20 1.38 -27.88
CA PRO K 248 22.79 2.05 -26.71
C PRO K 248 23.34 1.08 -25.66
N TRP K 249 24.12 0.08 -26.07
CA TRP K 249 24.76 -0.87 -25.15
C TRP K 249 25.73 -0.16 -24.19
N TYR K 250 26.04 -0.79 -23.06
CA TYR K 250 26.94 -0.20 -22.05
C TYR K 250 28.27 0.29 -22.65
N PHE K 251 28.85 -0.48 -23.59
CA PHE K 251 30.14 -0.20 -24.21
C PHE K 251 30.11 0.95 -25.23
N THR K 252 28.92 1.39 -25.66
CA THR K 252 28.79 2.54 -26.58
C THR K 252 28.72 3.88 -25.84
N LYS K 253 28.65 3.86 -24.50
CA LYS K 253 28.38 5.07 -23.68
C LYS K 253 29.62 5.84 -23.29
N HIS K 254 30.76 5.18 -23.19
CA HIS K 254 32.03 5.81 -22.81
C HIS K 254 33.22 5.03 -23.38
N PRO K 255 34.29 5.68 -23.88
CA PRO K 255 35.44 4.98 -24.45
C PRO K 255 36.10 3.96 -23.52
N SER K 256 36.13 4.21 -22.20
CA SER K 256 36.69 3.27 -21.22
C SER K 256 35.85 2.00 -21.02
N LEU K 257 34.63 1.96 -21.55
CA LEU K 257 33.74 0.80 -21.49
C LEU K 257 33.69 0.04 -22.82
N ALA K 258 34.43 0.48 -23.85
CA ALA K 258 34.50 -0.21 -25.13
C ALA K 258 34.77 -1.71 -24.90
N PHE K 259 34.04 -2.55 -25.63
CA PHE K 259 34.04 -3.98 -25.38
C PHE K 259 35.38 -4.58 -25.86
N PRO K 260 36.17 -5.21 -24.97
CA PRO K 260 37.52 -5.67 -25.30
C PRO K 260 37.48 -6.99 -26.08
N LEU K 261 37.45 -6.88 -27.41
CA LEU K 261 37.42 -8.04 -28.31
C LEU K 261 38.60 -8.99 -28.03
N VAL K 262 39.81 -8.45 -27.88
CA VAL K 262 41.02 -9.24 -27.60
C VAL K 262 40.96 -10.01 -26.29
N ALA K 263 40.24 -9.50 -25.29
CA ALA K 263 40.09 -10.17 -24.00
C ALA K 263 39.01 -11.26 -24.00
N ALA K 264 38.14 -11.28 -25.02
CA ALA K 264 37.05 -12.24 -25.18
C ALA K 264 37.28 -13.19 -26.36
N THR K 265 38.54 -13.47 -26.74
CA THR K 265 38.93 -14.20 -27.97
C THR K 265 38.19 -15.52 -28.22
N TYR K 266 37.82 -16.28 -27.19
CA TYR K 266 37.18 -17.58 -27.31
C TYR K 266 35.64 -17.53 -27.31
N HIS K 267 35.03 -16.35 -27.25
CA HIS K 267 33.58 -16.18 -27.33
C HIS K 267 33.15 -15.48 -28.62
N ASN K 268 32.15 -16.04 -29.29
CA ASN K 268 31.48 -15.33 -30.37
C ASN K 268 30.64 -14.20 -29.79
N ILE K 269 30.67 -13.05 -30.45
CA ILE K 269 29.87 -11.89 -30.13
C ILE K 269 28.77 -11.81 -31.17
N GLN K 270 27.53 -11.77 -30.72
CA GLN K 270 26.39 -11.81 -31.62
C GLN K 270 25.38 -10.73 -31.27
N LEU K 271 24.79 -10.13 -32.29
CA LEU K 271 23.61 -9.32 -32.16
C LEU K 271 22.44 -10.10 -32.76
N TRP K 272 21.41 -10.31 -31.97
CA TRP K 272 20.13 -10.90 -32.40
C TRP K 272 19.09 -9.80 -32.45
N VAL K 273 18.28 -9.75 -33.51
CA VAL K 273 17.24 -8.74 -33.70
C VAL K 273 15.94 -9.43 -34.10
N GLN K 274 14.89 -9.20 -33.32
CA GLN K 274 13.52 -9.55 -33.66
C GLN K 274 12.87 -8.35 -34.35
N TRP K 275 12.46 -8.54 -35.60
CA TRP K 275 11.93 -7.50 -36.45
C TRP K 275 10.42 -7.34 -36.29
N ALA K 276 9.92 -6.11 -36.42
CA ALA K 276 8.48 -5.82 -36.46
C ALA K 276 7.82 -6.45 -37.69
N GLN K 277 6.54 -6.82 -37.55
CA GLN K 277 5.72 -7.27 -38.68
C GLN K 277 5.43 -6.11 -39.64
N LEU K 278 5.45 -6.39 -40.94
CA LEU K 278 5.28 -5.40 -42.00
C LEU K 278 3.94 -4.63 -41.87
N ASN K 279 2.85 -5.34 -41.57
CA ASN K 279 1.52 -4.76 -41.32
C ASN K 279 1.52 -3.62 -40.28
N SER K 280 2.42 -3.65 -39.31
CA SER K 280 2.54 -2.63 -38.26
C SER K 280 3.41 -1.44 -38.67
N CYS K 281 4.16 -1.54 -39.76
CA CYS K 281 5.15 -0.54 -40.13
C CYS K 281 4.60 0.54 -41.07
N ILE K 282 3.44 0.33 -41.68
CA ILE K 282 2.90 1.18 -42.75
C ILE K 282 1.50 1.69 -42.40
N ILE K 283 1.26 2.96 -42.69
CA ILE K 283 -0.06 3.60 -42.65
C ILE K 283 -0.39 4.11 -44.06
N LYS K 284 -1.64 3.95 -44.50
CA LYS K 284 -2.12 4.39 -45.82
C LYS K 284 -3.28 5.37 -45.74
N SER K 285 -3.47 6.21 -46.76
CA SER K 285 -4.57 7.17 -46.80
C SER K 285 -5.95 6.48 -46.78
N ARG K 286 -6.10 5.38 -47.52
CA ARG K 286 -7.37 4.65 -47.67
C ARG K 286 -7.23 3.13 -47.59
N SER K 287 -8.25 2.50 -47.04
CA SER K 287 -8.34 1.05 -46.76
C SER K 287 -8.25 0.17 -48.02
N ASN K 288 -8.71 0.67 -49.17
CA ASN K 288 -8.75 -0.05 -50.46
C ASN K 288 -7.48 0.10 -51.33
N LEU K 289 -6.40 0.66 -50.78
CA LEU K 289 -5.12 0.79 -51.49
C LEU K 289 -4.21 -0.42 -51.25
N VAL K 290 -3.50 -0.82 -52.31
CA VAL K 290 -2.37 -1.75 -52.26
C VAL K 290 -1.08 -0.96 -52.17
N VAL K 291 -0.18 -1.35 -51.28
CA VAL K 291 1.11 -0.68 -51.08
C VAL K 291 2.18 -1.39 -51.88
N LEU K 292 2.87 -0.66 -52.74
CA LEU K 292 3.88 -1.14 -53.67
C LEU K 292 5.28 -0.66 -53.28
N HIS K 293 6.29 -1.47 -53.57
CA HIS K 293 7.68 -1.04 -53.60
C HIS K 293 7.87 -0.05 -54.76
N ALA K 294 8.29 1.18 -54.46
CA ALA K 294 8.29 2.30 -55.42
C ALA K 294 9.16 2.08 -56.66
N GLU K 295 10.31 1.43 -56.49
CA GLU K 295 11.24 1.11 -57.59
C GLU K 295 10.84 -0.15 -58.36
N ARG K 296 10.52 -1.24 -57.65
CA ARG K 296 10.24 -2.55 -58.25
C ARG K 296 8.83 -2.69 -58.81
N ASN K 297 7.90 -1.80 -58.42
CA ASN K 297 6.48 -1.84 -58.80
C ASN K 297 5.79 -3.20 -58.52
N VAL K 298 6.15 -3.81 -57.40
CA VAL K 298 5.51 -5.04 -56.88
C VAL K 298 4.92 -4.76 -55.50
N PRO K 299 3.86 -5.49 -55.06
CA PRO K 299 3.35 -5.37 -53.70
C PRO K 299 4.47 -5.50 -52.67
N ILE K 300 4.45 -4.64 -51.65
CA ILE K 300 5.45 -4.72 -50.59
C ILE K 300 5.28 -6.01 -49.77
N SER K 301 6.38 -6.69 -49.50
CA SER K 301 6.45 -8.01 -48.86
C SER K 301 7.54 -8.05 -47.79
N ASP K 302 7.52 -9.11 -46.97
CA ASP K 302 8.37 -9.22 -45.79
C ASP K 302 9.87 -9.28 -46.10
N ASP K 303 10.25 -9.69 -47.31
CA ASP K 303 11.64 -9.79 -47.80
C ASP K 303 12.22 -8.46 -48.32
N HIS K 304 11.44 -7.38 -48.31
CA HIS K 304 11.91 -6.06 -48.70
C HIS K 304 12.63 -5.30 -47.58
N LEU K 305 12.65 -5.81 -46.34
CA LEU K 305 13.49 -5.25 -45.28
C LEU K 305 14.95 -5.59 -45.54
N ARG K 306 15.82 -4.59 -45.55
CA ARG K 306 17.27 -4.80 -45.59
C ARG K 306 17.91 -4.15 -44.38
N ALA K 307 18.83 -4.86 -43.75
CA ALA K 307 19.62 -4.32 -42.66
C ALA K 307 21.04 -4.87 -42.65
N SER K 308 21.96 -4.08 -42.10
CA SER K 308 23.33 -4.44 -41.83
C SER K 308 23.78 -3.79 -40.52
N LEU K 309 24.88 -4.24 -39.94
CA LEU K 309 25.42 -3.72 -38.70
C LEU K 309 26.68 -2.90 -38.98
N GLU K 310 26.66 -1.63 -38.60
CA GLU K 310 27.82 -0.76 -38.68
C GLU K 310 28.48 -0.66 -37.29
N CYS K 311 29.70 -1.19 -37.19
CA CYS K 311 30.48 -1.25 -35.95
C CYS K 311 31.71 -0.35 -36.06
N THR K 312 31.98 0.43 -35.02
CA THR K 312 33.25 1.15 -34.88
C THR K 312 34.23 0.32 -34.06
N TYR K 313 35.31 -0.10 -34.70
CA TYR K 313 36.43 -0.80 -34.08
C TYR K 313 37.49 0.19 -33.62
N VAL K 314 38.18 -0.15 -32.53
CA VAL K 314 39.36 0.57 -32.06
C VAL K 314 40.58 -0.32 -32.26
N HIS K 315 41.59 0.22 -32.93
CA HIS K 315 42.91 -0.39 -33.08
C HIS K 315 43.85 0.24 -32.06
N LEU K 316 44.49 -0.60 -31.25
CA LEU K 316 45.38 -0.17 -30.18
C LEU K 316 46.84 -0.37 -30.58
N GLU K 317 47.74 0.43 -29.99
CA GLU K 317 49.16 0.12 -30.03
C GLU K 317 49.44 -1.23 -29.35
N ALA K 318 50.44 -1.97 -29.85
CA ALA K 318 50.78 -3.31 -29.38
C ALA K 318 50.93 -3.40 -27.85
N ALA K 319 51.59 -2.43 -27.23
CA ALA K 319 51.78 -2.43 -25.78
C ALA K 319 50.45 -2.36 -24.99
N GLU K 320 49.49 -1.54 -25.44
CA GLU K 320 48.18 -1.43 -24.79
C GLU K 320 47.31 -2.67 -25.08
N ARG K 321 47.36 -3.17 -26.32
CA ARG K 321 46.69 -4.42 -26.72
C ARG K 321 47.15 -5.60 -25.88
N ASP K 322 48.47 -5.74 -25.68
CA ASP K 322 49.06 -6.82 -24.89
C ASP K 322 48.68 -6.69 -23.40
N ALA K 323 48.71 -5.47 -22.86
CA ALA K 323 48.27 -5.19 -21.49
C ALA K 323 46.79 -5.55 -21.28
N LEU K 324 45.92 -5.18 -22.22
CA LEU K 324 44.49 -5.48 -22.17
C LEU K 324 44.21 -6.98 -22.31
N THR K 325 44.97 -7.69 -23.15
CA THR K 325 44.86 -9.14 -23.31
C THR K 325 45.28 -9.87 -22.03
N ALA K 326 46.35 -9.41 -21.37
CA ALA K 326 46.84 -9.98 -20.13
C ALA K 326 45.90 -9.69 -18.94
N ASN K 327 45.29 -8.51 -18.89
CA ASN K 327 44.44 -8.09 -17.76
C ASN K 327 43.34 -7.10 -18.16
N ALA K 328 42.29 -7.58 -18.81
CA ALA K 328 41.08 -6.77 -19.04
C ALA K 328 40.22 -6.59 -17.78
N GLY K 329 40.36 -7.47 -16.79
CA GLY K 329 39.67 -7.37 -15.50
C GLY K 329 38.14 -7.40 -15.62
N THR K 330 37.50 -6.39 -15.05
CA THR K 330 36.04 -6.28 -14.95
C THR K 330 35.56 -4.91 -15.44
N GLN K 331 34.42 -4.89 -16.12
CA GLN K 331 33.71 -3.66 -16.48
C GLN K 331 32.40 -3.59 -15.70
N LEU K 332 32.10 -2.43 -15.14
CA LEU K 332 30.75 -2.11 -14.67
C LEU K 332 29.86 -1.98 -15.90
N ILE K 333 28.74 -2.68 -15.90
CA ILE K 333 27.77 -2.64 -16.99
C ILE K 333 26.40 -2.23 -16.47
N VAL K 334 25.61 -1.63 -17.34
CA VAL K 334 24.17 -1.42 -17.13
C VAL K 334 23.43 -2.40 -18.02
N GLN K 335 22.54 -3.18 -17.41
CA GLN K 335 21.62 -4.09 -18.09
C GLN K 335 20.19 -3.54 -18.01
N HIS K 336 19.36 -3.90 -18.97
CA HIS K 336 17.96 -3.51 -19.00
C HIS K 336 17.05 -4.71 -18.67
N GLN K 337 16.01 -4.43 -17.89
CA GLN K 337 14.97 -5.40 -17.52
C GLN K 337 13.60 -4.81 -17.88
N ALA K 338 12.63 -5.68 -18.18
CA ALA K 338 11.30 -5.27 -18.64
C ALA K 338 10.19 -6.01 -17.90
N HIS K 339 9.15 -5.26 -17.51
CA HIS K 339 7.87 -5.77 -17.05
C HIS K 339 6.80 -5.23 -18.00
N LEU K 340 6.16 -6.13 -18.73
CA LEU K 340 5.15 -5.81 -19.73
C LEU K 340 3.82 -6.39 -19.27
N GLN K 341 2.79 -5.55 -19.20
CA GLN K 341 1.51 -5.92 -18.63
C GLN K 341 0.35 -5.36 -19.47
N GLN K 342 -0.72 -6.14 -19.60
CA GLN K 342 -1.98 -5.65 -20.17
C GLN K 342 -2.81 -4.91 -19.10
N VAL K 343 -3.50 -3.87 -19.53
CA VAL K 343 -4.29 -2.96 -18.70
C VAL K 343 -5.73 -3.00 -19.16
N SER K 344 -6.61 -3.32 -18.21
CA SER K 344 -8.07 -3.44 -18.41
C SER K 344 -8.88 -2.72 -17.32
N SER K 345 -8.24 -1.88 -16.52
CA SER K 345 -8.86 -1.14 -15.41
C SER K 345 -8.09 0.14 -15.12
N ASN K 346 -8.77 1.13 -14.53
CA ASN K 346 -8.16 2.41 -14.19
C ASN K 346 -7.18 2.30 -13.01
N ASN K 347 -7.32 1.28 -12.16
CA ASN K 347 -6.34 0.98 -11.12
C ASN K 347 -5.49 -0.20 -11.56
N VAL K 348 -4.17 -0.01 -11.61
CA VAL K 348 -3.21 -1.01 -12.06
C VAL K 348 -2.09 -1.11 -11.05
N THR K 349 -1.78 -2.33 -10.62
CA THR K 349 -0.59 -2.60 -9.81
C THR K 349 0.36 -3.45 -10.64
N ALA K 350 1.56 -2.93 -10.88
CA ALA K 350 2.65 -3.67 -11.53
C ALA K 350 3.61 -4.19 -10.46
N ARG K 351 3.77 -5.52 -10.41
CA ARG K 351 4.76 -6.19 -9.54
C ARG K 351 6.09 -6.31 -10.27
N LEU K 352 7.05 -5.47 -9.89
CA LEU K 352 8.33 -5.33 -10.56
C LEU K 352 9.32 -6.37 -10.05
N ASN K 353 9.32 -7.55 -10.67
CA ASN K 353 10.25 -8.65 -10.36
C ASN K 353 11.64 -8.44 -10.96
N PHE K 354 12.17 -7.22 -10.91
CA PHE K 354 13.51 -6.91 -11.37
C PHE K 354 14.55 -7.35 -10.33
N ASN K 355 15.77 -7.59 -10.80
CA ASN K 355 16.90 -7.98 -9.98
C ASN K 355 18.03 -6.94 -10.03
N PHE K 356 19.03 -7.16 -9.18
CA PHE K 356 20.26 -6.38 -9.06
C PHE K 356 20.05 -4.94 -8.54
N PRO K 357 21.12 -4.17 -8.32
CA PRO K 357 21.03 -2.74 -8.01
C PRO K 357 20.44 -1.95 -9.17
N VAL K 358 19.15 -1.63 -9.09
CA VAL K 358 18.41 -0.79 -10.03
C VAL K 358 18.80 0.68 -9.82
N LEU K 359 19.25 1.33 -10.89
CA LEU K 359 19.57 2.76 -10.95
C LEU K 359 18.30 3.60 -11.00
N GLU K 360 17.40 3.20 -11.90
CA GLU K 360 16.19 3.92 -12.25
C GLU K 360 15.23 2.99 -12.99
N PHE K 361 13.97 3.41 -13.10
CA PHE K 361 13.02 2.81 -14.01
C PHE K 361 12.24 3.86 -14.78
N TYR K 362 11.74 3.44 -15.94
CA TYR K 362 10.82 4.19 -16.78
C TYR K 362 9.53 3.41 -16.87
N TYR K 363 8.41 4.12 -16.96
CA TYR K 363 7.14 3.50 -17.31
C TYR K 363 6.31 4.41 -18.18
N PHE K 364 5.41 3.82 -18.95
CA PHE K 364 4.47 4.51 -19.82
C PHE K 364 3.38 3.54 -20.28
N LEU K 365 2.27 4.09 -20.74
CA LEU K 365 1.14 3.31 -21.21
C LEU K 365 0.90 3.55 -22.70
N ARG K 366 0.42 2.54 -23.40
CA ARG K 366 -0.06 2.67 -24.78
C ARG K 366 -1.49 2.15 -24.86
N ARG K 367 -2.38 3.00 -25.33
CA ARG K 367 -3.76 2.59 -25.66
C ARG K 367 -3.74 1.56 -26.77
N LYS K 368 -4.65 0.59 -26.69
CA LYS K 368 -4.85 -0.37 -27.78
C LYS K 368 -5.19 0.37 -29.08
N ALA K 369 -6.05 1.39 -29.01
CA ALA K 369 -6.46 2.12 -30.21
C ALA K 369 -5.28 2.84 -30.89
N ASN K 370 -4.35 3.43 -30.13
CA ASN K 370 -3.14 4.06 -30.69
C ASN K 370 -2.24 3.04 -31.39
N LYS K 371 -2.06 1.86 -30.78
CA LYS K 371 -1.29 0.75 -31.37
C LYS K 371 -1.94 0.26 -32.67
N ASP K 372 -3.25 0.06 -32.67
CA ASP K 372 -4.01 -0.42 -33.82
C ASP K 372 -4.03 0.61 -34.97
N ALA K 373 -4.02 1.91 -34.63
CA ALA K 373 -3.88 2.99 -35.60
C ALA K 373 -2.46 3.12 -36.19
N GLY K 374 -1.50 2.32 -35.71
CA GLY K 374 -0.11 2.37 -36.15
C GLY K 374 0.72 3.50 -35.52
N ASP K 375 0.20 4.20 -34.50
CA ASP K 375 0.87 5.28 -33.77
C ASP K 375 1.61 4.73 -32.53
N HIS K 376 2.63 3.89 -32.79
CA HIS K 376 3.24 3.01 -31.78
C HIS K 376 3.91 3.72 -30.61
N PHE K 377 4.31 4.97 -30.79
CA PHE K 377 4.98 5.77 -29.75
C PHE K 377 4.08 6.88 -29.19
N ASN K 378 2.78 6.81 -29.47
CA ASN K 378 1.79 7.64 -28.83
C ASN K 378 1.32 7.03 -27.51
N PHE K 379 1.97 7.51 -26.45
CA PHE K 379 1.69 7.12 -25.07
C PHE K 379 0.63 8.00 -24.39
N SER K 380 -0.13 8.80 -25.16
CA SER K 380 -1.22 9.60 -24.60
C SER K 380 -2.46 8.76 -24.27
N GLY K 381 -3.26 9.27 -23.35
CA GLY K 381 -4.56 8.77 -22.95
C GLY K 381 -5.67 9.12 -23.94
N ILE K 382 -6.89 9.18 -23.42
CA ILE K 382 -8.11 9.42 -24.21
C ILE K 382 -8.13 10.90 -24.55
N GLY K 383 -8.39 11.24 -25.82
CA GLY K 383 -8.38 12.63 -26.28
C GLY K 383 -7.00 13.31 -26.16
N GLY K 384 -5.90 12.54 -26.15
CA GLY K 384 -4.54 13.07 -26.04
C GLY K 384 -4.15 13.53 -24.62
N ARG K 385 -4.96 13.24 -23.60
CA ARG K 385 -4.68 13.59 -22.19
C ARG K 385 -3.57 12.71 -21.59
N ASP K 386 -3.12 13.07 -20.40
CA ASP K 386 -2.14 12.25 -19.65
C ASP K 386 -2.84 10.99 -19.13
N PRO K 387 -2.39 9.77 -19.49
CA PRO K 387 -3.08 8.53 -19.11
C PRO K 387 -2.95 8.22 -17.61
N VAL K 388 -1.93 8.75 -16.93
CA VAL K 388 -1.70 8.56 -15.50
C VAL K 388 -2.24 9.77 -14.75
N VAL K 389 -3.06 9.53 -13.72
CA VAL K 389 -3.48 10.57 -12.77
C VAL K 389 -2.44 10.66 -11.66
N SER K 390 -2.12 9.52 -11.06
CA SER K 390 -1.12 9.43 -9.99
C SER K 390 -0.46 8.06 -9.95
N ALA K 391 0.72 8.00 -9.32
CA ALA K 391 1.42 6.76 -9.05
C ALA K 391 2.06 6.76 -7.67
N GLU K 392 2.24 5.57 -7.11
CA GLU K 392 2.89 5.28 -5.84
C GLU K 392 3.87 4.11 -6.03
N LEU K 393 5.04 4.18 -5.37
CA LEU K 393 6.03 3.10 -5.37
C LEU K 393 6.14 2.51 -3.96
N LEU K 394 5.92 1.20 -3.86
CA LEU K 394 5.95 0.46 -2.60
C LEU K 394 7.09 -0.56 -2.58
N PHE K 395 7.83 -0.61 -1.48
CA PHE K 395 8.78 -1.67 -1.14
C PHE K 395 8.24 -2.45 0.04
N ASN K 396 8.04 -3.76 -0.09
CA ASN K 396 7.51 -4.61 0.98
C ASN K 396 6.25 -3.99 1.63
N ASN K 397 5.30 -3.52 0.81
CA ASN K 397 4.06 -2.81 1.21
C ASN K 397 4.25 -1.49 1.97
N THR K 398 5.47 -0.94 2.01
CA THR K 398 5.76 0.37 2.61
C THR K 398 6.03 1.38 1.50
N ALA K 399 5.39 2.55 1.55
CA ALA K 399 5.55 3.60 0.55
C ALA K 399 7.00 4.10 0.52
N ARG K 400 7.73 3.78 -0.55
CA ARG K 400 9.04 4.36 -0.84
C ARG K 400 8.88 5.75 -1.47
N VAL K 401 7.89 5.90 -2.34
CA VAL K 401 7.41 7.18 -2.84
C VAL K 401 5.92 7.16 -2.66
N THR K 402 5.39 8.03 -1.80
CA THR K 402 3.94 8.19 -1.60
C THR K 402 3.29 8.66 -2.89
N GLN K 403 1.96 8.56 -2.97
CA GLN K 403 1.21 8.98 -4.14
C GLN K 403 1.61 10.39 -4.64
N LYS K 404 2.06 10.46 -5.90
CA LYS K 404 2.41 11.70 -6.59
C LYS K 404 1.67 11.80 -7.93
N PRO K 405 1.30 13.02 -8.36
CA PRO K 405 0.62 13.22 -9.64
C PRO K 405 1.54 12.92 -10.82
N ALA K 406 0.98 12.59 -11.98
CA ALA K 406 1.72 12.28 -13.22
C ALA K 406 2.83 13.27 -13.56
N VAL K 407 2.56 14.58 -13.43
CA VAL K 407 3.54 15.64 -13.75
C VAL K 407 4.81 15.55 -12.90
N TRP K 408 4.74 15.02 -11.68
CA TRP K 408 5.92 14.84 -10.85
C TRP K 408 6.82 13.72 -11.40
N TRP K 409 6.23 12.58 -11.76
CA TRP K 409 6.96 11.45 -12.35
C TRP K 409 7.49 11.76 -13.75
N ARG K 410 6.79 12.59 -14.52
CA ARG K 410 7.18 12.93 -15.90
C ARG K 410 8.15 14.11 -16.00
N ALA K 411 7.84 15.22 -15.33
CA ALA K 411 8.57 16.46 -15.51
C ALA K 411 9.60 16.70 -14.39
N VAL K 412 9.25 16.44 -13.13
CA VAL K 412 10.18 16.71 -12.02
C VAL K 412 11.33 15.70 -12.01
N GLN K 413 11.04 14.41 -12.20
CA GLN K 413 12.09 13.39 -12.29
C GLN K 413 13.02 13.61 -13.50
N ALA K 414 12.46 13.93 -14.67
CA ALA K 414 13.26 14.29 -15.84
C ALA K 414 14.12 15.53 -15.61
N LEU K 415 13.57 16.59 -15.00
CA LEU K 415 14.32 17.80 -14.66
C LEU K 415 15.50 17.53 -13.71
N GLN K 416 15.34 16.60 -12.77
CA GLN K 416 16.35 16.33 -11.75
C GLN K 416 17.49 15.43 -12.26
N PHE K 417 17.19 14.47 -13.14
CA PHE K 417 18.10 13.36 -13.41
C PHE K 417 18.44 13.15 -14.89
N HIS K 418 17.72 13.80 -15.81
CA HIS K 418 17.85 13.56 -17.25
C HIS K 418 18.26 14.79 -18.05
N SER K 419 18.91 14.53 -19.18
CA SER K 419 19.34 15.56 -20.14
C SER K 419 18.19 16.27 -20.85
N SER K 420 16.98 15.67 -20.85
CA SER K 420 15.81 16.20 -21.53
C SER K 420 14.51 15.81 -20.82
N ALA K 421 13.47 16.63 -21.03
CA ALA K 421 12.11 16.29 -20.63
C ALA K 421 11.38 15.62 -21.81
N PRO K 422 10.63 14.53 -21.57
CA PRO K 422 9.96 13.80 -22.65
C PRO K 422 8.81 14.64 -23.24
N LEU K 423 8.66 14.60 -24.56
CA LEU K 423 7.54 15.23 -25.29
C LEU K 423 6.27 14.36 -25.25
N THR K 424 6.43 13.08 -24.93
CA THR K 424 5.36 12.09 -24.77
C THR K 424 5.17 11.75 -23.29
N ASN K 425 4.10 11.01 -22.95
CA ASN K 425 3.78 10.63 -21.57
C ASN K 425 4.66 9.48 -21.06
N ILE K 426 5.97 9.73 -20.99
CA ILE K 426 6.96 8.84 -20.37
C ILE K 426 7.25 9.35 -18.97
N TYR K 427 7.18 8.44 -18.01
CA TYR K 427 7.44 8.72 -16.60
C TYR K 427 8.72 8.02 -16.20
N SER K 428 9.48 8.60 -15.28
CA SER K 428 10.70 7.99 -14.75
C SER K 428 10.80 8.17 -13.24
N TYR K 429 11.68 7.37 -12.64
CA TYR K 429 12.12 7.57 -11.27
C TYR K 429 13.54 7.07 -11.11
N SER K 430 14.41 7.92 -10.57
CA SER K 430 15.81 7.58 -10.35
C SER K 430 16.13 7.41 -8.87
N PHE K 431 16.84 6.33 -8.55
CA PHE K 431 17.57 6.13 -7.29
C PHE K 431 19.00 6.68 -7.36
N SER K 432 19.50 6.95 -8.57
CA SER K 432 20.84 7.46 -8.85
C SER K 432 20.81 8.98 -8.99
N LEU K 433 21.83 9.69 -8.49
CA LEU K 433 21.97 11.14 -8.68
C LEU K 433 22.32 11.51 -10.13
N SER K 434 22.98 10.60 -10.85
CA SER K 434 23.41 10.78 -12.23
C SER K 434 23.26 9.46 -13.00
N PRO K 435 22.03 9.01 -13.31
CA PRO K 435 21.80 7.72 -13.97
C PRO K 435 22.32 7.65 -15.41
N GLU K 436 22.61 8.81 -16.02
CA GLU K 436 23.22 8.91 -17.36
C GLU K 436 24.75 8.81 -17.35
N ASP K 437 25.41 8.86 -16.17
CA ASP K 437 26.85 8.61 -16.05
C ASP K 437 27.10 7.09 -16.11
N PRO K 438 27.79 6.60 -17.16
CA PRO K 438 27.97 5.16 -17.35
C PRO K 438 29.10 4.57 -16.49
N ILE K 439 29.98 5.38 -15.91
CA ILE K 439 31.20 4.93 -15.22
C ILE K 439 31.21 5.22 -13.72
N THR K 440 30.39 6.16 -13.26
CA THR K 440 30.33 6.55 -11.84
C THR K 440 28.99 6.18 -11.21
N PRO K 441 28.91 5.08 -10.44
CA PRO K 441 27.73 4.79 -9.65
C PRO K 441 27.38 5.92 -8.69
N SER K 442 26.12 6.37 -8.72
CA SER K 442 25.67 7.53 -7.94
C SER K 442 24.38 7.27 -7.17
N GLY K 443 24.08 6.00 -6.89
CA GLY K 443 22.89 5.55 -6.15
C GLY K 443 22.19 4.39 -6.85
N SER K 444 21.56 3.52 -6.07
CA SER K 444 20.74 2.41 -6.58
C SER K 444 19.87 1.82 -5.46
N ALA K 445 18.85 1.07 -5.82
CA ALA K 445 18.09 0.21 -4.92
C ALA K 445 18.25 -1.25 -5.37
N ASN K 446 18.69 -2.13 -4.47
CA ASN K 446 18.93 -3.54 -4.80
C ASN K 446 17.61 -4.33 -4.77
N PHE K 447 17.01 -4.55 -5.93
CA PHE K 447 15.72 -5.22 -6.02
C PHE K 447 15.83 -6.72 -5.72
N SER K 448 17.01 -7.34 -5.87
CA SER K 448 17.23 -8.74 -5.45
C SER K 448 17.18 -8.95 -3.92
N ARG K 449 17.05 -7.88 -3.13
CA ARG K 449 16.92 -7.93 -1.66
C ARG K 449 15.56 -7.45 -1.16
N LEU K 450 14.65 -7.11 -2.06
CA LEU K 450 13.29 -6.71 -1.75
C LEU K 450 12.35 -7.87 -2.08
N ASP K 451 11.46 -8.22 -1.16
CA ASP K 451 10.50 -9.31 -1.36
C ASP K 451 9.41 -8.88 -2.34
N SER K 452 8.98 -7.61 -2.26
CA SER K 452 8.06 -7.02 -3.22
C SER K 452 8.44 -5.58 -3.58
N VAL K 453 8.37 -5.29 -4.88
CA VAL K 453 8.38 -3.93 -5.43
C VAL K 453 7.12 -3.76 -6.26
N GLU K 454 6.26 -2.84 -5.85
CA GLU K 454 5.00 -2.58 -6.53
C GLU K 454 4.91 -1.12 -6.99
N LEU K 455 4.60 -0.93 -8.27
CA LEU K 455 4.22 0.36 -8.83
C LEU K 455 2.70 0.37 -8.97
N ALA K 456 2.02 1.12 -8.09
CA ALA K 456 0.58 1.30 -8.13
C ALA K 456 0.24 2.56 -8.92
N LEU K 457 -0.64 2.41 -9.93
CA LEU K 457 -1.06 3.46 -10.83
C LEU K 457 -2.57 3.69 -10.70
N THR K 458 -2.95 4.95 -10.58
CA THR K 458 -4.31 5.42 -10.87
C THR K 458 -4.27 6.10 -12.23
N LEU K 459 -4.98 5.54 -13.19
CA LEU K 459 -5.10 6.01 -14.56
C LEU K 459 -6.32 6.90 -14.71
N GLN K 460 -6.39 7.61 -15.84
CA GLN K 460 -7.57 8.39 -16.21
C GLN K 460 -8.84 7.50 -16.22
N ASP K 461 -9.99 8.14 -16.08
CA ASP K 461 -11.26 7.44 -16.19
C ASP K 461 -11.40 6.73 -17.54
N ASP K 462 -12.04 5.56 -17.51
CA ASP K 462 -12.29 4.69 -18.65
C ASP K 462 -11.03 4.17 -19.39
N PHE K 463 -9.83 4.37 -18.84
CA PHE K 463 -8.60 3.76 -19.38
C PHE K 463 -8.65 2.23 -19.28
N GLY K 464 -8.46 1.55 -20.41
CA GLY K 464 -8.52 0.09 -20.47
C GLY K 464 -9.95 -0.47 -20.52
N ALA K 465 -10.98 0.37 -20.60
CA ALA K 465 -12.36 -0.03 -20.81
C ALA K 465 -12.71 -0.12 -22.31
N ALA K 466 -13.75 -0.90 -22.64
CA ALA K 466 -14.35 -0.99 -23.98
C ALA K 466 -13.32 -1.16 -25.12
N HIS K 467 -13.26 -0.19 -26.05
CA HIS K 467 -12.39 -0.22 -27.24
C HIS K 467 -10.88 -0.19 -26.89
N ASP K 468 -10.52 0.15 -25.66
CA ASP K 468 -9.15 0.14 -25.16
C ASP K 468 -8.84 -1.04 -24.23
N ALA K 469 -9.71 -2.05 -24.18
CA ALA K 469 -9.41 -3.31 -23.49
C ALA K 469 -8.10 -3.91 -24.03
N ASN K 470 -7.18 -4.26 -23.14
CA ASN K 470 -5.81 -4.68 -23.48
C ASN K 470 -4.92 -3.52 -23.98
N SER K 471 -5.03 -2.37 -23.33
CA SER K 471 -3.97 -1.37 -23.38
C SER K 471 -2.71 -1.92 -22.70
N GLU K 472 -1.55 -1.36 -23.00
CA GLU K 472 -0.27 -1.90 -22.56
C GLU K 472 0.38 -0.97 -21.53
N LEU K 473 0.92 -1.54 -20.46
CA LEU K 473 1.85 -0.91 -19.54
C LEU K 473 3.25 -1.47 -19.79
N PHE K 474 4.19 -0.56 -20.02
CA PHE K 474 5.60 -0.85 -20.13
C PHE K 474 6.29 -0.33 -18.88
N VAL K 475 7.08 -1.17 -18.22
CA VAL K 475 8.03 -0.74 -17.20
C VAL K 475 9.40 -1.29 -17.55
N PHE K 476 10.39 -0.42 -17.70
CA PHE K 476 11.78 -0.80 -17.96
C PHE K 476 12.66 -0.33 -16.81
N ALA K 477 13.58 -1.16 -16.35
CA ALA K 477 14.56 -0.81 -15.33
C ALA K 477 15.98 -0.91 -15.88
N ARG K 478 16.85 -0.01 -15.41
CA ARG K 478 18.29 -0.07 -15.65
C ARG K 478 18.96 -0.55 -14.37
N SER K 479 19.77 -1.61 -14.46
CA SER K 479 20.45 -2.20 -13.30
C SER K 479 21.95 -2.35 -13.52
N TYR K 480 22.73 -2.18 -12.45
CA TYR K 480 24.15 -2.49 -12.48
C TYR K 480 24.39 -3.99 -12.44
N ASN K 481 25.36 -4.44 -13.24
CA ASN K 481 26.00 -5.74 -13.11
C ASN K 481 27.49 -5.59 -13.45
N ILE K 482 28.26 -6.67 -13.37
CA ILE K 482 29.69 -6.68 -13.69
C ILE K 482 29.93 -7.70 -14.78
N LEU K 483 30.58 -7.28 -15.87
CA LEU K 483 31.10 -8.18 -16.88
C LEU K 483 32.57 -8.46 -16.58
N LYS K 484 32.92 -9.74 -16.47
CA LYS K 484 34.29 -10.18 -16.16
C LYS K 484 34.94 -10.80 -17.39
N PHE K 485 36.18 -10.42 -17.65
CA PHE K 485 37.03 -10.97 -18.70
C PHE K 485 38.16 -11.77 -18.06
N THR K 486 38.34 -13.04 -18.43
CA THR K 486 39.40 -13.90 -17.88
C THR K 486 39.80 -14.96 -18.90
N ASN K 487 41.09 -15.09 -19.18
CA ASN K 487 41.66 -16.14 -20.04
C ASN K 487 40.98 -16.23 -21.43
N GLY K 488 40.66 -15.09 -22.05
CA GLY K 488 40.03 -15.06 -23.37
C GLY K 488 38.52 -15.30 -23.35
N LEU K 489 37.89 -15.40 -22.17
CA LEU K 489 36.45 -15.59 -21.99
C LEU K 489 35.82 -14.36 -21.33
N ALA K 490 34.54 -14.13 -21.60
CA ALA K 490 33.74 -13.07 -21.00
C ALA K 490 32.44 -13.62 -20.41
N GLY K 491 32.06 -13.18 -19.21
CA GLY K 491 30.83 -13.63 -18.56
C GLY K 491 30.31 -12.65 -17.50
N ALA L 11 14.62 -0.81 8.21
CA ALA L 11 15.26 -2.11 8.12
C ALA L 11 15.81 -2.38 6.70
N GLY L 12 15.05 -2.05 5.65
CA GLY L 12 15.47 -2.24 4.26
C GLY L 12 16.65 -1.35 3.84
N SER L 13 16.64 -0.06 4.15
CA SER L 13 17.73 0.87 3.76
C SER L 13 19.04 0.56 4.48
N LEU L 14 18.98 0.20 5.76
CA LEU L 14 20.17 -0.24 6.49
C LEU L 14 20.68 -1.58 5.95
N THR L 15 19.77 -2.51 5.61
CA THR L 15 20.14 -3.81 5.01
C THR L 15 20.83 -3.63 3.67
N GLN L 16 20.41 -2.67 2.83
CA GLN L 16 21.11 -2.35 1.58
C GLN L 16 22.57 -1.92 1.80
N LEU L 17 22.84 -1.10 2.83
CA LEU L 17 24.21 -0.70 3.16
C LEU L 17 25.07 -1.85 3.69
N LEU L 18 24.44 -2.87 4.29
CA LEU L 18 25.11 -4.07 4.78
C LEU L 18 25.27 -5.15 3.71
N ALA L 19 24.39 -5.16 2.69
CA ALA L 19 24.39 -6.11 1.58
C ALA L 19 25.49 -5.78 0.56
N THR L 20 26.75 -5.81 1.02
CA THR L 20 27.94 -5.60 0.20
C THR L 20 28.77 -6.88 0.14
N GLY L 21 29.37 -7.14 -1.02
CA GLY L 21 30.25 -8.26 -1.29
C GLY L 21 31.61 -7.83 -1.86
N SER L 22 32.40 -8.79 -2.30
CA SER L 22 33.73 -8.54 -2.87
C SER L 22 33.71 -7.69 -4.15
N MET L 23 32.60 -7.70 -4.92
CA MET L 23 32.45 -6.86 -6.11
C MET L 23 32.29 -5.37 -5.73
N ASP L 24 31.56 -5.07 -4.65
CA ASP L 24 31.34 -3.70 -4.18
C ASP L 24 32.62 -3.04 -3.69
N ALA L 25 33.59 -3.84 -3.26
CA ALA L 25 34.88 -3.36 -2.78
C ALA L 25 35.62 -2.56 -3.87
N ALA L 26 35.55 -2.99 -5.13
CA ALA L 26 36.16 -2.27 -6.25
C ALA L 26 35.53 -0.88 -6.51
N LEU L 27 34.30 -0.65 -6.04
CA LEU L 27 33.54 0.57 -6.28
C LEU L 27 33.49 1.50 -5.07
N THR L 28 33.45 0.95 -3.85
CA THR L 28 33.10 1.70 -2.64
C THR L 28 34.09 1.55 -1.48
N GLN L 29 34.99 0.56 -1.53
CA GLN L 29 36.00 0.41 -0.47
C GLN L 29 36.96 1.60 -0.51
N ASN L 30 37.23 2.20 0.65
CA ASN L 30 38.07 3.39 0.78
C ASN L 30 37.57 4.57 -0.08
N ALA L 31 36.25 4.77 -0.15
CA ALA L 31 35.64 5.85 -0.91
C ALA L 31 36.31 7.21 -0.61
N THR L 32 36.82 7.86 -1.66
CA THR L 32 37.51 9.16 -1.59
C THR L 32 36.58 10.36 -1.85
N ARG L 33 35.30 10.10 -2.10
CA ARG L 33 34.27 11.09 -2.41
C ARG L 33 32.99 10.79 -1.63
N THR L 34 32.31 11.83 -1.17
CA THR L 34 30.95 11.77 -0.61
C THR L 34 30.01 12.68 -1.39
N PHE L 35 28.75 12.29 -1.52
CA PHE L 35 27.70 13.12 -2.11
C PHE L 35 27.08 14.11 -1.11
N TRP L 36 27.34 13.95 0.19
CA TRP L 36 26.65 14.67 1.26
C TRP L 36 27.47 15.82 1.86
N LYS L 37 28.67 16.06 1.35
CA LYS L 37 29.53 17.19 1.73
C LYS L 37 30.20 17.74 0.49
N SER L 38 30.04 19.04 0.23
CA SER L 38 30.76 19.72 -0.83
C SER L 38 32.21 19.96 -0.44
N SER L 39 33.13 19.69 -1.36
CA SER L 39 34.52 20.14 -1.32
C SER L 39 34.73 21.10 -2.49
N TYR L 40 35.43 22.20 -2.25
CA TYR L 40 35.81 23.16 -3.30
C TYR L 40 37.32 23.40 -3.26
N GLN L 41 37.90 23.79 -4.39
CA GLN L 41 39.30 24.21 -4.50
C GLN L 41 39.36 25.73 -4.47
N LYS L 42 40.39 26.29 -3.81
CA LYS L 42 40.71 27.71 -3.89
C LYS L 42 41.45 27.97 -5.22
N HIS L 43 41.24 29.14 -5.81
CA HIS L 43 41.91 29.58 -7.04
C HIS L 43 42.68 30.88 -6.80
N SER L 44 43.60 31.24 -7.69
CA SER L 44 44.29 32.54 -7.70
C SER L 44 43.35 33.68 -8.09
N LEU L 45 43.71 34.92 -7.73
CA LEU L 45 42.92 36.09 -8.08
C LEU L 45 43.14 36.48 -9.55
N PHE L 46 42.05 36.73 -10.27
CA PHE L 46 42.07 37.24 -11.63
C PHE L 46 40.84 38.12 -11.91
N ALA L 47 40.91 38.95 -12.93
CA ALA L 47 39.77 39.74 -13.43
C ALA L 47 39.69 39.67 -14.96
N LEU L 48 38.49 39.80 -15.50
CA LEU L 48 38.23 39.84 -16.95
C LEU L 48 37.79 41.25 -17.35
N GLU L 49 38.30 41.73 -18.47
CA GLU L 49 37.92 43.03 -19.05
C GLU L 49 37.69 42.87 -20.56
N SER L 50 36.54 43.32 -21.06
CA SER L 50 36.27 43.36 -22.51
C SER L 50 36.61 44.74 -23.06
N ILE L 51 37.46 44.78 -24.09
CA ILE L 51 37.90 46.04 -24.69
C ILE L 51 37.76 45.97 -26.21
N ASN L 52 37.06 46.96 -26.76
CA ASN L 52 36.88 47.14 -28.19
C ASN L 52 38.00 48.00 -28.79
N GLN L 53 38.56 47.56 -29.92
CA GLN L 53 39.71 48.18 -30.57
C GLN L 53 39.46 48.37 -32.07
N PRO L 54 39.80 49.54 -32.64
CA PRO L 54 39.65 49.77 -34.08
C PRO L 54 40.73 49.04 -34.88
N PHE L 55 40.43 48.72 -36.13
CA PHE L 55 41.46 48.23 -37.06
C PHE L 55 42.57 49.27 -37.29
N THR L 56 43.79 48.77 -37.53
CA THR L 56 44.96 49.62 -37.83
C THR L 56 44.89 50.16 -39.25
N THR L 57 44.28 49.40 -40.17
CA THR L 57 44.01 49.82 -41.54
C THR L 57 42.52 50.07 -41.76
N GLN L 58 42.17 50.75 -42.85
CA GLN L 58 40.78 50.94 -43.24
C GLN L 58 40.07 49.59 -43.47
N VAL L 59 38.84 49.49 -42.99
CA VAL L 59 37.92 48.37 -43.23
C VAL L 59 37.03 48.73 -44.41
N GLN L 60 37.01 47.87 -45.43
CA GLN L 60 36.20 48.03 -46.63
C GLN L 60 35.82 46.65 -47.19
N PHE L 61 34.67 46.55 -47.85
CA PHE L 61 34.29 45.35 -48.59
C PHE L 61 35.34 45.01 -49.66
N GLY L 62 35.63 43.72 -49.83
CA GLY L 62 36.57 43.19 -50.83
C GLY L 62 38.06 43.47 -50.54
N ALA L 63 38.39 44.27 -49.53
CA ALA L 63 39.76 44.59 -49.13
C ALA L 63 40.28 43.61 -48.07
N GLU L 64 41.58 43.70 -47.77
CA GLU L 64 42.18 43.10 -46.58
C GLU L 64 42.47 44.20 -45.55
N SER L 65 42.13 43.93 -44.30
CA SER L 65 42.41 44.84 -43.18
C SER L 65 43.12 44.09 -42.07
N HIS L 66 43.96 44.78 -41.30
CA HIS L 66 44.58 44.20 -40.13
C HIS L 66 44.48 45.11 -38.90
N ILE L 67 44.57 44.47 -37.75
CA ILE L 67 44.65 45.11 -36.44
C ILE L 67 45.82 44.51 -35.67
N THR L 68 46.62 45.37 -35.05
CA THR L 68 47.58 44.94 -34.01
C THR L 68 46.88 44.97 -32.67
N VAL L 69 46.75 43.79 -32.05
CA VAL L 69 46.03 43.61 -30.78
C VAL L 69 46.80 44.30 -29.66
N ASN L 70 46.13 45.17 -28.90
CA ASN L 70 46.73 45.89 -27.78
C ASN L 70 47.11 44.94 -26.64
N ARG L 71 48.01 45.38 -25.77
CA ARG L 71 48.45 44.66 -24.57
C ARG L 71 47.84 45.26 -23.32
N GLN L 72 46.51 45.13 -23.18
CA GLN L 72 45.75 45.72 -22.07
C GLN L 72 45.52 44.77 -20.90
N GLY L 73 46.08 43.56 -20.92
CA GLY L 73 46.10 42.62 -19.79
C GLY L 73 47.22 41.59 -19.96
N ASP L 74 47.19 40.55 -19.12
CA ASP L 74 48.25 39.54 -19.06
C ASP L 74 48.00 38.34 -19.98
N LEU L 75 46.72 37.96 -20.14
CA LEU L 75 46.27 36.94 -21.09
C LEU L 75 45.22 37.51 -22.04
N LEU L 76 45.09 36.89 -23.21
CA LEU L 76 44.00 37.11 -24.17
C LEU L 76 43.11 35.87 -24.22
N SER L 77 41.83 36.05 -23.93
CA SER L 77 40.82 34.98 -23.85
C SER L 77 39.87 35.04 -25.05
N TRP L 78 38.66 35.57 -24.90
CA TRP L 78 37.71 35.67 -26.00
C TRP L 78 38.09 36.75 -27.01
N MET L 79 37.70 36.52 -28.27
CA MET L 79 37.91 37.45 -29.38
C MET L 79 36.68 37.42 -30.28
N TYR L 80 36.05 38.58 -30.46
CA TYR L 80 34.89 38.78 -31.32
C TYR L 80 35.17 39.86 -32.35
N LEU L 81 34.84 39.60 -33.60
CA LEU L 81 34.80 40.63 -34.62
C LEU L 81 33.45 41.34 -34.52
N LYS L 82 33.48 42.60 -34.07
CA LYS L 82 32.30 43.46 -34.01
C LYS L 82 32.13 44.12 -35.37
N ILE L 83 31.08 43.75 -36.08
CA ILE L 83 30.77 44.28 -37.41
C ILE L 83 29.54 45.17 -37.31
N VAL L 84 29.58 46.34 -37.93
CA VAL L 84 28.43 47.23 -38.06
C VAL L 84 28.07 47.36 -39.54
N LEU L 85 26.88 46.91 -39.89
CA LEU L 85 26.32 47.01 -41.24
C LEU L 85 25.22 48.05 -41.26
N PRO L 86 25.19 48.94 -42.28
CA PRO L 86 24.11 49.91 -42.38
C PRO L 86 22.79 49.21 -42.73
N GLY L 87 21.69 49.87 -42.37
CA GLY L 87 20.39 49.53 -42.94
C GLY L 87 20.39 49.75 -44.45
N LEU L 88 19.58 48.96 -45.15
CA LEU L 88 19.39 49.00 -46.60
C LEU L 88 18.01 49.59 -46.93
N LYS L 89 17.98 50.38 -48.00
CA LYS L 89 16.77 50.80 -48.72
C LYS L 89 17.00 50.57 -50.20
N VAL L 90 15.92 50.58 -50.97
CA VAL L 90 15.98 50.43 -52.43
C VAL L 90 15.23 51.56 -53.10
N GLN L 91 15.68 51.91 -54.31
CA GLN L 91 15.04 52.88 -55.19
C GLN L 91 15.11 52.36 -56.62
N ASN L 92 14.11 52.68 -57.45
CA ASN L 92 14.19 52.34 -58.87
C ASN L 92 15.37 53.06 -59.52
N GLN L 93 16.07 52.35 -60.40
CA GLN L 93 17.20 52.90 -61.15
C GLN L 93 16.82 54.16 -61.94
N ALA L 94 15.59 54.23 -62.47
CA ALA L 94 15.06 55.38 -63.19
C ALA L 94 14.94 56.66 -62.34
N ASP L 95 14.77 56.51 -61.02
CA ASP L 95 14.59 57.63 -60.09
C ASP L 95 15.92 58.09 -59.46
N THR L 96 17.04 57.45 -59.83
CA THR L 96 18.33 57.66 -59.16
C THR L 96 19.26 58.55 -60.01
N VAL L 97 19.80 59.62 -59.42
CA VAL L 97 20.69 60.59 -60.11
C VAL L 97 22.03 59.96 -60.55
N GLN L 98 22.46 58.88 -59.89
CA GLN L 98 23.67 58.09 -60.21
C GLN L 98 23.34 56.60 -60.08
N PRO L 99 22.76 55.98 -61.12
CA PRO L 99 22.29 54.59 -61.04
C PRO L 99 23.41 53.55 -61.08
N THR L 100 24.64 53.94 -61.41
CA THR L 100 25.77 53.03 -61.59
C THR L 100 26.24 52.50 -60.24
N GLN L 101 25.95 51.22 -59.99
CA GLN L 101 26.37 50.47 -58.82
C GLN L 101 26.82 49.07 -59.25
N GLN L 102 27.57 48.38 -58.39
CA GLN L 102 27.86 46.95 -58.58
C GLN L 102 26.56 46.15 -58.71
N SER L 103 26.58 45.07 -59.49
CA SER L 103 25.44 44.15 -59.61
C SER L 103 25.28 43.31 -58.35
N PHE L 104 24.04 43.09 -57.94
CA PHE L 104 23.68 42.22 -56.81
C PHE L 104 22.77 41.11 -57.31
N ALA L 105 22.80 39.96 -56.65
CA ALA L 105 21.85 38.88 -56.91
C ALA L 105 20.40 39.38 -56.71
N SER L 106 19.49 38.96 -57.57
CA SER L 106 18.09 39.39 -57.52
C SER L 106 17.12 38.23 -57.68
N LEU L 107 16.00 38.31 -56.97
CA LEU L 107 15.02 37.22 -56.89
C LEU L 107 14.17 37.07 -58.17
N ASP L 108 14.04 38.14 -58.96
CA ASP L 108 13.47 38.09 -60.32
C ASP L 108 14.39 37.38 -61.33
N ASN L 109 15.65 37.14 -60.97
CA ASN L 109 16.60 36.36 -61.75
C ASN L 109 17.21 35.25 -60.90
N ASP L 110 16.37 34.34 -60.40
CA ASP L 110 16.80 33.22 -59.58
C ASP L 110 17.62 32.19 -60.38
N VAL L 111 18.94 32.37 -60.37
CA VAL L 111 19.90 31.53 -61.09
C VAL L 111 19.89 30.09 -60.56
N ALA L 112 19.62 29.87 -59.27
CA ALA L 112 19.54 28.54 -58.68
C ALA L 112 18.32 27.78 -59.19
N ALA L 113 17.15 28.43 -59.21
CA ALA L 113 15.93 27.85 -59.78
C ALA L 113 16.08 27.58 -61.29
N GLN L 114 16.70 28.51 -62.05
CA GLN L 114 16.97 28.32 -63.47
C GLN L 114 17.91 27.12 -63.72
N ALA L 115 18.95 26.97 -62.90
CA ALA L 115 19.85 25.82 -62.97
C ALA L 115 19.09 24.51 -62.69
N ASP L 116 18.25 24.46 -61.66
CA ASP L 116 17.41 23.29 -61.37
C ASP L 116 16.46 22.95 -62.54
N VAL L 117 15.83 23.96 -63.14
CA VAL L 117 14.97 23.77 -64.33
C VAL L 117 15.78 23.20 -65.50
N SER L 118 17.02 23.64 -65.70
CA SER L 118 17.86 23.17 -66.80
C SER L 118 18.10 21.65 -66.79
N HIS L 119 18.18 21.04 -65.60
CA HIS L 119 18.37 19.60 -65.45
C HIS L 119 17.11 18.78 -65.80
N VAL L 120 15.93 19.38 -65.68
CA VAL L 120 14.65 18.71 -65.97
C VAL L 120 14.11 19.03 -67.37
N LEU L 121 14.70 19.98 -68.10
CA LEU L 121 14.30 20.31 -69.49
C LEU L 121 14.18 19.07 -70.40
N PRO L 122 15.09 18.06 -70.36
CA PRO L 122 14.97 16.87 -71.19
C PRO L 122 13.74 15.99 -70.89
N TYR L 123 13.10 16.20 -69.74
CA TYR L 123 11.95 15.44 -69.24
C TYR L 123 10.62 16.21 -69.40
N ILE L 124 10.65 17.42 -69.96
CA ILE L 124 9.43 18.18 -70.25
C ILE L 124 8.80 17.63 -71.52
N GLU L 125 7.58 17.09 -71.40
CA GLU L 125 6.75 16.65 -72.52
C GLU L 125 5.80 17.78 -72.96
N GLY L 126 5.70 18.04 -74.26
CA GLY L 126 4.77 19.04 -74.82
C GLY L 126 5.38 20.41 -75.13
N ALA L 127 4.53 21.37 -75.53
CA ALA L 127 4.93 22.68 -76.04
C ALA L 127 5.33 23.68 -74.93
N TYR L 128 6.46 23.45 -74.27
CA TYR L 128 6.94 24.28 -73.16
C TYR L 128 7.14 25.76 -73.56
N THR L 129 7.73 26.03 -74.73
CA THR L 129 8.11 27.38 -75.15
C THR L 129 6.90 28.31 -75.30
N GLU L 130 5.77 27.78 -75.79
CA GLU L 130 4.54 28.53 -76.10
C GLU L 130 3.52 28.52 -74.94
N ALA L 131 3.78 27.74 -73.89
CA ALA L 131 2.86 27.59 -72.78
C ALA L 131 2.72 28.87 -71.93
N SER L 132 1.52 29.05 -71.35
CA SER L 132 1.27 30.09 -70.34
C SER L 132 2.15 29.87 -69.10
N LEU L 133 2.38 30.90 -68.27
CA LEU L 133 3.25 30.77 -67.08
C LEU L 133 2.77 29.65 -66.14
N ASN L 134 1.47 29.61 -65.81
CA ASN L 134 0.89 28.58 -64.95
C ASN L 134 1.06 27.18 -65.56
N THR L 135 0.94 27.07 -66.89
CA THR L 135 1.15 25.80 -67.60
C THR L 135 2.64 25.40 -67.56
N LYS L 136 3.57 26.35 -67.69
CA LYS L 136 5.02 26.09 -67.56
C LYS L 136 5.37 25.55 -66.18
N GLU L 137 4.80 26.12 -65.11
CA GLU L 137 5.01 25.64 -63.75
C GLU L 137 4.51 24.21 -63.55
N GLN L 138 3.34 23.87 -64.11
CA GLN L 138 2.82 22.50 -64.12
C GLN L 138 3.74 21.53 -64.87
N LEU L 139 4.16 21.88 -66.09
CA LEU L 139 5.06 21.07 -66.91
C LEU L 139 6.42 20.85 -66.22
N ILE L 140 6.97 21.87 -65.53
CA ILE L 140 8.20 21.74 -64.76
C ILE L 140 8.02 20.77 -63.58
N ALA L 141 6.91 20.86 -62.85
CA ALA L 141 6.63 19.96 -61.72
C ALA L 141 6.45 18.50 -62.17
N GLU L 142 5.77 18.27 -63.29
CA GLU L 142 5.64 16.94 -63.91
C GLU L 142 6.99 16.42 -64.40
N ALA L 143 7.79 17.26 -65.07
CA ALA L 143 9.13 16.90 -65.50
C ALA L 143 10.07 16.58 -64.33
N LYS L 144 9.93 17.28 -63.20
CA LYS L 144 10.64 16.96 -61.95
C LYS L 144 10.30 15.54 -61.48
N ASN L 145 9.03 15.15 -61.48
CA ASN L 145 8.64 13.76 -61.15
C ASN L 145 9.28 12.75 -62.11
N SER L 146 9.25 13.01 -63.42
CA SER L 146 9.85 12.12 -64.43
C SER L 146 11.37 12.02 -64.29
N TYR L 147 12.06 13.14 -64.05
CA TYR L 147 13.48 13.19 -63.75
C TYR L 147 13.82 12.38 -62.49
N GLU L 148 13.09 12.59 -61.40
CA GLU L 148 13.36 11.91 -60.14
C GLU L 148 13.02 10.42 -60.17
N ALA L 149 11.98 10.02 -60.91
CA ALA L 149 11.68 8.63 -61.17
C ALA L 149 12.81 7.98 -61.98
N ALA L 150 13.31 8.64 -63.03
CA ALA L 150 14.37 8.10 -63.89
C ALA L 150 15.74 8.01 -63.18
N LYS L 151 16.08 9.01 -62.36
CA LYS L 151 17.39 9.09 -61.70
C LYS L 151 17.46 8.39 -60.35
N TYR L 152 16.37 8.42 -59.59
CA TYR L 152 16.35 7.98 -58.19
C TYR L 152 15.30 6.92 -57.89
N ASN L 153 14.55 6.43 -58.90
CA ASN L 153 13.39 5.55 -58.70
C ASN L 153 12.40 6.12 -57.67
N ALA L 154 12.29 7.45 -57.61
CA ALA L 154 11.41 8.12 -56.66
C ALA L 154 9.95 7.95 -57.10
N ALA L 155 9.06 7.73 -56.13
CA ALA L 155 7.63 7.83 -56.37
C ALA L 155 7.25 9.29 -56.64
N PRO L 156 6.33 9.57 -57.59
CA PRO L 156 5.94 10.93 -57.92
C PRO L 156 5.24 11.60 -56.73
N LEU L 157 5.60 12.85 -56.47
CA LEU L 157 4.86 13.70 -55.54
C LEU L 157 3.67 14.36 -56.26
N PRO L 158 2.52 14.55 -55.58
CA PRO L 158 1.42 15.34 -56.12
C PRO L 158 1.93 16.72 -56.56
N VAL L 159 1.59 17.16 -57.77
CA VAL L 159 2.06 18.45 -58.33
C VAL L 159 1.80 19.63 -57.38
N ALA L 160 0.63 19.64 -56.74
CA ALA L 160 0.26 20.66 -55.76
C ALA L 160 1.23 20.72 -54.54
N ALA L 161 1.87 19.62 -54.16
CA ALA L 161 2.82 19.60 -53.05
C ALA L 161 4.21 20.14 -53.45
N GLN L 162 4.52 20.16 -54.75
CA GLN L 162 5.77 20.72 -55.28
C GLN L 162 5.68 22.22 -55.56
N MET L 163 4.46 22.72 -55.79
CA MET L 163 4.16 24.13 -55.97
C MET L 163 4.12 24.85 -54.62
N GLN L 164 5.26 24.91 -53.93
CA GLN L 164 5.40 25.76 -52.75
C GLN L 164 5.59 27.20 -53.20
N SER L 165 4.56 28.04 -53.09
CA SER L 165 4.76 29.49 -53.16
C SER L 165 5.42 29.93 -51.85
N THR L 166 6.67 30.36 -51.93
CA THR L 166 7.20 31.20 -50.85
C THR L 166 6.43 32.52 -50.97
N GLU L 167 5.60 32.85 -49.98
CA GLU L 167 4.91 34.15 -49.95
C GLU L 167 5.96 35.25 -49.81
N MET L 168 6.43 35.73 -50.96
CA MET L 168 7.32 36.86 -51.05
C MET L 168 6.48 38.13 -50.96
N PRO L 169 6.94 39.16 -50.23
CA PRO L 169 6.18 40.40 -50.10
C PRO L 169 6.06 41.12 -51.44
N ASP L 170 4.91 41.74 -51.69
CA ASP L 170 4.60 42.51 -52.92
C ASP L 170 5.17 43.95 -52.89
N PHE L 171 6.35 44.13 -52.30
CA PHE L 171 7.05 45.41 -52.25
C PHE L 171 8.54 45.25 -52.52
N ASP L 172 9.22 46.36 -52.80
CA ASP L 172 10.66 46.34 -53.07
C ASP L 172 11.51 46.31 -51.81
N TYR L 173 12.54 45.47 -51.84
CA TYR L 173 13.48 45.33 -50.73
C TYR L 173 14.86 44.87 -51.20
N ALA L 174 15.83 45.05 -50.31
CA ALA L 174 17.12 44.38 -50.36
C ALA L 174 17.48 43.93 -48.94
N TYR L 175 18.26 42.86 -48.84
CA TYR L 175 18.71 42.33 -47.56
C TYR L 175 20.13 41.79 -47.63
N TRP L 176 20.80 41.81 -46.47
CA TRP L 176 22.08 41.13 -46.29
C TRP L 176 21.89 39.62 -46.32
N THR L 177 22.77 38.90 -47.01
CA THR L 177 22.68 37.43 -47.15
C THR L 177 22.66 36.70 -45.80
N GLU L 178 22.15 35.47 -45.80
CA GLU L 178 22.05 34.62 -44.61
C GLU L 178 23.42 34.42 -43.96
N ALA L 179 23.47 34.55 -42.62
CA ALA L 179 24.71 34.44 -41.84
C ALA L 179 25.82 35.38 -42.33
N ILE L 180 25.43 36.62 -42.73
CA ILE L 180 26.32 37.66 -43.24
C ILE L 180 27.57 37.87 -42.37
N GLY L 181 27.47 37.73 -41.05
CA GLY L 181 28.61 37.86 -40.14
C GLY L 181 29.74 36.86 -40.44
N PHE L 182 29.42 35.63 -40.82
CA PHE L 182 30.42 34.67 -41.31
C PHE L 182 30.83 34.97 -42.75
N HIS L 183 29.88 35.25 -43.64
CA HIS L 183 30.17 35.46 -45.06
C HIS L 183 31.15 36.62 -45.30
N LEU L 184 31.04 37.69 -44.50
CA LEU L 184 31.96 38.83 -44.54
C LEU L 184 33.42 38.44 -44.33
N ILE L 185 33.68 37.41 -43.52
CA ILE L 185 35.03 36.97 -43.16
C ILE L 185 35.45 35.89 -44.16
N LYS L 186 35.87 36.27 -45.37
CA LYS L 186 36.36 35.28 -46.34
C LYS L 186 37.52 34.48 -45.79
N ARG L 187 38.42 35.16 -45.08
CA ARG L 187 39.55 34.55 -44.40
C ARG L 187 39.99 35.44 -43.24
N ALA L 188 40.33 34.85 -42.10
CA ALA L 188 41.02 35.55 -41.03
C ALA L 188 42.28 34.79 -40.62
N GLU L 189 43.35 35.51 -40.34
CA GLU L 189 44.65 34.95 -39.95
C GLU L 189 45.06 35.53 -38.59
N PHE L 190 45.33 34.65 -37.63
CA PHE L 190 45.93 35.03 -36.34
C PHE L 190 47.45 34.94 -36.47
N LYS L 191 48.14 36.08 -36.39
CA LYS L 191 49.60 36.18 -36.55
C LYS L 191 50.28 36.60 -35.26
N VAL L 192 51.45 36.02 -35.01
CA VAL L 192 52.30 36.35 -33.87
C VAL L 192 53.73 36.49 -34.37
N GLY L 193 54.34 37.66 -34.17
CA GLY L 193 55.71 37.93 -34.63
C GLY L 193 55.88 37.84 -36.15
N GLY L 194 54.81 38.09 -36.91
CA GLY L 194 54.79 37.98 -38.38
C GLY L 194 54.49 36.58 -38.92
N ALA L 195 54.55 35.53 -38.09
CA ALA L 195 54.18 34.18 -38.49
C ALA L 195 52.66 33.95 -38.31
N THR L 196 52.02 33.34 -39.31
CA THR L 196 50.62 32.89 -39.18
C THR L 196 50.56 31.66 -38.29
N ILE L 197 49.87 31.80 -37.15
CA ILE L 197 49.65 30.72 -36.19
C ILE L 197 48.45 29.88 -36.59
N ASP L 198 47.38 30.50 -37.06
CA ASP L 198 46.19 29.80 -37.54
C ASP L 198 45.43 30.64 -38.57
N THR L 199 44.64 29.97 -39.41
CA THR L 199 43.80 30.59 -40.43
C THR L 199 42.40 29.99 -40.37
N ILE L 200 41.37 30.84 -40.42
CA ILE L 200 39.97 30.41 -40.49
C ILE L 200 39.31 31.00 -41.72
N TRP L 201 38.32 30.30 -42.26
CA TRP L 201 37.57 30.67 -43.46
C TRP L 201 36.08 30.80 -43.14
N SER L 202 35.35 31.63 -43.90
CA SER L 202 33.90 31.79 -43.77
C SER L 202 33.17 30.44 -43.75
N GLU L 203 33.47 29.60 -44.72
CA GLU L 203 32.88 28.28 -44.89
C GLU L 203 33.19 27.35 -43.69
N LEU L 204 34.40 27.42 -43.14
CA LEU L 204 34.79 26.67 -41.95
C LEU L 204 34.04 27.18 -40.70
N LEU L 205 33.94 28.50 -40.51
CA LEU L 205 33.18 29.09 -39.39
C LEU L 205 31.74 28.60 -39.36
N PHE L 206 31.08 28.58 -40.51
CA PHE L 206 29.73 28.07 -40.64
C PHE L 206 29.66 26.57 -40.31
N ALA L 207 30.59 25.77 -40.85
CA ALA L 207 30.61 24.33 -40.58
C ALA L 207 30.85 24.00 -39.10
N MET L 208 31.75 24.73 -38.45
CA MET L 208 32.03 24.62 -37.03
C MET L 208 30.81 24.97 -36.18
N GLU L 209 30.06 26.02 -36.52
CA GLU L 209 28.82 26.37 -35.83
C GLU L 209 27.72 25.31 -36.04
N GLU L 210 27.63 24.72 -37.23
CA GLU L 210 26.66 23.65 -37.50
C GLU L 210 26.91 22.40 -36.65
N LEU L 211 28.17 21.98 -36.52
CA LEU L 211 28.55 20.75 -35.80
C LEU L 211 28.74 20.97 -34.29
N MET L 212 29.39 22.06 -33.90
CA MET L 212 29.80 22.32 -32.50
C MET L 212 28.88 23.33 -31.79
N GLY L 213 27.98 24.00 -32.52
CA GLY L 213 27.04 24.95 -31.96
C GLY L 213 26.05 24.25 -31.02
N ARG L 214 26.11 24.60 -29.72
CA ARG L 214 25.28 23.98 -28.69
C ARG L 214 23.83 24.47 -28.75
N ALA L 215 22.88 23.58 -28.48
CA ALA L 215 21.47 23.94 -28.34
C ALA L 215 21.29 25.07 -27.32
N GLY L 216 20.50 26.08 -27.67
CA GLY L 216 20.29 27.29 -26.85
C GLY L 216 21.43 28.30 -26.86
N ARG L 217 22.55 28.02 -27.54
CA ARG L 217 23.69 28.94 -27.70
C ARG L 217 24.15 29.05 -29.16
N ARG L 218 23.22 28.84 -30.10
CA ARG L 218 23.48 29.01 -31.52
C ARG L 218 23.73 30.49 -31.82
N LEU L 219 24.59 30.77 -32.76
CA LEU L 219 25.07 32.13 -33.05
C LEU L 219 24.09 33.00 -33.85
N THR L 220 22.83 32.57 -34.02
CA THR L 220 21.84 33.12 -34.95
C THR L 220 21.88 34.65 -35.08
N GLU L 221 21.47 35.38 -34.04
CA GLU L 221 21.44 36.84 -34.04
C GLU L 221 22.85 37.45 -34.14
N THR L 222 23.84 36.84 -33.47
CA THR L 222 25.22 37.35 -33.42
C THR L 222 25.93 37.36 -34.77
N ILE L 223 25.47 36.57 -35.74
CA ILE L 223 26.04 36.49 -37.11
C ILE L 223 25.03 36.84 -38.21
N GLY L 224 23.81 37.27 -37.88
CA GLY L 224 22.77 37.58 -38.86
C GLY L 224 22.23 36.34 -39.59
N ARG L 225 22.02 35.23 -38.86
CA ARG L 225 21.48 33.97 -39.39
C ARG L 225 20.03 33.75 -38.94
N THR L 226 19.14 33.48 -39.91
CA THR L 226 17.69 33.33 -39.71
C THR L 226 17.16 31.92 -39.95
N LEU L 227 18.05 30.98 -40.28
CA LEU L 227 17.73 29.63 -40.73
C LEU L 227 16.91 29.64 -42.03
N ARG L 228 17.37 30.45 -43.01
CA ARG L 228 16.76 30.58 -44.35
C ARG L 228 15.30 31.05 -44.30
N ARG L 229 15.01 32.08 -43.52
CA ARG L 229 13.71 32.78 -43.52
C ARG L 229 13.89 34.17 -44.12
N PRO L 230 13.70 34.35 -45.45
CA PRO L 230 14.02 35.60 -46.13
C PRO L 230 13.33 36.82 -45.52
N THR L 231 12.09 36.67 -45.06
CA THR L 231 11.32 37.76 -44.43
C THR L 231 11.99 38.30 -43.17
N GLU L 232 12.69 37.47 -42.40
CA GLU L 232 13.43 37.91 -41.21
C GLU L 232 14.73 38.64 -41.60
N LEU L 233 15.43 38.17 -42.65
CA LEU L 233 16.60 38.88 -43.20
C LEU L 233 16.21 40.27 -43.71
N MET L 234 15.06 40.38 -44.40
CA MET L 234 14.52 41.66 -44.86
C MET L 234 14.25 42.60 -43.69
N LYS L 235 13.55 42.13 -42.64
CA LYS L 235 13.25 42.95 -41.45
C LYS L 235 14.53 43.45 -40.80
N ALA L 236 15.49 42.56 -40.56
CA ALA L 236 16.77 42.91 -39.95
C ALA L 236 17.55 43.92 -40.81
N SER L 237 17.50 43.78 -42.14
CA SER L 237 18.30 44.61 -43.07
C SER L 237 17.76 46.01 -43.28
N ARG L 238 16.58 46.37 -42.74
CA ARG L 238 16.02 47.73 -42.87
C ARG L 238 16.66 48.77 -41.96
N GLN L 239 17.43 48.32 -40.97
CA GLN L 239 18.09 49.15 -39.97
C GLN L 239 19.55 48.73 -39.79
N GLU L 240 20.32 49.54 -39.08
CA GLU L 240 21.70 49.20 -38.74
C GLU L 240 21.75 47.90 -37.93
N GLN L 241 22.68 47.01 -38.28
CA GLN L 241 22.91 45.75 -37.59
C GLN L 241 24.30 45.77 -36.95
N ILE L 242 24.37 45.36 -35.69
CA ILE L 242 25.63 45.15 -34.97
C ILE L 242 25.76 43.65 -34.72
N LEU L 243 26.79 43.05 -35.31
CA LEU L 243 27.07 41.62 -35.23
C LEU L 243 28.34 41.40 -34.40
N TYR L 244 28.35 40.35 -33.60
CA TYR L 244 29.50 39.93 -32.79
C TYR L 244 29.91 38.52 -33.20
N VAL L 245 30.82 38.43 -34.17
CA VAL L 245 31.23 37.15 -34.75
C VAL L 245 32.36 36.56 -33.91
N PRO L 246 32.16 35.43 -33.21
CA PRO L 246 33.24 34.81 -32.44
C PRO L 246 34.32 34.26 -33.38
N LEU L 247 35.59 34.52 -33.05
CA LEU L 247 36.72 33.94 -33.76
C LEU L 247 37.24 32.74 -32.96
N PRO L 248 37.01 31.49 -33.40
CA PRO L 248 37.19 30.29 -32.59
C PRO L 248 38.64 29.80 -32.53
N TRP L 249 39.59 30.69 -32.24
CA TRP L 249 41.01 30.34 -32.08
C TRP L 249 41.21 29.36 -30.92
N TYR L 250 42.34 28.64 -30.91
CA TYR L 250 42.63 27.66 -29.86
C TYR L 250 42.49 28.24 -28.44
N PHE L 251 42.96 29.48 -28.25
CA PHE L 251 42.98 30.16 -26.95
C PHE L 251 41.60 30.64 -26.48
N THR L 252 40.58 30.66 -27.35
CA THR L 252 39.20 31.02 -26.96
C THR L 252 38.40 29.83 -26.46
N LYS L 253 38.95 28.61 -26.55
CA LYS L 253 38.21 27.35 -26.28
C LYS L 253 38.23 26.92 -24.83
N HIS L 254 39.26 27.28 -24.08
CA HIS L 254 39.40 26.92 -22.68
C HIS L 254 40.28 27.95 -21.93
N PRO L 255 39.95 28.33 -20.68
CA PRO L 255 40.73 29.33 -19.93
C PRO L 255 42.23 28.99 -19.79
N SER L 256 42.57 27.70 -19.67
CA SER L 256 43.99 27.27 -19.58
C SER L 256 44.79 27.42 -20.88
N LEU L 257 44.11 27.71 -21.99
CA LEU L 257 44.73 27.95 -23.29
C LEU L 257 44.76 29.44 -23.65
N ALA L 258 44.26 30.33 -22.79
CA ALA L 258 44.32 31.76 -23.01
C ALA L 258 45.74 32.18 -23.42
N PHE L 259 45.83 33.04 -24.43
CA PHE L 259 47.10 33.37 -25.05
C PHE L 259 47.92 34.26 -24.09
N PRO L 260 49.12 33.84 -23.65
CA PRO L 260 49.88 34.55 -22.63
C PRO L 260 50.62 35.76 -23.23
N LEU L 261 49.97 36.93 -23.21
CA LEU L 261 50.52 38.18 -23.73
C LEU L 261 51.86 38.50 -23.08
N VAL L 262 51.96 38.37 -21.75
CA VAL L 262 53.20 38.61 -20.99
C VAL L 262 54.36 37.72 -21.40
N ALA L 263 54.09 36.49 -21.84
CA ALA L 263 55.12 35.55 -22.27
C ALA L 263 55.59 35.79 -23.71
N ALA L 264 54.83 36.56 -24.49
CA ALA L 264 55.13 36.89 -25.89
C ALA L 264 55.48 38.37 -26.09
N THR L 265 56.06 39.04 -25.08
CA THR L 265 56.28 40.51 -25.02
C THR L 265 56.95 41.11 -26.25
N TYR L 266 57.86 40.39 -26.92
CA TYR L 266 58.62 40.90 -28.07
C TYR L 266 57.99 40.61 -29.43
N HIS L 267 56.80 39.99 -29.47
CA HIS L 267 56.05 39.74 -30.70
C HIS L 267 54.78 40.57 -30.78
N ASN L 268 54.55 41.22 -31.91
CA ASN L 268 53.25 41.81 -32.21
C ASN L 268 52.24 40.69 -32.49
N ILE L 269 51.04 40.86 -31.95
CA ILE L 269 49.90 39.97 -32.18
C ILE L 269 48.98 40.71 -33.12
N GLN L 270 48.64 40.07 -34.24
CA GLN L 270 47.84 40.70 -35.27
C GLN L 270 46.72 39.78 -35.71
N LEU L 271 45.57 40.38 -35.98
CA LEU L 271 44.48 39.74 -36.71
C LEU L 271 44.42 40.38 -38.09
N TRP L 272 44.51 39.56 -39.13
CA TRP L 272 44.31 39.96 -40.51
C TRP L 272 42.98 39.40 -40.98
N VAL L 273 42.18 40.18 -41.69
CA VAL L 273 40.86 39.80 -42.19
C VAL L 273 40.75 40.20 -43.65
N GLN L 274 40.48 39.22 -44.51
CA GLN L 274 40.08 39.42 -45.89
C GLN L 274 38.55 39.47 -45.96
N TRP L 275 38.02 40.62 -46.40
CA TRP L 275 36.58 40.88 -46.42
C TRP L 275 35.93 40.42 -47.73
N ALA L 276 34.67 39.97 -47.64
CA ALA L 276 33.87 39.65 -48.81
C ALA L 276 33.59 40.89 -49.66
N GLN L 277 33.45 40.69 -50.98
CA GLN L 277 33.03 41.73 -51.91
C GLN L 277 31.56 42.10 -51.66
N LEU L 278 31.24 43.40 -51.75
CA LEU L 278 29.91 43.94 -51.47
C LEU L 278 28.82 43.30 -52.35
N ASN L 279 29.09 43.10 -53.64
CA ASN L 279 28.20 42.43 -54.58
C ASN L 279 27.71 41.04 -54.12
N SER L 280 28.50 40.33 -53.32
CA SER L 280 28.16 39.00 -52.78
C SER L 280 27.35 39.07 -51.49
N CYS L 281 27.27 40.24 -50.84
CA CYS L 281 26.69 40.37 -49.51
C CYS L 281 25.20 40.70 -49.53
N ILE L 282 24.65 41.13 -50.67
CA ILE L 282 23.28 41.68 -50.78
C ILE L 282 22.48 40.92 -51.83
N ILE L 283 21.22 40.66 -51.49
CA ILE L 283 20.19 40.15 -52.41
C ILE L 283 19.05 41.16 -52.47
N LYS L 284 18.49 41.40 -53.67
CA LYS L 284 17.39 42.35 -53.90
C LYS L 284 16.18 41.69 -54.52
N SER L 285 14.99 42.27 -54.33
CA SER L 285 13.75 41.73 -54.91
C SER L 285 13.77 41.75 -56.43
N ARG L 286 14.31 42.81 -57.06
CA ARG L 286 14.33 43.02 -58.51
C ARG L 286 15.67 43.54 -59.04
N SER L 287 16.02 43.11 -60.24
CA SER L 287 17.27 43.40 -60.94
C SER L 287 17.49 44.90 -61.22
N ASN L 288 16.42 45.67 -61.42
CA ASN L 288 16.45 47.10 -61.76
C ASN L 288 16.46 48.06 -60.54
N LEU L 289 16.66 47.54 -59.32
CA LEU L 289 16.75 48.35 -58.11
C LEU L 289 18.19 48.76 -57.80
N VAL L 290 18.37 49.99 -57.33
CA VAL L 290 19.59 50.51 -56.72
C VAL L 290 19.48 50.34 -55.20
N VAL L 291 20.54 49.84 -54.57
CA VAL L 291 20.58 49.63 -53.12
C VAL L 291 21.26 50.82 -52.45
N LEU L 292 20.55 51.44 -51.50
CA LEU L 292 20.96 52.65 -50.79
C LEU L 292 21.27 52.34 -49.32
N HIS L 293 22.22 53.09 -48.77
CA HIS L 293 22.40 53.21 -47.32
C HIS L 293 21.18 53.91 -46.70
N ALA L 294 20.45 53.23 -45.81
CA ALA L 294 19.15 53.67 -45.32
C ALA L 294 19.14 55.04 -44.61
N GLU L 295 20.20 55.33 -43.86
CA GLU L 295 20.36 56.60 -43.14
C GLU L 295 20.91 57.72 -44.04
N ARG L 296 21.98 57.44 -44.81
CA ARG L 296 22.68 58.45 -45.61
C ARG L 296 22.00 58.75 -46.95
N ASN L 297 21.07 57.91 -47.41
CA ASN L 297 20.38 58.01 -48.71
C ASN L 297 21.34 58.17 -49.91
N VAL L 298 22.46 57.44 -49.88
CA VAL L 298 23.43 57.33 -50.98
C VAL L 298 23.55 55.87 -51.40
N PRO L 299 23.89 55.57 -52.67
CA PRO L 299 24.18 54.21 -53.10
C PRO L 299 25.16 53.51 -52.15
N ILE L 300 24.90 52.26 -51.80
CA ILE L 300 25.80 51.50 -50.94
C ILE L 300 27.14 51.22 -51.67
N SER L 301 28.24 51.43 -50.96
CA SER L 301 29.60 51.38 -51.47
C SER L 301 30.52 50.61 -50.52
N ASP L 302 31.72 50.27 -51.01
CA ASP L 302 32.65 49.38 -50.29
C ASP L 302 33.16 49.96 -48.95
N ASP L 303 33.14 51.29 -48.79
CA ASP L 303 33.55 52.01 -47.57
C ASP L 303 32.48 52.06 -46.47
N HIS L 304 31.30 51.51 -46.71
CA HIS L 304 30.23 51.43 -45.71
C HIS L 304 30.37 50.25 -44.74
N LEU L 305 31.31 49.33 -44.96
CA LEU L 305 31.64 48.29 -43.97
C LEU L 305 32.39 48.91 -42.79
N ARG L 306 31.90 48.70 -41.58
CA ARG L 306 32.62 49.07 -40.35
C ARG L 306 32.86 47.83 -39.51
N ALA L 307 34.07 47.70 -38.99
CA ALA L 307 34.40 46.64 -38.06
C ALA L 307 35.42 47.08 -37.01
N SER L 308 35.36 46.45 -35.85
CA SER L 308 36.32 46.57 -34.76
C SER L 308 36.51 45.21 -34.09
N LEU L 309 37.56 45.07 -33.29
CA LEU L 309 37.87 43.83 -32.60
C LEU L 309 37.58 43.99 -31.12
N GLU L 310 36.70 43.16 -30.58
CA GLU L 310 36.42 43.09 -29.16
C GLU L 310 37.17 41.91 -28.53
N CYS L 311 38.12 42.24 -27.66
CA CYS L 311 38.99 41.27 -27.00
C CYS L 311 38.70 41.24 -25.50
N THR L 312 38.62 40.04 -24.92
CA THR L 312 38.60 39.87 -23.47
C THR L 312 40.00 39.60 -22.95
N TYR L 313 40.50 40.54 -22.15
CA TYR L 313 41.77 40.44 -21.44
C TYR L 313 41.57 39.83 -20.06
N VAL L 314 42.59 39.10 -19.60
CA VAL L 314 42.67 38.59 -18.23
C VAL L 314 43.79 39.33 -17.51
N HIS L 315 43.46 39.91 -16.36
CA HIS L 315 44.41 40.51 -15.43
C HIS L 315 44.71 39.51 -14.32
N LEU L 316 45.98 39.20 -14.11
CA LEU L 316 46.43 38.22 -13.13
C LEU L 316 47.00 38.93 -11.89
N GLU L 317 46.95 38.24 -10.74
CA GLU L 317 47.75 38.64 -9.59
C GLU L 317 49.25 38.59 -9.93
N ALA L 318 50.03 39.51 -9.34
CA ALA L 318 51.45 39.66 -9.62
C ALA L 318 52.23 38.34 -9.55
N ALA L 319 51.96 37.51 -8.53
CA ALA L 319 52.65 36.22 -8.37
C ALA L 319 52.41 35.26 -9.54
N GLU L 320 51.18 35.19 -10.06
CA GLU L 320 50.83 34.33 -11.20
C GLU L 320 51.38 34.90 -12.51
N ARG L 321 51.29 36.22 -12.67
CA ARG L 321 51.87 36.95 -13.80
C ARG L 321 53.39 36.74 -13.91
N ASP L 322 54.10 36.84 -12.79
CA ASP L 322 55.55 36.64 -12.72
C ASP L 322 55.92 35.18 -13.02
N ALA L 323 55.16 34.22 -12.48
CA ALA L 323 55.34 32.80 -12.76
C ALA L 323 55.14 32.48 -14.26
N LEU L 324 54.09 33.05 -14.88
CA LEU L 324 53.80 32.86 -16.29
C LEU L 324 54.86 33.51 -17.19
N THR L 325 55.38 34.68 -16.80
CA THR L 325 56.46 35.36 -17.52
C THR L 325 57.76 34.56 -17.47
N ALA L 326 58.07 33.98 -16.31
CA ALA L 326 59.26 33.15 -16.13
C ALA L 326 59.16 31.80 -16.87
N ASN L 327 57.97 31.18 -16.90
CA ASN L 327 57.78 29.86 -17.49
C ASN L 327 56.36 29.64 -18.06
N ALA L 328 56.06 30.24 -19.21
CA ALA L 328 54.83 29.92 -19.96
C ALA L 328 54.87 28.56 -20.66
N GLY L 329 56.08 28.03 -20.93
CA GLY L 329 56.26 26.70 -21.52
C GLY L 329 55.63 26.56 -22.90
N THR L 330 54.80 25.53 -23.06
CA THR L 330 54.17 25.14 -24.34
C THR L 330 52.66 24.97 -24.17
N GLN L 331 51.91 25.40 -25.17
CA GLN L 331 50.48 25.12 -25.29
C GLN L 331 50.23 24.16 -26.45
N LEU L 332 49.40 23.14 -26.22
CA LEU L 332 48.81 22.36 -27.30
C LEU L 332 47.83 23.27 -28.04
N ILE L 333 47.97 23.35 -29.36
CA ILE L 333 47.09 24.15 -30.20
C ILE L 333 46.43 23.28 -31.27
N VAL L 334 45.26 23.71 -31.72
CA VAL L 334 44.61 23.17 -32.92
C VAL L 334 44.74 24.23 -34.01
N GLN L 335 45.28 23.82 -35.16
CA GLN L 335 45.38 24.63 -36.37
C GLN L 335 44.41 24.09 -37.42
N HIS L 336 43.97 24.96 -38.32
CA HIS L 336 43.09 24.61 -39.42
C HIS L 336 43.84 24.60 -40.76
N GLN L 337 43.54 23.60 -41.59
CA GLN L 337 44.06 23.46 -42.94
C GLN L 337 42.91 23.32 -43.92
N ALA L 338 43.10 23.75 -45.16
CA ALA L 338 42.05 23.78 -46.18
C ALA L 338 42.52 23.19 -47.50
N HIS L 339 41.68 22.37 -48.13
CA HIS L 339 41.79 21.93 -49.52
C HIS L 339 40.52 22.40 -50.24
N LEU L 340 40.70 23.29 -51.19
CA LEU L 340 39.61 23.91 -51.95
C LEU L 340 39.75 23.48 -53.41
N GLN L 341 38.69 22.91 -53.98
CA GLN L 341 38.73 22.31 -55.31
C GLN L 341 37.46 22.65 -56.10
N GLN L 342 37.62 22.88 -57.41
CA GLN L 342 36.49 22.99 -58.33
C GLN L 342 36.01 21.59 -58.76
N VAL L 343 34.70 21.46 -58.93
CA VAL L 343 34.00 20.22 -59.26
C VAL L 343 33.27 20.40 -60.58
N SER L 344 33.58 19.51 -61.52
CA SER L 344 33.04 19.48 -62.88
C SER L 344 32.58 18.08 -63.32
N SER L 345 32.49 17.14 -62.38
CA SER L 345 32.11 15.74 -62.63
C SER L 345 31.49 15.12 -61.39
N ASN L 346 30.66 14.08 -61.58
CA ASN L 346 30.00 13.39 -60.48
C ASN L 346 30.97 12.54 -59.65
N ASN L 347 32.11 12.14 -60.22
CA ASN L 347 33.18 11.47 -59.48
C ASN L 347 34.29 12.49 -59.22
N VAL L 348 34.63 12.68 -57.95
CA VAL L 348 35.64 13.64 -57.51
C VAL L 348 36.60 12.95 -56.55
N THR L 349 37.89 13.08 -56.80
CA THR L 349 38.92 12.67 -55.85
C THR L 349 39.64 13.92 -55.35
N ALA L 350 39.58 14.15 -54.03
CA ALA L 350 40.35 15.20 -53.37
C ALA L 350 41.61 14.62 -52.73
N ARG L 351 42.78 15.10 -53.16
CA ARG L 351 44.07 14.75 -52.57
C ARG L 351 44.38 15.68 -51.42
N LEU L 352 44.24 15.18 -50.19
CA LEU L 352 44.35 15.96 -48.97
C LEU L 352 45.80 16.08 -48.52
N ASN L 353 46.50 17.09 -49.02
CA ASN L 353 47.90 17.39 -48.67
C ASN L 353 48.02 18.10 -47.31
N PHE L 354 47.25 17.67 -46.31
CA PHE L 354 47.34 18.21 -44.96
C PHE L 354 48.53 17.62 -44.22
N ASN L 355 49.01 18.35 -43.22
CA ASN L 355 50.13 17.95 -42.38
C ASN L 355 49.70 17.80 -40.91
N PHE L 356 50.63 17.29 -40.10
CA PHE L 356 50.53 17.09 -38.67
C PHE L 356 49.49 16.02 -38.24
N PRO L 357 49.38 15.72 -36.94
CA PRO L 357 48.32 14.88 -36.41
C PRO L 357 46.94 15.52 -36.59
N VAL L 358 46.21 15.09 -37.61
CA VAL L 358 44.83 15.50 -37.92
C VAL L 358 43.88 14.81 -36.94
N LEU L 359 43.07 15.61 -36.24
CA LEU L 359 42.01 15.16 -35.34
C LEU L 359 40.80 14.66 -36.12
N GLU L 360 40.39 15.47 -37.09
CA GLU L 360 39.18 15.30 -37.88
C GLU L 360 39.24 16.18 -39.13
N PHE L 361 38.36 15.89 -40.08
CA PHE L 361 38.09 16.78 -41.20
C PHE L 361 36.60 16.93 -41.45
N TYR L 362 36.26 18.05 -42.06
CA TYR L 362 34.93 18.38 -42.56
C TYR L 362 35.01 18.52 -44.07
N TYR L 363 33.95 18.14 -44.77
CA TYR L 363 33.82 18.47 -46.17
C TYR L 363 32.37 18.77 -46.53
N PHE L 364 32.18 19.53 -47.59
CA PHE L 364 30.88 19.90 -48.13
C PHE L 364 31.05 20.50 -49.52
N LEU L 365 29.97 20.50 -50.29
CA LEU L 365 29.96 21.04 -51.64
C LEU L 365 29.05 22.24 -51.73
N ARG L 366 29.38 23.20 -52.60
CA ARG L 366 28.51 24.30 -52.97
C ARG L 366 28.34 24.33 -54.47
N ARG L 367 27.09 24.27 -54.92
CA ARG L 367 26.73 24.48 -56.33
C ARG L 367 27.12 25.89 -56.75
N LYS L 368 27.58 26.03 -58.00
CA LYS L 368 27.83 27.35 -58.57
C LYS L 368 26.54 28.19 -58.54
N ALA L 369 25.41 27.59 -58.88
CA ALA L 369 24.14 28.30 -58.92
C ALA L 369 23.71 28.86 -57.54
N ASN L 370 23.93 28.10 -56.45
CA ASN L 370 23.65 28.58 -55.09
C ASN L 370 24.56 29.77 -54.72
N LYS L 371 25.84 29.70 -55.07
CA LYS L 371 26.80 30.80 -54.85
C LYS L 371 26.40 32.06 -55.62
N ASP L 372 26.05 31.90 -56.90
CA ASP L 372 25.65 33.00 -57.78
C ASP L 372 24.32 33.63 -57.36
N ALA L 373 23.40 32.84 -56.78
CA ALA L 373 22.16 33.31 -56.18
C ALA L 373 22.36 34.05 -54.82
N GLY L 374 23.60 34.10 -54.31
CA GLY L 374 23.92 34.72 -53.03
C GLY L 374 23.59 33.86 -51.81
N ASP L 375 23.25 32.58 -51.99
CA ASP L 375 22.94 31.62 -50.92
C ASP L 375 24.21 30.83 -50.52
N HIS L 376 25.17 31.55 -49.94
CA HIS L 376 26.57 31.10 -49.78
C HIS L 376 26.75 29.87 -48.89
N PHE L 377 25.81 29.62 -47.97
CA PHE L 377 25.86 28.50 -47.03
C PHE L 377 24.84 27.40 -47.38
N ASN L 378 24.27 27.46 -48.58
CA ASN L 378 23.46 26.38 -49.12
C ASN L 378 24.34 25.34 -49.81
N PHE L 379 24.65 24.31 -49.03
CA PHE L 379 25.43 23.16 -49.46
C PHE L 379 24.58 22.02 -50.04
N SER L 380 23.31 22.28 -50.39
CA SER L 380 22.47 21.27 -51.03
C SER L 380 22.81 21.08 -52.51
N GLY L 381 22.46 19.90 -53.02
CA GLY L 381 22.53 19.51 -54.41
C GLY L 381 21.38 20.07 -55.26
N ILE L 382 21.08 19.37 -56.34
CA ILE L 382 20.07 19.77 -57.33
C ILE L 382 18.70 19.51 -56.71
N GLY L 383 17.78 20.48 -56.78
CA GLY L 383 16.46 20.38 -56.17
C GLY L 383 16.50 20.24 -54.63
N GLY L 384 17.57 20.72 -53.98
CA GLY L 384 17.72 20.65 -52.52
C GLY L 384 18.10 19.27 -51.97
N ARG L 385 18.46 18.31 -52.84
CA ARG L 385 18.87 16.96 -52.45
C ARG L 385 20.27 16.93 -51.83
N ASP L 386 20.67 15.80 -51.29
CA ASP L 386 22.02 15.60 -50.76
C ASP L 386 23.01 15.50 -51.94
N PRO L 387 24.02 16.37 -52.06
CA PRO L 387 24.93 16.37 -53.22
C PRO L 387 25.86 15.16 -53.25
N VAL L 388 26.11 14.52 -52.10
CA VAL L 388 26.97 13.34 -52.00
C VAL L 388 26.09 12.09 -51.97
N VAL L 389 26.39 11.12 -52.82
CA VAL L 389 25.78 9.79 -52.75
C VAL L 389 26.59 8.92 -51.79
N SER L 390 27.91 8.87 -51.99
CA SER L 390 28.82 8.12 -51.14
C SER L 390 30.21 8.72 -51.13
N ALA L 391 30.99 8.37 -50.10
CA ALA L 391 32.39 8.74 -50.01
C ALA L 391 33.23 7.59 -49.44
N GLU L 392 34.51 7.57 -49.80
CA GLU L 392 35.54 6.65 -49.35
C GLU L 392 36.80 7.43 -48.96
N LEU L 393 37.49 7.02 -47.89
CA LEU L 393 38.75 7.60 -47.45
C LEU L 393 39.87 6.58 -47.62
N LEU L 394 40.90 6.95 -48.39
CA LEU L 394 42.04 6.09 -48.68
C LEU L 394 43.33 6.68 -48.10
N PHE L 395 44.13 5.83 -47.46
CA PHE L 395 45.51 6.10 -47.07
C PHE L 395 46.44 5.23 -47.90
N ASN L 396 47.37 5.82 -48.65
CA ASN L 396 48.31 5.09 -49.50
C ASN L 396 47.59 4.03 -50.37
N ASN L 397 46.48 4.42 -51.01
CA ASN L 397 45.59 3.58 -51.84
C ASN L 397 44.90 2.41 -51.10
N THR L 398 44.95 2.38 -49.77
CA THR L 398 44.24 1.39 -48.95
C THR L 398 43.05 2.05 -48.26
N ALA L 399 41.87 1.44 -48.33
CA ALA L 399 40.66 1.97 -47.73
C ALA L 399 40.81 2.05 -46.20
N ARG L 400 40.89 3.27 -45.67
CA ARG L 400 40.82 3.55 -44.23
C ARG L 400 39.37 3.56 -43.78
N VAL L 401 38.48 4.12 -44.60
CA VAL L 401 37.04 4.00 -44.47
C VAL L 401 36.54 3.57 -45.84
N THR L 402 35.98 2.36 -45.94
CA THR L 402 35.36 1.87 -47.18
C THR L 402 34.18 2.74 -47.56
N GLN L 403 33.71 2.62 -48.80
CA GLN L 403 32.57 3.39 -49.30
C GLN L 403 31.37 3.37 -48.32
N LYS L 404 30.96 4.57 -47.87
CA LYS L 404 29.79 4.78 -47.01
C LYS L 404 28.85 5.82 -47.63
N PRO L 405 27.53 5.68 -47.43
CA PRO L 405 26.55 6.64 -47.94
C PRO L 405 26.66 7.99 -47.23
N ALA L 406 26.22 9.07 -47.87
CA ALA L 406 26.24 10.43 -47.32
C ALA L 406 25.72 10.55 -45.89
N VAL L 407 24.61 9.89 -45.57
CA VAL L 407 23.99 9.94 -44.23
C VAL L 407 24.92 9.44 -43.13
N TRP L 408 25.85 8.52 -43.43
CA TRP L 408 26.82 8.04 -42.45
C TRP L 408 27.84 9.13 -42.12
N TRP L 409 28.39 9.78 -43.14
CA TRP L 409 29.35 10.88 -42.96
C TRP L 409 28.72 12.13 -42.34
N ARG L 410 27.44 12.39 -42.60
CA ARG L 410 26.72 13.57 -42.10
C ARG L 410 26.12 13.38 -40.72
N ALA L 411 25.36 12.29 -40.53
CA ALA L 411 24.55 12.10 -39.31
C ALA L 411 25.23 11.18 -38.29
N VAL L 412 25.85 10.07 -38.73
CA VAL L 412 26.47 9.13 -37.79
C VAL L 412 27.74 9.71 -37.18
N GLN L 413 28.60 10.32 -38.00
CA GLN L 413 29.81 10.98 -37.49
C GLN L 413 29.49 12.15 -36.56
N ALA L 414 28.50 12.99 -36.91
CA ALA L 414 28.04 14.05 -36.02
C ALA L 414 27.47 13.52 -34.70
N LEU L 415 26.64 12.46 -34.75
CA LEU L 415 26.09 11.82 -33.56
C LEU L 415 27.18 11.27 -32.61
N GLN L 416 28.27 10.75 -33.16
CA GLN L 416 29.32 10.11 -32.39
C GLN L 416 30.29 11.11 -31.75
N PHE L 417 30.59 12.22 -32.42
CA PHE L 417 31.73 13.07 -32.07
C PHE L 417 31.41 14.54 -31.84
N HIS L 418 30.20 15.00 -32.21
CA HIS L 418 29.85 16.41 -32.18
C HIS L 418 28.66 16.74 -31.27
N SER L 419 28.67 17.98 -30.79
CA SER L 419 27.59 18.53 -29.94
C SER L 419 26.25 18.69 -30.68
N SER L 420 26.26 18.71 -32.02
CA SER L 420 25.08 18.92 -32.85
C SER L 420 25.18 18.20 -34.20
N ALA L 421 24.02 17.90 -34.78
CA ALA L 421 23.93 17.43 -36.15
C ALA L 421 23.69 18.63 -37.09
N PRO L 422 24.38 18.70 -38.23
CA PRO L 422 24.26 19.83 -39.14
C PRO L 422 22.88 19.85 -39.83
N LEU L 423 22.29 21.04 -39.97
CA LEU L 423 21.03 21.26 -40.70
C LEU L 423 21.25 21.33 -42.21
N THR L 424 22.50 21.57 -42.63
CA THR L 424 22.95 21.60 -44.01
C THR L 424 23.79 20.36 -44.35
N ASN L 425 24.11 20.15 -45.63
CA ASN L 425 24.87 18.99 -46.10
C ASN L 425 26.38 19.13 -45.81
N ILE L 426 26.71 19.21 -44.52
CA ILE L 426 28.09 19.16 -44.01
C ILE L 426 28.39 17.75 -43.54
N TYR L 427 29.51 17.21 -44.01
CA TYR L 427 29.97 15.88 -43.66
C TYR L 427 31.23 16.00 -42.81
N SER L 428 31.43 15.07 -41.88
CA SER L 428 32.63 15.05 -41.06
C SER L 428 33.17 13.63 -40.90
N TYR L 429 34.42 13.54 -40.46
CA TYR L 429 35.02 12.30 -39.99
C TYR L 429 36.04 12.60 -38.92
N SER L 430 35.93 11.93 -37.77
CA SER L 430 36.84 12.11 -36.65
C SER L 430 37.73 10.89 -36.45
N PHE L 431 39.03 11.14 -36.28
CA PHE L 431 40.01 10.20 -35.72
C PHE L 431 40.10 10.31 -34.20
N SER L 432 39.56 11.39 -33.62
CA SER L 432 39.55 11.67 -32.18
C SER L 432 38.23 11.20 -31.55
N LEU L 433 38.28 10.66 -30.33
CA LEU L 433 37.06 10.30 -29.58
C LEU L 433 36.29 11.54 -29.09
N SER L 434 36.99 12.65 -28.89
CA SER L 434 36.42 13.92 -28.40
C SER L 434 37.13 15.09 -29.10
N PRO L 435 36.87 15.33 -30.39
CA PRO L 435 37.56 16.38 -31.16
C PRO L 435 37.20 17.81 -30.71
N GLU L 436 36.11 17.97 -29.93
CA GLU L 436 35.71 19.25 -29.33
C GLU L 436 36.40 19.54 -27.99
N ASP L 437 37.11 18.56 -27.38
CA ASP L 437 37.94 18.81 -26.21
C ASP L 437 39.25 19.49 -26.62
N PRO L 438 39.48 20.74 -26.21
CA PRO L 438 40.64 21.50 -26.66
C PRO L 438 41.94 21.16 -25.90
N ILE L 439 41.87 20.47 -24.76
CA ILE L 439 43.01 20.23 -23.87
C ILE L 439 43.40 18.76 -23.74
N THR L 440 42.50 17.83 -24.09
CA THR L 440 42.77 16.38 -23.98
C THR L 440 42.81 15.72 -25.36
N PRO L 441 44.00 15.44 -25.91
CA PRO L 441 44.11 14.63 -27.11
C PRO L 441 43.45 13.26 -26.95
N SER L 442 42.58 12.90 -27.88
CA SER L 442 41.78 11.67 -27.80
C SER L 442 41.81 10.83 -29.09
N GLY L 443 42.84 11.03 -29.91
CA GLY L 443 43.05 10.32 -31.18
C GLY L 443 43.43 11.28 -32.31
N SER L 444 44.23 10.80 -33.26
CA SER L 444 44.60 11.54 -34.47
C SER L 444 45.21 10.60 -35.51
N ALA L 445 45.26 11.04 -36.76
CA ALA L 445 46.05 10.42 -37.82
C ALA L 445 47.12 11.42 -38.29
N ASN L 446 48.39 11.02 -38.29
CA ASN L 446 49.49 11.90 -38.68
C ASN L 446 49.64 11.94 -40.20
N PHE L 447 49.08 12.98 -40.84
CA PHE L 447 49.09 13.09 -42.29
C PHE L 447 50.49 13.41 -42.84
N SER L 448 51.39 14.00 -42.04
CA SER L 448 52.80 14.19 -42.45
C SER L 448 53.59 12.88 -42.59
N ARG L 449 53.00 11.73 -42.26
CA ARG L 449 53.61 10.40 -42.40
C ARG L 449 52.89 9.52 -43.43
N LEU L 450 51.87 10.05 -44.10
CA LEU L 450 51.15 9.37 -45.17
C LEU L 450 51.59 9.95 -46.50
N ASP L 451 51.91 9.10 -47.47
CA ASP L 451 52.33 9.53 -48.80
C ASP L 451 51.14 10.07 -49.60
N SER L 452 49.97 9.43 -49.43
CA SER L 452 48.72 9.91 -49.99
C SER L 452 47.54 9.76 -49.04
N VAL L 453 46.73 10.80 -48.96
CA VAL L 453 45.40 10.78 -48.36
C VAL L 453 44.41 11.25 -49.41
N GLU L 454 43.49 10.37 -49.80
CA GLU L 454 42.49 10.67 -50.83
C GLU L 454 41.08 10.52 -50.27
N LEU L 455 40.25 11.55 -50.46
CA LEU L 455 38.81 11.48 -50.24
C LEU L 455 38.15 11.35 -51.61
N ALA L 456 37.64 10.14 -51.89
CA ALA L 456 36.91 9.85 -53.13
C ALA L 456 35.41 10.03 -52.90
N LEU L 457 34.77 10.83 -53.72
CA LEU L 457 33.35 11.18 -53.65
C LEU L 457 32.64 10.72 -54.91
N THR L 458 31.50 10.04 -54.72
CA THR L 458 30.47 9.90 -55.74
C THR L 458 29.35 10.87 -55.40
N LEU L 459 29.12 11.83 -56.28
CA LEU L 459 28.12 12.87 -56.17
C LEU L 459 26.83 12.45 -56.89
N GLN L 460 25.75 13.18 -56.63
CA GLN L 460 24.50 13.03 -57.35
C GLN L 460 24.72 13.15 -58.88
N ASP L 461 23.81 12.58 -59.65
CA ASP L 461 23.83 12.72 -61.10
C ASP L 461 23.78 14.20 -61.51
N ASP L 462 24.50 14.51 -62.59
CA ASP L 462 24.63 15.84 -63.19
C ASP L 462 25.23 16.92 -62.27
N PHE L 463 25.78 16.56 -61.10
CA PHE L 463 26.52 17.50 -60.26
C PHE L 463 27.80 17.98 -60.96
N GLY L 464 27.95 19.30 -61.07
CA GLY L 464 29.10 19.90 -61.75
C GLY L 464 28.97 19.93 -63.28
N ALA L 465 27.84 19.48 -63.84
CA ALA L 465 27.55 19.59 -65.27
C ALA L 465 26.84 20.92 -65.61
N ALA L 466 26.93 21.33 -66.88
CA ALA L 466 26.20 22.49 -67.44
C ALA L 466 26.27 23.77 -66.58
N HIS L 467 25.11 24.25 -66.10
CA HIS L 467 24.98 25.49 -65.31
C HIS L 467 25.69 25.43 -63.94
N ASP L 468 26.07 24.24 -63.49
CA ASP L 468 26.83 24.03 -62.25
C ASP L 468 28.31 23.70 -62.49
N ALA L 469 28.82 23.88 -63.72
CA ALA L 469 30.25 23.79 -63.99
C ALA L 469 31.02 24.75 -63.07
N ASN L 470 32.04 24.24 -62.38
CA ASN L 470 32.79 24.94 -61.33
C ASN L 470 31.99 25.11 -60.03
N SER L 471 31.27 24.06 -59.64
CA SER L 471 30.85 23.90 -58.25
C SER L 471 32.08 23.72 -57.35
N GLU L 472 31.96 23.98 -56.07
CA GLU L 472 33.09 24.01 -55.14
C GLU L 472 33.02 22.84 -54.17
N LEU L 473 34.16 22.17 -53.94
CA LEU L 473 34.40 21.26 -52.83
C LEU L 473 35.29 21.95 -51.81
N PHE L 474 34.82 21.98 -50.57
CA PHE L 474 35.57 22.44 -49.41
C PHE L 474 35.95 21.23 -48.57
N VAL L 475 37.22 21.09 -48.23
CA VAL L 475 37.68 20.16 -47.20
C VAL L 475 38.51 20.94 -46.20
N PHE L 476 38.13 20.89 -44.93
CA PHE L 476 38.88 21.52 -43.84
C PHE L 476 39.33 20.46 -42.85
N ALA L 477 40.57 20.53 -42.38
CA ALA L 477 41.10 19.63 -41.35
C ALA L 477 41.50 20.42 -40.11
N ARG L 478 41.32 19.80 -38.95
CA ARG L 478 41.82 20.28 -37.66
C ARG L 478 43.02 19.43 -37.27
N SER L 479 44.16 20.05 -37.00
CA SER L 479 45.40 19.36 -36.66
C SER L 479 46.02 19.88 -35.36
N TYR L 480 46.65 18.98 -34.60
CA TYR L 480 47.44 19.37 -33.44
C TYR L 480 48.79 19.96 -33.88
N ASN L 481 49.19 21.01 -33.20
CA ASN L 481 50.57 21.51 -33.17
C ASN L 481 50.88 22.02 -31.75
N ILE L 482 52.09 22.51 -31.53
CA ILE L 482 52.53 23.05 -30.25
C ILE L 482 53.01 24.48 -30.47
N LEU L 483 52.46 25.41 -29.68
CA LEU L 483 52.97 26.77 -29.59
C LEU L 483 53.90 26.87 -28.38
N LYS L 484 55.14 27.31 -28.61
CA LYS L 484 56.16 27.44 -27.58
C LYS L 484 56.40 28.91 -27.25
N PHE L 485 56.47 29.22 -25.96
CA PHE L 485 56.81 30.52 -25.43
C PHE L 485 58.18 30.45 -24.75
N THR L 486 59.13 31.30 -25.13
CA THR L 486 60.48 31.32 -24.55
C THR L 486 61.07 32.72 -24.64
N ASN L 487 61.57 33.25 -23.52
CA ASN L 487 62.28 34.54 -23.46
C ASN L 487 61.51 35.71 -24.10
N GLY L 488 60.19 35.78 -23.88
CA GLY L 488 59.35 36.85 -24.43
C GLY L 488 58.96 36.66 -25.91
N LEU L 489 59.29 35.52 -26.52
CA LEU L 489 58.97 35.18 -27.91
C LEU L 489 58.00 34.00 -27.95
N ALA L 490 57.19 33.93 -29.01
CA ALA L 490 56.26 32.84 -29.26
C ALA L 490 56.45 32.30 -30.68
N GLY L 491 56.44 30.97 -30.86
CA GLY L 491 56.60 30.33 -32.16
C GLY L 491 56.04 28.91 -32.22
N ALA M 11 32.40 -70.77 -44.89
CA ALA M 11 33.58 -69.92 -45.03
C ALA M 11 33.28 -68.45 -44.68
N GLY M 12 32.14 -67.90 -45.13
CA GLY M 12 31.73 -66.53 -44.83
C GLY M 12 31.43 -66.26 -43.35
N SER M 13 30.67 -67.13 -42.68
CA SER M 13 30.29 -66.93 -41.27
C SER M 13 31.50 -67.06 -40.33
N LEU M 14 32.40 -68.00 -40.60
CA LEU M 14 33.66 -68.11 -39.84
C LEU M 14 34.56 -66.90 -40.10
N THR M 15 34.62 -66.42 -41.36
CA THR M 15 35.40 -65.23 -41.73
C THR M 15 34.89 -63.98 -41.01
N GLN M 16 33.57 -63.83 -40.83
CA GLN M 16 33.00 -62.72 -40.05
C GLN M 16 33.48 -62.74 -38.59
N LEU M 17 33.57 -63.91 -37.95
CA LEU M 17 34.09 -64.02 -36.57
C LEU M 17 35.59 -63.70 -36.47
N LEU M 18 36.34 -63.92 -37.56
CA LEU M 18 37.77 -63.61 -37.64
C LEU M 18 38.05 -62.16 -38.05
N ALA M 19 37.12 -61.52 -38.77
CA ALA M 19 37.21 -60.14 -39.25
C ALA M 19 36.94 -59.14 -38.13
N THR M 20 37.78 -59.19 -37.08
CA THR M 20 37.76 -58.28 -35.93
C THR M 20 39.01 -57.42 -35.91
N GLY M 21 38.86 -56.16 -35.51
CA GLY M 21 39.94 -55.19 -35.35
C GLY M 21 39.95 -54.56 -33.96
N SER M 22 40.77 -53.52 -33.79
CA SER M 22 40.90 -52.81 -32.51
C SER M 22 39.60 -52.12 -32.05
N MET M 23 38.71 -51.75 -32.97
CA MET M 23 37.40 -51.17 -32.62
C MET M 23 36.46 -52.21 -31.99
N ASP M 24 36.49 -53.45 -32.47
CA ASP M 24 35.65 -54.54 -31.94
C ASP M 24 36.03 -54.92 -30.52
N ALA M 25 37.29 -54.67 -30.13
CA ALA M 25 37.78 -54.96 -28.79
C ALA M 25 36.98 -54.21 -27.71
N ALA M 26 36.59 -52.96 -27.97
CA ALA M 26 35.77 -52.17 -27.05
C ALA M 26 34.35 -52.75 -26.84
N LEU M 27 33.87 -53.58 -27.77
CA LEU M 27 32.52 -54.12 -27.76
C LEU M 27 32.47 -55.60 -27.34
N THR M 28 33.48 -56.39 -27.70
CA THR M 28 33.42 -57.86 -27.63
C THR M 28 34.59 -58.51 -26.90
N GLN M 29 35.70 -57.79 -26.66
CA GLN M 29 36.82 -58.36 -25.90
C GLN M 29 36.39 -58.61 -24.46
N ASN M 30 36.71 -59.80 -23.94
CA ASN M 30 36.30 -60.24 -22.60
C ASN M 30 34.78 -60.18 -22.37
N ALA M 31 33.99 -60.55 -23.40
CA ALA M 31 32.53 -60.57 -23.32
C ALA M 31 32.03 -61.26 -22.03
N THR M 32 31.25 -60.54 -21.23
CA THR M 32 30.67 -61.01 -19.96
C THR M 32 29.26 -61.58 -20.12
N ARG M 33 28.72 -61.58 -21.33
CA ARG M 33 27.37 -62.05 -21.67
C ARG M 33 27.41 -62.90 -22.94
N THR M 34 26.60 -63.94 -22.97
CA THR M 34 26.31 -64.74 -24.18
C THR M 34 24.81 -64.74 -24.46
N PHE M 35 24.44 -64.79 -25.75
CA PHE M 35 23.05 -64.94 -26.18
C PHE M 35 22.58 -66.41 -26.20
N TRP M 36 23.50 -67.36 -26.11
CA TRP M 36 23.23 -68.80 -26.32
C TRP M 36 23.10 -69.62 -25.04
N LYS M 37 23.22 -68.98 -23.87
CA LYS M 37 23.01 -69.59 -22.57
C LYS M 37 22.28 -68.62 -21.67
N SER M 38 21.14 -69.03 -21.11
CA SER M 38 20.42 -68.24 -20.12
C SER M 38 21.13 -68.31 -18.77
N SER M 39 21.25 -67.17 -18.12
CA SER M 39 21.59 -67.04 -16.71
C SER M 39 20.39 -66.44 -15.98
N TYR M 40 20.06 -66.95 -14.80
CA TYR M 40 19.00 -66.41 -13.95
C TYR M 40 19.54 -66.15 -12.54
N GLN M 41 18.92 -65.22 -11.82
CA GLN M 41 19.22 -64.96 -10.41
C GLN M 41 18.17 -65.66 -9.54
N LYS M 42 18.60 -66.20 -8.40
CA LYS M 42 17.69 -66.70 -7.38
C LYS M 42 17.15 -65.51 -6.57
N HIS M 43 15.90 -65.58 -6.12
CA HIS M 43 15.24 -64.57 -5.29
C HIS M 43 14.80 -65.18 -3.95
N SER M 44 14.49 -64.33 -2.97
CA SER M 44 13.89 -64.74 -1.68
C SER M 44 12.44 -65.18 -1.87
N LEU M 45 11.90 -65.96 -0.93
CA LEU M 45 10.51 -66.41 -0.96
C LEU M 45 9.57 -65.28 -0.53
N PHE M 46 8.51 -65.06 -1.31
CA PHE M 46 7.43 -64.13 -0.99
C PHE M 46 6.10 -64.62 -1.57
N ALA M 47 4.99 -64.11 -1.03
CA ALA M 47 3.65 -64.34 -1.56
C ALA M 47 2.85 -63.03 -1.63
N LEU M 48 1.91 -62.94 -2.58
CA LEU M 48 1.01 -61.81 -2.73
C LEU M 48 -0.41 -62.22 -2.35
N GLU M 49 -1.12 -61.35 -1.65
CA GLU M 49 -2.52 -61.55 -1.27
C GLU M 49 -3.31 -60.26 -1.50
N SER M 50 -4.42 -60.33 -2.23
CA SER M 50 -5.33 -59.20 -2.40
C SER M 50 -6.45 -59.27 -1.38
N ILE M 51 -6.64 -58.19 -0.60
CA ILE M 51 -7.65 -58.14 0.45
C ILE M 51 -8.46 -56.86 0.34
N ASN M 52 -9.78 -57.03 0.27
CA ASN M 52 -10.75 -55.94 0.26
C ASN M 52 -11.16 -55.53 1.68
N GLN M 53 -11.18 -54.23 1.94
CA GLN M 53 -11.43 -53.65 3.27
C GLN M 53 -12.47 -52.53 3.19
N PRO M 54 -13.45 -52.49 4.11
CA PRO M 54 -14.44 -51.41 4.14
C PRO M 54 -13.84 -50.12 4.68
N PHE M 55 -14.42 -48.98 4.30
CA PHE M 55 -14.09 -47.70 4.92
C PHE M 55 -14.43 -47.69 6.43
N THR M 56 -13.64 -46.95 7.21
CA THR M 56 -13.86 -46.77 8.65
C THR M 56 -15.03 -45.82 8.91
N THR M 57 -15.25 -44.85 8.02
CA THR M 57 -16.40 -43.95 8.05
C THR M 57 -17.38 -44.27 6.92
N GLN M 58 -18.59 -43.74 7.01
CA GLN M 58 -19.57 -43.86 5.94
C GLN M 58 -19.06 -43.25 4.64
N VAL M 59 -19.31 -43.93 3.52
CA VAL M 59 -19.06 -43.44 2.15
C VAL M 59 -20.34 -42.84 1.61
N GLN M 60 -20.28 -41.59 1.17
CA GLN M 60 -21.40 -40.84 0.59
C GLN M 60 -20.88 -39.84 -0.44
N PHE M 61 -21.69 -39.53 -1.45
CA PHE M 61 -21.39 -38.46 -2.39
C PHE M 61 -21.22 -37.12 -1.65
N GLY M 62 -20.26 -36.30 -2.09
CA GLY M 62 -19.98 -34.97 -1.54
C GLY M 62 -19.33 -34.95 -0.15
N ALA M 63 -19.23 -36.09 0.53
CA ALA M 63 -18.61 -36.21 1.85
C ALA M 63 -17.11 -36.54 1.76
N GLU M 64 -16.43 -36.50 2.89
CA GLU M 64 -15.10 -37.07 3.05
C GLU M 64 -15.19 -38.37 3.86
N SER M 65 -14.51 -39.41 3.41
CA SER M 65 -14.44 -40.69 4.08
C SER M 65 -12.99 -41.11 4.28
N HIS M 66 -12.71 -41.87 5.34
CA HIS M 66 -11.39 -42.44 5.52
C HIS M 66 -11.42 -43.92 5.89
N ILE M 67 -10.32 -44.59 5.59
CA ILE M 67 -10.05 -45.97 5.97
C ILE M 67 -8.68 -46.05 6.62
N THR M 68 -8.60 -46.76 7.75
CA THR M 68 -7.31 -47.18 8.31
C THR M 68 -6.94 -48.52 7.69
N VAL M 69 -5.83 -48.56 6.94
CA VAL M 69 -5.37 -49.73 6.20
C VAL M 69 -4.91 -50.81 7.20
N ASN M 70 -5.45 -52.01 7.07
CA ASN M 70 -5.10 -53.14 7.94
C ASN M 70 -3.64 -53.58 7.72
N ARG M 71 -3.08 -54.29 8.70
CA ARG M 71 -1.73 -54.85 8.66
C ARG M 71 -1.78 -56.36 8.44
N GLN M 72 -2.22 -56.77 7.24
CA GLN M 72 -2.43 -58.17 6.88
C GLN M 72 -1.23 -58.80 6.15
N GLY M 73 -0.13 -58.08 5.99
CA GLY M 73 1.15 -58.60 5.48
C GLY M 73 2.32 -57.71 5.89
N ASP M 74 3.49 -57.94 5.30
CA ASP M 74 4.73 -57.25 5.66
C ASP M 74 4.99 -55.99 4.82
N LEU M 75 4.59 -56.01 3.55
CA LEU M 75 4.61 -54.85 2.65
C LEU M 75 3.21 -54.58 2.08
N LEU M 76 2.98 -53.34 1.67
CA LEU M 76 1.82 -52.92 0.90
C LEU M 76 2.27 -52.53 -0.53
N SER M 77 1.70 -53.20 -1.53
CA SER M 77 2.04 -53.04 -2.94
C SER M 77 0.93 -52.29 -3.68
N TRP M 78 0.08 -52.98 -4.44
CA TRP M 78 -1.02 -52.33 -5.16
C TRP M 78 -2.15 -51.87 -4.25
N MET M 79 -2.82 -50.80 -4.67
CA MET M 79 -3.96 -50.23 -3.98
C MET M 79 -5.00 -49.76 -5.01
N TYR M 80 -6.21 -50.31 -4.93
CA TYR M 80 -7.34 -49.98 -5.79
C TYR M 80 -8.52 -49.53 -4.94
N LEU M 81 -9.15 -48.42 -5.33
CA LEU M 81 -10.44 -48.04 -4.79
C LEU M 81 -11.52 -48.81 -5.57
N LYS M 82 -12.16 -49.76 -4.90
CA LYS M 82 -13.29 -50.51 -5.43
C LYS M 82 -14.55 -49.71 -5.19
N ILE M 83 -15.15 -49.20 -6.26
CA ILE M 83 -16.37 -48.38 -6.21
C ILE M 83 -17.52 -49.21 -6.80
N VAL M 84 -18.66 -49.20 -6.13
CA VAL M 84 -19.90 -49.79 -6.63
C VAL M 84 -20.94 -48.70 -6.82
N LEU M 85 -21.35 -48.50 -8.06
CA LEU M 85 -22.38 -47.54 -8.45
C LEU M 85 -23.66 -48.29 -8.83
N PRO M 86 -24.84 -47.84 -8.37
CA PRO M 86 -26.08 -48.48 -8.76
C PRO M 86 -26.38 -48.21 -10.24
N GLY M 87 -27.16 -49.10 -10.84
CA GLY M 87 -27.81 -48.80 -12.11
C GLY M 87 -28.78 -47.62 -11.95
N LEU M 88 -28.95 -46.87 -13.03
CA LEU M 88 -29.82 -45.72 -13.15
C LEU M 88 -31.06 -46.06 -13.99
N LYS M 89 -32.20 -45.52 -13.56
CA LYS M 89 -33.43 -45.42 -14.35
C LYS M 89 -33.95 -43.99 -14.25
N VAL M 90 -34.86 -43.63 -15.15
CA VAL M 90 -35.48 -42.30 -15.13
C VAL M 90 -37.00 -42.44 -15.16
N GLN M 91 -37.67 -41.46 -14.57
CA GLN M 91 -39.12 -41.32 -14.58
C GLN M 91 -39.48 -39.84 -14.76
N ASN M 92 -40.60 -39.54 -15.41
CA ASN M 92 -41.07 -38.17 -15.49
C ASN M 92 -41.38 -37.63 -14.10
N GLN M 93 -41.02 -36.37 -13.85
CA GLN M 93 -41.28 -35.71 -12.59
C GLN M 93 -42.78 -35.70 -12.22
N ALA M 94 -43.66 -35.60 -13.21
CA ALA M 94 -45.12 -35.66 -13.03
C ALA M 94 -45.63 -37.00 -12.49
N ASP M 95 -44.90 -38.10 -12.73
CA ASP M 95 -45.31 -39.45 -12.32
C ASP M 95 -44.69 -39.84 -10.96
N THR M 96 -43.91 -38.96 -10.34
CA THR M 96 -43.12 -39.27 -9.14
C THR M 96 -43.77 -38.71 -7.88
N VAL M 97 -43.97 -39.57 -6.85
CA VAL M 97 -44.62 -39.19 -5.57
C VAL M 97 -43.78 -38.18 -4.75
N GLN M 98 -42.46 -38.13 -4.98
CA GLN M 98 -41.51 -37.19 -4.37
C GLN M 98 -40.52 -36.70 -5.44
N PRO M 99 -40.89 -35.68 -6.24
CA PRO M 99 -40.09 -35.24 -7.37
C PRO M 99 -38.84 -34.43 -6.98
N THR M 100 -38.74 -34.01 -5.72
CA THR M 100 -37.66 -33.14 -5.23
C THR M 100 -36.34 -33.92 -5.16
N GLN M 101 -35.45 -33.63 -6.08
CA GLN M 101 -34.09 -34.17 -6.14
C GLN M 101 -33.11 -33.04 -6.50
N GLN M 102 -31.82 -33.25 -6.24
CA GLN M 102 -30.76 -32.38 -6.75
C GLN M 102 -30.86 -32.24 -8.28
N SER M 103 -30.47 -31.08 -8.81
CA SER M 103 -30.43 -30.85 -10.26
C SER M 103 -29.23 -31.58 -10.87
N PHE M 104 -29.42 -32.16 -12.06
CA PHE M 104 -28.38 -32.81 -12.85
C PHE M 104 -28.26 -32.11 -14.20
N ALA M 105 -27.08 -32.14 -14.80
CA ALA M 105 -26.88 -31.68 -16.17
C ALA M 105 -27.81 -32.45 -17.13
N SER M 106 -28.38 -31.77 -18.11
CA SER M 106 -29.30 -32.37 -19.07
C SER M 106 -29.01 -31.95 -20.50
N LEU M 107 -29.21 -32.90 -21.43
CA LEU M 107 -28.84 -32.71 -22.84
C LEU M 107 -29.80 -31.78 -23.60
N ASP M 108 -31.04 -31.63 -23.12
CA ASP M 108 -31.98 -30.61 -23.61
C ASP M 108 -31.58 -29.18 -23.18
N ASN M 109 -30.63 -29.04 -22.25
CA ASN M 109 -30.07 -27.78 -21.83
C ASN M 109 -28.53 -27.82 -21.92
N ASP M 110 -28.01 -28.06 -23.13
CA ASP M 110 -26.58 -28.14 -23.38
C ASP M 110 -25.89 -26.77 -23.21
N VAL M 111 -25.40 -26.52 -21.99
CA VAL M 111 -24.73 -25.27 -21.60
C VAL M 111 -23.43 -25.06 -22.40
N ALA M 112 -22.72 -26.13 -22.77
CA ALA M 112 -21.50 -26.04 -23.56
C ALA M 112 -21.79 -25.58 -24.99
N ALA M 113 -22.81 -26.17 -25.62
CA ALA M 113 -23.25 -25.73 -26.95
C ALA M 113 -23.79 -24.29 -26.93
N GLN M 114 -24.55 -23.91 -25.91
CA GLN M 114 -25.04 -22.54 -25.74
C GLN M 114 -23.89 -21.54 -25.57
N ALA M 115 -22.87 -21.89 -24.79
CA ALA M 115 -21.67 -21.08 -24.63
C ALA M 115 -20.94 -20.91 -25.97
N ASP M 116 -20.75 -21.98 -26.73
CA ASP M 116 -20.15 -21.90 -28.08
C ASP M 116 -20.95 -21.01 -29.04
N VAL M 117 -22.29 -21.12 -29.02
CA VAL M 117 -23.16 -20.25 -29.81
C VAL M 117 -23.00 -18.79 -29.41
N SER M 118 -22.85 -18.50 -28.11
CA SER M 118 -22.71 -17.12 -27.62
C SER M 118 -21.51 -16.37 -28.23
N HIS M 119 -20.40 -17.08 -28.50
CA HIS M 119 -19.20 -16.50 -29.12
C HIS M 119 -19.39 -16.16 -30.60
N VAL M 120 -20.31 -16.85 -31.30
CA VAL M 120 -20.57 -16.62 -32.72
C VAL M 120 -21.77 -15.73 -32.99
N LEU M 121 -22.58 -15.39 -31.96
CA LEU M 121 -23.72 -14.46 -32.09
C LEU M 121 -23.37 -13.15 -32.83
N PRO M 122 -22.21 -12.49 -32.59
CA PRO M 122 -21.85 -11.26 -33.31
C PRO M 122 -21.62 -11.44 -34.81
N TYR M 123 -21.48 -12.69 -35.28
CA TYR M 123 -21.20 -13.06 -36.67
C TYR M 123 -22.44 -13.62 -37.39
N ILE M 124 -23.59 -13.69 -36.70
CA ILE M 124 -24.84 -14.11 -37.34
C ILE M 124 -25.41 -12.94 -38.13
N GLU M 125 -25.52 -13.12 -39.45
CA GLU M 125 -26.17 -12.18 -40.35
C GLU M 125 -27.66 -12.58 -40.55
N GLY M 126 -28.58 -11.60 -40.47
CA GLY M 126 -30.01 -11.83 -40.71
C GLY M 126 -30.88 -12.04 -39.45
N ALA M 127 -32.15 -12.37 -39.67
CA ALA M 127 -33.18 -12.43 -38.62
C ALA M 127 -33.13 -13.72 -37.79
N TYR M 128 -32.09 -13.87 -36.96
CA TYR M 128 -31.89 -15.07 -36.14
C TYR M 128 -33.06 -15.36 -35.19
N THR M 129 -33.59 -14.34 -34.51
CA THR M 129 -34.61 -14.51 -33.46
C THR M 129 -35.91 -15.11 -33.98
N GLU M 130 -36.31 -14.75 -35.21
CA GLU M 130 -37.57 -15.15 -35.86
C GLU M 130 -37.43 -16.38 -36.76
N ALA M 131 -36.21 -16.87 -36.98
CA ALA M 131 -35.93 -17.99 -37.86
C ALA M 131 -36.46 -19.33 -37.33
N SER M 132 -36.84 -20.22 -38.25
CA SER M 132 -37.16 -21.62 -37.94
C SER M 132 -35.94 -22.34 -37.34
N LEU M 133 -36.14 -23.45 -36.62
CA LEU M 133 -35.03 -24.18 -35.99
C LEU M 133 -33.95 -24.59 -37.00
N ASN M 134 -34.35 -25.19 -38.13
CA ASN M 134 -33.42 -25.60 -39.19
C ASN M 134 -32.67 -24.41 -39.79
N THR M 135 -33.34 -23.26 -39.92
CA THR M 135 -32.71 -22.01 -40.38
C THR M 135 -31.72 -21.47 -39.34
N LYS M 136 -32.04 -21.56 -38.03
CA LYS M 136 -31.11 -21.17 -36.95
C LYS M 136 -29.84 -22.01 -36.97
N GLU M 137 -29.95 -23.32 -37.18
CA GLU M 137 -28.80 -24.21 -37.28
C GLU M 137 -27.89 -23.85 -38.47
N GLN M 138 -28.49 -23.52 -39.63
CA GLN M 138 -27.75 -23.02 -40.81
C GLN M 138 -27.03 -21.70 -40.51
N LEU M 139 -27.74 -20.72 -39.94
CA LEU M 139 -27.17 -19.42 -39.58
C LEU M 139 -26.02 -19.55 -38.57
N ILE M 140 -26.13 -20.46 -37.58
CA ILE M 140 -25.06 -20.73 -36.61
C ILE M 140 -23.85 -21.34 -37.31
N ALA M 141 -24.02 -22.28 -38.23
CA ALA M 141 -22.92 -22.91 -38.96
C ALA M 141 -22.20 -21.90 -39.89
N GLU M 142 -22.95 -21.02 -40.57
CA GLU M 142 -22.38 -19.92 -41.36
C GLU M 142 -21.64 -18.92 -40.48
N ALA M 143 -22.21 -18.53 -39.34
CA ALA M 143 -21.57 -17.63 -38.38
C ALA M 143 -20.30 -18.25 -37.78
N LYS M 144 -20.26 -19.57 -37.55
CA LYS M 144 -19.04 -20.29 -37.15
C LYS M 144 -17.94 -20.13 -38.20
N ASN M 145 -18.25 -20.28 -39.49
CA ASN M 145 -17.27 -20.03 -40.57
C ASN M 145 -16.76 -18.58 -40.53
N SER M 146 -17.64 -17.59 -40.39
CA SER M 146 -17.27 -16.18 -40.32
C SER M 146 -16.41 -15.85 -39.10
N TYR M 147 -16.78 -16.39 -37.93
CA TYR M 147 -15.98 -16.29 -36.69
C TYR M 147 -14.59 -16.90 -36.88
N GLU M 148 -14.51 -18.11 -37.41
CA GLU M 148 -13.23 -18.81 -37.57
C GLU M 148 -12.34 -18.18 -38.64
N ALA M 149 -12.92 -17.66 -39.71
CA ALA M 149 -12.20 -16.86 -40.70
C ALA M 149 -11.64 -15.58 -40.07
N ALA M 150 -12.44 -14.86 -39.27
CA ALA M 150 -12.02 -13.62 -38.64
C ALA M 150 -10.96 -13.82 -37.54
N LYS M 151 -11.07 -14.88 -36.74
CA LYS M 151 -10.18 -15.14 -35.60
C LYS M 151 -8.94 -15.94 -35.95
N TYR M 152 -9.07 -16.89 -36.88
CA TYR M 152 -8.03 -17.89 -37.15
C TYR M 152 -7.59 -17.93 -38.62
N ASN M 153 -8.11 -17.04 -39.48
CA ASN M 153 -7.92 -17.11 -40.94
C ASN M 153 -8.23 -18.51 -41.50
N ALA M 154 -9.20 -19.20 -40.89
CA ALA M 154 -9.59 -20.54 -41.31
C ALA M 154 -10.38 -20.48 -42.63
N ALA M 155 -10.12 -21.43 -43.52
CA ALA M 155 -10.98 -21.64 -44.68
C ALA M 155 -12.35 -22.18 -44.22
N PRO M 156 -13.46 -21.75 -44.84
CA PRO M 156 -14.79 -22.18 -44.43
C PRO M 156 -14.97 -23.69 -44.70
N LEU M 157 -15.56 -24.39 -43.74
CA LEU M 157 -16.01 -25.77 -43.94
C LEU M 157 -17.40 -25.76 -44.58
N PRO M 158 -17.71 -26.72 -45.48
CA PRO M 158 -19.07 -26.90 -45.96
C PRO M 158 -20.05 -27.05 -44.80
N VAL M 159 -21.17 -26.31 -44.81
CA VAL M 159 -22.16 -26.28 -43.72
C VAL M 159 -22.63 -27.70 -43.36
N ALA M 160 -22.83 -28.56 -44.34
CA ALA M 160 -23.22 -29.96 -44.14
C ALA M 160 -22.19 -30.77 -43.33
N ALA M 161 -20.89 -30.43 -43.38
CA ALA M 161 -19.85 -31.11 -42.60
C ALA M 161 -19.82 -30.65 -41.12
N GLN M 162 -20.37 -29.48 -40.83
CA GLN M 162 -20.47 -28.95 -39.45
C GLN M 162 -21.73 -29.44 -38.73
N MET M 163 -22.77 -29.77 -39.50
CA MET M 163 -24.02 -30.35 -39.00
C MET M 163 -23.83 -31.83 -38.69
N GLN M 164 -22.99 -32.14 -37.70
CA GLN M 164 -22.91 -33.51 -37.16
C GLN M 164 -24.09 -33.73 -36.22
N SER M 165 -25.11 -34.48 -36.66
CA SER M 165 -26.08 -35.03 -35.72
C SER M 165 -25.41 -36.17 -34.96
N THR M 166 -25.18 -35.97 -33.67
CA THR M 166 -24.97 -37.14 -32.80
C THR M 166 -26.32 -37.85 -32.75
N GLU M 167 -26.43 -39.05 -33.31
CA GLU M 167 -27.66 -39.86 -33.20
C GLU M 167 -27.90 -40.19 -31.73
N MET M 168 -28.62 -39.32 -31.06
CA MET M 168 -29.07 -39.53 -29.70
C MET M 168 -30.31 -40.41 -29.74
N PRO M 169 -30.44 -41.38 -28.82
CA PRO M 169 -31.61 -42.25 -28.82
C PRO M 169 -32.90 -41.48 -28.50
N ASP M 170 -34.00 -41.84 -29.15
CA ASP M 170 -35.34 -41.24 -28.97
C ASP M 170 -36.09 -41.77 -27.72
N PHE M 171 -35.36 -42.04 -26.64
CA PHE M 171 -35.93 -42.50 -25.37
C PHE M 171 -35.26 -41.80 -24.19
N ASP M 172 -35.89 -41.89 -23.01
CA ASP M 172 -35.36 -41.27 -21.80
C ASP M 172 -34.28 -42.10 -21.13
N TYR M 173 -33.21 -41.43 -20.70
CA TYR M 173 -32.10 -42.07 -19.99
C TYR M 173 -31.39 -41.10 -19.07
N ALA M 174 -30.60 -41.67 -18.16
CA ALA M 174 -29.55 -40.99 -17.42
C ALA M 174 -28.32 -41.90 -17.38
N TYR M 175 -27.13 -41.30 -17.29
CA TYR M 175 -25.88 -42.02 -17.23
C TYR M 175 -24.87 -41.34 -16.30
N TRP M 176 -23.97 -42.15 -15.76
CA TRP M 176 -22.80 -41.67 -15.03
C TRP M 176 -21.83 -41.00 -16.00
N THR M 177 -21.26 -39.86 -15.62
CA THR M 177 -20.33 -39.09 -16.46
C THR M 177 -19.10 -39.91 -16.90
N GLU M 178 -18.47 -39.49 -17.98
CA GLU M 178 -17.29 -40.13 -18.54
C GLU M 178 -16.15 -40.24 -17.51
N ALA M 179 -15.53 -41.41 -17.43
CA ALA M 179 -14.47 -41.70 -16.46
C ALA M 179 -14.89 -41.44 -15.00
N ILE M 180 -16.16 -41.76 -14.67
CA ILE M 180 -16.76 -41.57 -13.35
C ILE M 180 -15.89 -42.08 -12.20
N GLY M 181 -15.12 -43.16 -12.39
CA GLY M 181 -14.21 -43.69 -11.38
C GLY M 181 -13.14 -42.69 -10.94
N PHE M 182 -12.61 -41.88 -11.86
CA PHE M 182 -11.72 -40.77 -11.50
C PHE M 182 -12.50 -39.57 -10.97
N HIS M 183 -13.61 -39.20 -11.61
CA HIS M 183 -14.38 -38.02 -11.21
C HIS M 183 -14.87 -38.09 -9.76
N LEU M 184 -15.27 -39.27 -9.30
CA LEU M 184 -15.68 -39.52 -7.93
C LEU M 184 -14.62 -39.15 -6.89
N ILE M 185 -13.33 -39.30 -7.23
CA ILE M 185 -12.21 -39.04 -6.33
C ILE M 185 -11.76 -37.59 -6.52
N LYS M 186 -12.48 -36.63 -5.95
CA LYS M 186 -12.07 -35.21 -6.02
C LYS M 186 -10.66 -35.03 -5.48
N ARG M 187 -10.36 -35.70 -4.38
CA ARG M 187 -9.04 -35.71 -3.75
C ARG M 187 -8.87 -36.99 -2.93
N ALA M 188 -7.70 -37.59 -2.99
CA ALA M 188 -7.32 -38.64 -2.05
C ALA M 188 -5.97 -38.31 -1.41
N GLU M 189 -5.84 -38.60 -0.11
CA GLU M 189 -4.64 -38.35 0.68
C GLU M 189 -4.15 -39.66 1.29
N PHE M 190 -2.89 -40.00 1.05
CA PHE M 190 -2.21 -41.10 1.72
C PHE M 190 -1.51 -40.55 2.97
N LYS M 191 -1.96 -40.97 4.15
CA LYS M 191 -1.45 -40.51 5.44
C LYS M 191 -0.76 -41.61 6.21
N VAL M 192 0.33 -41.25 6.88
CA VAL M 192 1.09 -42.14 7.75
C VAL M 192 1.38 -41.40 9.06
N GLY M 193 0.93 -41.95 10.19
CA GLY M 193 1.13 -41.34 11.51
C GLY M 193 0.47 -39.95 11.65
N GLY M 194 -0.61 -39.70 10.89
CA GLY M 194 -1.30 -38.41 10.85
C GLY M 194 -0.72 -37.39 9.86
N ALA M 195 0.49 -37.60 9.34
CA ALA M 195 1.07 -36.74 8.31
C ALA M 195 0.63 -37.19 6.91
N THR M 196 0.25 -36.23 6.05
CA THR M 196 -0.01 -36.48 4.63
C THR M 196 1.31 -36.70 3.90
N ILE M 197 1.50 -37.91 3.37
CA ILE M 197 2.67 -38.29 2.59
C ILE M 197 2.51 -37.88 1.14
N ASP M 198 1.31 -38.05 0.56
CA ASP M 198 1.02 -37.62 -0.81
C ASP M 198 -0.47 -37.33 -0.98
N THR M 199 -0.80 -36.52 -1.98
CA THR M 199 -2.17 -36.15 -2.34
C THR M 199 -2.36 -36.31 -3.84
N ILE M 200 -3.46 -36.92 -4.27
CA ILE M 200 -3.84 -37.04 -5.68
C ILE M 200 -5.22 -36.42 -5.90
N TRP M 201 -5.45 -35.90 -7.10
CA TRP M 201 -6.70 -35.25 -7.50
C TRP M 201 -7.31 -35.96 -8.71
N SER M 202 -8.63 -35.89 -8.87
CA SER M 202 -9.36 -36.46 -10.03
C SER M 202 -8.71 -36.04 -11.35
N GLU M 203 -8.48 -34.74 -11.52
CA GLU M 203 -7.90 -34.17 -12.72
C GLU M 203 -6.47 -34.68 -12.98
N LEU M 204 -5.66 -34.85 -11.92
CA LEU M 204 -4.32 -35.43 -12.02
C LEU M 204 -4.38 -36.91 -12.41
N LEU M 205 -5.28 -37.71 -11.82
CA LEU M 205 -5.44 -39.13 -12.16
C LEU M 205 -5.74 -39.31 -13.66
N PHE M 206 -6.65 -38.49 -14.18
CA PHE M 206 -6.96 -38.50 -15.61
C PHE M 206 -5.76 -38.11 -16.47
N ALA M 207 -5.04 -37.05 -16.09
CA ALA M 207 -3.86 -36.60 -16.84
C ALA M 207 -2.73 -37.65 -16.85
N MET M 208 -2.50 -38.30 -15.71
CA MET M 208 -1.55 -39.39 -15.56
C MET M 208 -1.91 -40.59 -16.44
N GLU M 209 -3.19 -40.98 -16.51
CA GLU M 209 -3.64 -42.05 -17.39
C GLU M 209 -3.51 -41.67 -18.88
N GLU M 210 -3.74 -40.42 -19.24
CA GLU M 210 -3.57 -39.95 -20.62
C GLU M 210 -2.12 -40.04 -21.10
N LEU M 211 -1.17 -39.63 -20.26
CA LEU M 211 0.27 -39.57 -20.59
C LEU M 211 0.97 -40.91 -20.35
N MET M 212 0.72 -41.58 -19.23
CA MET M 212 1.46 -42.77 -18.79
C MET M 212 0.68 -44.08 -19.04
N GLY M 213 -0.59 -44.00 -19.44
CA GLY M 213 -1.42 -45.16 -19.75
C GLY M 213 -0.87 -45.90 -20.97
N ARG M 214 -0.41 -47.14 -20.78
CA ARG M 214 0.20 -47.95 -21.84
C ARG M 214 -0.86 -48.50 -22.79
N ALA M 215 -0.51 -48.58 -24.08
CA ALA M 215 -1.35 -49.22 -25.09
C ALA M 215 -1.71 -50.66 -24.67
N GLY M 216 -2.98 -51.03 -24.80
CA GLY M 216 -3.51 -52.33 -24.36
C GLY M 216 -3.71 -52.50 -22.85
N ARG M 217 -3.35 -51.49 -22.04
CA ARG M 217 -3.56 -51.47 -20.57
C ARG M 217 -4.21 -50.17 -20.10
N ARG M 218 -4.97 -49.50 -20.97
CA ARG M 218 -5.74 -48.31 -20.62
C ARG M 218 -6.82 -48.67 -19.63
N LEU M 219 -7.13 -47.77 -18.71
CA LEU M 219 -8.02 -48.02 -17.59
C LEU M 219 -9.52 -48.00 -17.94
N THR M 220 -9.87 -47.99 -19.23
CA THR M 220 -11.23 -47.71 -19.76
C THR M 220 -12.36 -48.29 -18.90
N GLU M 221 -12.53 -49.61 -18.90
CA GLU M 221 -13.58 -50.29 -18.14
C GLU M 221 -13.42 -50.11 -16.62
N THR M 222 -12.17 -50.15 -16.12
CA THR M 222 -11.88 -50.06 -14.69
C THR M 222 -12.27 -48.73 -14.04
N ILE M 223 -12.43 -47.66 -14.83
CA ILE M 223 -12.83 -46.32 -14.37
C ILE M 223 -14.13 -45.81 -15.00
N GLY M 224 -14.82 -46.60 -15.81
CA GLY M 224 -16.04 -46.18 -16.51
C GLY M 224 -15.78 -45.14 -17.62
N ARG M 225 -14.71 -45.31 -18.40
CA ARG M 225 -14.33 -44.41 -19.51
C ARG M 225 -14.61 -45.08 -20.86
N THR M 226 -15.32 -44.37 -21.74
CA THR M 226 -15.80 -44.84 -23.06
C THR M 226 -15.15 -44.12 -24.24
N LEU M 227 -14.24 -43.19 -23.97
CA LEU M 227 -13.66 -42.27 -24.95
C LEU M 227 -14.73 -41.38 -25.61
N ARG M 228 -15.61 -40.81 -24.77
CA ARG M 228 -16.70 -39.89 -25.18
C ARG M 228 -17.68 -40.51 -26.17
N ARG M 229 -18.14 -41.74 -25.89
CA ARG M 229 -19.24 -42.40 -26.63
C ARG M 229 -20.45 -42.47 -25.72
N PRO M 230 -21.38 -41.47 -25.76
CA PRO M 230 -22.48 -41.38 -24.81
C PRO M 230 -23.36 -42.63 -24.76
N THR M 231 -23.57 -43.28 -25.90
CA THR M 231 -24.38 -44.51 -25.98
C THR M 231 -23.79 -45.67 -25.17
N GLU M 232 -22.46 -45.76 -25.04
CA GLU M 232 -21.81 -46.77 -24.20
C GLU M 232 -21.94 -46.44 -22.70
N LEU M 233 -21.83 -45.15 -22.33
CA LEU M 233 -22.10 -44.70 -20.96
C LEU M 233 -23.54 -45.00 -20.54
N MET M 234 -24.50 -44.77 -21.43
CA MET M 234 -25.91 -45.11 -21.20
C MET M 234 -26.09 -46.60 -20.96
N LYS M 235 -25.54 -47.46 -21.83
CA LYS M 235 -25.63 -48.92 -21.68
C LYS M 235 -25.05 -49.37 -20.34
N ALA M 236 -23.84 -48.92 -20.00
CA ALA M 236 -23.18 -49.27 -18.75
C ALA M 236 -23.99 -48.79 -17.53
N SER M 237 -24.62 -47.62 -17.61
CA SER M 237 -25.33 -46.99 -16.48
C SER M 237 -26.70 -47.60 -16.19
N ARG M 238 -27.21 -48.52 -17.01
CA ARG M 238 -28.51 -49.18 -16.76
C ARG M 238 -28.47 -50.26 -15.68
N GLN M 239 -27.28 -50.70 -15.30
CA GLN M 239 -27.04 -51.76 -14.32
C GLN M 239 -25.98 -51.33 -13.32
N GLU M 240 -25.83 -52.11 -12.25
CA GLU M 240 -24.77 -51.89 -11.27
C GLU M 240 -23.39 -51.97 -11.94
N GLN M 241 -22.52 -51.01 -11.62
CA GLN M 241 -21.14 -50.97 -12.09
C GLN M 241 -20.18 -51.15 -10.93
N ILE M 242 -19.19 -52.02 -11.12
CA ILE M 242 -18.09 -52.21 -10.18
C ILE M 242 -16.81 -51.70 -10.86
N LEU M 243 -16.22 -50.65 -10.30
CA LEU M 243 -15.03 -49.99 -10.80
C LEU M 243 -13.85 -50.26 -9.88
N TYR M 244 -12.66 -50.45 -10.45
CA TYR M 244 -11.42 -50.66 -9.71
C TYR M 244 -10.44 -49.57 -10.09
N VAL M 245 -10.46 -48.45 -9.35
CA VAL M 245 -9.67 -47.28 -9.66
C VAL M 245 -8.28 -47.42 -9.04
N PRO M 246 -7.19 -47.55 -9.82
CA PRO M 246 -5.85 -47.64 -9.26
C PRO M 246 -5.47 -46.31 -8.61
N LEU M 247 -4.89 -46.37 -7.40
CA LEU M 247 -4.32 -45.20 -6.74
C LEU M 247 -2.80 -45.20 -6.94
N PRO M 248 -2.24 -44.32 -7.79
CA PRO M 248 -0.87 -44.41 -8.30
C PRO M 248 0.17 -43.86 -7.32
N TRP M 249 0.12 -44.25 -6.06
CA TRP M 249 1.11 -43.87 -5.05
C TRP M 249 2.51 -44.36 -5.41
N TYR M 250 3.55 -43.74 -4.85
CA TYR M 250 4.95 -44.10 -5.14
C TYR M 250 5.22 -45.62 -4.97
N PHE M 251 4.64 -46.23 -3.94
CA PHE M 251 4.85 -47.63 -3.59
C PHE M 251 4.12 -48.62 -4.52
N THR M 252 3.18 -48.14 -5.35
CA THR M 252 2.49 -49.00 -6.34
C THR M 252 3.23 -49.09 -7.67
N LYS M 253 4.32 -48.32 -7.84
CA LYS M 253 5.01 -48.16 -9.14
C LYS M 253 6.09 -49.20 -9.39
N HIS M 254 6.71 -49.73 -8.33
CA HIS M 254 7.76 -50.72 -8.45
C HIS M 254 7.83 -51.59 -7.18
N PRO M 255 8.06 -52.92 -7.28
CA PRO M 255 8.11 -53.80 -6.11
C PRO M 255 9.11 -53.37 -5.03
N SER M 256 10.26 -52.80 -5.41
CA SER M 256 11.26 -52.31 -4.45
C SER M 256 10.83 -51.08 -3.66
N LEU M 257 9.73 -50.43 -4.05
CA LEU M 257 9.16 -49.27 -3.37
C LEU M 257 7.93 -49.64 -2.54
N ALA M 258 7.51 -50.91 -2.51
CA ALA M 258 6.39 -51.37 -1.70
C ALA M 258 6.54 -50.83 -0.27
N PHE M 259 5.43 -50.35 0.29
CA PHE M 259 5.46 -49.64 1.56
C PHE M 259 5.71 -50.65 2.69
N PRO M 260 6.79 -50.51 3.48
CA PRO M 260 7.17 -51.50 4.48
C PRO M 260 6.33 -51.36 5.75
N LEU M 261 5.21 -52.09 5.82
CA LEU M 261 4.29 -52.07 6.96
C LEU M 261 5.03 -52.42 8.26
N VAL M 262 5.87 -53.46 8.24
CA VAL M 262 6.66 -53.90 9.41
C VAL M 262 7.63 -52.83 9.94
N ALA M 263 8.15 -51.98 9.05
CA ALA M 263 9.06 -50.91 9.44
C ALA M 263 8.35 -49.67 10.00
N ALA M 264 7.04 -49.55 9.79
CA ALA M 264 6.20 -48.44 10.24
C ALA M 264 5.21 -48.86 11.34
N THR M 265 5.53 -49.88 12.15
CA THR M 265 4.61 -50.53 13.11
C THR M 265 3.83 -49.59 14.05
N TYR M 266 4.43 -48.46 14.45
CA TYR M 266 3.81 -47.51 15.39
C TYR M 266 3.01 -46.38 14.72
N HIS M 267 2.88 -46.38 13.39
CA HIS M 267 2.06 -45.41 12.66
C HIS M 267 0.84 -46.06 12.02
N ASN M 268 -0.32 -45.45 12.20
CA ASN M 268 -1.50 -45.80 11.41
C ASN M 268 -1.31 -45.32 9.97
N ILE M 269 -1.71 -46.17 9.03
CA ILE M 269 -1.72 -45.86 7.61
C ILE M 269 -3.17 -45.64 7.23
N GLN M 270 -3.46 -44.49 6.63
CA GLN M 270 -4.81 -44.10 6.32
C GLN M 270 -4.91 -43.60 4.89
N LEU M 271 -6.01 -43.96 4.23
CA LEU M 271 -6.43 -43.33 2.99
C LEU M 271 -7.66 -42.47 3.31
N TRP M 272 -7.56 -41.19 2.98
CA TRP M 272 -8.67 -40.24 3.06
C TRP M 272 -9.13 -39.92 1.64
N VAL M 273 -10.44 -39.91 1.40
CA VAL M 273 -11.04 -39.65 0.09
C VAL M 273 -12.15 -38.62 0.23
N GLN M 274 -12.02 -37.51 -0.49
CA GLN M 274 -13.08 -36.53 -0.69
C GLN M 274 -13.86 -36.89 -1.95
N TRP M 275 -15.14 -37.18 -1.79
CA TRP M 275 -16.01 -37.66 -2.86
C TRP M 275 -16.66 -36.50 -3.63
N ALA M 276 -16.88 -36.71 -4.93
CA ALA M 276 -17.63 -35.77 -5.76
C ALA M 276 -19.10 -35.69 -5.32
N GLN M 277 -19.71 -34.51 -5.52
CA GLN M 277 -21.14 -34.32 -5.30
C GLN M 277 -21.96 -35.08 -6.35
N LEU M 278 -23.07 -35.67 -5.93
CA LEU M 278 -23.93 -36.51 -6.78
C LEU M 278 -24.44 -35.76 -8.02
N ASN M 279 -24.84 -34.50 -7.87
CA ASN M 279 -25.27 -33.61 -8.95
C ASN M 279 -24.26 -33.51 -10.12
N SER M 280 -22.96 -33.65 -9.84
CA SER M 280 -21.90 -33.59 -10.85
C SER M 280 -21.63 -34.94 -11.53
N CYS M 281 -22.16 -36.04 -11.00
CA CYS M 281 -21.83 -37.38 -11.46
C CYS M 281 -22.77 -37.91 -12.54
N ILE M 282 -23.93 -37.28 -12.76
CA ILE M 282 -24.99 -37.79 -13.62
C ILE M 282 -25.37 -36.76 -14.68
N ILE M 283 -25.60 -37.26 -15.90
CA ILE M 283 -26.18 -36.51 -17.01
C ILE M 283 -27.48 -37.22 -17.45
N LYS M 284 -28.53 -36.47 -17.75
CA LYS M 284 -29.84 -36.99 -18.18
C LYS M 284 -30.25 -36.46 -19.55
N SER M 285 -31.12 -37.21 -20.26
CA SER M 285 -31.61 -36.79 -21.57
C SER M 285 -32.41 -35.49 -21.51
N ARG M 286 -33.25 -35.33 -20.47
CA ARG M 286 -34.15 -34.17 -20.31
C ARG M 286 -34.19 -33.62 -18.89
N SER M 287 -34.35 -32.30 -18.78
CA SER M 287 -34.35 -31.51 -17.55
C SER M 287 -35.47 -31.90 -16.56
N ASN M 288 -36.62 -32.36 -17.06
CA ASN M 288 -37.80 -32.73 -16.28
C ASN M 288 -37.84 -34.20 -15.79
N LEU M 289 -36.74 -34.94 -15.92
CA LEU M 289 -36.63 -36.32 -15.44
C LEU M 289 -36.10 -36.39 -14.01
N VAL M 290 -36.65 -37.31 -13.23
CA VAL M 290 -36.13 -37.76 -11.92
C VAL M 290 -35.26 -38.98 -12.15
N VAL M 291 -34.08 -39.02 -11.52
CA VAL M 291 -33.15 -40.15 -11.64
C VAL M 291 -33.35 -41.09 -10.46
N LEU M 292 -33.61 -42.35 -10.75
CA LEU M 292 -33.91 -43.40 -9.78
C LEU M 292 -32.78 -44.42 -9.70
N HIS M 293 -32.59 -45.01 -8.53
CA HIS M 293 -31.83 -46.23 -8.35
C HIS M 293 -32.56 -47.39 -9.02
N ALA M 294 -31.94 -48.04 -10.01
CA ALA M 294 -32.60 -49.00 -10.91
C ALA M 294 -33.20 -50.22 -10.20
N GLU M 295 -32.53 -50.73 -9.18
CA GLU M 295 -32.99 -51.88 -8.39
C GLU M 295 -34.01 -51.47 -7.30
N ARG M 296 -33.73 -50.42 -6.53
CA ARG M 296 -34.55 -50.00 -5.37
C ARG M 296 -35.78 -49.19 -5.76
N ASN M 297 -35.85 -48.65 -6.98
CA ASN M 297 -36.91 -47.78 -7.48
C ASN M 297 -37.22 -46.58 -6.56
N VAL M 298 -36.16 -45.99 -5.99
CA VAL M 298 -36.23 -44.75 -5.20
C VAL M 298 -35.35 -43.68 -5.87
N PRO M 299 -35.64 -42.37 -5.69
CA PRO M 299 -34.76 -41.31 -6.16
C PRO M 299 -33.31 -41.54 -5.72
N ILE M 300 -32.35 -41.34 -6.63
CA ILE M 300 -30.94 -41.49 -6.27
C ILE M 300 -30.52 -40.40 -5.28
N SER M 301 -29.78 -40.80 -4.25
CA SER M 301 -29.38 -39.98 -3.10
C SER M 301 -27.91 -40.21 -2.75
N ASP M 302 -27.36 -39.33 -1.91
CA ASP M 302 -25.93 -39.28 -1.60
C ASP M 302 -25.41 -40.56 -0.90
N ASP M 303 -26.27 -41.30 -0.22
CA ASP M 303 -25.97 -42.56 0.48
C ASP M 303 -25.91 -43.80 -0.42
N HIS M 304 -26.19 -43.65 -1.72
CA HIS M 304 -26.10 -44.75 -2.69
C HIS M 304 -24.68 -44.99 -3.22
N LEU M 305 -23.70 -44.14 -2.90
CA LEU M 305 -22.28 -44.42 -3.19
C LEU M 305 -21.77 -45.51 -2.26
N ARG M 306 -21.19 -46.58 -2.81
CA ARG M 306 -20.49 -47.59 -2.04
C ARG M 306 -19.05 -47.69 -2.50
N ALA M 307 -18.12 -47.75 -1.57
CA ALA M 307 -16.73 -47.97 -1.87
C ALA M 307 -16.02 -48.79 -0.80
N SER M 308 -14.99 -49.50 -1.21
CA SER M 308 -14.06 -50.24 -0.36
C SER M 308 -12.65 -50.14 -0.94
N LEU M 309 -11.64 -50.47 -0.14
CA LEU M 309 -10.25 -50.41 -0.55
C LEU M 309 -9.71 -51.83 -0.75
N GLU M 310 -9.24 -52.13 -1.96
CA GLU M 310 -8.57 -53.38 -2.26
C GLU M 310 -7.06 -53.18 -2.26
N CYS M 311 -6.38 -53.83 -1.30
CA CYS M 311 -4.94 -53.71 -1.09
C CYS M 311 -4.27 -55.05 -1.38
N THR M 312 -3.15 -55.01 -2.11
CA THR M 312 -2.27 -56.18 -2.26
C THR M 312 -1.16 -56.13 -1.21
N TYR M 313 -1.18 -57.11 -0.31
CA TYR M 313 -0.16 -57.33 0.69
C TYR M 313 0.92 -58.28 0.17
N VAL M 314 2.15 -58.08 0.63
CA VAL M 314 3.28 -58.99 0.40
C VAL M 314 3.64 -59.65 1.72
N HIS M 315 3.69 -60.97 1.72
CA HIS M 315 4.17 -61.79 2.83
C HIS M 315 5.61 -62.19 2.51
N LEU M 316 6.53 -61.90 3.43
CA LEU M 316 7.95 -62.17 3.27
C LEU M 316 8.37 -63.40 4.09
N GLU M 317 9.44 -64.06 3.66
CA GLU M 317 10.13 -65.02 4.52
C GLU M 317 10.67 -64.32 5.78
N ALA M 318 10.69 -65.03 6.90
CA ALA M 318 11.09 -64.49 8.20
C ALA M 318 12.44 -63.75 8.16
N ALA M 319 13.44 -64.31 7.47
CA ALA M 319 14.76 -63.67 7.37
C ALA M 319 14.71 -62.30 6.68
N GLU M 320 13.93 -62.15 5.61
CA GLU M 320 13.79 -60.88 4.89
C GLU M 320 12.93 -59.89 5.69
N ARG M 321 11.87 -60.37 6.32
CA ARG M 321 11.02 -59.59 7.23
C ARG M 321 11.82 -59.01 8.40
N ASP M 322 12.66 -59.82 9.03
CA ASP M 322 13.50 -59.41 10.15
C ASP M 322 14.55 -58.38 9.70
N ALA M 323 15.18 -58.61 8.53
CA ALA M 323 16.13 -57.67 7.94
C ALA M 323 15.48 -56.31 7.63
N LEU M 324 14.27 -56.32 7.07
CA LEU M 324 13.52 -55.10 6.76
C LEU M 324 13.07 -54.36 8.02
N THR M 325 12.68 -55.09 9.07
CA THR M 325 12.31 -54.49 10.36
C THR M 325 13.52 -53.84 11.03
N ALA M 326 14.68 -54.48 10.96
CA ALA M 326 15.92 -53.95 11.52
C ALA M 326 16.45 -52.73 10.75
N ASN M 327 16.32 -52.73 9.41
CA ASN M 327 16.87 -51.67 8.57
C ASN M 327 16.07 -51.46 7.26
N ALA M 328 14.89 -50.82 7.36
CA ALA M 328 14.17 -50.37 6.16
C ALA M 328 14.79 -49.14 5.50
N GLY M 329 15.58 -48.36 6.23
CA GLY M 329 16.31 -47.20 5.70
C GLY M 329 15.40 -46.11 5.13
N THR M 330 15.66 -45.73 3.88
CA THR M 330 14.97 -44.63 3.18
C THR M 330 14.49 -45.09 1.81
N GLN M 331 13.31 -44.63 1.41
CA GLN M 331 12.79 -44.78 0.06
C GLN M 331 12.74 -43.42 -0.64
N LEU M 332 13.21 -43.36 -1.88
CA LEU M 332 12.93 -42.24 -2.77
C LEU M 332 11.43 -42.28 -3.10
N ILE M 333 10.75 -41.16 -2.91
CA ILE M 333 9.32 -41.04 -3.21
C ILE M 333 9.09 -39.91 -4.20
N VAL M 334 8.00 -40.03 -4.96
CA VAL M 334 7.46 -38.94 -5.75
C VAL M 334 6.19 -38.45 -5.06
N GLN M 335 6.13 -37.16 -4.79
CA GLN M 335 4.94 -36.47 -4.26
C GLN M 335 4.34 -35.58 -5.33
N HIS M 336 3.03 -35.33 -5.23
CA HIS M 336 2.31 -34.47 -6.14
C HIS M 336 1.96 -33.13 -5.47
N GLN M 337 2.10 -32.05 -6.23
CA GLN M 337 1.73 -30.69 -5.82
C GLN M 337 0.78 -30.09 -6.86
N ALA M 338 -0.10 -29.18 -6.44
CA ALA M 338 -1.14 -28.61 -7.29
C ALA M 338 -1.19 -27.09 -7.16
N HIS M 339 -1.33 -26.41 -8.30
CA HIS M 339 -1.69 -25.00 -8.42
C HIS M 339 -2.99 -24.94 -9.22
N LEU M 340 -4.05 -24.48 -8.57
CA LEU M 340 -5.39 -24.40 -9.15
C LEU M 340 -5.79 -22.93 -9.23
N GLN M 341 -6.17 -22.46 -10.41
CA GLN M 341 -6.42 -21.05 -10.66
C GLN M 341 -7.67 -20.86 -11.54
N GLN M 342 -8.45 -19.82 -11.25
CA GLN M 342 -9.53 -19.37 -12.13
C GLN M 342 -8.98 -18.50 -13.26
N VAL M 343 -9.57 -18.62 -14.43
CA VAL M 343 -9.19 -17.97 -15.68
C VAL M 343 -10.35 -17.11 -16.17
N SER M 344 -10.06 -15.83 -16.36
CA SER M 344 -11.01 -14.80 -16.81
C SER M 344 -10.44 -13.90 -17.92
N SER M 345 -9.32 -14.29 -18.52
CA SER M 345 -8.64 -13.55 -19.57
C SER M 345 -7.82 -14.48 -20.46
N ASN M 346 -7.57 -14.06 -21.70
CA ASN M 346 -6.80 -14.85 -22.67
C ASN M 346 -5.31 -14.91 -22.30
N ASN M 347 -4.79 -13.95 -21.54
CA ASN M 347 -3.44 -13.99 -21.01
C ASN M 347 -3.51 -14.39 -19.53
N VAL M 348 -2.82 -15.47 -19.17
CA VAL M 348 -2.81 -16.02 -17.82
C VAL M 348 -1.38 -16.27 -17.39
N THR M 349 -1.00 -15.77 -16.22
CA THR M 349 0.27 -16.13 -15.59
C THR M 349 -0.02 -16.94 -14.33
N ALA M 350 0.47 -18.17 -14.29
CA ALA M 350 0.42 -19.02 -13.10
C ALA M 350 1.76 -18.96 -12.36
N ARG M 351 1.73 -18.52 -11.10
CA ARG M 351 2.89 -18.52 -10.20
C ARG M 351 2.97 -19.84 -9.47
N LEU M 352 3.90 -20.69 -9.89
CA LEU M 352 4.03 -22.07 -9.42
C LEU M 352 4.86 -22.11 -8.13
N ASN M 353 4.20 -21.97 -6.98
CA ASN M 353 4.82 -22.04 -5.66
C ASN M 353 5.07 -23.49 -5.20
N PHE M 354 5.55 -24.35 -6.11
CA PHE M 354 5.92 -25.72 -5.78
C PHE M 354 7.29 -25.77 -5.10
N ASN M 355 7.51 -26.82 -4.34
CA ASN M 355 8.75 -27.07 -3.62
C ASN M 355 9.44 -28.35 -4.10
N PHE M 356 10.66 -28.56 -3.60
CA PHE M 356 11.51 -29.73 -3.82
C PHE M 356 12.01 -29.86 -5.27
N PRO M 357 12.86 -30.87 -5.56
CA PRO M 357 13.26 -31.21 -6.92
C PRO M 357 12.06 -31.71 -7.76
N VAL M 358 11.50 -30.83 -8.58
CA VAL M 358 10.41 -31.12 -9.52
C VAL M 358 10.98 -31.89 -10.72
N LEU M 359 10.40 -33.06 -11.00
CA LEU M 359 10.71 -33.90 -12.15
C LEU M 359 10.09 -33.32 -13.42
N GLU M 360 8.81 -32.97 -13.32
CA GLU M 360 7.96 -32.53 -14.42
C GLU M 360 6.71 -31.85 -13.87
N PHE M 361 6.01 -31.15 -14.75
CA PHE M 361 4.66 -30.67 -14.47
C PHE M 361 3.73 -30.93 -15.65
N TYR M 362 2.45 -31.01 -15.34
CA TYR M 362 1.34 -31.07 -16.28
C TYR M 362 0.48 -29.84 -16.09
N TYR M 363 -0.10 -29.35 -17.17
CA TYR M 363 -1.14 -28.33 -17.08
C TYR M 363 -2.20 -28.55 -18.15
N PHE M 364 -3.40 -28.05 -17.87
CA PHE M 364 -4.54 -28.09 -18.77
C PHE M 364 -5.62 -27.14 -18.27
N LEU M 365 -6.53 -26.77 -19.16
CA LEU M 365 -7.63 -25.86 -18.87
C LEU M 365 -8.96 -26.58 -18.99
N ARG M 366 -9.94 -26.18 -18.18
CA ARG M 366 -11.33 -26.62 -18.33
C ARG M 366 -12.22 -25.40 -18.43
N ARG M 367 -12.99 -25.32 -19.51
CA ARG M 367 -14.04 -24.30 -19.66
C ARG M 367 -15.09 -24.49 -18.58
N LYS M 368 -15.63 -23.38 -18.08
CA LYS M 368 -16.77 -23.43 -17.16
C LYS M 368 -17.95 -24.17 -17.80
N ALA M 369 -18.22 -23.90 -19.08
CA ALA M 369 -19.34 -24.53 -19.78
C ALA M 369 -19.20 -26.06 -19.87
N ASN M 370 -17.99 -26.59 -20.12
CA ASN M 370 -17.75 -28.04 -20.13
C ASN M 370 -17.98 -28.67 -18.75
N LYS M 371 -17.52 -28.00 -17.68
CA LYS M 371 -17.75 -28.43 -16.29
C LYS M 371 -19.24 -28.46 -15.95
N ASP M 372 -19.96 -27.39 -16.31
CA ASP M 372 -21.39 -27.25 -16.04
C ASP M 372 -22.23 -28.25 -16.84
N ALA M 373 -21.79 -28.62 -18.05
CA ALA M 373 -22.38 -29.67 -18.87
C ALA M 373 -22.10 -31.09 -18.34
N GLY M 374 -21.30 -31.23 -17.27
CA GLY M 374 -20.91 -32.52 -16.71
C GLY M 374 -19.81 -33.26 -17.47
N ASP M 375 -19.15 -32.61 -18.43
CA ASP M 375 -18.04 -33.16 -19.22
C ASP M 375 -16.68 -32.81 -18.58
N HIS M 376 -16.46 -33.38 -17.39
CA HIS M 376 -15.39 -32.94 -16.46
C HIS M 376 -13.97 -33.10 -16.97
N PHE M 377 -13.74 -34.00 -17.92
CA PHE M 377 -12.43 -34.27 -18.51
C PHE M 377 -12.30 -33.74 -19.94
N ASN M 378 -13.24 -32.90 -20.37
CA ASN M 378 -13.12 -32.15 -21.61
C ASN M 378 -12.33 -30.87 -21.40
N PHE M 379 -11.04 -30.98 -21.70
CA PHE M 379 -10.08 -29.88 -21.64
C PHE M 379 -9.97 -29.08 -22.94
N SER M 380 -10.92 -29.24 -23.87
CA SER M 380 -10.92 -28.45 -25.10
C SER M 380 -11.41 -27.01 -24.88
N GLY M 381 -11.00 -26.14 -25.79
CA GLY M 381 -11.42 -24.76 -25.90
C GLY M 381 -12.80 -24.60 -26.56
N ILE M 382 -13.00 -23.43 -27.17
CA ILE M 382 -14.28 -23.04 -27.78
C ILE M 382 -14.39 -23.81 -29.09
N GLY M 383 -15.55 -24.43 -29.36
CA GLY M 383 -15.76 -25.25 -30.55
C GLY M 383 -14.84 -26.48 -30.63
N GLY M 384 -14.35 -26.97 -29.48
CA GLY M 384 -13.47 -28.14 -29.43
C GLY M 384 -12.01 -27.88 -29.86
N ARG M 385 -11.61 -26.61 -30.04
CA ARG M 385 -10.25 -26.21 -30.41
C ARG M 385 -9.26 -26.36 -29.25
N ASP M 386 -7.98 -26.21 -29.53
CA ASP M 386 -6.94 -26.21 -28.50
C ASP M 386 -7.03 -24.89 -27.68
N PRO M 387 -7.24 -24.93 -26.35
CA PRO M 387 -7.44 -23.72 -25.56
C PRO M 387 -6.16 -22.89 -25.41
N VAL M 388 -4.99 -23.51 -25.56
CA VAL M 388 -3.69 -22.84 -25.46
C VAL M 388 -3.20 -22.52 -26.87
N VAL M 389 -2.80 -21.27 -27.11
CA VAL M 389 -2.10 -20.88 -28.33
C VAL M 389 -0.61 -21.09 -28.13
N SER M 390 -0.07 -20.55 -27.04
CA SER M 390 1.34 -20.69 -26.69
C SER M 390 1.56 -20.60 -25.18
N ALA M 391 2.70 -21.11 -24.73
CA ALA M 391 3.14 -21.00 -23.35
C ALA M 391 4.65 -20.74 -23.26
N GLU M 392 5.06 -20.09 -22.19
CA GLU M 392 6.44 -19.78 -21.81
C GLU M 392 6.66 -20.14 -20.33
N LEU M 393 7.83 -20.69 -20.00
CA LEU M 393 8.22 -20.99 -18.63
C LEU M 393 9.38 -20.08 -18.21
N LEU M 394 9.19 -19.34 -17.13
CA LEU M 394 10.18 -18.39 -16.59
C LEU M 394 10.66 -18.82 -15.21
N PHE M 395 11.98 -18.76 -15.00
CA PHE M 395 12.62 -18.86 -13.69
C PHE M 395 13.24 -17.52 -13.35
N ASN M 396 12.85 -16.91 -12.23
CA ASN M 396 13.36 -15.60 -11.80
C ASN M 396 13.32 -14.56 -12.95
N ASN M 397 12.19 -14.49 -13.66
CA ASN M 397 11.95 -13.65 -14.85
C ASN M 397 12.86 -13.90 -16.07
N THR M 398 13.61 -15.02 -16.08
CA THR M 398 14.42 -15.45 -17.22
C THR M 398 13.76 -16.64 -17.89
N ALA M 399 13.61 -16.60 -19.21
CA ALA M 399 12.99 -17.68 -19.97
C ALA M 399 13.81 -18.98 -19.85
N ARG M 400 13.25 -19.96 -19.13
CA ARG M 400 13.78 -21.33 -19.09
C ARG M 400 13.34 -22.10 -20.33
N VAL M 401 12.10 -21.89 -20.76
CA VAL M 401 11.59 -22.32 -22.07
C VAL M 401 10.94 -21.09 -22.67
N THR M 402 11.50 -20.60 -23.78
CA THR M 402 10.91 -19.49 -24.53
C THR M 402 9.53 -19.87 -25.07
N GLN M 403 8.76 -18.89 -25.51
CA GLN M 403 7.41 -19.12 -26.05
C GLN M 403 7.40 -20.25 -27.10
N LYS M 404 6.58 -21.28 -26.83
CA LYS M 404 6.34 -22.41 -27.73
C LYS M 404 4.85 -22.61 -27.95
N PRO M 405 4.44 -23.06 -29.16
CA PRO M 405 3.03 -23.32 -29.47
C PRO M 405 2.50 -24.52 -28.67
N ALA M 406 1.19 -24.58 -28.46
CA ALA M 406 0.50 -25.66 -27.73
C ALA M 406 0.94 -27.08 -28.15
N VAL M 407 1.05 -27.33 -29.45
CA VAL M 407 1.45 -28.65 -29.98
C VAL M 407 2.82 -29.11 -29.47
N TRP M 408 3.74 -28.20 -29.18
CA TRP M 408 5.05 -28.56 -28.63
C TRP M 408 4.92 -29.07 -27.19
N TRP M 409 4.17 -28.36 -26.35
CA TRP M 409 3.91 -28.77 -24.96
C TRP M 409 3.06 -30.02 -24.85
N ARG M 410 2.15 -30.26 -25.80
CA ARG M 410 1.24 -31.42 -25.79
C ARG M 410 1.82 -32.66 -26.44
N ALA M 411 2.35 -32.53 -27.66
CA ALA M 411 2.75 -33.67 -28.48
C ALA M 411 4.26 -33.93 -28.41
N VAL M 412 5.11 -32.90 -28.47
CA VAL M 412 6.57 -33.11 -28.46
C VAL M 412 7.05 -33.55 -27.09
N GLN M 413 6.57 -32.93 -26.01
CA GLN M 413 6.94 -33.33 -24.65
C GLN M 413 6.45 -34.76 -24.33
N ALA M 414 5.21 -35.09 -24.72
CA ALA M 414 4.70 -36.45 -24.56
C ALA M 414 5.51 -37.48 -25.38
N LEU M 415 5.85 -37.17 -26.63
CA LEU M 415 6.69 -38.04 -27.47
C LEU M 415 8.07 -38.31 -26.86
N GLN M 416 8.66 -37.31 -26.19
CA GLN M 416 10.02 -37.40 -25.66
C GLN M 416 10.08 -38.15 -24.32
N PHE M 417 9.07 -38.01 -23.47
CA PHE M 417 9.19 -38.40 -22.06
C PHE M 417 8.10 -39.35 -21.55
N HIS M 418 7.02 -39.56 -22.32
CA HIS M 418 5.87 -40.32 -21.88
C HIS M 418 5.56 -41.56 -22.73
N SER M 419 4.93 -42.54 -22.09
CA SER M 419 4.49 -43.79 -22.72
C SER M 419 3.36 -43.58 -23.76
N SER M 420 2.65 -42.46 -23.70
CA SER M 420 1.52 -42.14 -24.57
C SER M 420 1.37 -40.65 -24.84
N ALA M 421 0.75 -40.32 -25.96
CA ALA M 421 0.32 -38.96 -26.26
C ALA M 421 -1.13 -38.78 -25.81
N PRO M 422 -1.48 -37.65 -25.16
CA PRO M 422 -2.82 -37.44 -24.64
C PRO M 422 -3.82 -37.23 -25.78
N LEU M 423 -5.02 -37.80 -25.65
CA LEU M 423 -6.14 -37.61 -26.58
C LEU M 423 -6.90 -36.29 -26.32
N THR M 424 -6.70 -35.74 -25.12
CA THR M 424 -7.25 -34.44 -24.69
C THR M 424 -6.16 -33.37 -24.63
N ASN M 425 -6.53 -32.12 -24.44
CA ASN M 425 -5.60 -30.98 -24.39
C ASN M 425 -4.84 -30.90 -23.05
N ILE M 426 -4.07 -31.93 -22.75
CA ILE M 426 -3.13 -31.99 -21.62
C ILE M 426 -1.75 -31.66 -22.14
N TYR M 427 -1.08 -30.73 -21.46
CA TYR M 427 0.26 -30.29 -21.77
C TYR M 427 1.20 -30.75 -20.67
N SER M 428 2.45 -31.05 -21.01
CA SER M 428 3.46 -31.43 -20.03
C SER M 428 4.80 -30.78 -20.32
N TYR M 429 5.66 -30.78 -19.32
CA TYR M 429 7.08 -30.46 -19.49
C TYR M 429 7.91 -31.24 -18.47
N SER M 430 8.92 -31.94 -18.96
CA SER M 430 9.81 -32.73 -18.12
C SER M 430 11.20 -32.11 -18.01
N PHE M 431 11.70 -32.04 -16.78
CA PHE M 431 13.12 -31.82 -16.46
C PHE M 431 13.90 -33.15 -16.38
N SER M 432 13.19 -34.27 -16.26
CA SER M 432 13.73 -35.63 -16.17
C SER M 432 13.79 -36.29 -17.54
N LEU M 433 14.84 -37.07 -17.82
CA LEU M 433 14.93 -37.86 -19.06
C LEU M 433 13.95 -39.04 -19.07
N SER M 434 13.58 -39.55 -17.90
CA SER M 434 12.67 -40.68 -17.72
C SER M 434 11.79 -40.45 -16.48
N PRO M 435 10.81 -39.52 -16.55
CA PRO M 435 9.98 -39.17 -15.39
C PRO M 435 9.04 -40.30 -14.94
N GLU M 436 8.83 -41.31 -15.79
CA GLU M 436 8.04 -42.51 -15.48
C GLU M 436 8.86 -43.61 -14.77
N ASP M 437 10.20 -43.48 -14.70
CA ASP M 437 11.04 -44.39 -13.89
C ASP M 437 10.93 -44.00 -12.41
N PRO M 438 10.35 -44.87 -11.55
CA PRO M 438 10.11 -44.53 -10.16
C PRO M 438 11.35 -44.68 -9.27
N ILE M 439 12.41 -45.36 -9.72
CA ILE M 439 13.59 -45.70 -8.89
C ILE M 439 14.88 -45.02 -9.35
N THR M 440 14.95 -44.55 -10.59
CA THR M 440 16.16 -43.91 -11.13
C THR M 440 15.92 -42.43 -11.41
N PRO M 441 16.39 -41.52 -10.55
CA PRO M 441 16.38 -40.09 -10.85
C PRO M 441 17.14 -39.79 -12.14
N SER M 442 16.50 -39.05 -13.05
CA SER M 442 17.06 -38.77 -14.37
C SER M 442 16.99 -37.28 -14.77
N GLY M 443 16.90 -36.40 -13.76
CA GLY M 443 16.84 -34.94 -13.92
C GLY M 443 15.73 -34.32 -13.08
N SER M 444 15.94 -33.08 -12.63
CA SER M 444 14.94 -32.30 -11.89
C SER M 444 15.35 -30.83 -11.85
N ALA M 445 14.40 -29.95 -11.54
CA ALA M 445 14.65 -28.57 -11.17
C ALA M 445 14.18 -28.34 -9.73
N ASN M 446 15.06 -27.83 -8.86
CA ASN M 446 14.72 -27.61 -7.45
C ASN M 446 13.95 -26.30 -7.27
N PHE M 447 12.63 -26.38 -7.17
CA PHE M 447 11.78 -25.19 -7.07
C PHE M 447 11.91 -24.50 -5.71
N SER M 448 12.34 -25.21 -4.64
CA SER M 448 12.64 -24.59 -3.35
C SER M 448 13.85 -23.66 -3.36
N ARG M 449 14.58 -23.57 -4.48
CA ARG M 449 15.74 -22.68 -4.66
C ARG M 449 15.49 -21.59 -5.71
N LEU M 450 14.29 -21.53 -6.28
CA LEU M 450 13.89 -20.51 -7.23
C LEU M 450 12.97 -19.52 -6.51
N ASP M 451 13.23 -18.22 -6.68
CA ASP M 451 12.40 -17.18 -6.05
C ASP M 451 11.05 -17.05 -6.76
N SER M 452 11.05 -17.22 -8.09
CA SER M 452 9.83 -17.29 -8.88
C SER M 452 9.91 -18.34 -9.99
N VAL M 453 8.82 -19.09 -10.13
CA VAL M 453 8.55 -19.93 -11.28
C VAL M 453 7.20 -19.51 -11.85
N GLU M 454 7.20 -19.02 -13.09
CA GLU M 454 5.99 -18.54 -13.75
C GLU M 454 5.74 -19.33 -15.04
N LEU M 455 4.53 -19.85 -15.19
CA LEU M 455 4.01 -20.38 -16.45
C LEU M 455 3.10 -19.32 -17.06
N ALA M 456 3.56 -18.66 -18.12
CA ALA M 456 2.79 -17.67 -18.85
C ALA M 456 2.09 -18.35 -20.03
N LEU M 457 0.78 -18.17 -20.14
CA LEU M 457 -0.08 -18.77 -21.15
C LEU M 457 -0.74 -17.67 -21.98
N THR M 458 -0.69 -17.83 -23.30
CA THR M 458 -1.59 -17.16 -24.22
C THR M 458 -2.62 -18.19 -24.67
N LEU M 459 -3.87 -17.93 -24.33
CA LEU M 459 -5.02 -18.77 -24.63
C LEU M 459 -5.70 -18.30 -25.92
N GLN M 460 -6.58 -19.14 -26.46
CA GLN M 460 -7.43 -18.77 -27.59
C GLN M 460 -8.22 -17.49 -27.30
N ASP M 461 -8.63 -16.80 -28.36
CA ASP M 461 -9.50 -15.63 -28.23
C ASP M 461 -10.79 -15.97 -27.48
N ASP M 462 -11.25 -15.01 -26.68
CA ASP M 462 -12.46 -15.07 -25.86
C ASP M 462 -12.47 -16.19 -24.78
N PHE M 463 -11.33 -16.87 -24.55
CA PHE M 463 -11.22 -17.83 -23.43
C PHE M 463 -11.34 -17.12 -22.09
N GLY M 464 -12.27 -17.59 -21.25
CA GLY M 464 -12.54 -16.98 -19.95
C GLY M 464 -13.42 -15.73 -20.00
N ALA M 465 -13.92 -15.34 -21.19
CA ALA M 465 -14.88 -14.26 -21.34
C ALA M 465 -16.33 -14.76 -21.22
N ALA M 466 -17.26 -13.85 -20.90
CA ALA M 466 -18.71 -14.09 -20.89
C ALA M 466 -19.14 -15.39 -20.19
N HIS M 467 -19.77 -16.32 -20.92
CA HIS M 467 -20.30 -17.59 -20.40
C HIS M 467 -19.21 -18.54 -19.86
N ASP M 468 -17.94 -18.28 -20.18
CA ASP M 468 -16.79 -19.04 -19.68
C ASP M 468 -15.99 -18.30 -18.59
N ALA M 469 -16.54 -17.21 -18.03
CA ALA M 469 -15.96 -16.56 -16.86
C ALA M 469 -15.81 -17.58 -15.72
N ASN M 470 -14.61 -17.66 -15.13
CA ASN M 470 -14.21 -18.69 -14.16
C ASN M 470 -14.02 -20.08 -14.78
N SER M 471 -13.39 -20.12 -15.95
CA SER M 471 -12.74 -21.33 -16.43
C SER M 471 -11.58 -21.70 -15.51
N GLU M 472 -11.13 -22.94 -15.51
CA GLU M 472 -10.15 -23.44 -14.54
C GLU M 472 -8.83 -23.75 -15.24
N LEU M 473 -7.72 -23.35 -14.64
CA LEU M 473 -6.37 -23.80 -14.95
C LEU M 473 -5.92 -24.76 -13.86
N PHE M 474 -5.49 -25.95 -14.27
CA PHE M 474 -4.86 -26.94 -13.41
C PHE M 474 -3.39 -27.00 -13.77
N VAL M 475 -2.52 -26.89 -12.76
CA VAL M 475 -1.10 -27.24 -12.90
C VAL M 475 -0.74 -28.22 -11.80
N PHE M 476 -0.22 -29.38 -12.16
CA PHE M 476 0.25 -30.40 -11.23
C PHE M 476 1.73 -30.63 -11.44
N ALA M 477 2.51 -30.73 -10.37
CA ALA M 477 3.93 -31.07 -10.42
C ALA M 477 4.20 -32.37 -9.69
N ARG M 478 5.17 -33.13 -10.20
CA ARG M 478 5.74 -34.31 -9.54
C ARG M 478 7.10 -33.93 -8.98
N SER M 479 7.33 -34.16 -7.70
CA SER M 479 8.58 -33.81 -7.02
C SER M 479 9.18 -34.98 -6.26
N TYR M 480 10.51 -35.06 -6.22
CA TYR M 480 11.21 -36.01 -5.36
C TYR M 480 11.18 -35.56 -3.90
N ASN M 481 10.96 -36.52 -3.01
CA ASN M 481 11.25 -36.40 -1.58
C ASN M 481 11.78 -37.76 -1.08
N ILE M 482 12.11 -37.86 0.19
CA ILE M 482 12.60 -39.08 0.82
C ILE M 482 11.69 -39.42 1.99
N LEU M 483 11.18 -40.66 2.00
CA LEU M 483 10.49 -41.23 3.15
C LEU M 483 11.49 -42.06 3.96
N LYS M 484 11.62 -41.74 5.24
CA LYS M 484 12.55 -42.41 6.16
C LYS M 484 11.77 -43.30 7.14
N PHE M 485 12.27 -44.51 7.32
CA PHE M 485 11.77 -45.48 8.30
C PHE M 485 12.82 -45.66 9.40
N THR M 486 12.44 -45.48 10.66
CA THR M 486 13.35 -45.64 11.80
C THR M 486 12.57 -46.04 13.05
N ASN M 487 13.02 -47.10 13.73
CA ASN M 487 12.46 -47.56 15.00
C ASN M 487 10.93 -47.76 14.99
N GLY M 488 10.39 -48.32 13.91
CA GLY M 488 8.95 -48.56 13.77
C GLY M 488 8.13 -47.32 13.38
N LEU M 489 8.76 -46.19 13.07
CA LEU M 489 8.13 -44.94 12.64
C LEU M 489 8.51 -44.61 11.20
N ALA M 490 7.63 -43.90 10.51
CA ALA M 490 7.85 -43.42 9.14
C ALA M 490 7.57 -41.92 9.05
N GLY M 491 8.42 -41.16 8.35
CA GLY M 491 8.26 -39.73 8.18
C GLY M 491 9.00 -39.17 6.96
N ALA N 11 23.86 -18.66 -13.18
CA ALA N 11 23.96 -18.68 -11.71
C ALA N 11 23.02 -19.72 -11.08
N GLY N 12 21.78 -19.83 -11.57
CA GLY N 12 20.81 -20.82 -11.08
C GLY N 12 21.19 -22.28 -11.35
N SER N 13 21.62 -22.63 -12.57
CA SER N 13 21.98 -24.01 -12.92
C SER N 13 23.24 -24.49 -12.20
N LEU N 14 24.24 -23.63 -12.04
CA LEU N 14 25.42 -23.95 -11.24
C LEU N 14 25.06 -24.09 -9.75
N THR N 15 24.17 -23.22 -9.24
CA THR N 15 23.69 -23.28 -7.85
C THR N 15 22.95 -24.58 -7.57
N GLN N 16 22.16 -25.10 -8.53
CA GLN N 16 21.52 -26.41 -8.39
C GLN N 16 22.52 -27.55 -8.22
N LEU N 17 23.64 -27.54 -8.96
CA LEU N 17 24.69 -28.55 -8.81
C LEU N 17 25.44 -28.45 -7.47
N LEU N 18 25.47 -27.26 -6.88
CA LEU N 18 26.08 -27.02 -5.57
C LEU N 18 25.12 -27.27 -4.41
N ALA N 19 23.81 -27.16 -4.63
CA ALA N 19 22.76 -27.35 -3.64
C ALA N 19 22.52 -28.85 -3.38
N THR N 20 23.56 -29.53 -2.90
CA THR N 20 23.53 -30.95 -2.51
C THR N 20 23.75 -31.10 -1.01
N GLY N 21 23.05 -32.05 -0.41
CA GLY N 21 23.15 -32.41 1.01
C GLY N 21 23.45 -33.88 1.22
N SER N 22 23.35 -34.34 2.47
CA SER N 22 23.61 -35.73 2.84
C SER N 22 22.63 -36.73 2.20
N MET N 23 21.41 -36.32 1.86
CA MET N 23 20.44 -37.16 1.16
C MET N 23 20.86 -37.44 -0.30
N ASP N 24 21.43 -36.44 -0.99
CA ASP N 24 21.88 -36.58 -2.37
C ASP N 24 23.06 -37.54 -2.50
N ALA N 25 23.83 -37.71 -1.43
CA ALA N 25 24.97 -38.62 -1.41
C ALA N 25 24.55 -40.07 -1.70
N ALA N 26 23.40 -40.51 -1.20
CA ALA N 26 22.87 -41.85 -1.48
C ALA N 26 22.50 -42.08 -2.96
N LEU N 27 22.28 -40.99 -3.72
CA LEU N 27 21.83 -41.04 -5.11
C LEU N 27 22.94 -40.73 -6.12
N THR N 28 23.87 -39.84 -5.76
CA THR N 28 24.81 -39.23 -6.72
C THR N 28 26.28 -39.30 -6.32
N GLN N 29 26.59 -39.59 -5.05
CA GLN N 29 27.99 -39.73 -4.64
C GLN N 29 28.61 -40.95 -5.33
N ASN N 30 29.81 -40.77 -5.88
CA ASN N 30 30.51 -41.81 -6.65
C ASN N 30 29.68 -42.37 -7.81
N ALA N 31 28.95 -41.49 -8.53
CA ALA N 31 28.14 -41.88 -9.67
C ALA N 31 28.91 -42.77 -10.66
N THR N 32 28.39 -43.96 -10.93
CA THR N 32 28.97 -44.96 -11.84
C THR N 32 28.43 -44.88 -13.26
N ARG N 33 27.50 -43.94 -13.51
CA ARG N 33 26.84 -43.74 -14.80
C ARG N 33 26.78 -42.25 -15.13
N THR N 34 26.95 -41.91 -16.41
CA THR N 34 26.68 -40.58 -16.96
C THR N 34 25.65 -40.66 -18.08
N PHE N 35 24.83 -39.62 -18.23
CA PHE N 35 23.89 -39.47 -19.34
C PHE N 35 24.53 -38.89 -20.60
N TRP N 36 25.74 -38.32 -20.50
CA TRP N 36 26.36 -37.53 -21.56
C TRP N 36 27.46 -38.28 -22.34
N LYS N 37 27.69 -39.55 -22.00
CA LYS N 37 28.61 -40.44 -22.73
C LYS N 37 27.99 -41.82 -22.82
N SER N 38 27.86 -42.35 -24.03
CA SER N 38 27.42 -43.73 -24.23
C SER N 38 28.56 -44.70 -23.91
N SER N 39 28.22 -45.77 -23.19
CA SER N 39 29.05 -46.96 -23.05
C SER N 39 28.31 -48.13 -23.70
N TYR N 40 29.02 -48.97 -24.43
CA TYR N 40 28.47 -50.19 -25.03
C TYR N 40 29.32 -51.40 -24.64
N GLN N 41 28.72 -52.58 -24.63
CA GLN N 41 29.42 -53.85 -24.44
C GLN N 41 29.68 -54.50 -25.79
N LYS N 42 30.85 -55.13 -25.94
CA LYS N 42 31.14 -55.99 -27.11
C LYS N 42 30.45 -57.34 -26.90
N HIS N 43 29.99 -57.97 -27.97
CA HIS N 43 29.36 -59.30 -27.96
C HIS N 43 30.15 -60.27 -28.85
N SER N 44 29.92 -61.58 -28.71
CA SER N 44 30.45 -62.61 -29.61
C SER N 44 29.78 -62.57 -30.98
N LEU N 45 30.42 -63.15 -31.99
CA LEU N 45 29.86 -63.21 -33.35
C LEU N 45 28.80 -64.31 -33.43
N PHE N 46 27.66 -63.98 -34.03
CA PHE N 46 26.58 -64.92 -34.32
C PHE N 46 25.83 -64.49 -35.59
N ALA N 47 25.10 -65.43 -36.21
CA ALA N 47 24.19 -65.16 -37.32
C ALA N 47 22.85 -65.88 -37.12
N LEU N 48 21.77 -65.31 -37.65
CA LEU N 48 20.44 -65.91 -37.64
C LEU N 48 20.05 -66.36 -39.04
N GLU N 49 19.43 -67.53 -39.15
CA GLU N 49 18.92 -68.06 -40.41
C GLU N 49 17.52 -68.64 -40.20
N SER N 50 16.54 -68.22 -41.00
CA SER N 50 15.18 -68.80 -40.98
C SER N 50 15.08 -69.89 -42.04
N ILE N 51 14.67 -71.10 -41.62
CA ILE N 51 14.56 -72.24 -42.51
C ILE N 51 13.21 -72.93 -42.34
N ASN N 52 12.50 -73.08 -43.45
CA ASN N 52 11.22 -73.77 -43.52
C ASN N 52 11.43 -75.28 -43.78
N GLN N 53 10.71 -76.12 -43.04
CA GLN N 53 10.86 -77.57 -43.06
C GLN N 53 9.48 -78.26 -43.15
N PRO N 54 9.33 -79.28 -44.02
CA PRO N 54 8.08 -80.02 -44.12
C PRO N 54 7.87 -80.97 -42.93
N PHE N 55 6.62 -81.29 -42.62
CA PHE N 55 6.31 -82.34 -41.65
C PHE N 55 6.86 -83.70 -42.11
N THR N 56 7.23 -84.55 -41.14
CA THR N 56 7.70 -85.92 -41.41
C THR N 56 6.54 -86.84 -41.76
N THR N 57 5.35 -86.57 -41.22
CA THR N 57 4.10 -87.26 -41.56
C THR N 57 3.17 -86.36 -42.36
N GLN N 58 2.16 -86.96 -42.98
CA GLN N 58 1.14 -86.19 -43.68
C GLN N 58 0.39 -85.25 -42.71
N VAL N 59 0.13 -84.03 -43.18
CA VAL N 59 -0.70 -83.03 -42.50
C VAL N 59 -2.12 -83.12 -43.06
N GLN N 60 -3.10 -83.31 -42.18
CA GLN N 60 -4.52 -83.41 -42.51
C GLN N 60 -5.36 -82.87 -41.35
N PHE N 61 -6.54 -82.32 -41.65
CA PHE N 61 -7.51 -81.95 -40.62
C PHE N 61 -7.90 -83.16 -39.77
N GLY N 62 -8.07 -82.96 -38.46
CA GLY N 62 -8.46 -83.98 -37.50
C GLY N 62 -7.41 -85.05 -37.17
N ALA N 63 -6.29 -85.08 -37.89
CA ALA N 63 -5.19 -86.02 -37.66
C ALA N 63 -4.14 -85.45 -36.69
N GLU N 64 -3.20 -86.30 -36.28
CA GLU N 64 -1.97 -85.88 -35.63
C GLU N 64 -0.80 -85.99 -36.62
N SER N 65 0.04 -84.96 -36.66
CA SER N 65 1.24 -84.95 -37.49
C SER N 65 2.45 -84.59 -36.66
N HIS N 66 3.63 -85.09 -37.04
CA HIS N 66 4.87 -84.69 -36.38
C HIS N 66 5.96 -84.33 -37.38
N ILE N 67 6.89 -83.53 -36.90
CA ILE N 67 8.13 -83.14 -37.60
C ILE N 67 9.31 -83.37 -36.68
N THR N 68 10.37 -83.99 -37.19
CA THR N 68 11.68 -84.00 -36.54
C THR N 68 12.44 -82.76 -37.00
N VAL N 69 12.74 -81.86 -36.06
CA VAL N 69 13.41 -80.57 -36.33
C VAL N 69 14.85 -80.83 -36.77
N ASN N 70 15.23 -80.28 -37.91
CA ASN N 70 16.59 -80.43 -38.45
C ASN N 70 17.63 -79.72 -37.56
N ARG N 71 18.90 -80.11 -37.70
CA ARG N 71 20.03 -79.52 -36.99
C ARG N 71 20.84 -78.63 -37.94
N GLN N 72 20.25 -77.52 -38.37
CA GLN N 72 20.85 -76.60 -39.34
C GLN N 72 21.60 -75.42 -38.71
N GLY N 73 21.71 -75.37 -37.38
CA GLY N 73 22.54 -74.41 -36.65
C GLY N 73 22.86 -74.92 -35.24
N ASP N 74 23.42 -74.05 -34.41
CA ASP N 74 23.90 -74.41 -33.06
C ASP N 74 22.83 -74.22 -31.98
N LEU N 75 21.98 -73.21 -32.13
CA LEU N 75 20.81 -72.96 -31.27
C LEU N 75 19.53 -72.90 -32.11
N LEU N 76 18.41 -73.18 -31.47
CA LEU N 76 17.06 -72.97 -32.00
C LEU N 76 16.38 -71.82 -31.23
N SER N 77 15.98 -70.78 -31.95
CA SER N 77 15.38 -69.56 -31.40
C SER N 77 13.88 -69.52 -31.70
N TRP N 78 13.43 -68.74 -32.69
CA TRP N 78 12.02 -68.65 -33.02
C TRP N 78 11.50 -69.90 -33.75
N MET N 79 10.22 -70.19 -33.54
CA MET N 79 9.51 -71.29 -34.17
C MET N 79 8.10 -70.86 -34.55
N TYR N 80 7.77 -70.94 -35.83
CA TYR N 80 6.46 -70.60 -36.39
C TYR N 80 5.89 -71.80 -37.15
N LEU N 81 4.63 -72.11 -36.89
CA LEU N 81 3.88 -73.03 -37.74
C LEU N 81 3.35 -72.25 -38.94
N LYS N 82 3.91 -72.54 -40.12
CA LYS N 82 3.45 -71.97 -41.38
C LYS N 82 2.31 -72.83 -41.89
N ILE N 83 1.10 -72.28 -41.91
CA ILE N 83 -0.12 -72.96 -42.35
C ILE N 83 -0.55 -72.33 -43.67
N VAL N 84 -0.91 -73.17 -44.65
CA VAL N 84 -1.51 -72.72 -45.91
C VAL N 84 -2.91 -73.30 -46.00
N LEU N 85 -3.91 -72.42 -46.04
CA LEU N 85 -5.32 -72.76 -46.19
C LEU N 85 -5.79 -72.36 -47.59
N PRO N 86 -6.53 -73.22 -48.29
CA PRO N 86 -7.06 -72.87 -49.59
C PRO N 86 -8.14 -71.79 -49.46
N GLY N 87 -8.34 -71.04 -50.55
CA GLY N 87 -9.54 -70.23 -50.69
C GLY N 87 -10.78 -71.12 -50.72
N LEU N 88 -11.90 -70.58 -50.26
CA LEU N 88 -13.20 -71.21 -50.21
C LEU N 88 -14.14 -70.60 -51.25
N LYS N 89 -14.94 -71.46 -51.87
CA LYS N 89 -16.13 -71.10 -52.65
C LYS N 89 -17.30 -71.96 -52.18
N VAL N 90 -18.51 -71.56 -52.54
CA VAL N 90 -19.72 -72.32 -52.22
C VAL N 90 -20.53 -72.57 -53.47
N GLN N 91 -21.26 -73.68 -53.47
CA GLN N 91 -22.21 -74.06 -54.50
C GLN N 91 -23.45 -74.67 -53.85
N ASN N 92 -24.63 -74.50 -54.44
CA ASN N 92 -25.83 -75.17 -53.94
C ASN N 92 -25.66 -76.68 -54.04
N GLN N 93 -26.13 -77.39 -53.02
CA GLN N 93 -26.09 -78.84 -52.98
C GLN N 93 -26.79 -79.48 -54.19
N ALA N 94 -27.87 -78.88 -54.68
CA ALA N 94 -28.61 -79.33 -55.86
C ALA N 94 -27.78 -79.29 -57.17
N ASP N 95 -26.79 -78.41 -57.24
CA ASP N 95 -25.95 -78.23 -58.44
C ASP N 95 -24.67 -79.08 -58.39
N THR N 96 -24.46 -79.85 -57.32
CA THR N 96 -23.20 -80.56 -57.06
C THR N 96 -23.31 -82.04 -57.40
N VAL N 97 -22.38 -82.56 -58.21
CA VAL N 97 -22.37 -83.98 -58.65
C VAL N 97 -22.11 -84.96 -57.50
N GLN N 98 -21.48 -84.51 -56.41
CA GLN N 98 -21.22 -85.26 -55.17
C GLN N 98 -21.46 -84.35 -53.97
N PRO N 99 -22.72 -84.22 -53.51
CA PRO N 99 -23.09 -83.28 -52.46
C PRO N 99 -22.68 -83.71 -51.05
N THR N 100 -22.25 -84.96 -50.88
CA THR N 100 -21.93 -85.53 -49.58
C THR N 100 -20.61 -84.97 -49.05
N GLN N 101 -20.72 -84.11 -48.05
CA GLN N 101 -19.61 -83.51 -47.33
C GLN N 101 -19.92 -83.51 -45.82
N GLN N 102 -18.89 -83.33 -44.98
CA GLN N 102 -19.08 -83.07 -43.56
C GLN N 102 -19.98 -81.85 -43.34
N SER N 103 -20.76 -81.85 -42.26
CA SER N 103 -21.59 -80.70 -41.88
C SER N 103 -20.72 -79.58 -41.32
N PHE N 104 -21.05 -78.34 -41.67
CA PHE N 104 -20.41 -77.12 -41.16
C PHE N 104 -21.46 -76.26 -40.46
N ALA N 105 -21.03 -75.47 -39.47
CA ALA N 105 -21.88 -74.47 -38.85
C ALA N 105 -22.42 -73.49 -39.92
N SER N 106 -23.68 -73.08 -39.80
CA SER N 106 -24.31 -72.19 -40.76
C SER N 106 -25.11 -71.08 -40.09
N LEU N 107 -25.09 -69.90 -40.69
CA LEU N 107 -25.69 -68.69 -40.11
C LEU N 107 -27.22 -68.67 -40.18
N ASP N 108 -27.82 -69.43 -41.11
CA ASP N 108 -29.27 -69.70 -41.14
C ASP N 108 -29.73 -70.64 -40.01
N ASN N 109 -28.80 -71.28 -39.32
CA ASN N 109 -29.05 -72.11 -38.14
C ASN N 109 -28.16 -71.67 -36.98
N ASP N 110 -28.30 -70.41 -36.56
CA ASP N 110 -27.52 -69.84 -35.46
C ASP N 110 -27.90 -70.47 -34.11
N VAL N 111 -27.18 -71.52 -33.74
CA VAL N 111 -27.38 -72.29 -32.49
C VAL N 111 -27.14 -71.42 -31.25
N ALA N 112 -26.21 -70.45 -31.32
CA ALA N 112 -25.94 -69.55 -30.20
C ALA N 112 -27.11 -68.60 -29.96
N ALA N 113 -27.66 -68.00 -31.02
CA ALA N 113 -28.85 -67.16 -30.91
C ALA N 113 -30.08 -67.96 -30.45
N GLN N 114 -30.27 -69.19 -30.95
CA GLN N 114 -31.34 -70.07 -30.50
C GLN N 114 -31.21 -70.43 -29.01
N ALA N 115 -29.99 -70.72 -28.54
CA ALA N 115 -29.73 -70.97 -27.13
C ALA N 115 -30.06 -69.73 -26.28
N ASP N 116 -29.65 -68.53 -26.69
CA ASP N 116 -30.00 -67.28 -26.00
C ASP N 116 -31.52 -67.05 -25.94
N VAL N 117 -32.24 -67.31 -27.05
CA VAL N 117 -33.70 -67.22 -27.08
C VAL N 117 -34.34 -68.21 -26.11
N SER N 118 -33.79 -69.43 -25.98
CA SER N 118 -34.34 -70.45 -25.09
C SER N 118 -34.40 -70.02 -23.62
N HIS N 119 -33.44 -69.21 -23.16
CA HIS N 119 -33.41 -68.69 -21.79
C HIS N 119 -34.46 -67.61 -21.52
N VAL N 120 -34.91 -66.90 -22.56
CA VAL N 120 -35.91 -65.83 -22.44
C VAL N 120 -37.32 -66.29 -22.78
N LEU N 121 -37.52 -67.49 -23.33
CA LEU N 121 -38.84 -68.07 -23.63
C LEU N 121 -39.83 -67.97 -22.44
N PRO N 122 -39.44 -68.22 -21.17
CA PRO N 122 -40.37 -68.10 -20.05
C PRO N 122 -40.87 -66.67 -19.78
N TYR N 123 -40.21 -65.66 -20.37
CA TYR N 123 -40.51 -64.24 -20.19
C TYR N 123 -41.24 -63.63 -21.41
N ILE N 124 -41.54 -64.44 -22.44
CA ILE N 124 -42.32 -63.98 -23.58
C ILE N 124 -43.80 -63.96 -23.19
N GLU N 125 -44.40 -62.77 -23.22
CA GLU N 125 -45.83 -62.57 -23.02
C GLU N 125 -46.56 -62.54 -24.38
N GLY N 126 -47.68 -63.26 -24.51
CA GLY N 126 -48.51 -63.28 -25.73
C GLY N 126 -48.26 -64.44 -26.69
N ALA N 127 -48.92 -64.39 -27.86
CA ALA N 127 -48.98 -65.49 -28.83
C ALA N 127 -47.70 -65.59 -29.70
N TYR N 128 -46.58 -66.00 -29.10
CA TYR N 128 -45.29 -66.10 -29.80
C TYR N 128 -45.34 -67.05 -31.00
N THR N 129 -45.96 -68.22 -30.88
CA THR N 129 -45.94 -69.27 -31.92
C THR N 129 -46.59 -68.84 -33.22
N GLU N 130 -47.66 -68.03 -33.15
CA GLU N 130 -48.46 -67.57 -34.29
C GLU N 130 -48.04 -66.19 -34.82
N ALA N 131 -47.12 -65.52 -34.13
CA ALA N 131 -46.69 -64.17 -34.49
C ALA N 131 -45.89 -64.12 -35.81
N SER N 132 -46.00 -63.00 -36.53
CA SER N 132 -45.15 -62.69 -37.68
C SER N 132 -43.67 -62.60 -37.26
N LEU N 133 -42.72 -62.75 -38.20
CA LEU N 133 -41.29 -62.72 -37.87
C LEU N 133 -40.88 -61.41 -37.15
N ASN N 134 -41.30 -60.25 -37.68
CA ASN N 134 -41.02 -58.95 -37.08
C ASN N 134 -41.63 -58.83 -35.66
N THR N 135 -42.82 -59.39 -35.46
CA THR N 135 -43.47 -59.44 -34.15
C THR N 135 -42.71 -60.36 -33.19
N LYS N 136 -42.19 -61.50 -33.66
CA LYS N 136 -41.36 -62.41 -32.84
C LYS N 136 -40.08 -61.74 -32.38
N GLU N 137 -39.42 -60.97 -33.24
CA GLU N 137 -38.21 -60.21 -32.88
C GLU N 137 -38.51 -59.16 -31.80
N GLN N 138 -39.63 -58.45 -31.90
CA GLN N 138 -40.10 -57.51 -30.88
C GLN N 138 -40.36 -58.22 -29.53
N LEU N 139 -41.12 -59.32 -29.55
CA LEU N 139 -41.43 -60.10 -28.35
C LEU N 139 -40.16 -60.66 -27.69
N ILE N 140 -39.18 -61.11 -28.46
CA ILE N 140 -37.89 -61.58 -27.93
C ILE N 140 -37.12 -60.43 -27.26
N ALA N 141 -37.08 -59.24 -27.87
CA ALA N 141 -36.40 -58.09 -27.30
C ALA N 141 -37.06 -57.59 -25.99
N GLU N 142 -38.40 -57.59 -25.95
CA GLU N 142 -39.15 -57.29 -24.72
C GLU N 142 -38.92 -58.35 -23.64
N ALA N 143 -38.95 -59.63 -24.00
CA ALA N 143 -38.66 -60.73 -23.08
C ALA N 143 -37.22 -60.68 -22.54
N LYS N 144 -36.24 -60.26 -23.36
CA LYS N 144 -34.87 -59.99 -22.91
C LYS N 144 -34.84 -58.93 -21.83
N ASN N 145 -35.57 -57.81 -21.99
CA ASN N 145 -35.68 -56.80 -20.94
C ASN N 145 -36.27 -57.38 -19.64
N SER N 146 -37.35 -58.15 -19.74
CA SER N 146 -38.00 -58.79 -18.58
C SER N 146 -37.09 -59.80 -17.88
N TYR N 147 -36.38 -60.63 -18.65
CA TYR N 147 -35.38 -61.57 -18.15
C TYR N 147 -34.26 -60.82 -17.42
N GLU N 148 -33.69 -59.79 -18.03
CA GLU N 148 -32.57 -59.05 -17.45
C GLU N 148 -32.97 -58.22 -16.23
N ALA N 149 -34.18 -57.67 -16.21
CA ALA N 149 -34.76 -57.04 -15.04
C ALA N 149 -34.93 -58.04 -13.89
N ALA N 150 -35.46 -59.23 -14.17
CA ALA N 150 -35.69 -60.27 -13.16
C ALA N 150 -34.39 -60.88 -12.61
N LYS N 151 -33.38 -61.09 -13.46
CA LYS N 151 -32.13 -61.77 -13.08
C LYS N 151 -31.05 -60.81 -12.57
N TYR N 152 -30.99 -59.61 -13.12
CA TYR N 152 -29.87 -58.68 -12.90
C TYR N 152 -30.32 -57.31 -12.38
N ASN N 153 -31.61 -57.09 -12.13
CA ASN N 153 -32.17 -55.77 -11.83
C ASN N 153 -31.74 -54.71 -12.86
N ALA N 154 -31.58 -55.12 -14.12
CA ALA N 154 -31.17 -54.23 -15.19
C ALA N 154 -32.33 -53.29 -15.58
N ALA N 155 -32.01 -52.04 -15.86
CA ALA N 155 -32.96 -51.13 -16.50
C ALA N 155 -33.19 -51.58 -17.95
N PRO N 156 -34.44 -51.50 -18.46
CA PRO N 156 -34.74 -51.93 -19.82
C PRO N 156 -34.03 -51.06 -20.84
N LEU N 157 -33.46 -51.68 -21.87
CA LEU N 157 -32.95 -50.97 -23.03
C LEU N 157 -34.09 -50.73 -24.03
N PRO N 158 -34.10 -49.58 -24.75
CA PRO N 158 -35.04 -49.38 -25.85
C PRO N 158 -34.95 -50.53 -26.85
N VAL N 159 -36.09 -51.10 -27.26
CA VAL N 159 -36.15 -52.26 -28.16
C VAL N 159 -35.35 -52.03 -29.45
N ALA N 160 -35.42 -50.82 -30.01
CA ALA N 160 -34.65 -50.44 -31.18
C ALA N 160 -33.12 -50.53 -31.00
N ALA N 161 -32.60 -50.36 -29.78
CA ALA N 161 -31.17 -50.49 -29.49
C ALA N 161 -30.70 -51.95 -29.38
N GLN N 162 -31.63 -52.88 -29.13
CA GLN N 162 -31.34 -54.32 -29.07
C GLN N 162 -31.43 -55.00 -30.44
N MET N 163 -32.20 -54.41 -31.35
CA MET N 163 -32.34 -54.86 -32.73
C MET N 163 -31.12 -54.38 -33.56
N GLN N 164 -29.93 -54.90 -33.23
CA GLN N 164 -28.76 -54.72 -34.08
C GLN N 164 -28.85 -55.69 -35.26
N SER N 165 -29.19 -55.18 -36.45
CA SER N 165 -28.95 -55.95 -37.67
C SER N 165 -27.45 -55.93 -37.96
N THR N 166 -26.80 -57.08 -37.84
CA THR N 166 -25.51 -57.24 -38.50
C THR N 166 -25.84 -57.25 -39.99
N GLU N 167 -25.41 -56.23 -40.75
CA GLU N 167 -25.58 -56.22 -42.21
C GLU N 167 -24.77 -57.37 -42.79
N MET N 168 -25.43 -58.53 -42.91
CA MET N 168 -24.88 -59.69 -43.57
C MET N 168 -25.07 -59.52 -45.07
N PRO N 169 -24.08 -59.89 -45.90
CA PRO N 169 -24.22 -59.75 -47.34
C PRO N 169 -25.32 -60.67 -47.90
N ASP N 170 -26.06 -60.19 -48.90
CA ASP N 170 -27.15 -60.91 -49.59
C ASP N 170 -26.64 -61.90 -50.66
N PHE N 171 -25.50 -62.53 -50.41
CA PHE N 171 -24.91 -63.54 -51.31
C PHE N 171 -24.38 -64.74 -50.51
N ASP N 172 -24.12 -65.84 -51.21
CA ASP N 172 -23.59 -67.05 -50.59
C ASP N 172 -22.09 -67.00 -50.35
N TYR N 173 -21.67 -67.46 -49.17
CA TYR N 173 -20.27 -67.52 -48.80
C TYR N 173 -20.00 -68.61 -47.76
N ALA N 174 -18.72 -68.94 -47.63
CA ALA N 174 -18.16 -69.65 -46.50
C ALA N 174 -16.83 -69.00 -46.11
N TYR N 175 -16.47 -69.10 -44.83
CA TYR N 175 -15.23 -68.54 -44.31
C TYR N 175 -14.61 -69.43 -43.24
N TRP N 176 -13.30 -69.32 -43.11
CA TRP N 176 -12.55 -69.91 -42.01
C TRP N 176 -12.89 -69.17 -40.71
N THR N 177 -13.08 -69.91 -39.62
CA THR N 177 -13.44 -69.33 -38.31
C THR N 177 -12.41 -68.31 -37.81
N GLU N 178 -12.84 -67.44 -36.90
CA GLU N 178 -12.00 -66.40 -36.31
C GLU N 178 -10.76 -66.99 -35.64
N ALA N 179 -9.59 -66.38 -35.89
CA ALA N 179 -8.30 -66.84 -35.38
C ALA N 179 -8.01 -68.31 -35.74
N ILE N 180 -8.38 -68.72 -36.96
CA ILE N 180 -8.22 -70.08 -37.49
C ILE N 180 -6.79 -70.64 -37.28
N GLY N 181 -5.76 -69.80 -37.34
CA GLY N 181 -4.37 -70.22 -37.09
C GLY N 181 -4.16 -70.84 -35.70
N PHE N 182 -4.82 -70.30 -34.67
CA PHE N 182 -4.82 -70.92 -33.35
C PHE N 182 -5.77 -72.11 -33.27
N HIS N 183 -6.99 -71.98 -33.82
CA HIS N 183 -8.00 -73.04 -33.73
C HIS N 183 -7.53 -74.36 -34.34
N LEU N 184 -6.78 -74.28 -35.46
CA LEU N 184 -6.18 -75.44 -36.12
C LEU N 184 -5.28 -76.26 -35.20
N ILE N 185 -4.60 -75.62 -34.25
CA ILE N 185 -3.65 -76.27 -33.34
C ILE N 185 -4.40 -76.68 -32.08
N LYS N 186 -5.15 -77.79 -32.12
CA LYS N 186 -5.85 -78.27 -30.92
C LYS N 186 -4.87 -78.53 -29.77
N ARG N 187 -3.71 -79.10 -30.11
CA ARG N 187 -2.61 -79.33 -29.17
C ARG N 187 -1.30 -79.41 -29.94
N ALA N 188 -0.24 -78.82 -29.40
CA ALA N 188 1.11 -79.05 -29.88
C ALA N 188 2.03 -79.47 -28.72
N GLU N 189 2.92 -80.42 -28.97
CA GLU N 189 3.86 -80.95 -27.99
C GLU N 189 5.29 -80.76 -28.50
N PHE N 190 6.13 -80.11 -27.70
CA PHE N 190 7.57 -80.03 -27.94
C PHE N 190 8.25 -81.19 -27.23
N LYS N 191 8.83 -82.11 -28.00
CA LYS N 191 9.48 -83.33 -27.49
C LYS N 191 10.98 -83.33 -27.74
N VAL N 192 11.73 -83.84 -26.76
CA VAL N 192 13.17 -84.01 -26.84
C VAL N 192 13.52 -85.40 -26.34
N GLY N 193 14.16 -86.22 -27.17
CA GLY N 193 14.54 -87.59 -26.81
C GLY N 193 13.34 -88.50 -26.49
N GLY N 194 12.16 -88.19 -27.06
CA GLY N 194 10.91 -88.90 -26.81
C GLY N 194 10.11 -88.41 -25.59
N ALA N 195 10.71 -87.60 -24.72
CA ALA N 195 10.01 -86.98 -23.60
C ALA N 195 9.33 -85.67 -24.02
N THR N 196 8.07 -85.47 -23.61
CA THR N 196 7.37 -84.19 -23.78
C THR N 196 7.93 -83.16 -22.80
N ILE N 197 8.55 -82.11 -23.33
CA ILE N 197 9.10 -81.00 -22.54
C ILE N 197 8.03 -79.98 -22.23
N ASP N 198 7.14 -79.68 -23.18
CA ASP N 198 6.03 -78.76 -22.95
C ASP N 198 4.87 -79.07 -23.91
N THR N 199 3.66 -78.67 -23.53
CA THR N 199 2.44 -78.82 -24.32
C THR N 199 1.68 -77.50 -24.35
N ILE N 200 1.21 -77.10 -25.52
CA ILE N 200 0.36 -75.91 -25.70
C ILE N 200 -0.96 -76.32 -26.36
N TRP N 201 -2.02 -75.58 -26.06
CA TRP N 201 -3.38 -75.81 -26.57
C TRP N 201 -3.88 -74.57 -27.32
N SER N 202 -4.79 -74.76 -28.28
CA SER N 202 -5.44 -73.67 -29.03
C SER N 202 -5.97 -72.57 -28.11
N GLU N 203 -6.74 -72.98 -27.10
CA GLU N 203 -7.36 -72.09 -26.13
C GLU N 203 -6.32 -71.32 -25.30
N LEU N 204 -5.20 -71.97 -24.93
CA LEU N 204 -4.09 -71.33 -24.24
C LEU N 204 -3.37 -70.31 -25.14
N LEU N 205 -3.10 -70.66 -26.41
CA LEU N 205 -2.47 -69.74 -27.37
C LEU N 205 -3.27 -68.44 -27.51
N PHE N 206 -4.59 -68.56 -27.63
CA PHE N 206 -5.48 -67.41 -27.70
C PHE N 206 -5.44 -66.58 -26.41
N ALA N 207 -5.49 -67.24 -25.24
CA ALA N 207 -5.45 -66.54 -23.96
C ALA N 207 -4.12 -65.80 -23.73
N MET N 208 -3.02 -66.43 -24.10
CA MET N 208 -1.68 -65.83 -24.05
C MET N 208 -1.57 -64.61 -24.96
N GLU N 209 -2.11 -64.65 -26.18
CA GLU N 209 -2.13 -63.49 -27.07
C GLU N 209 -3.03 -62.37 -26.55
N GLU N 210 -4.14 -62.69 -25.90
CA GLU N 210 -5.02 -61.69 -25.29
C GLU N 210 -4.34 -60.91 -24.15
N LEU N 211 -3.63 -61.62 -23.28
CA LEU N 211 -2.98 -61.04 -22.09
C LEU N 211 -1.58 -60.47 -22.39
N MET N 212 -0.77 -61.18 -23.16
CA MET N 212 0.65 -60.84 -23.38
C MET N 212 0.90 -60.20 -24.75
N GLY N 213 -0.10 -60.17 -25.63
CA GLY N 213 0.00 -59.54 -26.95
C GLY N 213 0.18 -58.04 -26.83
N ARG N 214 1.34 -57.53 -27.26
CA ARG N 214 1.70 -56.10 -27.15
C ARG N 214 0.94 -55.27 -28.17
N ALA N 215 0.56 -54.05 -27.78
CA ALA N 215 -0.02 -53.06 -28.69
C ALA N 215 0.89 -52.83 -29.92
N GLY N 216 0.30 -52.83 -31.11
CA GLY N 216 1.03 -52.72 -32.38
C GLY N 216 1.77 -53.99 -32.84
N ARG N 217 1.75 -55.07 -32.05
CA ARG N 217 2.33 -56.38 -32.40
C ARG N 217 1.36 -57.54 -32.15
N ARG N 218 0.05 -57.26 -32.23
CA ARG N 218 -0.99 -58.28 -32.12
C ARG N 218 -0.91 -59.21 -33.33
N LEU N 219 -1.21 -60.48 -33.13
CA LEU N 219 -1.02 -61.52 -34.13
C LEU N 219 -2.09 -61.55 -35.23
N THR N 220 -2.96 -60.54 -35.33
CA THR N 220 -4.19 -60.51 -36.13
C THR N 220 -4.08 -61.22 -37.48
N GLU N 221 -3.33 -60.66 -38.43
CA GLU N 221 -3.15 -61.22 -39.77
C GLU N 221 -2.42 -62.57 -39.73
N THR N 222 -1.41 -62.71 -38.86
CA THR N 222 -0.58 -63.93 -38.77
C THR N 222 -1.34 -65.18 -38.33
N ILE N 223 -2.50 -65.03 -37.70
CA ILE N 223 -3.35 -66.14 -37.24
C ILE N 223 -4.77 -66.12 -37.84
N GLY N 224 -5.07 -65.20 -38.76
CA GLY N 224 -6.41 -65.07 -39.34
C GLY N 224 -7.46 -64.55 -38.36
N ARG N 225 -7.12 -63.56 -37.53
CA ARG N 225 -8.00 -62.94 -36.54
C ARG N 225 -8.42 -61.54 -36.98
N THR N 226 -9.73 -61.26 -36.98
CA THR N 226 -10.35 -60.01 -37.46
C THR N 226 -11.02 -59.19 -36.36
N LEU N 227 -10.95 -59.65 -35.10
CA LEU N 227 -11.67 -59.11 -33.95
C LEU N 227 -13.19 -59.20 -34.15
N ARG N 228 -13.67 -60.38 -34.60
CA ARG N 228 -15.09 -60.69 -34.82
C ARG N 228 -15.76 -59.75 -35.82
N ARG N 229 -15.12 -59.53 -36.98
CA ARG N 229 -15.71 -58.84 -38.14
C ARG N 229 -15.94 -59.86 -39.26
N PRO N 230 -17.14 -60.48 -39.34
CA PRO N 230 -17.38 -61.58 -40.26
C PRO N 230 -17.08 -61.24 -41.73
N THR N 231 -17.36 -60.01 -42.15
CA THR N 231 -17.09 -59.54 -43.51
C THR N 231 -15.61 -59.57 -43.89
N GLU N 232 -14.70 -59.36 -42.93
CA GLU N 232 -13.26 -59.46 -43.16
C GLU N 232 -12.81 -60.93 -43.25
N LEU N 233 -13.38 -61.82 -42.43
CA LEU N 233 -13.15 -63.27 -42.53
C LEU N 233 -13.59 -63.82 -43.89
N MET N 234 -14.76 -63.37 -44.38
CA MET N 234 -15.27 -63.71 -45.71
C MET N 234 -14.30 -63.27 -46.80
N LYS N 235 -13.85 -62.00 -46.78
CA LYS N 235 -12.91 -61.47 -47.78
C LYS N 235 -11.62 -62.28 -47.79
N ALA N 236 -11.03 -62.51 -46.62
CA ALA N 236 -9.79 -63.29 -46.50
C ALA N 236 -9.97 -64.73 -46.99
N SER N 237 -11.12 -65.35 -46.73
CA SER N 237 -11.39 -66.76 -47.06
C SER N 237 -11.66 -67.03 -48.54
N ARG N 238 -11.78 -66.02 -49.39
CA ARG N 238 -12.01 -66.21 -50.84
C ARG N 238 -10.77 -66.62 -51.62
N GLN N 239 -9.59 -66.49 -51.01
CA GLN N 239 -8.30 -66.78 -51.62
C GLN N 239 -7.43 -67.61 -50.66
N GLU N 240 -6.33 -68.14 -51.18
CA GLU N 240 -5.36 -68.85 -50.34
C GLU N 240 -4.83 -67.94 -49.24
N GLN N 241 -4.75 -68.46 -48.01
CA GLN N 241 -4.21 -67.77 -46.85
C GLN N 241 -2.94 -68.47 -46.39
N ILE N 242 -1.90 -67.69 -46.13
CA ILE N 242 -0.65 -68.17 -45.51
C ILE N 242 -0.57 -67.53 -44.12
N LEU N 243 -0.59 -68.37 -43.09
CA LEU N 243 -0.57 -67.98 -41.69
C LEU N 243 0.77 -68.39 -41.07
N TYR N 244 1.30 -67.56 -40.19
CA TYR N 244 2.54 -67.82 -39.44
C TYR N 244 2.23 -67.78 -37.96
N VAL N 245 1.88 -68.94 -37.39
CA VAL N 245 1.44 -69.03 -36.00
C VAL N 245 2.66 -69.20 -35.11
N PRO N 246 3.01 -68.23 -34.23
CA PRO N 246 4.14 -68.38 -33.33
C PRO N 246 3.85 -69.46 -32.29
N LEU N 247 4.82 -70.34 -32.05
CA LEU N 247 4.74 -71.34 -30.98
C LEU N 247 5.54 -70.82 -29.77
N PRO N 248 4.89 -70.38 -28.68
CA PRO N 248 5.51 -69.60 -27.61
C PRO N 248 6.27 -70.46 -26.58
N TRP N 249 7.11 -71.37 -27.05
CA TRP N 249 7.95 -72.21 -26.17
C TRP N 249 8.91 -71.36 -25.33
N TYR N 250 9.41 -71.90 -24.22
CA TYR N 250 10.32 -71.17 -23.33
C TYR N 250 11.53 -70.56 -24.08
N PHE N 251 12.09 -71.29 -25.05
CA PHE N 251 13.27 -70.89 -25.80
C PHE N 251 13.01 -69.80 -26.84
N THR N 252 11.74 -69.51 -27.18
CA THR N 252 11.38 -68.42 -28.10
C THR N 252 11.23 -67.07 -27.40
N LYS N 253 11.29 -67.04 -26.06
CA LYS N 253 10.96 -65.85 -25.25
C LYS N 253 12.14 -64.92 -25.01
N HIS N 254 13.36 -65.44 -25.01
CA HIS N 254 14.56 -64.64 -24.79
C HIS N 254 15.78 -65.32 -25.44
N PRO N 255 16.71 -64.57 -26.07
CA PRO N 255 17.88 -65.16 -26.74
C PRO N 255 18.74 -66.06 -25.84
N SER N 256 18.87 -65.74 -24.55
CA SER N 256 19.63 -66.57 -23.60
C SER N 256 18.97 -67.92 -23.27
N LEU N 257 17.71 -68.12 -23.68
CA LEU N 257 16.98 -69.37 -23.50
C LEU N 257 16.90 -70.19 -24.78
N ALA N 258 17.47 -69.71 -25.90
CA ALA N 258 17.50 -70.45 -27.16
C ALA N 258 17.95 -71.90 -26.91
N PHE N 259 17.27 -72.85 -27.54
CA PHE N 259 17.46 -74.25 -27.25
C PHE N 259 18.81 -74.71 -27.83
N PRO N 260 19.75 -75.21 -27.02
CA PRO N 260 21.11 -75.52 -27.46
C PRO N 260 21.14 -76.87 -28.20
N LEU N 261 20.98 -76.83 -29.52
CA LEU N 261 20.99 -78.02 -30.38
C LEU N 261 22.29 -78.81 -30.20
N VAL N 262 23.44 -78.13 -30.19
CA VAL N 262 24.77 -78.75 -30.00
C VAL N 262 24.92 -79.49 -28.67
N ALA N 263 24.25 -79.02 -27.62
CA ALA N 263 24.30 -79.64 -26.30
C ALA N 263 23.36 -80.85 -26.17
N ALA N 264 22.41 -81.01 -27.08
CA ALA N 264 21.44 -82.10 -27.10
C ALA N 264 21.66 -83.07 -28.28
N THR N 265 22.89 -83.22 -28.77
CA THR N 265 23.24 -83.94 -30.01
C THR N 265 22.65 -85.35 -30.14
N TYR N 266 22.47 -86.09 -29.05
CA TYR N 266 21.97 -87.48 -29.08
C TYR N 266 20.45 -87.60 -28.91
N HIS N 267 19.72 -86.49 -28.83
CA HIS N 267 18.25 -86.49 -28.77
C HIS N 267 17.63 -85.90 -30.03
N ASN N 268 16.64 -86.60 -30.58
CA ASN N 268 15.77 -86.02 -31.60
C ASN N 268 14.87 -84.96 -30.97
N ILE N 269 14.71 -83.85 -31.67
CA ILE N 269 13.81 -82.76 -31.30
C ILE N 269 12.62 -82.86 -32.23
N GLN N 270 11.42 -82.96 -31.67
CA GLN N 270 10.21 -83.16 -32.44
C GLN N 270 9.13 -82.18 -32.01
N LEU N 271 8.37 -81.70 -32.99
CA LEU N 271 7.11 -81.02 -32.76
C LEU N 271 6.00 -81.96 -33.22
N TRP N 272 5.08 -82.25 -32.31
CA TRP N 272 3.85 -82.99 -32.60
C TRP N 272 2.68 -82.03 -32.57
N VAL N 273 1.77 -82.12 -33.54
CA VAL N 273 0.61 -81.24 -33.67
C VAL N 273 -0.63 -82.09 -33.91
N GLN N 274 -1.62 -81.96 -33.03
CA GLN N 274 -2.96 -82.47 -33.23
C GLN N 274 -3.81 -81.39 -33.88
N TRP N 275 -4.31 -81.68 -35.07
CA TRP N 275 -5.06 -80.73 -35.90
C TRP N 275 -6.56 -80.75 -35.60
N ALA N 276 -7.20 -79.58 -35.71
CA ALA N 276 -8.65 -79.47 -35.61
C ALA N 276 -9.37 -80.21 -36.75
N GLN N 277 -10.56 -80.72 -36.47
CA GLN N 277 -11.44 -81.31 -37.49
C GLN N 277 -11.95 -80.23 -38.45
N LEU N 278 -12.02 -80.56 -39.74
CA LEU N 278 -12.42 -79.63 -40.80
C LEU N 278 -13.81 -79.02 -40.56
N ASN N 279 -14.78 -79.84 -40.12
CA ASN N 279 -16.13 -79.40 -39.76
C ASN N 279 -16.18 -78.23 -38.75
N SER N 280 -15.18 -78.11 -37.88
CA SER N 280 -15.08 -77.05 -36.88
C SER N 280 -14.41 -75.79 -37.42
N CYS N 281 -13.75 -75.85 -38.57
CA CYS N 281 -12.94 -74.75 -39.08
C CYS N 281 -13.69 -73.78 -39.99
N ILE N 282 -14.89 -74.15 -40.47
CA ILE N 282 -15.61 -73.41 -41.51
C ILE N 282 -17.02 -73.05 -41.02
N ILE N 283 -17.44 -71.83 -41.34
CA ILE N 283 -18.82 -71.35 -41.18
C ILE N 283 -19.33 -70.93 -42.56
N LYS N 284 -20.60 -71.25 -42.87
CA LYS N 284 -21.25 -70.93 -44.15
C LYS N 284 -22.51 -70.08 -43.96
N SER N 285 -22.90 -69.33 -45.00
CA SER N 285 -24.10 -68.50 -44.95
C SER N 285 -25.37 -69.32 -44.77
N ARG N 286 -25.47 -70.48 -45.46
CA ARG N 286 -26.66 -71.34 -45.46
C ARG N 286 -26.32 -72.83 -45.34
N SER N 287 -27.21 -73.57 -44.67
CA SER N 287 -27.10 -75.00 -44.35
C SER N 287 -27.03 -75.91 -45.58
N ASN N 288 -27.65 -75.52 -46.69
CA ASN N 288 -27.75 -76.29 -47.94
C ASN N 288 -26.59 -76.04 -48.95
N LEU N 289 -25.52 -75.33 -48.53
CA LEU N 289 -24.35 -75.08 -49.37
C LEU N 289 -23.28 -76.17 -49.20
N VAL N 290 -22.64 -76.53 -50.29
CA VAL N 290 -21.41 -77.33 -50.34
C VAL N 290 -20.22 -76.38 -50.40
N VAL N 291 -19.19 -76.63 -49.59
CA VAL N 291 -17.98 -75.80 -49.54
C VAL N 291 -16.91 -76.43 -50.44
N LEU N 292 -16.40 -75.65 -51.39
CA LEU N 292 -15.43 -76.07 -52.40
C LEU N 292 -14.07 -75.41 -52.16
N HIS N 293 -13.01 -76.11 -52.53
CA HIS N 293 -11.68 -75.53 -52.72
C HIS N 293 -11.72 -74.56 -53.92
N ALA N 294 -11.43 -73.29 -53.70
CA ALA N 294 -11.66 -72.22 -54.68
C ALA N 294 -10.90 -72.39 -56.00
N GLU N 295 -9.66 -72.89 -55.93
CA GLU N 295 -8.82 -73.14 -57.10
C GLU N 295 -9.13 -74.48 -57.79
N ARG N 296 -9.25 -75.57 -57.02
CA ARG N 296 -9.43 -76.93 -57.55
C ARG N 296 -10.87 -77.26 -57.96
N ASN N 297 -11.85 -76.46 -57.51
CA ASN N 297 -13.30 -76.68 -57.74
C ASN N 297 -13.78 -78.09 -57.35
N VAL N 298 -13.25 -78.61 -56.25
CA VAL N 298 -13.68 -79.88 -55.63
C VAL N 298 -14.17 -79.61 -54.21
N PRO N 299 -15.08 -80.43 -53.65
CA PRO N 299 -15.48 -80.33 -52.24
C PRO N 299 -14.25 -80.28 -51.33
N ILE N 300 -14.26 -79.39 -50.33
CA ILE N 300 -13.16 -79.30 -49.37
C ILE N 300 -13.10 -80.58 -48.51
N SER N 301 -11.91 -81.11 -48.33
CA SER N 301 -11.62 -82.38 -47.67
C SER N 301 -10.43 -82.26 -46.72
N ASP N 302 -10.26 -83.27 -45.86
CA ASP N 302 -9.29 -83.24 -44.76
C ASP N 302 -7.81 -83.13 -45.23
N ASP N 303 -7.51 -83.56 -46.47
CA ASP N 303 -6.18 -83.53 -47.09
C ASP N 303 -5.81 -82.15 -47.70
N HIS N 304 -6.71 -81.17 -47.65
CA HIS N 304 -6.44 -79.82 -48.12
C HIS N 304 -5.70 -78.93 -47.10
N LEU N 305 -5.51 -79.38 -45.86
CA LEU N 305 -4.64 -78.70 -44.90
C LEU N 305 -3.18 -78.88 -45.29
N ARG N 306 -2.43 -77.78 -45.44
CA ARG N 306 -0.98 -77.82 -45.61
C ARG N 306 -0.32 -77.06 -44.50
N ALA N 307 0.75 -77.63 -43.94
CA ALA N 307 1.56 -76.96 -42.95
C ALA N 307 3.04 -77.35 -43.07
N SER N 308 3.90 -76.43 -42.64
CA SER N 308 5.33 -76.62 -42.49
C SER N 308 5.82 -75.86 -41.26
N LEU N 309 7.02 -76.17 -40.79
CA LEU N 309 7.61 -75.54 -39.62
C LEU N 309 8.73 -74.60 -40.05
N GLU N 310 8.60 -73.31 -39.71
CA GLU N 310 9.65 -72.32 -39.93
C GLU N 310 10.41 -72.09 -38.63
N CYS N 311 11.69 -72.46 -38.63
CA CYS N 311 12.59 -72.38 -37.48
C CYS N 311 13.68 -71.36 -37.73
N THR N 312 13.97 -70.51 -36.75
CA THR N 312 15.15 -69.65 -36.76
C THR N 312 16.30 -70.32 -36.02
N TYR N 313 17.35 -70.65 -36.76
CA TYR N 313 18.60 -71.18 -36.24
C TYR N 313 19.57 -70.06 -35.91
N VAL N 314 20.41 -70.28 -34.90
CA VAL N 314 21.54 -69.41 -34.56
C VAL N 314 22.82 -70.15 -34.86
N HIS N 315 23.69 -69.53 -35.64
CA HIS N 315 25.06 -69.99 -35.91
C HIS N 315 26.01 -69.23 -35.01
N LEU N 316 26.82 -69.94 -34.25
CA LEU N 316 27.75 -69.37 -33.28
C LEU N 316 29.18 -69.41 -33.83
N GLU N 317 30.02 -68.50 -33.36
CA GLU N 317 31.47 -68.64 -33.53
C GLU N 317 31.97 -69.92 -32.84
N ALA N 318 32.99 -70.57 -33.42
CA ALA N 318 33.53 -71.84 -32.95
C ALA N 318 33.84 -71.85 -31.44
N ALA N 319 34.44 -70.78 -30.91
CA ALA N 319 34.77 -70.70 -29.49
C ALA N 319 33.53 -70.75 -28.58
N GLU N 320 32.44 -70.07 -28.95
CA GLU N 320 31.19 -70.08 -28.18
C GLU N 320 30.45 -71.41 -28.33
N ARG N 321 30.43 -71.95 -29.55
CA ARG N 321 29.88 -73.28 -29.85
C ARG N 321 30.57 -74.39 -29.03
N ASP N 322 31.89 -74.36 -28.95
CA ASP N 322 32.68 -75.33 -28.20
C ASP N 322 32.44 -75.18 -26.70
N ALA N 323 32.37 -73.94 -26.19
CA ALA N 323 32.05 -73.66 -24.80
C ALA N 323 30.64 -74.18 -24.42
N LEU N 324 29.65 -73.95 -25.28
CA LEU N 324 28.28 -74.40 -25.07
C LEU N 324 28.16 -75.94 -25.14
N THR N 325 28.92 -76.58 -26.02
CA THR N 325 28.96 -78.05 -26.12
C THR N 325 29.59 -78.67 -24.88
N ALA N 326 30.65 -78.06 -24.35
CA ALA N 326 31.32 -78.52 -23.14
C ALA N 326 30.48 -78.29 -21.87
N ASN N 327 29.74 -77.18 -21.79
CA ASN N 327 28.97 -76.82 -20.60
C ASN N 327 27.72 -75.97 -20.91
N ALA N 328 26.68 -76.60 -21.44
CA ALA N 328 25.37 -75.95 -21.58
C ALA N 328 24.61 -75.81 -20.24
N GLY N 329 24.96 -76.63 -19.24
CA GLY N 329 24.39 -76.55 -17.90
C GLY N 329 22.87 -76.76 -17.86
N THR N 330 22.17 -75.81 -17.25
CA THR N 330 20.72 -75.86 -17.01
C THR N 330 20.04 -74.58 -17.48
N GLN N 331 18.85 -74.72 -18.05
CA GLN N 331 17.97 -73.60 -18.37
C GLN N 331 16.74 -73.64 -17.47
N LEU N 332 16.37 -72.50 -16.90
CA LEU N 332 15.04 -72.32 -16.32
C LEU N 332 14.02 -72.34 -17.46
N ILE N 333 13.00 -73.17 -17.32
CA ILE N 333 11.93 -73.28 -18.31
C ILE N 333 10.57 -73.01 -17.66
N VAL N 334 9.64 -72.54 -18.47
CA VAL N 334 8.21 -72.49 -18.12
C VAL N 334 7.51 -73.58 -18.89
N GLN N 335 6.78 -74.43 -18.17
CA GLN N 335 5.91 -75.47 -18.73
C GLN N 335 4.45 -75.09 -18.52
N HIS N 336 3.57 -75.58 -19.38
CA HIS N 336 2.13 -75.36 -19.28
C HIS N 336 1.41 -76.63 -18.82
N GLN N 337 0.42 -76.45 -17.95
CA GLN N 337 -0.46 -77.50 -17.45
C GLN N 337 -1.91 -77.10 -17.68
N ALA N 338 -2.79 -78.08 -17.86
CA ALA N 338 -4.20 -77.84 -18.19
C ALA N 338 -5.14 -78.67 -17.31
N HIS N 339 -6.21 -78.04 -16.85
CA HIS N 339 -7.37 -78.67 -16.24
C HIS N 339 -8.59 -78.30 -17.09
N LEU N 340 -9.18 -79.29 -17.73
CA LEU N 340 -10.32 -79.14 -18.64
C LEU N 340 -11.52 -79.84 -18.02
N GLN N 341 -12.63 -79.11 -17.88
CA GLN N 341 -13.81 -79.61 -17.17
C GLN N 341 -15.10 -79.22 -17.90
N GLN N 342 -16.08 -80.13 -17.90
CA GLN N 342 -17.43 -79.80 -18.34
C GLN N 342 -18.22 -79.12 -17.22
N VAL N 343 -19.08 -78.18 -17.60
CA VAL N 343 -19.88 -77.34 -16.73
C VAL N 343 -21.36 -77.56 -17.04
N SER N 344 -22.10 -77.93 -16.00
CA SER N 344 -23.53 -78.24 -16.04
C SER N 344 -24.32 -77.58 -14.91
N SER N 345 -23.71 -76.63 -14.19
CA SER N 345 -24.29 -75.92 -13.05
C SER N 345 -23.66 -74.56 -12.88
N ASN N 346 -24.40 -73.62 -12.27
CA ASN N 346 -23.91 -72.26 -12.02
C ASN N 346 -22.81 -72.21 -10.95
N ASN N 347 -22.74 -73.20 -10.06
CA ASN N 347 -21.64 -73.35 -9.11
C ASN N 347 -20.70 -74.44 -9.60
N VAL N 348 -19.43 -74.09 -9.79
CA VAL N 348 -18.41 -75.00 -10.30
C VAL N 348 -17.18 -74.93 -9.41
N THR N 349 -16.70 -76.08 -8.97
CA THR N 349 -15.40 -76.19 -8.28
C THR N 349 -14.45 -76.95 -9.18
N ALA N 350 -13.35 -76.32 -9.56
CA ALA N 350 -12.25 -76.95 -10.29
C ALA N 350 -11.13 -77.32 -9.31
N ARG N 351 -10.80 -78.61 -9.23
CA ARG N 351 -9.67 -79.12 -8.45
C ARG N 351 -8.41 -79.13 -9.31
N LEU N 352 -7.53 -78.17 -9.05
CA LEU N 352 -6.35 -77.90 -9.85
C LEU N 352 -5.19 -78.81 -9.42
N ASN N 353 -5.11 -80.01 -10.01
CA ASN N 353 -4.04 -80.98 -9.75
C ASN N 353 -2.74 -80.64 -10.49
N PHE N 354 -2.37 -79.36 -10.53
CA PHE N 354 -1.11 -78.92 -11.14
C PHE N 354 0.06 -79.19 -10.20
N ASN N 355 1.25 -79.30 -10.79
CA ASN N 355 2.49 -79.53 -10.07
C ASN N 355 3.49 -78.37 -10.27
N PHE N 356 4.58 -78.44 -9.52
CA PHE N 356 5.72 -77.52 -9.55
C PHE N 356 5.38 -76.10 -9.05
N PRO N 357 6.39 -75.20 -8.96
CA PRO N 357 6.16 -73.78 -8.69
C PRO N 357 5.36 -73.10 -9.81
N VAL N 358 4.06 -72.93 -9.60
CA VAL N 358 3.14 -72.23 -10.49
C VAL N 358 3.36 -70.72 -10.36
N LEU N 359 3.62 -70.06 -11.50
CA LEU N 359 3.78 -68.61 -11.62
C LEU N 359 2.41 -67.93 -11.57
N GLU N 360 1.49 -68.46 -12.36
CA GLU N 360 0.17 -67.90 -12.60
C GLU N 360 -0.74 -68.96 -13.23
N PHE N 361 -2.05 -68.69 -13.22
CA PHE N 361 -3.00 -69.44 -14.01
C PHE N 361 -3.98 -68.52 -14.72
N TYR N 362 -4.54 -69.03 -15.81
CA TYR N 362 -5.61 -68.44 -16.59
C TYR N 362 -6.81 -69.36 -16.51
N TYR N 363 -8.01 -68.78 -16.51
CA TYR N 363 -9.22 -69.56 -16.71
C TYR N 363 -10.23 -68.79 -17.53
N PHE N 364 -11.13 -69.52 -18.18
CA PHE N 364 -12.22 -68.97 -18.96
C PHE N 364 -13.22 -70.08 -19.28
N LEU N 365 -14.44 -69.68 -19.64
CA LEU N 365 -15.51 -70.60 -19.97
C LEU N 365 -15.91 -70.45 -21.43
N ARG N 366 -16.34 -71.54 -22.05
CA ARG N 366 -16.97 -71.53 -23.38
C ARG N 366 -18.32 -72.21 -23.30
N ARG N 367 -19.35 -71.49 -23.70
CA ARG N 367 -20.69 -72.05 -23.87
C ARG N 367 -20.67 -73.13 -24.95
N LYS N 368 -21.44 -74.19 -24.75
CA LYS N 368 -21.63 -75.22 -25.79
C LYS N 368 -22.18 -74.57 -27.06
N ALA N 369 -23.14 -73.66 -26.94
CA ALA N 369 -23.75 -73.02 -28.11
C ALA N 369 -22.74 -72.20 -28.94
N ASN N 370 -21.82 -71.48 -28.29
CA ASN N 370 -20.74 -70.74 -28.99
C ASN N 370 -19.80 -71.68 -29.75
N LYS N 371 -19.43 -72.81 -29.12
CA LYS N 371 -18.60 -73.84 -29.75
C LYS N 371 -19.31 -74.46 -30.97
N ASP N 372 -20.58 -74.81 -30.81
CA ASP N 372 -21.39 -75.42 -31.88
C ASP N 372 -21.64 -74.45 -33.05
N ALA N 373 -21.75 -73.15 -32.76
CA ALA N 373 -21.83 -72.08 -33.76
C ALA N 373 -20.50 -71.82 -34.49
N GLY N 374 -19.41 -72.48 -34.09
CA GLY N 374 -18.08 -72.30 -34.68
C GLY N 374 -17.34 -71.06 -34.17
N ASP N 375 -17.83 -70.39 -33.12
CA ASP N 375 -17.23 -69.21 -32.50
C ASP N 375 -16.32 -69.61 -31.32
N HIS N 376 -15.24 -70.34 -31.65
CA HIS N 376 -14.43 -71.11 -30.69
C HIS N 376 -13.74 -70.27 -29.61
N PHE N 377 -13.50 -68.99 -29.87
CA PHE N 377 -12.83 -68.08 -28.93
C PHE N 377 -13.80 -67.06 -28.31
N ASN N 378 -15.11 -67.29 -28.45
CA ASN N 378 -16.11 -66.54 -27.74
C ASN N 378 -16.37 -67.15 -26.36
N PHE N 379 -15.70 -66.56 -25.39
CA PHE N 379 -15.79 -66.91 -23.98
C PHE N 379 -16.88 -66.12 -23.23
N SER N 380 -17.80 -65.47 -23.93
CA SER N 380 -18.91 -64.77 -23.29
C SER N 380 -20.00 -65.74 -22.81
N GLY N 381 -20.76 -65.27 -21.83
CA GLY N 381 -21.95 -65.91 -21.28
C GLY N 381 -23.19 -65.72 -22.17
N ILE N 382 -24.36 -65.79 -21.53
CA ILE N 382 -25.66 -65.72 -22.19
C ILE N 382 -25.89 -64.26 -22.58
N GLY N 383 -26.31 -64.00 -23.83
CA GLY N 383 -26.50 -62.64 -24.33
C GLY N 383 -25.22 -61.82 -24.36
N GLY N 384 -24.04 -62.46 -24.44
CA GLY N 384 -22.75 -61.76 -24.48
C GLY N 384 -22.27 -61.20 -23.14
N ARG N 385 -22.93 -61.55 -22.03
CA ARG N 385 -22.56 -61.11 -20.67
C ARG N 385 -21.31 -61.82 -20.16
N ASP N 386 -20.78 -61.37 -19.02
CA ASP N 386 -19.66 -62.03 -18.36
C ASP N 386 -20.14 -63.35 -17.72
N PRO N 387 -19.58 -64.52 -18.10
CA PRO N 387 -20.08 -65.81 -17.61
C PRO N 387 -19.78 -66.04 -16.12
N VAL N 388 -18.77 -65.37 -15.57
CA VAL N 388 -18.38 -65.48 -14.16
C VAL N 388 -18.98 -64.30 -13.40
N VAL N 389 -19.66 -64.59 -12.30
CA VAL N 389 -20.10 -63.56 -11.34
C VAL N 389 -18.97 -63.31 -10.33
N SER N 390 -18.46 -64.38 -9.74
CA SER N 390 -17.36 -64.32 -8.78
C SER N 390 -16.55 -65.59 -8.76
N ALA N 391 -15.32 -65.50 -8.24
CA ALA N 391 -14.46 -66.63 -8.02
C ALA N 391 -13.68 -66.49 -6.70
N GLU N 392 -13.32 -67.64 -6.12
CA GLU N 392 -12.51 -67.81 -4.92
C GLU N 392 -11.42 -68.86 -5.17
N LEU N 393 -10.22 -68.63 -4.64
CA LEU N 393 -9.11 -69.58 -4.71
C LEU N 393 -8.79 -70.11 -3.31
N LEU N 394 -8.84 -71.42 -3.13
CA LEU N 394 -8.60 -72.09 -1.87
C LEU N 394 -7.36 -72.98 -1.94
N PHE N 395 -6.51 -72.90 -0.91
CA PHE N 395 -5.41 -73.83 -0.65
C PHE N 395 -5.74 -74.61 0.61
N ASN N 396 -5.80 -75.95 0.54
CA ASN N 396 -6.12 -76.81 1.68
C ASN N 396 -7.37 -76.31 2.45
N ASN N 397 -8.44 -75.98 1.71
CA ASN N 397 -9.70 -75.41 2.20
C ASN N 397 -9.60 -74.03 2.90
N THR N 398 -8.46 -73.35 2.81
CA THR N 398 -8.27 -71.99 3.33
C THR N 398 -8.23 -71.00 2.16
N ALA N 399 -9.00 -69.92 2.25
CA ALA N 399 -9.05 -68.90 1.21
C ALA N 399 -7.69 -68.24 1.02
N ARG N 400 -7.04 -68.51 -0.11
CA ARG N 400 -5.84 -67.80 -0.56
C ARG N 400 -6.21 -66.48 -1.21
N VAL N 401 -7.30 -66.48 -1.97
CA VAL N 401 -7.97 -65.27 -2.46
C VAL N 401 -9.43 -65.46 -2.12
N THR N 402 -9.97 -64.62 -1.25
CA THR N 402 -11.39 -64.62 -0.91
C THR N 402 -12.23 -64.28 -2.14
N GLN N 403 -13.54 -64.52 -2.07
CA GLN N 403 -14.45 -64.25 -3.18
C GLN N 403 -14.26 -62.83 -3.75
N LYS N 404 -13.95 -62.77 -5.05
CA LYS N 404 -13.82 -61.52 -5.82
C LYS N 404 -14.69 -61.56 -7.08
N PRO N 405 -15.24 -60.41 -7.51
CA PRO N 405 -16.06 -60.34 -8.72
C PRO N 405 -15.23 -60.58 -9.98
N ALA N 406 -15.86 -61.02 -11.06
CA ALA N 406 -15.21 -61.29 -12.35
C ALA N 406 -14.26 -60.19 -12.84
N VAL N 407 -14.67 -58.92 -12.72
CA VAL N 407 -13.86 -57.77 -13.16
C VAL N 407 -12.51 -57.70 -12.46
N TRP N 408 -12.40 -58.17 -11.22
CA TRP N 408 -11.14 -58.18 -10.50
C TRP N 408 -10.16 -59.20 -11.10
N TRP N 409 -10.65 -60.42 -11.37
CA TRP N 409 -9.86 -61.48 -12.00
C TRP N 409 -9.50 -61.18 -13.46
N ARG N 410 -10.36 -60.46 -14.18
CA ARG N 410 -10.16 -60.14 -15.60
C ARG N 410 -9.35 -58.87 -15.82
N ALA N 411 -9.72 -57.77 -15.17
CA ALA N 411 -9.16 -56.45 -15.46
C ALA N 411 -8.07 -56.05 -14.46
N VAL N 412 -8.25 -56.30 -13.16
CA VAL N 412 -7.25 -55.88 -12.15
C VAL N 412 -6.00 -56.75 -12.24
N GLN N 413 -6.15 -58.07 -12.36
CA GLN N 413 -5.00 -58.97 -12.52
C GLN N 413 -4.24 -58.69 -13.82
N ALA N 414 -4.94 -58.49 -14.94
CA ALA N 414 -4.30 -58.09 -16.19
C ALA N 414 -3.56 -56.74 -16.09
N LEU N 415 -4.19 -55.74 -15.46
CA LEU N 415 -3.55 -54.44 -15.24
C LEU N 415 -2.26 -54.52 -14.41
N GLN N 416 -2.21 -55.42 -13.43
CA GLN N 416 -1.08 -55.54 -12.51
C GLN N 416 0.09 -56.33 -13.09
N PHE N 417 -0.17 -57.36 -13.91
CA PHE N 417 0.84 -58.36 -14.25
C PHE N 417 1.04 -58.59 -15.75
N HIS N 418 0.16 -58.06 -16.61
CA HIS N 418 0.18 -58.35 -18.03
C HIS N 418 0.37 -57.11 -18.92
N SER N 419 0.93 -57.35 -20.11
CA SER N 419 1.15 -56.32 -21.13
C SER N 419 -0.16 -55.77 -21.73
N SER N 420 -1.27 -56.50 -21.60
CA SER N 420 -2.56 -56.14 -22.17
C SER N 420 -3.73 -56.65 -21.33
N ALA N 421 -4.88 -55.97 -21.45
CA ALA N 421 -6.15 -56.44 -20.91
C ALA N 421 -6.89 -57.24 -21.98
N PRO N 422 -7.49 -58.38 -21.64
CA PRO N 422 -8.17 -59.23 -22.61
C PRO N 422 -9.46 -58.57 -23.10
N LEU N 423 -9.74 -58.68 -24.41
CA LEU N 423 -10.99 -58.22 -25.03
C LEU N 423 -12.13 -59.21 -24.84
N THR N 424 -11.79 -60.45 -24.51
CA THR N 424 -12.72 -61.55 -24.20
C THR N 424 -12.72 -61.85 -22.70
N ASN N 425 -13.65 -62.69 -22.23
CA ASN N 425 -13.80 -63.05 -20.82
C ASN N 425 -12.74 -64.07 -20.36
N ILE N 426 -11.46 -63.67 -20.44
CA ILE N 426 -10.33 -64.40 -19.90
C ILE N 426 -9.96 -63.82 -18.55
N TYR N 427 -9.83 -64.68 -17.56
CA TYR N 427 -9.47 -64.32 -16.20
C TYR N 427 -8.07 -64.85 -15.90
N SER N 428 -7.31 -64.14 -15.08
CA SER N 428 -5.99 -64.59 -14.66
C SER N 428 -5.75 -64.34 -13.18
N TYR N 429 -4.74 -65.01 -12.64
CA TYR N 429 -4.19 -64.70 -11.33
C TYR N 429 -2.71 -65.04 -11.31
N SER N 430 -1.89 -64.06 -10.89
CA SER N 430 -0.45 -64.22 -10.79
C SER N 430 0.03 -64.30 -9.35
N PHE N 431 0.89 -65.28 -9.08
CA PHE N 431 1.75 -65.34 -7.89
C PHE N 431 3.09 -64.64 -8.12
N SER N 432 3.44 -64.36 -9.38
CA SER N 432 4.68 -63.71 -9.81
C SER N 432 4.46 -62.20 -9.98
N LEU N 433 5.43 -61.37 -9.62
CA LEU N 433 5.37 -59.93 -9.87
C LEU N 433 5.53 -59.58 -11.35
N SER N 434 6.22 -60.44 -12.11
CA SER N 434 6.49 -60.26 -13.53
C SER N 434 6.43 -61.62 -14.25
N PRO N 435 5.24 -62.22 -14.42
CA PRO N 435 5.10 -63.56 -15.00
C PRO N 435 5.48 -63.62 -16.50
N GLU N 436 5.57 -62.47 -17.17
CA GLU N 436 6.03 -62.36 -18.55
C GLU N 436 7.57 -62.27 -18.69
N ASP N 437 8.31 -62.10 -17.60
CA ASP N 437 9.78 -62.19 -17.61
C ASP N 437 10.20 -63.66 -17.66
N PRO N 438 10.83 -64.12 -18.76
CA PRO N 438 11.16 -65.53 -18.91
C PRO N 438 12.44 -65.96 -18.16
N ILE N 439 13.27 -65.03 -17.70
CA ILE N 439 14.60 -65.31 -17.12
C ILE N 439 14.71 -64.95 -15.64
N THR N 440 13.83 -64.09 -15.12
CA THR N 440 13.88 -63.65 -13.72
C THR N 440 12.65 -64.15 -12.95
N PRO N 441 12.77 -65.21 -12.14
CA PRO N 441 11.72 -65.61 -11.23
C PRO N 441 11.34 -64.49 -10.28
N SER N 442 10.04 -64.18 -10.19
CA SER N 442 9.53 -63.05 -9.40
C SER N 442 8.35 -63.42 -8.49
N GLY N 443 8.24 -64.70 -8.15
CA GLY N 443 7.19 -65.26 -7.28
C GLY N 443 6.57 -66.52 -7.88
N SER N 444 6.12 -67.43 -7.00
CA SER N 444 5.40 -68.64 -7.39
C SER N 444 4.72 -69.27 -6.17
N ALA N 445 3.76 -70.15 -6.42
CA ALA N 445 3.20 -71.06 -5.41
C ALA N 445 3.49 -72.50 -5.82
N ASN N 446 4.11 -73.29 -4.94
CA ASN N 446 4.48 -74.67 -5.26
C ASN N 446 3.28 -75.62 -5.07
N PHE N 447 2.60 -75.95 -6.16
CA PHE N 447 1.39 -76.77 -6.09
C PHE N 447 1.71 -78.23 -5.75
N SER N 448 2.93 -78.72 -6.01
CA SER N 448 3.36 -80.06 -5.57
C SER N 448 3.48 -80.21 -4.04
N ARG N 449 3.30 -79.13 -3.27
CA ARG N 449 3.32 -79.13 -1.80
C ARG N 449 1.96 -78.79 -1.18
N LEU N 450 0.93 -78.60 -2.00
CA LEU N 450 -0.43 -78.33 -1.55
C LEU N 450 -1.23 -79.61 -1.75
N ASP N 451 -1.99 -80.03 -0.73
CA ASP N 451 -2.83 -81.22 -0.80
C ASP N 451 -4.07 -80.96 -1.68
N SER N 452 -4.62 -79.75 -1.60
CA SER N 452 -5.69 -79.31 -2.48
C SER N 452 -5.52 -77.85 -2.92
N VAL N 453 -5.75 -77.62 -4.22
CA VAL N 453 -5.95 -76.30 -4.79
C VAL N 453 -7.30 -76.30 -5.50
N GLU N 454 -8.23 -75.48 -5.04
CA GLU N 454 -9.57 -75.40 -5.59
C GLU N 454 -9.87 -73.98 -6.08
N LEU N 455 -10.32 -73.87 -7.33
CA LEU N 455 -10.91 -72.66 -7.89
C LEU N 455 -12.43 -72.83 -7.86
N ALA N 456 -13.10 -72.12 -6.95
CA ALA N 456 -14.55 -72.12 -6.84
C ALA N 456 -15.12 -70.94 -7.63
N LEU N 457 -16.06 -71.22 -8.54
CA LEU N 457 -16.69 -70.27 -9.43
C LEU N 457 -18.19 -70.21 -9.16
N THR N 458 -18.70 -69.00 -9.04
CA THR N 458 -20.13 -68.71 -9.20
C THR N 458 -20.30 -68.07 -10.58
N LEU N 459 -21.04 -68.76 -11.44
CA LEU N 459 -21.34 -68.36 -12.80
C LEU N 459 -22.68 -67.62 -12.86
N GLN N 460 -22.93 -66.97 -13.99
CA GLN N 460 -24.22 -66.34 -14.27
C GLN N 460 -25.37 -67.37 -14.12
N ASP N 461 -26.57 -66.87 -13.88
CA ASP N 461 -27.76 -67.71 -13.84
C ASP N 461 -27.94 -68.48 -15.16
N ASP N 462 -28.43 -69.72 -15.02
CA ASP N 462 -28.70 -70.67 -16.11
C ASP N 462 -27.46 -71.06 -16.96
N PHE N 463 -26.24 -70.71 -16.54
CA PHE N 463 -25.01 -71.19 -17.18
C PHE N 463 -24.87 -72.71 -17.02
N GLY N 464 -24.70 -73.41 -18.14
CA GLY N 464 -24.61 -74.87 -18.15
C GLY N 464 -25.95 -75.60 -18.05
N ALA N 465 -27.08 -74.87 -18.04
CA ALA N 465 -28.42 -75.45 -18.10
C ALA N 465 -28.90 -75.64 -19.55
N ALA N 466 -29.86 -76.54 -19.75
CA ALA N 466 -30.58 -76.75 -21.01
C ALA N 466 -29.65 -76.85 -22.25
N HIS N 467 -29.79 -75.93 -23.22
CA HIS N 467 -29.04 -75.91 -24.47
C HIS N 467 -27.53 -75.69 -24.29
N ASP N 468 -27.10 -75.25 -23.11
CA ASP N 468 -25.69 -75.08 -22.75
C ASP N 468 -25.15 -76.19 -21.82
N ALA N 469 -25.88 -77.29 -21.65
CA ALA N 469 -25.38 -78.47 -20.96
C ALA N 469 -24.07 -78.95 -21.63
N ASN N 470 -23.02 -79.14 -20.81
CA ASN N 470 -21.65 -79.42 -21.28
C ASN N 470 -20.95 -78.20 -21.90
N SER N 471 -21.14 -77.03 -21.28
CA SER N 471 -20.22 -75.91 -21.47
C SER N 471 -18.84 -76.29 -20.91
N GLU N 472 -17.79 -75.61 -21.33
CA GLU N 472 -16.41 -75.99 -21.01
C GLU N 472 -15.78 -74.95 -20.09
N LEU N 473 -15.07 -75.42 -19.05
CA LEU N 473 -14.14 -74.63 -18.25
C LEU N 473 -12.72 -75.04 -18.64
N PHE N 474 -11.93 -74.04 -18.99
CA PHE N 474 -10.50 -74.18 -19.23
C PHE N 474 -9.76 -73.53 -18.07
N VAL N 475 -8.81 -74.24 -17.47
CA VAL N 475 -7.83 -73.67 -16.56
C VAL N 475 -6.44 -74.07 -17.04
N PHE N 476 -5.58 -73.10 -17.31
CA PHE N 476 -4.19 -73.33 -17.69
C PHE N 476 -3.26 -72.71 -16.66
N ALA N 477 -2.21 -73.42 -16.26
CA ALA N 477 -1.18 -72.91 -15.37
C ALA N 477 0.18 -72.87 -16.05
N ARG N 478 0.98 -71.86 -15.70
CA ARG N 478 2.39 -71.76 -16.08
C ARG N 478 3.23 -72.11 -14.87
N SER N 479 4.14 -73.06 -15.00
CA SER N 479 5.00 -73.53 -13.90
C SER N 479 6.47 -73.52 -14.26
N TYR N 480 7.33 -73.21 -13.30
CA TYR N 480 8.77 -73.36 -13.45
C TYR N 480 9.19 -74.83 -13.40
N ASN N 481 10.12 -75.19 -14.27
CA ASN N 481 10.93 -76.41 -14.17
C ASN N 481 12.35 -76.09 -14.66
N ILE N 482 13.24 -77.07 -14.63
CA ILE N 482 14.62 -76.94 -15.09
C ILE N 482 14.87 -77.97 -16.18
N LEU N 483 15.36 -77.52 -17.33
CA LEU N 483 15.88 -78.40 -18.37
C LEU N 483 17.40 -78.50 -18.21
N LYS N 484 17.91 -79.72 -18.10
CA LYS N 484 19.34 -79.99 -17.92
C LYS N 484 19.93 -80.58 -19.19
N PHE N 485 21.09 -80.07 -19.58
CA PHE N 485 21.89 -80.57 -20.70
C PHE N 485 23.17 -81.21 -20.15
N THR N 486 23.46 -82.45 -20.50
CA THR N 486 24.66 -83.17 -20.03
C THR N 486 25.07 -84.21 -21.05
N ASN N 487 26.35 -84.21 -21.46
CA ASN N 487 26.94 -85.22 -22.35
C ASN N 487 26.16 -85.45 -23.65
N GLY N 488 25.65 -84.38 -24.27
CA GLY N 488 24.89 -84.47 -25.52
C GLY N 488 23.41 -84.88 -25.35
N LEU N 489 22.92 -85.00 -24.10
CA LEU N 489 21.54 -85.35 -23.77
C LEU N 489 20.85 -84.18 -23.08
N ALA N 490 19.52 -84.11 -23.23
CA ALA N 490 18.67 -83.12 -22.58
C ALA N 490 17.51 -83.80 -21.85
N GLY N 491 17.19 -83.35 -20.64
CA GLY N 491 16.09 -83.90 -19.84
C GLY N 491 15.57 -82.96 -18.78
N ALA O 11 1.17 -71.91 8.04
CA ALA O 11 1.95 -73.13 7.92
C ALA O 11 2.38 -73.40 6.46
N GLY O 12 1.49 -73.21 5.48
CA GLY O 12 1.79 -73.39 4.07
C GLY O 12 2.82 -72.41 3.50
N SER O 13 2.69 -71.11 3.77
CA SER O 13 3.60 -70.09 3.24
C SER O 13 5.01 -70.20 3.83
N LEU O 14 5.12 -70.51 5.13
CA LEU O 14 6.42 -70.79 5.74
C LEU O 14 7.03 -72.09 5.19
N THR O 15 6.21 -73.12 4.98
CA THR O 15 6.66 -74.40 4.39
C THR O 15 7.19 -74.20 2.97
N GLN O 16 6.60 -73.32 2.16
CA GLN O 16 7.12 -72.98 0.82
C GLN O 16 8.53 -72.37 0.90
N LEU O 17 8.81 -71.49 1.86
CA LEU O 17 10.14 -70.91 2.04
C LEU O 17 11.18 -71.94 2.51
N LEU O 18 10.74 -73.00 3.20
CA LEU O 18 11.59 -74.10 3.65
C LEU O 18 11.77 -75.20 2.60
N ALA O 19 10.80 -75.35 1.69
CA ALA O 19 10.81 -76.34 0.61
C ALA O 19 11.75 -75.94 -0.52
N THR O 20 13.04 -75.80 -0.20
CA THR O 20 14.12 -75.49 -1.14
C THR O 20 15.09 -76.66 -1.26
N GLY O 21 15.59 -76.89 -2.46
CA GLY O 21 16.57 -77.92 -2.78
C GLY O 21 17.80 -77.36 -3.49
N SER O 22 18.65 -78.25 -3.99
CA SER O 22 19.89 -77.86 -4.70
C SER O 22 19.63 -77.08 -5.99
N MET O 23 18.48 -77.25 -6.64
CA MET O 23 18.10 -76.48 -7.83
C MET O 23 17.80 -75.01 -7.49
N ASP O 24 17.16 -74.75 -6.35
CA ASP O 24 16.82 -73.38 -5.90
C ASP O 24 18.07 -72.57 -5.56
N ALA O 25 19.16 -73.24 -5.20
CA ALA O 25 20.42 -72.59 -4.88
C ALA O 25 20.96 -71.75 -6.06
N ALA O 26 20.81 -72.24 -7.30
CA ALA O 26 21.21 -71.51 -8.50
C ALA O 26 20.41 -70.22 -8.73
N LEU O 27 19.21 -70.10 -8.14
CA LEU O 27 18.29 -68.99 -8.35
C LEU O 27 18.25 -68.02 -7.16
N THR O 28 18.40 -68.52 -5.93
CA THR O 28 18.08 -67.76 -4.71
C THR O 28 19.18 -67.76 -3.66
N GLN O 29 20.20 -68.64 -3.76
CA GLN O 29 21.31 -68.62 -2.80
C GLN O 29 22.11 -67.34 -2.99
N ASN O 30 22.43 -66.67 -1.87
CA ASN O 30 23.12 -65.37 -1.87
C ASN O 30 22.41 -64.30 -2.71
N ALA O 31 21.07 -64.25 -2.66
CA ALA O 31 20.27 -63.28 -3.37
C ALA O 31 20.81 -61.84 -3.19
N THR O 32 21.12 -61.18 -4.29
CA THR O 32 21.66 -59.80 -4.34
C THR O 32 20.58 -58.74 -4.54
N ARG O 33 19.31 -59.16 -4.66
CA ARG O 33 18.15 -58.30 -4.88
C ARG O 33 17.00 -58.72 -3.97
N THR O 34 16.25 -57.74 -3.47
CA THR O 34 14.96 -57.94 -2.78
C THR O 34 13.86 -57.17 -3.49
N PHE O 35 12.64 -57.70 -3.47
CA PHE O 35 11.45 -57.02 -3.97
C PHE O 35 10.82 -56.07 -2.95
N TRP O 36 11.22 -56.15 -1.68
CA TRP O 36 10.55 -55.46 -0.57
C TRP O 36 11.28 -54.21 -0.09
N LYS O 37 12.40 -53.85 -0.73
CA LYS O 37 13.14 -52.62 -0.47
C LYS O 37 13.63 -52.04 -1.78
N SER O 38 13.29 -50.78 -2.06
CA SER O 38 13.82 -50.07 -3.22
C SER O 38 15.27 -49.65 -2.97
N SER O 39 16.10 -49.85 -3.99
CA SER O 39 17.43 -49.24 -4.10
C SER O 39 17.41 -48.31 -5.30
N TYR O 40 18.00 -47.13 -5.18
CA TYR O 40 18.16 -46.19 -6.29
C TYR O 40 19.63 -45.77 -6.41
N GLN O 41 20.04 -45.36 -7.60
CA GLN O 41 21.36 -44.79 -7.86
C GLN O 41 21.25 -43.27 -7.89
N LYS O 42 22.27 -42.58 -7.36
CA LYS O 42 22.41 -41.13 -7.52
C LYS O 42 22.98 -40.84 -8.91
N HIS O 43 22.57 -39.74 -9.52
CA HIS O 43 23.06 -39.28 -10.83
C HIS O 43 23.70 -37.88 -10.69
N SER O 44 24.47 -37.46 -11.69
CA SER O 44 25.01 -36.10 -11.81
C SER O 44 23.91 -35.07 -12.14
N LEU O 45 24.15 -33.79 -11.85
CA LEU O 45 23.18 -32.73 -12.16
C LEU O 45 23.22 -32.39 -13.64
N PHE O 46 22.05 -32.29 -14.26
CA PHE O 46 21.87 -31.84 -15.64
C PHE O 46 20.53 -31.12 -15.80
N ALA O 47 20.39 -30.32 -16.86
CA ALA O 47 19.13 -29.70 -17.26
C ALA O 47 18.92 -29.84 -18.77
N LEU O 48 17.64 -29.87 -19.20
CA LEU O 48 17.25 -29.92 -20.61
C LEU O 48 16.61 -28.60 -21.01
N GLU O 49 16.94 -28.10 -22.20
CA GLU O 49 16.37 -26.89 -22.76
C GLU O 49 16.01 -27.13 -24.23
N SER O 50 14.77 -26.83 -24.64
CA SER O 50 14.36 -26.89 -26.05
C SER O 50 14.48 -25.51 -26.67
N ILE O 51 15.21 -25.40 -27.78
CA ILE O 51 15.44 -24.14 -28.47
C ILE O 51 15.16 -24.28 -29.95
N ASN O 52 14.30 -23.40 -30.46
CA ASN O 52 13.97 -23.30 -31.87
C ASN O 52 14.91 -22.35 -32.61
N GLN O 53 15.40 -22.75 -33.77
CA GLN O 53 16.41 -22.04 -34.56
C GLN O 53 16.00 -21.95 -36.03
N PRO O 54 16.12 -20.77 -36.67
CA PRO O 54 15.81 -20.63 -38.09
C PRO O 54 16.89 -21.26 -38.97
N PHE O 55 16.51 -21.66 -40.18
CA PHE O 55 17.49 -22.07 -41.20
C PHE O 55 18.45 -20.92 -41.56
N THR O 56 19.69 -21.28 -41.90
CA THR O 56 20.71 -20.32 -42.35
C THR O 56 20.44 -19.85 -43.79
N THR O 57 19.84 -20.71 -44.60
CA THR O 57 19.39 -20.38 -45.96
C THR O 57 17.86 -20.32 -46.03
N GLN O 58 17.34 -19.73 -47.10
CA GLN O 58 15.91 -19.72 -47.34
C GLN O 58 15.35 -21.15 -47.46
N VAL O 59 14.18 -21.36 -46.86
CA VAL O 59 13.38 -22.59 -46.96
C VAL O 59 12.34 -22.40 -48.06
N GLN O 60 12.32 -23.28 -49.05
CA GLN O 60 11.37 -23.27 -50.17
C GLN O 60 11.12 -24.70 -50.64
N PHE O 61 9.93 -24.96 -51.19
CA PHE O 61 9.62 -26.23 -51.84
C PHE O 61 10.61 -26.49 -53.00
N GLY O 62 11.02 -27.75 -53.16
CA GLY O 62 11.92 -28.20 -54.24
C GLY O 62 13.38 -27.75 -54.10
N ALA O 63 13.71 -26.87 -53.16
CA ALA O 63 15.06 -26.38 -52.92
C ALA O 63 15.80 -27.24 -51.87
N GLU O 64 17.10 -27.00 -51.72
CA GLU O 64 17.88 -27.47 -50.58
C GLU O 64 18.15 -26.32 -49.62
N SER O 65 17.96 -26.55 -48.33
CA SER O 65 18.24 -25.59 -47.28
C SER O 65 19.13 -26.19 -46.22
N HIS O 66 19.95 -25.37 -45.56
CA HIS O 66 20.75 -25.83 -44.44
C HIS O 66 20.66 -24.90 -43.23
N ILE O 67 20.94 -25.48 -42.08
CA ILE O 67 21.07 -24.78 -40.80
C ILE O 67 22.38 -25.20 -40.13
N THR O 68 23.14 -24.23 -39.63
CA THR O 68 24.22 -24.49 -38.69
C THR O 68 23.66 -24.50 -37.28
N VAL O 69 23.73 -25.65 -36.60
CA VAL O 69 23.17 -25.87 -35.27
C VAL O 69 23.96 -25.05 -34.25
N ASN O 70 23.26 -24.23 -33.47
CA ASN O 70 23.88 -23.40 -32.43
C ASN O 70 24.48 -24.26 -31.30
N ARG O 71 25.40 -23.67 -30.55
CA ARG O 71 26.04 -24.30 -29.38
C ARG O 71 25.49 -23.71 -28.08
N GLN O 72 24.21 -23.99 -27.81
CA GLN O 72 23.49 -23.43 -26.65
C GLN O 72 23.50 -24.36 -25.43
N GLY O 73 24.18 -25.50 -25.47
CA GLY O 73 24.43 -26.38 -24.32
C GLY O 73 25.64 -27.28 -24.56
N ASP O 74 25.82 -28.28 -23.71
CA ASP O 74 26.99 -29.16 -23.73
C ASP O 74 26.79 -30.42 -24.58
N LEU O 75 25.56 -30.94 -24.59
CA LEU O 75 25.14 -32.05 -25.46
C LEU O 75 23.94 -31.65 -26.32
N LEU O 76 23.77 -32.32 -27.45
CA LEU O 76 22.59 -32.26 -28.29
C LEU O 76 21.84 -33.61 -28.21
N SER O 77 20.58 -33.57 -27.80
CA SER O 77 19.72 -34.73 -27.59
C SER O 77 18.66 -34.83 -28.69
N TRP O 78 17.41 -34.44 -28.43
CA TRP O 78 16.35 -34.50 -29.44
C TRP O 78 16.49 -33.43 -30.51
N MET O 79 16.02 -33.75 -31.72
CA MET O 79 16.00 -32.86 -32.86
C MET O 79 14.70 -33.06 -33.65
N TYR O 80 13.93 -31.99 -33.78
CA TYR O 80 12.68 -31.96 -34.54
C TYR O 80 12.73 -30.89 -35.61
N LEU O 81 12.31 -31.24 -36.82
CA LEU O 81 12.05 -30.26 -37.85
C LEU O 81 10.64 -29.71 -37.64
N LYS O 82 10.56 -28.44 -37.23
CA LYS O 82 9.31 -27.72 -37.08
C LYS O 82 8.92 -27.14 -38.43
N ILE O 83 7.86 -27.66 -39.03
CA ILE O 83 7.36 -27.22 -40.33
C ILE O 83 6.05 -26.49 -40.13
N VAL O 84 5.89 -25.34 -40.80
CA VAL O 84 4.63 -24.59 -40.82
C VAL O 84 4.13 -24.57 -42.26
N LEU O 85 2.96 -25.16 -42.49
CA LEU O 85 2.27 -25.19 -43.77
C LEU O 85 1.05 -24.28 -43.72
N PRO O 86 0.82 -23.44 -44.74
CA PRO O 86 -0.37 -22.61 -44.77
C PRO O 86 -1.63 -23.46 -44.97
N GLY O 87 -2.76 -22.92 -44.51
CA GLY O 87 -4.05 -23.43 -44.94
C GLY O 87 -4.23 -23.28 -46.45
N LEU O 88 -5.00 -24.18 -47.04
CA LEU O 88 -5.34 -24.22 -48.45
C LEU O 88 -6.80 -23.81 -48.67
N LYS O 89 -7.02 -23.07 -49.74
CA LYS O 89 -8.34 -22.83 -50.34
C LYS O 89 -8.24 -23.09 -51.84
N VAL O 90 -9.38 -23.24 -52.50
CA VAL O 90 -9.45 -23.44 -53.94
C VAL O 90 -10.39 -22.43 -54.58
N GLN O 91 -10.10 -22.08 -55.82
CA GLN O 91 -10.93 -21.24 -56.67
C GLN O 91 -10.94 -21.80 -58.09
N ASN O 92 -12.05 -21.64 -58.83
CA ASN O 92 -12.07 -22.01 -60.23
C ASN O 92 -11.05 -21.19 -61.02
N GLN O 93 -10.36 -21.86 -61.95
CA GLN O 93 -9.38 -21.21 -62.82
C GLN O 93 -9.98 -20.03 -63.60
N ALA O 94 -11.25 -20.13 -64.01
CA ALA O 94 -11.98 -19.08 -64.71
C ALA O 94 -12.18 -17.79 -63.89
N ASP O 95 -12.19 -17.91 -62.55
CA ASP O 95 -12.41 -16.77 -61.64
C ASP O 95 -11.10 -16.13 -61.17
N THR O 96 -9.95 -16.66 -61.62
CA THR O 96 -8.63 -16.27 -61.11
C THR O 96 -7.91 -15.32 -62.06
N VAL O 97 -7.43 -14.18 -61.56
CA VAL O 97 -6.73 -13.13 -62.36
C VAL O 97 -5.37 -13.63 -62.93
N GLN O 98 -4.76 -14.63 -62.28
CA GLN O 98 -3.52 -15.28 -62.70
C GLN O 98 -3.64 -16.80 -62.48
N PRO O 99 -4.24 -17.52 -63.44
CA PRO O 99 -4.54 -18.94 -63.28
C PRO O 99 -3.32 -19.86 -63.40
N THR O 100 -2.18 -19.34 -63.87
CA THR O 100 -0.97 -20.12 -64.13
C THR O 100 -0.31 -20.54 -62.83
N GLN O 101 -0.42 -21.83 -62.51
CA GLN O 101 0.20 -22.48 -61.36
C GLN O 101 0.77 -23.83 -61.79
N GLN O 102 1.68 -24.41 -61.00
CA GLN O 102 2.11 -25.79 -61.16
C GLN O 102 0.89 -26.74 -61.14
N SER O 103 0.98 -27.85 -61.89
CA SER O 103 -0.06 -28.88 -61.86
C SER O 103 0.01 -29.69 -60.57
N PHE O 104 -1.15 -30.03 -60.02
CA PHE O 104 -1.30 -30.89 -58.84
C PHE O 104 -2.12 -32.12 -59.21
N ALA O 105 -1.87 -33.23 -58.52
CA ALA O 105 -2.71 -34.42 -58.65
C ALA O 105 -4.18 -34.07 -58.32
N SER O 106 -5.12 -34.64 -59.07
CA SER O 106 -6.55 -34.37 -58.90
C SER O 106 -7.39 -35.64 -58.91
N LEU O 107 -8.43 -35.66 -58.09
CA LEU O 107 -9.27 -36.85 -57.89
C LEU O 107 -10.22 -37.14 -59.07
N ASP O 108 -10.54 -36.13 -59.87
CA ASP O 108 -11.23 -36.30 -61.16
C ASP O 108 -10.35 -36.95 -62.24
N ASN O 109 -9.04 -37.03 -62.01
CA ASN O 109 -8.08 -37.72 -62.86
C ASN O 109 -7.26 -38.72 -62.05
N ASP O 110 -7.93 -39.69 -61.43
CA ASP O 110 -7.30 -40.73 -60.61
C ASP O 110 -6.45 -41.68 -61.48
N VAL O 111 -5.17 -41.36 -61.59
CA VAL O 111 -4.19 -42.11 -62.38
C VAL O 111 -3.98 -43.53 -61.82
N ALA O 112 -4.09 -43.70 -60.50
CA ALA O 112 -3.95 -45.02 -59.87
C ALA O 112 -5.13 -45.94 -60.22
N ALA O 113 -6.36 -45.42 -60.14
CA ALA O 113 -7.55 -46.16 -60.57
C ALA O 113 -7.51 -46.47 -62.08
N GLN O 114 -7.09 -45.52 -62.91
CA GLN O 114 -6.93 -45.74 -64.36
C GLN O 114 -5.89 -46.82 -64.66
N ALA O 115 -4.76 -46.82 -63.95
CA ALA O 115 -3.74 -47.86 -64.07
C ALA O 115 -4.31 -49.24 -63.68
N ASP O 116 -5.03 -49.34 -62.57
CA ASP O 116 -5.71 -50.59 -62.17
C ASP O 116 -6.71 -51.08 -63.21
N VAL O 117 -7.51 -50.18 -63.79
CA VAL O 117 -8.45 -50.51 -64.86
C VAL O 117 -7.71 -51.03 -66.09
N SER O 118 -6.54 -50.47 -66.43
CA SER O 118 -5.76 -50.88 -67.61
C SER O 118 -5.36 -52.36 -67.58
N HIS O 119 -5.08 -52.91 -66.38
CA HIS O 119 -4.71 -54.32 -66.21
C HIS O 119 -5.89 -55.28 -66.40
N VAL O 120 -7.13 -54.81 -66.18
CA VAL O 120 -8.34 -55.64 -66.33
C VAL O 120 -9.05 -55.45 -67.67
N LEU O 121 -8.65 -54.46 -68.48
CA LEU O 121 -9.22 -54.24 -69.83
C LEU O 121 -9.28 -55.52 -70.69
N PRO O 122 -8.25 -56.42 -70.70
CA PRO O 122 -8.32 -57.65 -71.49
C PRO O 122 -9.38 -58.65 -71.03
N TYR O 123 -9.94 -58.46 -69.83
CA TYR O 123 -10.94 -59.33 -69.20
C TYR O 123 -12.36 -58.73 -69.25
N ILE O 124 -12.53 -57.54 -69.84
CA ILE O 124 -13.85 -56.94 -70.03
C ILE O 124 -14.54 -57.62 -71.22
N GLU O 125 -15.66 -58.28 -70.95
CA GLU O 125 -16.53 -58.87 -71.96
C GLU O 125 -17.65 -57.86 -72.33
N GLY O 126 -17.91 -57.68 -73.63
CA GLY O 126 -19.00 -56.82 -74.13
C GLY O 126 -18.58 -55.39 -74.54
N ALA O 127 -19.58 -54.56 -74.87
CA ALA O 127 -19.40 -53.23 -75.47
C ALA O 127 -19.01 -52.15 -74.44
N TYR O 128 -17.80 -52.23 -73.89
CA TYR O 128 -17.31 -51.29 -72.86
C TYR O 128 -17.34 -49.83 -73.31
N THR O 129 -16.89 -49.54 -74.54
CA THR O 129 -16.72 -48.17 -75.04
C THR O 129 -18.04 -47.38 -75.11
N GLU O 130 -19.14 -48.05 -75.46
CA GLU O 130 -20.47 -47.48 -75.66
C GLU O 130 -21.37 -47.55 -74.41
N ALA O 131 -20.93 -48.25 -73.37
CA ALA O 131 -21.70 -48.46 -72.15
C ALA O 131 -21.91 -47.18 -71.34
N SER O 132 -23.06 -47.10 -70.65
CA SER O 132 -23.33 -46.06 -69.64
C SER O 132 -22.31 -46.13 -68.49
N LEU O 133 -22.11 -45.05 -67.73
CA LEU O 133 -21.14 -45.02 -66.62
C LEU O 133 -21.38 -46.15 -65.60
N ASN O 134 -22.63 -46.32 -65.15
CA ASN O 134 -22.99 -47.38 -64.21
C ASN O 134 -22.73 -48.78 -64.79
N THR O 135 -22.96 -48.96 -66.08
CA THR O 135 -22.67 -50.22 -66.78
C THR O 135 -21.16 -50.44 -66.88
N LYS O 136 -20.35 -49.40 -67.13
CA LYS O 136 -18.88 -49.49 -67.14
C LYS O 136 -18.34 -49.92 -65.78
N GLU O 137 -18.86 -49.38 -64.69
CA GLU O 137 -18.46 -49.77 -63.34
C GLU O 137 -18.77 -51.25 -63.04
N GLN O 138 -19.93 -51.73 -63.47
CA GLN O 138 -20.29 -53.16 -63.39
C GLN O 138 -19.34 -54.04 -64.20
N LEU O 139 -19.09 -53.69 -65.46
CA LEU O 139 -18.17 -54.44 -66.34
C LEU O 139 -16.75 -54.47 -65.79
N ILE O 140 -16.26 -53.37 -65.19
CA ILE O 140 -14.94 -53.32 -64.55
C ILE O 140 -14.89 -54.24 -63.33
N ALA O 141 -15.94 -54.27 -62.49
CA ALA O 141 -16.00 -55.14 -61.31
C ALA O 141 -16.05 -56.63 -61.70
N GLU O 142 -16.80 -56.98 -62.74
CA GLU O 142 -16.83 -58.34 -63.29
C GLU O 142 -15.48 -58.72 -63.91
N ALA O 143 -14.85 -57.83 -64.67
CA ALA O 143 -13.52 -58.05 -65.24
C ALA O 143 -12.45 -58.20 -64.16
N LYS O 144 -12.56 -57.47 -63.03
CA LYS O 144 -11.70 -57.68 -61.86
C LYS O 144 -11.82 -59.10 -61.31
N ASN O 145 -13.04 -59.64 -61.18
CA ASN O 145 -13.23 -61.03 -60.77
C ASN O 145 -12.57 -62.02 -61.76
N SER O 146 -12.75 -61.82 -63.06
CA SER O 146 -12.15 -62.66 -64.10
C SER O 146 -10.62 -62.59 -64.11
N TYR O 147 -10.06 -61.39 -63.98
CA TYR O 147 -8.62 -61.17 -63.82
C TYR O 147 -8.08 -61.88 -62.58
N GLU O 148 -8.71 -61.70 -61.43
CA GLU O 148 -8.24 -62.29 -60.18
C GLU O 148 -8.40 -63.82 -60.14
N ALA O 149 -9.45 -64.36 -60.75
CA ALA O 149 -9.61 -65.79 -60.95
C ALA O 149 -8.50 -66.34 -61.85
N ALA O 150 -8.19 -65.67 -62.96
CA ALA O 150 -7.16 -66.12 -63.90
C ALA O 150 -5.74 -66.03 -63.33
N LYS O 151 -5.43 -64.96 -62.57
CA LYS O 151 -4.07 -64.70 -62.06
C LYS O 151 -3.80 -65.33 -60.71
N TYR O 152 -4.81 -65.39 -59.85
CA TYR O 152 -4.64 -65.77 -58.43
C TYR O 152 -5.52 -66.94 -58.00
N ASN O 153 -6.29 -67.55 -58.91
CA ASN O 153 -7.31 -68.54 -58.56
C ASN O 153 -8.26 -68.05 -57.45
N ALA O 154 -8.52 -66.74 -57.42
CA ALA O 154 -9.38 -66.14 -56.42
C ALA O 154 -10.85 -66.49 -56.69
N ALA O 155 -11.60 -66.76 -55.63
CA ALA O 155 -13.05 -66.84 -55.73
C ALA O 155 -13.64 -65.45 -56.01
N PRO O 156 -14.66 -65.32 -56.86
CA PRO O 156 -15.23 -64.02 -57.20
C PRO O 156 -15.90 -63.38 -55.97
N LEU O 157 -15.66 -62.09 -55.77
CA LEU O 157 -16.40 -61.30 -54.79
C LEU O 157 -17.72 -60.81 -55.40
N PRO O 158 -18.82 -60.73 -54.63
CA PRO O 158 -20.05 -60.09 -55.08
C PRO O 158 -19.75 -58.68 -55.60
N VAL O 159 -20.26 -58.32 -56.79
CA VAL O 159 -20.00 -57.02 -57.43
C VAL O 159 -20.31 -55.84 -56.50
N ALA O 160 -21.40 -55.94 -55.75
CA ALA O 160 -21.78 -54.92 -54.76
C ALA O 160 -20.73 -54.69 -53.65
N ALA O 161 -19.93 -55.70 -53.30
CA ALA O 161 -18.86 -55.57 -52.30
C ALA O 161 -17.60 -54.89 -52.85
N GLN O 162 -17.42 -54.90 -54.17
CA GLN O 162 -16.31 -54.22 -54.85
C GLN O 162 -16.61 -52.75 -55.15
N MET O 163 -17.88 -52.40 -55.29
CA MET O 163 -18.37 -51.05 -55.47
C MET O 163 -18.36 -50.28 -54.14
N GLN O 164 -17.17 -50.06 -53.58
CA GLN O 164 -17.02 -49.16 -52.44
C GLN O 164 -17.04 -47.71 -52.95
N SER O 165 -18.15 -47.00 -52.76
CA SER O 165 -18.13 -45.54 -52.90
C SER O 165 -17.41 -44.97 -51.68
N THR O 166 -16.22 -44.40 -51.91
CA THR O 166 -15.70 -43.46 -50.90
C THR O 166 -16.62 -42.25 -50.98
N GLU O 167 -17.39 -41.96 -49.92
CA GLU O 167 -18.22 -40.76 -49.86
C GLU O 167 -17.30 -39.54 -49.87
N MET O 168 -17.01 -39.07 -51.08
CA MET O 168 -16.27 -37.84 -51.28
C MET O 168 -17.24 -36.66 -51.15
N PRO O 169 -16.83 -35.56 -50.49
CA PRO O 169 -17.72 -34.43 -50.33
C PRO O 169 -18.06 -33.77 -51.67
N ASP O 170 -19.29 -33.30 -51.83
CA ASP O 170 -19.81 -32.62 -53.04
C ASP O 170 -19.40 -31.12 -53.11
N PHE O 171 -18.20 -30.79 -52.65
CA PHE O 171 -17.66 -29.42 -52.70
C PHE O 171 -16.19 -29.44 -53.12
N ASP O 172 -15.68 -28.27 -53.51
CA ASP O 172 -14.28 -28.13 -53.92
C ASP O 172 -13.31 -28.02 -52.76
N TYR O 173 -12.20 -28.74 -52.86
CA TYR O 173 -11.15 -28.71 -51.85
C TYR O 173 -9.77 -29.04 -52.45
N ALA O 174 -8.75 -28.71 -51.67
CA ALA O 174 -7.40 -29.22 -51.82
C ALA O 174 -6.85 -29.57 -50.44
N TYR O 175 -5.94 -30.54 -50.37
CA TYR O 175 -5.31 -30.96 -49.14
C TYR O 175 -3.85 -31.34 -49.33
N TRP O 176 -3.08 -31.19 -48.26
CA TRP O 176 -1.72 -31.72 -48.18
C TRP O 176 -1.74 -33.24 -48.15
N THR O 177 -0.84 -33.89 -48.89
CA THR O 177 -0.77 -35.35 -48.99
C THR O 177 -0.57 -36.03 -47.62
N GLU O 178 -0.94 -37.30 -47.53
CA GLU O 178 -0.82 -38.10 -46.32
C GLU O 178 0.63 -38.13 -45.79
N ALA O 179 0.79 -37.93 -44.48
CA ALA O 179 2.10 -37.87 -43.83
C ALA O 179 3.03 -36.82 -44.45
N ILE O 180 2.47 -35.67 -44.85
CA ILE O 180 3.18 -34.54 -45.48
C ILE O 180 4.47 -34.16 -44.75
N GLY O 181 4.52 -34.26 -43.42
CA GLY O 181 5.72 -33.97 -42.63
C GLY O 181 6.92 -34.82 -43.02
N PHE O 182 6.72 -36.11 -43.33
CA PHE O 182 7.77 -36.96 -43.88
C PHE O 182 8.00 -36.69 -45.36
N HIS O 183 6.93 -36.55 -46.16
CA HIS O 183 7.06 -36.37 -47.61
C HIS O 183 7.88 -35.12 -47.98
N LEU O 184 7.72 -34.04 -47.21
CA LEU O 184 8.48 -32.80 -47.38
C LEU O 184 9.99 -33.01 -47.30
N ILE O 185 10.45 -33.97 -46.50
CA ILE O 185 11.87 -34.24 -46.26
C ILE O 185 12.32 -35.30 -47.27
N LYS O 186 12.57 -34.93 -48.53
CA LYS O 186 13.07 -35.90 -49.51
C LYS O 186 14.37 -36.53 -49.05
N ARG O 187 15.25 -35.73 -48.47
CA ARG O 187 16.51 -36.17 -47.87
C ARG O 187 16.95 -35.18 -46.80
N ALA O 188 17.46 -35.68 -45.69
CA ALA O 188 18.17 -34.86 -44.72
C ALA O 188 19.54 -35.47 -44.41
N GLU O 189 20.55 -34.61 -44.27
CA GLU O 189 21.93 -35.00 -43.98
C GLU O 189 22.40 -34.32 -42.69
N PHE O 190 22.87 -35.13 -41.74
CA PHE O 190 23.54 -34.63 -40.54
C PHE O 190 25.04 -34.55 -40.82
N LYS O 191 25.59 -33.33 -40.83
CA LYS O 191 27.00 -33.08 -41.14
C LYS O 191 27.76 -32.53 -39.95
N VAL O 192 29.00 -32.96 -39.80
CA VAL O 192 29.92 -32.49 -38.76
C VAL O 192 31.27 -32.20 -39.42
N GLY O 193 31.75 -30.96 -39.31
CA GLY O 193 33.03 -30.56 -39.91
C GLY O 193 33.06 -30.68 -41.44
N GLY O 194 31.90 -30.59 -42.10
CA GLY O 194 31.75 -30.77 -43.54
C GLY O 194 31.57 -32.22 -44.01
N ALA O 195 31.83 -33.21 -43.16
CA ALA O 195 31.57 -34.62 -43.47
C ALA O 195 30.13 -35.00 -43.14
N THR O 196 29.46 -35.74 -44.04
CA THR O 196 28.15 -36.34 -43.77
C THR O 196 28.32 -37.53 -42.83
N ILE O 197 27.73 -37.42 -41.65
CA ILE O 197 27.75 -38.48 -40.63
C ILE O 197 26.61 -39.47 -40.88
N ASP O 198 25.43 -38.98 -41.26
CA ASP O 198 24.30 -39.85 -41.59
C ASP O 198 23.35 -39.14 -42.57
N THR O 199 22.56 -39.92 -43.29
CA THR O 199 21.55 -39.45 -44.24
C THR O 199 20.25 -40.19 -44.02
N ILE O 200 19.13 -39.48 -43.99
CA ILE O 200 17.79 -40.06 -43.91
C ILE O 200 16.94 -39.61 -45.09
N TRP O 201 16.00 -40.45 -45.50
CA TRP O 201 15.10 -40.20 -46.63
C TRP O 201 13.64 -40.23 -46.17
N SER O 202 12.75 -39.53 -46.86
CA SER O 202 11.29 -39.53 -46.59
C SER O 202 10.75 -40.95 -46.46
N GLU O 203 11.06 -41.80 -47.44
CA GLU O 203 10.60 -43.18 -47.50
C GLU O 203 11.14 -44.01 -46.31
N LEU O 204 12.39 -43.79 -45.90
CA LEU O 204 12.97 -44.43 -44.72
C LEU O 204 12.28 -43.96 -43.42
N LEU O 205 12.04 -42.65 -43.26
CA LEU O 205 11.35 -42.11 -42.09
C LEU O 205 9.98 -42.77 -41.89
N PHE O 206 9.22 -42.90 -42.98
CA PHE O 206 7.94 -43.57 -42.94
C PHE O 206 8.07 -45.06 -42.58
N ALA O 207 9.03 -45.77 -43.17
CA ALA O 207 9.25 -47.18 -42.86
C ALA O 207 9.66 -47.42 -41.40
N MET O 208 10.53 -46.56 -40.88
CA MET O 208 10.96 -46.58 -39.49
C MET O 208 9.80 -46.34 -38.53
N GLU O 209 8.90 -45.39 -38.83
CA GLU O 209 7.69 -45.16 -38.01
C GLU O 209 6.72 -46.34 -38.08
N GLU O 210 6.58 -47.00 -39.24
CA GLU O 210 5.73 -48.18 -39.37
C GLU O 210 6.20 -49.35 -38.52
N LEU O 211 7.51 -49.62 -38.51
CA LEU O 211 8.10 -50.76 -37.80
C LEU O 211 8.41 -50.45 -36.32
N MET O 212 8.97 -49.28 -36.03
CA MET O 212 9.47 -48.93 -34.69
C MET O 212 8.52 -48.00 -33.92
N GLY O 213 7.48 -47.47 -34.57
CA GLY O 213 6.49 -46.61 -33.94
C GLY O 213 5.68 -47.37 -32.88
N ARG O 214 5.83 -46.97 -31.62
CA ARG O 214 5.18 -47.64 -30.48
C ARG O 214 3.69 -47.32 -30.42
N ALA O 215 2.88 -48.30 -30.02
CA ALA O 215 1.46 -48.10 -29.75
C ALA O 215 1.25 -46.95 -28.75
N GLY O 216 0.30 -46.04 -29.05
CA GLY O 216 0.03 -44.84 -28.25
C GLY O 216 1.05 -43.71 -28.41
N ARG O 217 2.12 -43.89 -29.19
CA ARG O 217 3.13 -42.85 -29.50
C ARG O 217 3.41 -42.76 -31.00
N ARG O 218 2.43 -43.12 -31.83
CA ARG O 218 2.54 -42.96 -33.29
C ARG O 218 2.57 -41.49 -33.63
N LEU O 219 3.31 -41.13 -34.68
CA LEU O 219 3.59 -39.76 -35.05
C LEU O 219 2.43 -39.04 -35.77
N THR O 220 1.23 -39.61 -35.79
CA THR O 220 0.09 -39.21 -36.65
C THR O 220 -0.06 -37.70 -36.81
N GLU O 221 -0.46 -36.98 -35.76
CA GLU O 221 -0.65 -35.53 -35.81
C GLU O 221 0.66 -34.78 -36.07
N THR O 222 1.78 -35.23 -35.49
CA THR O 222 3.08 -34.57 -35.59
C THR O 222 3.65 -34.54 -37.01
N ILE O 223 3.19 -35.41 -37.91
CA ILE O 223 3.63 -35.49 -39.31
C ILE O 223 2.49 -35.30 -40.32
N GLY O 224 1.27 -34.99 -39.87
CA GLY O 224 0.10 -34.85 -40.77
C GLY O 224 -0.36 -36.17 -41.39
N ARG O 225 -0.36 -37.27 -40.61
CA ARG O 225 -0.80 -38.60 -41.04
C ARG O 225 -2.16 -38.97 -40.44
N THR O 226 -3.09 -39.38 -41.30
CA THR O 226 -4.51 -39.69 -40.96
C THR O 226 -4.88 -41.17 -41.10
N LEU O 227 -3.92 -42.01 -41.49
CA LEU O 227 -4.11 -43.40 -41.87
C LEU O 227 -5.05 -43.53 -43.08
N ARG O 228 -4.80 -42.72 -44.12
CA ARG O 228 -5.54 -42.71 -45.39
C ARG O 228 -7.03 -42.42 -45.22
N ARG O 229 -7.37 -41.39 -44.42
CA ARG O 229 -8.73 -40.85 -44.32
C ARG O 229 -8.77 -39.47 -44.98
N PRO O 230 -9.12 -39.38 -46.28
CA PRO O 230 -9.02 -38.13 -47.04
C PRO O 230 -9.79 -36.96 -46.41
N THR O 231 -10.94 -37.24 -45.81
CA THR O 231 -11.77 -36.21 -45.14
C THR O 231 -11.06 -35.55 -43.96
N GLU O 232 -10.19 -36.26 -43.25
CA GLU O 232 -9.38 -35.69 -42.15
C GLU O 232 -8.23 -34.84 -42.69
N LEU O 233 -7.59 -35.27 -43.79
CA LEU O 233 -6.58 -34.45 -44.49
C LEU O 233 -7.17 -33.14 -45.00
N MET O 234 -8.37 -33.18 -45.57
CA MET O 234 -9.11 -31.99 -46.01
C MET O 234 -9.38 -31.04 -44.85
N LYS O 235 -9.91 -31.54 -43.72
CA LYS O 235 -10.20 -30.72 -42.53
C LYS O 235 -8.92 -30.04 -42.02
N ALA O 236 -7.85 -30.81 -41.86
CA ALA O 236 -6.56 -30.29 -41.39
C ALA O 236 -5.98 -29.24 -42.35
N SER O 237 -6.14 -29.43 -43.66
CA SER O 237 -5.56 -28.56 -44.69
C SER O 237 -6.27 -27.23 -44.89
N ARG O 238 -7.42 -26.99 -44.25
CA ARG O 238 -8.15 -25.71 -44.36
C ARG O 238 -7.54 -24.57 -43.55
N GLN O 239 -6.64 -24.89 -42.64
CA GLN O 239 -5.99 -23.94 -41.73
C GLN O 239 -4.48 -24.19 -41.69
N GLU O 240 -3.75 -23.26 -41.09
CA GLU O 240 -2.31 -23.43 -40.88
C GLU O 240 -2.04 -24.69 -40.04
N GLN O 241 -1.04 -25.47 -40.46
CA GLN O 241 -0.59 -26.67 -39.75
C GLN O 241 0.84 -26.47 -39.26
N ILE O 242 1.07 -26.81 -38.00
CA ILE O 242 2.41 -26.85 -37.41
C ILE O 242 2.75 -28.31 -37.12
N LEU O 243 3.77 -28.81 -37.80
CA LEU O 243 4.24 -30.19 -37.72
C LEU O 243 5.59 -30.23 -37.01
N TYR O 244 5.81 -31.25 -36.18
CA TYR O 244 7.08 -31.49 -35.48
C TYR O 244 7.61 -32.86 -35.89
N VAL O 245 8.41 -32.88 -36.93
CA VAL O 245 8.91 -34.14 -37.52
C VAL O 245 10.18 -34.56 -36.78
N PRO O 246 10.20 -35.68 -36.03
CA PRO O 246 11.40 -36.13 -35.35
C PRO O 246 12.44 -36.59 -36.38
N LEU O 247 13.70 -36.17 -36.19
CA LEU O 247 14.82 -36.65 -37.00
C LEU O 247 15.56 -37.76 -36.22
N PRO O 248 15.42 -39.04 -36.60
CA PRO O 248 15.83 -40.17 -35.77
C PRO O 248 17.33 -40.49 -35.83
N TRP O 249 18.19 -39.48 -35.69
CA TRP O 249 19.64 -39.66 -35.65
C TRP O 249 20.07 -40.56 -34.49
N TYR O 250 21.27 -41.15 -34.57
CA TYR O 250 21.78 -42.05 -33.53
C TYR O 250 21.72 -41.43 -32.12
N PHE O 251 22.05 -40.14 -32.01
CA PHE O 251 22.11 -39.40 -30.75
C PHE O 251 20.74 -39.06 -30.15
N THR O 252 19.64 -39.20 -30.92
CA THR O 252 18.28 -38.98 -30.40
C THR O 252 17.67 -40.24 -29.79
N LYS O 253 18.36 -41.39 -29.88
CA LYS O 253 17.79 -42.71 -29.52
C LYS O 253 18.01 -43.07 -28.05
N HIS O 254 19.06 -42.56 -27.42
CA HIS O 254 19.37 -42.85 -26.03
C HIS O 254 20.19 -41.70 -25.42
N PRO O 255 19.95 -41.30 -24.15
CA PRO O 255 20.67 -40.20 -23.51
C PRO O 255 22.20 -40.36 -23.52
N SER O 256 22.72 -41.59 -23.39
CA SER O 256 24.16 -41.85 -23.43
C SER O 256 24.81 -41.66 -24.81
N LEU O 257 24.00 -41.49 -25.86
CA LEU O 257 24.45 -41.25 -27.23
C LEU O 257 24.29 -39.78 -27.63
N ALA O 258 23.77 -38.92 -26.74
CA ALA O 258 23.63 -37.49 -27.02
C ALA O 258 24.95 -36.93 -27.57
N PHE O 259 24.83 -36.11 -28.62
CA PHE O 259 26.00 -35.67 -29.38
C PHE O 259 26.79 -34.65 -28.53
N PRO O 260 28.07 -34.92 -28.21
CA PRO O 260 28.83 -34.08 -27.29
C PRO O 260 29.37 -32.82 -27.99
N LEU O 261 28.58 -31.74 -27.94
CA LEU O 261 28.92 -30.46 -28.55
C LEU O 261 30.29 -29.96 -28.05
N VAL O 262 30.53 -30.02 -26.73
CA VAL O 262 31.80 -29.59 -26.12
C VAL O 262 33.02 -30.37 -26.61
N ALA O 263 32.84 -31.64 -26.98
CA ALA O 263 33.93 -32.47 -27.49
C ALA O 263 34.22 -32.24 -28.98
N ALA O 264 33.31 -31.59 -29.70
CA ALA O 264 33.42 -31.30 -31.13
C ALA O 264 33.59 -29.78 -31.40
N THR O 265 34.17 -29.01 -30.47
CA THR O 265 34.22 -27.54 -30.50
C THR O 265 34.70 -26.91 -31.80
N TYR O 266 35.62 -27.55 -32.53
CA TYR O 266 36.20 -27.00 -33.77
C TYR O 266 35.47 -27.43 -35.06
N HIS O 267 34.36 -28.17 -34.95
CA HIS O 267 33.54 -28.56 -36.09
C HIS O 267 32.17 -27.89 -36.06
N ASN O 268 31.76 -27.31 -37.19
CA ASN O 268 30.38 -26.89 -37.38
C ASN O 268 29.49 -28.13 -37.50
N ILE O 269 28.33 -28.07 -36.86
CA ILE O 269 27.29 -29.08 -36.95
C ILE O 269 26.19 -28.51 -37.81
N GLN O 270 25.83 -29.22 -38.87
CA GLN O 270 24.86 -28.74 -39.84
C GLN O 270 23.82 -29.80 -40.13
N LEU O 271 22.59 -29.34 -40.29
CA LEU O 271 21.52 -30.14 -40.89
C LEU O 271 21.24 -29.56 -42.28
N TRP O 272 21.33 -30.41 -43.29
CA TRP O 272 20.95 -30.09 -44.67
C TRP O 272 19.65 -30.83 -44.98
N VAL O 273 18.70 -30.15 -45.62
CA VAL O 273 17.39 -30.71 -45.98
C VAL O 273 17.08 -30.39 -47.43
N GLN O 274 16.86 -31.43 -48.23
CA GLN O 274 16.31 -31.33 -49.56
C GLN O 274 14.78 -31.46 -49.48
N TRP O 275 14.08 -30.41 -49.89
CA TRP O 275 12.63 -30.30 -49.78
C TRP O 275 11.92 -30.90 -51.00
N ALA O 276 10.73 -31.48 -50.76
CA ALA O 276 9.86 -31.94 -51.85
C ALA O 276 9.35 -30.78 -52.70
N GLN O 277 9.11 -31.05 -53.98
CA GLN O 277 8.48 -30.10 -54.90
C GLN O 277 7.01 -29.89 -54.51
N LEU O 278 6.53 -28.64 -54.62
CA LEU O 278 5.18 -28.25 -54.22
C LEU O 278 4.10 -29.04 -54.96
N ASN O 279 4.26 -29.25 -56.26
CA ASN O 279 3.37 -30.07 -57.10
C ASN O 279 3.09 -31.49 -56.54
N SER O 280 4.04 -32.07 -55.80
CA SER O 280 3.90 -33.40 -55.20
C SER O 280 3.23 -33.37 -53.82
N CYS O 281 3.08 -32.20 -53.21
CA CYS O 281 2.61 -32.09 -51.83
C CYS O 281 1.09 -31.92 -51.71
N ILE O 282 0.39 -31.61 -52.80
CA ILE O 282 -1.03 -31.22 -52.78
C ILE O 282 -1.84 -32.12 -53.71
N ILE O 283 -3.03 -32.50 -53.25
CA ILE O 283 -4.06 -33.17 -54.05
C ILE O 283 -5.32 -32.29 -54.02
N LYS O 284 -6.01 -32.16 -55.16
CA LYS O 284 -7.24 -31.36 -55.31
C LYS O 284 -8.43 -32.19 -55.78
N SER O 285 -9.65 -31.74 -55.48
CA SER O 285 -10.86 -32.43 -55.92
C SER O 285 -10.99 -32.48 -57.45
N ARG O 286 -10.65 -31.39 -58.14
CA ARG O 286 -10.79 -31.24 -59.60
C ARG O 286 -9.59 -30.59 -60.28
N SER O 287 -9.30 -31.03 -61.50
CA SER O 287 -8.17 -30.62 -62.33
C SER O 287 -8.15 -29.12 -62.68
N ASN O 288 -9.32 -28.49 -62.79
CA ASN O 288 -9.50 -27.08 -63.17
C ASN O 288 -9.48 -26.08 -61.99
N LEU O 289 -9.11 -26.53 -60.79
CA LEU O 289 -8.99 -25.65 -59.61
C LEU O 289 -7.59 -25.07 -59.47
N VAL O 290 -7.52 -23.81 -59.05
CA VAL O 290 -6.30 -23.13 -58.58
C VAL O 290 -6.24 -23.24 -57.06
N VAL O 291 -5.07 -23.59 -56.53
CA VAL O 291 -4.87 -23.74 -55.08
C VAL O 291 -4.28 -22.45 -54.52
N LEU O 292 -4.95 -21.87 -53.52
CA LEU O 292 -4.63 -20.61 -52.90
C LEU O 292 -4.13 -20.80 -51.46
N HIS O 293 -3.24 -19.93 -51.02
CA HIS O 293 -2.93 -19.74 -49.61
C HIS O 293 -4.16 -19.16 -48.89
N ALA O 294 -4.70 -19.87 -47.91
CA ALA O 294 -6.01 -19.57 -47.30
C ALA O 294 -6.10 -18.19 -46.64
N GLU O 295 -5.01 -17.74 -46.00
CA GLU O 295 -4.94 -16.42 -45.35
C GLU O 295 -4.61 -15.29 -46.33
N ARG O 296 -3.61 -15.47 -47.19
CA ARG O 296 -3.11 -14.43 -48.10
C ARG O 296 -3.94 -14.26 -49.37
N ASN O 297 -4.80 -15.22 -49.71
CA ASN O 297 -5.63 -15.25 -50.93
C ASN O 297 -4.81 -15.04 -52.23
N VAL O 298 -3.62 -15.64 -52.28
CA VAL O 298 -2.76 -15.68 -53.47
C VAL O 298 -2.51 -17.13 -53.86
N PRO O 299 -2.25 -17.44 -55.15
CA PRO O 299 -1.85 -18.78 -55.56
C PRO O 299 -0.70 -19.32 -54.70
N ILE O 300 -0.79 -20.59 -54.29
CA ILE O 300 0.28 -21.19 -53.50
C ILE O 300 1.56 -21.34 -54.35
N SER O 301 2.69 -20.98 -53.77
CA SER O 301 4.01 -20.91 -54.41
C SER O 301 5.10 -21.52 -53.53
N ASP O 302 6.27 -21.74 -54.13
CA ASP O 302 7.36 -22.49 -53.50
C ASP O 302 7.92 -21.79 -52.22
N ASP O 303 7.76 -20.47 -52.10
CA ASP O 303 8.21 -19.66 -50.95
C ASP O 303 7.25 -19.68 -49.75
N HIS O 304 6.12 -20.38 -49.85
CA HIS O 304 5.18 -20.54 -48.75
C HIS O 304 5.55 -21.66 -47.76
N LEU O 305 6.57 -22.47 -48.04
CA LEU O 305 7.11 -23.41 -47.07
C LEU O 305 7.89 -22.65 -45.99
N ARG O 306 7.56 -22.89 -44.72
CA ARG O 306 8.34 -22.38 -43.59
C ARG O 306 8.81 -23.54 -42.74
N ALA O 307 10.07 -23.52 -42.35
CA ALA O 307 10.61 -24.50 -41.41
C ALA O 307 11.66 -23.89 -40.50
N SER O 308 11.80 -24.48 -39.32
CA SER O 308 12.83 -24.20 -38.33
C SER O 308 13.24 -25.50 -37.64
N LEU O 309 14.38 -25.49 -36.96
CA LEU O 309 14.90 -26.65 -36.26
C LEU O 309 14.74 -26.47 -34.76
N GLU O 310 14.01 -27.38 -34.11
CA GLU O 310 13.89 -27.42 -32.66
C GLU O 310 14.83 -28.47 -32.08
N CYS O 311 15.82 -28.00 -31.32
CA CYS O 311 16.86 -28.83 -30.72
C CYS O 311 16.72 -28.84 -29.20
N THR O 312 16.84 -30.01 -28.58
CA THR O 312 16.97 -30.13 -27.13
C THR O 312 18.45 -30.20 -26.75
N TYR O 313 18.90 -29.19 -26.04
CA TYR O 313 20.24 -29.11 -25.46
C TYR O 313 20.26 -29.68 -24.05
N VAL O 314 21.39 -30.27 -23.66
CA VAL O 314 21.66 -30.70 -22.30
C VAL O 314 22.75 -29.81 -21.72
N HIS O 315 22.47 -29.23 -20.56
CA HIS O 315 23.43 -28.48 -19.74
C HIS O 315 23.94 -29.40 -18.65
N LEU O 316 25.26 -29.55 -18.56
CA LEU O 316 25.92 -30.43 -17.60
C LEU O 316 26.52 -29.61 -16.44
N GLU O 317 26.66 -30.25 -15.28
CA GLU O 317 27.52 -29.72 -14.22
C GLU O 317 28.97 -29.60 -14.72
N ALA O 318 29.69 -28.58 -14.24
CA ALA O 318 31.06 -28.28 -14.67
C ALA O 318 31.99 -29.50 -14.63
N ALA O 319 31.93 -30.31 -13.56
CA ALA O 319 32.77 -31.50 -13.44
C ALA O 319 32.52 -32.54 -14.55
N GLU O 320 31.27 -32.77 -14.93
CA GLU O 320 30.92 -33.71 -16.01
C GLU O 320 31.27 -33.14 -17.39
N ARG O 321 31.00 -31.84 -17.57
CA ARG O 321 31.39 -31.10 -18.78
C ARG O 321 32.90 -31.14 -19.04
N ASP O 322 33.69 -30.91 -18.00
CA ASP O 322 35.15 -30.94 -18.07
C ASP O 322 35.66 -32.36 -18.36
N ALA O 323 35.08 -33.37 -17.71
CA ALA O 323 35.40 -34.77 -17.98
C ALA O 323 35.09 -35.18 -19.43
N LEU O 324 33.93 -34.77 -19.96
CA LEU O 324 33.52 -35.04 -21.32
C LEU O 324 34.41 -34.31 -22.35
N THR O 325 34.82 -33.08 -22.05
CA THR O 325 35.74 -32.31 -22.91
C THR O 325 37.12 -32.96 -22.96
N ALA O 326 37.61 -33.45 -21.82
CA ALA O 326 38.90 -34.12 -21.74
C ALA O 326 38.89 -35.51 -22.41
N ASN O 327 37.79 -36.25 -22.31
CA ASN O 327 37.69 -37.61 -22.84
C ASN O 327 36.27 -38.02 -23.25
N ALA O 328 35.79 -37.51 -24.39
CA ALA O 328 34.54 -37.99 -24.99
C ALA O 328 34.67 -39.36 -25.66
N GLY O 329 35.89 -39.77 -26.02
CA GLY O 329 36.17 -41.09 -26.59
C GLY O 329 35.44 -41.37 -27.90
N THR O 330 34.72 -42.49 -27.94
CA THR O 330 34.02 -42.99 -29.13
C THR O 330 32.57 -43.33 -28.81
N GLN O 331 31.67 -43.04 -29.74
CA GLN O 331 30.28 -43.49 -29.71
C GLN O 331 30.04 -44.51 -30.81
N LEU O 332 29.35 -45.61 -30.46
CA LEU O 332 28.75 -46.49 -31.45
C LEU O 332 27.61 -45.73 -32.12
N ILE O 333 27.61 -45.70 -33.44
CA ILE O 333 26.56 -45.04 -34.21
C ILE O 333 25.92 -46.02 -35.19
N VAL O 334 24.66 -45.75 -35.52
CA VAL O 334 23.97 -46.40 -36.64
C VAL O 334 23.87 -45.39 -37.76
N GLN O 335 24.34 -45.77 -38.95
CA GLN O 335 24.21 -45.01 -40.19
C GLN O 335 23.22 -45.70 -41.12
N HIS O 336 22.60 -44.93 -42.00
CA HIS O 336 21.66 -45.43 -42.99
C HIS O 336 22.27 -45.41 -44.39
N GLN O 337 22.01 -46.47 -45.16
CA GLN O 337 22.42 -46.60 -46.55
C GLN O 337 21.20 -46.91 -47.41
N ALA O 338 21.22 -46.51 -48.68
CA ALA O 338 20.07 -46.65 -49.58
C ALA O 338 20.49 -47.23 -50.94
N HIS O 339 19.68 -48.17 -51.44
CA HIS O 339 19.70 -48.66 -52.81
C HIS O 339 18.34 -48.37 -53.41
N LEU O 340 18.30 -47.49 -54.41
CA LEU O 340 17.09 -47.04 -55.08
C LEU O 340 17.13 -47.52 -56.53
N GLN O 341 16.09 -48.22 -56.97
CA GLN O 341 16.07 -48.87 -58.27
C GLN O 341 14.71 -48.71 -58.95
N GLN O 342 14.70 -48.52 -60.26
CA GLN O 342 13.48 -48.58 -61.07
C GLN O 342 13.14 -50.04 -61.40
N VAL O 343 11.85 -50.34 -61.45
CA VAL O 343 11.27 -51.65 -61.66
C VAL O 343 10.40 -51.61 -62.91
N SER O 344 10.72 -52.50 -63.84
CA SER O 344 10.05 -52.65 -65.14
C SER O 344 9.72 -54.10 -65.49
N SER O 345 9.83 -55.02 -64.52
CA SER O 345 9.59 -56.45 -64.69
C SER O 345 9.18 -57.09 -63.36
N ASN O 346 8.46 -58.21 -63.45
CA ASN O 346 8.00 -58.94 -62.27
C ASN O 346 9.14 -59.64 -61.51
N ASN O 347 10.25 -59.93 -62.18
CA ASN O 347 11.46 -60.43 -61.53
C ASN O 347 12.47 -59.29 -61.42
N VAL O 348 12.91 -59.01 -60.19
CA VAL O 348 13.83 -57.92 -59.88
C VAL O 348 14.94 -58.45 -59.01
N THR O 349 16.19 -58.19 -59.40
CA THR O 349 17.35 -58.43 -58.54
C THR O 349 17.97 -57.10 -58.15
N ALA O 350 18.01 -56.81 -56.85
CA ALA O 350 18.70 -55.66 -56.29
C ALA O 350 20.08 -56.07 -55.78
N ARG O 351 21.14 -55.47 -56.33
CA ARG O 351 22.52 -55.66 -55.87
C ARG O 351 22.82 -54.63 -54.78
N LEU O 352 22.86 -55.11 -53.54
CA LEU O 352 22.99 -54.26 -52.35
C LEU O 352 24.46 -53.97 -52.06
N ASN O 353 24.98 -52.90 -52.66
CA ASN O 353 26.36 -52.43 -52.46
C ASN O 353 26.53 -51.65 -51.14
N PHE O 354 25.92 -52.12 -50.05
CA PHE O 354 26.08 -51.52 -48.73
C PHE O 354 27.40 -51.94 -48.11
N ASN O 355 27.88 -51.12 -47.19
CA ASN O 355 29.11 -51.35 -46.44
C ASN O 355 28.86 -51.50 -44.93
N PHE O 356 29.92 -51.86 -44.21
CA PHE O 356 29.98 -52.00 -42.77
C PHE O 356 29.12 -53.16 -42.21
N PRO O 357 29.18 -53.42 -40.89
CA PRO O 357 28.27 -54.36 -40.23
C PRO O 357 26.81 -53.88 -40.29
N VAL O 358 26.04 -54.44 -41.23
CA VAL O 358 24.60 -54.21 -41.39
C VAL O 358 23.83 -54.95 -40.31
N LEU O 359 23.01 -54.22 -39.56
CA LEU O 359 22.11 -54.75 -38.53
C LEU O 359 20.89 -55.41 -39.17
N GLU O 360 20.30 -54.70 -40.12
CA GLU O 360 19.05 -55.04 -40.78
C GLU O 360 18.88 -54.22 -42.05
N PHE O 361 17.95 -54.65 -42.90
CA PHE O 361 17.47 -53.85 -44.01
C PHE O 361 15.95 -53.87 -44.11
N TYR O 362 15.42 -52.82 -44.73
CA TYR O 362 14.03 -52.67 -45.10
C TYR O 362 13.95 -52.58 -46.61
N TYR O 363 12.88 -53.12 -47.18
CA TYR O 363 12.56 -52.86 -48.58
C TYR O 363 11.07 -52.74 -48.79
N PHE O 364 10.69 -52.05 -49.85
CA PHE O 364 9.31 -51.86 -50.27
C PHE O 364 9.27 -51.30 -51.68
N LEU O 365 8.13 -51.46 -52.35
CA LEU O 365 7.92 -50.99 -53.70
C LEU O 365 6.86 -49.89 -53.73
N ARG O 366 7.00 -48.95 -54.67
CA ARG O 366 5.97 -47.96 -54.97
C ARG O 366 5.64 -48.02 -56.45
N ARG O 367 4.38 -48.24 -56.76
CA ARG O 367 3.87 -48.13 -58.13
C ARG O 367 4.04 -46.70 -58.64
N LYS O 368 4.36 -46.56 -59.92
CA LYS O 368 4.39 -45.24 -60.56
C LYS O 368 3.02 -44.56 -60.43
N ALA O 369 1.94 -45.30 -60.63
CA ALA O 369 0.59 -44.74 -60.56
C ALA O 369 0.25 -44.17 -59.17
N ASN O 370 0.65 -44.86 -58.09
CA ASN O 370 0.46 -44.36 -56.71
C ASN O 370 1.24 -43.05 -56.47
N LYS O 371 2.49 -42.99 -56.95
CA LYS O 371 3.33 -41.79 -56.86
C LYS O 371 2.71 -40.62 -57.64
N ASP O 372 2.26 -40.88 -58.86
CA ASP O 372 1.64 -39.86 -59.73
C ASP O 372 0.29 -39.37 -59.18
N ALA O 373 -0.46 -40.23 -58.50
CA ALA O 373 -1.69 -39.88 -57.78
C ALA O 373 -1.43 -39.07 -56.49
N GLY O 374 -0.17 -38.86 -56.10
CA GLY O 374 0.20 -38.15 -54.88
C GLY O 374 0.10 -38.99 -53.61
N ASP O 375 -0.10 -40.31 -53.71
CA ASP O 375 -0.20 -41.25 -52.59
C ASP O 375 1.19 -41.87 -52.29
N HIS O 376 2.11 -41.01 -51.84
CA HIS O 376 3.56 -41.30 -51.81
C HIS O 376 3.97 -42.46 -50.90
N PHE O 377 3.16 -42.79 -49.89
CA PHE O 377 3.43 -43.86 -48.93
C PHE O 377 2.52 -45.08 -49.13
N ASN O 378 1.83 -45.13 -50.27
CA ASN O 378 1.11 -46.32 -50.69
C ASN O 378 2.04 -47.28 -51.43
N PHE O 379 2.53 -48.24 -50.67
CA PHE O 379 3.40 -49.31 -51.14
C PHE O 379 2.64 -50.55 -51.59
N SER O 380 1.32 -50.46 -51.81
CA SER O 380 0.55 -51.59 -52.34
C SER O 380 0.76 -51.80 -53.83
N GLY O 381 0.50 -53.03 -54.27
CA GLY O 381 0.48 -53.46 -55.65
C GLY O 381 -0.79 -53.07 -56.39
N ILE O 382 -1.12 -53.85 -57.43
CA ILE O 382 -2.27 -53.61 -58.31
C ILE O 382 -3.53 -54.00 -57.54
N GLY O 383 -4.55 -53.14 -57.56
CA GLY O 383 -5.79 -53.37 -56.80
C GLY O 383 -5.58 -53.44 -55.28
N GLY O 384 -4.52 -52.81 -54.76
CA GLY O 384 -4.22 -52.80 -53.32
C GLY O 384 -3.64 -54.11 -52.77
N ARG O 385 -3.25 -55.06 -53.64
CA ARG O 385 -2.64 -56.34 -53.25
C ARG O 385 -1.20 -56.17 -52.78
N ASP O 386 -0.62 -57.24 -52.24
CA ASP O 386 0.80 -57.25 -51.85
C ASP O 386 1.68 -57.29 -53.12
N PRO O 387 2.57 -56.31 -53.36
CA PRO O 387 3.34 -56.26 -54.61
C PRO O 387 4.41 -57.36 -54.70
N VAL O 388 4.84 -57.91 -53.57
CA VAL O 388 5.84 -58.98 -53.51
C VAL O 388 5.11 -60.31 -53.36
N VAL O 389 5.45 -61.28 -54.21
CA VAL O 389 5.00 -62.67 -54.03
C VAL O 389 5.99 -63.40 -53.13
N SER O 390 7.28 -63.31 -53.47
CA SER O 390 8.36 -63.92 -52.69
C SER O 390 9.67 -63.16 -52.85
N ALA O 391 10.57 -63.37 -51.90
CA ALA O 391 11.93 -62.85 -51.96
C ALA O 391 12.95 -63.86 -51.43
N GLU O 392 14.18 -63.76 -51.92
CA GLU O 392 15.36 -64.54 -51.55
C GLU O 392 16.54 -63.59 -51.32
N LEU O 393 17.37 -63.88 -50.31
CA LEU O 393 18.59 -63.14 -50.03
C LEU O 393 19.81 -64.03 -50.28
N LEU O 394 20.70 -63.58 -51.15
CA LEU O 394 21.91 -64.30 -51.54
C LEU O 394 23.17 -63.55 -51.10
N PHE O 395 24.12 -64.29 -50.53
CA PHE O 395 25.49 -63.84 -50.28
C PHE O 395 26.43 -64.63 -51.17
N ASN O 396 27.21 -63.97 -52.04
CA ASN O 396 28.14 -64.63 -52.96
C ASN O 396 27.46 -65.80 -53.72
N ASN O 397 26.27 -65.55 -54.25
CA ASN O 397 25.40 -66.53 -54.95
C ASN O 397 24.93 -67.74 -54.12
N THR O 398 25.11 -67.72 -52.79
CA THR O 398 24.61 -68.74 -51.88
C THR O 398 23.42 -68.19 -51.09
N ALA O 399 22.32 -68.93 -51.04
CA ALA O 399 21.13 -68.52 -50.32
C ALA O 399 21.41 -68.36 -48.82
N ARG O 400 21.41 -67.11 -48.34
CA ARG O 400 21.43 -66.79 -46.91
C ARG O 400 20.04 -66.93 -46.31
N VAL O 401 19.02 -66.51 -47.06
CA VAL O 401 17.62 -66.79 -46.78
C VAL O 401 17.04 -67.33 -48.07
N THR O 402 16.63 -68.59 -48.07
CA THR O 402 15.95 -69.20 -49.23
C THR O 402 14.65 -68.48 -49.52
N GLN O 403 14.07 -68.72 -50.70
CA GLN O 403 12.81 -68.10 -51.10
C GLN O 403 11.72 -68.22 -50.00
N LYS O 404 11.21 -67.06 -49.55
CA LYS O 404 10.11 -66.94 -48.59
C LYS O 404 9.01 -66.05 -49.13
N PRO O 405 7.73 -66.33 -48.80
CA PRO O 405 6.61 -65.51 -49.24
C PRO O 405 6.63 -64.12 -48.58
N ALA O 406 6.00 -63.13 -49.21
CA ALA O 406 5.91 -61.74 -48.71
C ALA O 406 5.52 -61.62 -47.23
N VAL O 407 4.53 -62.40 -46.78
CA VAL O 407 4.05 -62.38 -45.38
C VAL O 407 5.15 -62.72 -44.37
N TRP O 408 6.13 -63.53 -44.74
CA TRP O 408 7.24 -63.86 -43.85
C TRP O 408 8.16 -62.65 -43.66
N TRP O 409 8.53 -61.97 -44.75
CA TRP O 409 9.36 -60.77 -44.70
C TRP O 409 8.65 -59.57 -44.05
N ARG O 410 7.32 -59.48 -44.20
CA ARG O 410 6.53 -58.36 -43.66
C ARG O 410 6.08 -58.58 -42.21
N ALA O 411 5.49 -59.72 -41.91
CA ALA O 411 4.83 -59.97 -40.63
C ALA O 411 5.71 -60.74 -39.66
N VAL O 412 6.40 -61.79 -40.11
CA VAL O 412 7.22 -62.62 -39.21
C VAL O 412 8.47 -61.88 -38.75
N GLN O 413 9.17 -61.20 -39.67
CA GLN O 413 10.34 -60.39 -39.31
C GLN O 413 9.97 -59.22 -38.38
N ALA O 414 8.88 -58.52 -38.65
CA ALA O 414 8.37 -57.48 -37.76
C ALA O 414 7.99 -58.02 -36.38
N LEU O 415 7.30 -59.17 -36.31
CA LEU O 415 6.94 -59.82 -35.04
C LEU O 415 8.17 -60.20 -34.20
N GLN O 416 9.26 -60.61 -34.85
CA GLN O 416 10.46 -61.10 -34.16
C GLN O 416 11.35 -59.97 -33.65
N PHE O 417 11.45 -58.85 -34.38
CA PHE O 417 12.52 -57.87 -34.17
C PHE O 417 12.05 -56.44 -33.97
N HIS O 418 10.76 -56.14 -34.22
CA HIS O 418 10.25 -54.77 -34.20
C HIS O 418 9.14 -54.54 -33.18
N SER O 419 9.03 -53.28 -32.74
CA SER O 419 7.99 -52.83 -31.81
C SER O 419 6.57 -52.86 -32.42
N SER O 420 6.45 -52.89 -33.74
CA SER O 420 5.18 -52.85 -34.45
C SER O 420 5.23 -53.61 -35.78
N ALA O 421 4.07 -54.08 -36.23
CA ALA O 421 3.89 -54.61 -37.58
C ALA O 421 3.43 -53.48 -38.52
N PRO O 422 3.98 -53.38 -39.74
CA PRO O 422 3.64 -52.30 -40.65
C PRO O 422 2.21 -52.48 -41.19
N LEU O 423 1.48 -51.38 -41.30
CA LEU O 423 0.13 -51.33 -41.91
C LEU O 423 0.20 -51.29 -43.45
N THR O 424 1.35 -50.92 -43.99
CA THR O 424 1.66 -50.89 -45.42
C THR O 424 2.60 -52.06 -45.80
N ASN O 425 2.83 -52.27 -47.09
CA ASN O 425 3.67 -53.36 -47.61
C ASN O 425 5.17 -53.04 -47.47
N ILE O 426 5.63 -52.87 -46.23
CA ILE O 426 7.03 -52.74 -45.87
C ILE O 426 7.54 -54.09 -45.39
N TYR O 427 8.65 -54.52 -45.95
CA TYR O 427 9.32 -55.77 -45.61
C TYR O 427 10.63 -55.46 -44.89
N SER O 428 11.02 -56.33 -43.96
CA SER O 428 12.29 -56.18 -43.27
C SER O 428 13.01 -57.51 -43.11
N TYR O 429 14.30 -57.45 -42.81
CA TYR O 429 15.08 -58.58 -42.36
C TYR O 429 16.17 -58.13 -41.41
N SER O 430 16.24 -58.76 -40.24
CA SER O 430 17.23 -58.43 -39.22
C SER O 430 18.27 -59.53 -39.08
N PHE O 431 19.55 -59.12 -39.04
CA PHE O 431 20.68 -59.92 -38.57
C PHE O 431 20.90 -59.74 -37.05
N SER O 432 20.30 -58.71 -36.46
CA SER O 432 20.39 -58.37 -35.04
C SER O 432 19.21 -58.96 -34.26
N LEU O 433 19.44 -59.44 -33.04
CA LEU O 433 18.36 -59.90 -32.16
C LEU O 433 17.50 -58.74 -31.64
N SER O 434 18.07 -57.56 -31.54
CA SER O 434 17.41 -56.34 -31.04
C SER O 434 17.89 -55.12 -31.83
N PRO O 435 17.48 -54.97 -33.10
CA PRO O 435 17.97 -53.88 -33.97
C PRO O 435 17.49 -52.48 -33.52
N GLU O 436 16.48 -52.41 -32.65
CA GLU O 436 15.99 -51.17 -32.04
C GLU O 436 16.76 -50.74 -30.79
N ASP O 437 17.63 -51.61 -30.24
CA ASP O 437 18.55 -51.22 -29.14
C ASP O 437 19.72 -50.41 -29.72
N PRO O 438 19.84 -49.11 -29.37
CA PRO O 438 20.86 -48.25 -29.97
C PRO O 438 22.25 -48.42 -29.33
N ILE O 439 22.37 -49.06 -28.16
CA ILE O 439 23.61 -49.13 -27.39
C ILE O 439 24.19 -50.54 -27.26
N THR O 440 23.38 -51.57 -27.48
CA THR O 440 23.81 -52.97 -27.35
C THR O 440 23.80 -53.69 -28.71
N PRO O 441 24.96 -53.86 -29.37
CA PRO O 441 25.05 -54.69 -30.55
C PRO O 441 24.57 -56.12 -30.27
N SER O 442 23.66 -56.62 -31.11
CA SER O 442 23.03 -57.93 -30.90
C SER O 442 23.03 -58.80 -32.17
N GLY O 443 23.94 -58.54 -33.10
CA GLY O 443 24.11 -59.26 -34.36
C GLY O 443 24.26 -58.31 -35.55
N SER O 444 25.01 -58.74 -36.56
CA SER O 444 25.18 -58.01 -37.82
C SER O 444 25.79 -58.92 -38.89
N ALA O 445 25.67 -58.53 -40.16
CA ALA O 445 26.42 -59.09 -41.27
C ALA O 445 27.31 -58.01 -41.88
N ASN O 446 28.62 -58.26 -41.99
CA ASN O 446 29.55 -57.27 -42.53
C ASN O 446 29.55 -57.27 -44.05
N PHE O 447 28.82 -56.34 -44.65
CA PHE O 447 28.67 -56.28 -46.10
C PHE O 447 29.96 -55.84 -46.81
N SER O 448 30.86 -55.11 -46.12
CA SER O 448 32.19 -54.78 -46.67
C SER O 448 33.12 -56.00 -46.85
N ARG O 449 32.70 -57.19 -46.43
CA ARG O 449 33.44 -58.45 -46.60
C ARG O 449 32.74 -59.45 -47.52
N LEU O 450 31.60 -59.07 -48.10
CA LEU O 450 30.85 -59.87 -49.05
C LEU O 450 31.10 -59.29 -50.46
N ASP O 451 31.43 -60.15 -51.42
CA ASP O 451 31.66 -59.72 -52.80
C ASP O 451 30.34 -59.37 -53.49
N SER O 452 29.28 -60.11 -53.18
CA SER O 452 27.92 -59.81 -53.64
C SER O 452 26.88 -60.06 -52.56
N VAL O 453 25.96 -59.10 -52.44
CA VAL O 453 24.70 -59.26 -51.70
C VAL O 453 23.56 -58.96 -52.66
N GLU O 454 22.72 -59.95 -52.93
CA GLU O 454 21.60 -59.81 -53.86
C GLU O 454 20.28 -60.10 -53.14
N LEU O 455 19.32 -59.19 -53.28
CA LEU O 455 17.93 -59.39 -52.91
C LEU O 455 17.15 -59.67 -54.21
N ALA O 456 16.76 -60.93 -54.40
CA ALA O 456 15.96 -61.36 -55.55
C ALA O 456 14.48 -61.34 -55.17
N LEU O 457 13.67 -60.64 -55.95
CA LEU O 457 12.24 -60.46 -55.74
C LEU O 457 11.46 -61.06 -56.91
N THR O 458 10.43 -61.84 -56.58
CA THR O 458 9.33 -62.14 -57.49
C THR O 458 8.15 -61.30 -57.06
N LEU O 459 7.73 -60.41 -57.94
CA LEU O 459 6.62 -59.49 -57.76
C LEU O 459 5.34 -60.08 -58.34
N GLN O 460 4.20 -59.46 -57.99
CA GLN O 460 2.91 -59.80 -58.58
C GLN O 460 2.97 -59.71 -60.12
N ASP O 461 2.06 -60.42 -60.78
CA ASP O 461 1.92 -60.33 -62.23
C ASP O 461 1.66 -58.89 -62.68
N ASP O 462 2.22 -58.55 -63.83
CA ASP O 462 2.14 -57.23 -64.49
C ASP O 462 2.70 -56.04 -63.66
N PHE O 463 3.39 -56.30 -62.54
CA PHE O 463 4.10 -55.25 -61.80
C PHE O 463 5.24 -54.65 -62.64
N GLY O 464 5.22 -53.33 -62.81
CA GLY O 464 6.22 -52.63 -63.64
C GLY O 464 5.94 -52.68 -65.14
N ALA O 465 4.82 -53.27 -65.57
CA ALA O 465 4.37 -53.26 -66.95
C ALA O 465 3.49 -52.04 -67.27
N ALA O 466 3.40 -51.66 -68.55
CA ALA O 466 2.49 -50.64 -69.08
C ALA O 466 2.48 -49.32 -68.25
N HIS O 467 1.33 -48.95 -67.68
CA HIS O 467 1.14 -47.71 -66.92
C HIS O 467 1.97 -47.63 -65.63
N ASP O 468 2.53 -48.75 -65.17
CA ASP O 468 3.44 -48.82 -64.03
C ASP O 468 4.92 -48.99 -64.40
N ALA O 469 5.28 -48.79 -65.67
CA ALA O 469 6.67 -48.73 -66.09
C ALA O 469 7.41 -47.65 -65.28
N ASN O 470 8.55 -48.02 -64.69
CA ASN O 470 9.31 -47.19 -63.73
C ASN O 470 8.62 -47.06 -62.36
N SER O 471 8.07 -48.16 -61.87
CA SER O 471 7.81 -48.31 -60.44
C SER O 471 9.13 -48.32 -59.67
N GLU O 472 9.11 -48.03 -58.38
CA GLU O 472 10.32 -47.82 -57.59
C GLU O 472 10.49 -48.95 -56.58
N LEU O 473 11.70 -49.46 -56.44
CA LEU O 473 12.15 -50.31 -55.34
C LEU O 473 13.06 -49.47 -54.43
N PHE O 474 12.71 -49.44 -53.16
CA PHE O 474 13.52 -48.86 -52.09
C PHE O 474 14.11 -49.99 -51.27
N VAL O 475 15.42 -49.96 -51.04
CA VAL O 475 16.08 -50.78 -50.04
C VAL O 475 16.92 -49.88 -49.15
N PHE O 476 16.67 -49.90 -47.85
CA PHE O 476 17.44 -49.15 -46.86
C PHE O 476 18.10 -50.12 -45.89
N ALA O 477 19.37 -49.89 -45.56
CA ALA O 477 20.09 -50.67 -44.56
C ALA O 477 20.52 -49.79 -43.39
N ARG O 478 20.52 -50.38 -42.19
CA ARG O 478 21.10 -49.79 -40.98
C ARG O 478 22.42 -50.48 -40.70
N SER O 479 23.49 -49.72 -40.55
CA SER O 479 24.84 -50.25 -40.32
C SER O 479 25.51 -49.63 -39.11
N TYR O 480 26.31 -50.40 -38.38
CA TYR O 480 27.17 -49.88 -37.33
C TYR O 480 28.38 -49.16 -37.91
N ASN O 481 28.73 -48.03 -37.32
CA ASN O 481 30.03 -47.37 -37.44
C ASN O 481 30.41 -46.78 -36.08
N ILE O 482 31.57 -46.15 -36.00
CA ILE O 482 32.07 -45.51 -34.78
C ILE O 482 32.35 -44.05 -35.09
N LEU O 483 31.78 -43.15 -34.28
CA LEU O 483 32.12 -41.74 -34.28
C LEU O 483 33.15 -41.48 -33.18
N LYS O 484 34.30 -40.91 -33.55
CA LYS O 484 35.40 -40.62 -32.63
C LYS O 484 35.50 -39.13 -32.38
N PHE O 485 35.66 -38.76 -31.10
CA PHE O 485 35.89 -37.39 -30.65
C PHE O 485 37.32 -37.29 -30.11
N THR O 486 38.12 -36.34 -30.61
CA THR O 486 39.50 -36.15 -30.17
C THR O 486 39.91 -34.70 -30.36
N ASN O 487 40.46 -34.07 -29.32
CA ASN O 487 41.00 -32.71 -29.37
C ASN O 487 40.05 -31.65 -29.96
N GLY O 488 38.76 -31.72 -29.62
CA GLY O 488 37.75 -30.79 -30.12
C GLY O 488 37.24 -31.08 -31.54
N LEU O 489 37.64 -32.19 -32.14
CA LEU O 489 37.22 -32.63 -33.47
C LEU O 489 36.40 -33.92 -33.38
N ALA O 490 35.51 -34.13 -34.35
CA ALA O 490 34.70 -35.33 -34.48
C ALA O 490 34.80 -35.90 -35.89
N GLY O 491 34.94 -37.22 -36.02
CA GLY O 491 35.04 -37.89 -37.32
C GLY O 491 34.66 -39.37 -37.27
N ALA P 11 49.23 -61.80 -77.84
CA ALA P 11 50.51 -62.22 -78.41
C ALA P 11 51.21 -61.10 -79.18
N GLY P 12 50.48 -60.32 -79.99
CA GLY P 12 51.03 -59.20 -80.76
C GLY P 12 51.54 -58.03 -79.89
N SER P 13 50.77 -57.59 -78.89
CA SER P 13 51.16 -56.45 -78.03
C SER P 13 52.35 -56.78 -77.14
N LEU P 14 52.42 -58.01 -76.61
CA LEU P 14 53.59 -58.46 -75.86
C LEU P 14 54.81 -58.60 -76.78
N THR P 15 54.62 -59.09 -78.00
CA THR P 15 55.70 -59.22 -79.00
C THR P 15 56.27 -57.86 -79.37
N GLN P 16 55.44 -56.81 -79.49
CA GLN P 16 55.92 -55.45 -79.71
C GLN P 16 56.85 -54.94 -78.61
N LEU P 17 56.54 -55.24 -77.33
CA LEU P 17 57.40 -54.86 -76.20
C LEU P 17 58.73 -55.64 -76.19
N LEU P 18 58.75 -56.84 -76.76
CA LEU P 18 59.95 -57.68 -76.88
C LEU P 18 60.77 -57.36 -78.13
N ALA P 19 60.13 -56.83 -79.18
CA ALA P 19 60.75 -56.47 -80.46
C ALA P 19 61.54 -55.16 -80.35
N THR P 20 62.55 -55.16 -79.47
CA THR P 20 63.47 -54.04 -79.26
C THR P 20 64.88 -54.42 -79.70
N GLY P 21 65.61 -53.47 -80.28
CA GLY P 21 66.98 -53.59 -80.71
C GLY P 21 67.88 -52.51 -80.12
N SER P 22 69.11 -52.44 -80.62
CA SER P 22 70.10 -51.44 -80.15
C SER P 22 69.69 -49.99 -80.42
N MET P 23 68.86 -49.73 -81.43
CA MET P 23 68.32 -48.38 -81.71
C MET P 23 67.33 -47.93 -80.64
N ASP P 24 66.48 -48.84 -80.14
CA ASP P 24 65.48 -48.53 -79.11
C ASP P 24 66.13 -48.18 -77.77
N ALA P 25 67.35 -48.66 -77.53
CA ALA P 25 68.09 -48.38 -76.31
C ALA P 25 68.33 -46.88 -76.12
N ALA P 26 68.60 -46.13 -77.20
CA ALA P 26 68.78 -44.68 -77.14
C ALA P 26 67.50 -43.92 -76.75
N LEU P 27 66.33 -44.54 -76.91
CA LEU P 27 65.02 -43.91 -76.66
C LEU P 27 64.36 -44.39 -75.36
N THR P 28 64.56 -45.66 -74.98
CA THR P 28 63.75 -46.31 -73.94
C THR P 28 64.56 -47.01 -72.85
N GLN P 29 65.87 -47.25 -73.05
CA GLN P 29 66.70 -47.84 -72.00
C GLN P 29 66.81 -46.87 -70.82
N ASN P 30 66.61 -47.39 -69.60
CA ASN P 30 66.60 -46.59 -68.37
C ASN P 30 65.60 -45.43 -68.41
N ALA P 31 64.40 -45.66 -68.98
CA ALA P 31 63.35 -44.67 -69.06
C ALA P 31 63.10 -43.97 -67.70
N THR P 32 63.22 -42.65 -67.69
CA THR P 32 63.04 -41.79 -66.51
C THR P 32 61.63 -41.23 -66.37
N ARG P 33 60.74 -41.56 -67.32
CA ARG P 33 59.35 -41.10 -67.38
C ARG P 33 58.42 -42.27 -67.72
N THR P 34 57.24 -42.27 -67.11
CA THR P 34 56.13 -43.15 -67.48
C THR P 34 54.89 -42.33 -67.85
N PHE P 35 54.08 -42.82 -68.79
CA PHE P 35 52.79 -42.22 -69.14
C PHE P 35 51.65 -42.66 -68.21
N TRP P 36 51.86 -43.70 -67.40
CA TRP P 36 50.80 -44.36 -66.61
C TRP P 36 50.78 -43.97 -65.14
N LYS P 37 51.66 -43.07 -64.71
CA LYS P 37 51.69 -42.51 -63.37
C LYS P 37 52.03 -41.03 -63.44
N SER P 38 51.17 -40.18 -62.88
CA SER P 38 51.46 -38.75 -62.76
C SER P 38 52.49 -38.50 -61.66
N SER P 39 53.45 -37.64 -61.95
CA SER P 39 54.33 -37.01 -60.97
C SER P 39 54.04 -35.52 -60.98
N TYR P 40 53.98 -34.89 -59.81
CA TYR P 40 53.82 -33.44 -59.67
C TYR P 40 54.92 -32.88 -58.75
N GLN P 41 55.25 -31.61 -58.93
CA GLN P 41 56.17 -30.87 -58.05
C GLN P 41 55.35 -30.05 -57.05
N LYS P 42 55.83 -29.97 -55.81
CA LYS P 42 55.29 -29.04 -54.81
C LYS P 42 55.84 -27.64 -55.09
N HIS P 43 55.05 -26.61 -54.84
CA HIS P 43 55.44 -25.20 -55.00
C HIS P 43 55.32 -24.45 -53.66
N SER P 44 55.93 -23.28 -53.54
CA SER P 44 55.76 -22.37 -52.40
C SER P 44 54.37 -21.73 -52.38
N LEU P 45 53.94 -21.24 -51.21
CA LEU P 45 52.64 -20.57 -51.08
C LEU P 45 52.72 -19.14 -51.63
N PHE P 46 51.73 -18.77 -52.45
CA PHE P 46 51.55 -17.41 -52.95
C PHE P 46 50.07 -17.10 -53.18
N ALA P 47 49.72 -15.82 -53.26
CA ALA P 47 48.38 -15.35 -53.62
C ALA P 47 48.47 -14.21 -54.64
N LEU P 48 47.45 -14.08 -55.48
CA LEU P 48 47.31 -13.00 -56.47
C LEU P 48 46.19 -12.05 -56.05
N GLU P 49 46.41 -10.75 -56.19
CA GLU P 49 45.41 -9.72 -55.93
C GLU P 49 45.43 -8.68 -57.05
N SER P 50 44.26 -8.39 -57.64
CA SER P 50 44.13 -7.32 -58.63
C SER P 50 43.66 -6.04 -57.95
N ILE P 51 44.40 -4.95 -58.14
CA ILE P 51 44.10 -3.66 -57.51
C ILE P 51 44.13 -2.55 -58.55
N ASN P 52 43.04 -1.80 -58.61
CA ASN P 52 42.90 -0.63 -59.47
C ASN P 52 43.36 0.64 -58.75
N GLN P 53 44.16 1.47 -59.44
CA GLN P 53 44.80 2.66 -58.89
C GLN P 53 44.60 3.87 -59.81
N PRO P 54 44.25 5.04 -59.29
CA PRO P 54 44.09 6.25 -60.09
C PRO P 54 45.46 6.82 -60.51
N PHE P 55 45.49 7.55 -61.62
CA PHE P 55 46.67 8.33 -62.00
C PHE P 55 47.02 9.39 -60.95
N THR P 56 48.31 9.69 -60.80
CA THR P 56 48.81 10.73 -59.90
C THR P 56 48.55 12.13 -60.46
N THR P 57 48.55 12.26 -61.79
CA THR P 57 48.18 13.48 -62.50
C THR P 57 46.85 13.33 -63.21
N GLN P 58 46.27 14.45 -63.63
CA GLN P 58 45.03 14.43 -64.42
C GLN P 58 45.24 13.67 -65.74
N VAL P 59 44.24 12.87 -66.11
CA VAL P 59 44.16 12.18 -67.41
C VAL P 59 43.30 13.03 -68.34
N GLN P 60 43.85 13.37 -69.50
CA GLN P 60 43.18 14.15 -70.54
C GLN P 60 43.70 13.74 -71.93
N PHE P 61 42.86 13.87 -72.96
CA PHE P 61 43.29 13.68 -74.34
C PHE P 61 44.42 14.65 -74.70
N GLY P 62 45.41 14.18 -75.46
CA GLY P 62 46.55 14.97 -75.93
C GLY P 62 47.59 15.34 -74.87
N ALA P 63 47.33 15.08 -73.59
CA ALA P 63 48.24 15.34 -72.49
C ALA P 63 49.14 14.14 -72.18
N GLU P 64 50.13 14.35 -71.32
CA GLU P 64 50.88 13.28 -70.67
C GLU P 64 50.43 13.15 -69.22
N SER P 65 50.20 11.91 -68.77
CA SER P 65 49.83 11.61 -67.39
C SER P 65 50.75 10.55 -66.83
N HIS P 66 50.98 10.57 -65.52
CA HIS P 66 51.75 9.52 -64.86
C HIS P 66 51.06 9.00 -63.59
N ILE P 67 51.41 7.77 -63.24
CA ILE P 67 51.02 7.12 -62.01
C ILE P 67 52.26 6.55 -61.33
N THR P 68 52.38 6.76 -60.02
CA THR P 68 53.33 6.01 -59.19
C THR P 68 52.65 4.75 -58.70
N VAL P 69 53.16 3.59 -59.11
CA VAL P 69 52.59 2.27 -58.79
C VAL P 69 52.74 1.99 -57.30
N ASN P 70 51.64 1.67 -56.63
CA ASN P 70 51.64 1.36 -55.20
C ASN P 70 52.41 0.06 -54.90
N ARG P 71 52.83 -0.11 -53.65
CA ARG P 71 53.52 -1.32 -53.17
C ARG P 71 52.58 -2.16 -52.32
N GLN P 72 51.57 -2.74 -52.96
CA GLN P 72 50.52 -3.52 -52.28
C GLN P 72 50.78 -5.03 -52.26
N GLY P 73 51.93 -5.49 -52.76
CA GLY P 73 52.39 -6.88 -52.65
C GLY P 73 53.91 -6.97 -52.84
N ASP P 74 54.43 -8.18 -52.99
CA ASP P 74 55.86 -8.45 -53.06
C ASP P 74 56.40 -8.46 -54.50
N LEU P 75 55.59 -8.92 -55.45
CA LEU P 75 55.86 -8.86 -56.90
C LEU P 75 54.74 -8.12 -57.64
N LEU P 76 55.08 -7.57 -58.79
CA LEU P 76 54.14 -7.03 -59.76
C LEU P 76 54.11 -7.93 -61.01
N SER P 77 52.94 -8.45 -61.35
CA SER P 77 52.72 -9.39 -62.45
C SER P 77 51.99 -8.70 -63.61
N TRP P 78 50.69 -8.90 -63.78
CA TRP P 78 49.94 -8.27 -64.87
C TRP P 78 49.70 -6.78 -64.63
N MET P 79 49.61 -6.03 -65.72
CA MET P 79 49.34 -4.60 -65.73
C MET P 79 48.41 -4.27 -66.91
N TYR P 80 47.24 -3.70 -66.60
CA TYR P 80 46.24 -3.27 -67.56
C TYR P 80 45.93 -1.79 -67.37
N LEU P 81 45.90 -1.04 -68.47
CA LEU P 81 45.36 0.30 -68.47
C LEU P 81 43.84 0.20 -68.62
N LYS P 82 43.12 0.52 -67.54
CA LYS P 82 41.66 0.58 -67.55
C LYS P 82 41.24 1.95 -68.05
N ILE P 83 40.64 2.01 -69.23
CA ILE P 83 40.19 3.24 -69.87
C ILE P 83 38.66 3.26 -69.86
N VAL P 84 38.08 4.40 -69.49
CA VAL P 84 36.64 4.62 -69.57
C VAL P 84 36.38 5.76 -70.57
N LEU P 85 35.69 5.43 -71.65
CA LEU P 85 35.28 6.37 -72.68
C LEU P 85 33.78 6.62 -72.59
N PRO P 86 33.32 7.88 -72.67
CA PRO P 86 31.89 8.16 -72.66
C PRO P 86 31.23 7.67 -73.94
N GLY P 87 29.93 7.41 -73.85
CA GLY P 87 29.10 7.27 -75.04
C GLY P 87 29.09 8.58 -75.84
N LEU P 88 28.93 8.47 -77.15
CA LEU P 88 28.86 9.57 -78.10
C LEU P 88 27.42 9.73 -78.61
N LYS P 89 27.03 10.99 -78.79
CA LYS P 89 25.85 11.40 -79.55
C LYS P 89 26.27 12.52 -80.50
N VAL P 90 25.44 12.81 -81.49
CA VAL P 90 25.67 13.89 -82.43
C VAL P 90 24.47 14.80 -82.52
N GLN P 91 24.73 16.06 -82.82
CA GLN P 91 23.72 17.08 -83.07
C GLN P 91 24.18 17.96 -84.24
N ASN P 92 23.24 18.49 -85.03
CA ASN P 92 23.59 19.44 -86.08
C ASN P 92 24.20 20.70 -85.45
N GLN P 93 25.24 21.22 -86.09
CA GLN P 93 25.90 22.45 -85.66
C GLN P 93 24.94 23.64 -85.54
N ALA P 94 23.94 23.72 -86.42
CA ALA P 94 22.90 24.75 -86.40
C ALA P 94 22.01 24.72 -85.14
N ASP P 95 21.86 23.56 -84.51
CA ASP P 95 21.01 23.37 -83.34
C ASP P 95 21.78 23.53 -82.01
N THR P 96 23.09 23.80 -82.08
CA THR P 96 23.99 23.79 -80.92
C THR P 96 24.30 25.22 -80.44
N VAL P 97 24.10 25.50 -79.14
CA VAL P 97 24.33 26.82 -78.52
C VAL P 97 25.82 27.24 -78.53
N GLN P 98 26.74 26.26 -78.60
CA GLN P 98 28.19 26.46 -78.69
C GLN P 98 28.77 25.45 -79.70
N PRO P 99 28.73 25.76 -81.01
CA PRO P 99 29.11 24.81 -82.05
C PRO P 99 30.63 24.62 -82.19
N THR P 100 31.43 25.47 -81.55
CA THR P 100 32.89 25.46 -81.67
C THR P 100 33.48 24.26 -80.94
N GLN P 101 33.95 23.29 -81.73
CA GLN P 101 34.64 22.09 -81.27
C GLN P 101 35.83 21.81 -82.19
N GLN P 102 36.78 20.99 -81.73
CA GLN P 102 37.84 20.46 -82.59
C GLN P 102 37.23 19.73 -83.80
N SER P 103 37.94 19.77 -84.95
CA SER P 103 37.53 19.03 -86.14
C SER P 103 37.78 17.54 -85.97
N PHE P 104 36.86 16.71 -86.46
CA PHE P 104 36.97 15.25 -86.49
C PHE P 104 36.90 14.77 -87.93
N ALA P 105 37.53 13.64 -88.22
CA ALA P 105 37.38 12.98 -89.52
C ALA P 105 35.90 12.65 -89.79
N SER P 106 35.45 12.82 -91.03
CA SER P 106 34.06 12.60 -91.41
C SER P 106 33.93 11.80 -92.69
N LEU P 107 32.92 10.95 -92.77
CA LEU P 107 32.73 10.00 -93.87
C LEU P 107 32.21 10.68 -95.15
N ASP P 108 31.55 11.83 -95.04
CA ASP P 108 31.21 12.70 -96.17
C ASP P 108 32.44 13.40 -96.80
N ASN P 109 33.59 13.36 -96.12
CA ASN P 109 34.87 13.85 -96.61
C ASN P 109 35.94 12.77 -96.49
N ASP P 110 35.73 11.63 -97.15
CA ASP P 110 36.66 10.50 -97.14
C ASP P 110 37.97 10.84 -97.88
N VAL P 111 38.95 11.32 -97.11
CA VAL P 111 40.27 11.72 -97.60
C VAL P 111 41.04 10.54 -98.19
N ALA P 112 40.85 9.32 -97.66
CA ALA P 112 41.50 8.12 -98.17
C ALA P 112 40.96 7.74 -99.55
N ALA P 113 39.63 7.75 -99.73
CA ALA P 113 39.02 7.52 -101.03
C ALA P 113 39.40 8.61 -102.05
N GLN P 114 39.44 9.88 -101.63
CA GLN P 114 39.87 10.99 -102.50
C GLN P 114 41.33 10.83 -102.93
N ALA P 115 42.22 10.41 -102.01
CA ALA P 115 43.61 10.12 -102.34
C ALA P 115 43.71 8.97 -103.35
N ASP P 116 42.98 7.87 -103.17
CA ASP P 116 42.94 6.77 -104.13
C ASP P 116 42.44 7.21 -105.51
N VAL P 117 41.39 8.04 -105.56
CA VAL P 117 40.89 8.61 -106.82
C VAL P 117 41.96 9.47 -107.51
N SER P 118 42.74 10.24 -106.75
CA SER P 118 43.78 11.11 -107.30
C SER P 118 44.83 10.36 -108.13
N HIS P 119 45.16 9.12 -107.74
CA HIS P 119 46.13 8.28 -108.46
C HIS P 119 45.58 7.74 -109.78
N VAL P 120 44.26 7.61 -109.91
CA VAL P 120 43.61 7.09 -111.13
C VAL P 120 43.10 8.20 -112.06
N LEU P 121 43.08 9.47 -111.63
CA LEU P 121 42.68 10.61 -112.46
C LEU P 121 43.35 10.62 -113.85
N PRO P 122 44.67 10.32 -114.01
CA PRO P 122 45.31 10.30 -115.32
C PRO P 122 44.78 9.22 -116.27
N TYR P 123 44.04 8.24 -115.76
CA TYR P 123 43.50 7.09 -116.49
C TYR P 123 42.00 7.23 -116.76
N ILE P 124 41.37 8.33 -116.33
CA ILE P 124 39.95 8.59 -116.63
C ILE P 124 39.85 9.11 -118.07
N GLU P 125 39.14 8.35 -118.91
CA GLU P 125 38.80 8.74 -120.27
C GLU P 125 37.41 9.41 -120.30
N GLY P 126 37.27 10.54 -120.99
CA GLY P 126 35.99 11.24 -121.16
C GLY P 126 35.73 12.41 -120.19
N ALA P 127 34.52 12.98 -120.26
CA ALA P 127 34.14 14.22 -119.57
C ALA P 127 33.81 13.98 -118.07
N TYR P 128 34.83 13.69 -117.26
CA TYR P 128 34.66 13.41 -115.82
C TYR P 128 34.01 14.57 -115.06
N THR P 129 34.43 15.82 -115.32
CA THR P 129 34.00 16.99 -114.55
C THR P 129 32.49 17.26 -114.64
N GLU P 130 31.90 17.01 -115.82
CA GLU P 130 30.49 17.28 -116.15
C GLU P 130 29.57 16.06 -115.95
N ALA P 131 30.15 14.89 -115.66
CA ALA P 131 29.41 13.65 -115.52
C ALA P 131 28.50 13.63 -114.27
N SER P 132 27.37 12.91 -114.38
CA SER P 132 26.51 12.59 -113.24
C SER P 132 27.27 11.76 -112.19
N LEU P 133 26.80 11.74 -110.93
CA LEU P 133 27.49 11.00 -109.86
C LEU P 133 27.68 9.50 -110.21
N ASN P 134 26.61 8.85 -110.66
CA ASN P 134 26.67 7.43 -111.07
C ASN P 134 27.64 7.20 -112.23
N THR P 135 27.70 8.15 -113.17
CA THR P 135 28.65 8.10 -114.29
C THR P 135 30.08 8.30 -113.80
N LYS P 136 30.33 9.20 -112.83
CA LYS P 136 31.65 9.39 -112.21
C LYS P 136 32.14 8.12 -111.52
N GLU P 137 31.27 7.42 -110.79
CA GLU P 137 31.61 6.15 -110.14
C GLU P 137 32.01 5.07 -111.17
N GLN P 138 31.29 4.98 -112.29
CA GLN P 138 31.64 4.09 -113.41
C GLN P 138 33.00 4.44 -114.01
N LEU P 139 33.22 5.72 -114.34
CA LEU P 139 34.49 6.20 -114.89
C LEU P 139 35.67 5.94 -113.95
N ILE P 140 35.49 6.11 -112.64
CA ILE P 140 36.53 5.82 -111.65
C ILE P 140 36.83 4.31 -111.60
N ALA P 141 35.82 3.44 -111.65
CA ALA P 141 36.03 1.99 -111.65
C ALA P 141 36.73 1.51 -112.94
N GLU P 142 36.39 2.06 -114.10
CA GLU P 142 37.08 1.79 -115.36
C GLU P 142 38.52 2.30 -115.32
N ALA P 143 38.75 3.52 -114.83
CA ALA P 143 40.10 4.07 -114.66
C ALA P 143 40.96 3.27 -113.68
N LYS P 144 40.36 2.71 -112.62
CA LYS P 144 41.04 1.76 -111.71
C LYS P 144 41.53 0.53 -112.47
N ASN P 145 40.71 -0.07 -113.34
CA ASN P 145 41.15 -1.18 -114.19
C ASN P 145 42.32 -0.78 -115.10
N SER P 146 42.25 0.38 -115.76
CA SER P 146 43.32 0.88 -116.63
C SER P 146 44.61 1.17 -115.86
N TYR P 147 44.51 1.79 -114.69
CA TYR P 147 45.63 2.01 -113.78
C TYR P 147 46.28 0.69 -113.35
N GLU P 148 45.48 -0.27 -112.91
CA GLU P 148 45.99 -1.55 -112.42
C GLU P 148 46.57 -2.43 -113.53
N ALA P 149 45.99 -2.37 -114.74
CA ALA P 149 46.57 -3.01 -115.92
C ALA P 149 47.92 -2.38 -116.28
N ALA P 150 48.03 -1.05 -116.26
CA ALA P 150 49.26 -0.34 -116.61
C ALA P 150 50.38 -0.54 -115.57
N LYS P 151 50.04 -0.54 -114.27
CA LYS P 151 51.02 -0.61 -113.18
C LYS P 151 51.37 -2.04 -112.75
N TYR P 152 50.40 -2.95 -112.81
CA TYR P 152 50.54 -4.29 -112.22
C TYR P 152 50.26 -5.41 -113.22
N ASN P 153 50.00 -5.11 -114.49
CA ASN P 153 49.53 -6.10 -115.49
C ASN P 153 48.33 -6.90 -114.98
N ALA P 154 47.47 -6.28 -114.17
CA ALA P 154 46.30 -6.91 -113.61
C ALA P 154 45.23 -7.10 -114.69
N ALA P 155 44.55 -8.25 -114.65
CA ALA P 155 43.34 -8.44 -115.45
C ALA P 155 42.21 -7.55 -114.89
N PRO P 156 41.38 -6.95 -115.75
CA PRO P 156 40.32 -6.06 -115.28
C PRO P 156 39.27 -6.85 -114.49
N LEU P 157 38.83 -6.28 -113.36
CA LEU P 157 37.67 -6.78 -112.62
C LEU P 157 36.38 -6.23 -113.24
N PRO P 158 35.28 -7.00 -113.26
CA PRO P 158 33.98 -6.47 -113.64
C PRO P 158 33.64 -5.24 -112.80
N VAL P 159 33.19 -4.15 -113.43
CA VAL P 159 32.90 -2.87 -112.75
C VAL P 159 31.94 -3.06 -111.56
N ALA P 160 30.92 -3.92 -111.73
CA ALA P 160 29.98 -4.26 -110.67
C ALA P 160 30.63 -4.88 -109.42
N ALA P 161 31.75 -5.59 -109.55
CA ALA P 161 32.48 -6.18 -108.43
C ALA P 161 33.33 -5.16 -107.65
N GLN P 162 33.67 -4.03 -108.29
CA GLN P 162 34.41 -2.93 -107.66
C GLN P 162 33.50 -1.94 -106.93
N MET P 163 32.24 -1.86 -107.37
CA MET P 163 31.20 -1.03 -106.74
C MET P 163 30.66 -1.74 -105.49
N GLN P 164 31.51 -1.90 -104.48
CA GLN P 164 31.06 -2.32 -103.15
C GLN P 164 30.43 -1.14 -102.43
N SER P 165 29.10 -1.09 -102.34
CA SER P 165 28.44 -0.19 -101.39
C SER P 165 28.63 -0.78 -100.00
N THR P 166 29.43 -0.10 -99.16
CA THR P 166 29.30 -0.34 -97.72
C THR P 166 27.93 0.21 -97.34
N GLU P 167 26.99 -0.63 -96.94
CA GLU P 167 25.68 -0.17 -96.45
C GLU P 167 25.91 0.64 -95.18
N MET P 168 26.10 1.94 -95.36
CA MET P 168 26.20 2.89 -94.26
C MET P 168 24.78 3.24 -93.82
N PRO P 169 24.51 3.35 -92.51
CA PRO P 169 23.18 3.70 -92.04
C PRO P 169 22.77 5.11 -92.46
N ASP P 170 21.49 5.29 -92.79
CA ASP P 170 20.89 6.57 -93.21
C ASP P 170 20.54 7.51 -92.02
N PHE P 171 21.37 7.49 -90.97
CA PHE P 171 21.19 8.35 -89.80
C PHE P 171 22.53 8.93 -89.34
N ASP P 172 22.48 9.94 -88.50
CA ASP P 172 23.69 10.59 -87.97
C ASP P 172 24.31 9.84 -86.81
N TYR P 173 25.64 9.72 -86.84
CA TYR P 173 26.40 9.06 -85.79
C TYR P 173 27.83 9.59 -85.70
N ALA P 174 28.46 9.29 -84.57
CA ALA P 174 29.90 9.35 -84.39
C ALA P 174 30.35 8.10 -83.62
N TYR P 175 31.58 7.68 -83.84
CA TYR P 175 32.16 6.53 -83.17
C TYR P 175 33.64 6.73 -82.86
N TRP P 176 34.09 6.03 -81.81
CA TRP P 176 35.51 5.90 -81.49
C TRP P 176 36.21 5.05 -82.56
N THR P 177 37.40 5.47 -83.00
CA THR P 177 38.17 4.77 -84.04
C THR P 177 38.48 3.31 -83.68
N GLU P 178 38.75 2.49 -84.69
CA GLU P 178 39.06 1.08 -84.53
C GLU P 178 40.26 0.86 -83.60
N ALA P 179 40.13 -0.09 -82.67
CA ALA P 179 41.14 -0.40 -81.66
C ALA P 179 41.55 0.83 -80.83
N ILE P 180 40.56 1.69 -80.50
CA ILE P 180 40.74 2.92 -79.73
C ILE P 180 41.57 2.73 -78.45
N GLY P 181 41.48 1.58 -77.79
CA GLY P 181 42.27 1.27 -76.60
C GLY P 181 43.78 1.33 -76.84
N PHE P 182 44.25 0.87 -78.01
CA PHE P 182 45.65 1.04 -78.41
C PHE P 182 45.93 2.45 -78.91
N HIS P 183 45.05 3.01 -79.74
CA HIS P 183 45.27 4.33 -80.34
C HIS P 183 45.44 5.44 -79.29
N LEU P 184 44.68 5.35 -78.19
CA LEU P 184 44.78 6.28 -77.05
C LEU P 184 46.18 6.34 -76.45
N ILE P 185 46.93 5.23 -76.47
CA ILE P 185 48.26 5.12 -75.87
C ILE P 185 49.30 5.45 -76.94
N LYS P 186 49.50 6.73 -77.26
CA LYS P 186 50.54 7.12 -78.23
C LYS P 186 51.91 6.60 -77.82
N ARG P 187 52.21 6.68 -76.52
CA ARG P 187 53.43 6.16 -75.93
C ARG P 187 53.19 5.86 -74.45
N ALA P 188 53.72 4.76 -73.96
CA ALA P 188 53.81 4.49 -72.52
C ALA P 188 55.25 4.14 -72.14
N GLU P 189 55.70 4.64 -71.00
CA GLU P 189 57.04 4.41 -70.47
C GLU P 189 56.95 3.78 -69.08
N PHE P 190 57.61 2.63 -68.91
CA PHE P 190 57.79 2.01 -67.60
C PHE P 190 59.10 2.52 -66.99
N LYS P 191 59.01 3.27 -65.88
CA LYS P 191 60.16 3.90 -65.21
C LYS P 191 60.38 3.32 -63.84
N VAL P 192 61.65 3.16 -63.48
CA VAL P 192 62.08 2.71 -62.15
C VAL P 192 63.21 3.61 -61.68
N GLY P 193 63.02 4.26 -60.53
CA GLY P 193 64.03 5.18 -59.98
C GLY P 193 64.33 6.39 -60.87
N GLY P 194 63.38 6.79 -61.71
CA GLY P 194 63.52 7.88 -62.69
C GLY P 194 64.11 7.46 -64.04
N ALA P 195 64.70 6.26 -64.15
CA ALA P 195 65.18 5.73 -65.42
C ALA P 195 64.06 5.02 -66.18
N THR P 196 63.96 5.27 -67.49
CA THR P 196 63.06 4.52 -68.38
C THR P 196 63.64 3.14 -68.63
N ILE P 197 62.92 2.11 -68.18
CA ILE P 197 63.28 0.70 -68.36
C ILE P 197 62.81 0.20 -69.72
N ASP P 198 61.60 0.58 -70.15
CA ASP P 198 61.07 0.22 -71.46
C ASP P 198 60.05 1.24 -71.94
N THR P 199 59.84 1.31 -73.25
CA THR P 199 58.86 2.20 -73.90
C THR P 199 58.06 1.40 -74.91
N ILE P 200 56.74 1.58 -74.92
CA ILE P 200 55.84 0.98 -75.91
C ILE P 200 55.06 2.08 -76.62
N TRP P 201 54.69 1.82 -77.87
CA TRP P 201 53.94 2.74 -78.74
C TRP P 201 52.62 2.11 -79.18
N SER P 202 51.62 2.92 -79.48
CA SER P 202 50.31 2.47 -80.02
C SER P 202 50.49 1.51 -81.20
N GLU P 203 51.29 1.92 -82.18
CA GLU P 203 51.56 1.15 -83.39
C GLU P 203 52.26 -0.19 -83.08
N LEU P 204 53.18 -0.22 -82.11
CA LEU P 204 53.82 -1.45 -81.66
C LEU P 204 52.83 -2.38 -80.94
N LEU P 205 51.97 -1.85 -80.05
CA LEU P 205 50.95 -2.65 -79.36
C LEU P 205 50.05 -3.37 -80.35
N PHE P 206 49.60 -2.66 -81.39
CA PHE P 206 48.79 -3.26 -82.45
C PHE P 206 49.56 -4.33 -83.22
N ALA P 207 50.81 -4.07 -83.59
CA ALA P 207 51.64 -5.04 -84.31
C ALA P 207 51.91 -6.32 -83.50
N MET P 208 52.19 -6.15 -82.21
CA MET P 208 52.38 -7.25 -81.26
C MET P 208 51.10 -8.10 -81.12
N GLU P 209 49.92 -7.49 -81.03
CA GLU P 209 48.65 -8.24 -81.01
C GLU P 209 48.37 -8.96 -82.32
N GLU P 210 48.72 -8.38 -83.47
CA GLU P 210 48.56 -9.03 -84.77
C GLU P 210 49.40 -10.30 -84.90
N LEU P 211 50.67 -10.25 -84.47
CA LEU P 211 51.63 -11.35 -84.61
C LEU P 211 51.54 -12.36 -83.46
N MET P 212 51.43 -11.89 -82.22
CA MET P 212 51.51 -12.72 -81.02
C MET P 212 50.14 -13.02 -80.39
N GLY P 213 49.08 -12.36 -80.86
CA GLY P 213 47.72 -12.58 -80.38
C GLY P 213 47.24 -13.99 -80.72
N ARG P 214 47.00 -14.80 -79.68
CA ARG P 214 46.59 -16.20 -79.84
C ARG P 214 45.14 -16.33 -80.28
N ALA P 215 44.84 -17.31 -81.12
CA ALA P 215 43.47 -17.65 -81.50
C ALA P 215 42.60 -17.90 -80.25
N GLY P 216 41.39 -17.32 -80.23
CA GLY P 216 40.48 -17.39 -79.08
C GLY P 216 40.84 -16.48 -77.89
N ARG P 217 41.98 -15.76 -77.94
CA ARG P 217 42.40 -14.78 -76.92
C ARG P 217 42.81 -13.45 -77.53
N ARG P 218 42.25 -13.11 -78.69
CA ARG P 218 42.46 -11.80 -79.32
C ARG P 218 41.84 -10.71 -78.46
N LEU P 219 42.47 -9.54 -78.44
CA LEU P 219 42.11 -8.45 -77.54
C LEU P 219 40.86 -7.65 -77.97
N THR P 220 40.09 -8.13 -78.95
CA THR P 220 39.03 -7.39 -79.65
C THR P 220 38.21 -6.47 -78.76
N GLU P 221 37.38 -7.01 -77.88
CA GLU P 221 36.52 -6.23 -76.98
C GLU P 221 37.35 -5.41 -75.98
N THR P 222 38.45 -5.96 -75.46
CA THR P 222 39.28 -5.30 -74.44
C THR P 222 39.96 -4.02 -74.91
N ILE P 223 40.10 -3.82 -76.23
CA ILE P 223 40.71 -2.62 -76.83
C ILE P 223 39.77 -1.86 -77.78
N GLY P 224 38.50 -2.27 -77.91
CA GLY P 224 37.55 -1.64 -78.83
C GLY P 224 37.86 -1.91 -80.31
N ARG P 225 38.26 -3.13 -80.66
CA ARG P 225 38.59 -3.57 -82.03
C ARG P 225 37.49 -4.47 -82.60
N THR P 226 36.98 -4.13 -83.78
CA THR P 226 35.86 -4.80 -84.47
C THR P 226 36.25 -5.53 -85.76
N LEU P 227 37.54 -5.51 -86.10
CA LEU P 227 38.08 -5.96 -87.38
C LEU P 227 37.51 -5.19 -88.57
N ARG P 228 37.49 -3.85 -88.44
CA ARG P 228 37.00 -2.90 -89.47
C ARG P 228 35.54 -3.13 -89.87
N ARG P 229 34.65 -3.28 -88.88
CA ARG P 229 33.19 -3.30 -89.08
C ARG P 229 32.60 -2.02 -88.49
N PRO P 230 32.44 -0.95 -89.30
CA PRO P 230 32.05 0.37 -88.77
C PRO P 230 30.74 0.34 -87.98
N THR P 231 29.77 -0.49 -88.38
CA THR P 231 28.49 -0.63 -87.70
C THR P 231 28.63 -1.13 -86.26
N GLU P 232 29.61 -1.98 -85.96
CA GLU P 232 29.89 -2.45 -84.61
C GLU P 232 30.56 -1.35 -83.76
N LEU P 233 31.48 -0.57 -84.35
CA LEU P 233 32.07 0.60 -83.68
C LEU P 233 31.01 1.64 -83.32
N MET P 234 30.05 1.89 -84.23
CA MET P 234 28.91 2.78 -83.97
C MET P 234 28.07 2.28 -82.81
N LYS P 235 27.68 1.00 -82.80
CA LYS P 235 26.89 0.40 -81.72
C LYS P 235 27.60 0.55 -80.38
N ALA P 236 28.88 0.17 -80.31
CA ALA P 236 29.68 0.26 -79.09
C ALA P 236 29.82 1.72 -78.62
N SER P 237 29.95 2.67 -79.53
CA SER P 237 30.20 4.09 -79.20
C SER P 237 28.97 4.84 -78.72
N ARG P 238 27.77 4.26 -78.74
CA ARG P 238 26.54 4.93 -78.25
C ARG P 238 26.42 4.96 -76.72
N GLN P 239 27.23 4.18 -76.03
CA GLN P 239 27.22 4.03 -74.57
C GLN P 239 28.64 4.11 -74.02
N GLU P 240 28.76 4.23 -72.70
CA GLU P 240 30.06 4.19 -72.03
C GLU P 240 30.77 2.86 -72.33
N GLN P 241 32.06 2.95 -72.65
CA GLN P 241 32.93 1.80 -72.89
C GLN P 241 34.01 1.72 -71.82
N ILE P 242 34.20 0.53 -71.26
CA ILE P 242 35.29 0.23 -70.34
C ILE P 242 36.25 -0.73 -71.05
N LEU P 243 37.47 -0.28 -71.28
CA LEU P 243 38.51 -1.01 -71.99
C LEU P 243 39.61 -1.41 -71.00
N TYR P 244 40.17 -2.61 -71.16
CA TYR P 244 41.28 -3.12 -70.36
C TYR P 244 42.45 -3.43 -71.29
N VAL P 245 43.32 -2.44 -71.50
CA VAL P 245 44.42 -2.55 -72.45
C VAL P 245 45.63 -3.19 -71.76
N PRO P 246 46.05 -4.41 -72.12
CA PRO P 246 47.23 -5.02 -71.51
C PRO P 246 48.49 -4.25 -71.90
N LEU P 247 49.36 -3.98 -70.94
CA LEU P 247 50.68 -3.39 -71.17
C LEU P 247 51.72 -4.51 -71.17
N PRO P 248 52.28 -4.90 -72.34
CA PRO P 248 53.05 -6.14 -72.49
C PRO P 248 54.51 -6.01 -72.06
N TRP P 249 54.77 -5.46 -70.88
CA TRP P 249 56.11 -5.36 -70.30
C TRP P 249 56.75 -6.72 -70.09
N TYR P 250 58.08 -6.79 -70.00
CA TYR P 250 58.80 -8.06 -69.82
C TYR P 250 58.26 -8.90 -68.65
N PHE P 251 57.92 -8.24 -67.53
CA PHE P 251 57.44 -8.89 -66.31
C PHE P 251 56.01 -9.42 -66.39
N THR P 252 55.23 -9.03 -67.41
CA THR P 252 53.87 -9.56 -67.61
C THR P 252 53.85 -10.84 -68.45
N LYS P 253 55.00 -11.27 -68.99
CA LYS P 253 55.09 -12.37 -69.96
C LYS P 253 55.24 -13.75 -69.34
N HIS P 254 55.83 -13.82 -68.15
CA HIS P 254 56.04 -15.08 -67.45
C HIS P 254 56.13 -14.85 -65.92
N PRO P 255 55.54 -15.73 -65.07
CA PRO P 255 55.57 -15.54 -63.62
C PRO P 255 56.97 -15.38 -63.02
N SER P 256 57.99 -16.07 -63.57
CA SER P 256 59.38 -15.94 -63.10
C SER P 256 60.04 -14.59 -63.41
N LEU P 257 59.40 -13.77 -64.24
CA LEU P 257 59.87 -12.42 -64.60
C LEU P 257 59.08 -11.34 -63.87
N ALA P 258 58.10 -11.69 -63.03
CA ALA P 258 57.34 -10.72 -62.25
C ALA P 258 58.30 -9.74 -61.54
N PHE P 259 57.96 -8.46 -61.58
CA PHE P 259 58.86 -7.41 -61.14
C PHE P 259 58.95 -7.45 -59.60
N PRO P 260 60.15 -7.64 -59.01
CA PRO P 260 60.29 -7.84 -57.57
C PRO P 260 60.26 -6.50 -56.83
N LEU P 261 59.05 -6.09 -56.40
CA LEU P 261 58.83 -4.84 -55.68
C LEU P 261 59.71 -4.77 -54.43
N VAL P 262 59.77 -5.85 -53.64
CA VAL P 262 60.58 -5.94 -52.41
C VAL P 262 62.08 -5.75 -52.66
N ALA P 263 62.57 -6.15 -53.82
CA ALA P 263 63.98 -6.01 -54.18
C ALA P 263 64.35 -4.60 -54.68
N ALA P 264 63.35 -3.80 -55.05
CA ALA P 264 63.50 -2.44 -55.56
C ALA P 264 62.97 -1.37 -54.58
N THR P 265 62.98 -1.64 -53.27
CA THR P 265 62.33 -0.83 -52.21
C THR P 265 62.63 0.68 -52.25
N TYR P 266 63.83 1.09 -52.67
CA TYR P 266 64.25 2.50 -52.68
C TYR P 266 63.99 3.22 -54.01
N HIS P 267 63.37 2.56 -55.00
CA HIS P 267 63.00 3.16 -56.27
C HIS P 267 61.49 3.28 -56.43
N ASN P 268 61.01 4.47 -56.82
CA ASN P 268 59.64 4.63 -57.28
C ASN P 268 59.46 3.93 -58.63
N ILE P 269 58.34 3.24 -58.78
CA ILE P 269 57.93 2.60 -60.03
C ILE P 269 56.83 3.45 -60.61
N GLN P 270 56.99 3.89 -61.84
CA GLN P 270 56.06 4.80 -62.48
C GLN P 270 55.69 4.31 -63.86
N LEU P 271 54.43 4.49 -64.22
CA LEU P 271 53.96 4.39 -65.58
C LEU P 271 53.63 5.81 -66.07
N TRP P 272 54.26 6.21 -67.16
CA TRP P 272 53.97 7.45 -67.87
C TRP P 272 53.23 7.12 -69.15
N VAL P 273 52.17 7.86 -69.48
CA VAL P 273 51.35 7.65 -70.67
C VAL P 273 51.14 8.98 -71.37
N GLN P 274 51.55 9.04 -72.64
CA GLN P 274 51.19 10.11 -73.55
C GLN P 274 49.92 9.74 -74.31
N TRP P 275 48.88 10.54 -74.12
CA TRP P 275 47.55 10.27 -74.67
C TRP P 275 47.37 10.84 -76.08
N ALA P 276 46.58 10.15 -76.91
CA ALA P 276 46.20 10.67 -78.23
C ALA P 276 45.32 11.92 -78.11
N GLN P 277 45.43 12.79 -79.12
CA GLN P 277 44.55 13.96 -79.24
C GLN P 277 43.12 13.52 -79.57
N LEU P 278 42.13 14.19 -78.98
CA LEU P 278 40.71 13.87 -79.12
C LEU P 278 40.25 13.87 -80.58
N ASN P 279 40.67 14.87 -81.36
CA ASN P 279 40.40 14.98 -82.79
C ASN P 279 40.75 13.72 -83.61
N SER P 280 41.74 12.94 -83.18
CA SER P 280 42.17 11.72 -83.84
C SER P 280 41.38 10.48 -83.40
N CYS P 281 40.62 10.58 -82.32
CA CYS P 281 39.95 9.42 -81.71
C CYS P 281 38.54 9.16 -82.24
N ILE P 282 37.93 10.13 -82.94
CA ILE P 282 36.52 10.09 -83.32
C ILE P 282 36.37 10.26 -84.83
N ILE P 283 35.46 9.48 -85.40
CA ILE P 283 34.97 9.61 -86.78
C ILE P 283 33.46 9.87 -86.74
N LYS P 284 32.96 10.77 -87.59
CA LYS P 284 31.53 11.13 -87.68
C LYS P 284 30.96 10.90 -89.08
N SER P 285 29.65 10.69 -89.17
CA SER P 285 28.97 10.49 -90.46
C SER P 285 29.10 11.71 -91.38
N ARG P 286 28.98 12.93 -90.83
CA ARG P 286 28.98 14.19 -91.59
C ARG P 286 29.82 15.29 -90.93
N SER P 287 30.44 16.11 -91.76
CA SER P 287 31.36 17.20 -91.40
C SER P 287 30.72 18.29 -90.54
N ASN P 288 29.41 18.54 -90.70
CA ASN P 288 28.64 19.58 -90.00
C ASN P 288 28.02 19.14 -88.65
N LEU P 289 28.39 17.97 -88.14
CA LEU P 289 27.91 17.47 -86.84
C LEU P 289 28.84 17.89 -85.69
N VAL P 290 28.24 18.24 -84.55
CA VAL P 290 28.91 18.40 -83.26
C VAL P 290 28.80 17.08 -82.49
N VAL P 291 29.91 16.64 -81.90
CA VAL P 291 29.95 15.39 -81.13
C VAL P 291 29.78 15.71 -79.64
N LEU P 292 28.79 15.09 -79.03
CA LEU P 292 28.38 15.31 -77.64
C LEU P 292 28.70 14.08 -76.77
N HIS P 293 29.01 14.33 -75.50
CA HIS P 293 28.99 13.31 -74.46
C HIS P 293 27.53 12.83 -74.24
N ALA P 294 27.27 11.55 -74.46
CA ALA P 294 25.91 11.00 -74.54
C ALA P 294 25.08 11.17 -73.25
N GLU P 295 25.72 11.05 -72.09
CA GLU P 295 25.07 11.23 -70.78
C GLU P 295 24.96 12.70 -70.37
N ARG P 296 26.04 13.48 -70.49
CA ARG P 296 26.11 14.86 -70.01
C ARG P 296 25.47 15.88 -70.98
N ASN P 297 25.22 15.51 -72.23
CA ASN P 297 24.70 16.38 -73.30
C ASN P 297 25.49 17.69 -73.48
N VAL P 298 26.81 17.61 -73.35
CA VAL P 298 27.75 18.71 -73.63
C VAL P 298 28.71 18.29 -74.74
N PRO P 299 29.27 19.24 -75.53
CA PRO P 299 30.31 18.93 -76.51
C PRO P 299 31.43 18.11 -75.88
N ILE P 300 31.90 17.07 -76.58
CA ILE P 300 33.01 16.27 -76.09
C ILE P 300 34.30 17.09 -76.06
N SER P 301 35.05 16.99 -74.96
CA SER P 301 36.24 17.78 -74.63
C SER P 301 37.35 16.88 -74.08
N ASP P 302 38.56 17.44 -74.01
CA ASP P 302 39.78 16.70 -73.67
C ASP P 302 39.76 16.10 -72.24
N ASP P 303 38.98 16.67 -71.33
CA ASP P 303 38.81 16.24 -69.93
C ASP P 303 37.83 15.07 -69.74
N HIS P 304 37.19 14.60 -70.82
CA HIS P 304 36.29 13.45 -70.77
C HIS P 304 37.01 12.09 -70.84
N LEU P 305 38.32 12.06 -71.09
CA LEU P 305 39.10 10.82 -70.96
C LEU P 305 39.28 10.46 -69.49
N ARG P 306 38.91 9.23 -69.11
CA ARG P 306 39.20 8.69 -67.79
C ARG P 306 40.04 7.43 -67.93
N ALA P 307 41.07 7.32 -67.10
CA ALA P 307 41.87 6.11 -67.03
C ALA P 307 42.37 5.84 -65.62
N SER P 308 42.60 4.57 -65.33
CA SER P 308 43.24 4.07 -64.12
C SER P 308 44.11 2.87 -64.47
N LEU P 309 45.00 2.48 -63.55
CA LEU P 309 45.91 1.36 -63.74
C LEU P 309 45.47 0.19 -62.88
N GLU P 310 45.18 -0.95 -63.50
CA GLU P 310 44.88 -2.19 -62.80
C GLU P 310 46.13 -3.09 -62.78
N CYS P 311 46.66 -3.31 -61.59
CA CYS P 311 47.87 -4.09 -61.36
C CYS P 311 47.54 -5.37 -60.60
N THR P 312 48.12 -6.49 -61.03
CA THR P 312 48.09 -7.74 -60.27
C THR P 312 49.35 -7.87 -59.43
N TYR P 313 49.17 -7.83 -58.11
CA TYR P 313 50.20 -8.06 -57.12
C TYR P 313 50.30 -9.54 -56.75
N VAL P 314 51.51 -9.99 -56.42
CA VAL P 314 51.76 -11.32 -55.86
C VAL P 314 52.21 -11.14 -54.42
N HIS P 315 51.53 -11.83 -53.51
CA HIS P 315 51.89 -11.96 -52.10
C HIS P 315 52.61 -13.28 -51.91
N LEU P 316 53.83 -13.23 -51.35
CA LEU P 316 54.67 -14.39 -51.14
C LEU P 316 54.66 -14.82 -49.67
N GLU P 317 54.92 -16.10 -49.42
CA GLU P 317 55.26 -16.55 -48.07
C GLU P 317 56.54 -15.85 -47.58
N ALA P 318 56.61 -15.59 -46.27
CA ALA P 318 57.72 -14.86 -45.65
C ALA P 318 59.10 -15.39 -46.05
N ALA P 319 59.28 -16.72 -46.07
CA ALA P 319 60.56 -17.33 -46.43
C ALA P 319 61.01 -16.99 -47.88
N GLU P 320 60.07 -17.00 -48.84
CA GLU P 320 60.37 -16.67 -50.23
C GLU P 320 60.57 -15.16 -50.41
N ARG P 321 59.77 -14.35 -49.74
CA ARG P 321 59.91 -12.89 -49.69
C ARG P 321 61.28 -12.47 -49.15
N ASP P 322 61.72 -13.08 -48.06
CA ASP P 322 63.02 -12.80 -47.43
C ASP P 322 64.18 -13.24 -48.35
N ALA P 323 64.05 -14.41 -48.98
CA ALA P 323 65.03 -14.90 -49.96
C ALA P 323 65.16 -13.96 -51.16
N LEU P 324 64.03 -13.48 -51.70
CA LEU P 324 63.99 -12.56 -52.82
C LEU P 324 64.56 -11.18 -52.45
N THR P 325 64.30 -10.70 -51.24
CA THR P 325 64.85 -9.43 -50.73
C THR P 325 66.36 -9.51 -50.56
N ALA P 326 66.86 -10.65 -50.07
CA ALA P 326 68.29 -10.88 -49.89
C ALA P 326 69.03 -11.06 -51.23
N ASN P 327 68.41 -11.71 -52.22
CA ASN P 327 69.05 -12.02 -53.49
C ASN P 327 68.06 -12.11 -54.67
N ALA P 328 67.56 -10.97 -55.16
CA ALA P 328 66.78 -10.94 -56.39
C ALA P 328 67.65 -11.10 -57.66
N GLY P 329 68.95 -10.82 -57.57
CA GLY P 329 69.89 -11.01 -58.66
C GLY P 329 69.58 -10.19 -59.92
N THR P 330 69.48 -10.87 -61.05
CA THR P 330 69.28 -10.26 -62.38
C THR P 330 68.13 -10.94 -63.12
N GLN P 331 67.34 -10.15 -63.84
CA GLN P 331 66.34 -10.64 -64.77
C GLN P 331 66.77 -10.31 -66.21
N LEU P 332 66.65 -11.29 -67.10
CA LEU P 332 66.68 -11.05 -68.54
C LEU P 332 65.42 -10.26 -68.91
N ILE P 333 65.59 -9.15 -69.59
CA ILE P 333 64.47 -8.32 -70.05
C ILE P 333 64.51 -8.15 -71.56
N VAL P 334 63.34 -7.93 -72.14
CA VAL P 334 63.20 -7.45 -73.51
C VAL P 334 62.78 -5.99 -73.46
N GLN P 335 63.55 -5.15 -74.15
CA GLN P 335 63.24 -3.73 -74.36
C GLN P 335 62.85 -3.48 -75.80
N HIS P 336 62.06 -2.44 -76.03
CA HIS P 336 61.62 -2.03 -77.36
C HIS P 336 62.34 -0.76 -77.81
N GLN P 337 62.72 -0.73 -79.08
CA GLN P 337 63.33 0.41 -79.75
C GLN P 337 62.53 0.77 -81.00
N ALA P 338 62.54 2.04 -81.40
CA ALA P 338 61.74 2.53 -82.51
C ALA P 338 62.55 3.40 -83.46
N HIS P 339 62.36 3.20 -84.76
CA HIS P 339 62.81 4.08 -85.84
C HIS P 339 61.56 4.51 -86.60
N LEU P 340 61.27 5.80 -86.54
CA LEU P 340 60.09 6.41 -87.16
C LEU P 340 60.56 7.36 -88.25
N GLN P 341 60.04 7.18 -89.46
CA GLN P 341 60.51 7.92 -90.64
C GLN P 341 59.34 8.35 -91.53
N GLN P 342 59.44 9.54 -92.11
CA GLN P 342 58.51 9.98 -93.16
C GLN P 342 58.95 9.42 -94.51
N VAL P 343 57.97 9.10 -95.35
CA VAL P 343 58.12 8.48 -96.66
C VAL P 343 57.52 9.39 -97.72
N SER P 344 58.35 9.74 -98.69
CA SER P 344 58.02 10.63 -99.81
C SER P 344 58.48 10.09 -101.17
N SER P 345 58.86 8.81 -101.23
CA SER P 345 59.36 8.15 -102.44
C SER P 345 59.12 6.64 -102.36
N ASN P 346 59.04 6.00 -103.53
CA ASN P 346 58.81 4.55 -103.61
C ASN P 346 60.03 3.74 -103.16
N ASN P 347 61.24 4.32 -103.20
CA ASN P 347 62.44 3.69 -102.63
C ASN P 347 62.76 4.36 -101.31
N VAL P 348 62.83 3.58 -100.25
CA VAL P 348 63.08 4.05 -98.89
C VAL P 348 64.17 3.22 -98.26
N THR P 349 65.19 3.87 -97.70
CA THR P 349 66.19 3.21 -96.87
C THR P 349 66.04 3.71 -95.44
N ALA P 350 65.76 2.79 -94.52
CA ALA P 350 65.74 3.06 -93.09
C ALA P 350 67.06 2.62 -92.45
N ARG P 351 67.77 3.58 -91.84
CA ARG P 351 69.00 3.31 -91.07
C ARG P 351 68.63 3.00 -89.62
N LEU P 352 68.71 1.73 -89.26
CA LEU P 352 68.25 1.21 -87.97
C LEU P 352 69.36 1.37 -86.91
N ASN P 353 69.39 2.51 -86.24
CA ASN P 353 70.34 2.82 -85.17
C ASN P 353 69.93 2.17 -83.82
N PHE P 354 69.47 0.92 -83.87
CA PHE P 354 69.14 0.18 -82.65
C PHE P 354 70.40 -0.36 -82.00
N ASN P 355 70.30 -0.62 -80.69
CA ASN P 355 71.38 -1.16 -79.88
C ASN P 355 71.01 -2.52 -79.28
N PHE P 356 72.01 -3.15 -78.65
CA PHE P 356 71.93 -4.41 -77.94
C PHE P 356 71.65 -5.63 -78.85
N PRO P 357 71.64 -6.86 -78.30
CA PRO P 357 71.21 -8.05 -79.02
C PRO P 357 69.72 -7.99 -79.39
N VAL P 358 69.44 -7.63 -80.65
CA VAL P 358 68.11 -7.59 -81.25
C VAL P 358 67.65 -9.01 -81.55
N LEU P 359 66.48 -9.38 -81.01
CA LEU P 359 65.80 -10.65 -81.25
C LEU P 359 65.14 -10.67 -82.63
N GLU P 360 64.42 -9.59 -82.93
CA GLU P 360 63.59 -9.42 -84.10
C GLU P 360 63.23 -7.96 -84.30
N PHE P 361 62.75 -7.63 -85.48
CA PHE P 361 62.11 -6.36 -85.75
C PHE P 361 60.80 -6.53 -86.53
N TYR P 362 59.93 -5.55 -86.38
CA TYR P 362 58.70 -5.38 -87.13
C TYR P 362 58.80 -4.09 -87.91
N TYR P 363 58.20 -4.06 -89.10
CA TYR P 363 58.00 -2.82 -89.82
C TYR P 363 56.68 -2.82 -90.56
N PHE P 364 56.17 -1.63 -90.82
CA PHE P 364 54.93 -1.41 -91.57
C PHE P 364 54.84 0.06 -91.96
N LEU P 365 54.00 0.35 -92.96
CA LEU P 365 53.79 1.70 -93.45
C LEU P 365 52.36 2.14 -93.20
N ARG P 366 52.16 3.44 -92.99
CA ARG P 366 50.84 4.05 -92.94
C ARG P 366 50.79 5.20 -93.93
N ARG P 367 49.84 5.14 -94.85
CA ARG P 367 49.53 6.25 -95.75
C ARG P 367 49.08 7.47 -94.94
N LYS P 368 49.47 8.66 -95.38
CA LYS P 368 48.95 9.90 -94.81
C LYS P 368 47.43 9.94 -94.90
N ALA P 369 46.86 9.54 -96.02
CA ALA P 369 45.42 9.58 -96.22
C ALA P 369 44.66 8.66 -95.24
N ASN P 370 45.17 7.46 -94.94
CA ASN P 370 44.58 6.56 -93.94
C ASN P 370 44.61 7.18 -92.54
N LYS P 371 45.74 7.81 -92.16
CA LYS P 371 45.88 8.51 -90.88
C LYS P 371 44.89 9.68 -90.77
N ASP P 372 44.79 10.49 -91.82
CA ASP P 372 43.90 11.66 -91.87
C ASP P 372 42.42 11.25 -91.86
N ALA P 373 42.08 10.09 -92.45
CA ALA P 373 40.74 9.50 -92.39
C ALA P 373 40.40 8.90 -91.00
N GLY P 374 41.35 8.89 -90.06
CA GLY P 374 41.17 8.32 -88.73
C GLY P 374 41.29 6.79 -88.68
N ASP P 375 41.76 6.14 -89.75
CA ASP P 375 41.97 4.69 -89.84
C ASP P 375 43.42 4.33 -89.47
N HIS P 376 43.76 4.57 -88.19
CA HIS P 376 45.15 4.61 -87.70
C HIS P 376 45.92 3.30 -87.83
N PHE P 377 45.23 2.17 -87.88
CA PHE P 377 45.84 0.84 -87.99
C PHE P 377 45.65 0.21 -89.37
N ASN P 378 45.25 1.01 -90.36
CA ASN P 378 45.23 0.62 -91.75
C ASN P 378 46.60 0.86 -92.39
N PHE P 379 47.38 -0.21 -92.41
CA PHE P 379 48.70 -0.25 -93.01
C PHE P 379 48.70 -0.66 -94.48
N SER P 380 47.54 -0.63 -95.15
CA SER P 380 47.48 -0.93 -96.58
C SER P 380 47.97 0.24 -97.44
N GLY P 381 48.39 -0.10 -98.66
CA GLY P 381 48.77 0.81 -99.72
C GLY P 381 47.57 1.43 -100.45
N ILE P 382 47.80 1.81 -101.70
CA ILE P 382 46.82 2.50 -102.54
C ILE P 382 45.79 1.46 -102.99
N GLY P 383 44.50 1.76 -102.88
CA GLY P 383 43.44 0.82 -103.20
C GLY P 383 43.43 -0.45 -102.34
N GLY P 384 43.98 -0.38 -101.11
CA GLY P 384 44.03 -1.52 -100.19
C GLY P 384 45.10 -2.58 -100.54
N ARG P 385 45.99 -2.31 -101.49
CA ARG P 385 47.08 -3.22 -101.90
C ARG P 385 48.19 -3.30 -100.84
N ASP P 386 49.13 -4.22 -101.02
CA ASP P 386 50.31 -4.32 -100.17
C ASP P 386 51.27 -3.15 -100.47
N PRO P 387 51.61 -2.28 -99.49
CA PRO P 387 52.43 -1.11 -99.77
C PRO P 387 53.89 -1.45 -100.09
N VAL P 388 54.37 -2.61 -99.66
CA VAL P 388 55.74 -3.07 -99.91
C VAL P 388 55.71 -4.03 -101.10
N VAL P 389 56.58 -3.80 -102.08
CA VAL P 389 56.84 -4.74 -103.17
C VAL P 389 57.91 -5.73 -102.73
N SER P 390 59.04 -5.19 -102.24
CA SER P 390 60.16 -5.99 -101.74
C SER P 390 60.96 -5.25 -100.68
N ALA P 391 61.72 -6.01 -99.90
CA ALA P 391 62.65 -5.47 -98.93
C ALA P 391 63.95 -6.28 -98.89
N GLU P 392 65.03 -5.62 -98.49
CA GLU P 392 66.37 -6.16 -98.29
C GLU P 392 66.93 -5.65 -96.95
N LEU P 393 67.64 -6.52 -96.23
CA LEU P 393 68.31 -6.16 -94.97
C LEU P 393 69.83 -6.24 -95.16
N LEU P 394 70.51 -5.13 -94.90
CA LEU P 394 71.97 -5.01 -95.06
C LEU P 394 72.64 -4.76 -93.71
N PHE P 395 73.73 -5.49 -93.46
CA PHE P 395 74.68 -5.23 -92.38
C PHE P 395 76.01 -4.77 -92.99
N ASN P 396 76.48 -3.58 -92.62
CA ASN P 396 77.74 -3.02 -93.14
C ASN P 396 77.81 -3.12 -94.69
N ASN P 397 76.71 -2.73 -95.37
CA ASN P 397 76.53 -2.81 -96.83
C ASN P 397 76.58 -4.23 -97.44
N THR P 398 76.53 -5.28 -96.62
CA THR P 398 76.46 -6.68 -97.08
C THR P 398 75.06 -7.21 -96.83
N ALA P 399 74.44 -7.84 -97.83
CA ALA P 399 73.11 -8.40 -97.71
C ALA P 399 73.06 -9.52 -96.66
N ARG P 400 72.41 -9.25 -95.53
CA ARG P 400 72.08 -10.25 -94.52
C ARG P 400 70.85 -11.05 -94.94
N VAL P 401 69.88 -10.37 -95.52
CA VAL P 401 68.74 -10.97 -96.23
C VAL P 401 68.68 -10.27 -97.57
N THR P 402 68.92 -11.02 -98.65
CA THR P 402 68.78 -10.49 -100.02
C THR P 402 67.34 -10.08 -100.29
N GLN P 403 67.12 -9.32 -101.35
CA GLN P 403 65.79 -8.85 -101.73
C GLN P 403 64.74 -10.00 -101.72
N LYS P 404 63.70 -9.83 -100.91
CA LYS P 404 62.55 -10.75 -100.83
C LYS P 404 61.23 -9.99 -101.00
N PRO P 405 60.21 -10.62 -101.62
CA PRO P 405 58.91 -9.99 -101.81
C PRO P 405 58.18 -9.79 -100.47
N ALA P 406 57.25 -8.84 -100.41
CA ALA P 406 56.45 -8.53 -99.22
C ALA P 406 55.85 -9.76 -98.51
N VAL P 407 55.29 -10.70 -99.28
CA VAL P 407 54.66 -11.91 -98.73
C VAL P 407 55.63 -12.76 -97.90
N TRP P 408 56.93 -12.74 -98.22
CA TRP P 408 57.92 -13.48 -97.45
C TRP P 408 58.13 -12.85 -96.07
N TRP P 409 58.27 -11.53 -96.01
CA TRP P 409 58.42 -10.79 -94.75
C TRP P 409 57.14 -10.79 -93.90
N ARG P 410 55.97 -10.84 -94.53
CA ARG P 410 54.67 -10.81 -93.83
C ARG P 410 54.19 -12.19 -93.40
N ALA P 411 54.17 -13.15 -94.33
CA ALA P 411 53.53 -14.45 -94.10
C ALA P 411 54.53 -15.54 -93.71
N VAL P 412 55.70 -15.61 -94.37
CA VAL P 412 56.68 -16.67 -94.08
C VAL P 412 57.35 -16.45 -92.74
N GLN P 413 57.76 -15.21 -92.42
CA GLN P 413 58.34 -14.89 -91.11
C GLN P 413 57.34 -15.11 -89.98
N ALA P 414 56.09 -14.66 -90.15
CA ALA P 414 55.04 -14.94 -89.17
C ALA P 414 54.77 -16.43 -88.97
N LEU P 415 54.70 -17.21 -90.06
CA LEU P 415 54.52 -18.66 -90.00
C LEU P 415 55.65 -19.37 -89.23
N GLN P 416 56.89 -18.89 -89.36
CA GLN P 416 58.07 -19.53 -88.77
C GLN P 416 58.24 -19.20 -87.28
N PHE P 417 57.90 -17.99 -86.86
CA PHE P 417 58.34 -17.46 -85.56
C PHE P 417 57.21 -16.94 -84.66
N HIS P 418 55.99 -16.77 -85.19
CA HIS P 418 54.89 -16.14 -84.46
C HIS P 418 53.68 -17.03 -84.27
N SER P 419 52.92 -16.75 -83.21
CA SER P 419 51.67 -17.45 -82.88
C SER P 419 50.54 -17.18 -83.88
N SER P 420 50.63 -16.12 -84.67
CA SER P 420 49.61 -15.70 -85.63
C SER P 420 50.20 -15.00 -86.86
N ALA P 421 49.47 -15.06 -87.97
CA ALA P 421 49.75 -14.26 -89.15
C ALA P 421 48.95 -12.95 -89.09
N PRO P 422 49.56 -11.80 -89.42
CA PRO P 422 48.88 -10.52 -89.32
C PRO P 422 47.80 -10.39 -90.40
N LEU P 423 46.64 -9.81 -90.03
CA LEU P 423 45.54 -9.50 -90.95
C LEU P 423 45.79 -8.21 -91.73
N THR P 424 46.71 -7.37 -91.23
CA THR P 424 47.16 -6.12 -91.84
C THR P 424 48.57 -6.27 -92.41
N ASN P 425 49.05 -5.28 -93.17
CA ASN P 425 50.37 -5.30 -93.80
C ASN P 425 51.50 -5.01 -92.81
N ILE P 426 51.65 -5.88 -91.81
CA ILE P 426 52.75 -5.89 -90.85
C ILE P 426 53.78 -6.92 -91.31
N TYR P 427 55.02 -6.51 -91.39
CA TYR P 427 56.15 -7.35 -91.77
C TYR P 427 57.03 -7.58 -90.56
N SER P 428 57.66 -8.75 -90.47
CA SER P 428 58.60 -9.05 -89.40
C SER P 428 59.84 -9.77 -89.91
N TYR P 429 60.89 -9.79 -89.10
CA TYR P 429 62.03 -10.65 -89.29
C TYR P 429 62.64 -11.01 -87.95
N SER P 430 62.83 -12.31 -87.72
CA SER P 430 63.40 -12.82 -86.48
C SER P 430 64.81 -13.37 -86.68
N PHE P 431 65.71 -12.97 -85.78
CA PHE P 431 67.01 -13.62 -85.55
C PHE P 431 66.91 -14.74 -84.52
N SER P 432 65.82 -14.77 -83.74
CA SER P 432 65.54 -15.76 -82.69
C SER P 432 64.68 -16.90 -83.24
N LEU P 433 64.94 -18.14 -82.80
CA LEU P 433 64.09 -19.29 -83.17
C LEU P 433 62.72 -19.24 -82.47
N SER P 434 62.64 -18.60 -81.32
CA SER P 434 61.43 -18.47 -80.50
C SER P 434 61.38 -17.08 -79.85
N PRO P 435 61.12 -16.01 -80.63
CA PRO P 435 61.14 -14.63 -80.11
C PRO P 435 60.02 -14.33 -79.11
N GLU P 436 58.98 -15.17 -79.06
CA GLU P 436 57.88 -15.09 -78.10
C GLU P 436 58.18 -15.77 -76.76
N ASP P 437 59.27 -16.56 -76.65
CA ASP P 437 59.73 -17.12 -75.38
C ASP P 437 60.43 -16.01 -74.56
N PRO P 438 59.88 -15.59 -73.41
CA PRO P 438 60.44 -14.48 -72.65
C PRO P 438 61.64 -14.87 -71.78
N ILE P 439 61.88 -16.16 -71.54
CA ILE P 439 62.90 -16.65 -70.58
C ILE P 439 64.04 -17.41 -71.24
N THR P 440 63.86 -17.92 -72.46
CA THR P 440 64.89 -18.69 -73.16
C THR P 440 65.40 -17.96 -74.40
N PRO P 441 66.58 -17.32 -74.34
CA PRO P 441 67.22 -16.77 -75.53
C PRO P 441 67.44 -17.84 -76.60
N SER P 442 67.01 -17.56 -77.82
CA SER P 442 67.05 -18.53 -78.92
C SER P 442 67.64 -17.96 -80.22
N GLY P 443 68.44 -16.89 -80.10
CA GLY P 443 69.10 -16.21 -81.20
C GLY P 443 68.95 -14.69 -81.12
N SER P 444 69.95 -13.96 -81.62
CA SER P 444 69.91 -12.50 -81.72
C SER P 444 71.03 -12.00 -82.64
N ALA P 445 70.90 -10.76 -83.11
CA ALA P 445 71.99 -10.02 -83.75
C ALA P 445 72.34 -8.79 -82.91
N ASN P 446 73.61 -8.62 -82.54
CA ASN P 446 74.02 -7.51 -81.69
C ASN P 446 74.24 -6.24 -82.52
N PHE P 447 73.23 -5.36 -82.54
CA PHE P 447 73.29 -4.15 -83.35
C PHE P 447 74.29 -3.12 -82.81
N SER P 448 74.64 -3.15 -81.52
CA SER P 448 75.72 -2.31 -80.96
C SER P 448 77.12 -2.66 -81.48
N ARG P 449 77.26 -3.72 -82.28
CA ARG P 449 78.53 -4.14 -82.90
C ARG P 449 78.52 -4.02 -84.43
N LEU P 450 77.44 -3.51 -85.00
CA LEU P 450 77.30 -3.26 -86.43
C LEU P 450 77.43 -1.77 -86.68
N ASP P 451 78.25 -1.37 -87.64
CA ASP P 451 78.45 0.04 -87.98
C ASP P 451 77.23 0.59 -88.72
N SER P 452 76.62 -0.24 -89.58
CA SER P 452 75.36 0.09 -90.24
C SER P 452 74.42 -1.10 -90.32
N VAL P 453 73.15 -0.84 -90.01
CA VAL P 453 72.03 -1.74 -90.31
C VAL P 453 71.02 -0.96 -91.15
N GLU P 454 70.80 -1.40 -92.38
CA GLU P 454 69.89 -0.73 -93.31
C GLU P 454 68.78 -1.69 -93.75
N LEU P 455 67.53 -1.23 -93.62
CA LEU P 455 66.37 -1.86 -94.24
C LEU P 455 66.01 -1.07 -95.49
N ALA P 456 66.28 -1.64 -96.65
CA ALA P 456 65.95 -1.04 -97.94
C ALA P 456 64.61 -1.59 -98.42
N LEU P 457 63.68 -0.70 -98.74
CA LEU P 457 62.32 -0.99 -99.17
C LEU P 457 62.09 -0.47 -100.58
N THR P 458 61.53 -1.33 -101.42
CA THR P 458 60.83 -0.92 -102.65
C THR P 458 59.34 -1.00 -102.38
N LEU P 459 58.67 0.13 -102.44
CA LEU P 459 57.25 0.31 -102.20
C LEU P 459 56.49 0.26 -103.53
N GLN P 460 55.17 0.12 -103.44
CA GLN P 460 54.28 0.23 -104.60
C GLN P 460 54.51 1.57 -105.34
N ASP P 461 54.15 1.59 -106.63
CA ASP P 461 54.18 2.82 -107.40
C ASP P 461 53.34 3.91 -106.76
N ASP P 462 53.82 5.15 -106.88
CA ASP P 462 53.23 6.38 -106.36
C ASP P 462 53.03 6.41 -104.83
N PHE P 463 53.60 5.47 -104.07
CA PHE P 463 53.62 5.53 -102.60
C PHE P 463 54.44 6.73 -102.11
N GLY P 464 53.82 7.58 -101.28
CA GLY P 464 54.47 8.78 -100.77
C GLY P 464 54.46 9.96 -101.75
N ALA P 465 53.82 9.82 -102.93
CA ALA P 465 53.63 10.91 -103.88
C ALA P 465 52.33 11.68 -103.60
N ALA P 466 52.25 12.93 -104.08
CA ALA P 466 51.05 13.78 -104.06
C ALA P 466 50.30 13.80 -102.71
N HIS P 467 49.04 13.33 -102.67
CA HIS P 467 48.18 13.34 -101.49
C HIS P 467 48.69 12.45 -100.33
N ASP P 468 49.65 11.56 -100.62
CA ASP P 468 50.31 10.71 -99.63
C ASP P 468 51.72 11.16 -99.25
N ALA P 469 52.12 12.38 -99.63
CA ALA P 469 53.36 12.98 -99.16
C ALA P 469 53.38 13.01 -97.62
N ASN P 470 54.46 12.51 -97.03
CA ASN P 470 54.60 12.27 -95.58
C ASN P 470 53.75 11.10 -95.06
N SER P 471 53.73 10.01 -95.83
CA SER P 471 53.37 8.70 -95.28
C SER P 471 54.41 8.28 -94.25
N GLU P 472 54.07 7.35 -93.37
CA GLU P 472 54.92 7.00 -92.22
C GLU P 472 55.46 5.58 -92.39
N LEU P 473 56.75 5.39 -92.11
CA LEU P 473 57.38 4.09 -91.89
C LEU P 473 57.65 3.93 -90.39
N PHE P 474 57.15 2.82 -89.84
CA PHE P 474 57.42 2.39 -88.48
C PHE P 474 58.36 1.19 -88.55
N VAL P 475 59.45 1.23 -87.80
CA VAL P 475 60.28 0.06 -87.52
C VAL P 475 60.46 -0.06 -86.02
N PHE P 476 60.07 -1.19 -85.45
CA PHE P 476 60.25 -1.48 -84.03
C PHE P 476 61.15 -2.71 -83.86
N ALA P 477 62.09 -2.65 -82.94
CA ALA P 477 62.95 -3.79 -82.60
C ALA P 477 62.75 -4.22 -81.15
N ARG P 478 62.86 -5.53 -80.92
CA ARG P 478 62.90 -6.12 -79.58
C ARG P 478 64.34 -6.52 -79.29
N SER P 479 64.91 -6.06 -78.18
CA SER P 479 66.29 -6.33 -77.79
C SER P 479 66.42 -6.89 -76.38
N TYR P 480 67.38 -7.78 -76.17
CA TYR P 480 67.73 -8.23 -74.83
C TYR P 480 68.52 -7.18 -74.07
N ASN P 481 68.20 -7.01 -72.80
CA ASN P 481 69.04 -6.35 -71.81
C ASN P 481 68.90 -7.09 -70.47
N ILE P 482 69.60 -6.64 -69.44
CA ILE P 482 69.57 -7.23 -68.10
C ILE P 482 69.15 -6.15 -67.11
N LEU P 483 68.12 -6.43 -66.33
CA LEU P 483 67.76 -5.62 -65.17
C LEU P 483 68.38 -6.24 -63.92
N LYS P 484 69.15 -5.44 -63.17
CA LYS P 484 69.84 -5.87 -61.96
C LYS P 484 69.19 -5.27 -60.74
N PHE P 485 68.97 -6.09 -59.72
CA PHE P 485 68.47 -5.70 -58.41
C PHE P 485 69.59 -5.87 -57.37
N THR P 486 69.90 -4.82 -56.61
CA THR P 486 70.95 -4.86 -55.59
C THR P 486 70.64 -3.86 -54.49
N ASN P 487 70.68 -4.30 -53.23
CA ASN P 487 70.52 -3.45 -52.04
C ASN P 487 69.27 -2.54 -52.07
N GLY P 488 68.13 -3.07 -52.55
CA GLY P 488 66.87 -2.32 -52.63
C GLY P 488 66.77 -1.39 -53.84
N LEU P 489 67.74 -1.41 -54.76
CA LEU P 489 67.76 -0.61 -55.98
C LEU P 489 67.65 -1.51 -57.21
N ALA P 490 67.10 -0.94 -58.30
CA ALA P 490 66.98 -1.61 -59.60
C ALA P 490 67.54 -0.73 -60.71
N GLY P 491 68.30 -1.31 -61.63
CA GLY P 491 68.89 -0.57 -62.76
C GLY P 491 69.25 -1.47 -63.94
N ALA Q 11 83.22 -12.32 -91.08
CA ALA Q 11 83.86 -11.56 -90.00
C ALA Q 11 82.86 -11.11 -88.92
N GLY Q 12 81.68 -10.62 -89.33
CA GLY Q 12 80.63 -10.20 -88.40
C GLY Q 12 80.03 -11.34 -87.55
N SER Q 13 79.68 -12.48 -88.15
CA SER Q 13 79.07 -13.60 -87.42
C SER Q 13 80.04 -14.26 -86.44
N LEU Q 14 81.32 -14.40 -86.82
CA LEU Q 14 82.35 -14.89 -85.90
C LEU Q 14 82.61 -13.87 -84.78
N THR Q 15 82.60 -12.57 -85.09
CA THR Q 15 82.77 -11.50 -84.08
C THR Q 15 81.64 -11.51 -83.07
N GLN Q 16 80.39 -11.78 -83.48
CA GLN Q 16 79.26 -11.94 -82.55
C GLN Q 16 79.48 -13.08 -81.55
N LEU Q 17 80.03 -14.22 -81.97
CA LEU Q 17 80.34 -15.34 -81.07
C LEU Q 17 81.48 -15.02 -80.10
N LEU Q 18 82.38 -14.10 -80.48
CA LEU Q 18 83.49 -13.65 -79.64
C LEU Q 18 83.10 -12.48 -78.72
N ALA Q 19 82.09 -11.69 -79.10
CA ALA Q 19 81.59 -10.55 -78.35
C ALA Q 19 80.73 -10.99 -77.16
N THR Q 20 81.33 -11.74 -76.24
CA THR Q 20 80.71 -12.21 -75.00
C THR Q 20 81.40 -11.57 -73.79
N GLY Q 21 80.62 -11.25 -72.77
CA GLY Q 21 81.07 -10.70 -71.51
C GLY Q 21 80.59 -11.51 -70.30
N SER Q 22 80.79 -10.96 -69.10
CA SER Q 22 80.38 -11.62 -67.85
C SER Q 22 78.87 -11.84 -67.72
N MET Q 23 78.04 -11.02 -68.38
CA MET Q 23 76.58 -11.21 -68.41
C MET Q 23 76.17 -12.44 -69.23
N ASP Q 24 76.84 -12.70 -70.35
CA ASP Q 24 76.55 -13.86 -71.21
C ASP Q 24 76.87 -15.18 -70.53
N ALA Q 25 77.79 -15.17 -69.56
CA ALA Q 25 78.17 -16.35 -68.81
C ALA Q 25 76.97 -16.97 -68.06
N ALA Q 26 76.07 -16.15 -67.52
CA ALA Q 26 74.85 -16.63 -66.85
C ALA Q 26 73.87 -17.33 -67.80
N LEU Q 27 73.97 -17.08 -69.11
CA LEU Q 27 73.06 -17.60 -70.12
C LEU Q 27 73.65 -18.75 -70.95
N THR Q 28 74.96 -18.70 -71.22
CA THR Q 28 75.59 -19.57 -72.24
C THR Q 28 76.82 -20.33 -71.75
N GLN Q 29 77.41 -19.97 -70.60
CA GLN Q 29 78.54 -20.71 -70.07
C GLN Q 29 78.08 -22.12 -69.67
N ASN Q 30 78.86 -23.14 -70.07
CA ASN Q 30 78.52 -24.55 -69.84
C ASN Q 30 77.14 -24.94 -70.38
N ALA Q 31 76.77 -24.43 -71.56
CA ALA Q 31 75.50 -24.73 -72.21
C ALA Q 31 75.22 -26.25 -72.24
N THR Q 32 74.08 -26.64 -71.67
CA THR Q 32 73.63 -28.05 -71.58
C THR Q 32 72.69 -28.46 -72.72
N ARG Q 33 72.39 -27.53 -73.63
CA ARG Q 33 71.49 -27.70 -74.77
C ARG Q 33 72.10 -27.11 -76.04
N THR Q 34 71.89 -27.77 -77.17
CA THR Q 34 72.19 -27.25 -78.50
C THR Q 34 70.92 -27.24 -79.36
N PHE Q 35 70.80 -26.27 -80.26
CA PHE Q 35 69.73 -26.20 -81.26
C PHE Q 35 70.01 -27.05 -82.50
N TRP Q 36 71.26 -27.49 -82.70
CA TRP Q 36 71.72 -28.12 -83.95
C TRP Q 36 71.83 -29.65 -83.89
N LYS Q 37 71.47 -30.25 -82.75
CA LYS Q 37 71.39 -31.70 -82.58
C LYS Q 37 70.17 -32.04 -81.75
N SER Q 38 69.29 -32.90 -82.28
CA SER Q 38 68.16 -33.41 -81.52
C SER Q 38 68.62 -34.47 -80.50
N SER Q 39 68.10 -34.37 -79.29
CA SER Q 39 68.14 -35.43 -78.28
C SER Q 39 66.71 -35.89 -78.04
N TYR Q 40 66.49 -37.20 -77.91
CA TYR Q 40 65.19 -37.77 -77.56
C TYR Q 40 65.35 -38.73 -76.37
N GLN Q 41 64.27 -38.92 -75.62
CA GLN Q 41 64.20 -39.89 -74.53
C GLN Q 41 63.50 -41.16 -75.04
N LYS Q 42 63.98 -42.33 -74.60
CA LYS Q 42 63.27 -43.60 -74.83
C LYS Q 42 62.13 -43.71 -73.81
N HIS Q 43 61.02 -44.32 -74.20
CA HIS Q 43 59.86 -44.57 -73.35
C HIS Q 43 59.57 -46.07 -73.25
N SER Q 44 58.77 -46.49 -72.27
CA SER Q 44 58.25 -47.87 -72.15
C SER Q 44 57.22 -48.18 -73.24
N LEU Q 45 56.99 -49.47 -73.52
CA LEU Q 45 56.00 -49.89 -74.50
C LEU Q 45 54.59 -49.79 -73.92
N PHE Q 46 53.67 -49.21 -74.69
CA PHE Q 46 52.25 -49.15 -74.36
C PHE Q 46 51.40 -49.14 -75.64
N ALA Q 47 50.12 -49.49 -75.52
CA ALA Q 47 49.14 -49.38 -76.59
C ALA Q 47 47.83 -48.75 -76.09
N LEU Q 48 47.12 -48.07 -76.98
CA LEU Q 48 45.80 -47.47 -76.69
C LEU Q 48 44.72 -48.23 -77.44
N GLU Q 49 43.59 -48.47 -76.78
CA GLU Q 49 42.42 -49.12 -77.36
C GLU Q 49 41.15 -48.36 -76.96
N SER Q 50 40.32 -47.97 -77.92
CA SER Q 50 39.01 -47.36 -77.65
C SER Q 50 37.93 -48.43 -77.66
N ILE Q 51 37.15 -48.52 -76.58
CA ILE Q 51 36.10 -49.54 -76.44
C ILE Q 51 34.80 -48.87 -75.99
N ASN Q 52 33.74 -49.13 -76.76
CA ASN Q 52 32.39 -48.68 -76.46
C ASN Q 52 31.64 -49.70 -75.60
N GLN Q 53 30.96 -49.23 -74.55
CA GLN Q 53 30.28 -50.07 -73.56
C GLN Q 53 28.87 -49.57 -73.29
N PRO Q 54 27.87 -50.45 -73.23
CA PRO Q 54 26.49 -50.06 -72.93
C PRO Q 54 26.32 -49.73 -71.44
N PHE Q 55 25.33 -48.89 -71.12
CA PHE Q 55 24.93 -48.67 -69.73
C PHE Q 55 24.43 -49.96 -69.08
N THR Q 56 24.65 -50.09 -67.77
CA THR Q 56 24.16 -51.23 -66.97
C THR Q 56 22.66 -51.12 -66.71
N THR Q 57 22.14 -49.90 -66.62
CA THR Q 57 20.71 -49.62 -66.52
C THR Q 57 20.17 -49.01 -67.80
N GLN Q 58 18.85 -48.99 -67.95
CA GLN Q 58 18.20 -48.33 -69.07
C GLN Q 58 18.54 -46.83 -69.10
N VAL Q 59 18.80 -46.31 -70.30
CA VAL Q 59 18.98 -44.89 -70.58
C VAL Q 59 17.66 -44.31 -71.05
N GLN Q 60 17.17 -43.28 -70.38
CA GLN Q 60 15.93 -42.57 -70.71
C GLN Q 60 16.04 -41.09 -70.32
N PHE Q 61 15.34 -40.21 -71.03
CA PHE Q 61 15.22 -38.82 -70.64
C PHE Q 61 14.63 -38.68 -69.23
N GLY Q 62 15.14 -37.73 -68.45
CA GLY Q 62 14.68 -37.44 -67.09
C GLY Q 62 15.03 -38.47 -66.01
N ALA Q 63 15.57 -39.63 -66.40
CA ALA Q 63 15.98 -40.68 -65.49
C ALA Q 63 17.45 -40.55 -65.07
N GLU Q 64 17.87 -41.36 -64.09
CA GLU Q 64 19.28 -41.59 -63.79
C GLU Q 64 19.69 -42.97 -64.30
N SER Q 65 20.85 -43.04 -64.96
CA SER Q 65 21.42 -44.28 -65.46
C SER Q 65 22.85 -44.42 -64.98
N HIS Q 66 23.31 -45.66 -64.80
CA HIS Q 66 24.71 -45.92 -64.47
C HIS Q 66 25.32 -47.02 -65.33
N ILE Q 67 26.64 -46.96 -65.44
CA ILE Q 67 27.47 -47.97 -66.07
C ILE Q 67 28.61 -48.34 -65.13
N THR Q 68 28.87 -49.64 -64.99
CA THR Q 68 30.11 -50.12 -64.38
C THR Q 68 31.16 -50.27 -65.48
N VAL Q 69 32.23 -49.50 -65.39
CA VAL Q 69 33.30 -49.44 -66.39
C VAL Q 69 34.06 -50.76 -66.39
N ASN Q 70 34.18 -51.39 -67.56
CA ASN Q 70 34.90 -52.65 -67.71
C ASN Q 70 36.41 -52.49 -67.45
N ARG Q 71 37.09 -53.59 -67.16
CA ARG Q 71 38.55 -53.64 -66.94
C ARG Q 71 39.24 -54.26 -68.15
N GLN Q 72 39.22 -53.56 -69.28
CA GLN Q 72 39.76 -54.05 -70.55
C GLN Q 72 41.20 -53.59 -70.83
N GLY Q 73 41.84 -52.89 -69.89
CA GLY Q 73 43.27 -52.55 -69.94
C GLY Q 73 43.80 -52.22 -68.54
N ASP Q 74 45.01 -51.67 -68.48
CA ASP Q 74 45.71 -51.40 -67.22
C ASP Q 74 45.45 -50.00 -66.67
N LEU Q 75 45.30 -49.01 -67.56
CA LEU Q 75 44.89 -47.65 -67.23
C LEU Q 75 43.63 -47.25 -68.01
N LEU Q 76 42.90 -46.29 -67.46
CA LEU Q 76 41.80 -45.60 -68.13
C LEU Q 76 42.20 -44.14 -68.42
N SER Q 77 42.16 -43.76 -69.69
CA SER Q 77 42.58 -42.44 -70.19
C SER Q 77 41.37 -41.61 -70.58
N TRP Q 78 41.05 -41.48 -71.87
CA TRP Q 78 39.90 -40.70 -72.32
C TRP Q 78 38.57 -41.40 -72.04
N MET Q 79 37.54 -40.59 -71.82
CA MET Q 79 36.17 -41.03 -71.59
C MET Q 79 35.20 -40.08 -72.30
N TYR Q 80 34.40 -40.65 -73.20
CA TYR Q 80 33.37 -39.93 -73.97
C TYR Q 80 32.00 -40.58 -73.75
N LEU Q 81 31.00 -39.77 -73.48
CA LEU Q 81 29.62 -40.21 -73.52
C LEU Q 81 29.15 -40.15 -74.98
N LYS Q 82 28.95 -41.32 -75.58
CA LYS Q 82 28.40 -41.45 -76.93
C LYS Q 82 26.89 -41.42 -76.83
N ILE Q 83 26.27 -40.37 -77.34
CA ILE Q 83 24.83 -40.16 -77.31
C ILE Q 83 24.29 -40.30 -78.74
N VAL Q 84 23.20 -41.03 -78.90
CA VAL Q 84 22.48 -41.13 -80.18
C VAL Q 84 21.08 -40.55 -79.99
N LEU Q 85 20.80 -39.48 -80.72
CA LEU Q 85 19.50 -38.81 -80.74
C LEU Q 85 18.80 -39.09 -82.06
N PRO Q 86 17.51 -39.44 -82.05
CA PRO Q 86 16.78 -39.63 -83.29
C PRO Q 86 16.59 -38.32 -84.05
N GLY Q 87 16.42 -38.42 -85.36
CA GLY Q 87 15.88 -37.32 -86.14
C GLY Q 87 14.47 -36.96 -85.68
N LEU Q 88 14.12 -35.69 -85.82
CA LEU Q 88 12.82 -35.12 -85.48
C LEU Q 88 12.03 -34.79 -86.76
N LYS Q 89 10.73 -35.04 -86.68
CA LYS Q 89 9.72 -34.53 -87.61
C LYS Q 89 8.58 -33.92 -86.80
N VAL Q 90 7.74 -33.13 -87.45
CA VAL Q 90 6.56 -32.54 -86.81
C VAL Q 90 5.31 -32.84 -87.64
N GLN Q 91 4.18 -32.91 -86.94
CA GLN Q 91 2.86 -33.06 -87.53
C GLN Q 91 1.87 -32.18 -86.76
N ASN Q 92 0.84 -31.64 -87.42
CA ASN Q 92 -0.21 -30.92 -86.72
C ASN Q 92 -0.93 -31.84 -85.74
N GLN Q 93 -1.23 -31.31 -84.57
CA GLN Q 93 -1.96 -32.04 -83.53
C GLN Q 93 -3.31 -32.58 -84.03
N ALA Q 94 -3.99 -31.85 -84.91
CA ALA Q 94 -5.26 -32.25 -85.53
C ALA Q 94 -5.14 -33.51 -86.42
N ASP Q 95 -3.97 -33.77 -86.98
CA ASP Q 95 -3.72 -34.90 -87.89
C ASP Q 95 -3.19 -36.15 -87.14
N THR Q 96 -3.01 -36.06 -85.82
CA THR Q 96 -2.35 -37.09 -85.02
C THR Q 96 -3.35 -37.96 -84.26
N VAL Q 97 -3.27 -39.29 -84.39
CA VAL Q 97 -4.18 -40.26 -83.73
C VAL Q 97 -4.05 -40.26 -82.20
N GLN Q 98 -2.89 -39.83 -81.67
CA GLN Q 98 -2.60 -39.68 -80.24
C GLN Q 98 -1.82 -38.38 -80.01
N PRO Q 99 -2.52 -37.23 -79.90
CA PRO Q 99 -1.87 -35.93 -79.84
C PRO Q 99 -1.22 -35.62 -78.47
N THR Q 100 -1.51 -36.43 -77.44
CA THR Q 100 -1.04 -36.19 -76.07
C THR Q 100 0.45 -36.47 -75.96
N GLN Q 101 1.22 -35.40 -75.83
CA GLN Q 101 2.66 -35.42 -75.62
C GLN Q 101 3.04 -34.38 -74.56
N GLN Q 102 4.23 -34.49 -73.97
CA GLN Q 102 4.80 -33.43 -73.14
C GLN Q 102 4.87 -32.10 -73.92
N SER Q 103 4.72 -30.98 -73.21
CA SER Q 103 4.86 -29.65 -73.81
C SER Q 103 6.33 -29.34 -74.09
N PHE Q 104 6.60 -28.71 -75.22
CA PHE Q 104 7.92 -28.23 -75.63
C PHE Q 104 7.88 -26.72 -75.80
N ALA Q 105 9.01 -26.04 -75.60
CA ALA Q 105 9.15 -24.63 -75.93
C ALA Q 105 8.85 -24.40 -77.42
N SER Q 106 8.16 -23.30 -77.73
CA SER Q 106 7.78 -22.97 -79.11
C SER Q 106 8.04 -21.53 -79.46
N LEU Q 107 8.44 -21.28 -80.71
CA LEU Q 107 8.87 -19.96 -81.17
C LEU Q 107 7.71 -18.98 -81.38
N ASP Q 108 6.49 -19.49 -81.60
CA ASP Q 108 5.26 -18.69 -81.58
C ASP Q 108 4.86 -18.22 -80.17
N ASN Q 109 5.49 -18.77 -79.13
CA ASN Q 109 5.33 -18.35 -77.75
C ASN Q 109 6.70 -18.05 -77.11
N ASP Q 110 7.43 -17.10 -77.69
CA ASP Q 110 8.75 -16.70 -77.21
C ASP Q 110 8.67 -16.00 -75.83
N VAL Q 111 8.81 -16.80 -74.77
CA VAL Q 111 8.75 -16.34 -73.38
C VAL Q 111 9.88 -15.37 -73.05
N ALA Q 112 11.06 -15.52 -73.67
CA ALA Q 112 12.19 -14.62 -73.46
C ALA Q 112 11.93 -13.24 -74.05
N ALA Q 113 11.40 -13.18 -75.29
CA ALA Q 113 11.00 -11.92 -75.90
C ALA Q 113 9.85 -11.25 -75.14
N GLN Q 114 8.85 -12.03 -74.67
CA GLN Q 114 7.76 -11.51 -73.85
C GLN Q 114 8.26 -10.93 -72.52
N ALA Q 115 9.22 -11.61 -71.86
CA ALA Q 115 9.84 -11.10 -70.65
C ALA Q 115 10.58 -9.79 -70.91
N ASP Q 116 11.37 -9.69 -71.99
CA ASP Q 116 12.04 -8.44 -72.38
C ASP Q 116 11.05 -7.31 -72.65
N VAL Q 117 9.94 -7.59 -73.34
CA VAL Q 117 8.88 -6.60 -73.58
C VAL Q 117 8.26 -6.12 -72.26
N SER Q 118 8.08 -7.02 -71.28
CA SER Q 118 7.48 -6.67 -69.99
C SER Q 118 8.26 -5.58 -69.23
N HIS Q 119 9.59 -5.55 -69.36
CA HIS Q 119 10.44 -4.54 -68.72
C HIS Q 119 10.33 -3.15 -69.38
N VAL Q 120 9.96 -3.10 -70.66
CA VAL Q 120 9.81 -1.83 -71.40
C VAL Q 120 8.38 -1.33 -71.48
N LEU Q 121 7.38 -2.12 -71.06
CA LEU Q 121 5.97 -1.69 -71.01
C LEU Q 121 5.75 -0.33 -70.33
N PRO Q 122 6.41 0.01 -69.21
CA PRO Q 122 6.25 1.32 -68.57
C PRO Q 122 6.73 2.51 -69.40
N TYR Q 123 7.53 2.25 -70.45
CA TYR Q 123 8.13 3.25 -71.34
C TYR Q 123 7.41 3.35 -72.70
N ILE Q 124 6.36 2.56 -72.91
CA ILE Q 124 5.55 2.65 -74.13
C ILE Q 124 4.62 3.86 -74.01
N GLU Q 125 4.79 4.83 -74.90
CA GLU Q 125 3.90 5.98 -75.05
C GLU Q 125 2.82 5.70 -76.12
N GLY Q 126 1.55 6.01 -75.83
CA GLY Q 126 0.44 5.86 -76.78
C GLY Q 126 -0.38 4.57 -76.65
N ALA Q 127 -1.31 4.37 -77.60
CA ALA Q 127 -2.32 3.31 -77.55
C ALA Q 127 -1.78 1.93 -77.98
N TYR Q 128 -0.91 1.33 -77.16
CA TYR Q 128 -0.29 0.03 -77.46
C TYR Q 128 -1.30 -1.09 -77.68
N THR Q 129 -2.33 -1.19 -76.86
CA THR Q 129 -3.30 -2.31 -76.88
C THR Q 129 -4.07 -2.41 -78.20
N GLU Q 130 -4.41 -1.27 -78.79
CA GLU Q 130 -5.23 -1.14 -80.01
C GLU Q 130 -4.39 -1.04 -81.30
N ALA Q 131 -3.07 -0.92 -81.18
CA ALA Q 131 -2.17 -0.74 -82.31
C ALA Q 131 -2.08 -1.99 -83.21
N SER Q 132 -1.86 -1.76 -84.51
CA SER Q 132 -1.52 -2.81 -85.47
C SER Q 132 -0.20 -3.50 -85.09
N LEU Q 133 0.06 -4.72 -85.56
CA LEU Q 133 1.27 -5.47 -85.21
C LEU Q 133 2.56 -4.67 -85.54
N ASN Q 134 2.65 -4.12 -86.75
CA ASN Q 134 3.79 -3.31 -87.18
C ASN Q 134 3.97 -2.05 -86.31
N THR Q 135 2.85 -1.44 -85.89
CA THR Q 135 2.88 -0.29 -84.99
C THR Q 135 3.33 -0.72 -83.58
N LYS Q 136 2.93 -1.89 -83.08
CA LYS Q 136 3.39 -2.43 -81.79
C LYS Q 136 4.90 -2.66 -81.79
N GLU Q 137 5.45 -3.21 -82.88
CA GLU Q 137 6.89 -3.42 -83.01
C GLU Q 137 7.67 -2.10 -82.99
N GLN Q 138 7.17 -1.05 -83.66
CA GLN Q 138 7.72 0.31 -83.60
C GLN Q 138 7.69 0.88 -82.18
N LEU Q 139 6.53 0.82 -81.52
CA LEU Q 139 6.36 1.31 -80.15
C LEU Q 139 7.28 0.58 -79.16
N ILE Q 140 7.47 -0.73 -79.31
CA ILE Q 140 8.40 -1.51 -78.47
C ILE Q 140 9.85 -1.08 -78.71
N ALA Q 141 10.27 -0.84 -79.95
CA ALA Q 141 11.62 -0.39 -80.26
C ALA Q 141 11.90 1.03 -79.73
N GLU Q 142 10.92 1.93 -79.83
CA GLU Q 142 11.01 3.27 -79.22
C GLU Q 142 11.06 3.20 -77.69
N ALA Q 143 10.21 2.38 -77.07
CA ALA Q 143 10.21 2.16 -75.63
C ALA Q 143 11.52 1.53 -75.14
N LYS Q 144 12.15 0.64 -75.92
CA LYS Q 144 13.50 0.12 -75.64
C LYS Q 144 14.53 1.25 -75.59
N ASN Q 145 14.51 2.19 -76.53
CA ASN Q 145 15.39 3.37 -76.47
C ASN Q 145 15.15 4.21 -75.21
N SER Q 146 13.89 4.48 -74.86
CA SER Q 146 13.54 5.23 -73.65
C SER Q 146 13.96 4.53 -72.36
N TYR Q 147 13.74 3.21 -72.27
CA TYR Q 147 14.20 2.37 -71.17
C TYR Q 147 15.72 2.41 -71.04
N GLU Q 148 16.45 2.22 -72.14
CA GLU Q 148 17.91 2.18 -72.12
C GLU Q 148 18.54 3.54 -71.84
N ALA Q 149 17.92 4.62 -72.33
CA ALA Q 149 18.32 5.98 -71.98
C ALA Q 149 18.11 6.23 -70.48
N ALA Q 150 16.96 5.83 -69.92
CA ALA Q 150 16.65 6.04 -68.50
C ALA Q 150 17.52 5.20 -67.55
N LYS Q 151 17.81 3.94 -67.91
CA LYS Q 151 18.55 3.00 -67.05
C LYS Q 151 20.06 3.06 -67.24
N TYR Q 152 20.52 3.30 -68.45
CA TYR Q 152 21.94 3.16 -68.82
C TYR Q 152 22.54 4.42 -69.43
N ASN Q 153 21.79 5.53 -69.52
CA ASN Q 153 22.20 6.73 -70.27
C ASN Q 153 22.67 6.40 -71.70
N ALA Q 154 22.06 5.37 -72.31
CA ALA Q 154 22.41 4.94 -73.65
C ALA Q 154 21.89 5.94 -74.68
N ALA Q 155 22.69 6.20 -75.72
CA ALA Q 155 22.20 6.92 -76.89
C ALA Q 155 21.21 6.04 -77.66
N PRO Q 156 20.11 6.60 -78.21
CA PRO Q 156 19.11 5.81 -78.91
C PRO Q 156 19.70 5.20 -80.19
N LEU Q 157 19.38 3.94 -80.44
CA LEU Q 157 19.67 3.30 -81.72
C LEU Q 157 18.55 3.61 -82.72
N PRO Q 158 18.86 3.79 -84.03
CA PRO Q 158 17.83 3.89 -85.05
C PRO Q 158 16.88 2.68 -84.97
N VAL Q 159 15.57 2.93 -84.99
CA VAL Q 159 14.54 1.87 -84.85
C VAL Q 159 14.75 0.73 -85.86
N ALA Q 160 15.12 1.06 -87.10
CA ALA Q 160 15.42 0.08 -88.14
C ALA Q 160 16.59 -0.87 -87.78
N ALA Q 161 17.56 -0.44 -86.97
CA ALA Q 161 18.68 -1.28 -86.53
C ALA Q 161 18.29 -2.25 -85.40
N GLN Q 162 17.20 -1.96 -84.67
CA GLN Q 162 16.68 -2.83 -83.61
C GLN Q 162 15.71 -3.89 -84.15
N MET Q 163 15.08 -3.60 -85.29
CA MET Q 163 14.19 -4.52 -86.00
C MET Q 163 15.02 -5.54 -86.79
N GLN Q 164 15.76 -6.40 -86.08
CA GLN Q 164 16.40 -7.57 -86.70
C GLN Q 164 15.34 -8.65 -86.90
N SER Q 165 14.88 -8.85 -88.13
CA SER Q 165 14.16 -10.07 -88.47
C SER Q 165 15.18 -11.21 -88.54
N THR Q 166 15.10 -12.15 -87.60
CA THR Q 166 15.72 -13.45 -87.85
C THR Q 166 14.87 -14.08 -88.94
N GLU Q 167 15.43 -14.28 -90.14
CA GLU Q 167 14.73 -14.99 -91.22
C GLU Q 167 14.48 -16.43 -90.77
N MET Q 168 13.33 -16.64 -90.13
CA MET Q 168 12.86 -17.96 -89.75
C MET Q 168 12.20 -18.59 -90.97
N PRO Q 169 12.42 -19.89 -91.22
CA PRO Q 169 11.81 -20.55 -92.37
C PRO Q 169 10.28 -20.60 -92.26
N ASP Q 170 9.58 -20.43 -93.38
CA ASP Q 170 8.11 -20.47 -93.48
C ASP Q 170 7.54 -21.91 -93.53
N PHE Q 171 8.15 -22.84 -92.79
CA PHE Q 171 7.69 -24.22 -92.70
C PHE Q 171 7.78 -24.73 -91.26
N ASP Q 172 7.11 -25.85 -90.97
CA ASP Q 172 7.11 -26.44 -89.65
C ASP Q 172 8.36 -27.27 -89.35
N TYR Q 173 8.89 -27.10 -88.15
CA TYR Q 173 10.07 -27.84 -87.70
C TYR Q 173 10.10 -27.98 -86.17
N ALA Q 174 10.93 -28.91 -85.73
CA ALA Q 174 11.42 -29.00 -84.37
C ALA Q 174 12.92 -29.32 -84.40
N TYR Q 175 13.65 -28.88 -83.38
CA TYR Q 175 15.08 -29.13 -83.26
C TYR Q 175 15.49 -29.37 -81.81
N TRP Q 176 16.59 -30.11 -81.67
CA TRP Q 176 17.29 -30.27 -80.40
C TRP Q 176 17.94 -28.95 -79.99
N THR Q 177 17.84 -28.58 -78.72
CA THR Q 177 18.40 -27.31 -78.21
C THR Q 177 19.92 -27.19 -78.44
N GLU Q 178 20.43 -25.97 -78.43
CA GLU Q 178 21.84 -25.66 -78.63
C GLU Q 178 22.73 -26.40 -77.62
N ALA Q 179 23.81 -27.00 -78.10
CA ALA Q 179 24.74 -27.78 -77.29
C ALA Q 179 24.04 -28.92 -76.51
N ILE Q 180 23.05 -29.56 -77.15
CA ILE Q 180 22.24 -30.65 -76.58
C ILE Q 180 23.09 -31.74 -75.91
N GLY Q 181 24.29 -32.04 -76.42
CA GLY Q 181 25.19 -33.02 -75.82
C GLY Q 181 25.59 -32.67 -74.37
N PHE Q 182 25.80 -31.40 -74.06
CA PHE Q 182 25.99 -30.96 -72.68
C PHE Q 182 24.68 -30.89 -71.90
N HIS Q 183 23.63 -30.33 -72.51
CA HIS Q 183 22.34 -30.14 -71.83
C HIS Q 183 21.74 -31.46 -71.32
N LEU Q 184 21.90 -32.54 -72.09
CA LEU Q 184 21.46 -33.89 -71.71
C LEU Q 184 22.07 -34.38 -70.40
N ILE Q 185 23.30 -33.97 -70.08
CA ILE Q 185 24.03 -34.39 -68.90
C ILE Q 185 23.76 -33.39 -67.78
N LYS Q 186 22.59 -33.48 -67.12
CA LYS Q 186 22.30 -32.59 -65.99
C LYS Q 186 23.35 -32.71 -64.90
N ARG Q 187 23.78 -33.95 -64.63
CA ARG Q 187 24.85 -34.26 -63.69
C ARG Q 187 25.48 -35.59 -64.05
N ALA Q 188 26.80 -35.68 -63.97
CA ALA Q 188 27.50 -36.96 -64.02
C ALA Q 188 28.42 -37.11 -62.81
N GLU Q 189 28.49 -38.31 -62.25
CA GLU Q 189 29.31 -38.64 -61.08
C GLU Q 189 30.27 -39.78 -61.43
N PHE Q 190 31.56 -39.55 -61.21
CA PHE Q 190 32.58 -40.59 -61.31
C PHE Q 190 32.76 -41.22 -59.93
N LYS Q 191 32.40 -42.50 -59.79
CA LYS Q 191 32.45 -43.24 -58.52
C LYS Q 191 33.46 -44.36 -58.55
N VAL Q 192 34.14 -44.56 -57.43
CA VAL Q 192 35.10 -45.64 -57.22
C VAL Q 192 34.83 -46.28 -55.87
N GLY Q 193 34.53 -47.58 -55.85
CA GLY Q 193 34.24 -48.30 -54.61
C GLY Q 193 32.99 -47.79 -53.89
N GLY Q 194 32.04 -47.19 -54.62
CA GLY Q 194 30.82 -46.57 -54.06
C GLY Q 194 30.98 -45.12 -53.61
N ALA Q 195 32.21 -44.61 -53.47
CA ALA Q 195 32.46 -43.21 -53.16
C ALA Q 195 32.47 -42.35 -54.43
N THR Q 196 31.81 -41.20 -54.40
CA THR Q 196 31.90 -40.19 -55.47
C THR Q 196 33.26 -39.49 -55.41
N ILE Q 197 34.06 -39.66 -56.45
CA ILE Q 197 35.38 -39.04 -56.59
C ILE Q 197 35.24 -37.63 -57.17
N ASP Q 198 34.36 -37.44 -58.15
CA ASP Q 198 34.10 -36.12 -58.73
C ASP Q 198 32.69 -36.06 -59.31
N THR Q 199 32.15 -34.84 -59.44
CA THR Q 199 30.83 -34.57 -60.03
C THR Q 199 30.96 -33.44 -61.03
N ILE Q 200 30.35 -33.58 -62.20
CA ILE Q 200 30.27 -32.53 -63.22
C ILE Q 200 28.81 -32.24 -63.55
N TRP Q 201 28.53 -31.01 -63.95
CA TRP Q 201 27.19 -30.52 -64.30
C TRP Q 201 27.17 -30.01 -65.74
N SER Q 202 26.01 -30.05 -66.39
CA SER Q 202 25.80 -29.50 -67.75
C SER Q 202 26.35 -28.07 -67.88
N GLU Q 203 25.96 -27.20 -66.95
CA GLU Q 203 26.36 -25.81 -66.92
C GLU Q 203 27.88 -25.64 -66.75
N LEU Q 204 28.52 -26.48 -65.93
CA LEU Q 204 29.97 -26.50 -65.76
C LEU Q 204 30.68 -26.97 -67.04
N LEU Q 205 30.20 -28.04 -67.68
CA LEU Q 205 30.77 -28.54 -68.94
C LEU Q 205 30.80 -27.44 -70.01
N PHE Q 206 29.70 -26.70 -70.15
CA PHE Q 206 29.63 -25.58 -71.08
C PHE Q 206 30.61 -24.47 -70.71
N ALA Q 207 30.69 -24.10 -69.42
CA ALA Q 207 31.61 -23.06 -68.97
C ALA Q 207 33.08 -23.42 -69.18
N MET Q 208 33.43 -24.68 -68.90
CA MET Q 208 34.76 -25.24 -69.15
C MET Q 208 35.13 -25.21 -70.63
N GLU Q 209 34.21 -25.57 -71.54
CA GLU Q 209 34.45 -25.47 -72.98
C GLU Q 209 34.60 -24.02 -73.46
N GLU Q 210 33.84 -23.08 -72.88
CA GLU Q 210 33.97 -21.66 -73.22
C GLU Q 210 35.34 -21.09 -72.86
N LEU Q 211 35.85 -21.41 -71.67
CA LEU Q 211 37.11 -20.88 -71.15
C LEU Q 211 38.34 -21.67 -71.62
N MET Q 212 38.26 -23.00 -71.60
CA MET Q 212 39.41 -23.89 -71.85
C MET Q 212 39.39 -24.51 -73.26
N GLY Q 213 38.31 -24.33 -74.01
CA GLY Q 213 38.18 -24.83 -75.38
C GLY Q 213 39.17 -24.12 -76.31
N ARG Q 214 40.14 -24.88 -76.85
CA ARG Q 214 41.19 -24.34 -77.71
C ARG Q 214 40.67 -24.00 -79.11
N ALA Q 215 41.19 -22.92 -79.69
CA ALA Q 215 40.91 -22.57 -81.08
C ALA Q 215 41.22 -23.74 -82.03
N GLY Q 216 40.30 -24.04 -82.95
CA GLY Q 216 40.40 -25.18 -83.87
C GLY Q 216 40.10 -26.55 -83.26
N ARG Q 217 39.82 -26.63 -81.95
CA ARG Q 217 39.42 -27.86 -81.24
C ARG Q 217 38.17 -27.67 -80.37
N ARG Q 218 37.33 -26.70 -80.75
CA ARG Q 218 36.05 -26.48 -80.08
C ARG Q 218 35.13 -27.68 -80.31
N LEU Q 219 34.32 -28.00 -79.32
CA LEU Q 219 33.50 -29.21 -79.30
C LEU Q 219 32.24 -29.14 -80.19
N THR Q 220 32.10 -28.12 -81.04
CA THR Q 220 30.86 -27.75 -81.76
C THR Q 220 30.03 -28.95 -82.24
N GLU Q 221 30.51 -29.69 -83.23
CA GLU Q 221 29.81 -30.84 -83.79
C GLU Q 221 29.66 -31.97 -82.76
N THR Q 222 30.68 -32.22 -81.94
CA THR Q 222 30.70 -33.32 -80.97
C THR Q 222 29.65 -33.20 -79.87
N ILE Q 223 29.10 -32.00 -79.62
CA ILE Q 223 28.06 -31.74 -78.61
C ILE Q 223 26.78 -31.14 -79.20
N GLY Q 224 26.66 -31.00 -80.53
CA GLY Q 224 25.50 -30.38 -81.18
C GLY Q 224 25.39 -28.87 -80.93
N ARG Q 225 26.50 -28.15 -80.96
CA ARG Q 225 26.57 -26.68 -80.77
C ARG Q 225 26.82 -25.96 -82.10
N THR Q 226 25.99 -24.97 -82.41
CA THR Q 226 25.99 -24.20 -83.67
C THR Q 226 26.37 -22.73 -83.52
N LEU Q 227 26.68 -22.30 -82.29
CA LEU Q 227 26.89 -20.91 -81.89
C LEU Q 227 25.62 -20.06 -82.13
N ARG Q 228 24.47 -20.58 -81.69
CA ARG Q 228 23.15 -19.94 -81.77
C ARG Q 228 22.73 -19.60 -83.21
N ARG Q 229 22.88 -20.56 -84.13
CA ARG Q 229 22.33 -20.48 -85.50
C ARG Q 229 21.18 -21.47 -85.63
N PRO Q 230 19.92 -21.04 -85.38
CA PRO Q 230 18.78 -21.96 -85.32
C PRO Q 230 18.61 -22.81 -86.58
N THR Q 231 18.89 -22.25 -87.76
CA THR Q 231 18.79 -22.96 -89.04
C THR Q 231 19.73 -24.17 -89.13
N GLU Q 232 20.89 -24.11 -88.50
CA GLU Q 232 21.83 -25.24 -88.45
C GLU Q 232 21.36 -26.32 -87.47
N LEU Q 233 20.78 -25.93 -86.31
CA LEU Q 233 20.15 -26.86 -85.39
C LEU Q 233 18.97 -27.61 -86.04
N MET Q 234 18.16 -26.90 -86.81
CA MET Q 234 17.05 -27.48 -87.58
C MET Q 234 17.57 -28.52 -88.58
N LYS Q 235 18.58 -28.16 -89.39
CA LYS Q 235 19.17 -29.08 -90.37
C LYS Q 235 19.71 -30.34 -89.70
N ALA Q 236 20.49 -30.18 -88.63
CA ALA Q 236 21.06 -31.31 -87.89
C ALA Q 236 19.96 -32.20 -87.28
N SER Q 237 18.87 -31.60 -86.78
CA SER Q 237 17.80 -32.32 -86.08
C SER Q 237 16.86 -33.11 -86.98
N ARG Q 238 16.96 -33.01 -88.31
CA ARG Q 238 16.11 -33.77 -89.25
C ARG Q 238 16.51 -35.23 -89.41
N GLN Q 239 17.69 -35.60 -88.94
CA GLN Q 239 18.27 -36.93 -89.05
C GLN Q 239 18.85 -37.37 -87.70
N GLU Q 240 19.20 -38.66 -87.60
CA GLU Q 240 19.88 -39.18 -86.42
C GLU Q 240 21.21 -38.44 -86.19
N GLN Q 241 21.47 -38.06 -84.94
CA GLN Q 241 22.71 -37.42 -84.52
C GLN Q 241 23.48 -38.34 -83.58
N ILE Q 242 24.77 -38.49 -83.83
CA ILE Q 242 25.70 -39.19 -82.93
C ILE Q 242 26.65 -38.15 -82.34
N LEU Q 243 26.60 -37.97 -81.04
CA LEU Q 243 27.39 -37.00 -80.29
C LEU Q 243 28.41 -37.73 -79.43
N TYR Q 244 29.62 -37.17 -79.31
CA TYR Q 244 30.69 -37.69 -78.47
C TYR Q 244 31.08 -36.63 -77.45
N VAL Q 245 30.43 -36.66 -76.29
CA VAL Q 245 30.61 -35.64 -75.26
C VAL Q 245 31.79 -36.01 -74.38
N PRO Q 246 32.92 -35.27 -74.39
CA PRO Q 246 34.05 -35.57 -73.52
C PRO Q 246 33.67 -35.33 -72.05
N LEU Q 247 34.02 -36.26 -71.18
CA LEU Q 247 33.86 -36.11 -69.73
C LEU Q 247 35.22 -35.70 -69.13
N PRO Q 248 35.39 -34.43 -68.72
CA PRO Q 248 36.70 -33.85 -68.42
C PRO Q 248 37.22 -34.19 -67.01
N TRP Q 249 37.18 -35.46 -66.62
CA TRP Q 249 37.72 -35.94 -65.35
C TRP Q 249 39.23 -35.67 -65.23
N TYR Q 250 39.76 -35.64 -64.00
CA TYR Q 250 41.19 -35.37 -63.76
C TYR Q 250 42.11 -36.28 -64.61
N PHE Q 251 41.75 -37.56 -64.75
CA PHE Q 251 42.55 -38.56 -65.45
C PHE Q 251 42.51 -38.44 -66.98
N THR Q 252 41.59 -37.64 -67.54
CA THR Q 252 41.53 -37.40 -68.99
C THR Q 252 42.40 -36.22 -69.43
N LYS Q 253 43.01 -35.49 -68.47
CA LYS Q 253 43.71 -34.22 -68.74
C LYS Q 253 45.18 -34.39 -69.10
N HIS Q 254 45.82 -35.46 -68.61
CA HIS Q 254 47.23 -35.73 -68.87
C HIS Q 254 47.52 -37.23 -68.76
N PRO Q 255 48.36 -37.83 -69.64
CA PRO Q 255 48.66 -39.26 -69.60
C PRO Q 255 49.18 -39.77 -68.25
N SER Q 256 49.96 -38.96 -67.52
CA SER Q 256 50.47 -39.35 -66.19
C SER Q 256 49.39 -39.40 -65.09
N LEU Q 257 48.19 -38.91 -65.37
CA LEU Q 257 47.04 -38.94 -64.46
C LEU Q 257 46.03 -40.03 -64.84
N ALA Q 258 46.28 -40.79 -65.91
CA ALA Q 258 45.40 -41.88 -66.31
C ALA Q 258 45.07 -42.77 -65.10
N PHE Q 259 43.80 -43.15 -64.97
CA PHE Q 259 43.32 -43.82 -63.77
C PHE Q 259 43.85 -45.26 -63.76
N PRO Q 260 44.62 -45.67 -62.72
CA PRO Q 260 45.27 -46.96 -62.70
C PRO Q 260 44.31 -48.08 -62.30
N LEU Q 261 43.67 -48.70 -63.30
CA LEU Q 261 42.70 -49.78 -63.10
C LEU Q 261 43.33 -50.92 -62.29
N VAL Q 262 44.56 -51.34 -62.64
CA VAL Q 262 45.29 -52.42 -61.94
C VAL Q 262 45.54 -52.13 -60.47
N ALA Q 263 45.71 -50.85 -60.10
CA ALA Q 263 45.95 -50.46 -58.72
C ALA Q 263 44.67 -50.37 -57.88
N ALA Q 264 43.50 -50.34 -58.53
CA ALA Q 264 42.19 -50.26 -57.89
C ALA Q 264 41.37 -51.55 -58.06
N THR Q 265 42.02 -52.72 -58.18
CA THR Q 265 41.39 -54.01 -58.55
C THR Q 265 40.14 -54.40 -57.74
N TYR Q 266 40.06 -54.04 -56.46
CA TYR Q 266 38.94 -54.41 -55.58
C TYR Q 266 37.80 -53.38 -55.53
N HIS Q 267 37.88 -52.30 -56.30
CA HIS Q 267 36.81 -51.30 -56.40
C HIS Q 267 36.15 -51.31 -57.77
N ASN Q 268 34.82 -51.32 -57.80
CA ASN Q 268 34.07 -51.04 -59.01
C ASN Q 268 34.22 -49.56 -59.38
N ILE Q 269 34.40 -49.30 -60.66
CA ILE Q 269 34.45 -47.95 -61.22
C ILE Q 269 33.14 -47.74 -61.95
N GLN Q 270 32.42 -46.69 -61.60
CA GLN Q 270 31.10 -46.43 -62.14
C GLN Q 270 30.98 -44.98 -62.61
N LEU Q 271 30.28 -44.81 -63.72
CA LEU Q 271 29.78 -43.51 -64.15
C LEU Q 271 28.27 -43.51 -63.95
N TRP Q 272 27.80 -42.54 -63.18
CA TRP Q 272 26.37 -42.27 -63.00
C TRP Q 272 26.02 -40.99 -63.76
N VAL Q 273 24.90 -40.99 -64.49
CA VAL Q 273 24.44 -39.86 -65.29
C VAL Q 273 22.97 -39.61 -65.02
N GLN Q 274 22.66 -38.39 -64.57
CA GLN Q 274 21.31 -37.88 -64.48
C GLN Q 274 20.98 -37.14 -65.79
N TRP Q 275 19.97 -37.64 -66.51
CA TRP Q 275 19.59 -37.15 -67.83
C TRP Q 275 18.59 -35.99 -67.74
N ALA Q 276 18.67 -35.05 -68.69
CA ALA Q 276 17.69 -33.99 -68.84
C ALA Q 276 16.31 -34.54 -69.22
N GLN Q 277 15.25 -33.84 -68.79
CA GLN Q 277 13.88 -34.15 -69.20
C GLN Q 277 13.69 -33.81 -70.69
N LEU Q 278 12.93 -34.65 -71.41
CA LEU Q 278 12.71 -34.53 -72.84
C LEU Q 278 12.08 -33.18 -73.23
N ASN Q 279 11.10 -32.70 -72.46
CA ASN Q 279 10.47 -31.39 -72.63
C ASN Q 279 11.46 -30.21 -72.70
N SER Q 280 12.62 -30.32 -72.05
CA SER Q 280 13.65 -29.28 -72.06
C SER Q 280 14.62 -29.39 -73.24
N CYS Q 281 14.61 -30.50 -73.97
CA CYS Q 281 15.60 -30.79 -75.00
C CYS Q 281 15.19 -30.32 -76.40
N ILE Q 282 13.91 -29.99 -76.61
CA ILE Q 282 13.34 -29.72 -77.94
C ILE Q 282 12.66 -28.35 -77.97
N ILE Q 283 12.87 -27.64 -79.07
CA ILE Q 283 12.17 -26.40 -79.43
C ILE Q 283 11.44 -26.63 -80.76
N LYS Q 284 10.21 -26.14 -80.90
CA LYS Q 284 9.38 -26.27 -82.11
C LYS Q 284 8.96 -24.92 -82.68
N SER Q 285 8.66 -24.87 -83.98
CA SER Q 285 8.22 -23.64 -84.63
C SER Q 285 6.90 -23.12 -84.07
N ARG Q 286 5.95 -24.02 -83.78
CA ARG Q 286 4.59 -23.68 -83.30
C ARG Q 286 4.10 -24.57 -82.17
N SER Q 287 3.31 -23.98 -81.27
CA SER Q 287 2.78 -24.58 -80.05
C SER Q 287 1.85 -25.77 -80.30
N ASN Q 288 1.14 -25.80 -81.43
CA ASN Q 288 0.16 -26.83 -81.82
C ASN Q 288 0.77 -28.03 -82.60
N LEU Q 289 2.10 -28.14 -82.68
CA LEU Q 289 2.77 -29.26 -83.34
C LEU Q 289 3.07 -30.40 -82.36
N VAL Q 290 2.91 -31.64 -82.84
CA VAL Q 290 3.39 -32.87 -82.20
C VAL Q 290 4.76 -33.20 -82.78
N VAL Q 291 5.72 -33.56 -81.91
CA VAL Q 291 7.08 -33.91 -82.33
C VAL Q 291 7.18 -35.43 -82.44
N LEU Q 292 7.60 -35.91 -83.60
CA LEU Q 292 7.70 -37.32 -83.95
C LEU Q 292 9.17 -37.75 -84.11
N HIS Q 293 9.45 -39.01 -83.77
CA HIS Q 293 10.66 -39.70 -84.18
C HIS Q 293 10.66 -39.87 -85.71
N ALA Q 294 11.64 -39.29 -86.40
CA ALA Q 294 11.65 -39.17 -87.86
C ALA Q 294 11.61 -40.50 -88.62
N GLU Q 295 12.29 -41.52 -88.10
CA GLU Q 295 12.32 -42.87 -88.69
C GLU Q 295 11.09 -43.71 -88.30
N ARG Q 296 10.74 -43.75 -87.01
CA ARG Q 296 9.67 -44.61 -86.49
C ARG Q 296 8.25 -44.05 -86.70
N ASN Q 297 8.12 -42.77 -87.02
CA ASN Q 297 6.84 -42.06 -87.18
C ASN Q 297 5.89 -42.23 -85.98
N VAL Q 298 6.44 -42.20 -84.77
CA VAL Q 298 5.70 -42.21 -83.50
C VAL Q 298 6.04 -40.95 -82.70
N PRO Q 299 5.15 -40.44 -81.83
CA PRO Q 299 5.47 -39.34 -80.93
C PRO Q 299 6.78 -39.60 -80.18
N ILE Q 300 7.64 -38.58 -80.08
CA ILE Q 300 8.90 -38.73 -79.33
C ILE Q 300 8.61 -38.90 -77.84
N SER Q 301 9.29 -39.86 -77.21
CA SER Q 301 9.10 -40.31 -75.83
C SER Q 301 10.44 -40.49 -75.11
N ASP Q 302 10.38 -40.63 -73.79
CA ASP Q 302 11.55 -40.63 -72.91
C ASP Q 302 12.52 -41.81 -73.19
N ASP Q 303 12.02 -42.91 -73.75
CA ASP Q 303 12.79 -44.12 -74.10
C ASP Q 303 13.54 -44.03 -75.44
N HIS Q 304 13.42 -42.91 -76.16
CA HIS Q 304 14.15 -42.69 -77.39
C HIS Q 304 15.57 -42.15 -77.20
N LEU Q 305 15.98 -41.81 -75.98
CA LEU Q 305 17.38 -41.49 -75.67
C LEU Q 305 18.21 -42.76 -75.69
N ARG Q 306 19.30 -42.78 -76.47
CA ARG Q 306 20.28 -43.85 -76.43
C ARG Q 306 21.65 -43.29 -76.07
N ALA Q 307 22.35 -43.95 -75.17
CA ALA Q 307 23.72 -43.59 -74.84
C ALA Q 307 24.56 -44.81 -74.50
N SER Q 308 25.86 -44.69 -74.74
CA SER Q 308 26.89 -45.65 -74.36
C SER Q 308 28.16 -44.89 -73.94
N LEU Q 309 29.08 -45.56 -73.28
CA LEU Q 309 30.32 -44.98 -72.80
C LEU Q 309 31.48 -45.48 -73.65
N GLU Q 310 32.20 -44.57 -74.30
CA GLU Q 310 33.42 -44.89 -75.02
C GLU Q 310 34.64 -44.54 -74.16
N CYS Q 311 35.40 -45.56 -73.78
CA CYS Q 311 36.57 -45.45 -72.93
C CYS Q 311 37.83 -45.81 -73.70
N THR Q 312 38.89 -45.02 -73.54
CA THR Q 312 40.22 -45.37 -74.03
C THR Q 312 41.02 -46.04 -72.91
N TYR Q 313 41.34 -47.31 -73.11
CA TYR Q 313 42.20 -48.11 -72.25
C TYR Q 313 43.65 -48.01 -72.69
N VAL Q 314 44.56 -48.08 -71.72
CA VAL Q 314 46.00 -48.20 -71.97
C VAL Q 314 46.45 -49.60 -71.54
N HIS Q 315 47.11 -50.30 -72.45
CA HIS Q 315 47.78 -51.57 -72.19
C HIS Q 315 49.26 -51.30 -71.97
N LEU Q 316 49.80 -51.76 -70.84
CA LEU Q 316 51.19 -51.55 -70.45
C LEU Q 316 52.00 -52.82 -70.67
N GLU Q 317 53.32 -52.65 -70.87
CA GLU Q 317 54.24 -53.77 -70.75
C GLU Q 317 54.22 -54.34 -69.33
N ALA Q 318 54.41 -55.66 -69.20
CA ALA Q 318 54.33 -56.39 -67.94
C ALA Q 318 55.15 -55.74 -66.81
N ALA Q 319 56.38 -55.30 -67.10
CA ALA Q 319 57.24 -54.67 -66.10
C ALA Q 319 56.65 -53.37 -65.53
N GLU Q 320 56.05 -52.52 -66.37
CA GLU Q 320 55.42 -51.28 -65.93
C GLU Q 320 54.10 -51.54 -65.21
N ARG Q 321 53.31 -52.49 -65.72
CA ARG Q 321 52.08 -52.96 -65.07
C ARG Q 321 52.33 -53.49 -63.66
N ASP Q 322 53.36 -54.31 -63.49
CA ASP Q 322 53.74 -54.89 -62.20
C ASP Q 322 54.24 -53.80 -61.24
N ALA Q 323 55.05 -52.86 -61.74
CA ALA Q 323 55.51 -51.71 -60.95
C ALA Q 323 54.35 -50.84 -60.47
N LEU Q 324 53.37 -50.56 -61.35
CA LEU Q 324 52.19 -49.77 -61.03
C LEU Q 324 51.27 -50.50 -60.03
N THR Q 325 51.14 -51.82 -60.15
CA THR Q 325 50.35 -52.63 -59.21
C THR Q 325 50.99 -52.64 -57.82
N ALA Q 326 52.32 -52.74 -57.76
CA ALA Q 326 53.06 -52.73 -56.50
C ALA Q 326 53.05 -51.34 -55.84
N ASN Q 327 53.13 -50.26 -56.61
CA ASN Q 327 53.22 -48.91 -56.07
C ASN Q 327 52.61 -47.83 -57.00
N ALA Q 328 51.28 -47.76 -57.06
CA ALA Q 328 50.60 -46.65 -57.73
C ALA Q 328 50.65 -45.32 -56.93
N GLY Q 329 50.86 -45.39 -55.62
CA GLY Q 329 51.02 -44.22 -54.77
C GLY Q 329 49.79 -43.31 -54.74
N THR Q 330 50.02 -42.03 -55.02
CA THR Q 330 49.00 -40.97 -54.96
C THR Q 330 48.98 -40.15 -56.24
N GLN Q 331 47.79 -39.76 -56.69
CA GLN Q 331 47.60 -38.80 -57.76
C GLN Q 331 47.01 -37.51 -57.20
N LEU Q 332 47.57 -36.37 -57.62
CA LEU Q 332 46.91 -35.08 -57.46
C LEU Q 332 45.68 -35.06 -58.36
N ILE Q 333 44.52 -34.73 -57.80
CA ILE Q 333 43.27 -34.64 -58.54
C ILE Q 333 42.66 -33.25 -58.40
N VAL Q 334 41.89 -32.86 -59.40
CA VAL Q 334 41.01 -31.70 -59.32
C VAL Q 334 39.58 -32.22 -59.20
N GLN Q 335 38.87 -31.76 -58.17
CA GLN Q 335 37.44 -32.02 -57.95
C GLN Q 335 36.64 -30.75 -58.20
N HIS Q 336 35.38 -30.90 -58.58
CA HIS Q 336 34.46 -29.80 -58.80
C HIS Q 336 33.43 -29.69 -57.67
N GLN Q 337 33.14 -28.46 -57.26
CA GLN Q 337 32.12 -28.13 -56.26
C GLN Q 337 31.15 -27.11 -56.86
N ALA Q 338 29.90 -27.11 -56.39
CA ALA Q 338 28.85 -26.26 -56.95
C ALA Q 338 28.06 -25.56 -55.83
N HIS Q 339 27.78 -24.28 -56.04
CA HIS Q 339 26.81 -23.48 -55.29
C HIS Q 339 25.77 -22.99 -56.28
N LEU Q 340 24.54 -23.45 -56.11
CA LEU Q 340 23.42 -23.14 -56.99
C LEU Q 340 22.39 -22.35 -56.19
N GLN Q 341 22.00 -21.18 -56.68
CA GLN Q 341 21.14 -20.24 -55.96
C GLN Q 341 20.10 -19.62 -56.87
N GLN Q 342 18.88 -19.42 -56.35
CA GLN Q 342 17.85 -18.64 -57.03
C GLN Q 342 18.07 -17.13 -56.77
N VAL Q 343 17.78 -16.33 -57.77
CA VAL Q 343 17.98 -14.88 -57.80
C VAL Q 343 16.63 -14.20 -58.02
N SER Q 344 16.31 -13.31 -57.07
CA SER Q 344 15.05 -12.55 -57.04
C SER Q 344 15.28 -11.05 -56.76
N SER Q 345 16.52 -10.58 -56.84
CA SER Q 345 16.91 -9.20 -56.56
C SER Q 345 18.18 -8.83 -57.31
N ASN Q 346 18.37 -7.54 -57.57
CA ASN Q 346 19.55 -7.04 -58.29
C ASN Q 346 20.83 -7.13 -57.43
N ASN Q 347 20.71 -7.17 -56.11
CA ASN Q 347 21.84 -7.43 -55.21
C ASN Q 347 21.76 -8.86 -54.72
N VAL Q 348 22.82 -9.63 -54.96
CA VAL Q 348 22.90 -11.06 -54.61
C VAL Q 348 24.21 -11.31 -53.89
N THR Q 349 24.14 -11.96 -52.74
CA THR Q 349 25.32 -12.48 -52.04
C THR Q 349 25.27 -14.00 -52.06
N ALA Q 350 26.28 -14.61 -52.67
CA ALA Q 350 26.47 -16.06 -52.65
C ALA Q 350 27.50 -16.43 -51.58
N ARG Q 351 27.09 -17.24 -50.61
CA ARG Q 351 27.98 -17.80 -49.58
C ARG Q 351 28.58 -19.11 -50.07
N LEU Q 352 29.85 -19.07 -50.45
CA LEU Q 352 30.54 -20.17 -51.10
C LEU Q 352 31.11 -21.13 -50.05
N ASN Q 353 30.30 -22.12 -49.64
CA ASN Q 353 30.69 -23.16 -48.68
C ASN Q 353 31.54 -24.26 -49.33
N PHE Q 354 32.48 -23.89 -50.19
CA PHE Q 354 33.41 -24.84 -50.81
C PHE Q 354 34.52 -25.22 -49.83
N ASN Q 355 35.12 -26.38 -50.05
CA ASN Q 355 36.21 -26.91 -49.26
C ASN Q 355 37.48 -27.09 -50.10
N PHE Q 356 38.57 -27.43 -49.40
CA PHE Q 356 39.89 -27.73 -49.93
C PHE Q 356 40.60 -26.52 -50.58
N PRO Q 357 41.86 -26.68 -51.04
CA PRO Q 357 42.55 -25.67 -51.83
C PRO Q 357 41.86 -25.44 -53.19
N VAL Q 358 41.07 -24.38 -53.28
CA VAL Q 358 40.39 -23.92 -54.51
C VAL Q 358 41.41 -23.25 -55.42
N LEU Q 359 41.50 -23.73 -56.66
CA LEU Q 359 42.34 -23.17 -57.73
C LEU Q 359 41.70 -21.92 -58.31
N GLU Q 360 40.42 -22.01 -58.60
CA GLU Q 360 39.62 -21.01 -59.28
C GLU Q 360 38.13 -21.29 -59.10
N PHE Q 361 37.31 -20.30 -59.41
CA PHE Q 361 35.88 -20.48 -59.56
C PHE Q 361 35.35 -19.78 -60.81
N TYR Q 362 34.23 -20.30 -61.29
CA TYR Q 362 33.43 -19.74 -62.37
C TYR Q 362 32.07 -19.36 -61.81
N TYR Q 363 31.48 -18.29 -62.32
CA TYR Q 363 30.09 -17.99 -62.05
C TYR Q 363 29.40 -17.40 -63.26
N PHE Q 364 28.09 -17.55 -63.33
CA PHE Q 364 27.25 -17.00 -64.38
C PHE Q 364 25.79 -17.08 -63.95
N LEU Q 365 24.94 -16.27 -64.60
CA LEU Q 365 23.52 -16.22 -64.31
C LEU Q 365 22.72 -16.71 -65.52
N ARG Q 366 21.57 -17.32 -65.26
CA ARG Q 366 20.58 -17.65 -66.29
C ARG Q 366 19.24 -17.06 -65.90
N ARG Q 367 18.69 -16.24 -66.79
CA ARG Q 367 17.32 -15.75 -66.65
C ARG Q 367 16.34 -16.91 -66.70
N LYS Q 368 15.27 -16.82 -65.90
CA LYS Q 368 14.17 -17.79 -65.96
C LYS Q 368 13.60 -17.83 -67.37
N ALA Q 369 13.41 -16.68 -68.01
CA ALA Q 369 12.83 -16.61 -69.35
C ALA Q 369 13.69 -17.33 -70.40
N ASN Q 370 15.02 -17.22 -70.35
CA ASN Q 370 15.93 -17.94 -71.25
C ASN Q 370 15.82 -19.46 -71.06
N LYS Q 371 15.76 -19.91 -69.80
CA LYS Q 371 15.58 -21.34 -69.46
C LYS Q 371 14.24 -21.87 -69.98
N ASP Q 372 13.16 -21.12 -69.76
CA ASP Q 372 11.81 -21.49 -70.19
C ASP Q 372 11.67 -21.49 -71.73
N ALA Q 373 12.39 -20.62 -72.42
CA ALA Q 373 12.49 -20.60 -73.88
C ALA Q 373 13.34 -21.76 -74.45
N GLY Q 374 13.96 -22.58 -73.60
CA GLY Q 374 14.81 -23.69 -74.01
C GLY Q 374 16.23 -23.27 -74.43
N ASP Q 375 16.63 -22.02 -74.18
CA ASP Q 375 17.97 -21.48 -74.48
C ASP Q 375 18.89 -21.62 -73.26
N HIS Q 376 19.20 -22.87 -72.89
CA HIS Q 376 19.78 -23.24 -71.59
C HIS Q 376 21.16 -22.67 -71.32
N PHE Q 377 21.93 -22.33 -72.35
CA PHE Q 377 23.28 -21.77 -72.25
C PHE Q 377 23.34 -20.29 -72.60
N ASN Q 378 22.19 -19.63 -72.66
CA ASN Q 378 22.11 -18.18 -72.76
C ASN Q 378 22.15 -17.55 -71.38
N PHE Q 379 23.36 -17.14 -71.02
CA PHE Q 379 23.67 -16.46 -69.77
C PHE Q 379 23.57 -14.94 -69.87
N SER Q 380 22.95 -14.40 -70.92
CA SER Q 380 22.75 -12.96 -71.04
C SER Q 380 21.61 -12.44 -70.15
N GLY Q 381 21.68 -11.16 -69.84
CA GLY Q 381 20.68 -10.39 -69.12
C GLY Q 381 19.50 -9.97 -70.01
N ILE Q 382 18.84 -8.89 -69.61
CA ILE Q 382 17.64 -8.37 -70.28
C ILE Q 382 18.09 -7.71 -71.58
N GLY Q 383 17.41 -8.00 -72.69
CA GLY Q 383 17.79 -7.49 -74.01
C GLY Q 383 19.17 -7.94 -74.48
N GLY Q 384 19.67 -9.08 -73.98
CA GLY Q 384 21.00 -9.60 -74.35
C GLY Q 384 22.19 -8.88 -73.71
N ARG Q 385 21.96 -7.98 -72.74
CA ARG Q 385 23.01 -7.24 -72.03
C ARG Q 385 23.78 -8.14 -71.04
N ASP Q 386 24.86 -7.61 -70.48
CA ASP Q 386 25.62 -8.31 -69.44
C ASP Q 386 24.81 -8.29 -68.13
N PRO Q 387 24.45 -9.45 -67.53
CA PRO Q 387 23.59 -9.49 -66.35
C PRO Q 387 24.30 -8.97 -65.09
N VAL Q 388 25.63 -8.99 -65.05
CA VAL Q 388 26.43 -8.49 -63.93
C VAL Q 388 26.91 -7.08 -64.24
N VAL Q 389 26.68 -6.16 -63.31
CA VAL Q 389 27.28 -4.81 -63.37
C VAL Q 389 28.65 -4.85 -62.71
N SER Q 390 28.71 -5.40 -61.48
CA SER Q 390 29.95 -5.53 -60.73
C SER Q 390 29.89 -6.71 -59.76
N ALA Q 391 31.06 -7.17 -59.34
CA ALA Q 391 31.21 -8.18 -58.30
C ALA Q 391 32.38 -7.88 -57.37
N GLU Q 392 32.27 -8.36 -56.14
CA GLU Q 392 33.27 -8.29 -55.08
C GLU Q 392 33.43 -9.68 -54.42
N LEU Q 393 34.67 -10.06 -54.08
CA LEU Q 393 34.96 -11.29 -53.37
C LEU Q 393 35.49 -10.97 -51.97
N LEU Q 394 34.82 -11.50 -50.94
CA LEU Q 394 35.14 -11.28 -49.54
C LEU Q 394 35.58 -12.58 -48.86
N PHE Q 395 36.67 -12.51 -48.10
CA PHE Q 395 37.10 -13.55 -47.16
C PHE Q 395 36.94 -13.01 -45.75
N ASN Q 396 36.16 -13.68 -44.89
CA ASN Q 396 35.92 -13.25 -43.51
C ASN Q 396 35.56 -11.75 -43.42
N ASN Q 397 34.64 -11.30 -44.28
CA ASN Q 397 34.19 -9.90 -44.45
C ASN Q 397 35.28 -8.89 -44.87
N THR Q 398 36.46 -9.35 -45.30
CA THR Q 398 37.52 -8.50 -45.84
C THR Q 398 37.61 -8.70 -47.35
N ALA Q 399 37.65 -7.60 -48.10
CA ALA Q 399 37.73 -7.65 -49.55
C ALA Q 399 39.03 -8.32 -50.01
N ARG Q 400 38.92 -9.52 -50.57
CA ARG Q 400 40.02 -10.21 -51.26
C ARG Q 400 40.18 -9.67 -52.68
N VAL Q 401 39.06 -9.38 -53.34
CA VAL Q 401 38.99 -8.62 -54.58
C VAL Q 401 37.94 -7.56 -54.36
N THR Q 402 38.34 -6.29 -54.35
CA THR Q 402 37.41 -5.16 -54.26
C THR Q 402 36.47 -5.14 -55.46
N GLN Q 403 35.38 -4.38 -55.37
CA GLN Q 403 34.40 -4.26 -56.44
C GLN Q 403 35.07 -4.00 -57.81
N LYS Q 404 34.81 -4.90 -58.77
CA LYS Q 404 35.27 -4.81 -60.16
C LYS Q 404 34.09 -4.95 -61.13
N PRO Q 405 34.12 -4.26 -62.28
CA PRO Q 405 33.06 -4.37 -63.29
C PRO Q 405 33.06 -5.75 -63.95
N ALA Q 406 31.91 -6.17 -64.49
CA ALA Q 406 31.73 -7.47 -65.17
C ALA Q 406 32.83 -7.81 -66.18
N VAL Q 407 33.25 -6.85 -67.01
CA VAL Q 407 34.28 -7.05 -68.03
C VAL Q 407 35.62 -7.51 -67.45
N TRP Q 408 35.95 -7.10 -66.21
CA TRP Q 408 37.18 -7.55 -65.56
C TRP Q 408 37.11 -9.04 -65.20
N TRP Q 409 36.01 -9.47 -64.60
CA TRP Q 409 35.78 -10.88 -64.24
C TRP Q 409 35.61 -11.78 -65.47
N ARG Q 410 35.06 -11.27 -66.58
CA ARG Q 410 34.83 -12.04 -67.80
C ARG Q 410 36.01 -12.07 -68.75
N ALA Q 411 36.57 -10.90 -69.07
CA ALA Q 411 37.58 -10.78 -70.12
C ALA Q 411 39.01 -10.74 -69.58
N VAL Q 412 39.26 -10.01 -68.47
CA VAL Q 412 40.63 -9.88 -67.94
C VAL Q 412 41.07 -11.18 -67.28
N GLN Q 413 40.22 -11.82 -66.48
CA GLN Q 413 40.54 -13.11 -65.86
C GLN Q 413 40.73 -14.21 -66.92
N ALA Q 414 39.86 -14.27 -67.93
CA ALA Q 414 40.05 -15.20 -69.04
C ALA Q 414 41.35 -14.96 -69.82
N LEU Q 415 41.68 -13.69 -70.12
CA LEU Q 415 42.93 -13.33 -70.79
C LEU Q 415 44.17 -13.76 -70.00
N GLN Q 416 44.13 -13.69 -68.67
CA GLN Q 416 45.28 -13.97 -67.81
C GLN Q 416 45.52 -15.46 -67.58
N PHE Q 417 44.45 -16.26 -67.50
CA PHE Q 417 44.52 -17.61 -66.95
C PHE Q 417 43.96 -18.72 -67.85
N HIS Q 418 43.23 -18.36 -68.91
CA HIS Q 418 42.53 -19.32 -69.75
C HIS Q 418 42.97 -19.33 -71.21
N SER Q 419 42.79 -20.48 -71.85
CA SER Q 419 43.08 -20.69 -73.27
C SER Q 419 42.15 -19.90 -74.21
N SER Q 420 40.99 -19.46 -73.73
CA SER Q 420 39.99 -18.75 -74.51
C SER Q 420 39.18 -17.76 -73.68
N ALA Q 421 38.64 -16.74 -74.35
CA ALA Q 421 37.66 -15.83 -73.76
C ALA Q 421 36.25 -16.34 -74.06
N PRO Q 422 35.33 -16.33 -73.09
CA PRO Q 422 33.99 -16.87 -73.28
C PRO Q 422 33.17 -15.95 -74.22
N LEU Q 423 32.38 -16.57 -75.12
CA LEU Q 423 31.46 -15.87 -76.01
C LEU Q 423 30.13 -15.50 -75.30
N THR Q 424 29.87 -16.17 -74.17
CA THR Q 424 28.72 -15.92 -73.29
C THR Q 424 29.16 -15.22 -72.00
N ASN Q 425 28.21 -14.77 -71.18
CA ASN Q 425 28.48 -14.05 -69.93
C ASN Q 425 28.91 -15.00 -68.80
N ILE Q 426 30.04 -15.68 -69.00
CA ILE Q 426 30.71 -16.50 -68.00
C ILE Q 426 31.83 -15.67 -67.38
N TYR Q 427 31.87 -15.63 -66.07
CA TYR Q 427 32.88 -14.92 -65.30
C TYR Q 427 33.76 -15.94 -64.58
N SER Q 428 35.04 -15.62 -64.40
CA SER Q 428 35.95 -16.47 -63.65
C SER Q 428 36.86 -15.67 -62.73
N TYR Q 429 37.47 -16.36 -61.78
CA TYR Q 429 38.57 -15.84 -60.99
C TYR Q 429 39.52 -16.95 -60.60
N SER Q 430 40.81 -16.76 -60.88
CA SER Q 430 41.83 -17.75 -60.56
C SER Q 430 42.74 -17.28 -59.42
N PHE Q 431 42.97 -18.18 -58.47
CA PHE Q 431 44.05 -18.10 -57.48
C PHE Q 431 45.33 -18.77 -57.99
N SER Q 432 45.24 -19.57 -59.06
CA SER Q 432 46.34 -20.29 -59.70
C SER Q 432 46.90 -19.51 -60.87
N LEU Q 433 48.21 -19.52 -61.08
CA LEU Q 433 48.84 -18.90 -62.26
C LEU Q 433 48.55 -19.68 -63.56
N SER Q 434 48.30 -20.98 -63.44
CA SER Q 434 48.02 -21.88 -64.56
C SER Q 434 46.98 -22.92 -64.15
N PRO Q 435 45.70 -22.53 -63.99
CA PRO Q 435 44.65 -23.44 -63.50
C PRO Q 435 44.30 -24.56 -64.50
N GLU Q 436 44.71 -24.43 -65.76
CA GLU Q 436 44.56 -25.45 -66.80
C GLU Q 436 45.69 -26.50 -66.80
N ASP Q 437 46.79 -26.28 -66.05
CA ASP Q 437 47.83 -27.30 -65.86
C ASP Q 437 47.35 -28.34 -64.84
N PRO Q 438 47.14 -29.60 -65.25
CA PRO Q 438 46.58 -30.62 -64.37
C PRO Q 438 47.60 -31.24 -63.40
N ILE Q 439 48.90 -31.06 -63.64
CA ILE Q 439 49.97 -31.75 -62.88
C ILE Q 439 50.85 -30.80 -62.05
N THR Q 440 50.85 -29.51 -62.35
CA THR Q 440 51.67 -28.51 -61.64
C THR Q 440 50.81 -27.53 -60.86
N PRO Q 441 50.66 -27.69 -59.53
CA PRO Q 441 50.02 -26.67 -58.70
C PRO Q 441 50.71 -25.32 -58.84
N SER Q 442 49.94 -24.28 -59.10
CA SER Q 442 50.48 -22.93 -59.36
C SER Q 442 49.76 -21.83 -58.58
N GLY Q 443 49.13 -22.20 -57.46
CA GLY Q 443 48.40 -21.30 -56.56
C GLY Q 443 47.03 -21.85 -56.18
N SER Q 444 46.56 -21.51 -54.98
CA SER Q 444 45.22 -21.87 -54.49
C SER Q 444 44.88 -21.04 -53.25
N ALA Q 445 43.59 -20.99 -52.91
CA ALA Q 445 43.10 -20.51 -51.63
C ALA Q 445 42.39 -21.66 -50.91
N ASN Q 446 42.78 -21.97 -49.67
CA ASN Q 446 42.19 -23.07 -48.92
C ASN Q 446 40.88 -22.65 -48.25
N PHE Q 447 39.75 -22.97 -48.88
CA PHE Q 447 38.44 -22.56 -48.39
C PHE Q 447 38.04 -23.31 -47.12
N SER Q 448 38.59 -24.50 -46.84
CA SER Q 448 38.37 -25.20 -45.56
C SER Q 448 39.00 -24.49 -44.34
N ARG Q 449 39.75 -23.39 -44.55
CA ARG Q 449 40.36 -22.59 -43.49
C ARG Q 449 39.77 -21.17 -43.41
N LEU Q 450 38.78 -20.86 -44.23
CA LEU Q 450 38.07 -19.58 -44.22
C LEU Q 450 36.70 -19.80 -43.57
N ASP Q 451 36.34 -18.93 -42.63
CA ASP Q 451 35.04 -19.03 -41.94
C ASP Q 451 33.91 -18.58 -42.87
N SER Q 452 34.17 -17.56 -43.71
CA SER Q 452 33.25 -17.13 -44.76
C SER Q 452 33.97 -16.76 -46.05
N VAL Q 453 33.40 -17.23 -47.16
CA VAL Q 453 33.72 -16.77 -48.50
C VAL Q 453 32.43 -16.28 -49.15
N GLU Q 454 32.37 -15.00 -49.47
CA GLU Q 454 31.17 -14.39 -50.07
C GLU Q 454 31.52 -13.77 -51.42
N LEU Q 455 30.73 -14.12 -52.44
CA LEU Q 455 30.71 -13.44 -53.73
C LEU Q 455 29.49 -12.52 -53.75
N ALA Q 456 29.73 -11.22 -53.65
CA ALA Q 456 28.70 -10.19 -53.71
C ALA Q 456 28.58 -9.68 -55.15
N LEU Q 457 27.36 -9.72 -55.70
CA LEU Q 457 27.04 -9.33 -57.06
C LEU Q 457 26.06 -8.16 -57.05
N THR Q 458 26.37 -7.14 -57.85
CA THR Q 458 25.40 -6.16 -58.31
C THR Q 458 25.04 -6.50 -59.75
N LEU Q 459 23.79 -6.85 -59.98
CA LEU Q 459 23.22 -7.22 -61.26
C LEU Q 459 22.61 -6.01 -61.95
N GLN Q 460 22.30 -6.15 -63.24
CA GLN Q 460 21.55 -5.16 -63.99
C GLN Q 460 20.22 -4.83 -63.30
N ASP Q 461 19.67 -3.65 -63.58
CA ASP Q 461 18.35 -3.27 -63.10
C ASP Q 461 17.29 -4.28 -63.54
N ASP Q 462 16.32 -4.50 -62.64
CA ASP Q 462 15.19 -5.41 -62.80
C ASP Q 462 15.56 -6.90 -63.01
N PHE Q 463 16.83 -7.28 -62.83
CA PHE Q 463 17.23 -8.69 -62.85
C PHE Q 463 16.60 -9.46 -61.68
N GLY Q 464 15.89 -10.55 -61.99
CA GLY Q 464 15.19 -11.35 -60.98
C GLY Q 464 13.85 -10.77 -60.55
N ALA Q 465 13.39 -9.67 -61.15
CA ALA Q 465 12.06 -9.11 -60.93
C ALA Q 465 11.02 -9.70 -61.89
N ALA Q 466 9.74 -9.63 -61.52
CA ALA Q 466 8.58 -9.99 -62.35
C ALA Q 466 8.73 -11.35 -63.10
N HIS Q 467 8.72 -11.33 -64.43
CA HIS Q 467 8.80 -12.53 -65.29
C HIS Q 467 10.11 -13.31 -65.15
N ASP Q 468 11.14 -12.71 -64.54
CA ASP Q 468 12.43 -13.34 -64.26
C ASP Q 468 12.63 -13.72 -62.78
N ALA Q 469 11.55 -13.69 -61.99
CA ALA Q 469 11.58 -14.23 -60.62
C ALA Q 469 12.04 -15.70 -60.64
N ASN Q 470 13.04 -16.03 -59.82
CA ASN Q 470 13.74 -17.33 -59.83
C ASN Q 470 14.65 -17.53 -61.05
N SER Q 471 15.37 -16.47 -61.42
CA SER Q 471 16.59 -16.62 -62.22
C SER Q 471 17.65 -17.40 -61.43
N GLU Q 472 18.62 -17.99 -62.10
CA GLU Q 472 19.58 -18.90 -61.47
C GLU Q 472 20.97 -18.28 -61.45
N LEU Q 473 21.66 -18.39 -60.31
CA LEU Q 473 23.09 -18.16 -60.17
C LEU Q 473 23.79 -19.51 -60.03
N PHE Q 474 24.77 -19.74 -60.89
CA PHE Q 474 25.68 -20.88 -60.83
C PHE Q 474 27.04 -20.39 -60.37
N VAL Q 475 27.60 -21.03 -59.35
CA VAL Q 475 29.01 -20.87 -58.99
C VAL Q 475 29.64 -22.25 -58.92
N PHE Q 476 30.68 -22.48 -59.68
CA PHE Q 476 31.45 -23.73 -59.68
C PHE Q 476 32.89 -23.44 -59.26
N ALA Q 477 33.45 -24.27 -58.39
CA ALA Q 477 34.85 -24.18 -57.99
C ALA Q 477 35.62 -25.44 -58.36
N ARG Q 478 36.88 -25.27 -58.73
CA ARG Q 478 37.84 -26.35 -58.93
C ARG Q 478 38.78 -26.40 -57.73
N SER Q 479 38.90 -27.55 -57.09
CA SER Q 479 39.73 -27.72 -55.89
C SER Q 479 40.69 -28.89 -56.01
N TYR Q 480 41.88 -28.75 -55.42
CA TYR Q 480 42.82 -29.87 -55.30
C TYR Q 480 42.38 -30.84 -54.21
N ASN Q 481 42.53 -32.13 -54.50
CA ASN Q 481 42.53 -33.20 -53.51
C ASN Q 481 43.56 -34.26 -53.95
N ILE Q 482 43.72 -35.32 -53.16
CA ILE Q 482 44.64 -36.41 -53.45
C ILE Q 482 43.84 -37.71 -53.49
N LEU Q 483 43.98 -38.47 -54.58
CA LEU Q 483 43.49 -39.83 -54.68
C LEU Q 483 44.63 -40.79 -54.36
N LYS Q 484 44.42 -41.67 -53.38
CA LYS Q 484 45.41 -42.64 -52.92
C LYS Q 484 45.03 -44.04 -53.37
N PHE Q 485 46.01 -44.78 -53.89
CA PHE Q 485 45.90 -46.18 -54.27
C PHE Q 485 46.74 -47.02 -53.32
N THR Q 486 46.15 -48.03 -52.69
CA THR Q 486 46.86 -48.91 -51.75
C THR Q 486 46.21 -50.29 -51.72
N ASN Q 487 46.99 -51.35 -51.89
CA ASN Q 487 46.55 -52.75 -51.78
C ASN Q 487 45.31 -53.08 -52.64
N GLY Q 488 45.25 -52.57 -53.87
CA GLY Q 488 44.14 -52.81 -54.78
C GLY Q 488 42.89 -51.95 -54.52
N LEU Q 489 42.96 -50.99 -53.59
CA LEU Q 489 41.87 -50.07 -53.25
C LEU Q 489 42.24 -48.64 -53.63
N ALA Q 490 41.24 -47.82 -53.92
CA ALA Q 490 41.39 -46.39 -54.21
C ALA Q 490 40.45 -45.56 -53.34
N GLY Q 491 40.94 -44.44 -52.80
CA GLY Q 491 40.14 -43.55 -51.96
C GLY Q 491 40.68 -42.13 -51.89
N ALA R 11 46.71 -12.08 -41.47
CA ALA R 11 46.59 -13.29 -40.65
C ALA R 11 46.18 -14.52 -41.48
N GLY R 12 45.22 -14.37 -42.41
CA GLY R 12 44.78 -15.46 -43.29
C GLY R 12 45.84 -15.96 -44.27
N SER R 13 46.55 -15.07 -44.97
CA SER R 13 47.56 -15.46 -45.97
C SER R 13 48.77 -16.11 -45.32
N LEU R 14 49.22 -15.63 -44.16
CA LEU R 14 50.29 -16.27 -43.41
C LEU R 14 49.83 -17.64 -42.87
N THR R 15 48.58 -17.74 -42.40
CA THR R 15 48.00 -19.00 -41.91
C THR R 15 47.93 -20.04 -43.02
N GLN R 16 47.63 -19.66 -44.26
CA GLN R 16 47.66 -20.58 -45.41
C GLN R 16 49.06 -21.17 -45.64
N LEU R 17 50.13 -20.36 -45.51
CA LEU R 17 51.51 -20.87 -45.66
C LEU R 17 51.91 -21.81 -44.51
N LEU R 18 51.29 -21.66 -43.34
CA LEU R 18 51.53 -22.51 -42.17
C LEU R 18 50.65 -23.77 -42.16
N ALA R 19 49.49 -23.72 -42.82
CA ALA R 19 48.53 -24.82 -42.92
C ALA R 19 48.99 -25.88 -43.93
N THR R 20 50.15 -26.48 -43.67
CA THR R 20 50.74 -27.56 -44.46
C THR R 20 50.80 -28.85 -43.66
N GLY R 21 50.56 -29.98 -44.31
CA GLY R 21 50.61 -31.32 -43.75
C GLY R 21 51.54 -32.24 -44.54
N SER R 22 51.50 -33.53 -44.22
CA SER R 22 52.34 -34.55 -44.87
C SER R 22 52.04 -34.71 -46.37
N MET R 23 50.83 -34.40 -46.84
CA MET R 23 50.50 -34.42 -48.27
C MET R 23 51.19 -33.29 -49.05
N ASP R 24 51.31 -32.10 -48.45
CA ASP R 24 51.95 -30.95 -49.10
C ASP R 24 53.45 -31.17 -49.29
N ALA R 25 54.06 -32.02 -48.47
CA ALA R 25 55.48 -32.35 -48.56
C ALA R 25 55.84 -32.96 -49.92
N ALA R 26 54.97 -33.78 -50.50
CA ALA R 26 55.18 -34.35 -51.84
C ALA R 26 55.17 -33.31 -52.96
N LEU R 27 54.58 -32.13 -52.73
CA LEU R 27 54.41 -31.07 -53.72
C LEU R 27 55.37 -29.90 -53.53
N THR R 28 55.71 -29.57 -52.28
CA THR R 28 56.36 -28.30 -51.93
C THR R 28 57.61 -28.44 -51.08
N GLN R 29 57.86 -29.60 -50.45
CA GLN R 29 59.08 -29.79 -49.67
C GLN R 29 60.29 -29.78 -50.60
N ASN R 30 61.33 -29.03 -50.22
CA ASN R 30 62.54 -28.84 -51.03
C ASN R 30 62.24 -28.30 -52.45
N ALA R 31 61.30 -27.36 -52.55
CA ALA R 31 60.92 -26.74 -53.83
C ALA R 31 62.16 -26.27 -54.61
N THR R 32 62.30 -26.78 -55.84
CA THR R 32 63.41 -26.46 -56.75
C THR R 32 63.10 -25.32 -57.72
N ARG R 33 61.89 -24.76 -57.64
CA ARG R 33 61.39 -23.68 -58.51
C ARG R 33 60.68 -22.62 -57.67
N THR R 34 60.84 -21.36 -58.05
CA THR R 34 60.06 -20.23 -57.53
C THR R 34 59.35 -19.51 -58.68
N PHE R 35 58.17 -18.96 -58.42
CA PHE R 35 57.44 -18.11 -59.36
C PHE R 35 57.90 -16.64 -59.33
N TRP R 36 58.66 -16.24 -58.31
CA TRP R 36 58.98 -14.83 -58.03
C TRP R 36 60.39 -14.42 -58.47
N LYS R 37 61.15 -15.34 -59.07
CA LYS R 37 62.47 -15.07 -59.65
C LYS R 37 62.60 -15.83 -60.96
N SER R 38 62.90 -15.13 -62.04
CA SER R 38 63.21 -15.77 -63.33
C SER R 38 64.61 -16.38 -63.30
N SER R 39 64.73 -17.60 -63.81
CA SER R 39 65.99 -18.23 -64.18
C SER R 39 65.99 -18.42 -65.69
N TYR R 40 67.10 -18.16 -66.35
CA TYR R 40 67.29 -18.41 -67.78
C TYR R 40 68.55 -19.23 -68.02
N GLN R 41 68.59 -19.97 -69.12
CA GLN R 41 69.77 -20.70 -69.57
C GLN R 41 70.49 -19.88 -70.65
N LYS R 42 71.83 -19.90 -70.63
CA LYS R 42 72.64 -19.36 -71.72
C LYS R 42 72.66 -20.37 -72.87
N HIS R 43 72.71 -19.89 -74.11
CA HIS R 43 72.79 -20.71 -75.32
C HIS R 43 74.05 -20.35 -76.12
N SER R 44 74.45 -21.21 -77.06
CA SER R 44 75.54 -20.94 -78.02
C SER R 44 75.12 -19.89 -79.05
N LEU R 45 76.10 -19.24 -79.69
CA LEU R 45 75.83 -18.25 -80.74
C LEU R 45 75.44 -18.94 -82.04
N PHE R 46 74.36 -18.45 -82.67
CA PHE R 46 73.92 -18.88 -84.00
C PHE R 46 73.23 -17.72 -84.73
N ALA R 47 73.14 -17.82 -86.05
CA ALA R 47 72.37 -16.90 -86.90
C ALA R 47 71.52 -17.66 -87.92
N LEU R 48 70.38 -17.09 -88.32
CA LEU R 48 69.50 -17.63 -89.35
C LEU R 48 69.58 -16.77 -90.60
N GLU R 49 69.61 -17.41 -91.77
CA GLU R 49 69.59 -16.73 -93.07
C GLU R 49 68.61 -17.44 -94.01
N SER R 50 67.68 -16.69 -94.61
CA SER R 50 66.78 -17.23 -95.63
C SER R 50 67.35 -16.97 -97.01
N ILE R 51 67.50 -18.02 -97.83
CA ILE R 51 68.08 -17.92 -99.17
C ILE R 51 67.19 -18.64 -100.18
N ASN R 52 66.81 -17.90 -101.23
CA ASN R 52 66.05 -18.42 -102.34
C ASN R 52 66.97 -18.98 -103.45
N GLN R 53 66.64 -20.16 -103.95
CA GLN R 53 67.46 -20.90 -104.92
C GLN R 53 66.60 -21.42 -106.09
N PRO R 54 67.07 -21.27 -107.34
CA PRO R 54 66.34 -21.77 -108.50
C PRO R 54 66.46 -23.29 -108.61
N PHE R 55 65.47 -23.93 -109.26
CA PHE R 55 65.58 -25.34 -109.62
C PHE R 55 66.75 -25.60 -110.56
N THR R 56 67.35 -26.80 -110.45
CA THR R 56 68.44 -27.24 -111.33
C THR R 56 67.91 -27.63 -112.72
N THR R 57 66.68 -28.12 -112.79
CA THR R 57 65.97 -28.41 -114.04
C THR R 57 64.84 -27.41 -114.28
N GLN R 58 64.33 -27.37 -115.50
CA GLN R 58 63.16 -26.54 -115.83
C GLN R 58 61.94 -26.96 -114.99
N VAL R 59 61.20 -25.96 -114.51
CA VAL R 59 59.91 -26.12 -113.83
C VAL R 59 58.81 -25.93 -114.86
N GLN R 60 57.91 -26.92 -114.98
CA GLN R 60 56.76 -26.92 -115.89
C GLN R 60 55.63 -27.73 -115.29
N PHE R 61 54.38 -27.38 -115.61
CA PHE R 61 53.22 -28.17 -115.24
C PHE R 61 53.33 -29.60 -115.82
N GLY R 62 52.91 -30.60 -115.04
CA GLY R 62 52.91 -32.02 -115.43
C GLY R 62 54.29 -32.69 -115.50
N ALA R 63 55.38 -31.94 -115.38
CA ALA R 63 56.75 -32.45 -115.41
C ALA R 63 57.26 -32.78 -113.99
N GLU R 64 58.42 -33.42 -113.93
CA GLU R 64 59.21 -33.55 -112.70
C GLU R 64 60.41 -32.61 -112.77
N SER R 65 60.66 -31.89 -111.69
CA SER R 65 61.81 -30.99 -111.56
C SER R 65 62.58 -31.30 -110.29
N HIS R 66 63.88 -31.07 -110.30
CA HIS R 66 64.69 -31.20 -109.08
C HIS R 66 65.61 -30.01 -108.86
N ILE R 67 65.98 -29.82 -107.60
CA ILE R 67 66.95 -28.85 -107.14
C ILE R 67 67.97 -29.55 -106.25
N THR R 68 69.25 -29.27 -106.47
CA THR R 68 70.30 -29.62 -105.49
C THR R 68 70.45 -28.45 -104.52
N VAL R 69 70.15 -28.71 -103.24
CA VAL R 69 70.16 -27.69 -102.19
C VAL R 69 71.60 -27.23 -101.93
N ASN R 70 71.83 -25.93 -101.99
CA ASN R 70 73.15 -25.34 -101.74
C ASN R 70 73.60 -25.53 -100.28
N ARG R 71 74.90 -25.43 -100.04
CA ARG R 71 75.51 -25.52 -98.70
C ARG R 71 75.93 -24.13 -98.22
N GLN R 72 74.95 -23.27 -97.95
CA GLN R 72 75.17 -21.88 -97.56
C GLN R 72 75.17 -21.66 -96.04
N GLY R 73 75.06 -22.71 -95.23
CA GLY R 73 75.23 -22.68 -93.78
C GLY R 73 75.56 -24.06 -93.22
N ASP R 74 75.51 -24.20 -91.90
CA ASP R 74 75.91 -25.43 -91.20
C ASP R 74 74.74 -26.40 -90.97
N LEU R 75 73.54 -25.87 -90.75
CA LEU R 75 72.29 -26.62 -90.67
C LEU R 75 71.27 -26.10 -91.68
N LEU R 76 70.32 -26.96 -92.05
CA LEU R 76 69.13 -26.62 -92.82
C LEU R 76 67.89 -26.77 -91.92
N SER R 77 67.14 -25.67 -91.77
CA SER R 77 65.96 -25.57 -90.90
C SER R 77 64.68 -25.54 -91.73
N TRP R 78 64.07 -24.38 -91.92
CA TRP R 78 62.84 -24.27 -92.71
C TRP R 78 63.09 -24.42 -94.22
N MET R 79 62.08 -24.94 -94.91
CA MET R 79 62.08 -25.13 -96.35
C MET R 79 60.68 -24.80 -96.91
N TYR R 80 60.63 -23.83 -97.81
CA TYR R 80 59.40 -23.40 -98.49
C TYR R 80 59.58 -23.51 -100.00
N LEU R 81 58.60 -24.08 -100.68
CA LEU R 81 58.50 -24.00 -102.12
C LEU R 81 57.83 -22.67 -102.48
N LYS R 82 58.63 -21.75 -103.05
CA LYS R 82 58.13 -20.47 -103.55
C LYS R 82 57.61 -20.68 -104.97
N ILE R 83 56.30 -20.57 -105.15
CA ILE R 83 55.64 -20.76 -106.44
C ILE R 83 55.13 -19.40 -106.92
N VAL R 84 55.35 -19.09 -108.19
CA VAL R 84 54.80 -17.90 -108.85
C VAL R 84 53.87 -18.36 -109.96
N LEU R 85 52.59 -18.01 -109.82
CA LEU R 85 51.54 -18.29 -110.80
C LEU R 85 51.14 -17.00 -111.50
N PRO R 86 51.01 -16.99 -112.83
CA PRO R 86 50.54 -15.81 -113.54
C PRO R 86 49.08 -15.50 -113.21
N GLY R 87 48.71 -14.24 -113.37
CA GLY R 87 47.30 -13.88 -113.45
C GLY R 87 46.64 -14.52 -114.66
N LEU R 88 45.36 -14.80 -114.55
CA LEU R 88 44.51 -15.38 -115.58
C LEU R 88 43.55 -14.33 -116.16
N LYS R 89 43.35 -14.42 -117.47
CA LYS R 89 42.25 -13.77 -118.19
C LYS R 89 41.58 -14.79 -119.08
N VAL R 90 40.39 -14.49 -119.57
CA VAL R 90 39.66 -15.35 -120.50
C VAL R 90 39.24 -14.57 -121.73
N GLN R 91 39.13 -15.28 -122.84
CA GLN R 91 38.62 -14.78 -124.11
C GLN R 91 37.75 -15.84 -124.76
N ASN R 92 36.72 -15.44 -125.51
CA ASN R 92 35.92 -16.41 -126.27
C ASN R 92 36.81 -17.12 -127.31
N GLN R 93 36.59 -18.42 -127.46
CA GLN R 93 37.32 -19.22 -128.44
C GLN R 93 37.18 -18.68 -129.87
N ALA R 94 36.02 -18.12 -130.22
CA ALA R 94 35.75 -17.49 -131.52
C ALA R 94 36.63 -16.25 -131.81
N ASP R 95 37.09 -15.56 -130.78
CA ASP R 95 37.90 -14.34 -130.91
C ASP R 95 39.41 -14.62 -130.87
N THR R 96 39.81 -15.89 -130.72
CA THR R 96 41.20 -16.29 -130.49
C THR R 96 41.85 -16.82 -131.77
N VAL R 97 43.02 -16.28 -132.14
CA VAL R 97 43.77 -16.68 -133.36
C VAL R 97 44.29 -18.12 -133.31
N GLN R 98 44.48 -18.67 -132.11
CA GLN R 98 44.89 -20.05 -131.84
C GLN R 98 44.07 -20.62 -130.67
N PRO R 99 42.86 -21.13 -130.92
CA PRO R 99 41.95 -21.54 -129.86
C PRO R 99 42.31 -22.88 -129.21
N THR R 100 43.26 -23.63 -129.79
CA THR R 100 43.63 -24.97 -129.34
C THR R 100 44.42 -24.89 -128.04
N GLN R 101 43.78 -25.29 -126.95
CA GLN R 101 44.36 -25.38 -125.61
C GLN R 101 43.89 -26.68 -124.95
N GLN R 102 44.58 -27.12 -123.90
CA GLN R 102 44.09 -28.19 -123.03
C GLN R 102 42.70 -27.85 -122.47
N SER R 103 41.88 -28.88 -122.26
CA SER R 103 40.56 -28.70 -121.63
C SER R 103 40.70 -28.43 -120.13
N PHE R 104 39.87 -27.53 -119.62
CA PHE R 104 39.78 -27.20 -118.19
C PHE R 104 38.37 -27.50 -117.69
N ALA R 105 38.23 -27.82 -116.41
CA ALA R 105 36.92 -27.92 -115.78
C ALA R 105 36.16 -26.60 -115.91
N SER R 106 34.84 -26.68 -116.16
CA SER R 106 33.99 -25.51 -116.36
C SER R 106 32.69 -25.60 -115.59
N LEU R 107 32.23 -24.46 -115.08
CA LEU R 107 31.06 -24.39 -114.20
C LEU R 107 29.73 -24.57 -114.95
N ASP R 108 29.69 -24.30 -116.24
CA ASP R 108 28.57 -24.64 -117.14
C ASP R 108 28.45 -26.16 -117.39
N ASN R 109 29.48 -26.94 -117.03
CA ASN R 109 29.48 -28.39 -117.10
C ASN R 109 29.88 -28.98 -115.74
N ASP R 110 29.11 -28.68 -114.69
CA ASP R 110 29.35 -29.16 -113.34
C ASP R 110 29.14 -30.68 -113.23
N VAL R 111 30.22 -31.44 -113.42
CA VAL R 111 30.23 -32.91 -113.38
C VAL R 111 29.86 -33.44 -111.99
N ALA R 112 30.21 -32.71 -110.92
CA ALA R 112 29.86 -33.11 -109.55
C ALA R 112 28.36 -32.99 -109.30
N ALA R 113 27.75 -31.88 -109.71
CA ALA R 113 26.30 -31.70 -109.63
C ALA R 113 25.55 -32.72 -110.51
N GLN R 114 26.04 -32.99 -111.73
CA GLN R 114 25.45 -34.01 -112.61
C GLN R 114 25.53 -35.42 -111.99
N ALA R 115 26.66 -35.76 -111.37
CA ALA R 115 26.81 -37.03 -110.65
C ALA R 115 25.82 -37.12 -109.49
N ASP R 116 25.67 -36.07 -108.68
CA ASP R 116 24.67 -36.04 -107.60
C ASP R 116 23.24 -36.20 -108.11
N VAL R 117 22.89 -35.54 -109.22
CA VAL R 117 21.58 -35.69 -109.86
C VAL R 117 21.36 -37.13 -110.33
N SER R 118 22.40 -37.79 -110.85
CA SER R 118 22.28 -39.17 -111.35
C SER R 118 21.81 -40.18 -110.27
N HIS R 119 22.20 -39.97 -109.01
CA HIS R 119 21.79 -40.82 -107.89
C HIS R 119 20.33 -40.63 -107.49
N VAL R 120 19.75 -39.46 -107.76
CA VAL R 120 18.35 -39.15 -107.42
C VAL R 120 17.38 -39.34 -108.59
N LEU R 121 17.88 -39.55 -109.82
CA LEU R 121 17.03 -39.82 -110.99
C LEU R 121 15.96 -40.90 -110.75
N PRO R 122 16.23 -42.04 -110.05
CA PRO R 122 15.21 -43.05 -109.79
C PRO R 122 14.06 -42.59 -108.89
N TYR R 123 14.24 -41.46 -108.19
CA TYR R 123 13.29 -40.88 -107.24
C TYR R 123 12.54 -39.68 -107.82
N ILE R 124 12.81 -39.30 -109.07
CA ILE R 124 12.06 -38.22 -109.74
C ILE R 124 10.70 -38.77 -110.21
N GLU R 125 9.63 -38.22 -109.67
CA GLU R 125 8.26 -38.50 -110.09
C GLU R 125 7.81 -37.46 -111.15
N GLY R 126 7.18 -37.92 -112.24
CA GLY R 126 6.64 -37.05 -113.29
C GLY R 126 7.54 -36.83 -114.52
N ALA R 127 7.11 -35.94 -115.43
CA ALA R 127 7.72 -35.74 -116.75
C ALA R 127 8.99 -34.86 -116.69
N TYR R 128 10.08 -35.41 -116.13
CA TYR R 128 11.35 -34.68 -115.98
C TYR R 128 11.93 -34.19 -117.32
N THR R 129 11.91 -35.02 -118.35
CA THR R 129 12.58 -34.72 -119.64
C THR R 129 11.99 -33.49 -120.34
N GLU R 130 10.67 -33.30 -120.24
CA GLU R 130 9.90 -32.24 -120.91
C GLU R 130 9.69 -30.99 -120.04
N ALA R 131 10.08 -31.05 -118.77
CA ALA R 131 9.88 -29.97 -117.81
C ALA R 131 10.73 -28.72 -118.12
N SER R 132 10.19 -27.55 -117.78
CA SER R 132 10.96 -26.29 -117.79
C SER R 132 12.14 -26.35 -116.80
N LEU R 133 13.16 -25.51 -116.97
CA LEU R 133 14.35 -25.52 -116.10
C LEU R 133 13.98 -25.36 -114.61
N ASN R 134 13.15 -24.38 -114.28
CA ASN R 134 12.68 -24.13 -112.90
C ASN R 134 11.91 -25.33 -112.35
N THR R 135 11.11 -26.00 -113.19
CA THR R 135 10.38 -27.22 -112.81
C THR R 135 11.35 -28.38 -112.59
N LYS R 136 12.40 -28.53 -113.41
CA LYS R 136 13.44 -29.56 -113.21
C LYS R 136 14.17 -29.37 -111.88
N GLU R 137 14.50 -28.13 -111.50
CA GLU R 137 15.15 -27.84 -110.22
C GLU R 137 14.24 -28.21 -109.02
N GLN R 138 12.94 -27.93 -109.12
CA GLN R 138 11.94 -28.36 -108.12
C GLN R 138 11.86 -29.89 -108.02
N LEU R 139 11.73 -30.58 -109.14
CA LEU R 139 11.67 -32.05 -109.19
C LEU R 139 12.94 -32.70 -108.63
N ILE R 140 14.11 -32.13 -108.90
CA ILE R 140 15.38 -32.63 -108.34
C ILE R 140 15.42 -32.43 -106.82
N ALA R 141 14.97 -31.29 -106.30
CA ALA R 141 14.94 -31.04 -104.85
C ALA R 141 13.94 -31.97 -104.12
N GLU R 142 12.77 -32.22 -104.71
CA GLU R 142 11.80 -33.20 -104.19
C GLU R 142 12.36 -34.63 -104.24
N ALA R 143 12.99 -35.01 -105.35
CA ALA R 143 13.64 -36.32 -105.48
C ALA R 143 14.79 -36.51 -104.49
N LYS R 144 15.55 -35.44 -104.18
CA LYS R 144 16.57 -35.46 -103.11
C LYS R 144 15.93 -35.79 -101.76
N ASN R 145 14.80 -35.17 -101.41
CA ASN R 145 14.07 -35.52 -100.18
C ASN R 145 13.64 -37.00 -100.17
N SER R 146 13.09 -37.51 -101.27
CA SER R 146 12.66 -38.90 -101.38
C SER R 146 13.84 -39.88 -101.29
N TYR R 147 14.95 -39.58 -101.95
CA TYR R 147 16.20 -40.34 -101.86
C TYR R 147 16.72 -40.36 -100.43
N GLU R 148 16.81 -39.21 -99.77
CA GLU R 148 17.35 -39.12 -98.42
C GLU R 148 16.44 -39.75 -97.37
N ALA R 149 15.12 -39.67 -97.54
CA ALA R 149 14.16 -40.39 -96.73
C ALA R 149 14.33 -41.91 -96.89
N ALA R 150 14.47 -42.40 -98.13
CA ALA R 150 14.62 -43.83 -98.40
C ALA R 150 15.96 -44.40 -97.93
N LYS R 151 17.06 -43.65 -98.07
CA LYS R 151 18.41 -44.13 -97.74
C LYS R 151 18.83 -43.87 -96.30
N TYR R 152 18.39 -42.75 -95.73
CA TYR R 152 18.89 -42.28 -94.44
C TYR R 152 17.78 -42.03 -93.41
N ASN R 153 16.52 -42.34 -93.72
CA ASN R 153 15.36 -41.97 -92.89
C ASN R 153 15.37 -40.47 -92.51
N ALA R 154 15.88 -39.62 -93.41
CA ALA R 154 15.97 -38.19 -93.18
C ALA R 154 14.58 -37.55 -93.27
N ALA R 155 14.29 -36.60 -92.39
CA ALA R 155 13.13 -35.74 -92.55
C ALA R 155 13.34 -34.81 -93.76
N PRO R 156 12.29 -34.54 -94.56
CA PRO R 156 12.43 -33.69 -95.74
C PRO R 156 12.77 -32.25 -95.34
N LEU R 157 13.71 -31.65 -96.06
CA LEU R 157 13.97 -30.22 -95.97
C LEU R 157 13.00 -29.44 -96.87
N PRO R 158 12.55 -28.24 -96.46
CA PRO R 158 11.79 -27.36 -97.35
C PRO R 158 12.55 -27.14 -98.66
N VAL R 159 11.89 -27.30 -99.80
CA VAL R 159 12.51 -27.17 -101.14
C VAL R 159 13.28 -25.86 -101.29
N ALA R 160 12.72 -24.76 -100.78
CA ALA R 160 13.38 -23.45 -100.79
C ALA R 160 14.73 -23.41 -100.05
N ALA R 161 14.93 -24.25 -99.02
CA ALA R 161 16.19 -24.33 -98.29
C ALA R 161 17.27 -25.12 -99.04
N GLN R 162 16.88 -25.98 -99.98
CA GLN R 162 17.79 -26.77 -100.82
C GLN R 162 18.23 -26.00 -102.07
N MET R 163 17.40 -25.05 -102.53
CA MET R 163 17.70 -24.15 -103.64
C MET R 163 18.64 -23.04 -103.19
N GLN R 164 19.88 -23.39 -102.81
CA GLN R 164 20.93 -22.41 -102.60
C GLN R 164 21.48 -21.96 -103.95
N SER R 165 21.11 -20.75 -104.41
CA SER R 165 21.84 -20.11 -105.49
C SER R 165 23.18 -19.63 -104.93
N THR R 166 24.27 -20.25 -105.37
CA THR R 166 25.56 -19.57 -105.24
C THR R 166 25.49 -18.39 -106.20
N GLU R 167 25.49 -17.15 -105.70
CA GLU R 167 25.54 -15.96 -106.55
C GLU R 167 26.88 -15.96 -107.31
N MET R 168 26.85 -16.59 -108.48
CA MET R 168 27.98 -16.58 -109.40
C MET R 168 27.93 -15.27 -110.19
N PRO R 169 29.09 -14.62 -110.42
CA PRO R 169 29.11 -13.38 -111.17
C PRO R 169 28.66 -13.57 -112.62
N ASP R 170 27.93 -12.61 -113.18
CA ASP R 170 27.42 -12.60 -114.57
C ASP R 170 28.48 -12.17 -115.60
N PHE R 171 29.74 -12.52 -115.37
CA PHE R 171 30.85 -12.23 -116.29
C PHE R 171 31.77 -13.43 -116.45
N ASP R 172 32.62 -13.41 -117.47
CA ASP R 172 33.56 -14.49 -117.74
C ASP R 172 34.82 -14.43 -116.87
N TYR R 173 35.22 -15.58 -116.35
CA TYR R 173 36.42 -15.70 -115.55
C TYR R 173 37.03 -17.10 -115.62
N ALA R 174 38.28 -17.18 -115.18
CA ALA R 174 38.95 -18.42 -114.81
C ALA R 174 39.74 -18.19 -113.52
N TYR R 175 39.92 -19.23 -112.73
CA TYR R 175 40.66 -19.17 -111.48
C TYR R 175 41.47 -20.44 -111.23
N TRP R 176 42.55 -20.28 -110.47
CA TRP R 176 43.33 -21.39 -109.93
C TRP R 176 42.50 -22.12 -108.88
N THR R 177 42.53 -23.46 -108.89
CA THR R 177 41.76 -24.29 -107.95
C THR R 177 42.11 -23.99 -106.48
N GLU R 178 41.19 -24.34 -105.58
CA GLU R 178 41.35 -24.14 -104.14
C GLU R 178 42.61 -24.82 -103.60
N ALA R 179 43.37 -24.10 -102.77
CA ALA R 179 44.64 -24.57 -102.21
C ALA R 179 45.65 -25.01 -103.30
N ILE R 180 45.68 -24.27 -104.42
CA ILE R 180 46.55 -24.53 -105.59
C ILE R 180 48.01 -24.79 -105.19
N GLY R 181 48.53 -24.13 -104.15
CA GLY R 181 49.89 -24.33 -103.66
C GLY R 181 50.18 -25.78 -103.25
N PHE R 182 49.21 -26.46 -102.61
CA PHE R 182 49.32 -27.89 -102.34
C PHE R 182 49.04 -28.73 -103.58
N HIS R 183 48.00 -28.40 -104.35
CA HIS R 183 47.61 -29.20 -105.52
C HIS R 183 48.73 -29.32 -106.55
N LEU R 184 49.50 -28.25 -106.75
CA LEU R 184 50.65 -28.23 -107.64
C LEU R 184 51.71 -29.28 -107.30
N ILE R 185 51.87 -29.62 -106.01
CA ILE R 185 52.87 -30.56 -105.53
C ILE R 185 52.23 -31.96 -105.48
N LYS R 186 52.11 -32.63 -106.64
CA LYS R 186 51.57 -34.00 -106.64
C LYS R 186 52.38 -34.93 -105.75
N ARG R 187 53.71 -34.78 -105.78
CA ARG R 187 54.64 -35.50 -104.94
C ARG R 187 55.92 -34.70 -104.79
N ALA R 188 56.50 -34.66 -103.59
CA ALA R 188 57.85 -34.17 -103.38
C ALA R 188 58.67 -35.22 -102.62
N GLU R 189 59.94 -35.37 -102.99
CA GLU R 189 60.88 -36.32 -102.39
C GLU R 189 62.09 -35.57 -101.88
N PHE R 190 62.40 -35.75 -100.60
CA PHE R 190 63.64 -35.28 -99.99
C PHE R 190 64.70 -36.38 -100.11
N LYS R 191 65.75 -36.15 -100.90
CA LYS R 191 66.82 -37.12 -101.17
C LYS R 191 68.16 -36.68 -100.60
N VAL R 192 68.91 -37.64 -100.07
CA VAL R 192 70.26 -37.43 -99.56
C VAL R 192 71.15 -38.54 -100.10
N GLY R 193 72.21 -38.18 -100.82
CA GLY R 193 73.14 -39.16 -101.41
C GLY R 193 72.48 -40.10 -102.43
N GLY R 194 71.40 -39.65 -103.08
CA GLY R 194 70.60 -40.44 -104.03
C GLY R 194 69.52 -41.32 -103.39
N ALA R 195 69.52 -41.51 -102.08
CA ALA R 195 68.47 -42.22 -101.37
C ALA R 195 67.31 -41.27 -101.00
N THR R 196 66.07 -41.71 -101.22
CA THR R 196 64.87 -40.99 -100.75
C THR R 196 64.74 -41.17 -99.24
N ILE R 197 64.85 -40.07 -98.49
CA ILE R 197 64.70 -40.03 -97.04
C ILE R 197 63.23 -39.92 -96.66
N ASP R 198 62.45 -39.12 -97.37
CA ASP R 198 61.02 -38.98 -97.13
C ASP R 198 60.29 -38.55 -98.41
N THR R 199 58.99 -38.83 -98.48
CA THR R 199 58.12 -38.45 -99.59
C THR R 199 56.83 -37.84 -99.05
N ILE R 200 56.40 -36.73 -99.61
CA ILE R 200 55.12 -36.08 -99.28
C ILE R 200 54.26 -35.96 -100.54
N TRP R 201 52.94 -35.98 -100.35
CA TRP R 201 51.94 -35.89 -101.43
C TRP R 201 51.03 -34.69 -101.20
N SER R 202 50.47 -34.14 -102.27
CA SER R 202 49.49 -33.03 -102.22
C SER R 202 48.38 -33.30 -101.20
N GLU R 203 47.76 -34.48 -101.31
CA GLU R 203 46.66 -34.90 -100.45
C GLU R 203 47.09 -35.02 -98.98
N LEU R 204 48.31 -35.49 -98.70
CA LEU R 204 48.88 -35.54 -97.36
C LEU R 204 49.14 -34.13 -96.80
N LEU R 205 49.73 -33.22 -97.59
CA LEU R 205 49.97 -31.83 -97.18
C LEU R 205 48.68 -31.15 -96.72
N PHE R 206 47.61 -31.33 -97.49
CA PHE R 206 46.30 -30.79 -97.13
C PHE R 206 45.76 -31.41 -95.84
N ALA R 207 45.86 -32.74 -95.70
CA ALA R 207 45.39 -33.43 -94.50
C ALA R 207 46.16 -33.01 -93.23
N MET R 208 47.47 -32.87 -93.35
CA MET R 208 48.35 -32.37 -92.30
C MET R 208 48.00 -30.94 -91.87
N GLU R 209 47.71 -30.05 -92.81
CA GLU R 209 47.26 -28.68 -92.50
C GLU R 209 45.88 -28.66 -91.84
N GLU R 210 44.97 -29.55 -92.24
CA GLU R 210 43.65 -29.66 -91.62
C GLU R 210 43.71 -30.08 -90.15
N LEU R 211 44.55 -31.07 -89.83
CA LEU R 211 44.67 -31.64 -88.48
C LEU R 211 45.66 -30.86 -87.59
N MET R 212 46.82 -30.48 -88.12
CA MET R 212 47.91 -29.89 -87.35
C MET R 212 48.01 -28.36 -87.51
N GLY R 213 47.26 -27.77 -88.45
CA GLY R 213 47.23 -26.34 -88.67
C GLY R 213 46.66 -25.61 -87.46
N ARG R 214 47.49 -24.79 -86.80
CA ARG R 214 47.10 -24.06 -85.58
C ARG R 214 46.19 -22.88 -85.90
N ALA R 215 45.23 -22.61 -85.01
CA ALA R 215 44.39 -21.42 -85.10
C ALA R 215 45.24 -20.14 -85.17
N GLY R 216 44.90 -19.24 -86.09
CA GLY R 216 45.66 -18.01 -86.35
C GLY R 216 46.96 -18.19 -87.15
N ARG R 217 47.34 -19.43 -87.49
CA ARG R 217 48.52 -19.75 -88.32
C ARG R 217 48.18 -20.72 -89.45
N ARG R 218 46.92 -20.73 -89.90
CA ARG R 218 46.50 -21.53 -91.05
C ARG R 218 47.17 -21.00 -92.32
N LEU R 219 47.48 -21.90 -93.24
CA LEU R 219 48.28 -21.60 -94.43
C LEU R 219 47.52 -20.87 -95.54
N THR R 220 46.30 -20.38 -95.28
CA THR R 220 45.33 -19.91 -96.28
C THR R 220 45.95 -19.14 -97.46
N GLU R 221 46.46 -17.94 -97.21
CA GLU R 221 47.07 -17.10 -98.25
C GLU R 221 48.35 -17.74 -98.83
N THR R 222 49.16 -18.38 -97.99
CA THR R 222 50.45 -18.97 -98.40
C THR R 222 50.32 -20.12 -99.40
N ILE R 223 49.15 -20.76 -99.49
CA ILE R 223 48.87 -21.87 -100.42
C ILE R 223 47.71 -21.59 -101.39
N GLY R 224 47.15 -20.37 -101.39
CA GLY R 224 46.00 -20.03 -102.24
C GLY R 224 44.70 -20.74 -101.83
N ARG R 225 44.42 -20.84 -100.53
CA ARG R 225 43.21 -21.47 -99.97
C ARG R 225 42.24 -20.42 -99.42
N THR R 226 40.98 -20.48 -99.85
CA THR R 226 39.91 -19.51 -99.53
C THR R 226 38.79 -20.09 -98.66
N LEU R 227 38.90 -21.36 -98.27
CA LEU R 227 37.85 -22.14 -97.62
C LEU R 227 36.60 -22.27 -98.50
N ARG R 228 36.80 -22.61 -99.77
CA ARG R 228 35.74 -22.82 -100.78
C ARG R 228 34.85 -21.59 -101.00
N ARG R 229 35.47 -20.41 -101.16
CA ARG R 229 34.79 -19.18 -101.58
C ARG R 229 35.22 -18.83 -103.00
N PRO R 230 34.50 -19.28 -104.04
CA PRO R 230 34.94 -19.15 -105.43
C PRO R 230 35.24 -17.70 -105.83
N THR R 231 34.47 -16.74 -105.33
CA THR R 231 34.67 -15.31 -105.61
C THR R 231 36.02 -14.79 -105.15
N GLU R 232 36.58 -15.32 -104.06
CA GLU R 232 37.92 -14.95 -103.58
C GLU R 232 39.02 -15.59 -104.44
N LEU R 233 38.83 -16.84 -104.90
CA LEU R 233 39.74 -17.49 -105.86
C LEU R 233 39.79 -16.72 -107.18
N MET R 234 38.63 -16.26 -107.67
CA MET R 234 38.54 -15.43 -108.87
C MET R 234 39.32 -14.12 -108.70
N LYS R 235 39.10 -13.40 -107.60
CA LYS R 235 39.81 -12.14 -107.32
C LYS R 235 41.33 -12.35 -107.28
N ALA R 236 41.79 -13.36 -106.54
CA ALA R 236 43.21 -13.68 -106.44
C ALA R 236 43.81 -14.07 -107.81
N SER R 237 43.07 -14.79 -108.63
CA SER R 237 43.55 -15.32 -109.92
C SER R 237 43.64 -14.29 -111.03
N ARG R 238 43.17 -13.06 -110.85
CA ARG R 238 43.26 -12.00 -111.87
C ARG R 238 44.65 -11.37 -111.99
N GLN R 239 45.52 -11.61 -111.04
CA GLN R 239 46.88 -11.06 -110.96
C GLN R 239 47.89 -12.16 -110.61
N GLU R 240 49.17 -11.85 -110.74
CA GLU R 240 50.23 -12.77 -110.34
C GLU R 240 50.11 -13.11 -108.85
N GLN R 241 50.26 -14.40 -108.52
CA GLN R 241 50.24 -14.89 -107.15
C GLN R 241 51.61 -15.47 -106.80
N ILE R 242 52.11 -15.09 -105.63
CA ILE R 242 53.32 -15.66 -105.04
C ILE R 242 52.91 -16.46 -103.81
N LEU R 243 53.14 -17.77 -103.86
CA LEU R 243 52.78 -18.72 -102.81
C LEU R 243 54.06 -19.24 -102.14
N TYR R 244 54.01 -19.44 -100.83
CA TYR R 244 55.10 -20.00 -100.03
C TYR R 244 54.60 -21.26 -99.34
N VAL R 245 54.77 -22.39 -100.01
CA VAL R 245 54.24 -23.67 -99.53
C VAL R 245 55.26 -24.32 -98.59
N PRO R 246 54.98 -24.46 -97.28
CA PRO R 246 55.91 -25.12 -96.36
C PRO R 246 56.02 -26.60 -96.70
N LEU R 247 57.25 -27.13 -96.73
CA LEU R 247 57.50 -28.55 -96.88
C LEU R 247 57.79 -29.16 -95.49
N PRO R 248 56.85 -29.93 -94.90
CA PRO R 248 56.88 -30.30 -93.49
C PRO R 248 57.80 -31.49 -93.18
N TRP R 249 59.04 -31.47 -93.68
CA TRP R 249 60.04 -32.50 -93.39
C TRP R 249 60.35 -32.59 -91.90
N TYR R 250 60.89 -33.72 -91.43
CA TYR R 250 61.21 -33.93 -90.01
C TYR R 250 62.07 -32.79 -89.44
N PHE R 251 63.04 -32.29 -90.21
CA PHE R 251 63.99 -31.26 -89.78
C PHE R 251 63.39 -29.85 -89.71
N THR R 252 62.19 -29.62 -90.27
CA THR R 252 61.51 -28.33 -90.18
C THR R 252 60.62 -28.21 -88.93
N LYS R 253 60.48 -29.30 -88.15
CA LYS R 253 59.51 -29.38 -87.05
C LYS R 253 60.06 -28.89 -85.71
N HIS R 254 61.38 -28.98 -85.50
CA HIS R 254 62.02 -28.55 -84.27
C HIS R 254 63.48 -28.17 -84.52
N PRO R 255 64.02 -27.10 -83.89
CA PRO R 255 65.41 -26.68 -84.12
C PRO R 255 66.46 -27.77 -83.87
N SER R 256 66.24 -28.65 -82.89
CA SER R 256 67.16 -29.76 -82.60
C SER R 256 67.19 -30.86 -83.67
N LEU R 257 66.25 -30.83 -84.62
CA LEU R 257 66.17 -31.77 -85.74
C LEU R 257 66.66 -31.15 -87.05
N ALA R 258 67.10 -29.88 -87.04
CA ALA R 258 67.64 -29.22 -88.23
C ALA R 258 68.69 -30.13 -88.89
N PHE R 259 68.63 -30.22 -90.21
CA PHE R 259 69.42 -31.19 -90.96
C PHE R 259 70.89 -30.73 -90.95
N PRO R 260 71.84 -31.53 -90.42
CA PRO R 260 73.22 -31.11 -90.26
C PRO R 260 74.00 -31.22 -91.57
N LEU R 261 74.03 -30.12 -92.35
CA LEU R 261 74.72 -30.05 -93.64
C LEU R 261 76.19 -30.42 -93.48
N VAL R 262 76.87 -29.88 -92.46
CA VAL R 262 78.29 -30.15 -92.18
C VAL R 262 78.59 -31.63 -91.90
N ALA R 263 77.63 -32.36 -91.32
CA ALA R 263 77.79 -33.77 -91.02
C ALA R 263 77.53 -34.69 -92.23
N ALA R 264 76.90 -34.16 -93.28
CA ALA R 264 76.57 -34.89 -94.50
C ALA R 264 77.39 -34.39 -95.72
N THR R 265 78.61 -33.87 -95.51
CA THR R 265 79.43 -33.17 -96.52
C THR R 265 79.60 -33.90 -97.86
N TYR R 266 79.64 -35.24 -97.87
CA TYR R 266 79.86 -36.04 -99.08
C TYR R 266 78.58 -36.49 -99.80
N HIS R 267 77.40 -36.08 -99.32
CA HIS R 267 76.12 -36.35 -99.96
C HIS R 267 75.48 -35.10 -100.53
N ASN R 268 75.02 -35.17 -101.78
CA ASN R 268 74.14 -34.15 -102.33
C ASN R 268 72.77 -34.25 -101.67
N ILE R 269 72.20 -33.10 -101.35
CA ILE R 269 70.84 -32.97 -100.81
C ILE R 269 69.98 -32.44 -101.94
N GLN R 270 68.91 -33.14 -102.26
CA GLN R 270 68.06 -32.81 -103.38
C GLN R 270 66.59 -32.81 -102.97
N LEU R 271 65.85 -31.86 -103.52
CA LEU R 271 64.40 -31.89 -103.51
C LEU R 271 63.94 -32.18 -104.94
N TRP R 272 63.15 -33.23 -105.08
CA TRP R 272 62.47 -33.59 -106.33
C TRP R 272 60.99 -33.28 -106.18
N VAL R 273 60.38 -32.67 -107.19
CA VAL R 273 58.97 -32.28 -107.20
C VAL R 273 58.33 -32.73 -108.50
N GLN R 274 57.29 -33.55 -108.39
CA GLN R 274 56.39 -33.87 -109.48
C GLN R 274 55.22 -32.89 -109.48
N TRP R 275 55.09 -32.14 -110.56
CA TRP R 275 54.11 -31.06 -110.69
C TRP R 275 52.77 -31.56 -111.23
N ALA R 276 51.68 -30.94 -110.79
CA ALA R 276 50.35 -31.19 -111.33
C ALA R 276 50.25 -30.76 -112.80
N GLN R 277 49.41 -31.45 -113.57
CA GLN R 277 49.07 -31.06 -114.94
C GLN R 277 48.24 -29.77 -114.94
N LEU R 278 48.51 -28.89 -115.91
CA LEU R 278 47.88 -27.57 -116.02
C LEU R 278 46.34 -27.66 -116.11
N ASN R 279 45.83 -28.62 -116.90
CA ASN R 279 44.40 -28.90 -117.04
C ASN R 279 43.66 -29.12 -115.69
N SER R 280 44.35 -29.62 -114.66
CA SER R 280 43.78 -29.86 -113.34
C SER R 280 43.85 -28.64 -112.43
N CYS R 281 44.61 -27.60 -112.79
CA CYS R 281 44.88 -26.47 -111.91
C CYS R 281 43.89 -25.32 -112.08
N ILE R 282 43.09 -25.31 -113.16
CA ILE R 282 42.25 -24.17 -113.54
C ILE R 282 40.79 -24.60 -113.68
N ILE R 283 39.89 -23.75 -113.21
CA ILE R 283 38.44 -23.84 -113.42
C ILE R 283 37.99 -22.56 -114.12
N LYS R 284 37.08 -22.67 -115.10
CA LYS R 284 36.54 -21.54 -115.87
C LYS R 284 35.01 -21.44 -115.77
N SER R 285 34.47 -20.24 -115.97
CA SER R 285 33.01 -20.03 -115.93
C SER R 285 32.28 -20.81 -117.02
N ARG R 286 32.84 -20.88 -118.24
CA ARG R 286 32.22 -21.53 -119.40
C ARG R 286 33.20 -22.37 -120.23
N SER R 287 32.68 -23.46 -120.79
CA SER R 287 33.41 -24.48 -121.56
C SER R 287 34.07 -23.93 -122.83
N ASN R 288 33.50 -22.90 -123.46
CA ASN R 288 33.96 -22.29 -124.71
C ASN R 288 34.99 -21.14 -124.53
N LEU R 289 35.51 -20.94 -123.32
CA LEU R 289 36.53 -19.92 -123.06
C LEU R 289 37.96 -20.48 -123.21
N VAL R 290 38.84 -19.65 -123.76
CA VAL R 290 40.30 -19.85 -123.77
C VAL R 290 40.89 -19.11 -122.58
N VAL R 291 41.79 -19.76 -121.84
CA VAL R 291 42.45 -19.15 -120.67
C VAL R 291 43.79 -18.58 -121.09
N LEU R 292 44.00 -17.29 -120.83
CA LEU R 292 45.18 -16.53 -121.21
C LEU R 292 46.02 -16.14 -119.98
N HIS R 293 47.33 -16.06 -120.17
CA HIS R 293 48.23 -15.38 -119.25
C HIS R 293 47.91 -13.87 -119.25
N ALA R 294 47.53 -13.32 -118.09
CA ALA R 294 46.96 -11.98 -117.98
C ALA R 294 47.89 -10.84 -118.46
N GLU R 295 49.19 -10.98 -118.19
CA GLU R 295 50.21 -10.00 -118.62
C GLU R 295 50.66 -10.20 -120.07
N ARG R 296 50.97 -11.44 -120.47
CA ARG R 296 51.53 -11.75 -121.79
C ARG R 296 50.48 -11.82 -122.90
N ASN R 297 49.20 -11.92 -122.57
CA ASN R 297 48.07 -12.08 -123.52
C ASN R 297 48.27 -13.24 -124.52
N VAL R 298 48.83 -14.35 -124.05
CA VAL R 298 48.96 -15.60 -124.80
C VAL R 298 48.21 -16.72 -124.07
N PRO R 299 47.73 -17.77 -124.77
CA PRO R 299 47.14 -18.94 -124.11
C PRO R 299 48.06 -19.48 -123.02
N ILE R 300 47.49 -19.82 -121.87
CA ILE R 300 48.28 -20.40 -120.78
C ILE R 300 48.80 -21.79 -121.16
N SER R 301 50.08 -22.05 -120.88
CA SER R 301 50.83 -23.22 -121.28
C SER R 301 51.67 -23.76 -120.12
N ASP R 302 52.18 -24.98 -120.28
CA ASP R 302 52.86 -25.72 -119.21
C ASP R 302 54.16 -25.05 -118.72
N ASP R 303 54.79 -24.20 -119.54
CA ASP R 303 56.02 -23.45 -119.22
C ASP R 303 55.78 -22.16 -118.42
N HIS R 304 54.52 -21.82 -118.12
CA HIS R 304 54.19 -20.65 -117.31
C HIS R 304 54.26 -20.91 -115.80
N LEU R 305 54.47 -22.15 -115.35
CA LEU R 305 54.77 -22.43 -113.94
C LEU R 305 56.18 -21.97 -113.60
N ARG R 306 56.32 -21.15 -112.56
CA ARG R 306 57.63 -20.79 -112.01
C ARG R 306 57.70 -21.21 -110.55
N ALA R 307 58.82 -21.81 -110.17
CA ALA R 307 59.06 -22.14 -108.77
C ALA R 307 60.55 -22.02 -108.42
N SER R 308 60.81 -21.74 -107.15
CA SER R 308 62.12 -21.74 -106.53
C SER R 308 62.02 -22.28 -105.10
N LEU R 309 63.14 -22.65 -104.50
CA LEU R 309 63.19 -23.18 -103.15
C LEU R 309 63.78 -22.14 -102.20
N GLU R 310 63.01 -21.75 -101.18
CA GLU R 310 63.48 -20.88 -100.12
C GLU R 310 63.85 -21.71 -98.89
N CYS R 311 65.14 -21.71 -98.56
CA CYS R 311 65.72 -22.47 -97.46
C CYS R 311 66.22 -21.54 -96.37
N THR R 312 65.94 -21.86 -95.11
CA THR R 312 66.56 -21.20 -93.97
C THR R 312 67.77 -22.00 -93.50
N TYR R 313 68.94 -21.40 -93.63
CA TYR R 313 70.21 -21.91 -93.14
C TYR R 313 70.49 -21.42 -91.72
N VAL R 314 71.16 -22.25 -90.94
CA VAL R 314 71.70 -21.88 -89.62
C VAL R 314 73.21 -21.83 -89.70
N HIS R 315 73.78 -20.71 -89.29
CA HIS R 315 75.22 -20.52 -89.12
C HIS R 315 75.56 -20.70 -87.64
N LEU R 316 76.49 -21.59 -87.35
CA LEU R 316 76.91 -21.94 -85.99
C LEU R 316 78.24 -21.28 -85.65
N GLU R 317 78.48 -21.05 -84.36
CA GLU R 317 79.82 -20.75 -83.89
C GLU R 317 80.77 -21.93 -84.17
N ALA R 318 82.05 -21.63 -84.46
CA ALA R 318 83.05 -22.62 -84.84
C ALA R 318 83.11 -23.83 -83.89
N ALA R 319 83.05 -23.60 -82.57
CA ALA R 319 83.11 -24.68 -81.60
C ALA R 319 81.92 -25.66 -81.71
N GLU R 320 80.71 -25.16 -81.96
CA GLU R 320 79.52 -26.01 -82.12
C GLU R 320 79.53 -26.70 -83.49
N ARG R 321 79.94 -25.99 -84.54
CA ARG R 321 80.14 -26.55 -85.88
C ARG R 321 81.13 -27.70 -85.89
N ASP R 322 82.27 -27.54 -85.21
CA ASP R 322 83.31 -28.56 -85.11
C ASP R 322 82.81 -29.76 -84.30
N ALA R 323 82.10 -29.53 -83.19
CA ALA R 323 81.49 -30.59 -82.41
C ALA R 323 80.46 -31.40 -83.21
N LEU R 324 79.61 -30.72 -83.98
CA LEU R 324 78.61 -31.36 -84.83
C LEU R 324 79.23 -32.15 -85.99
N THR R 325 80.33 -31.63 -86.57
CA THR R 325 81.07 -32.33 -87.63
C THR R 325 81.73 -33.60 -87.10
N ALA R 326 82.30 -33.54 -85.88
CA ALA R 326 82.92 -34.68 -85.23
C ALA R 326 81.91 -35.74 -84.79
N ASN R 327 80.73 -35.33 -84.31
CA ASN R 327 79.72 -36.25 -83.77
C ASN R 327 78.28 -35.74 -83.93
N ALA R 328 77.74 -35.80 -85.15
CA ALA R 328 76.31 -35.56 -85.38
C ALA R 328 75.41 -36.71 -84.91
N GLY R 329 75.95 -37.92 -84.79
CA GLY R 329 75.24 -39.08 -84.27
C GLY R 329 74.01 -39.47 -85.11
N THR R 330 72.86 -39.58 -84.44
CA THR R 330 71.60 -40.03 -85.02
C THR R 330 70.47 -39.07 -84.70
N GLN R 331 69.58 -38.84 -85.66
CA GLN R 331 68.32 -38.12 -85.46
C GLN R 331 67.14 -39.10 -85.59
N LEU R 332 66.19 -39.00 -84.66
CA LEU R 332 64.87 -39.61 -84.83
C LEU R 332 64.16 -38.84 -85.93
N ILE R 333 63.64 -39.56 -86.92
CA ILE R 333 62.91 -38.97 -88.03
C ILE R 333 61.51 -39.58 -88.12
N VAL R 334 60.58 -38.80 -88.67
CA VAL R 334 59.28 -39.29 -89.10
C VAL R 334 59.29 -39.35 -90.62
N GLN R 335 58.96 -40.51 -91.17
CA GLN R 335 58.77 -40.73 -92.60
C GLN R 335 57.28 -40.95 -92.90
N HIS R 336 56.87 -40.64 -94.12
CA HIS R 336 55.51 -40.82 -94.59
C HIS R 336 55.42 -42.00 -95.57
N GLN R 337 54.36 -42.78 -95.42
CA GLN R 337 54.02 -43.90 -96.30
C GLN R 337 52.59 -43.73 -96.83
N ALA R 338 52.31 -44.25 -98.03
CA ALA R 338 51.03 -44.07 -98.70
C ALA R 338 50.48 -45.39 -99.24
N HIS R 339 49.18 -45.61 -99.05
CA HIS R 339 48.39 -46.63 -99.71
C HIS R 339 47.28 -45.92 -100.47
N LEU R 340 47.31 -46.01 -101.80
CA LEU R 340 46.38 -45.36 -102.70
C LEU R 340 45.58 -46.43 -103.42
N GLN R 341 44.25 -46.34 -103.36
CA GLN R 341 43.37 -47.38 -103.86
C GLN R 341 42.17 -46.77 -104.59
N GLN R 342 41.73 -47.41 -105.68
CA GLN R 342 40.47 -47.08 -106.34
C GLN R 342 39.31 -47.78 -105.62
N VAL R 343 38.16 -47.10 -105.58
CA VAL R 343 36.94 -47.50 -104.88
C VAL R 343 35.81 -47.60 -105.90
N SER R 344 35.20 -48.77 -105.94
CA SER R 344 34.11 -49.13 -106.84
C SER R 344 32.95 -49.84 -106.14
N SER R 345 32.94 -49.84 -104.81
CA SER R 345 31.92 -50.49 -103.97
C SER R 345 31.80 -49.80 -102.62
N ASN R 346 30.65 -49.93 -101.97
CA ASN R 346 30.39 -49.32 -100.66
C ASN R 346 31.16 -50.02 -99.54
N ASN R 347 31.58 -51.27 -99.72
CA ASN R 347 32.46 -51.95 -98.79
C ASN R 347 33.87 -51.98 -99.39
N VAL R 348 34.84 -51.45 -98.64
CA VAL R 348 36.23 -51.35 -99.08
C VAL R 348 37.13 -51.85 -97.98
N THR R 349 38.05 -52.76 -98.32
CA THR R 349 39.12 -53.18 -97.42
C THR R 349 40.44 -52.69 -97.99
N ALA R 350 41.15 -51.86 -97.24
CA ALA R 350 42.51 -51.42 -97.56
C ALA R 350 43.52 -52.26 -96.77
N ARG R 351 44.40 -52.97 -97.48
CA ARG R 351 45.52 -53.70 -96.88
C ARG R 351 46.73 -52.79 -96.76
N LEU R 352 47.01 -52.36 -95.53
CA LEU R 352 48.03 -51.35 -95.24
C LEU R 352 49.40 -52.02 -95.09
N ASN R 353 50.12 -52.16 -96.21
CA ASN R 353 51.47 -52.73 -96.25
C ASN R 353 52.55 -51.71 -95.80
N PHE R 354 52.27 -50.94 -94.75
CA PHE R 354 53.24 -50.00 -94.19
C PHE R 354 54.25 -50.74 -93.32
N ASN R 355 55.43 -50.13 -93.16
CA ASN R 355 56.51 -50.64 -92.35
C ASN R 355 56.86 -49.71 -91.19
N PHE R 356 57.74 -50.18 -90.31
CA PHE R 356 58.30 -49.49 -89.16
C PHE R 356 57.26 -49.20 -88.05
N PRO R 357 57.70 -48.62 -86.91
CA PRO R 357 56.79 -48.13 -85.88
C PRO R 357 55.94 -46.96 -86.38
N VAL R 358 54.68 -47.25 -86.76
CA VAL R 358 53.68 -46.28 -87.17
C VAL R 358 53.14 -45.54 -85.94
N LEU R 359 53.21 -44.21 -85.98
CA LEU R 359 52.67 -43.30 -84.95
C LEU R 359 51.16 -43.20 -85.09
N GLU R 360 50.72 -42.98 -86.32
CA GLU R 360 49.34 -42.68 -86.68
C GLU R 360 49.14 -42.88 -88.18
N PHE R 361 47.88 -42.95 -88.60
CA PHE R 361 47.50 -42.85 -89.99
C PHE R 361 46.32 -41.91 -90.19
N TYR R 362 46.24 -41.38 -91.41
CA TYR R 362 45.12 -40.59 -91.91
C TYR R 362 44.50 -41.32 -93.08
N TYR R 363 43.19 -41.21 -93.23
CA TYR R 363 42.54 -41.66 -94.44
C TYR R 363 41.40 -40.73 -94.82
N PHE R 364 41.06 -40.72 -96.11
CA PHE R 364 39.95 -39.94 -96.66
C PHE R 364 39.66 -40.44 -98.08
N LEU R 365 38.46 -40.12 -98.56
CA LEU R 365 38.01 -40.51 -99.88
C LEU R 365 37.79 -39.28 -100.76
N ARG R 366 38.02 -39.41 -102.05
CA ARG R 366 37.66 -38.41 -103.06
C ARG R 366 36.79 -39.04 -104.11
N ARG R 367 35.60 -38.50 -104.32
CA ARG R 367 34.74 -38.87 -105.43
C ARG R 367 35.41 -38.55 -106.76
N LYS R 368 35.22 -39.41 -107.76
CA LYS R 368 35.68 -39.13 -109.12
C LYS R 368 35.08 -37.80 -109.61
N ALA R 369 33.79 -37.57 -109.36
CA ALA R 369 33.12 -36.36 -109.82
C ALA R 369 33.73 -35.07 -109.23
N ASN R 370 34.10 -35.08 -107.94
CA ASN R 370 34.78 -33.94 -107.30
C ASN R 370 36.15 -33.67 -107.93
N LYS R 371 36.92 -34.72 -108.20
CA LYS R 371 38.22 -34.62 -108.88
C LYS R 371 38.06 -34.06 -110.30
N ASP R 372 37.10 -34.56 -111.06
CA ASP R 372 36.84 -34.15 -112.44
C ASP R 372 36.31 -32.70 -112.51
N ALA R 373 35.57 -32.26 -111.49
CA ALA R 373 35.13 -30.86 -111.34
C ALA R 373 36.27 -29.90 -110.93
N GLY R 374 37.48 -30.42 -110.67
CA GLY R 374 38.62 -29.63 -110.22
C GLY R 374 38.61 -29.27 -108.73
N ASP R 375 37.72 -29.85 -107.94
CA ASP R 375 37.61 -29.64 -106.49
C ASP R 375 38.42 -30.69 -105.71
N HIS R 376 39.75 -30.64 -105.88
CA HIS R 376 40.69 -31.72 -105.52
C HIS R 376 40.74 -32.05 -104.04
N PHE R 377 40.37 -31.12 -103.16
CA PHE R 377 40.39 -31.29 -101.71
C PHE R 377 38.97 -31.42 -101.11
N ASN R 378 37.98 -31.63 -101.97
CA ASN R 378 36.64 -31.99 -101.53
C ASN R 378 36.52 -33.49 -101.33
N PHE R 379 36.69 -33.87 -100.08
CA PHE R 379 36.57 -35.25 -99.60
C PHE R 379 35.16 -35.63 -99.15
N SER R 380 34.14 -34.83 -99.50
CA SER R 380 32.75 -35.18 -99.19
C SER R 380 32.20 -36.26 -100.12
N GLY R 381 31.17 -36.95 -99.61
CA GLY R 381 30.37 -37.93 -100.32
C GLY R 381 29.33 -37.30 -101.25
N ILE R 382 28.25 -38.05 -101.50
CA ILE R 382 27.18 -37.66 -102.42
C ILE R 382 26.34 -36.60 -101.71
N GLY R 383 26.02 -35.50 -102.40
CA GLY R 383 25.30 -34.38 -101.82
C GLY R 383 26.02 -33.69 -100.65
N GLY R 384 27.36 -33.79 -100.59
CA GLY R 384 28.16 -33.18 -99.53
C GLY R 384 28.12 -33.92 -98.18
N ARG R 385 27.55 -35.14 -98.13
CA ARG R 385 27.48 -35.97 -96.92
C ARG R 385 28.84 -36.57 -96.55
N ASP R 386 28.92 -37.19 -95.38
CA ASP R 386 30.12 -37.92 -94.94
C ASP R 386 30.24 -39.22 -95.77
N PRO R 387 31.33 -39.46 -96.52
CA PRO R 387 31.43 -40.63 -97.39
C PRO R 387 31.60 -41.94 -96.60
N VAL R 388 32.09 -41.87 -95.36
CA VAL R 388 32.27 -43.03 -94.49
C VAL R 388 31.09 -43.14 -93.55
N VAL R 389 30.48 -44.31 -93.47
CA VAL R 389 29.48 -44.63 -92.44
C VAL R 389 30.19 -45.15 -91.20
N SER R 390 31.07 -46.14 -91.38
CA SER R 390 31.86 -46.72 -90.30
C SER R 390 33.17 -47.30 -90.80
N ALA R 391 34.12 -47.47 -89.88
CA ALA R 391 35.39 -48.14 -90.15
C ALA R 391 35.81 -49.03 -88.99
N GLU R 392 36.58 -50.05 -89.30
CA GLU R 392 37.19 -51.02 -88.38
C GLU R 392 38.68 -51.20 -88.74
N LEU R 393 39.54 -51.33 -87.74
CA LEU R 393 40.97 -51.61 -87.92
C LEU R 393 41.30 -52.99 -87.38
N LEU R 394 41.86 -53.85 -88.23
CA LEU R 394 42.21 -55.23 -87.90
C LEU R 394 43.72 -55.44 -87.98
N PHE R 395 44.27 -56.12 -86.98
CA PHE R 395 45.63 -56.66 -86.97
C PHE R 395 45.55 -58.18 -86.99
N ASN R 396 46.13 -58.84 -87.99
CA ASN R 396 46.11 -60.30 -88.12
C ASN R 396 44.67 -60.86 -87.94
N ASN R 397 43.69 -60.25 -88.61
CA ASN R 397 42.25 -60.56 -88.53
C ASN R 397 41.59 -60.39 -87.14
N THR R 398 42.27 -59.76 -86.18
CA THR R 398 41.72 -59.42 -84.87
C THR R 398 41.45 -57.93 -84.79
N ALA R 399 40.25 -57.54 -84.34
CA ALA R 399 39.87 -56.14 -84.23
C ALA R 399 40.77 -55.41 -83.21
N ARG R 400 41.62 -54.52 -83.72
CA ARG R 400 42.39 -53.58 -82.90
C ARG R 400 41.52 -52.39 -82.50
N VAL R 401 40.69 -51.92 -83.42
CA VAL R 401 39.61 -50.98 -83.16
C VAL R 401 38.38 -51.60 -83.80
N THR R 402 37.38 -51.96 -82.98
CA THR R 402 36.09 -52.46 -83.46
C THR R 402 35.38 -51.40 -84.28
N GLN R 403 34.35 -51.79 -85.03
CA GLN R 403 33.58 -50.87 -85.87
C GLN R 403 33.16 -49.60 -85.10
N LYS R 404 33.57 -48.44 -85.61
CA LYS R 404 33.20 -47.12 -85.09
C LYS R 404 32.64 -46.23 -86.20
N PRO R 405 31.67 -45.35 -85.89
CA PRO R 405 31.10 -44.44 -86.88
C PRO R 405 32.11 -43.39 -87.33
N ALA R 406 31.93 -42.83 -88.53
CA ALA R 406 32.80 -41.80 -89.11
C ALA R 406 33.17 -40.65 -88.16
N VAL R 407 32.19 -40.13 -87.41
CA VAL R 407 32.41 -39.02 -86.47
C VAL R 407 33.46 -39.35 -85.39
N TRP R 408 33.60 -40.62 -85.00
CA TRP R 408 34.62 -41.01 -84.02
C TRP R 408 36.02 -40.91 -84.62
N TRP R 409 36.22 -41.42 -85.84
CA TRP R 409 37.49 -41.34 -86.55
C TRP R 409 37.87 -39.91 -86.97
N ARG R 410 36.87 -39.06 -87.26
CA ARG R 410 37.09 -37.68 -87.70
C ARG R 410 37.24 -36.69 -86.55
N ALA R 411 36.30 -36.70 -85.61
CA ALA R 411 36.20 -35.67 -84.58
C ALA R 411 36.83 -36.10 -83.24
N VAL R 412 36.60 -37.35 -82.81
CA VAL R 412 37.13 -37.80 -81.51
C VAL R 412 38.64 -37.99 -81.57
N GLN R 413 39.16 -38.62 -82.63
CA GLN R 413 40.60 -38.80 -82.80
C GLN R 413 41.32 -37.45 -82.96
N ALA R 414 40.77 -36.51 -83.75
CA ALA R 414 41.31 -35.16 -83.85
C ALA R 414 41.29 -34.41 -82.51
N LEU R 415 40.20 -34.49 -81.76
CA LEU R 415 40.09 -33.88 -80.42
C LEU R 415 41.15 -34.41 -79.44
N GLN R 416 41.48 -35.70 -79.51
CA GLN R 416 42.39 -36.35 -78.57
C GLN R 416 43.86 -36.09 -78.89
N PHE R 417 44.22 -36.00 -80.17
CA PHE R 417 45.63 -36.10 -80.59
C PHE R 417 46.13 -34.95 -81.46
N HIS R 418 45.23 -34.10 -81.97
CA HIS R 418 45.58 -33.06 -82.93
C HIS R 418 45.29 -31.64 -82.45
N SER R 419 46.05 -30.69 -83.01
CA SER R 419 45.89 -29.26 -82.74
C SER R 419 44.59 -28.67 -83.29
N SER R 420 43.94 -29.35 -84.25
CA SER R 420 42.72 -28.89 -84.91
C SER R 420 41.83 -30.04 -85.35
N ALA R 421 40.54 -29.76 -85.48
CA ALA R 421 39.58 -30.67 -86.10
C ALA R 421 39.45 -30.32 -87.60
N PRO R 422 39.43 -31.32 -88.49
CA PRO R 422 39.38 -31.06 -89.93
C PRO R 422 38.00 -30.50 -90.33
N LEU R 423 38.00 -29.52 -91.25
CA LEU R 423 36.78 -28.96 -91.84
C LEU R 423 36.23 -29.83 -92.98
N THR R 424 37.07 -30.72 -93.51
CA THR R 424 36.74 -31.71 -94.53
C THR R 424 36.67 -33.12 -93.93
N ASN R 425 36.20 -34.10 -94.70
CA ASN R 425 36.04 -35.48 -94.26
C ASN R 425 37.38 -36.24 -94.23
N ILE R 426 38.31 -35.77 -93.40
CA ILE R 426 39.58 -36.43 -93.09
C ILE R 426 39.42 -37.17 -91.78
N TYR R 427 39.81 -38.44 -91.78
CA TYR R 427 39.76 -39.32 -90.63
C TYR R 427 41.19 -39.63 -90.18
N SER R 428 41.40 -39.81 -88.88
CA SER R 428 42.70 -40.18 -88.35
C SER R 428 42.59 -41.24 -87.27
N TYR R 429 43.71 -41.88 -86.97
CA TYR R 429 43.86 -42.72 -85.79
C TYR R 429 45.30 -42.68 -85.31
N SER R 430 45.49 -42.38 -84.03
CA SER R 430 46.81 -42.31 -83.42
C SER R 430 47.07 -43.48 -82.46
N PHE R 431 48.24 -44.09 -82.60
CA PHE R 431 48.84 -44.97 -81.60
C PHE R 431 49.71 -44.19 -80.60
N SER R 432 50.06 -42.94 -80.93
CA SER R 432 50.88 -42.04 -80.13
C SER R 432 50.00 -41.12 -79.27
N LEU R 433 50.41 -40.83 -78.04
CA LEU R 433 49.71 -39.85 -77.18
C LEU R 433 49.89 -38.41 -77.68
N SER R 434 50.99 -38.13 -78.37
CA SER R 434 51.35 -36.82 -78.88
C SER R 434 52.05 -36.97 -80.25
N PRO R 435 51.31 -37.32 -81.31
CA PRO R 435 51.90 -37.58 -82.63
C PRO R 435 52.47 -36.32 -83.32
N GLU R 436 52.11 -35.13 -82.83
CA GLU R 436 52.64 -33.84 -83.28
C GLU R 436 53.95 -33.44 -82.59
N ASP R 437 54.37 -34.14 -81.52
CA ASP R 437 55.68 -33.94 -80.90
C ASP R 437 56.76 -34.63 -81.76
N PRO R 438 57.69 -33.87 -82.38
CA PRO R 438 58.66 -34.43 -83.30
C PRO R 438 59.86 -35.09 -82.59
N ILE R 439 60.08 -34.83 -81.30
CA ILE R 439 61.29 -35.26 -80.57
C ILE R 439 61.00 -36.28 -79.46
N THR R 440 59.77 -36.38 -78.98
CA THR R 440 59.40 -37.31 -77.90
C THR R 440 58.46 -38.41 -78.41
N PRO R 441 58.97 -39.63 -78.65
CA PRO R 441 58.11 -40.77 -78.94
C PRO R 441 57.11 -41.01 -77.81
N SER R 442 55.83 -41.12 -78.16
CA SER R 442 54.74 -41.26 -77.18
C SER R 442 53.76 -42.40 -77.50
N GLY R 443 54.22 -43.39 -78.26
CA GLY R 443 53.45 -44.56 -78.68
C GLY R 443 53.59 -44.85 -80.16
N SER R 444 53.51 -46.13 -80.54
CA SER R 444 53.51 -46.58 -81.93
C SER R 444 53.05 -48.03 -82.03
N ALA R 445 52.67 -48.46 -83.23
CA ALA R 445 52.47 -49.86 -83.57
C ALA R 445 53.46 -50.24 -84.67
N ASN R 446 54.25 -51.30 -84.46
CA ASN R 446 55.27 -51.72 -85.43
C ASN R 446 54.65 -52.57 -86.54
N PHE R 447 54.36 -51.95 -87.69
CA PHE R 447 53.69 -52.64 -88.79
C PHE R 447 54.62 -53.65 -89.48
N SER R 448 55.94 -53.50 -89.39
CA SER R 448 56.89 -54.53 -89.89
C SER R 448 56.86 -55.85 -89.11
N ARG R 449 56.08 -55.94 -88.02
CA ARG R 449 55.89 -57.15 -87.21
C ARG R 449 54.47 -57.70 -87.28
N LEU R 450 53.60 -57.09 -88.06
CA LEU R 450 52.23 -57.53 -88.28
C LEU R 450 52.15 -58.18 -89.66
N ASP R 451 51.54 -59.37 -89.74
CA ASP R 451 51.40 -60.08 -91.01
C ASP R 451 50.33 -59.41 -91.89
N SER R 452 49.25 -58.92 -91.25
CA SER R 452 48.24 -58.12 -91.92
C SER R 452 47.75 -56.95 -91.06
N VAL R 453 47.62 -55.79 -91.71
CA VAL R 453 46.90 -54.63 -91.20
C VAL R 453 45.83 -54.26 -92.20
N GLU R 454 44.57 -54.35 -91.81
CA GLU R 454 43.44 -54.06 -92.68
C GLU R 454 42.58 -52.94 -92.10
N LEU R 455 42.31 -51.92 -92.90
CA LEU R 455 41.30 -50.90 -92.63
C LEU R 455 40.06 -51.26 -93.45
N ALA R 456 39.02 -51.73 -92.78
CA ALA R 456 37.74 -52.06 -93.39
C ALA R 456 36.79 -50.86 -93.26
N LEU R 457 36.24 -50.42 -94.38
CA LEU R 457 35.36 -49.25 -94.50
C LEU R 457 33.98 -49.70 -95.02
N THR R 458 32.95 -49.23 -94.34
CA THR R 458 31.59 -49.16 -94.89
C THR R 458 31.33 -47.71 -95.27
N LEU R 459 31.13 -47.48 -96.56
CA LEU R 459 30.89 -46.18 -97.17
C LEU R 459 29.38 -45.94 -97.30
N GLN R 460 29.00 -44.70 -97.57
CA GLN R 460 27.62 -44.34 -97.90
C GLN R 460 27.09 -45.20 -99.07
N ASP R 461 25.77 -45.32 -99.15
CA ASP R 461 25.13 -45.99 -100.28
C ASP R 461 25.53 -45.34 -101.61
N ASP R 462 25.67 -46.20 -102.63
CA ASP R 462 26.04 -45.84 -104.00
C ASP R 462 27.41 -45.15 -104.16
N PHE R 463 28.26 -45.12 -103.10
CA PHE R 463 29.63 -44.65 -103.23
C PHE R 463 30.46 -45.57 -104.13
N GLY R 464 31.09 -44.99 -105.16
CA GLY R 464 31.86 -45.75 -106.14
C GLY R 464 31.02 -46.44 -107.21
N ALA R 465 29.70 -46.23 -107.23
CA ALA R 465 28.82 -46.70 -108.29
C ALA R 465 28.70 -45.68 -109.43
N ALA R 466 28.31 -46.15 -110.62
CA ALA R 466 27.97 -45.33 -111.79
C ALA R 466 28.99 -44.21 -112.09
N HIS R 467 28.56 -42.93 -112.04
CA HIS R 467 29.38 -41.75 -112.35
C HIS R 467 30.57 -41.56 -111.40
N ASP R 468 30.58 -42.24 -110.25
CA ASP R 468 31.67 -42.22 -109.28
C ASP R 468 32.53 -43.49 -109.29
N ALA R 469 32.39 -44.34 -110.32
CA ALA R 469 33.29 -45.46 -110.53
C ALA R 469 34.75 -44.97 -110.61
N ASN R 470 35.64 -45.57 -109.82
CA ASN R 470 37.03 -45.12 -109.63
C ASN R 470 37.14 -43.84 -108.78
N SER R 471 36.34 -43.76 -107.72
CA SER R 471 36.64 -42.86 -106.61
C SER R 471 37.93 -43.31 -105.92
N GLU R 472 38.59 -42.42 -105.19
CA GLU R 472 39.92 -42.68 -104.63
C GLU R 472 39.85 -42.78 -103.11
N LEU R 473 40.53 -43.78 -102.55
CA LEU R 473 40.87 -43.88 -101.14
C LEU R 473 42.35 -43.56 -100.95
N PHE R 474 42.62 -42.59 -100.08
CA PHE R 474 43.96 -42.24 -99.64
C PHE R 474 44.14 -42.74 -98.21
N VAL R 475 45.21 -43.47 -97.95
CA VAL R 475 45.67 -43.76 -96.59
C VAL R 475 47.13 -43.36 -96.49
N PHE R 476 47.45 -42.48 -95.54
CA PHE R 476 48.83 -42.06 -95.27
C PHE R 476 49.19 -42.44 -93.85
N ALA R 477 50.39 -42.98 -93.63
CA ALA R 477 50.92 -43.29 -92.31
C ALA R 477 52.18 -42.48 -92.01
N ARG R 478 52.34 -42.11 -90.75
CA ARG R 478 53.58 -41.52 -90.22
C ARG R 478 54.31 -42.57 -89.41
N SER R 479 55.58 -42.82 -89.73
CA SER R 479 56.38 -43.85 -89.05
C SER R 479 57.71 -43.31 -88.55
N TYR R 480 58.18 -43.82 -87.42
CA TYR R 480 59.52 -43.53 -86.93
C TYR R 480 60.58 -44.30 -87.73
N ASN R 481 61.67 -43.62 -88.03
CA ASN R 481 62.94 -44.23 -88.45
C ASN R 481 64.09 -43.43 -87.83
N ILE R 482 65.33 -43.83 -88.09
CA ILE R 482 66.53 -43.16 -87.59
C ILE R 482 67.39 -42.78 -88.79
N LEU R 483 67.77 -41.50 -88.86
CA LEU R 483 68.78 -41.03 -89.80
C LEU R 483 70.12 -40.97 -89.07
N LYS R 484 71.13 -41.64 -89.62
CA LYS R 484 72.48 -41.70 -89.05
C LYS R 484 73.45 -40.88 -89.87
N PHE R 485 74.27 -40.09 -89.18
CA PHE R 485 75.36 -39.32 -89.76
C PHE R 485 76.70 -39.89 -89.31
N THR R 486 77.58 -40.23 -90.25
CA THR R 486 78.90 -40.80 -89.92
C THR R 486 79.90 -40.45 -91.02
N ASN R 487 81.06 -39.92 -90.63
CA ASN R 487 82.18 -39.62 -91.54
C ASN R 487 81.79 -38.79 -92.78
N GLY R 488 80.93 -37.77 -92.61
CA GLY R 488 80.48 -36.92 -93.70
C GLY R 488 79.37 -37.52 -94.58
N LEU R 489 78.83 -38.69 -94.22
CA LEU R 489 77.74 -39.37 -94.93
C LEU R 489 76.49 -39.43 -94.06
N ALA R 490 75.32 -39.48 -94.71
CA ALA R 490 74.02 -39.62 -94.06
C ALA R 490 73.23 -40.76 -94.69
N GLY R 491 72.58 -41.58 -93.87
CA GLY R 491 71.78 -42.71 -94.34
C GLY R 491 70.73 -43.18 -93.34
N MET S 1 -0.94 87.42 111.19
CA MET S 1 -1.13 88.87 110.98
C MET S 1 -2.28 89.44 111.82
N PRO S 2 -2.00 90.08 112.97
CA PRO S 2 -3.02 90.82 113.71
C PRO S 2 -3.40 92.13 112.98
N SER S 3 -4.70 92.39 112.85
CA SER S 3 -5.21 93.72 112.46
C SER S 3 -5.52 94.55 113.69
N ILE S 4 -5.07 95.82 113.71
CA ILE S 4 -5.35 96.77 114.78
C ILE S 4 -6.10 97.98 114.23
N ALA S 5 -7.20 98.30 114.90
CA ALA S 5 -7.89 99.57 114.73
C ALA S 5 -7.22 100.62 115.60
N PHE S 6 -6.73 101.68 114.96
CA PHE S 6 -6.22 102.87 115.61
C PHE S 6 -7.26 103.97 115.49
N SER S 7 -7.51 104.68 116.59
CA SER S 7 -8.39 105.85 116.61
C SER S 7 -7.61 107.06 117.11
N GLY S 8 -7.79 108.19 116.45
CA GLY S 8 -7.15 109.46 116.81
C GLY S 8 -8.12 110.63 116.68
N ILE S 9 -7.87 111.67 117.47
CA ILE S 9 -8.53 112.97 117.33
C ILE S 9 -7.44 113.98 116.99
N SER S 10 -7.62 114.67 115.86
CA SER S 10 -6.65 115.66 115.40
C SER S 10 -6.67 116.88 116.32
N THR S 11 -5.52 117.25 116.86
CA THR S 11 -5.36 118.51 117.61
C THR S 11 -4.87 119.65 116.73
N LYS S 12 -4.23 119.32 115.60
CA LYS S 12 -3.74 120.26 114.59
C LYS S 12 -4.32 119.94 113.21
N PRO S 13 -4.43 120.93 112.30
CA PRO S 13 -4.76 120.66 110.91
C PRO S 13 -3.71 119.74 110.28
N GLY S 14 -4.17 118.76 109.51
CA GLY S 14 -3.34 117.90 108.68
C GLY S 14 -2.52 116.84 109.41
N GLU S 15 -2.48 116.81 110.74
CA GLU S 15 -1.59 115.90 111.48
C GLU S 15 -2.34 115.04 112.50
N LEU S 16 -2.13 113.73 112.44
CA LEU S 16 -2.61 112.77 113.43
C LEU S 16 -1.48 111.87 113.91
N GLU S 17 -1.42 111.68 115.22
CA GLU S 17 -0.45 110.84 115.90
C GLU S 17 -1.13 109.59 116.46
N PHE S 18 -0.51 108.43 116.20
CA PHE S 18 -1.02 107.13 116.61
C PHE S 18 0.03 106.39 117.44
N HIS S 19 -0.41 105.83 118.57
CA HIS S 19 0.44 105.03 119.45
C HIS S 19 0.28 103.55 119.10
N VAL S 20 1.41 102.87 118.90
CA VAL S 20 1.44 101.44 118.62
C VAL S 20 1.54 100.67 119.92
N PRO S 21 0.63 99.70 120.18
CA PRO S 21 0.71 98.86 121.36
C PRO S 21 2.04 98.12 121.47
N SER S 22 2.59 98.02 122.68
CA SER S 22 3.88 97.38 122.97
C SER S 22 3.98 95.91 122.50
N VAL S 23 2.85 95.22 122.35
CA VAL S 23 2.80 93.84 121.84
C VAL S 23 3.25 93.77 120.37
N LEU S 24 3.10 94.86 119.61
CA LEU S 24 3.47 94.93 118.20
C LEU S 24 4.76 95.71 117.93
N SER S 25 5.38 96.35 118.94
CA SER S 25 6.56 97.21 118.75
C SER S 25 7.87 96.44 118.49
N LYS S 26 7.80 95.28 117.83
CA LYS S 26 8.97 94.50 117.38
C LYS S 26 9.61 95.13 116.14
N HIS S 27 10.89 94.84 115.91
CA HIS S 27 11.64 95.36 114.77
C HIS S 27 11.14 94.79 113.43
N ASN S 28 11.20 95.62 112.39
CA ASN S 28 11.20 95.22 110.98
C ASN S 28 9.88 94.57 110.48
N ARG S 29 8.75 95.25 110.69
CA ARG S 29 7.41 94.80 110.25
C ARG S 29 6.87 95.62 109.09
N ALA S 30 6.21 94.97 108.14
CA ALA S 30 5.33 95.63 107.17
C ALA S 30 3.93 95.84 107.76
N GLY S 31 3.42 97.07 107.65
CA GLY S 31 2.03 97.40 107.94
C GLY S 31 1.27 97.69 106.66
N LEU S 32 0.19 96.94 106.43
CA LEU S 32 -0.74 97.20 105.35
C LEU S 32 -1.93 98.01 105.90
N LEU S 33 -2.11 99.23 105.40
CA LEU S 33 -3.33 99.99 105.62
C LEU S 33 -4.48 99.33 104.87
N LYS S 34 -5.46 98.80 105.61
CA LYS S 34 -6.64 98.11 105.05
C LYS S 34 -7.79 99.05 104.76
N SER S 35 -8.04 99.99 105.66
CA SER S 35 -9.15 100.93 105.53
C SER S 35 -8.93 102.16 106.42
N ILE S 36 -9.51 103.27 105.99
CA ILE S 36 -9.65 104.50 106.79
C ILE S 36 -11.14 104.84 106.84
N ASP S 37 -11.68 104.97 108.04
CA ASP S 37 -12.97 105.62 108.25
C ASP S 37 -12.72 107.13 108.32
N PHE S 38 -12.84 107.78 107.17
CA PHE S 38 -12.52 109.20 107.02
C PHE S 38 -13.75 110.06 107.34
N PRO S 39 -13.60 111.15 108.12
CA PRO S 39 -14.75 111.92 108.60
C PRO S 39 -15.36 112.85 107.55
N TYR S 40 -14.64 113.21 106.47
CA TYR S 40 -15.07 114.20 105.46
C TYR S 40 -15.60 115.51 106.09
N SER S 41 -14.98 115.92 107.20
CA SER S 41 -15.41 117.05 108.01
C SER S 41 -14.85 118.41 107.57
N GLN S 42 -13.95 118.46 106.58
CA GLN S 42 -13.40 119.72 106.09
C GLN S 42 -14.49 120.51 105.35
N ARG S 43 -14.56 121.80 105.69
CA ARG S 43 -15.50 122.74 105.08
C ARG S 43 -14.97 123.24 103.75
N THR S 44 -15.89 123.62 102.86
CA THR S 44 -15.53 124.29 101.60
C THR S 44 -14.67 125.53 101.87
N ILE S 45 -15.13 126.36 102.82
CA ILE S 45 -14.42 127.53 103.33
C ILE S 45 -14.13 127.30 104.80
N GLU S 46 -12.86 127.33 105.17
CA GLU S 46 -12.41 127.22 106.56
C GLU S 46 -12.03 128.59 107.13
N SER S 47 -12.02 128.71 108.46
CA SER S 47 -11.59 129.95 109.13
C SER S 47 -10.14 130.36 108.83
N SER S 48 -9.31 129.40 108.39
CA SER S 48 -7.92 129.61 107.96
C SER S 48 -7.79 130.09 106.51
N TRP S 49 -8.82 129.95 105.66
CA TRP S 49 -8.84 130.45 104.29
C TRP S 49 -10.22 131.02 103.92
N ASN S 50 -10.54 132.18 104.46
CA ASN S 50 -11.87 132.78 104.26
C ASN S 50 -11.84 134.23 103.80
N LYS S 51 -10.68 134.73 103.38
CA LYS S 51 -10.53 136.11 102.97
C LYS S 51 -10.59 136.29 101.46
N LEU S 52 -11.16 137.42 101.05
CA LEU S 52 -11.04 137.94 99.71
C LEU S 52 -10.60 139.40 99.80
N HIS S 53 -9.61 139.75 98.98
CA HIS S 53 -9.03 141.08 98.94
C HIS S 53 -9.39 141.74 97.63
N TYR S 54 -9.85 142.98 97.69
CA TYR S 54 -10.20 143.75 96.50
C TYR S 54 -9.93 145.23 96.74
N MET S 55 -9.89 146.01 95.66
CA MET S 55 -9.79 147.45 95.73
C MET S 55 -10.52 148.07 94.55
N GLU S 56 -10.94 149.31 94.72
CA GLU S 56 -11.45 150.15 93.64
C GLU S 56 -10.30 151.00 93.05
N SER S 57 -10.59 152.21 92.59
CA SER S 57 -9.58 153.15 92.14
C SER S 57 -8.79 153.77 93.31
N ILE S 58 -7.51 154.05 93.07
CA ILE S 58 -6.62 154.69 94.04
C ILE S 58 -6.75 156.21 93.89
N ARG S 59 -7.25 156.85 94.94
CA ARG S 59 -7.30 158.31 95.07
C ARG S 59 -6.00 158.83 95.68
N ILE S 60 -5.50 159.94 95.15
CA ILE S 60 -4.36 160.66 95.71
C ILE S 60 -4.88 161.79 96.59
N THR S 61 -4.50 161.76 97.87
CA THR S 61 -4.86 162.74 98.90
C THR S 61 -3.61 163.43 99.45
N PRO S 62 -3.72 164.55 100.17
CA PRO S 62 -2.57 165.23 100.77
C PRO S 62 -1.71 164.32 101.65
N GLU S 63 -2.30 163.32 102.32
CA GLU S 63 -1.61 162.39 103.23
C GLU S 63 -0.99 161.17 102.53
N SER S 64 -1.29 160.96 101.24
CA SER S 64 -0.91 159.78 100.46
C SER S 64 -0.64 160.16 99.00
N ARG S 65 0.52 160.78 98.75
CA ARG S 65 0.92 161.28 97.43
C ARG S 65 2.40 161.29 97.12
N SER S 66 3.28 161.05 98.10
CA SER S 66 4.71 161.31 97.98
C SER S 66 5.58 160.10 98.29
N VAL S 67 6.63 159.94 97.48
CA VAL S 67 7.68 158.94 97.66
C VAL S 67 9.02 159.66 97.54
N SER S 68 9.87 159.51 98.55
CA SER S 68 11.22 160.07 98.55
C SER S 68 12.25 158.94 98.54
N VAL S 69 13.32 159.11 97.78
CA VAL S 69 14.40 158.13 97.69
C VAL S 69 15.73 158.84 97.89
N LEU S 70 16.49 158.38 98.89
CA LEU S 70 17.84 158.85 99.13
C LEU S 70 18.80 158.09 98.22
N LEU S 71 19.52 158.83 97.41
CA LEU S 71 20.52 158.33 96.49
C LEU S 71 21.91 158.77 96.96
N THR S 72 22.89 157.88 96.88
CA THR S 72 24.31 158.23 97.12
C THR S 72 25.06 158.15 95.80
N ASP S 73 25.77 159.21 95.43
CA ASP S 73 26.68 159.20 94.29
C ASP S 73 27.83 158.23 94.54
N LYS S 74 28.19 157.44 93.52
CA LYS S 74 29.22 156.40 93.64
C LYS S 74 30.64 156.94 93.65
N GLU S 75 30.88 158.10 93.06
CA GLU S 75 32.21 158.69 92.91
C GLU S 75 32.50 159.66 94.05
N SER S 76 31.62 160.63 94.30
CA SER S 76 31.83 161.64 95.34
C SER S 76 31.37 161.18 96.74
N GLY S 77 30.44 160.22 96.80
CA GLY S 77 29.76 159.85 98.05
C GLY S 77 28.70 160.84 98.50
N ASP S 78 28.39 161.86 97.69
CA ASP S 78 27.37 162.86 98.01
C ASP S 78 25.97 162.26 98.02
N ARG S 79 25.14 162.75 98.92
CA ARG S 79 23.76 162.29 99.10
C ARG S 79 22.79 163.24 98.43
N VAL S 80 21.93 162.70 97.58
CA VAL S 80 20.88 163.42 96.86
C VAL S 80 19.54 162.80 97.22
N GLU S 81 18.64 163.59 97.80
CA GLU S 81 17.26 163.16 98.03
C GLU S 81 16.40 163.48 96.80
N MET S 82 15.69 162.46 96.33
CA MET S 82 14.82 162.56 95.17
C MET S 82 13.37 162.37 95.57
N LEU S 83 12.56 163.41 95.38
CA LEU S 83 11.14 163.41 95.74
C LEU S 83 10.25 163.28 94.50
N ALA S 84 9.38 162.26 94.48
CA ALA S 84 8.23 162.21 93.60
C ALA S 84 6.98 162.64 94.36
N MET S 85 6.33 163.69 93.87
CA MET S 85 4.99 164.07 94.29
C MET S 85 4.00 163.77 93.18
N VAL S 86 2.99 162.96 93.49
CA VAL S 86 1.87 162.69 92.59
C VAL S 86 0.85 163.84 92.71
N PRO S 87 0.29 164.36 91.59
CA PRO S 87 -0.81 165.31 91.62
C PRO S 87 -2.02 164.80 92.40
N LEU S 88 -2.65 165.66 93.19
CA LEU S 88 -3.87 165.33 93.92
C LEU S 88 -5.05 165.06 92.97
N THR S 89 -5.93 164.13 93.36
CA THR S 89 -7.18 163.89 92.63
C THR S 89 -8.07 165.14 92.62
N THR S 90 -8.15 165.85 93.75
CA THR S 90 -8.84 167.15 93.85
C THR S 90 -7.98 168.12 94.66
N ASN S 91 -7.63 169.28 94.09
CA ASN S 91 -6.90 170.34 94.76
C ASN S 91 -7.66 171.67 94.60
N LYS S 92 -7.92 172.37 95.70
CA LYS S 92 -8.69 173.61 95.67
C LYS S 92 -7.82 174.75 95.15
N ILE S 93 -8.40 175.63 94.33
CA ILE S 93 -7.79 176.89 93.92
C ILE S 93 -8.20 177.94 94.97
N ILE S 94 -7.22 178.63 95.54
CA ILE S 94 -7.43 179.63 96.59
C ILE S 94 -7.31 181.06 96.07
N GLU S 95 -6.59 181.26 94.97
CA GLU S 95 -6.43 182.57 94.32
C GLU S 95 -6.22 182.41 92.82
N ILE S 96 -6.71 183.39 92.06
CA ILE S 96 -6.45 183.54 90.63
C ILE S 96 -5.97 184.98 90.42
N SER S 97 -4.68 185.17 90.18
CA SER S 97 -4.14 186.52 89.92
C SER S 97 -4.44 186.95 88.48
N THR S 98 -4.87 188.19 88.31
CA THR S 98 -5.20 188.73 86.98
C THR S 98 -3.95 189.15 86.23
N ALA S 99 -3.78 188.56 85.04
CA ALA S 99 -3.01 188.99 83.87
C ALA S 99 -1.81 189.90 84.13
N THR S 100 -0.61 189.31 84.09
CA THR S 100 0.60 190.04 83.71
C THR S 100 0.46 190.62 82.29
N THR S 101 1.36 191.53 81.90
CA THR S 101 1.34 192.21 80.59
C THR S 101 1.34 191.29 79.36
N ASP S 102 1.68 190.02 79.54
CA ASP S 102 1.68 188.94 78.53
C ASP S 102 0.35 188.17 78.41
N GLY S 103 -0.62 188.43 79.29
CA GLY S 103 -1.90 187.74 79.32
C GLY S 103 -1.84 186.35 79.97
N THR S 104 -0.86 186.04 80.81
CA THR S 104 -0.84 184.82 81.63
C THR S 104 -1.59 185.01 82.95
N ILE S 105 -2.28 183.95 83.40
CA ILE S 105 -2.95 183.88 84.70
C ILE S 105 -2.13 182.98 85.60
N ILE S 106 -2.01 183.32 86.88
CA ILE S 106 -1.46 182.41 87.89
C ILE S 106 -2.61 181.83 88.70
N LEU S 107 -2.69 180.51 88.76
CA LEU S 107 -3.61 179.76 89.60
C LEU S 107 -2.86 179.30 90.84
N VAL S 108 -3.31 179.74 92.02
CA VAL S 108 -2.72 179.35 93.30
C VAL S 108 -3.57 178.27 93.95
N THR S 109 -2.96 177.16 94.35
CA THR S 109 -3.62 176.00 94.94
C THR S 109 -3.43 175.95 96.46
N GLU S 110 -4.38 175.31 97.14
CA GLU S 110 -4.35 175.08 98.59
C GLU S 110 -3.19 174.19 99.00
N GLU S 111 -2.97 173.11 98.24
CA GLU S 111 -1.88 172.16 98.44
C GLU S 111 -0.87 172.25 97.28
N PRO S 112 0.39 171.82 97.47
CA PRO S 112 1.37 171.80 96.39
C PRO S 112 0.82 171.07 95.17
N HIS S 113 0.90 171.65 93.97
CA HIS S 113 0.16 171.12 92.82
C HIS S 113 0.74 169.77 92.33
N GLY S 114 2.06 169.55 92.44
CA GLY S 114 2.73 168.27 92.08
C GLY S 114 2.79 167.98 90.57
N PHE S 115 2.56 168.99 89.73
CA PHE S 115 2.46 168.84 88.27
C PHE S 115 3.83 168.78 87.60
N PHE S 116 4.85 169.31 88.26
CA PHE S 116 6.19 169.45 87.72
C PHE S 116 7.16 168.71 88.63
N ALA S 117 7.84 167.71 88.06
CA ALA S 117 8.94 167.02 88.72
C ALA S 117 10.21 167.87 88.57
N PRO S 118 10.97 168.11 89.65
CA PRO S 118 12.19 168.90 89.57
C PRO S 118 13.18 168.25 88.60
N GLY S 119 13.87 169.07 87.81
CA GLY S 119 14.94 168.60 86.94
C GLY S 119 16.07 168.01 87.78
N CYS S 120 16.48 166.79 87.47
CA CYS S 120 17.56 166.07 88.17
C CYS S 120 18.41 165.31 87.15
N PHE S 121 19.68 165.06 87.50
CA PHE S 121 20.64 164.35 86.64
C PHE S 121 20.77 164.95 85.22
N GLY S 122 20.77 166.29 85.14
CA GLY S 122 20.86 167.02 83.86
C GLY S 122 19.58 167.02 83.03
N LYS S 123 18.47 166.46 83.53
CA LYS S 123 17.17 166.51 82.87
C LYS S 123 16.43 167.81 83.20
N GLU S 124 15.67 168.30 82.23
CA GLU S 124 14.76 169.41 82.40
C GLU S 124 13.60 169.06 83.33
N VAL S 125 12.94 170.09 83.87
CA VAL S 125 11.71 169.96 84.64
C VAL S 125 10.64 169.26 83.79
N ARG S 126 10.07 168.18 84.31
CA ARG S 126 9.09 167.36 83.56
C ARG S 126 7.68 167.61 84.05
N ASN S 127 6.75 167.88 83.14
CA ASN S 127 5.33 167.93 83.46
C ASN S 127 4.77 166.51 83.65
N VAL S 128 4.50 166.12 84.89
CA VAL S 128 4.02 164.78 85.29
C VAL S 128 2.64 164.49 84.69
N ILE S 129 1.72 165.46 84.72
CA ILE S 129 0.35 165.29 84.21
C ILE S 129 0.34 165.08 82.70
N SER S 130 1.29 165.65 81.95
CA SER S 130 1.39 165.41 80.51
C SER S 130 1.51 163.91 80.18
N SER S 131 2.12 163.11 81.07
CA SER S 131 2.25 161.66 80.90
C SER S 131 0.95 160.88 81.13
N TYR S 132 -0.07 161.48 81.75
CA TYR S 132 -1.35 160.79 82.00
C TYR S 132 -2.04 160.42 80.69
N LYS S 133 -1.85 161.22 79.63
CA LYS S 133 -2.41 160.95 78.29
C LYS S 133 -1.94 159.62 77.71
N SER S 134 -0.75 159.14 78.05
CA SER S 134 -0.20 157.86 77.59
C SER S 134 -0.42 156.70 78.57
N ILE S 135 -0.71 156.99 79.84
CA ILE S 135 -0.84 155.98 80.91
C ILE S 135 -2.29 155.56 81.10
N PHE S 136 -3.22 156.52 81.07
CA PHE S 136 -4.63 156.26 81.30
C PHE S 136 -5.33 155.78 80.02
N PRO S 137 -6.44 155.03 80.15
CA PRO S 137 -7.24 154.62 79.00
C PRO S 137 -7.66 155.79 78.11
N HIS S 138 -7.79 155.53 76.81
CA HIS S 138 -8.22 156.53 75.85
C HIS S 138 -9.56 157.16 76.26
N GLY S 139 -9.61 158.50 76.20
CA GLY S 139 -10.79 159.28 76.57
C GLY S 139 -10.83 159.74 78.03
N THR S 140 -9.93 159.24 78.90
CA THR S 140 -9.79 159.78 80.25
C THR S 140 -9.12 161.17 80.19
N PRO S 141 -9.80 162.24 80.62
CA PRO S 141 -9.19 163.57 80.63
C PRO S 141 -8.07 163.61 81.67
N PRO S 142 -6.85 164.02 81.31
CA PRO S 142 -5.73 164.06 82.25
C PRO S 142 -5.91 165.15 83.31
N PHE S 143 -6.70 166.18 83.01
CA PHE S 143 -6.91 167.33 83.88
C PHE S 143 -8.22 168.04 83.58
N ILE S 144 -8.94 168.44 84.64
CA ILE S 144 -10.19 169.18 84.57
C ILE S 144 -10.14 170.35 85.56
N LEU S 145 -10.53 171.55 85.11
CA LEU S 145 -10.89 172.66 85.97
C LEU S 145 -12.40 172.68 86.23
N ILE S 146 -12.78 172.77 87.49
CA ILE S 146 -14.17 172.94 87.93
C ILE S 146 -14.37 174.39 88.39
N HIS S 147 -15.60 174.91 88.27
CA HIS S 147 -16.06 176.28 88.58
C HIS S 147 -16.02 177.32 87.44
N GLY S 148 -15.72 176.91 86.21
CA GLY S 148 -16.00 177.78 85.06
C GLY S 148 -17.48 178.15 85.00
N SER S 149 -17.81 179.41 84.68
CA SER S 149 -19.20 179.85 84.50
C SER S 149 -19.93 179.07 83.40
N ASN S 150 -19.17 178.50 82.46
CA ASN S 150 -19.65 177.65 81.38
C ASN S 150 -19.65 176.14 81.72
N GLY S 151 -19.32 175.76 82.95
CA GLY S 151 -19.17 174.37 83.39
C GLY S 151 -17.71 173.95 83.54
N SER S 152 -17.49 172.65 83.66
CA SER S 152 -16.14 172.05 83.73
C SER S 152 -15.36 172.23 82.42
N VAL S 153 -14.04 172.30 82.54
CA VAL S 153 -13.12 172.58 81.42
C VAL S 153 -12.00 171.58 81.43
N GLN S 154 -11.86 170.82 80.34
CA GLN S 154 -10.67 170.00 80.12
C GLN S 154 -9.57 170.92 79.60
N VAL S 155 -8.41 170.91 80.25
CA VAL S 155 -7.26 171.72 79.85
C VAL S 155 -6.13 170.79 79.49
N ASP S 156 -5.46 171.07 78.37
CA ASP S 156 -4.26 170.33 77.99
C ASP S 156 -3.15 170.58 79.02
N PRO S 157 -2.62 169.53 79.67
CA PRO S 157 -1.55 169.68 80.65
C PRO S 157 -0.31 170.42 80.11
N ALA S 158 -0.04 170.34 78.80
CA ALA S 158 1.10 171.00 78.17
C ALA S 158 1.01 172.54 78.14
N LEU S 159 -0.16 173.11 78.46
CA LEU S 159 -0.39 174.56 78.52
C LEU S 159 -0.03 175.16 79.88
N PHE S 160 0.21 174.34 80.89
CA PHE S 160 0.68 174.79 82.19
C PHE S 160 2.19 175.00 82.17
N GLU S 161 2.61 176.12 82.76
CA GLU S 161 4.00 176.47 83.04
C GLU S 161 4.20 176.51 84.56
N TYR S 162 5.37 176.08 85.02
CA TYR S 162 5.73 176.12 86.44
C TYR S 162 5.90 177.57 86.90
N ASN S 163 5.32 177.92 88.05
CA ASN S 163 5.62 179.19 88.74
C ASN S 163 6.34 178.92 90.07
N ASP S 164 5.69 178.18 90.96
CA ASP S 164 6.25 177.66 92.21
C ASP S 164 5.46 176.41 92.65
N GLU S 165 5.80 175.85 93.81
CA GLU S 165 5.19 174.60 94.31
C GLU S 165 3.67 174.68 94.51
N TYR S 166 3.14 175.89 94.75
CA TYR S 166 1.73 176.15 95.06
C TYR S 166 1.01 176.87 93.92
N SER S 167 1.67 177.15 92.80
CA SER S 167 1.05 177.90 91.72
C SER S 167 1.57 177.56 90.33
N VAL S 168 0.65 177.64 89.37
CA VAL S 168 0.93 177.34 87.97
C VAL S 168 0.48 178.50 87.08
N LYS S 169 1.25 178.76 86.03
CA LYS S 169 0.93 179.74 84.99
C LYS S 169 0.20 179.08 83.84
N ILE S 170 -0.76 179.79 83.27
CA ILE S 170 -1.43 179.40 82.04
C ILE S 170 -1.84 180.65 81.23
N LYS S 171 -1.67 180.61 79.91
CA LYS S 171 -2.12 181.71 79.05
C LYS S 171 -3.64 181.87 79.13
N TYR S 172 -4.13 183.07 79.40
CA TYR S 172 -5.57 183.37 79.45
C TYR S 172 -6.29 182.90 78.19
N THR S 173 -5.66 183.03 77.01
CA THR S 173 -6.22 182.60 75.73
C THR S 173 -6.52 181.10 75.65
N ALA S 174 -5.78 180.25 76.38
CA ALA S 174 -6.01 178.81 76.43
C ALA S 174 -7.33 178.43 77.14
N ILE S 175 -7.80 179.30 78.03
CA ILE S 175 -8.95 179.05 78.91
C ILE S 175 -10.06 180.11 78.75
N ARG S 176 -9.86 181.09 77.87
CA ARG S 176 -10.71 182.27 77.64
C ARG S 176 -12.17 181.93 77.37
N THR S 177 -12.44 180.88 76.61
CA THR S 177 -13.81 180.47 76.27
C THR S 177 -14.61 179.98 77.48
N GLU S 178 -13.96 179.73 78.62
CA GLU S 178 -14.56 179.03 79.74
C GLU S 178 -14.41 179.75 81.10
N PHE S 179 -13.45 180.67 81.23
CA PHE S 179 -13.08 181.37 82.48
C PHE S 179 -13.95 182.58 82.85
N LYS S 180 -15.15 182.76 82.29
CA LYS S 180 -15.81 184.09 82.28
C LYS S 180 -16.05 184.72 83.64
N LEU S 181 -16.20 183.96 84.72
CA LEU S 181 -16.13 184.46 86.10
C LEU S 181 -15.89 183.25 87.02
N PHE S 182 -14.74 183.16 87.69
CA PHE S 182 -14.73 182.48 88.98
C PHE S 182 -15.43 183.42 89.97
N GLY S 183 -16.38 182.90 90.74
CA GLY S 183 -17.13 183.71 91.69
C GLY S 183 -16.19 184.40 92.67
N LYS S 184 -16.54 185.59 93.15
CA LYS S 184 -15.81 186.24 94.24
C LYS S 184 -15.73 185.26 95.43
N GLY S 185 -14.54 184.73 95.74
CA GLY S 185 -14.26 183.93 96.94
C GLY S 185 -14.20 182.41 96.77
N ASP S 186 -14.75 181.82 95.70
CA ASP S 186 -14.55 180.39 95.39
C ASP S 186 -13.95 180.26 93.99
N HIS S 187 -12.64 179.97 93.96
CA HIS S 187 -11.83 179.93 92.74
C HIS S 187 -11.80 178.54 92.09
N GLY S 188 -12.56 177.58 92.60
CA GLY S 188 -12.75 176.29 91.98
C GLY S 188 -11.72 175.22 92.34
N TRP S 189 -11.65 174.20 91.50
CA TRP S 189 -10.87 172.99 91.79
C TRP S 189 -10.10 172.54 90.56
N MET S 190 -8.87 172.09 90.81
CA MET S 190 -8.07 171.30 89.90
C MET S 190 -8.34 169.82 90.16
N VAL S 191 -8.71 169.09 89.11
CA VAL S 191 -9.07 167.66 89.22
C VAL S 191 -8.24 166.83 88.27
N THR S 192 -7.61 165.79 88.82
CA THR S 192 -6.91 164.73 88.08
C THR S 192 -7.63 163.40 88.30
N PRO S 193 -7.55 162.45 87.34
CA PRO S 193 -8.23 161.17 87.47
C PRO S 193 -7.65 160.31 88.61
N GLU S 194 -8.51 159.50 89.25
CA GLU S 194 -8.07 158.44 90.16
C GLU S 194 -7.43 157.29 89.37
N PHE S 195 -6.46 156.59 89.97
CA PHE S 195 -5.72 155.52 89.30
C PHE S 195 -6.51 154.21 89.26
N PRO S 196 -6.77 153.63 88.08
CA PRO S 196 -7.49 152.36 87.97
C PRO S 196 -6.71 151.15 88.50
N THR S 197 -5.38 151.21 88.49
CA THR S 197 -4.48 150.10 88.87
C THR S 197 -3.24 150.62 89.58
N ILE S 198 -2.61 149.76 90.39
CA ILE S 198 -1.30 150.04 91.02
C ILE S 198 -0.22 150.18 89.94
N SER S 199 -0.31 149.41 88.85
CA SER S 199 0.60 149.50 87.71
C SER S 199 0.62 150.90 87.08
N MET S 200 -0.56 151.51 86.83
CA MET S 200 -0.65 152.89 86.32
C MET S 200 -0.09 153.93 87.31
N LEU S 201 -0.34 153.75 88.61
CA LEU S 201 0.25 154.61 89.66
C LEU S 201 1.79 154.50 89.66
N CYS S 202 2.34 153.29 89.56
CA CYS S 202 3.79 153.06 89.50
C CYS S 202 4.42 153.71 88.26
N GLN S 203 3.74 153.72 87.11
CA GLN S 203 4.20 154.43 85.92
C GLN S 203 4.26 155.94 86.13
N VAL S 204 3.27 156.52 86.81
CA VAL S 204 3.29 157.96 87.15
C VAL S 204 4.39 158.28 88.15
N ILE S 205 4.59 157.46 89.19
CA ILE S 205 5.69 157.65 90.15
C ILE S 205 7.04 157.56 89.43
N THR S 206 7.21 156.59 88.54
CA THR S 206 8.42 156.47 87.68
C THR S 206 8.65 157.73 86.85
N ASN S 207 7.60 158.30 86.28
CA ASN S 207 7.70 159.53 85.51
C ASN S 207 7.99 160.76 86.38
N ALA S 208 7.39 160.85 87.56
CA ALA S 208 7.69 161.88 88.56
C ALA S 208 9.12 161.75 89.08
N MET S 209 9.68 160.54 89.10
CA MET S 209 11.08 160.28 89.37
C MET S 209 11.98 160.48 88.13
N ASN S 210 11.50 161.13 87.06
CA ASN S 210 12.23 161.32 85.80
C ASN S 210 12.87 160.05 85.22
N SER S 211 12.30 158.87 85.51
CA SER S 211 12.87 157.56 85.18
C SER S 211 14.28 157.32 85.73
N ALA S 212 14.75 158.15 86.67
CA ALA S 212 15.95 157.86 87.46
C ALA S 212 15.72 156.62 88.31
N ILE S 213 14.49 156.46 88.81
CA ILE S 213 14.03 155.30 89.56
C ILE S 213 12.76 154.76 88.88
N ILE S 214 12.70 153.44 88.72
CA ILE S 214 11.59 152.73 88.08
C ILE S 214 10.82 151.97 89.14
N PHE S 215 9.52 152.23 89.19
CA PHE S 215 8.55 151.48 89.98
C PHE S 215 7.77 150.58 89.04
N ASN S 216 7.75 149.28 89.34
CA ASN S 216 7.00 148.30 88.58
C ASN S 216 6.13 147.45 89.52
N HIS S 217 4.87 147.28 89.17
CA HIS S 217 3.98 146.38 89.89
C HIS S 217 3.79 145.08 89.11
N ASP S 218 4.07 143.96 89.76
CA ASP S 218 3.93 142.62 89.21
C ASP S 218 2.58 142.03 89.66
N ASP S 219 1.57 142.07 88.79
CA ASP S 219 0.20 141.61 89.06
C ASP S 219 0.13 140.13 89.49
N PRO S 220 0.82 139.17 88.83
CA PRO S 220 0.92 137.79 89.30
C PRO S 220 1.44 137.64 90.73
N ALA S 221 2.40 138.47 91.14
CA ALA S 221 2.95 138.44 92.50
C ALA S 221 2.19 139.36 93.48
N ALA S 222 1.34 140.25 92.98
CA ALA S 222 0.77 141.39 93.68
C ALA S 222 1.83 142.24 94.44
N ARG S 223 3.01 142.44 93.83
CA ARG S 223 4.14 143.13 94.47
C ARG S 223 4.68 144.27 93.62
N THR S 224 4.88 145.41 94.27
CA THR S 224 5.57 146.57 93.73
C THR S 224 7.06 146.47 94.04
N ARG S 225 7.90 146.65 93.02
CA ARG S 225 9.34 146.67 93.15
C ARG S 225 9.90 147.97 92.58
N MET S 226 10.96 148.42 93.22
CA MET S 226 11.68 149.64 92.84
C MET S 226 13.08 149.25 92.37
N TYR S 227 13.51 149.83 91.26
CA TYR S 227 14.81 149.59 90.65
C TYR S 227 15.48 150.89 90.21
N PRO S 228 16.81 150.97 90.22
CA PRO S 228 17.50 152.10 89.63
C PRO S 228 17.29 152.09 88.10
N GLY S 229 16.81 153.21 87.57
CA GLY S 229 16.64 153.45 86.14
C GLY S 229 17.85 154.19 85.57
N THR S 230 17.67 155.43 85.11
CA THR S 230 18.74 156.19 84.46
C THR S 230 19.87 156.61 85.40
N CYS S 231 19.68 156.58 86.72
CA CYS S 231 20.76 156.85 87.69
C CYS S 231 21.58 155.60 88.06
N SER S 232 21.26 154.42 87.52
CA SER S 232 21.90 153.13 87.88
C SER S 232 23.42 153.13 87.80
N ASN S 233 24.01 153.85 86.86
CA ASN S 233 25.46 153.92 86.70
C ASN S 233 26.13 154.88 87.68
N THR S 234 25.45 155.97 88.08
CA THR S 234 26.03 157.06 88.87
C THR S 234 25.70 156.99 90.35
N HIS S 235 24.51 156.49 90.71
CA HIS S 235 24.02 156.50 92.09
C HIS S 235 23.62 155.10 92.59
N VAL S 236 23.65 154.92 93.90
CA VAL S 236 23.10 153.77 94.61
C VAL S 236 21.90 154.22 95.41
N ILE S 237 20.86 153.39 95.46
CA ILE S 237 19.69 153.62 96.30
C ILE S 237 20.07 153.28 97.75
N GLU S 238 20.08 154.29 98.62
CA GLU S 238 20.42 154.13 100.04
C GLU S 238 19.17 153.78 100.86
N SER S 239 18.10 154.56 100.73
CA SER S 239 16.86 154.34 101.47
C SER S 239 15.64 154.93 100.75
N VAL S 240 14.45 154.48 101.15
CA VAL S 240 13.17 155.00 100.67
C VAL S 240 12.36 155.49 101.86
N SER S 241 11.77 156.66 101.71
CA SER S 241 10.86 157.28 102.67
C SER S 241 9.67 157.90 101.91
N GLY S 242 8.80 158.60 102.64
CA GLY S 242 7.62 159.25 102.07
C GLY S 242 6.43 159.16 103.02
N ASP S 243 5.28 159.55 102.50
CA ASP S 243 4.04 159.55 103.26
C ASP S 243 3.35 158.17 103.26
N SER S 244 2.03 158.16 103.49
CA SER S 244 1.23 156.95 103.51
C SER S 244 1.29 156.18 102.19
N LEU S 245 1.51 156.85 101.05
CA LEU S 245 1.63 156.21 99.73
C LEU S 245 2.88 155.36 99.64
N ALA S 246 4.04 155.90 100.05
CA ALA S 246 5.29 155.15 100.04
C ALA S 246 5.20 153.91 100.94
N LYS S 247 4.63 154.07 102.15
CA LYS S 247 4.39 152.96 103.07
C LYS S 247 3.41 151.95 102.49
N ALA S 248 2.34 152.41 101.84
CA ALA S 248 1.34 151.54 101.24
C ALA S 248 1.92 150.74 100.08
N LEU S 249 2.76 151.32 99.23
CA LEU S 249 3.34 150.65 98.06
C LEU S 249 4.51 149.73 98.39
N LEU S 250 5.35 150.09 99.36
CA LEU S 250 6.65 149.43 99.60
C LEU S 250 6.81 148.83 101.01
N GLY S 251 5.98 149.23 101.98
CA GLY S 251 6.16 148.86 103.39
C GLY S 251 5.94 147.36 103.69
N TYR S 252 5.19 146.65 102.85
CA TYR S 252 4.83 145.25 103.04
C TYR S 252 5.49 144.36 101.97
N ASP S 253 6.81 144.42 101.84
CA ASP S 253 7.57 143.67 100.81
C ASP S 253 6.97 143.89 99.39
N GLY S 254 6.58 145.14 99.12
CA GLY S 254 5.94 145.58 97.89
C GLY S 254 4.44 145.34 97.77
N VAL S 255 3.80 144.61 98.70
CA VAL S 255 2.35 144.41 98.66
C VAL S 255 1.64 145.70 99.03
N TYR S 256 0.70 146.11 98.18
CA TYR S 256 -0.07 147.33 98.41
C TYR S 256 -0.91 147.21 99.69
N ALA S 257 -0.86 148.19 100.59
CA ALA S 257 -1.58 148.14 101.86
C ALA S 257 -3.07 148.52 101.76
N GLY S 258 -3.50 149.09 100.63
CA GLY S 258 -4.87 149.62 100.46
C GLY S 258 -5.88 148.61 99.92
N TRP S 259 -5.67 147.30 100.10
CA TRP S 259 -6.67 146.28 99.78
C TRP S 259 -7.77 146.26 100.83
N GLU S 260 -9.02 146.39 100.42
CA GLU S 260 -10.17 146.08 101.26
C GLU S 260 -10.27 144.57 101.49
N GLU S 261 -10.66 144.17 102.70
CA GLU S 261 -10.75 142.77 103.12
C GLU S 261 -12.20 142.41 103.46
N ILE S 262 -12.71 141.33 102.86
CA ILE S 262 -13.93 140.67 103.32
C ILE S 262 -13.60 139.30 103.91
N THR S 263 -14.30 138.98 104.99
CA THR S 263 -14.24 137.67 105.65
C THR S 263 -15.53 136.92 105.37
N ILE S 264 -15.41 135.76 104.74
CA ILE S 264 -16.53 134.84 104.49
C ILE S 264 -16.71 133.91 105.70
N PRO S 265 -17.93 133.67 106.17
CA PRO S 265 -18.15 132.69 107.23
C PRO S 265 -17.71 131.29 106.79
N ALA S 266 -17.05 130.55 107.67
CA ALA S 266 -16.67 129.16 107.40
C ALA S 266 -17.93 128.31 107.24
N GLY S 267 -17.94 127.39 106.27
CA GLY S 267 -19.14 126.59 105.97
C GLY S 267 -19.04 125.76 104.69
N MET S 268 -20.10 124.98 104.46
CA MET S 268 -20.28 124.18 103.25
C MET S 268 -21.00 125.00 102.18
N TYR S 269 -20.29 125.39 101.12
CA TYR S 269 -20.85 126.16 100.00
C TYR S 269 -21.05 125.31 98.73
N CYS S 270 -20.69 124.02 98.78
CA CYS S 270 -20.82 123.10 97.66
C CYS S 270 -22.17 122.36 97.59
N TYR S 271 -22.96 122.32 98.66
CA TYR S 271 -24.21 121.56 98.73
C TYR S 271 -25.49 122.38 98.49
N GLY S 272 -25.36 123.65 98.10
CA GLY S 272 -26.48 124.54 97.79
C GLY S 272 -27.22 125.13 99.01
N GLU S 273 -26.87 124.75 100.25
CA GLU S 273 -27.38 125.37 101.47
C GLU S 273 -26.91 126.82 101.62
N LEU S 274 -25.64 127.05 101.30
CA LEU S 274 -25.01 128.37 101.31
C LEU S 274 -24.57 128.74 99.89
N ASP S 275 -24.94 129.95 99.48
CA ASP S 275 -24.57 130.50 98.18
C ASP S 275 -23.35 131.41 98.34
N LEU S 276 -22.19 130.94 97.87
CA LEU S 276 -20.92 131.67 98.02
C LEU S 276 -20.96 133.01 97.30
N SER S 277 -21.56 133.06 96.11
CA SER S 277 -21.67 134.27 95.31
C SER S 277 -22.49 135.33 96.05
N LYS S 278 -23.68 134.96 96.53
CA LYS S 278 -24.51 135.87 97.35
C LYS S 278 -23.80 136.31 98.64
N MET S 279 -23.06 135.40 99.28
CA MET S 279 -22.31 135.74 100.49
C MET S 279 -21.18 136.74 100.20
N ILE S 280 -20.42 136.56 99.12
CA ILE S 280 -19.39 137.52 98.68
C ILE S 280 -20.05 138.87 98.41
N ALA S 281 -21.13 138.92 97.64
CA ALA S 281 -21.86 140.16 97.36
C ALA S 281 -22.32 140.87 98.64
N ALA S 282 -22.93 140.13 99.58
CA ALA S 282 -23.38 140.67 100.86
C ALA S 282 -22.20 141.24 101.69
N LYS S 283 -21.05 140.56 101.70
CA LYS S 283 -19.87 141.04 102.43
C LYS S 283 -19.18 142.24 101.77
N MET S 284 -19.21 142.35 100.44
CA MET S 284 -18.72 143.53 99.70
C MET S 284 -19.65 144.74 99.85
N ASN S 285 -20.96 144.50 99.94
CA ASN S 285 -21.99 145.51 100.10
C ASN S 285 -22.37 145.78 101.56
N ARG S 286 -21.49 145.49 102.52
CA ARG S 286 -21.77 145.51 103.96
C ARG S 286 -22.44 146.81 104.45
N TRP S 287 -22.08 147.93 103.85
CA TRP S 287 -22.59 149.27 104.22
C TRP S 287 -23.66 149.80 103.26
N HIS S 288 -24.20 148.93 102.41
CA HIS S 288 -25.30 149.23 101.51
C HIS S 288 -26.58 148.52 101.95
N ILE S 289 -27.62 149.30 102.19
CA ILE S 289 -28.96 148.80 102.50
C ILE S 289 -29.83 148.93 101.24
N ASP S 290 -30.28 147.81 100.68
CA ASP S 290 -30.99 147.78 99.39
C ASP S 290 -32.36 148.48 99.44
N ARG S 291 -33.12 148.26 100.52
CA ARG S 291 -34.49 148.75 100.71
C ARG S 291 -34.62 149.41 102.08
N GLU S 292 -35.58 150.29 102.24
CA GLU S 292 -35.88 150.87 103.55
C GLU S 292 -36.15 149.72 104.55
N SER S 293 -35.45 149.74 105.68
CA SER S 293 -35.48 148.67 106.68
C SER S 293 -35.70 149.27 108.05
N SER S 294 -36.38 148.55 108.93
CA SER S 294 -36.83 149.08 110.20
C SER S 294 -35.99 148.56 111.36
N ILE S 295 -35.62 149.41 112.32
CA ILE S 295 -35.10 148.98 113.62
C ILE S 295 -36.21 149.15 114.64
N ILE S 296 -36.59 148.05 115.29
CA ILE S 296 -37.62 148.04 116.32
C ILE S 296 -36.95 148.02 117.70
N PHE S 297 -37.34 148.94 118.57
CA PHE S 297 -36.82 149.01 119.94
C PHE S 297 -37.90 149.43 120.93
N ARG S 298 -37.75 149.04 122.20
CA ARG S 298 -38.70 149.34 123.27
C ARG S 298 -37.99 150.01 124.44
N GLY S 299 -38.58 151.09 124.96
CA GLY S 299 -38.04 151.79 126.13
C GLY S 299 -38.62 151.29 127.46
N VAL S 300 -38.11 151.83 128.58
CA VAL S 300 -38.61 151.51 129.95
C VAL S 300 -40.12 151.71 130.15
N SER S 301 -40.76 152.61 129.40
CA SER S 301 -42.20 152.83 129.49
C SER S 301 -43.02 151.68 128.87
N GLY S 302 -42.36 150.69 128.27
CA GLY S 302 -42.98 149.59 127.53
C GLY S 302 -43.45 149.97 126.12
N TYR S 303 -43.26 151.23 125.70
CA TYR S 303 -43.62 151.67 124.35
C TYR S 303 -42.60 151.19 123.33
N THR S 304 -43.08 150.60 122.25
CA THR S 304 -42.27 150.11 121.13
C THR S 304 -42.26 151.14 120.00
N TRP S 305 -41.07 151.50 119.55
CA TRP S 305 -40.85 152.37 118.40
C TRP S 305 -40.29 151.58 117.23
N ASN S 306 -40.70 151.97 116.02
CA ASN S 306 -40.14 151.50 114.77
C ASN S 306 -39.41 152.67 114.08
N VAL S 307 -38.13 152.47 113.77
CA VAL S 307 -37.27 153.44 113.09
C VAL S 307 -36.96 152.95 111.68
N THR S 308 -37.48 153.64 110.66
CA THR S 308 -37.19 153.32 109.26
C THR S 308 -35.86 153.94 108.84
N LEU S 309 -34.88 153.09 108.54
CA LEU S 309 -33.59 153.47 107.99
C LEU S 309 -33.69 153.74 106.48
N PRO S 310 -33.13 154.87 106.01
CA PRO S 310 -33.02 155.15 104.58
C PRO S 310 -32.25 154.04 103.84
N SER S 311 -32.71 153.69 102.64
CA SER S 311 -31.92 152.80 101.78
C SER S 311 -30.69 153.54 101.23
N GLY S 312 -29.69 152.78 100.76
CA GLY S 312 -28.52 153.31 100.06
C GLY S 312 -27.21 152.93 100.70
N ASN S 313 -26.14 153.60 100.26
CA ASN S 313 -24.80 153.33 100.72
C ASN S 313 -24.45 154.31 101.84
N TYR S 314 -24.20 153.81 103.04
CA TYR S 314 -23.74 154.58 104.18
C TYR S 314 -22.24 154.85 104.12
N GLY S 315 -21.50 154.05 103.35
CA GLY S 315 -20.05 154.14 103.18
C GLY S 315 -19.28 153.58 104.37
N THR S 316 -19.56 154.07 105.58
CA THR S 316 -18.83 153.67 106.79
C THR S 316 -19.77 153.27 107.92
N PRO S 317 -19.33 152.40 108.85
CA PRO S 317 -20.15 152.01 110.00
C PRO S 317 -20.46 153.20 110.93
N GLU S 318 -19.60 154.21 110.99
CA GLU S 318 -19.81 155.41 111.80
C GLU S 318 -20.98 156.23 111.27
N LYS S 319 -21.08 156.41 109.95
CA LYS S 319 -22.22 157.07 109.31
C LYS S 319 -23.53 156.31 109.53
N LEU S 320 -23.48 154.96 109.48
CA LEU S 320 -24.63 154.12 109.81
C LEU S 320 -25.03 154.23 111.27
N ALA S 321 -24.09 154.10 112.21
CA ALA S 321 -24.31 154.26 113.65
C ALA S 321 -24.94 155.61 113.97
N HIS S 322 -24.40 156.68 113.39
CA HIS S 322 -24.90 158.03 113.59
C HIS S 322 -26.32 158.21 113.03
N CYS S 323 -26.62 157.66 111.84
CA CYS S 323 -27.97 157.68 111.27
C CYS S 323 -28.97 156.97 112.20
N ILE S 324 -28.63 155.78 112.70
CA ILE S 324 -29.46 155.03 113.65
C ILE S 324 -29.67 155.86 114.93
N GLN S 325 -28.62 156.40 115.51
CA GLN S 325 -28.67 157.25 116.70
C GLN S 325 -29.62 158.45 116.49
N HIS S 326 -29.46 159.16 115.38
CA HIS S 326 -30.27 160.33 115.05
C HIS S 326 -31.75 159.95 114.93
N MET S 327 -32.05 158.90 114.18
CA MET S 327 -33.41 158.45 113.93
C MET S 327 -34.10 157.91 115.20
N MET S 328 -33.39 157.14 116.04
CA MET S 328 -33.93 156.69 117.35
C MET S 328 -34.33 157.86 118.25
N ASN S 329 -33.46 158.87 118.35
CA ASN S 329 -33.70 160.05 119.17
C ASN S 329 -34.83 160.95 118.63
N MET S 330 -34.96 161.06 117.31
CA MET S 330 -36.08 161.77 116.68
C MET S 330 -37.41 161.07 116.91
N THR S 331 -37.45 159.74 116.78
CA THR S 331 -38.67 158.94 116.91
C THR S 331 -39.15 158.85 118.36
N ALA S 332 -38.24 158.62 119.32
CA ALA S 332 -38.61 158.53 120.73
C ALA S 332 -39.07 159.87 121.34
N LYS S 333 -38.76 161.01 120.68
CA LYS S 333 -39.05 162.40 121.11
C LYS S 333 -38.58 162.76 122.54
N ASN S 334 -37.92 161.84 123.25
CA ASN S 334 -37.68 161.93 124.67
C ASN S 334 -36.27 162.44 124.95
N ARG S 335 -36.13 163.74 125.18
CA ARG S 335 -34.84 164.36 125.53
C ARG S 335 -34.23 163.83 126.83
N LYS S 336 -35.01 163.15 127.69
CA LYS S 336 -34.53 162.65 128.99
C LYS S 336 -33.70 161.37 128.92
N ASN S 337 -33.82 160.59 127.85
CA ASN S 337 -33.04 159.36 127.67
C ASN S 337 -32.48 159.29 126.24
N PRO S 338 -31.41 160.04 125.92
CA PRO S 338 -30.83 160.01 124.59
C PRO S 338 -30.18 158.64 124.35
N TYR S 339 -30.58 157.99 123.26
CA TYR S 339 -29.91 156.79 122.77
C TYR S 339 -28.61 157.20 122.10
N CYS S 340 -27.54 156.48 122.38
CA CYS S 340 -26.24 156.62 121.76
C CYS S 340 -25.91 155.34 120.99
N VAL S 341 -25.58 155.48 119.70
CA VAL S 341 -25.17 154.36 118.85
C VAL S 341 -23.84 154.73 118.22
N ARG S 342 -22.84 153.89 118.45
CA ARG S 342 -21.48 154.11 117.96
C ARG S 342 -20.87 152.82 117.45
N PHE S 343 -19.96 152.96 116.49
CA PHE S 343 -19.06 151.90 116.10
C PHE S 343 -17.74 152.07 116.84
N THR S 344 -17.26 151.01 117.49
CA THR S 344 -16.05 151.05 118.32
C THR S 344 -15.03 150.08 117.74
N LEU S 345 -13.87 150.59 117.36
CA LEU S 345 -12.76 149.76 116.90
C LEU S 345 -12.16 148.96 118.06
N ASN S 346 -11.75 147.73 117.76
CA ASN S 346 -11.08 146.85 118.73
C ASN S 346 -9.68 147.38 119.03
N GLU S 347 -9.19 147.17 120.25
CA GLU S 347 -7.85 147.60 120.65
C GLU S 347 -6.78 147.01 119.72
N GLY S 348 -5.88 147.87 119.20
CA GLY S 348 -4.83 147.48 118.26
C GLY S 348 -5.30 147.27 116.81
N SER S 349 -6.60 147.37 116.53
CA SER S 349 -7.13 147.29 115.16
C SER S 349 -7.50 148.67 114.60
N SER S 350 -7.14 148.92 113.35
CA SER S 350 -7.51 150.15 112.62
C SER S 350 -8.83 150.04 111.87
N HIS S 351 -9.37 148.83 111.70
CA HIS S 351 -10.49 148.58 110.79
C HIS S 351 -11.47 147.51 111.26
N ARG S 352 -11.23 146.81 112.39
CA ARG S 352 -12.19 145.85 112.95
C ARG S 352 -12.83 146.45 114.19
N GLY S 353 -14.15 146.37 114.28
CA GLY S 353 -14.89 146.93 115.40
C GLY S 353 -16.29 146.37 115.53
N LYS S 354 -17.02 146.90 116.51
CA LYS S 354 -18.33 146.44 116.95
C LYS S 354 -19.30 147.60 117.10
N PHE S 355 -20.58 147.36 116.83
CA PHE S 355 -21.63 148.32 117.15
C PHE S 355 -21.95 148.26 118.63
N VAL S 356 -22.16 149.43 119.23
CA VAL S 356 -22.49 149.60 120.64
C VAL S 356 -23.68 150.54 120.74
N PHE S 357 -24.76 150.04 121.33
CA PHE S 357 -25.98 150.79 121.64
C PHE S 357 -26.03 151.04 123.15
N VAL S 358 -26.19 152.30 123.56
CA VAL S 358 -26.22 152.70 124.97
C VAL S 358 -27.36 153.70 125.19
N ALA S 359 -28.01 153.61 126.34
CA ALA S 359 -28.94 154.64 126.83
C ALA S 359 -28.74 154.83 128.34
N ALA S 360 -29.31 155.90 128.90
CA ALA S 360 -29.25 156.14 130.35
C ALA S 360 -30.12 155.14 131.13
N GLU S 361 -31.29 154.80 130.58
CA GLU S 361 -32.23 153.82 131.15
C GLU S 361 -32.25 152.52 130.33
N PRO S 362 -32.62 151.38 130.95
CA PRO S 362 -32.77 150.11 130.23
C PRO S 362 -33.70 150.21 129.02
N PHE S 363 -33.36 149.53 127.94
CA PHE S 363 -34.17 149.47 126.73
C PHE S 363 -33.96 148.12 126.06
N ASP S 364 -34.84 147.75 125.14
CA ASP S 364 -34.78 146.48 124.44
C ASP S 364 -34.59 146.73 122.95
N LEU S 365 -33.72 145.96 122.31
CA LEU S 365 -33.57 145.88 120.85
C LEU S 365 -34.30 144.64 120.37
N LEU S 366 -35.37 144.83 119.60
CA LEU S 366 -36.23 143.74 119.11
C LEU S 366 -35.71 143.25 117.76
N PHE S 367 -34.54 142.62 117.78
CA PHE S 367 -33.85 142.06 116.61
C PHE S 367 -34.34 140.65 116.24
N GLY S 368 -35.16 140.01 117.08
CA GLY S 368 -35.82 138.74 116.75
C GLY S 368 -37.13 138.92 115.97
N ASP S 369 -37.58 140.16 115.76
CA ASP S 369 -38.78 140.47 114.99
C ASP S 369 -38.49 140.42 113.47
N ASP S 370 -39.31 139.69 112.71
CA ASP S 370 -39.14 139.49 111.26
C ASP S 370 -39.24 140.79 110.44
N GLU S 371 -39.87 141.85 110.98
CA GLU S 371 -39.95 143.17 110.33
C GLU S 371 -38.74 144.06 110.64
N SER S 372 -37.85 143.60 111.52
CA SER S 372 -36.59 144.27 111.84
C SER S 372 -35.58 144.08 110.70
N ILE S 373 -34.65 145.02 110.57
CA ILE S 373 -33.50 144.89 109.68
C ILE S 373 -32.70 143.64 110.06
N ASP S 374 -32.10 142.96 109.08
CA ASP S 374 -31.16 141.87 109.33
C ASP S 374 -30.05 142.34 110.31
N PRO S 375 -30.07 141.85 111.57
CA PRO S 375 -29.19 142.33 112.62
C PRO S 375 -27.72 141.99 112.36
N SER S 376 -27.46 141.05 111.44
CA SER S 376 -26.11 140.66 111.04
C SER S 376 -25.32 141.80 110.39
N ILE S 377 -26.02 142.79 109.79
CA ILE S 377 -25.43 144.04 109.27
C ILE S 377 -24.76 144.85 110.40
N LEU S 378 -25.34 144.78 111.60
CA LEU S 378 -24.86 145.44 112.81
C LEU S 378 -24.02 144.50 113.70
N GLY S 379 -23.80 143.26 113.26
CA GLY S 379 -23.03 142.25 113.96
C GLY S 379 -23.75 141.59 115.13
N PHE S 380 -25.08 141.77 115.23
CA PHE S 380 -25.91 141.16 116.27
C PHE S 380 -26.54 139.86 115.78
N GLU S 381 -26.82 138.96 116.72
CA GLU S 381 -27.67 137.79 116.48
C GLU S 381 -29.15 138.20 116.33
N PRO S 382 -29.94 137.47 115.50
CA PRO S 382 -31.36 137.74 115.25
C PRO S 382 -32.24 137.24 116.42
N VAL S 383 -32.01 137.82 117.58
CA VAL S 383 -32.74 137.55 118.84
C VAL S 383 -33.03 138.86 119.54
N ASP S 384 -34.07 138.89 120.37
CA ASP S 384 -34.35 140.08 121.18
C ASP S 384 -33.30 140.26 122.27
N HIS S 385 -32.70 141.45 122.32
CA HIS S 385 -31.74 141.83 123.35
C HIS S 385 -32.46 142.72 124.37
N ILE S 386 -32.68 142.19 125.57
CA ILE S 386 -33.60 142.80 126.56
C ILE S 386 -32.94 143.11 127.91
N GLY S 387 -33.49 144.08 128.63
CA GLY S 387 -33.25 144.34 130.05
C GLY S 387 -31.89 144.97 130.41
N ARG S 388 -31.12 145.46 129.43
CA ARG S 388 -29.84 146.16 129.65
C ARG S 388 -29.92 147.62 129.20
N ASN S 389 -28.99 148.43 129.69
CA ASN S 389 -28.75 149.81 129.26
C ASN S 389 -27.64 149.92 128.20
N SER S 390 -26.99 148.81 127.86
CA SER S 390 -25.90 148.74 126.91
C SER S 390 -25.88 147.38 126.20
N TYR S 391 -25.78 147.41 124.88
CA TYR S 391 -25.64 146.24 124.02
C TYR S 391 -24.46 146.43 123.07
N MET S 392 -23.62 145.40 122.96
CA MET S 392 -22.48 145.38 122.05
C MET S 392 -22.60 144.16 121.16
N SER S 393 -22.33 144.33 119.87
CA SER S 393 -22.44 143.27 118.88
C SER S 393 -21.50 142.10 119.19
N GLU S 394 -21.96 140.87 118.96
CA GLU S 394 -21.17 139.66 119.17
C GLU S 394 -20.05 139.55 118.13
N ASN S 395 -20.37 139.86 116.88
CA ASN S 395 -19.47 139.69 115.74
C ASN S 395 -18.67 140.96 115.43
N ASP S 396 -17.37 140.80 115.17
CA ASP S 396 -16.51 141.86 114.65
C ASP S 396 -16.85 142.16 113.19
N LEU S 397 -17.04 143.43 112.88
CA LEU S 397 -17.26 143.93 111.53
C LEU S 397 -16.03 144.69 111.04
N GLY S 398 -15.79 144.66 109.73
CA GLY S 398 -14.73 145.46 109.12
C GLY S 398 -15.22 146.82 108.62
N ALA S 399 -14.66 147.90 109.14
CA ALA S 399 -14.71 149.23 108.54
C ALA S 399 -13.78 149.28 107.30
N PRO S 400 -14.07 150.18 106.33
CA PRO S 400 -13.18 150.41 105.20
C PRO S 400 -11.78 150.84 105.64
N LEU S 401 -10.73 150.34 104.99
CA LEU S 401 -9.34 150.63 105.34
C LEU S 401 -8.86 152.00 104.86
N MET S 402 -9.31 152.42 103.68
CA MET S 402 -8.87 153.68 103.05
C MET S 402 -10.06 154.53 102.61
N LYS S 403 -10.78 154.06 101.59
CA LYS S 403 -11.94 154.73 101.00
C LYS S 403 -13.08 153.72 100.96
N PRO S 404 -14.27 154.07 101.46
CA PRO S 404 -15.42 153.19 101.35
C PRO S 404 -15.77 152.95 99.87
N ASN S 405 -16.30 151.76 99.59
CA ASN S 405 -16.73 151.39 98.24
C ASN S 405 -17.70 152.43 97.67
N CYS S 406 -17.39 152.94 96.48
CA CYS S 406 -18.30 153.78 95.72
C CYS S 406 -19.29 152.96 94.88
N ASN S 407 -18.92 151.71 94.55
CA ASN S 407 -19.76 150.76 93.83
C ASN S 407 -20.60 149.92 94.80
N VAL S 408 -21.67 149.33 94.25
CA VAL S 408 -22.42 148.22 94.83
C VAL S 408 -22.23 147.04 93.90
N TYR S 409 -21.98 145.84 94.40
CA TYR S 409 -21.62 144.67 93.60
C TYR S 409 -22.73 143.63 93.56
N ASP S 410 -22.96 143.04 92.40
CA ASP S 410 -23.59 141.74 92.26
C ASP S 410 -22.50 140.71 91.98
N VAL S 411 -22.63 139.56 92.63
CA VAL S 411 -21.76 138.43 92.39
C VAL S 411 -22.63 137.25 92.00
N ASP S 412 -22.35 136.70 90.84
CA ASP S 412 -23.13 135.62 90.25
C ASP S 412 -22.22 134.63 89.52
N GLU S 413 -22.74 133.41 89.36
CA GLU S 413 -22.08 132.38 88.59
C GLU S 413 -22.71 132.33 87.19
N ILE S 414 -21.88 132.51 86.17
CA ILE S 414 -22.32 132.61 84.78
C ILE S 414 -22.92 131.27 84.33
N PRO S 415 -24.19 131.24 83.90
CA PRO S 415 -24.83 130.01 83.45
C PRO S 415 -24.07 129.34 82.29
N GLY S 416 -23.84 128.04 82.39
CA GLY S 416 -23.21 127.23 81.36
C GLY S 416 -21.68 127.20 81.39
N THR S 417 -21.01 128.25 81.90
CA THR S 417 -19.55 128.24 82.11
C THR S 417 -19.16 128.04 83.57
N HIS S 418 -20.09 128.25 84.50
CA HIS S 418 -19.85 128.14 85.95
C HIS S 418 -18.72 129.07 86.45
N GLN S 419 -18.40 130.12 85.69
CA GLN S 419 -17.43 131.14 86.07
C GLN S 419 -18.07 132.13 87.06
N ILE S 420 -17.40 132.44 88.16
CA ILE S 420 -17.83 133.55 89.01
C ILE S 420 -17.55 134.89 88.34
N ARG S 421 -18.53 135.79 88.43
CA ARG S 421 -18.47 137.18 87.99
C ARG S 421 -18.72 138.08 89.18
N ILE S 422 -17.80 138.99 89.45
CA ILE S 422 -17.98 140.09 90.39
C ILE S 422 -18.21 141.34 89.55
N GLY S 423 -19.46 141.79 89.46
CA GLY S 423 -19.87 142.91 88.63
C GLY S 423 -20.46 144.03 89.46
N ARG S 424 -20.03 145.28 89.23
CA ARG S 424 -20.73 146.42 89.81
C ARG S 424 -22.16 146.50 89.25
N ARG S 425 -23.11 146.81 90.11
CA ARG S 425 -24.44 147.25 89.73
C ARG S 425 -24.36 148.56 88.96
N THR S 426 -25.33 148.78 88.08
CA THR S 426 -25.53 150.08 87.46
C THR S 426 -25.73 151.12 88.56
N ARG S 427 -24.79 152.05 88.67
CA ARG S 427 -24.89 153.12 89.66
C ARG S 427 -26.02 154.06 89.25
N LEU S 428 -27.05 154.14 90.09
CA LEU S 428 -28.17 155.03 89.86
C LEU S 428 -27.84 156.41 90.43
N ALA S 429 -28.02 157.44 89.60
CA ALA S 429 -27.98 158.82 90.07
C ALA S 429 -29.03 159.04 91.19
N VAL S 430 -28.76 159.99 92.07
CA VAL S 430 -29.68 160.38 93.15
C VAL S 430 -30.23 161.78 92.87
N ASP S 431 -31.47 162.04 93.26
CA ASP S 431 -31.98 163.42 93.25
C ASP S 431 -31.58 164.09 94.56
N GLY S 432 -31.15 165.34 94.50
CA GLY S 432 -30.82 166.17 95.66
C GLY S 432 -31.75 167.36 95.76
N LYS S 433 -32.47 167.49 96.88
CA LYS S 433 -33.27 168.69 97.20
C LYS S 433 -32.34 169.80 97.68
N ILE S 434 -32.37 170.96 97.03
CA ILE S 434 -31.57 172.11 97.42
C ILE S 434 -32.08 172.67 98.75
N ARG S 435 -31.25 172.61 99.80
CA ARG S 435 -31.54 173.19 101.11
C ARG S 435 -30.98 174.59 101.27
N GLY S 436 -29.83 174.85 100.68
CA GLY S 436 -29.16 176.14 100.78
C GLY S 436 -27.92 176.20 99.92
N TYR S 437 -27.45 177.42 99.68
CA TYR S 437 -26.20 177.69 98.98
C TYR S 437 -25.51 178.88 99.65
N SER S 438 -24.26 178.69 100.07
CA SER S 438 -23.46 179.72 100.72
C SER S 438 -21.97 179.44 100.51
N GLY S 439 -21.17 180.47 100.21
CA GLY S 439 -19.71 180.34 100.10
C GLY S 439 -19.26 179.31 99.06
N GLY S 440 -19.95 179.22 97.92
CA GLY S 440 -19.64 178.24 96.86
C GLY S 440 -20.09 176.80 97.15
N THR S 441 -20.63 176.55 98.35
CA THR S 441 -21.10 175.21 98.75
C THR S 441 -22.62 175.11 98.65
N LEU S 442 -23.08 174.09 97.91
CA LEU S 442 -24.47 173.71 97.76
C LEU S 442 -24.79 172.58 98.75
N ARG S 443 -25.81 172.78 99.59
CA ARG S 443 -26.28 171.78 100.56
C ARG S 443 -27.54 171.09 100.04
N LEU S 444 -27.51 169.76 100.01
CA LEU S 444 -28.51 168.92 99.37
C LEU S 444 -28.98 167.82 100.33
N ASN S 445 -30.28 167.52 100.35
CA ASN S 445 -30.78 166.26 100.90
C ASN S 445 -31.03 165.28 99.77
N THR S 446 -30.35 164.14 99.78
CA THR S 446 -30.45 163.13 98.75
C THR S 446 -31.67 162.24 98.96
N VAL S 447 -32.38 161.97 97.86
CA VAL S 447 -33.60 161.17 97.84
C VAL S 447 -33.55 160.13 96.73
N ASN S 448 -34.28 159.04 96.97
CA ASN S 448 -34.45 157.96 96.02
C ASN S 448 -35.30 158.44 94.84
N ARG S 449 -34.81 158.26 93.62
CA ARG S 449 -35.51 158.73 92.41
C ARG S 449 -36.85 158.04 92.16
N THR S 450 -37.02 156.82 92.65
CA THR S 450 -38.22 156.00 92.48
C THR S 450 -39.27 156.30 93.55
N THR S 451 -38.89 156.32 94.82
CA THR S 451 -39.83 156.46 95.96
C THR S 451 -39.95 157.90 96.48
N GLY S 452 -38.92 158.73 96.29
CA GLY S 452 -38.84 160.07 96.87
C GLY S 452 -38.42 160.10 98.35
N ALA S 453 -38.25 158.93 98.98
CA ALA S 453 -37.75 158.83 100.34
C ALA S 453 -36.27 159.23 100.44
N PRO S 454 -35.76 159.61 101.63
CA PRO S 454 -34.33 159.85 101.84
C PRO S 454 -33.49 158.66 101.36
N LYS S 455 -32.33 158.95 100.75
CA LYS S 455 -31.42 157.93 100.22
C LYS S 455 -30.00 158.26 100.61
N CYS S 456 -29.30 157.30 101.22
CA CYS S 456 -27.89 157.45 101.53
C CYS S 456 -27.04 157.35 100.26
N HIS S 457 -26.21 158.36 100.01
CA HIS S 457 -25.58 158.57 98.69
C HIS S 457 -24.22 157.88 98.52
N GLY S 458 -23.57 157.43 99.60
CA GLY S 458 -22.27 156.74 99.59
C GLY S 458 -21.06 157.58 99.17
N MET S 459 -21.26 158.87 98.89
CA MET S 459 -20.21 159.78 98.44
C MET S 459 -19.41 160.33 99.63
N ASN S 460 -18.13 160.65 99.40
CA ASN S 460 -17.18 161.07 100.42
C ASN S 460 -16.45 162.34 100.00
N LYS S 461 -15.81 163.01 100.98
CA LYS S 461 -15.00 164.21 100.73
C LYS S 461 -13.99 163.95 99.61
N GLY S 462 -13.92 164.86 98.64
CA GLY S 462 -13.07 164.75 97.46
C GLY S 462 -13.67 163.96 96.31
N ASP S 463 -14.86 163.35 96.46
CA ASP S 463 -15.56 162.74 95.34
C ASP S 463 -15.96 163.82 94.34
N VAL S 464 -15.77 163.52 93.05
CA VAL S 464 -16.18 164.42 91.97
C VAL S 464 -17.51 163.94 91.41
N VAL S 465 -18.49 164.84 91.44
CA VAL S 465 -19.87 164.57 90.99
C VAL S 465 -20.23 165.43 89.79
N THR S 466 -21.16 164.95 88.97
CA THR S 466 -21.79 165.69 87.89
C THR S 466 -23.19 166.11 88.33
N LEU S 467 -23.53 167.37 88.10
CA LEU S 467 -24.82 167.96 88.42
C LEU S 467 -25.60 168.20 87.14
N THR S 468 -26.83 167.70 87.08
CA THR S 468 -27.77 167.95 85.97
C THR S 468 -29.08 168.47 86.52
N THR S 469 -29.84 169.17 85.67
CA THR S 469 -31.26 169.45 85.94
C THR S 469 -31.97 168.13 86.24
N VAL S 470 -33.03 168.18 87.07
CA VAL S 470 -33.71 166.95 87.49
C VAL S 470 -34.07 166.10 86.26
N MET S 471 -33.58 164.87 86.25
CA MET S 471 -33.88 163.94 85.18
C MET S 471 -35.32 163.42 85.31
N PRO S 472 -35.98 163.02 84.22
CA PRO S 472 -37.27 162.34 84.28
C PRO S 472 -37.22 161.18 85.28
N ALA S 473 -38.32 160.96 86.00
CA ALA S 473 -38.40 159.84 86.93
C ALA S 473 -38.20 158.50 86.17
N PRO S 474 -37.52 157.50 86.77
CA PRO S 474 -37.42 156.17 86.18
C PRO S 474 -38.79 155.54 85.93
N ASP S 475 -38.87 154.62 84.98
CA ASP S 475 -40.09 153.84 84.73
C ASP S 475 -40.52 153.09 86.01
N GLY S 476 -41.83 153.15 86.33
CA GLY S 476 -42.38 152.55 87.53
C GLY S 476 -42.14 153.32 88.83
N ALA S 477 -41.69 154.59 88.77
CA ALA S 477 -41.59 155.44 89.95
C ALA S 477 -42.94 155.61 90.66
N THR S 478 -42.96 155.39 91.97
CA THR S 478 -44.14 155.50 92.85
C THR S 478 -44.23 156.85 93.57
N GLY S 479 -43.12 157.59 93.63
CA GLY S 479 -43.04 158.88 94.31
C GLY S 479 -43.77 160.02 93.61
N THR S 480 -44.01 161.11 94.33
CA THR S 480 -44.60 162.33 93.78
C THR S 480 -43.68 163.02 92.79
N LYS S 481 -44.25 163.73 91.81
CA LYS S 481 -43.50 164.54 90.84
C LYS S 481 -42.72 165.63 91.59
N ARG S 482 -41.40 165.70 91.36
CA ARG S 482 -40.49 166.66 91.98
C ARG S 482 -40.27 167.86 91.07
N GLU S 483 -40.35 169.07 91.63
CA GLU S 483 -40.05 170.30 90.90
C GLU S 483 -38.53 170.44 90.73
N GLY S 484 -38.09 170.46 89.46
CA GLY S 484 -36.68 170.54 89.11
C GLY S 484 -36.17 171.97 89.04
N PHE S 485 -35.00 172.23 89.62
CA PHE S 485 -34.28 173.46 89.34
C PHE S 485 -33.60 173.35 87.97
N THR S 486 -33.90 174.31 87.10
CA THR S 486 -33.32 174.35 85.75
C THR S 486 -32.13 175.28 85.72
N PHE S 487 -30.99 174.77 85.26
CA PHE S 487 -29.78 175.53 84.99
C PHE S 487 -29.19 175.07 83.66
N ARG S 488 -28.44 175.96 83.00
CA ARG S 488 -27.78 175.67 81.72
C ARG S 488 -26.35 176.13 81.77
N ALA S 489 -25.46 175.28 81.29
CA ALA S 489 -24.05 175.56 81.08
C ALA S 489 -23.66 174.99 79.71
N LYS S 490 -22.59 175.51 79.11
CA LYS S 490 -22.08 175.03 77.82
C LYS S 490 -21.53 173.61 77.95
N ASN S 491 -20.83 173.35 79.05
CA ASN S 491 -20.22 172.08 79.39
C ASN S 491 -20.91 171.46 80.62
N LYS S 492 -20.55 170.23 80.96
CA LYS S 492 -21.06 169.53 82.15
C LYS S 492 -20.74 170.31 83.41
N ILE S 493 -21.72 170.50 84.29
CA ILE S 493 -21.47 171.05 85.62
C ILE S 493 -20.94 169.92 86.49
N MET S 494 -19.74 170.11 87.01
CA MET S 494 -19.13 169.21 87.98
C MET S 494 -19.02 169.93 89.32
N GLY S 495 -18.93 169.17 90.40
CA GLY S 495 -18.70 169.68 91.74
C GLY S 495 -17.87 168.69 92.54
N VAL S 496 -17.25 169.18 93.62
CA VAL S 496 -16.46 168.36 94.54
C VAL S 496 -17.21 168.22 95.85
N VAL S 497 -17.40 166.99 96.32
CA VAL S 497 -18.02 166.73 97.62
C VAL S 497 -17.10 167.23 98.71
N VAL S 498 -17.61 168.09 99.57
CA VAL S 498 -16.88 168.70 100.69
C VAL S 498 -17.48 168.25 102.01
N ALA S 499 -16.64 168.17 103.04
CA ALA S 499 -17.15 168.02 104.40
C ALA S 499 -17.72 169.35 104.88
N ASP S 500 -18.72 169.31 105.76
CA ASP S 500 -19.15 170.49 106.51
C ASP S 500 -19.04 170.18 107.98
N GLU S 501 -18.13 170.91 108.63
CA GLU S 501 -17.79 170.72 110.03
C GLU S 501 -18.95 171.09 110.96
N ASN S 502 -19.91 171.90 110.48
CA ASN S 502 -21.00 172.42 111.30
C ASN S 502 -22.27 171.56 111.27
N GLU S 503 -22.38 170.61 110.34
CA GLU S 503 -23.58 169.79 110.18
C GLU S 503 -23.29 168.34 110.57
N ASN S 504 -24.22 167.73 111.29
CA ASN S 504 -24.12 166.32 111.62
C ASN S 504 -24.06 165.52 110.31
N PRO S 505 -23.14 164.54 110.17
CA PRO S 505 -23.04 163.72 108.98
C PRO S 505 -24.23 162.74 108.93
N ASP S 506 -25.39 163.23 108.53
CA ASP S 506 -26.45 162.37 108.01
C ASP S 506 -25.97 161.85 106.66
N ALA S 507 -26.01 160.53 106.46
CA ALA S 507 -25.62 159.88 105.21
C ALA S 507 -26.51 160.27 104.01
N SER S 508 -27.63 160.97 104.26
CA SER S 508 -28.49 161.58 103.24
C SER S 508 -28.25 163.08 103.02
N SER S 509 -27.36 163.71 103.79
CA SER S 509 -26.97 165.12 103.60
C SER S 509 -25.68 165.20 102.80
N LEU S 510 -25.74 165.87 101.65
CA LEU S 510 -24.65 165.96 100.70
C LEU S 510 -24.27 167.40 100.43
N HIS S 511 -23.01 167.74 100.66
CA HIS S 511 -22.49 169.09 100.47
C HIS S 511 -21.46 169.09 99.34
N VAL S 512 -21.66 169.99 98.37
CA VAL S 512 -20.89 170.00 97.12
C VAL S 512 -20.42 171.42 96.84
N SER S 513 -19.12 171.61 96.64
CA SER S 513 -18.57 172.86 96.08
C SER S 513 -18.89 172.90 94.59
N VAL S 514 -19.62 173.93 94.17
CA VAL S 514 -20.19 174.06 92.82
C VAL S 514 -19.92 175.46 92.23
N PRO S 515 -19.88 175.61 90.89
CA PRO S 515 -19.70 176.91 90.26
C PRO S 515 -20.74 177.93 90.74
N SER S 516 -20.35 179.19 90.86
CA SER S 516 -21.27 180.27 91.23
C SER S 516 -22.37 180.47 90.19
N MET S 517 -23.60 180.08 90.55
CA MET S 517 -24.82 180.26 89.77
C MET S 517 -25.97 180.70 90.69
N SER S 518 -27.15 180.92 90.14
CA SER S 518 -28.35 181.32 90.89
C SER S 518 -28.97 180.17 91.72
N TRP S 519 -28.15 179.36 92.38
CA TRP S 519 -28.57 178.21 93.19
C TRP S 519 -29.55 178.58 94.30
N THR S 520 -29.46 179.79 94.84
CA THR S 520 -30.40 180.31 95.85
C THR S 520 -31.84 180.39 95.35
N LEU S 521 -32.06 180.58 94.04
CA LEU S 521 -33.40 180.54 93.45
C LEU S 521 -33.97 179.11 93.38
N GLY S 522 -33.10 178.09 93.47
CA GLY S 522 -33.48 176.69 93.44
C GLY S 522 -33.77 176.08 94.81
N ILE S 523 -33.68 176.84 95.91
CA ILE S 523 -33.95 176.31 97.26
C ILE S 523 -35.37 175.72 97.31
N GLY S 524 -35.47 174.47 97.75
CA GLY S 524 -36.70 173.68 97.75
C GLY S 524 -36.93 172.81 96.51
N SER S 525 -36.27 173.13 95.40
CA SER S 525 -36.31 172.36 94.15
C SER S 525 -35.25 171.25 94.11
N TYR S 526 -35.31 170.38 93.11
CA TYR S 526 -34.44 169.21 92.96
C TYR S 526 -33.50 169.33 91.76
N ILE S 527 -32.32 168.72 91.91
CA ILE S 527 -31.36 168.47 90.84
C ILE S 527 -30.96 167.00 90.88
N THR S 528 -30.42 166.47 89.80
CA THR S 528 -29.89 165.10 89.80
C THR S 528 -28.37 165.12 89.89
N ILE S 529 -27.83 164.26 90.75
CA ILE S 529 -26.42 164.15 91.06
C ILE S 529 -25.96 162.75 90.67
N ASP S 530 -24.93 162.70 89.86
CA ASP S 530 -24.30 161.47 89.42
C ASP S 530 -22.81 161.48 89.79
N SER S 531 -22.24 160.31 90.07
CA SER S 531 -20.81 160.18 90.30
C SER S 531 -20.25 159.06 89.43
N GLN S 532 -18.97 159.16 89.09
CA GLN S 532 -18.32 158.12 88.30
C GLN S 532 -18.23 156.82 89.11
N ALA S 533 -18.37 155.71 88.39
CA ALA S 533 -18.23 154.39 88.96
C ALA S 533 -16.79 153.90 88.79
N ALA S 534 -16.24 153.26 89.81
CA ALA S 534 -14.84 152.85 89.84
C ALA S 534 -14.61 151.50 89.14
N PRO S 535 -13.38 151.24 88.66
CA PRO S 535 -12.92 149.88 88.35
C PRO S 535 -12.84 149.04 89.63
N ILE S 536 -12.66 147.73 89.46
CA ILE S 536 -12.37 146.82 90.56
C ILE S 536 -11.13 146.00 90.23
N SER S 537 -10.26 145.80 91.22
CA SER S 537 -9.21 144.79 91.19
C SER S 537 -9.42 143.81 92.33
N VAL S 538 -9.22 142.53 92.07
CA VAL S 538 -9.37 141.45 93.06
C VAL S 538 -8.04 140.70 93.16
N ALA S 539 -7.52 140.56 94.36
CA ALA S 539 -6.31 139.80 94.66
C ALA S 539 -6.69 138.46 95.30
N LEU S 540 -6.38 137.37 94.59
CA LEU S 540 -6.65 136.00 95.05
C LEU S 540 -5.40 135.15 94.89
N PHE S 541 -5.12 134.36 95.92
CA PHE S 541 -3.96 133.47 95.96
C PHE S 541 -4.35 132.15 96.60
N ASP S 542 -3.87 131.06 96.02
CA ASP S 542 -3.90 129.75 96.65
C ASP S 542 -2.95 129.72 97.87
N PRO S 543 -3.22 128.85 98.86
CA PRO S 543 -2.37 128.70 100.03
C PRO S 543 -0.88 128.55 99.69
N GLY S 544 -0.03 129.28 100.42
CA GLY S 544 1.43 129.24 100.26
C GLY S 544 1.99 129.96 99.03
N LYS S 545 1.15 130.48 98.11
CA LYS S 545 1.63 131.22 96.93
C LYS S 545 2.01 132.66 97.22
N ASN S 546 1.44 133.25 98.27
CA ASN S 546 1.80 134.59 98.73
C ASN S 546 1.70 134.68 100.26
N GLN S 547 2.74 135.24 100.89
CA GLN S 547 2.83 135.34 102.35
C GLN S 547 1.80 136.32 102.97
N PHE S 548 1.34 137.32 102.21
CA PHE S 548 0.38 138.32 102.69
C PHE S 548 -1.07 137.89 102.50
N PHE S 549 -1.36 137.18 101.41
CA PHE S 549 -2.70 136.67 101.07
C PHE S 549 -2.89 135.20 101.50
N ARG S 550 -2.18 134.76 102.55
CA ARG S 550 -2.16 133.35 102.98
C ARG S 550 -3.52 132.82 103.45
N ASP S 551 -4.38 133.70 103.97
CA ASP S 551 -5.72 133.35 104.46
C ASP S 551 -6.79 133.57 103.37
N SER S 552 -6.37 133.75 102.11
CA SER S 552 -7.29 133.89 100.98
C SER S 552 -8.03 132.58 100.71
N ILE S 553 -9.28 132.65 100.27
CA ILE S 553 -10.14 131.51 99.89
C ILE S 553 -9.45 130.55 98.89
N GLY S 554 -8.51 131.08 98.10
CA GLY S 554 -7.80 130.34 97.07
C GLY S 554 -8.27 130.76 95.68
N ALA S 555 -7.32 131.15 94.84
CA ALA S 555 -7.61 131.56 93.47
C ALA S 555 -8.27 130.42 92.68
N SER S 556 -7.69 129.22 92.76
CA SER S 556 -8.16 128.04 92.03
C SER S 556 -9.59 127.62 92.37
N ARG S 557 -10.02 127.77 93.64
CA ARG S 557 -11.39 127.43 94.09
C ARG S 557 -12.43 128.33 93.42
N LEU S 558 -12.10 129.60 93.24
CA LEU S 558 -12.96 130.59 92.59
C LEU S 558 -12.75 130.68 91.07
N GLY S 559 -11.95 129.80 90.48
CA GLY S 559 -11.66 129.81 89.04
C GLY S 559 -10.71 130.93 88.60
N PHE S 560 -10.01 131.57 89.52
CA PHE S 560 -9.01 132.59 89.23
C PHE S 560 -7.60 132.02 89.14
N SER S 561 -6.75 132.69 88.36
CA SER S 561 -5.29 132.54 88.46
C SER S 561 -4.76 133.29 89.68
N ASN S 562 -3.66 132.80 90.24
CA ASN S 562 -2.95 133.49 91.33
C ASN S 562 -2.49 134.88 90.88
N GLY S 563 -2.82 135.91 91.65
CA GLY S 563 -2.45 137.29 91.34
C GLY S 563 -3.59 138.29 91.45
N VAL S 564 -3.40 139.45 90.83
CA VAL S 564 -4.39 140.52 90.71
C VAL S 564 -5.14 140.40 89.39
N SER S 565 -6.47 140.36 89.45
CA SER S 565 -7.36 140.47 88.29
C SER S 565 -8.10 141.81 88.31
N THR S 566 -7.96 142.62 87.27
CA THR S 566 -8.58 143.96 87.17
C THR S 566 -9.68 144.02 86.12
N GLY S 567 -10.81 144.61 86.50
CA GLY S 567 -11.93 144.95 85.65
C GLY S 567 -12.10 146.46 85.51
N GLN S 568 -11.68 147.02 84.38
CA GLN S 568 -11.72 148.48 84.13
C GLN S 568 -13.13 149.08 84.20
N HIS S 569 -14.15 148.29 83.87
CA HIS S 569 -15.56 148.71 83.94
C HIS S 569 -16.25 148.32 85.25
N GLY S 570 -15.48 147.95 86.28
CA GLY S 570 -16.00 147.46 87.55
C GLY S 570 -16.57 146.04 87.46
N VAL S 571 -16.10 145.24 86.49
CA VAL S 571 -16.52 143.84 86.31
C VAL S 571 -15.29 142.97 86.13
N VAL S 572 -15.15 141.96 87.00
CA VAL S 572 -14.11 140.93 86.94
C VAL S 572 -14.79 139.58 86.80
N VAL S 573 -14.27 138.76 85.89
CA VAL S 573 -14.74 137.39 85.64
C VAL S 573 -13.56 136.44 85.83
N SER S 574 -13.82 135.33 86.50
CA SER S 574 -12.86 134.23 86.64
C SER S 574 -12.46 133.63 85.29
N GLN S 575 -11.24 133.12 85.19
CA GLN S 575 -10.76 132.49 83.96
C GLN S 575 -11.36 131.09 83.76
N CYS S 576 -11.62 130.37 84.85
CA CYS S 576 -12.12 129.00 84.87
C CYS S 576 -13.42 128.90 85.67
N ALA S 577 -14.10 127.76 85.55
CA ALA S 577 -15.25 127.45 86.39
C ALA S 577 -14.85 127.43 87.88
N VAL S 578 -15.80 127.85 88.74
CA VAL S 578 -15.72 127.68 90.18
C VAL S 578 -15.67 126.19 90.50
N ASN S 579 -14.76 125.79 91.39
CA ASN S 579 -14.68 124.41 91.87
C ASN S 579 -14.63 124.42 93.41
N LEU S 580 -15.79 124.19 94.01
CA LEU S 580 -15.98 124.10 95.46
C LEU S 580 -16.09 122.65 95.95
N GLU S 581 -16.00 121.68 95.04
CA GLU S 581 -16.19 120.28 95.38
C GLU S 581 -15.07 119.80 96.33
N PRO S 582 -15.39 118.91 97.28
CA PRO S 582 -14.38 118.22 98.05
C PRO S 582 -13.33 117.59 97.14
N ARG S 583 -12.06 117.73 97.50
CA ARG S 583 -10.95 117.18 96.72
C ARG S 583 -10.31 116.00 97.44
N THR S 584 -9.57 115.18 96.71
CA THR S 584 -8.85 114.05 97.28
C THR S 584 -7.86 114.50 98.35
N VAL S 585 -7.61 113.65 99.35
CA VAL S 585 -6.68 113.95 100.44
C VAL S 585 -5.52 112.96 100.37
N ASP S 586 -4.33 113.50 100.17
CA ASP S 586 -3.09 112.73 100.18
C ASP S 586 -2.74 112.39 101.63
N VAL S 587 -2.47 111.11 101.91
CA VAL S 587 -2.05 110.63 103.22
C VAL S 587 -0.61 110.17 103.13
N SER S 588 0.28 110.71 103.97
CA SER S 588 1.70 110.38 104.00
C SER S 588 2.22 110.28 105.43
N PHE S 589 3.44 109.78 105.63
CA PHE S 589 4.10 109.86 106.94
C PHE S 589 4.80 111.20 107.09
N ILE S 590 4.81 111.75 108.31
CA ILE S 590 5.64 112.92 108.63
C ILE S 590 7.11 112.49 108.68
N GLU S 591 7.96 113.18 107.93
CA GLU S 591 9.42 112.96 107.91
C GLU S 591 10.03 113.05 109.32
N GLY S 592 11.01 112.18 109.61
CA GLY S 592 11.65 112.09 110.92
C GLY S 592 10.92 111.18 111.93
N SER S 593 9.65 110.82 111.69
CA SER S 593 9.00 109.75 112.47
C SER S 593 9.53 108.35 112.14
N MET S 594 10.15 108.19 110.97
CA MET S 594 10.67 106.93 110.44
C MET S 594 11.96 107.17 109.65
N THR S 595 12.95 106.28 109.82
CA THR S 595 14.22 106.34 109.07
C THR S 595 14.09 105.81 107.64
N SER S 596 13.09 104.99 107.34
CA SER S 596 12.86 104.43 106.00
C SER S 596 11.48 103.76 105.94
N ALA S 597 10.58 104.32 105.15
CA ALA S 597 9.35 103.65 104.71
C ALA S 597 9.36 103.56 103.18
N SER S 598 9.19 102.37 102.62
CA SER S 598 8.96 102.20 101.18
C SER S 598 7.46 102.19 100.91
N THR S 599 7.04 102.92 99.88
CA THR S 599 5.68 102.91 99.33
C THR S 599 5.74 102.72 97.82
N GLU S 600 4.64 102.23 97.25
CA GLU S 600 4.42 102.13 95.80
C GLU S 600 3.66 103.33 95.23
N MET S 601 3.16 104.23 96.09
CA MET S 601 2.39 105.40 95.68
C MET S 601 3.17 106.69 95.92
N TYR S 602 3.20 107.53 94.89
CA TYR S 602 3.82 108.84 94.90
C TYR S 602 2.84 109.85 94.33
N ASN S 603 2.81 111.05 94.89
CA ASN S 603 2.08 112.15 94.26
C ASN S 603 2.91 112.77 93.13
N GLN S 604 2.30 113.73 92.42
CA GLN S 604 2.92 114.43 91.29
C GLN S 604 4.23 115.18 91.64
N ASN S 605 4.46 115.48 92.92
CA ASN S 605 5.68 116.13 93.40
C ASN S 605 6.77 115.12 93.78
N GLY S 606 6.53 113.82 93.59
CA GLY S 606 7.43 112.74 94.00
C GLY S 606 7.39 112.44 95.50
N LYS S 607 6.42 112.99 96.25
CA LYS S 607 6.25 112.68 97.69
C LYS S 607 5.61 111.31 97.85
N SER S 608 6.24 110.48 98.67
CA SER S 608 5.75 109.16 99.08
C SER S 608 4.40 109.27 99.81
N LEU S 609 3.39 108.57 99.31
CA LEU S 609 2.05 108.48 99.90
C LEU S 609 1.80 107.08 100.47
N ILE S 610 1.00 106.99 101.52
CA ILE S 610 0.42 105.73 102.00
C ILE S 610 -0.81 105.40 101.18
N THR S 611 -1.69 106.39 100.99
CA THR S 611 -2.93 106.28 100.23
C THR S 611 -3.43 107.66 99.86
N GLN S 612 -4.45 107.70 98.99
CA GLN S 612 -5.20 108.90 98.67
C GLN S 612 -6.66 108.65 99.01
N VAL S 613 -7.18 109.41 99.97
CA VAL S 613 -8.60 109.37 100.32
C VAL S 613 -9.39 110.03 99.19
N PRO S 614 -10.48 109.41 98.72
CA PRO S 614 -11.31 109.98 97.67
C PRO S 614 -11.96 111.30 98.14
N SER S 615 -12.53 112.06 97.21
CA SER S 615 -13.19 113.34 97.50
C SER S 615 -14.39 113.18 98.44
N ASP S 616 -15.13 112.10 98.30
CA ASP S 616 -16.31 111.82 99.09
C ASP S 616 -16.47 110.32 99.40
N ARG S 617 -17.43 110.00 100.28
CA ARG S 617 -17.75 108.61 100.65
C ARG S 617 -18.32 107.80 99.48
N SER S 618 -18.91 108.46 98.48
CA SER S 618 -19.61 107.79 97.39
C SER S 618 -18.67 107.33 96.27
N SER S 619 -17.50 107.97 96.13
CA SER S 619 -16.47 107.66 95.14
C SER S 619 -15.79 106.29 95.35
N GLY S 620 -16.07 105.60 96.46
CA GLY S 620 -15.58 104.26 96.75
C GLY S 620 -14.74 104.18 98.03
N PRO S 621 -14.28 102.97 98.40
CA PRO S 621 -13.42 102.80 99.57
C PRO S 621 -12.05 103.43 99.35
N VAL S 622 -11.43 103.88 100.44
CA VAL S 622 -10.04 104.35 100.43
C VAL S 622 -9.12 103.22 99.92
N PRO S 623 -8.26 103.47 98.91
CA PRO S 623 -7.33 102.46 98.42
C PRO S 623 -6.43 101.91 99.53
N GLN S 624 -6.15 100.61 99.48
CA GLN S 624 -5.20 99.99 100.39
C GLN S 624 -3.78 100.47 100.09
N GLY S 625 -3.02 100.71 101.15
CA GLY S 625 -1.67 101.24 101.09
C GLY S 625 -0.69 100.34 101.83
N MET S 626 0.30 99.79 101.14
CA MET S 626 1.33 98.98 101.79
C MET S 626 2.48 99.86 102.25
N VAL S 627 2.87 99.73 103.51
CA VAL S 627 4.00 100.45 104.09
C VAL S 627 4.92 99.46 104.78
N ARG S 628 6.21 99.53 104.50
CA ARG S 628 7.20 98.73 105.23
C ARG S 628 7.93 99.58 106.28
N PHE S 629 7.93 99.14 107.53
CA PHE S 629 8.66 99.79 108.61
C PHE S 629 9.99 99.07 108.87
N ASN S 630 11.09 99.80 108.77
CA ASN S 630 12.42 99.21 108.97
C ASN S 630 12.82 99.07 110.46
N ASN S 631 12.09 99.71 111.38
CA ASN S 631 12.41 99.78 112.81
C ASN S 631 11.20 99.46 113.70
N ALA S 632 11.48 99.12 114.96
CA ALA S 632 10.46 98.98 116.00
C ALA S 632 9.72 100.30 116.17
N LEU S 633 8.40 100.26 116.09
CA LEU S 633 7.56 101.45 116.03
C LEU S 633 6.74 101.54 117.32
N GLN S 634 7.00 102.58 118.12
CA GLN S 634 6.19 102.90 119.31
C GLN S 634 5.06 103.87 118.97
N GLN S 635 5.29 104.75 118.00
CA GLN S 635 4.33 105.74 117.53
C GLN S 635 4.67 106.14 116.09
N PHE S 636 3.65 106.53 115.32
CA PHE S 636 3.82 107.12 113.99
C PHE S 636 2.89 108.32 113.84
N LYS S 637 3.29 109.24 112.95
CA LYS S 637 2.50 110.41 112.60
C LYS S 637 2.14 110.38 111.13
N LEU S 638 0.87 110.62 110.85
CA LEU S 638 0.33 110.76 109.51
C LEU S 638 0.07 112.22 109.20
N GLU S 639 0.40 112.59 107.98
CA GLU S 639 0.11 113.88 107.38
C GLU S 639 -1.00 113.72 106.33
N PHE S 640 -2.00 114.60 106.41
CA PHE S 640 -3.17 114.67 105.53
C PHE S 640 -3.16 116.01 104.82
N THR S 641 -2.89 116.00 103.51
CA THR S 641 -2.75 117.21 102.70
C THR S 641 -3.78 117.23 101.58
N ASN S 642 -4.36 118.39 101.37
CA ASN S 642 -5.15 118.70 100.21
C ASN S 642 -4.27 118.74 98.94
N PRO S 643 -4.85 118.71 97.73
CA PRO S 643 -4.06 118.70 96.49
C PRO S 643 -3.29 120.00 96.24
N ASP S 644 -3.71 121.09 96.87
CA ASP S 644 -3.00 122.38 96.86
C ASP S 644 -1.82 122.41 97.85
N GLY S 645 -1.59 121.34 98.61
CA GLY S 645 -0.56 121.22 99.64
C GLY S 645 -0.97 121.78 101.00
N SER S 646 -2.17 122.35 101.14
CA SER S 646 -2.66 122.82 102.44
C SER S 646 -3.03 121.66 103.37
N PRO S 647 -2.90 121.82 104.69
CA PRO S 647 -3.27 120.77 105.64
C PRO S 647 -4.79 120.56 105.70
N TYR S 648 -5.22 119.29 105.75
CA TYR S 648 -6.63 118.94 105.88
C TYR S 648 -7.20 119.35 107.24
N HIS S 649 -8.40 119.94 107.25
CA HIS S 649 -9.05 120.41 108.48
C HIS S 649 -10.05 119.38 109.00
N PHE S 650 -9.70 118.72 110.11
CA PHE S 650 -10.56 117.69 110.71
C PHE S 650 -11.76 118.24 111.48
N ASN S 651 -11.80 119.53 111.82
CA ASN S 651 -12.90 120.17 112.56
C ASN S 651 -13.36 119.37 113.79
N HIS S 652 -12.39 118.92 114.59
CA HIS S 652 -12.59 118.10 115.80
C HIS S 652 -13.24 116.72 115.56
N ALA S 653 -13.36 116.28 114.30
CA ALA S 653 -13.79 114.94 113.99
C ALA S 653 -12.69 113.92 114.34
N SER S 654 -13.13 112.75 114.81
CA SER S 654 -12.24 111.60 115.01
C SER S 654 -12.02 110.86 113.70
N LEU S 655 -10.87 110.19 113.60
CA LEU S 655 -10.53 109.32 112.48
C LEU S 655 -10.11 107.96 113.01
N SER S 656 -10.55 106.89 112.34
CA SER S 656 -10.13 105.52 112.64
C SER S 656 -9.48 104.88 111.43
N LEU S 657 -8.36 104.18 111.63
CA LEU S 657 -7.67 103.43 110.58
C LEU S 657 -7.42 101.99 111.02
N LEU S 658 -7.51 101.06 110.08
CA LEU S 658 -7.23 99.64 110.30
C LEU S 658 -5.93 99.29 109.60
N MET S 659 -4.93 98.81 110.36
CA MET S 659 -3.69 98.29 109.79
C MET S 659 -3.50 96.82 110.15
N GLU S 660 -3.11 96.04 109.15
CA GLU S 660 -2.67 94.64 109.31
C GLU S 660 -1.14 94.61 109.33
N PHE S 661 -0.55 93.99 110.35
CA PHE S 661 0.90 93.83 110.44
C PHE S 661 1.32 92.41 110.06
N ASP S 662 2.42 92.29 109.34
CA ASP S 662 3.10 91.01 109.17
C ASP S 662 3.61 90.44 110.51
N ASP S 663 3.82 89.13 110.54
CA ASP S 663 4.15 88.38 111.76
C ASP S 663 5.58 88.64 112.25
#